data_7QVE
#
_entry.id   7QVE
#
_cell.length_a   1.00
_cell.length_b   1.00
_cell.length_c   1.00
_cell.angle_alpha   90.00
_cell.angle_beta   90.00
_cell.angle_gamma   90.00
#
_symmetry.space_group_name_H-M   'P 1'
#
loop_
_entity.id
_entity.type
_entity.pdbx_description
1 polymer 'Proteasome subunit alpha type'
2 polymer 'Proteasome subunit alpha type'
3 polymer 'Proteasome subunit alpha type'
4 polymer 'Proteasome subunit alpha type'
5 polymer 'Proteasome subunit alpha type'
6 polymer 'Proteasome subunit alpha type-3'
7 polymer 'Proteasome subunit alpha type'
8 polymer 'Proteasome subunit beta'
9 polymer 'Proteasome subunit beta'
10 polymer 'Proteasome subunit beta'
11 polymer 'Proteasome subunit beta'
12 polymer 'Proteasome subunit beta type-5'
13 polymer 'Proteasome subunit beta'
14 polymer 'Proteasome subunit beta'
#
loop_
_entity_poly.entity_id
_entity_poly.type
_entity_poly.pdbx_seq_one_letter_code
_entity_poly.pdbx_strand_id
1 'polypeptide(L)'
;MGDSQYSFSLTTFSPSGKLVQIEHALTAVGSGQTSLGIKAANGVVIATEKKLPSILVDEASVQKIQLLTPNIGVVYSGMG
PDSRVLVRKSRKQAEQYYKLYKEPIPVTQLVRETAAVMQEFTQSGGVRPFGVSLLIAGFDENGPQLYQVDPSGSYFSWKA
SAMGKNVSNAKTFLEKRYTDDMELDDAVHTAILTLKEGFEGQISGKNIEIGIIGTDKKFRVLTPAEIDDYLGEVE
;
i,C
2 'polypeptide(L)'
;MSRRYDSRTTIFSPEGRLYQVEYAMEAIGNAGSAIGILAKDGVVLIGEKKVTSKLLQTSTSTEKMYKIDDHVACAVAGIM
SDANILINTARVQAQRYTFSYQEPMPVEQLVQSLCDTKQGYTQFGGLRPFGVSFLFAGWDKNYGFQLYMSDPSGNYGGWK
ATAIGANNQAAQSMLKQDYKDDVTREDAVKLALKVLSKTMDSTSLTSEKLELAEVYLLPSGKVKYQVHSPESLNRLLTES
GLTQPAAETS
;
j,D
3 'polypeptide(L)'
;MARYDRAITVFSPDGHLFQVEYALEAVRKGNAAVGVRGTDTVVLGVEKKSAAKLQDSRSVRKIVNLDNHIALACAGLKAD
ARVLINKARIECQSHKLTLEDPVTVEYITRYIAGLQQKYTQSGGVRPFGLSTLIVGFDPYTDVPALYQTDPSGTFSAWKA
NATGRNSNSIREFLEKNYKETSGQETVKLAIRALLEVVESGGKNLEVAVMRKEGLHQLEESEIDAIVAEIEAEKAAAEAA
KKGPASS
;
k,E
4 'polypeptide(L)'
;MFLTRTEYDRGVNTFSPEGRLFQVEYAIEAIKLGSTAIGIKTKEGVVLAVEKRITSPLLEPSSVEKIMEIDDHIGCAMSG
LIADARTLVEHARVETQNHRFSYGEPMTVESTTQALCDLALRFGEGDEESMSRPFGVSLLIAGHDENGPSLYYTDPSGTF
WQCSAKAIGSGSEGADSSLQEQFRKDLSFQEAETIALSILKQVMEEKLTPNNVDIAKVSPTYHLYSPSEVEAVIGRL
;
l,F
5 'polypeptide(L)'
;MFRNQYDTDVTTWSPAGRLFQVEYAMEAVKQGSAAIGLRSKTHVVLACVNKAQSELSSHQRKIFKVDDHIGVAIAGLTAD
GRVLSRYMRSECINYGFTYESSLPVGRLVVQLADKAQVCTQRSWKRPYGVGLLVGGLDESGAHLYYNCPSGNYFEYQAFA
IGSRSQAAKTYLERKFDTFDGATRDELIKHALFSIKETLQGEKLTSSVCTISVVGVGEPFQTLDQQMVQDLINSFETVEE
EAPAAEEADAAPEEAAAAVADQGASDEGAAPMEE
;
m,G
6 'polypeptide(L)'
;MSSIGTGYDLSVTTFSPDGRVFQIEYAAKAVDNSGTAVGIKCKDGIVLGVEKLIQSKMMLPGSNRRIHSVHRHSGMAVAG
LAADGRQIVARAKSEATNYESVYGEAVPVKELADRVASYVHLCTLYWWLRPFGCGVILGGYDRDGPQLYMVEPSGISYRY
FGAAIGKGKQAAKTEIEKLKLSEMTCREGIIEVAKIIYKVHDEAKDKAFELEMSWICDESKREHQKVPDNLLQEAKAAAT
AALEEMDAD
;
n,X
7 'polypeptide(L)'
;MSRGSGAGYDRHITIFSPEGRLFQVEYAFKAVKSGGVTSIAVRGKDSVCVVTQKKVPDKLLDQTSVSHLFKITKFLGLLA
TGMTADARNLVQQARNEAAEFRHKYGYEMPVDALARWIADKSQVYTQHAYMRPLGVVAIVIGIDEENGPQLFKCDPAGHF
YGHKATSAGSKDQEAINFLEKKMKNDPAFSYEETVQTAISALQSVLQEDFKATEIEVGVVQVANPVFRSLTTEEIDEHLT
AISERD
;
B,h
8 'polypeptide(L)'
;MEDLGLNAPHSMGTTIIGVTYKDGVILGADSRTSTGVYVANRASDKITQLTDNVYVCRSGSAADSQIVSDYVRYFLHQHT
IQLGQPATVKVAANLVRLLAYGNKDTLQTGMIVGGWDKYEGGKIYGIPLGGTIIEQPFSIGGSGSSYLYGFLDQAWKDGM
SKDEAEELVKKAVSLAIARDGASGGVVRTVIINEEGVTRNFYPGDQLPLWHEELEPQNSLLDIWGAAAASPVPMTE
;
o,a
9 'polypeptide(L)'
;MTNGAFEVPAKGGFSFDNCKRNEMLLNKGLKAPGFLKTGTTIVGLVYQDGVILGADTRATEGPIVADKNCEKIHYMAPNI
YCCGAGTAADTEAVTDMVSSQLKLHRYHTGRESRVITALTLLKSHLFRYQGHVSAALVLGGVDVSGPHLHTIYPHGSTDT
LPFATMGSGSLAAMSVFESKYREGLTRDEGVKIVCEAIASGIFNDLGSGSNVDVCVITKGNVEYLRNHVQPNPRTYTSAK
GYTFSKPTEVLSTKVTALAQRAVVTERGDAMEEE
;
p,b
10 'polypeptide(L)'
;MSIFEYNGSATVAMVGKNCIAIGSDRRLGVQLQTIATDFQRIFQIHDRLFIGLSGLGSDAQTLYQRLVFRHKLYQLREER
DMKPETFANLVSAILYEKRFGPYFCQPVIAGLGDDNKPFICTMDSIGAKELAKDFVVAGTASESLYGACESMYKPDMEPE
ELFETVSQALQASVDRDCLSGWGGHVYIVTPTEIKEHILKGRMD
;
q,c
11 'polypeptide(L)'
;MECVFGLVGNGFAIIAADTSAVNSILVHKTNEDKIMKLDSHKLMGASGEAGDRVQFTEFVQKNVSLYQFRNGIPLTTAAA
ANFTRGELATALRKNPYSVNIILAGFDQDTGPSLYFIDYIATLHKVDKAAFGYGSYFALAMMDRHYRSDMSVDEAIKLVD
ECIAEIRTRLVVAPPNFVIKIVDKDGAREFAWRQSIKDQGVEDANAASA
;
r,d
12 'polypeptide(L)'
;MKLDTSGLESTAPIFRRSDFVFDGLQMTPSFDLPNPTDFDGFQKEAVQMVKPAKGTTTLAFIFKHGVMVAADSRASMGGY
ISSQSVKKIIEINPYMLGTMAGGAADCQFWHRNLGIKCRLHELANKRRISVTGASKLLANILYNYRGMGLSVGTMIAGWD
ETGPGLYYVDSEGGRLKGMRFSVGSGSPYAYGVLDNGYKYDMTVEEASELARRAIYHATYRDGASGGVVSVYHVGPDGWK
KVTGDDVGDLHFQYYPVVPATVEQEMVEVVGA
;
s,e
13 'polypeptide(L)'
;MTKEHANWSPYDFNGGTCVAVAGADYCVIAADTRMSTGYNILTRDYSKICKLAEKSVLASSGFQADVRALQKHLDARHLI
YQHQHNKQMSCPAMAQLLSNTLYYKRFFPYYAFNVLGGLDNEGKGCVFTYDAVGSYEKVGYSSQGSGAKLIMPFLDNQLK
SPSPLLIPAQDAVTPLSESEAIDLVRTAFASATERDIYTGDKLEILVLNKEGLRREYMELRLD
;
t,f
14 'polypeptide(L)'
;MDPKNTSPLLVDDIQRTQYPYVTGTSVIGIKYKDGILIAADMGGSYGSTLRYKSVERLKGIGKHSLLGASGEISDFQELL
RYLDDLILYDNMWDDGNSFGPKEVHNYLTRVMYNRRNKFNPLWNSLVLGGVKNGQKYLGTVNMIGVHYQDNHVATGFGNH
LAVPILRDEWKEDLSFEDGVRLLEKCMRVLLYRDRSAVNKLQIAKITEEGGVTISPPYSLKTYWEFAAFKNPTAGAEGSW
;
u,g
#
# COMPACT_ATOMS: atom_id res chain seq x y z
N SER A 4 29.01 30.89 33.28
CA SER A 4 27.97 31.84 33.78
C SER A 4 27.29 31.29 35.04
N GLN A 5 28.06 31.13 36.13
CA GLN A 5 27.49 30.67 37.42
C GLN A 5 26.47 31.72 37.83
N TYR A 6 26.92 32.92 38.18
CA TYR A 6 26.00 34.04 38.51
C TYR A 6 24.82 33.47 39.30
N SER A 7 25.13 32.67 40.31
CA SER A 7 24.08 32.04 41.14
C SER A 7 24.45 32.20 42.60
N PHE A 8 24.67 33.45 43.02
CA PHE A 8 25.09 33.75 44.40
C PHE A 8 24.29 34.95 44.83
N SER A 9 23.32 34.78 45.71
CA SER A 9 22.44 35.93 46.05
C SER A 9 23.30 37.08 46.55
N LEU A 10 23.21 38.22 45.89
CA LEU A 10 23.96 39.42 46.32
C LEU A 10 23.14 40.16 47.37
N THR A 11 21.94 39.67 47.68
CA THR A 11 21.08 40.28 48.71
C THR A 11 20.91 39.29 49.86
N THR A 12 21.94 39.09 50.67
CA THR A 12 21.89 38.08 51.75
C THR A 12 21.27 38.68 53.00
N PHE A 13 21.24 37.93 54.09
CA PHE A 13 20.60 38.41 55.32
C PHE A 13 21.63 39.04 56.22
N SER A 14 21.49 40.33 56.56
CA SER A 14 22.49 40.87 57.45
C SER A 14 22.31 40.27 58.84
N PRO A 15 23.34 40.31 59.68
CA PRO A 15 23.22 39.66 60.99
C PRO A 15 22.00 40.08 61.77
N SER A 16 21.41 41.22 61.45
CA SER A 16 20.22 41.70 62.14
C SER A 16 18.92 41.19 61.55
N GLY A 17 18.99 40.35 60.52
CA GLY A 17 17.80 39.90 59.83
C GLY A 17 17.32 40.80 58.73
N LYS A 18 17.93 41.96 58.54
CA LYS A 18 17.48 42.89 57.52
C LYS A 18 18.11 42.56 56.18
N LEU A 19 17.33 42.75 55.10
CA LEU A 19 17.82 42.55 53.74
C LEU A 19 18.35 43.88 53.24
N VAL A 20 19.65 44.06 53.38
CA VAL A 20 20.25 45.39 53.25
C VAL A 20 20.03 45.94 51.85
N GLN A 21 20.34 45.16 50.82
CA GLN A 21 20.27 45.68 49.47
C GLN A 21 18.88 46.20 49.14
N ILE A 22 17.84 45.52 49.61
CA ILE A 22 16.49 46.04 49.43
C ILE A 22 16.35 47.39 50.12
N GLU A 23 16.99 47.57 51.27
CA GLU A 23 16.92 48.86 51.94
C GLU A 23 17.63 49.94 51.14
N HIS A 24 18.74 49.60 50.50
CA HIS A 24 19.37 50.57 49.61
C HIS A 24 18.45 50.92 48.46
N ALA A 25 17.73 49.93 47.92
CA ALA A 25 16.78 50.23 46.87
C ALA A 25 15.67 51.15 47.35
N LEU A 26 15.20 50.94 48.58
CA LEU A 26 14.18 51.82 49.13
C LEU A 26 14.70 53.25 49.28
N THR A 27 15.96 53.39 49.70
CA THR A 27 16.53 54.74 49.70
C THR A 27 16.60 55.30 48.29
N ALA A 28 17.01 54.48 47.33
CA ALA A 28 17.15 54.95 45.95
C ALA A 28 15.85 55.46 45.40
N VAL A 29 14.73 54.83 45.75
CA VAL A 29 13.45 55.42 45.41
C VAL A 29 13.20 56.65 46.26
N GLY A 30 13.68 56.65 47.50
CA GLY A 30 13.48 57.80 48.37
C GLY A 30 14.06 59.08 47.80
N SER A 31 15.03 58.97 46.90
CA SER A 31 15.63 60.12 46.25
C SER A 31 15.06 60.37 44.86
N GLY A 32 13.93 59.78 44.52
CA GLY A 32 13.29 59.99 43.24
C GLY A 32 12.21 61.05 43.34
N GLN A 33 11.81 61.57 42.19
CA GLN A 33 10.79 62.61 42.15
C GLN A 33 9.50 62.10 42.77
N THR A 34 8.74 63.01 43.37
CA THR A 34 7.57 62.62 44.13
C THR A 34 6.46 62.15 43.22
N SER A 35 5.64 61.25 43.77
CA SER A 35 4.42 60.81 43.11
C SER A 35 3.45 60.40 44.20
N LEU A 36 2.17 60.42 43.86
CA LEU A 36 1.13 60.19 44.85
C LEU A 36 -0.11 59.70 44.16
N GLY A 37 -1.02 59.15 44.96
CA GLY A 37 -2.28 58.67 44.42
C GLY A 37 -3.35 58.65 45.49
N ILE A 38 -4.56 58.95 45.06
CA ILE A 38 -5.73 58.97 45.93
C ILE A 38 -6.82 58.17 45.22
N LYS A 39 -7.69 57.55 46.00
CA LYS A 39 -8.85 56.88 45.44
C LYS A 39 -10.11 57.56 45.94
N ALA A 40 -10.79 58.25 45.04
CA ALA A 40 -12.09 58.78 45.36
C ALA A 40 -13.06 57.62 45.58
N ALA A 41 -14.21 57.93 46.18
CA ALA A 41 -15.21 56.89 46.37
C ALA A 41 -15.70 56.33 45.05
N ASN A 42 -15.56 57.08 43.96
CA ASN A 42 -16.04 56.64 42.66
C ASN A 42 -14.98 56.75 41.58
N GLY A 43 -13.72 56.52 41.93
CA GLY A 43 -12.65 56.58 40.95
C GLY A 43 -11.33 56.75 41.67
N VAL A 44 -10.26 56.71 40.89
CA VAL A 44 -8.91 56.80 41.44
C VAL A 44 -8.13 57.86 40.68
N VAL A 45 -7.11 58.39 41.32
CA VAL A 45 -6.29 59.45 40.75
C VAL A 45 -4.83 59.22 41.15
N ILE A 46 -3.94 59.37 40.19
CA ILE A 46 -2.51 59.31 40.45
C ILE A 46 -1.84 60.46 39.71
N ALA A 47 -0.82 61.04 40.33
CA ALA A 47 -0.12 62.17 39.75
C ALA A 47 1.33 62.16 40.22
N THR A 48 2.19 62.83 39.47
CA THR A 48 3.59 62.92 39.81
C THR A 48 4.17 64.18 39.20
N GLU A 49 5.31 64.60 39.72
CA GLU A 49 5.97 65.80 39.24
C GLU A 49 6.90 65.45 38.09
N LYS A 50 6.83 66.24 37.02
CA LYS A 50 7.55 65.95 35.79
C LYS A 50 8.45 67.12 35.43
N LYS A 51 9.24 67.59 36.38
CA LYS A 51 10.11 68.73 36.17
C LYS A 51 11.37 68.25 35.47
N LEU A 52 11.72 68.92 34.36
CA LEU A 52 12.81 68.51 33.50
C LEU A 52 14.00 69.43 33.65
N PRO A 53 15.22 68.92 33.47
CA PRO A 53 16.40 69.73 33.73
C PRO A 53 16.53 70.95 32.84
N SER A 54 15.91 70.94 31.67
CA SER A 54 16.10 72.03 30.72
C SER A 54 14.82 72.24 29.93
N ILE A 55 14.67 73.43 29.35
CA ILE A 55 13.58 73.65 28.42
C ILE A 55 13.79 72.87 27.14
N LEU A 56 15.05 72.65 26.75
CA LEU A 56 15.33 72.01 25.47
C LEU A 56 14.83 70.57 25.43
N VAL A 57 14.55 69.97 26.58
CA VAL A 57 14.01 68.62 26.60
C VAL A 57 12.53 68.69 26.26
N ASP A 58 12.12 67.94 25.23
CA ASP A 58 10.73 67.90 24.80
C ASP A 58 9.96 67.07 25.82
N GLU A 59 9.22 67.75 26.69
CA GLU A 59 8.48 67.05 27.73
C GLU A 59 7.44 66.10 27.15
N ALA A 60 6.98 66.33 25.93
CA ALA A 60 5.92 65.51 25.33
C ALA A 60 6.42 64.17 24.81
N SER A 61 7.73 63.96 24.77
CA SER A 61 8.28 62.74 24.20
C SER A 61 8.27 61.57 25.16
N VAL A 62 7.98 61.80 26.44
CA VAL A 62 7.91 60.72 27.43
C VAL A 62 6.88 61.06 28.47
N GLN A 63 6.16 60.03 28.93
CA GLN A 63 5.14 60.16 29.97
C GLN A 63 5.49 59.26 31.13
N LYS A 64 5.33 59.78 32.34
CA LYS A 64 5.57 58.97 33.54
C LYS A 64 4.35 58.15 33.92
N ILE A 65 3.16 58.70 33.72
CA ILE A 65 1.92 57.95 33.95
C ILE A 65 1.64 57.14 32.70
N GLN A 66 1.63 55.83 32.83
CA GLN A 66 1.38 54.93 31.71
C GLN A 66 0.31 53.95 32.09
N LEU A 67 -0.59 53.67 31.15
CA LEU A 67 -1.66 52.72 31.38
C LEU A 67 -1.27 51.36 30.81
N LEU A 68 -1.44 50.33 31.63
CA LEU A 68 -1.10 48.96 31.27
C LEU A 68 -2.26 48.23 30.60
N THR A 69 -3.46 48.39 31.13
CA THR A 69 -4.66 47.89 30.49
C THR A 69 -5.68 49.02 30.58
N PRO A 70 -6.68 49.07 29.70
CA PRO A 70 -7.59 50.22 29.72
C PRO A 70 -8.21 50.47 31.07
N ASN A 71 -8.13 49.52 32.00
CA ASN A 71 -8.58 49.74 33.37
C ASN A 71 -7.50 50.30 34.28
N ILE A 72 -6.23 50.12 33.94
CA ILE A 72 -5.15 50.22 34.91
C ILE A 72 -4.10 51.20 34.41
N GLY A 73 -3.51 51.96 35.33
CA GLY A 73 -2.36 52.77 35.03
C GLY A 73 -1.42 52.81 36.21
N VAL A 74 -0.17 53.12 35.93
CA VAL A 74 0.88 53.02 36.94
C VAL A 74 1.72 54.30 36.96
N VAL A 75 2.25 54.62 38.13
CA VAL A 75 3.22 55.68 38.32
C VAL A 75 4.39 55.10 39.10
N TYR A 76 5.58 55.57 38.76
CA TYR A 76 6.81 55.07 39.36
C TYR A 76 7.55 56.21 40.05
N SER A 77 8.39 55.84 41.01
CA SER A 77 9.28 56.77 41.65
C SER A 77 10.61 56.09 41.88
N GLY A 78 11.69 56.81 41.62
CA GLY A 78 13.01 56.22 41.65
C GLY A 78 13.59 56.19 40.27
N MET A 79 14.30 55.12 39.92
CA MET A 79 15.00 55.06 38.66
C MET A 79 14.00 54.89 37.52
N GLY A 80 14.12 55.72 36.49
CA GLY A 80 13.24 55.67 35.36
C GLY A 80 13.37 54.39 34.55
N PRO A 81 14.60 53.99 34.24
CA PRO A 81 14.77 52.81 33.39
C PRO A 81 14.12 51.56 33.93
N ASP A 82 14.12 51.38 35.24
CA ASP A 82 13.52 50.19 35.82
C ASP A 82 12.00 50.18 35.66
N SER A 83 11.38 51.36 35.75
CA SER A 83 9.94 51.41 35.60
C SER A 83 9.53 50.94 34.22
N ARG A 84 10.35 51.22 33.21
CA ARG A 84 10.04 50.74 31.87
C ARG A 84 10.08 49.23 31.80
N VAL A 85 11.08 48.62 32.44
CA VAL A 85 11.13 47.17 32.51
C VAL A 85 9.84 46.63 33.12
N LEU A 86 9.45 47.20 34.25
CA LEU A 86 8.28 46.69 34.96
C LEU A 86 7.00 46.94 34.18
N VAL A 87 6.87 48.07 33.52
CA VAL A 87 5.69 48.33 32.71
C VAL A 87 5.60 47.35 31.56
N ARG A 88 6.72 47.12 30.87
CA ARG A 88 6.71 46.16 29.77
C ARG A 88 6.30 44.79 30.26
N LYS A 89 6.90 44.32 31.35
CA LYS A 89 6.58 42.98 31.82
C LYS A 89 5.13 42.89 32.29
N SER A 90 4.65 43.92 32.98
CA SER A 90 3.26 43.90 33.43
C SER A 90 2.29 43.90 32.26
N ARG A 91 2.58 44.66 31.21
CA ARG A 91 1.74 44.61 30.01
C ARG A 91 1.74 43.21 29.42
N LYS A 92 2.91 42.58 29.38
CA LYS A 92 2.98 41.22 28.85
C LYS A 92 2.11 40.28 29.65
N GLN A 93 2.18 40.35 30.98
CA GLN A 93 1.36 39.46 31.79
C GLN A 93 -0.13 39.74 31.61
N ALA A 94 -0.49 41.01 31.51
CA ALA A 94 -1.90 41.33 31.30
C ALA A 94 -2.39 40.72 29.99
N GLU A 95 -1.57 40.79 28.95
CA GLU A 95 -1.99 40.21 27.67
C GLU A 95 -2.00 38.68 27.71
N GLN A 96 -1.11 38.06 28.48
CA GLN A 96 -1.23 36.61 28.65
C GLN A 96 -2.55 36.25 29.30
N TYR A 97 -2.91 36.98 30.37
CA TYR A 97 -4.18 36.72 31.02
C TYR A 97 -5.33 36.90 30.04
N TYR A 98 -5.30 37.97 29.25
CA TYR A 98 -6.38 38.19 28.30
C TYR A 98 -6.42 37.10 27.23
N LYS A 99 -5.27 36.66 26.74
CA LYS A 99 -5.27 35.53 25.80
C LYS A 99 -6.00 34.35 26.40
N LEU A 100 -5.62 33.96 27.62
CA LEU A 100 -6.15 32.71 28.16
C LEU A 100 -7.63 32.86 28.51
N TYR A 101 -7.98 33.89 29.29
CA TYR A 101 -9.36 34.25 29.58
C TYR A 101 -9.65 35.52 28.82
N LYS A 102 -10.73 35.57 28.08
CA LYS A 102 -10.99 36.78 27.30
C LYS A 102 -11.60 37.88 28.14
N GLU A 103 -10.95 38.23 29.25
CA GLU A 103 -11.39 39.27 30.16
C GLU A 103 -10.19 40.10 30.60
N PRO A 104 -10.40 41.37 30.96
CA PRO A 104 -9.31 42.16 31.53
C PRO A 104 -8.84 41.56 32.84
N ILE A 105 -7.52 41.67 33.07
CA ILE A 105 -6.98 41.11 34.31
C ILE A 105 -7.41 41.97 35.48
N PRO A 106 -7.89 41.40 36.59
CA PRO A 106 -8.27 42.24 37.72
C PRO A 106 -7.05 42.96 38.28
N VAL A 107 -7.29 44.14 38.85
CA VAL A 107 -6.18 44.97 39.30
C VAL A 107 -5.32 44.18 40.28
N THR A 108 -5.98 43.48 41.22
CA THR A 108 -5.23 42.77 42.25
C THR A 108 -4.28 41.75 41.65
N GLN A 109 -4.74 41.00 40.64
CA GLN A 109 -3.91 39.98 40.03
C GLN A 109 -2.70 40.58 39.32
N LEU A 110 -2.91 41.66 38.57
CA LEU A 110 -1.80 42.33 37.94
C LEU A 110 -0.79 42.81 38.96
N VAL A 111 -1.29 43.36 40.07
CA VAL A 111 -0.39 43.83 41.12
C VAL A 111 0.40 42.67 41.72
N ARG A 112 -0.28 41.55 41.97
CA ARG A 112 0.41 40.39 42.54
C ARG A 112 1.49 39.88 41.61
N GLU A 113 1.18 39.81 40.31
CA GLU A 113 2.17 39.31 39.35
C GLU A 113 3.35 40.27 39.23
N THR A 114 3.09 41.57 39.18
CA THR A 114 4.19 42.52 39.16
C THR A 114 5.01 42.42 40.43
N ALA A 115 4.35 42.21 41.57
CA ALA A 115 5.07 42.05 42.82
C ALA A 115 5.96 40.82 42.78
N ALA A 116 5.47 39.72 42.22
CA ALA A 116 6.31 38.54 42.11
C ALA A 116 7.51 38.80 41.21
N VAL A 117 7.30 39.54 40.13
CA VAL A 117 8.44 39.93 39.29
C VAL A 117 9.44 40.74 40.11
N MET A 118 8.93 41.69 40.90
CA MET A 118 9.81 42.47 41.76
C MET A 118 10.60 41.56 42.67
N GLN A 119 9.93 40.59 43.29
CA GLN A 119 10.56 39.72 44.27
C GLN A 119 11.65 38.89 43.63
N GLU A 120 11.42 38.45 42.39
CA GLU A 120 12.40 37.59 41.73
C GLU A 120 13.80 38.14 41.88
N PHE A 121 13.98 39.43 41.61
CA PHE A 121 15.31 40.02 41.58
C PHE A 121 15.90 40.19 42.97
N THR A 122 15.11 39.98 44.02
CA THR A 122 15.61 40.05 45.38
C THR A 122 16.04 38.70 45.91
N GLN A 123 16.00 37.66 45.09
CA GLN A 123 16.51 36.36 45.49
C GLN A 123 17.44 35.79 44.44
N SER A 124 17.14 36.06 43.17
CA SER A 124 17.97 35.54 42.08
C SER A 124 19.36 36.15 42.12
N GLY A 125 20.34 35.40 41.65
CA GLY A 125 21.71 35.84 41.73
C GLY A 125 22.13 36.66 40.53
N GLY A 126 23.09 37.54 40.77
CA GLY A 126 23.66 38.36 39.72
C GLY A 126 22.90 39.60 39.35
N VAL A 127 21.87 39.99 40.10
CA VAL A 127 21.09 41.19 39.78
C VAL A 127 20.76 41.95 41.05
N ARG A 128 20.45 43.26 40.88
CA ARG A 128 20.03 44.14 41.98
C ARG A 128 18.53 44.38 41.94
N PRO A 129 17.87 44.61 43.07
CA PRO A 129 16.44 44.89 43.04
C PRO A 129 16.14 46.19 42.31
N PHE A 130 14.91 46.30 41.82
CA PHE A 130 14.51 47.48 41.07
C PHE A 130 14.47 48.71 41.97
N GLY A 131 15.14 49.77 41.55
CA GLY A 131 15.12 51.02 42.27
C GLY A 131 13.88 51.83 41.98
N VAL A 132 12.71 51.22 42.21
CA VAL A 132 11.45 51.83 41.84
C VAL A 132 10.37 51.34 42.79
N SER A 133 9.37 52.18 43.00
CA SER A 133 8.12 51.80 43.63
C SER A 133 6.97 52.29 42.77
N LEU A 134 5.92 51.48 42.68
CA LEU A 134 4.84 51.70 41.74
C LEU A 134 3.54 51.98 42.47
N LEU A 135 2.76 52.90 41.93
CA LEU A 135 1.39 53.13 42.33
C LEU A 135 0.50 52.72 41.17
N ILE A 136 -0.18 51.59 41.30
CA ILE A 136 -1.01 51.05 40.23
C ILE A 136 -2.45 51.40 40.54
N ALA A 137 -3.03 52.28 39.74
CA ALA A 137 -4.41 52.71 39.91
C ALA A 137 -5.27 51.97 38.91
N GLY A 138 -6.38 51.42 39.38
CA GLY A 138 -7.26 50.68 38.50
C GLY A 138 -8.67 50.76 39.04
N PHE A 139 -9.63 50.58 38.16
CA PHE A 139 -11.02 50.52 38.55
C PHE A 139 -11.59 49.30 37.85
N ASP A 140 -12.29 48.44 38.58
CA ASP A 140 -12.70 47.17 38.01
C ASP A 140 -14.04 46.76 38.62
N GLU A 141 -14.41 45.51 38.44
CA GLU A 141 -15.73 45.03 38.82
C GLU A 141 -16.01 45.17 40.31
N ASN A 142 -14.99 45.18 41.16
CA ASN A 142 -15.19 45.30 42.59
C ASN A 142 -14.62 46.61 43.12
N GLY A 143 -14.84 47.70 42.38
CA GLY A 143 -14.64 49.03 42.91
C GLY A 143 -13.28 49.63 42.58
N PRO A 144 -13.10 50.89 42.94
CA PRO A 144 -11.82 51.55 42.70
C PRO A 144 -10.73 50.93 43.55
N GLN A 145 -9.51 50.97 43.07
CA GLN A 145 -8.40 50.37 43.79
C GLN A 145 -7.11 51.14 43.49
N LEU A 146 -6.31 51.32 44.53
CA LEU A 146 -4.98 51.87 44.40
C LEU A 146 -4.02 50.97 45.14
N TYR A 147 -3.02 50.45 44.43
CA TYR A 147 -2.06 49.51 44.99
C TYR A 147 -0.67 50.11 44.90
N GLN A 148 0.15 49.79 45.88
CA GLN A 148 1.55 50.21 45.88
C GLN A 148 2.45 48.99 45.85
N VAL A 149 3.57 49.11 45.16
CA VAL A 149 4.55 48.04 45.05
C VAL A 149 5.93 48.62 45.26
N ASP A 150 6.75 47.95 46.04
CA ASP A 150 8.08 48.42 46.43
C ASP A 150 9.13 47.38 46.08
N PRO A 151 10.39 47.79 46.02
CA PRO A 151 11.43 46.87 45.55
C PRO A 151 11.49 45.57 46.32
N SER A 152 10.98 45.51 47.54
CA SER A 152 10.93 44.25 48.24
C SER A 152 9.91 43.29 47.65
N GLY A 153 9.07 43.77 46.74
CA GLY A 153 8.05 42.93 46.15
C GLY A 153 6.76 42.85 46.94
N SER A 154 6.66 43.55 48.07
CA SER A 154 5.42 43.56 48.82
C SER A 154 4.50 44.65 48.29
N TYR A 155 3.20 44.39 48.35
CA TYR A 155 2.22 45.31 47.82
C TYR A 155 1.10 45.49 48.84
N PHE A 156 0.48 46.67 48.80
CA PHE A 156 -0.57 47.02 49.74
C PHE A 156 -1.67 47.76 49.00
N SER A 157 -2.82 47.85 49.65
CA SER A 157 -3.93 48.66 49.16
C SER A 157 -4.05 49.92 50.00
N TRP A 158 -3.93 51.07 49.36
CA TRP A 158 -3.96 52.34 50.07
C TRP A 158 -5.23 53.10 49.73
N LYS A 159 -5.72 53.87 50.69
CA LYS A 159 -6.72 54.89 50.38
C LYS A 159 -6.06 56.09 49.70
N ALA A 160 -4.85 56.43 50.14
CA ALA A 160 -4.05 57.46 49.51
C ALA A 160 -2.61 57.21 49.88
N SER A 161 -1.68 57.65 49.04
CA SER A 161 -0.28 57.37 49.29
C SER A 161 0.59 58.25 48.42
N ALA A 162 1.88 58.23 48.72
CA ALA A 162 2.88 58.96 47.97
C ALA A 162 4.23 58.29 48.17
N MET A 163 5.20 58.68 47.35
CA MET A 163 6.55 58.18 47.48
C MET A 163 7.47 59.01 46.59
N GLY A 164 8.75 58.95 46.90
CA GLY A 164 9.75 59.73 46.18
C GLY A 164 10.35 60.81 47.03
N LYS A 165 10.77 61.89 46.38
CA LYS A 165 11.16 63.08 47.12
C LYS A 165 9.94 63.59 47.87
N ASN A 166 10.18 64.14 49.06
CA ASN A 166 9.07 64.73 49.78
C ASN A 166 7.97 63.69 49.97
N VAL A 167 8.28 62.62 50.72
CA VAL A 167 7.26 61.62 51.03
C VAL A 167 6.49 62.03 52.27
N SER A 168 7.20 62.41 53.33
CA SER A 168 6.56 62.62 54.62
C SER A 168 5.56 63.77 54.57
N ASN A 169 5.95 64.89 53.96
CA ASN A 169 5.06 66.04 53.93
C ASN A 169 3.80 65.72 53.12
N ALA A 170 3.97 65.11 51.95
CA ALA A 170 2.81 64.75 51.15
C ALA A 170 1.94 63.75 51.89
N LYS A 171 2.58 62.80 52.59
CA LYS A 171 1.85 61.77 53.29
C LYS A 171 0.99 62.37 54.40
N THR A 172 1.58 63.25 55.20
CA THR A 172 0.81 63.89 56.27
C THR A 172 -0.29 64.77 55.68
N PHE A 173 0.02 65.49 54.60
CA PHE A 173 -0.97 66.33 53.96
C PHE A 173 -2.18 65.51 53.53
N LEU A 174 -1.93 64.36 52.89
CA LEU A 174 -3.02 63.51 52.47
C LEU A 174 -3.77 62.97 53.67
N GLU A 175 -3.05 62.55 54.71
CA GLU A 175 -3.71 61.96 55.86
C GLU A 175 -4.65 62.95 56.51
N LYS A 176 -4.24 64.21 56.64
CA LYS A 176 -5.11 65.20 57.24
C LYS A 176 -6.24 65.60 56.31
N ARG A 177 -5.96 65.66 55.00
CA ARG A 177 -6.94 66.19 54.05
C ARG A 177 -7.79 65.12 53.39
N TYR A 178 -7.42 63.85 53.50
CA TYR A 178 -8.22 62.82 52.88
C TYR A 178 -9.48 62.54 53.69
N THR A 179 -10.53 62.12 52.98
CA THR A 179 -11.77 61.70 53.60
C THR A 179 -12.50 60.76 52.67
N ASP A 180 -13.26 59.84 53.24
CA ASP A 180 -14.12 58.99 52.43
C ASP A 180 -15.11 59.85 51.65
N ASP A 181 -15.87 59.19 50.80
CA ASP A 181 -16.91 59.82 49.98
C ASP A 181 -16.35 60.95 49.11
N MET A 182 -15.05 61.08 49.03
CA MET A 182 -14.46 62.12 48.20
C MET A 182 -14.75 61.83 46.74
N GLU A 183 -15.18 62.84 46.00
CA GLU A 183 -15.43 62.63 44.59
C GLU A 183 -14.11 62.59 43.82
N LEU A 184 -14.20 62.16 42.56
CA LEU A 184 -13.01 62.08 41.74
C LEU A 184 -12.40 63.45 41.51
N ASP A 185 -13.23 64.44 41.22
CA ASP A 185 -12.71 65.80 41.01
C ASP A 185 -12.13 66.38 42.29
N ASP A 186 -12.76 66.14 43.43
CA ASP A 186 -12.16 66.55 44.70
C ASP A 186 -10.80 65.90 44.87
N ALA A 187 -10.69 64.61 44.52
CA ALA A 187 -9.41 63.94 44.63
C ALA A 187 -8.38 64.55 43.70
N VAL A 188 -8.79 64.93 42.50
CA VAL A 188 -7.86 65.54 41.56
C VAL A 188 -7.34 66.86 42.12
N HIS A 189 -8.24 67.69 42.63
CA HIS A 189 -7.81 68.95 43.22
C HIS A 189 -6.89 68.70 44.39
N THR A 190 -7.23 67.73 45.24
CA THR A 190 -6.40 67.44 46.40
C THR A 190 -5.01 67.00 45.97
N ALA A 191 -4.92 66.15 44.95
CA ALA A 191 -3.62 65.69 44.48
C ALA A 191 -2.81 66.84 43.92
N ILE A 192 -3.44 67.71 43.14
CA ILE A 192 -2.73 68.86 42.58
C ILE A 192 -2.23 69.76 43.70
N LEU A 193 -3.05 69.96 44.72
CA LEU A 193 -2.62 70.77 45.86
C LEU A 193 -1.44 70.13 46.58
N THR A 194 -1.50 68.81 46.76
CA THR A 194 -0.38 68.14 47.43
C THR A 194 0.90 68.29 46.63
N LEU A 195 0.82 68.17 45.31
CA LEU A 195 2.01 68.41 44.51
C LEU A 195 2.49 69.84 44.67
N LYS A 196 1.57 70.80 44.66
CA LYS A 196 1.95 72.20 44.82
C LYS A 196 2.66 72.44 46.14
N GLU A 197 2.29 71.68 47.18
CA GLU A 197 2.87 71.91 48.50
C GLU A 197 4.39 71.90 48.45
N GLY A 198 4.96 70.84 47.92
CA GLY A 198 6.40 70.69 47.93
C GLY A 198 7.06 71.08 46.62
N PHE A 199 6.25 71.33 45.59
CA PHE A 199 6.79 71.57 44.26
C PHE A 199 7.48 72.91 44.21
N GLU A 200 8.81 72.90 44.31
CA GLU A 200 9.59 74.12 44.20
C GLU A 200 9.46 74.66 42.79
N GLY A 201 9.16 75.96 42.68
CA GLY A 201 8.79 76.56 41.42
C GLY A 201 7.29 76.71 41.34
N GLN A 202 6.74 76.85 40.14
CA GLN A 202 5.31 77.00 39.95
C GLN A 202 4.80 75.88 39.06
N ILE A 203 3.67 75.29 39.45
CA ILE A 203 3.10 74.20 38.68
C ILE A 203 2.58 74.72 37.34
N SER A 204 2.63 73.86 36.34
CA SER A 204 2.01 74.12 35.05
C SER A 204 1.72 72.78 34.39
N GLY A 205 0.81 72.80 33.44
CA GLY A 205 0.42 71.57 32.78
C GLY A 205 1.59 70.83 32.17
N LYS A 206 2.69 71.52 31.90
CA LYS A 206 3.88 70.90 31.37
C LYS A 206 4.89 70.51 32.43
N ASN A 207 4.54 70.63 33.72
CA ASN A 207 5.44 70.27 34.80
C ASN A 207 5.05 69.00 35.52
N ILE A 208 3.76 68.66 35.53
CA ILE A 208 3.26 67.51 36.28
C ILE A 208 2.41 66.65 35.36
N GLU A 209 2.15 65.43 35.80
CA GLU A 209 1.39 64.47 35.02
C GLU A 209 0.28 63.90 35.88
N ILE A 210 -0.90 63.73 35.30
CA ILE A 210 -2.08 63.28 36.03
C ILE A 210 -2.79 62.21 35.23
N GLY A 211 -3.26 61.18 35.92
CA GLY A 211 -4.09 60.16 35.32
C GLY A 211 -5.22 59.79 36.26
N ILE A 212 -6.39 59.55 35.69
CA ILE A 212 -7.60 59.33 36.47
C ILE A 212 -8.46 58.29 35.79
N ILE A 213 -9.18 57.51 36.60
CA ILE A 213 -10.14 56.53 36.10
C ILE A 213 -11.52 56.94 36.60
N GLY A 214 -12.44 57.15 35.69
CA GLY A 214 -13.79 57.47 36.07
C GLY A 214 -14.53 56.23 36.52
N THR A 215 -15.85 56.37 36.60
CA THR A 215 -16.70 55.25 36.96
C THR A 215 -16.86 54.31 35.78
N ASP A 216 -16.27 53.11 35.90
CA ASP A 216 -16.40 52.03 34.94
C ASP A 216 -15.64 52.35 33.66
N LYS A 217 -15.09 53.55 33.57
CA LYS A 217 -14.52 54.02 32.32
C LYS A 217 -13.03 53.65 32.26
N LYS A 218 -12.35 54.24 31.29
CA LYS A 218 -10.97 53.90 31.02
C LYS A 218 -10.01 54.83 31.73
N PHE A 219 -8.85 54.30 32.08
CA PHE A 219 -7.79 55.13 32.61
C PHE A 219 -7.28 56.05 31.51
N ARG A 220 -7.29 57.35 31.77
CA ARG A 220 -6.84 58.33 30.81
C ARG A 220 -5.86 59.28 31.48
N VAL A 221 -4.81 59.63 30.76
CA VAL A 221 -3.80 60.55 31.25
C VAL A 221 -4.14 61.95 30.76
N LEU A 222 -4.39 62.84 31.70
CA LEU A 222 -4.86 64.19 31.34
C LEU A 222 -3.82 64.88 30.46
N THR A 223 -4.31 65.54 29.42
CA THR A 223 -3.43 66.32 28.56
C THR A 223 -3.18 67.69 29.21
N PRO A 224 -2.06 68.33 28.92
CA PRO A 224 -1.80 69.65 29.51
C PRO A 224 -2.90 70.65 29.26
N ALA A 225 -3.60 70.54 28.14
CA ALA A 225 -4.66 71.50 27.83
C ALA A 225 -5.77 71.47 28.87
N GLU A 226 -6.02 70.33 29.51
CA GLU A 226 -7.10 70.20 30.47
C GLU A 226 -6.63 70.11 31.92
N ILE A 227 -5.43 69.61 32.18
CA ILE A 227 -4.92 69.69 33.54
C ILE A 227 -4.89 71.14 33.97
N ASP A 228 -4.52 72.04 33.06
CA ASP A 228 -4.49 73.45 33.40
C ASP A 228 -5.88 73.94 33.77
N ASP A 229 -6.90 73.45 33.08
CA ASP A 229 -8.27 73.79 33.47
C ASP A 229 -8.57 73.30 34.87
N TYR A 230 -8.17 72.07 35.21
CA TYR A 230 -8.38 71.60 36.57
C TYR A 230 -7.69 72.50 37.59
N LEU A 231 -6.41 72.81 37.37
CA LEU A 231 -5.68 73.59 38.37
C LEU A 231 -6.06 75.06 38.36
N GLY A 232 -6.58 75.59 37.25
CA GLY A 232 -6.96 76.99 37.17
C GLY A 232 -7.87 77.43 38.31
N SER B 2 34.92 37.15 40.34
CA SER B 2 33.49 36.90 40.65
C SER B 2 33.35 36.14 41.96
N ARG B 3 34.37 35.35 42.30
CA ARG B 3 34.32 34.58 43.54
C ARG B 3 34.18 35.51 44.73
N ARG B 4 34.94 36.61 44.72
CA ARG B 4 34.97 37.50 45.88
C ARG B 4 33.61 38.12 46.16
N TYR B 5 32.70 38.15 45.19
CA TYR B 5 31.38 38.70 45.40
C TYR B 5 30.39 37.66 45.93
N ASP B 6 30.84 36.44 46.17
CA ASP B 6 29.95 35.38 46.62
C ASP B 6 29.91 35.37 48.15
N SER B 7 28.72 35.47 48.72
CA SER B 7 28.58 35.40 50.17
C SER B 7 28.57 33.97 50.69
N ARG B 8 28.41 32.98 49.83
CA ARG B 8 28.39 31.59 50.27
C ARG B 8 27.30 31.37 51.30
N THR B 9 26.04 31.52 50.88
CA THR B 9 24.93 31.40 51.81
C THR B 9 24.83 30.00 52.40
N THR B 10 24.98 28.97 51.57
CA THR B 10 24.90 27.58 52.03
C THR B 10 26.30 27.10 52.43
N ILE B 11 26.56 27.17 53.73
CA ILE B 11 27.87 26.80 54.26
C ILE B 11 27.76 26.69 55.77
N PHE B 12 28.58 25.82 56.35
CA PHE B 12 28.57 25.60 57.79
C PHE B 12 29.57 26.54 58.47
N SER B 13 29.12 27.24 59.51
CA SER B 13 30.01 28.03 60.32
C SER B 13 30.80 27.13 61.26
N PRO B 14 31.90 27.62 61.81
CA PRO B 14 32.68 26.79 62.74
C PRO B 14 31.86 26.25 63.89
N GLU B 15 30.71 26.84 64.18
CA GLU B 15 29.83 26.33 65.23
C GLU B 15 29.02 25.15 64.76
N GLY B 16 28.97 24.88 63.46
CA GLY B 16 28.16 23.81 62.95
C GLY B 16 26.74 24.22 62.63
N ARG B 17 26.49 25.52 62.48
CA ARG B 17 25.15 26.02 62.18
C ARG B 17 25.23 27.01 61.03
N LEU B 18 24.16 27.06 60.26
CA LEU B 18 24.09 27.87 59.06
C LEU B 18 23.68 29.27 59.45
N TYR B 19 24.46 30.26 59.04
CA TYR B 19 24.19 31.62 59.46
C TYR B 19 22.93 32.16 58.82
N GLN B 20 22.78 32.00 57.50
CA GLN B 20 21.68 32.68 56.83
C GLN B 20 20.34 32.25 57.39
N VAL B 21 20.17 30.98 57.74
CA VAL B 21 18.89 30.58 58.31
C VAL B 21 18.67 31.24 59.66
N GLU B 22 19.72 31.40 60.47
CA GLU B 22 19.53 32.07 61.75
C GLU B 22 19.16 33.52 61.55
N TYR B 23 19.78 34.18 60.60
CA TYR B 23 19.38 35.54 60.26
C TYR B 23 17.94 35.56 59.77
N ALA B 24 17.51 34.50 59.08
CA ALA B 24 16.13 34.40 58.65
C ALA B 24 15.19 34.33 59.85
N MET B 25 15.53 33.52 60.85
CA MET B 25 14.70 33.49 62.06
C MET B 25 14.67 34.85 62.74
N GLU B 26 15.79 35.57 62.72
CA GLU B 26 15.75 36.93 63.26
C GLU B 26 14.76 37.79 62.49
N ALA B 27 14.81 37.73 61.17
CA ALA B 27 13.88 38.50 60.36
C ALA B 27 12.44 38.14 60.70
N ILE B 28 12.16 36.85 60.93
CA ILE B 28 10.84 36.48 61.41
C ILE B 28 10.55 37.18 62.73
N GLY B 29 11.50 37.14 63.65
CA GLY B 29 11.32 37.77 64.95
C GLY B 29 10.93 39.22 64.86
N ASN B 30 11.39 39.91 63.81
CA ASN B 30 11.02 41.32 63.64
C ASN B 30 9.66 41.51 62.98
N ALA B 31 8.99 40.44 62.58
CA ALA B 31 7.73 40.58 61.87
C ALA B 31 6.55 40.50 62.82
N GLY B 32 5.37 40.81 62.29
CA GLY B 32 4.17 40.86 63.12
C GLY B 32 3.84 39.51 63.71
N SER B 33 3.21 39.55 64.88
CA SER B 33 2.94 38.33 65.62
C SER B 33 1.69 37.62 65.10
N ALA B 34 1.68 36.30 65.26
CA ALA B 34 0.53 35.48 64.95
C ALA B 34 0.60 34.22 65.80
N ILE B 35 -0.55 33.72 66.21
CA ILE B 35 -0.59 32.54 67.08
C ILE B 35 -1.68 31.61 66.60
N GLY B 36 -1.55 30.36 66.98
CA GLY B 36 -2.53 29.35 66.61
C GLY B 36 -2.99 28.57 67.82
N ILE B 37 -4.28 28.26 67.85
CA ILE B 37 -4.90 27.52 68.93
C ILE B 37 -5.58 26.32 68.32
N LEU B 38 -5.15 25.12 68.70
CA LEU B 38 -5.78 23.89 68.25
C LEU B 38 -6.89 23.54 69.24
N ALA B 39 -8.13 23.82 68.86
CA ALA B 39 -9.25 23.56 69.74
C ALA B 39 -9.79 22.16 69.50
N LYS B 40 -10.65 21.71 70.40
CA LYS B 40 -11.32 20.43 70.22
C LYS B 40 -12.16 20.43 68.95
N ASP B 41 -12.91 21.50 68.72
CA ASP B 41 -13.87 21.57 67.63
C ASP B 41 -13.36 22.39 66.45
N GLY B 42 -12.09 22.77 66.45
CA GLY B 42 -11.56 23.55 65.36
C GLY B 42 -10.16 24.00 65.66
N VAL B 43 -9.63 24.81 64.75
CA VAL B 43 -8.31 25.42 64.89
C VAL B 43 -8.45 26.89 64.56
N VAL B 44 -7.83 27.74 65.37
CA VAL B 44 -7.96 29.19 65.26
C VAL B 44 -6.59 29.79 65.03
N LEU B 45 -6.49 30.65 64.02
CA LEU B 45 -5.30 31.44 63.78
C LEU B 45 -5.65 32.91 63.90
N ILE B 46 -4.81 33.65 64.63
CA ILE B 46 -4.99 35.09 64.81
C ILE B 46 -3.66 35.77 64.52
N GLY B 47 -3.73 36.92 63.85
CA GLY B 47 -2.51 37.59 63.40
C GLY B 47 -2.54 39.08 63.55
N GLU B 48 -1.35 39.67 63.64
CA GLU B 48 -1.20 41.12 63.82
C GLU B 48 -0.76 41.76 62.51
N LYS B 49 -1.60 42.63 61.96
CA LYS B 49 -1.21 43.39 60.77
C LYS B 49 -0.12 44.38 61.15
N LYS B 50 1.09 44.15 60.67
CA LYS B 50 2.21 44.98 61.10
C LYS B 50 1.98 46.42 60.67
N VAL B 51 1.91 46.67 59.36
CA VAL B 51 1.73 48.03 58.89
C VAL B 51 0.31 48.47 59.19
N THR B 52 0.17 49.53 59.99
CA THR B 52 -1.13 50.00 60.44
C THR B 52 -1.20 51.52 60.30
N SER B 53 -0.84 52.02 59.13
CA SER B 53 -1.15 53.39 58.78
C SER B 53 -2.65 53.52 58.56
N LYS B 54 -3.20 54.68 58.92
CA LYS B 54 -4.63 54.86 58.82
C LYS B 54 -5.11 54.92 57.38
N LEU B 55 -4.24 55.29 56.44
CA LEU B 55 -4.63 55.37 55.04
C LEU B 55 -4.73 54.00 54.38
N LEU B 56 -4.27 52.94 55.03
CA LEU B 56 -4.46 51.61 54.51
C LEU B 56 -5.94 51.32 54.31
N GLN B 57 -6.26 50.59 53.23
CA GLN B 57 -7.65 50.41 52.87
C GLN B 57 -8.38 49.46 53.80
N THR B 58 -7.76 48.32 54.15
CA THR B 58 -8.35 47.39 55.11
C THR B 58 -9.58 46.69 54.53
N SER B 59 -10.02 47.08 53.34
CA SER B 59 -11.14 46.40 52.71
C SER B 59 -10.72 45.06 52.14
N THR B 60 -9.44 44.90 51.80
CA THR B 60 -8.92 43.59 51.43
C THR B 60 -9.11 42.64 52.61
N SER B 61 -9.54 41.42 52.31
CA SER B 61 -9.96 40.51 53.38
C SER B 61 -8.81 40.16 54.33
N THR B 62 -7.60 39.95 53.80
CA THR B 62 -6.50 39.49 54.64
C THR B 62 -5.18 40.02 54.12
N GLU B 63 -4.21 40.15 55.02
CA GLU B 63 -2.84 40.47 54.68
C GLU B 63 -1.83 39.44 55.15
N LYS B 64 -2.16 38.64 56.16
CA LYS B 64 -1.22 37.67 56.69
C LYS B 64 -1.71 36.23 56.65
N MET B 65 -3.01 35.99 56.57
CA MET B 65 -3.54 34.64 56.49
C MET B 65 -4.08 34.38 55.08
N TYR B 66 -3.77 33.21 54.55
CA TYR B 66 -4.10 32.85 53.18
C TYR B 66 -4.73 31.47 53.17
N LYS B 67 -5.68 31.28 52.26
CA LYS B 67 -6.25 29.95 52.03
C LYS B 67 -5.35 29.20 51.06
N ILE B 68 -4.99 27.97 51.43
CA ILE B 68 -4.14 27.14 50.58
C ILE B 68 -4.96 26.06 49.91
N ASP B 69 -6.06 25.67 50.53
CA ASP B 69 -6.98 24.73 49.91
C ASP B 69 -8.26 24.74 50.72
N ASP B 70 -9.25 23.97 50.26
CA ASP B 70 -10.54 23.97 50.94
C ASP B 70 -10.41 23.54 52.40
N HIS B 71 -9.35 22.83 52.74
CA HIS B 71 -9.21 22.23 54.06
C HIS B 71 -8.00 22.76 54.83
N VAL B 72 -7.15 23.56 54.20
CA VAL B 72 -5.93 24.03 54.83
C VAL B 72 -5.79 25.51 54.57
N ALA B 73 -5.34 26.23 55.60
CA ALA B 73 -5.03 27.65 55.51
C ALA B 73 -3.71 27.88 56.25
N CYS B 74 -3.12 29.06 56.08
CA CYS B 74 -1.88 29.38 56.75
C CYS B 74 -1.90 30.81 57.22
N ALA B 75 -1.11 31.09 58.26
CA ALA B 75 -0.84 32.43 58.74
C ALA B 75 0.64 32.69 58.59
N VAL B 76 0.98 33.79 57.96
CA VAL B 76 2.36 34.05 57.57
C VAL B 76 3.00 35.02 58.53
N ALA B 77 4.28 34.78 58.82
CA ALA B 77 5.13 35.77 59.47
C ALA B 77 6.43 35.85 58.70
N GLY B 78 7.06 37.01 58.74
CA GLY B 78 8.27 37.24 57.99
C GLY B 78 8.03 38.06 56.75
N ILE B 79 8.94 37.89 55.80
CA ILE B 79 8.93 38.69 54.57
C ILE B 79 7.76 38.27 53.72
N MET B 80 6.70 39.07 53.69
CA MET B 80 5.50 38.65 52.97
C MET B 80 5.77 38.50 51.49
N SER B 81 6.80 39.17 50.98
CA SER B 81 7.13 39.04 49.56
C SER B 81 7.47 37.61 49.20
N ASP B 82 8.27 36.94 50.04
CA ASP B 82 8.59 35.54 49.81
C ASP B 82 7.44 34.64 50.22
N ALA B 83 6.66 35.07 51.19
CA ALA B 83 5.52 34.27 51.62
C ALA B 83 4.49 34.14 50.51
N ASN B 84 4.33 35.17 49.69
CA ASN B 84 3.43 35.04 48.54
C ASN B 84 3.85 33.90 47.64
N ILE B 85 5.15 33.84 47.33
CA ILE B 85 5.65 32.76 46.48
C ILE B 85 5.43 31.41 47.15
N LEU B 86 5.72 31.33 48.45
CA LEU B 86 5.58 30.05 49.12
C LEU B 86 4.13 29.59 49.17
N ILE B 87 3.19 30.50 49.39
CA ILE B 87 1.79 30.08 49.39
C ILE B 87 1.33 29.71 48.00
N ASN B 88 1.83 30.40 46.97
CA ASN B 88 1.51 29.99 45.61
C ASN B 88 1.98 28.57 45.35
N THR B 89 3.21 28.27 45.75
CA THR B 89 3.73 26.92 45.59
C THR B 89 2.91 25.92 46.38
N ALA B 90 2.57 26.26 47.62
CA ALA B 90 1.85 25.32 48.51
C ALA B 90 0.48 24.97 47.93
N ARG B 91 -0.25 25.98 47.45
CA ARG B 91 -1.56 25.71 46.80
C ARG B 91 -1.32 24.79 45.62
N VAL B 92 -0.29 25.10 44.83
CA VAL B 92 0.04 24.26 43.63
C VAL B 92 0.27 22.82 44.09
N GLN B 93 1.08 22.60 45.13
CA GLN B 93 1.40 21.22 45.61
C GLN B 93 0.13 20.51 46.07
N ALA B 94 -0.73 21.20 46.82
CA ALA B 94 -2.00 20.59 47.29
C ALA B 94 -2.83 20.15 46.08
N GLN B 95 -2.96 21.02 45.08
CA GLN B 95 -3.79 20.68 43.89
C GLN B 95 -3.13 19.52 43.12
N ARG B 96 -1.81 19.48 43.09
CA ARG B 96 -1.07 18.40 42.40
C ARG B 96 -1.39 17.07 43.09
N TYR B 97 -1.43 17.08 44.43
CA TYR B 97 -1.86 15.82 45.11
C TYR B 97 -3.31 15.51 44.75
N THR B 98 -4.21 16.49 44.85
CA THR B 98 -5.65 16.17 44.63
C THR B 98 -5.88 15.75 43.17
N PHE B 99 -4.98 16.13 42.25
CA PHE B 99 -5.10 15.66 40.88
C PHE B 99 -4.61 14.24 40.75
N SER B 100 -3.45 13.95 41.31
CA SER B 100 -2.89 12.61 41.18
C SER B 100 -3.76 11.58 41.89
N TYR B 101 -4.19 11.89 43.11
CA TYR B 101 -4.89 10.91 43.93
C TYR B 101 -6.40 11.14 44.02
N GLN B 102 -6.88 12.32 43.64
CA GLN B 102 -8.29 12.64 43.73
C GLN B 102 -8.80 12.51 45.16
N GLU B 103 -8.25 13.35 46.03
CA GLU B 103 -8.74 13.55 47.38
C GLU B 103 -7.91 14.65 48.02
N PRO B 104 -8.39 15.25 49.11
CA PRO B 104 -7.63 16.33 49.73
C PRO B 104 -6.26 15.86 50.19
N MET B 105 -5.29 16.75 50.08
CA MET B 105 -3.93 16.42 50.48
C MET B 105 -3.77 16.58 51.99
N PRO B 106 -3.45 15.53 52.73
CA PRO B 106 -3.39 15.67 54.18
C PRO B 106 -2.44 16.77 54.61
N VAL B 107 -2.82 17.49 55.67
CA VAL B 107 -2.10 18.70 56.03
C VAL B 107 -0.62 18.41 56.22
N GLU B 108 -0.31 17.37 56.98
CA GLU B 108 1.09 17.11 57.29
C GLU B 108 1.92 17.00 56.03
N GLN B 109 1.35 16.41 54.98
CA GLN B 109 2.08 16.30 53.72
C GLN B 109 2.29 17.65 53.08
N LEU B 110 1.29 18.53 53.14
CA LEU B 110 1.47 19.86 52.58
C LEU B 110 2.57 20.61 53.29
N VAL B 111 2.56 20.54 54.62
CA VAL B 111 3.61 21.20 55.40
C VAL B 111 4.97 20.63 55.00
N GLN B 112 5.07 19.31 54.90
CA GLN B 112 6.34 18.69 54.60
C GLN B 112 6.83 19.06 53.22
N SER B 113 5.94 19.11 52.24
CA SER B 113 6.36 19.50 50.90
C SER B 113 6.89 20.93 50.88
N LEU B 114 6.20 21.84 51.55
CA LEU B 114 6.70 23.21 51.61
C LEU B 114 8.05 23.27 52.30
N CYS B 115 8.21 22.52 53.38
CA CYS B 115 9.47 22.54 54.09
C CYS B 115 10.60 21.97 53.24
N ASP B 116 10.28 20.97 52.41
CA ASP B 116 11.26 20.45 51.48
C ASP B 116 11.60 21.47 50.40
N THR B 117 10.66 22.34 50.05
CA THR B 117 11.00 23.46 49.18
C THR B 117 12.01 24.37 49.86
N LYS B 118 11.77 24.71 51.13
CA LYS B 118 12.66 25.63 51.83
C LYS B 118 14.04 25.04 52.03
N GLN B 119 14.11 23.77 52.42
CA GLN B 119 15.40 23.16 52.69
C GLN B 119 16.28 23.16 51.44
N GLY B 120 15.67 23.13 50.26
CA GLY B 120 16.46 23.17 49.05
C GLY B 120 17.28 24.43 48.97
N TYR B 121 16.65 25.58 49.20
CA TYR B 121 17.40 26.83 49.27
C TYR B 121 18.37 26.83 50.42
N THR B 122 18.03 26.14 51.52
CA THR B 122 18.93 26.06 52.65
C THR B 122 20.19 25.24 52.38
N GLN B 123 20.19 24.34 51.40
CA GLN B 123 21.29 23.40 51.25
C GLN B 123 22.15 23.59 50.02
N PHE B 124 21.60 23.94 48.87
CA PHE B 124 22.40 24.04 47.66
C PHE B 124 21.89 25.17 46.78
N GLY B 125 22.80 25.69 45.95
CA GLY B 125 22.47 26.70 44.97
C GLY B 125 22.99 28.08 45.27
N GLY B 126 23.30 28.39 46.52
CA GLY B 126 23.84 29.70 46.82
C GLY B 126 22.84 30.84 46.74
N LEU B 127 21.56 30.56 46.92
CA LEU B 127 20.56 31.61 47.02
C LEU B 127 20.14 31.78 48.47
N ARG B 128 19.70 33.00 48.81
CA ARG B 128 19.27 33.26 50.16
C ARG B 128 18.01 32.46 50.49
N PRO B 129 17.91 31.92 51.69
CA PRO B 129 16.70 31.17 52.06
C PRO B 129 15.49 32.09 52.14
N PHE B 130 14.32 31.48 52.03
CA PHE B 130 13.10 32.23 52.24
C PHE B 130 13.00 32.65 53.70
N GLY B 131 12.84 33.95 53.91
CA GLY B 131 12.74 34.45 55.26
C GLY B 131 11.31 34.48 55.74
N VAL B 132 10.68 33.31 55.84
CA VAL B 132 9.27 33.20 56.19
C VAL B 132 9.09 32.12 57.24
N SER B 133 7.95 32.13 57.90
CA SER B 133 7.56 31.10 58.84
C SER B 133 6.04 31.03 58.86
N PHE B 134 5.53 29.80 58.83
CA PHE B 134 4.12 29.55 58.59
C PHE B 134 3.49 28.85 59.78
N LEU B 135 2.22 29.14 60.01
CA LEU B 135 1.36 28.33 60.84
C LEU B 135 0.28 27.74 59.94
N PHE B 136 0.14 26.42 59.96
CA PHE B 136 -0.80 25.72 59.09
C PHE B 136 -1.95 25.19 59.92
N ALA B 137 -3.18 25.42 59.44
CA ALA B 137 -4.37 24.90 60.08
C ALA B 137 -5.17 24.13 59.05
N GLY B 138 -5.58 22.92 59.39
CA GLY B 138 -6.37 22.15 58.46
C GLY B 138 -6.96 20.92 59.09
N TRP B 139 -7.52 20.06 58.25
CA TRP B 139 -8.26 18.91 58.70
C TRP B 139 -8.07 17.76 57.72
N ASP B 140 -7.96 16.55 58.23
CA ASP B 140 -7.79 15.35 57.43
C ASP B 140 -8.75 14.28 57.90
N LYS B 141 -8.96 13.29 57.05
CA LYS B 141 -9.51 12.04 57.54
C LYS B 141 -8.49 11.30 58.39
N ASN B 142 -7.20 11.48 58.07
CA ASN B 142 -6.15 10.78 58.78
C ASN B 142 -6.13 11.16 60.26
N TYR B 143 -6.09 12.46 60.55
CA TYR B 143 -5.85 12.91 61.91
C TYR B 143 -6.77 14.03 62.36
N GLY B 144 -7.76 14.41 61.58
CA GLY B 144 -8.58 15.51 62.03
C GLY B 144 -7.79 16.80 62.11
N PHE B 145 -8.25 17.70 62.97
CA PHE B 145 -7.70 19.04 63.03
C PHE B 145 -6.23 19.02 63.41
N GLN B 146 -5.43 19.80 62.69
CA GLN B 146 -3.99 19.81 62.88
C GLN B 146 -3.48 21.24 62.82
N LEU B 147 -2.42 21.52 63.57
CA LEU B 147 -1.74 22.81 63.54
C LEU B 147 -0.25 22.54 63.47
N TYR B 148 0.43 23.19 62.52
CA TYR B 148 1.85 23.00 62.29
C TYR B 148 2.54 24.34 62.20
N MET B 149 3.82 24.36 62.54
CA MET B 149 4.62 25.56 62.49
C MET B 149 5.88 25.28 61.70
N SER B 150 6.26 26.19 60.82
CA SER B 150 7.39 26.00 59.92
C SER B 150 8.44 27.07 60.18
N ASP B 151 9.65 26.64 60.37
CA ASP B 151 10.78 27.55 60.46
C ASP B 151 11.32 27.82 59.07
N PRO B 152 12.02 28.93 58.85
CA PRO B 152 12.65 29.15 57.55
C PRO B 152 13.82 28.23 57.31
N SER B 153 14.19 27.43 58.31
CA SER B 153 15.17 26.37 58.12
C SER B 153 14.63 25.23 57.29
N GLY B 154 13.35 25.24 56.98
CA GLY B 154 12.75 24.07 56.36
C GLY B 154 12.46 22.98 57.36
N ASN B 155 12.18 23.34 58.60
CA ASN B 155 11.83 22.41 59.66
C ASN B 155 10.44 22.76 60.18
N TYR B 156 9.69 21.75 60.60
CA TYR B 156 8.32 21.98 61.02
C TYR B 156 7.96 21.03 62.15
N GLY B 157 6.92 21.39 62.89
CA GLY B 157 6.45 20.54 63.97
C GLY B 157 5.00 20.84 64.28
N GLY B 158 4.32 19.83 64.81
CA GLY B 158 2.93 19.97 65.18
C GLY B 158 2.80 20.55 66.57
N TRP B 159 1.88 21.51 66.71
CA TRP B 159 1.72 22.24 67.96
C TRP B 159 0.26 22.32 68.35
N LYS B 160 -0.03 22.01 69.62
CA LYS B 160 -1.37 22.24 70.12
C LYS B 160 -1.69 23.72 70.17
N ALA B 161 -0.68 24.54 70.43
CA ALA B 161 -0.83 25.98 70.35
C ALA B 161 0.56 26.60 70.34
N THR B 162 0.81 27.44 69.35
CA THR B 162 2.13 28.05 69.20
C THR B 162 1.96 29.40 68.56
N ALA B 163 3.02 30.20 68.62
CA ALA B 163 3.01 31.56 68.11
C ALA B 163 4.30 31.81 67.33
N ILE B 164 4.23 32.76 66.40
CA ILE B 164 5.37 33.16 65.60
C ILE B 164 5.40 34.68 65.48
N GLY B 165 6.56 35.19 65.10
CA GLY B 165 6.69 36.61 64.83
C GLY B 165 7.11 37.40 66.06
N ALA B 166 6.71 38.67 66.06
CA ALA B 166 7.12 39.58 67.13
C ALA B 166 6.63 39.09 68.49
N ASN B 167 7.45 39.29 69.51
CA ASN B 167 7.07 38.97 70.88
C ASN B 167 6.59 37.53 70.98
N ASN B 168 7.26 36.63 70.28
CA ASN B 168 6.81 35.24 70.21
C ASN B 168 6.78 34.60 71.60
N GLN B 169 7.86 34.76 72.35
CA GLN B 169 8.05 33.91 73.52
C GLN B 169 7.09 34.24 74.65
N ALA B 170 6.71 35.51 74.81
CA ALA B 170 5.74 35.83 75.85
C ALA B 170 4.42 35.12 75.58
N ALA B 171 3.94 35.17 74.34
CA ALA B 171 2.71 34.49 73.99
C ALA B 171 2.88 32.98 74.15
N GLN B 172 4.05 32.46 73.77
CA GLN B 172 4.32 31.04 73.99
C GLN B 172 4.16 30.68 75.45
N SER B 173 4.72 31.49 76.34
CA SER B 173 4.65 31.20 77.77
C SER B 173 3.21 31.24 78.28
N MET B 174 2.45 32.27 77.89
CA MET B 174 1.07 32.32 78.35
C MET B 174 0.26 31.17 77.80
N LEU B 175 0.57 30.71 76.60
CA LEU B 175 -0.11 29.52 76.08
C LEU B 175 0.25 28.29 76.90
N LYS B 176 1.53 28.16 77.27
CA LYS B 176 1.91 27.07 78.17
C LYS B 176 1.09 27.12 79.45
N GLN B 177 0.92 28.32 80.01
CA GLN B 177 0.29 28.45 81.31
C GLN B 177 -1.22 28.22 81.24
N ASP B 178 -1.85 28.58 80.11
CA ASP B 178 -3.30 28.64 80.05
C ASP B 178 -3.96 27.64 79.12
N TYR B 179 -3.28 27.16 78.08
CA TYR B 179 -3.94 26.24 77.17
C TYR B 179 -4.26 24.94 77.86
N LYS B 180 -5.41 24.38 77.54
CA LYS B 180 -5.84 23.10 78.10
C LYS B 180 -6.49 22.29 77.00
N ASP B 181 -6.47 20.97 77.16
CA ASP B 181 -7.20 20.13 76.24
C ASP B 181 -8.70 20.39 76.40
N ASP B 182 -9.44 20.04 75.36
CA ASP B 182 -10.89 20.22 75.33
C ASP B 182 -11.27 21.67 75.12
N VAL B 183 -10.31 22.54 74.86
CA VAL B 183 -10.67 23.92 74.53
C VAL B 183 -11.55 23.90 73.30
N THR B 184 -12.74 24.47 73.42
CA THR B 184 -13.71 24.42 72.33
C THR B 184 -13.52 25.60 71.40
N ARG B 185 -14.51 25.83 70.53
CA ARG B 185 -14.44 26.95 69.60
C ARG B 185 -14.32 28.27 70.33
N GLU B 186 -15.35 28.60 71.11
CA GLU B 186 -15.40 29.90 71.78
C GLU B 186 -14.21 30.07 72.71
N ASP B 187 -13.88 29.04 73.47
CA ASP B 187 -12.77 29.14 74.41
C ASP B 187 -11.47 29.40 73.68
N ALA B 188 -11.26 28.72 72.56
CA ALA B 188 -10.04 28.96 71.78
C ALA B 188 -10.00 30.39 71.29
N VAL B 189 -11.12 30.90 70.76
CA VAL B 189 -11.12 32.27 70.26
C VAL B 189 -10.79 33.23 71.39
N LYS B 190 -11.45 33.07 72.53
CA LYS B 190 -11.23 33.95 73.67
C LYS B 190 -9.78 33.89 74.13
N LEU B 191 -9.22 32.68 74.24
CA LEU B 191 -7.85 32.54 74.71
C LEU B 191 -6.89 33.21 73.74
N ALA B 192 -7.12 33.04 72.44
CA ALA B 192 -6.24 33.69 71.47
C ALA B 192 -6.28 35.19 71.62
N LEU B 193 -7.49 35.76 71.71
CA LEU B 193 -7.58 37.21 71.85
C LEU B 193 -6.90 37.68 73.12
N LYS B 194 -7.14 36.98 74.22
CA LYS B 194 -6.55 37.35 75.50
C LYS B 194 -5.03 37.33 75.44
N VAL B 195 -4.47 36.21 74.98
CA VAL B 195 -3.01 36.07 74.97
C VAL B 195 -2.40 37.10 74.04
N LEU B 196 -3.01 37.34 72.88
CA LEU B 196 -2.44 38.34 71.98
C LEU B 196 -2.45 39.71 72.61
N SER B 197 -3.63 40.17 73.07
CA SER B 197 -3.71 41.53 73.60
C SER B 197 -2.78 41.69 74.79
N LYS B 198 -2.70 40.68 75.64
CA LYS B 198 -1.75 40.71 76.76
C LYS B 198 -0.32 40.74 76.24
N THR B 199 -0.10 40.20 75.04
CA THR B 199 1.20 40.30 74.36
C THR B 199 1.32 41.57 73.51
N MET B 200 0.22 42.27 73.26
CA MET B 200 0.26 43.49 72.47
C MET B 200 0.78 44.67 73.29
N ASP B 201 1.41 45.62 72.61
CA ASP B 201 1.82 46.85 73.26
C ASP B 201 0.64 47.73 73.64
N SER B 202 -0.52 47.49 73.03
CA SER B 202 -1.71 48.32 73.24
C SER B 202 -2.90 47.42 73.56
N THR B 203 -3.56 47.70 74.68
CA THR B 203 -4.78 47.00 75.03
C THR B 203 -5.96 47.60 74.26
N SER B 204 -7.13 47.01 74.47
CA SER B 204 -8.34 47.41 73.76
C SER B 204 -8.07 47.49 72.26
N LEU B 205 -7.65 46.36 71.70
CA LEU B 205 -7.17 46.33 70.33
C LEU B 205 -8.23 46.86 69.37
N THR B 206 -7.79 47.20 68.17
CA THR B 206 -8.66 47.74 67.14
C THR B 206 -8.81 46.70 66.03
N SER B 207 -10.05 46.47 65.61
CA SER B 207 -10.30 45.47 64.57
C SER B 207 -9.50 45.74 63.31
N GLU B 208 -9.19 47.00 63.03
CA GLU B 208 -8.42 47.30 61.83
C GLU B 208 -7.00 46.78 61.91
N LYS B 209 -6.52 46.45 63.11
CA LYS B 209 -5.14 46.03 63.31
C LYS B 209 -5.02 44.55 63.66
N LEU B 210 -5.90 43.71 63.14
CA LEU B 210 -5.98 42.33 63.60
C LEU B 210 -6.59 41.46 62.51
N GLU B 211 -6.36 40.16 62.60
CA GLU B 211 -6.97 39.18 61.71
C GLU B 211 -7.22 37.90 62.47
N LEU B 212 -8.42 37.34 62.33
CA LEU B 212 -8.80 36.13 63.02
C LEU B 212 -9.43 35.17 62.02
N ALA B 213 -8.88 33.97 61.93
CA ALA B 213 -9.39 32.94 61.04
C ALA B 213 -9.46 31.62 61.78
N GLU B 214 -10.48 30.83 61.45
CA GLU B 214 -10.75 29.58 62.14
C GLU B 214 -11.23 28.55 61.14
N VAL B 215 -10.56 27.38 61.22
CA VAL B 215 -10.87 26.25 60.33
C VAL B 215 -11.59 25.21 61.16
N TYR B 216 -12.91 25.27 61.18
CA TYR B 216 -13.73 24.33 61.95
C TYR B 216 -14.44 23.37 61.02
N LEU B 217 -15.29 22.51 61.58
CA LEU B 217 -16.02 21.52 60.75
C LEU B 217 -17.52 21.79 60.85
N LEU B 218 -18.15 22.07 59.71
CA LEU B 218 -19.60 22.33 59.66
C LEU B 218 -20.34 21.06 60.10
N PRO B 219 -21.56 21.15 60.65
CA PRO B 219 -22.32 19.98 61.03
C PRO B 219 -22.24 18.86 59.97
N SER B 220 -22.30 19.21 58.70
CA SER B 220 -22.31 18.18 57.63
C SER B 220 -20.88 17.86 57.17
N GLY B 221 -19.99 17.59 58.10
CA GLY B 221 -18.63 17.15 57.75
C GLY B 221 -18.03 17.92 56.59
N LYS B 222 -18.08 19.25 56.64
CA LYS B 222 -17.38 20.03 55.58
C LYS B 222 -16.45 21.02 56.28
N VAL B 223 -15.15 20.86 56.06
CA VAL B 223 -14.15 21.78 56.67
C VAL B 223 -14.40 23.19 56.18
N LYS B 224 -14.87 24.08 57.04
CA LYS B 224 -15.22 25.44 56.58
C LYS B 224 -14.22 26.43 57.13
N TYR B 225 -13.38 26.97 56.27
CA TYR B 225 -12.45 28.03 56.71
C TYR B 225 -13.18 29.33 56.46
N GLN B 226 -12.95 30.29 57.30
CA GLN B 226 -13.60 31.60 57.27
C GLN B 226 -12.85 32.57 58.15
N VAL B 227 -12.62 33.77 57.62
CA VAL B 227 -11.93 34.84 58.29
C VAL B 227 -12.95 35.87 58.71
N HIS B 228 -12.89 36.28 59.98
CA HIS B 228 -13.95 37.11 60.55
C HIS B 228 -13.95 38.50 59.94
N SER B 229 -15.16 39.00 59.65
CA SER B 229 -15.32 40.35 59.15
C SER B 229 -15.02 41.35 60.27
N PRO B 230 -14.69 42.59 59.91
CA PRO B 230 -14.34 43.56 60.94
C PRO B 230 -15.38 43.72 62.04
N GLU B 231 -16.68 43.67 61.71
CA GLU B 231 -17.68 43.81 62.76
C GLU B 231 -17.70 42.60 63.70
N SER B 232 -17.46 41.40 63.16
CA SER B 232 -17.32 40.24 64.02
C SER B 232 -16.11 40.38 64.92
N LEU B 233 -15.01 40.91 64.37
CA LEU B 233 -13.87 41.21 65.23
C LEU B 233 -14.24 42.21 66.31
N ASN B 234 -15.04 43.23 65.98
CA ASN B 234 -15.46 44.19 66.98
C ASN B 234 -16.25 43.51 68.09
N ARG B 235 -17.19 42.63 67.70
CA ARG B 235 -17.99 41.94 68.71
C ARG B 235 -17.10 41.11 69.62
N LEU B 236 -16.18 40.35 69.03
CA LEU B 236 -15.30 39.52 69.85
C LEU B 236 -14.40 40.38 70.72
N LEU B 237 -13.91 41.50 70.18
CA LEU B 237 -13.01 42.36 70.95
C LEU B 237 -13.73 42.96 72.14
N THR B 238 -14.97 43.41 71.94
CA THR B 238 -15.73 43.95 73.06
C THR B 238 -16.00 42.86 74.09
N GLU B 239 -16.40 41.68 73.64
CA GLU B 239 -16.69 40.61 74.57
C GLU B 239 -15.44 40.23 75.37
N SER B 240 -14.29 40.22 74.71
CA SER B 240 -13.03 39.86 75.39
C SER B 240 -12.57 40.96 76.34
N GLY B 241 -12.67 42.22 75.92
CA GLY B 241 -12.33 43.33 76.80
C GLY B 241 -13.28 43.46 77.96
N LEU B 242 -14.46 42.83 77.88
CA LEU B 242 -15.36 42.76 79.03
C LEU B 242 -15.09 41.53 79.90
N THR B 243 -14.75 40.41 79.27
CA THR B 243 -14.54 39.18 80.03
C THR B 243 -13.19 39.14 80.74
N GLN B 244 -12.18 39.85 80.21
CA GLN B 244 -10.91 39.93 80.93
C GLN B 244 -11.09 40.53 82.32
N PRO B 245 -11.70 41.71 82.47
CA PRO B 245 -12.05 42.16 83.83
C PRO B 245 -13.04 41.25 84.53
N ALA B 246 -13.84 40.48 83.78
CA ALA B 246 -14.76 39.53 84.40
C ALA B 246 -14.04 38.40 85.11
N ALA B 247 -12.75 38.22 84.83
CA ALA B 247 -11.93 37.25 85.57
C ALA B 247 -10.95 37.94 86.51
N GLU B 248 -10.36 39.06 86.07
CA GLU B 248 -9.36 39.76 86.88
C GLU B 248 -9.96 40.45 88.09
N THR B 249 -11.28 40.53 88.20
CA THR B 249 -11.89 41.20 89.34
C THR B 249 -11.48 40.56 90.67
N SER B 250 -11.05 39.30 90.66
CA SER B 250 -10.63 38.61 91.86
C SER B 250 -9.45 37.70 91.57
N ARG C 3 23.72 26.24 36.68
CA ARG C 3 23.95 25.62 38.01
C ARG C 3 25.04 26.40 38.74
N TYR C 4 25.05 26.29 40.06
CA TYR C 4 26.01 26.98 40.92
C TYR C 4 27.10 26.00 41.32
N ASP C 5 28.29 26.17 40.76
CA ASP C 5 29.45 25.35 41.09
C ASP C 5 30.40 26.16 41.94
N ARG C 6 30.51 25.78 43.21
CA ARG C 6 31.51 26.37 44.08
C ARG C 6 31.98 25.31 45.05
N ALA C 7 33.29 25.25 45.25
CA ALA C 7 33.85 24.22 46.11
C ALA C 7 33.60 24.58 47.57
N ILE C 8 32.41 24.29 48.07
CA ILE C 8 32.13 24.54 49.49
C ILE C 8 33.07 23.72 50.35
N THR C 9 33.15 22.42 50.10
CA THR C 9 34.07 21.56 50.83
C THR C 9 35.41 21.58 50.12
N VAL C 10 36.48 21.90 50.86
CA VAL C 10 37.81 22.00 50.28
C VAL C 10 38.81 21.69 51.38
N PHE C 11 40.06 21.42 50.99
CA PHE C 11 41.07 21.04 51.96
C PHE C 11 41.69 22.24 52.65
N SER C 12 41.83 22.15 53.97
CA SER C 12 42.53 23.15 54.74
C SER C 12 44.03 22.92 54.70
N PRO C 13 44.82 23.96 54.88
CA PRO C 13 46.26 23.83 54.65
C PRO C 13 46.91 22.67 55.38
N ASP C 14 46.23 22.08 56.36
CA ASP C 14 46.74 20.92 57.07
C ASP C 14 45.99 19.65 56.72
N GLY C 15 45.25 19.64 55.62
CA GLY C 15 44.65 18.41 55.13
C GLY C 15 43.30 18.08 55.71
N HIS C 16 42.66 19.00 56.39
CA HIS C 16 41.35 18.73 56.97
C HIS C 16 40.26 19.31 56.09
N LEU C 17 39.11 18.63 56.12
CA LEU C 17 37.89 19.11 55.46
C LEU C 17 37.10 19.89 56.48
N PHE C 18 37.22 21.21 56.44
CA PHE C 18 36.58 22.00 57.49
C PHE C 18 35.07 21.88 57.42
N GLN C 19 34.50 21.88 56.23
CA GLN C 19 33.04 21.83 56.15
C GLN C 19 32.50 20.50 56.66
N VAL C 20 33.21 19.41 56.42
CA VAL C 20 32.78 18.13 56.97
C VAL C 20 32.85 18.13 58.48
N GLU C 21 33.90 18.73 59.05
CA GLU C 21 34.03 18.76 60.49
C GLU C 21 32.97 19.65 61.11
N TYR C 22 32.60 20.73 60.43
CA TYR C 22 31.52 21.56 60.92
C TYR C 22 30.19 20.83 60.82
N ALA C 23 30.03 19.98 59.80
CA ALA C 23 28.87 19.09 59.78
C ALA C 23 28.88 18.18 60.99
N LEU C 24 30.04 17.65 61.34
CA LEU C 24 30.11 16.80 62.53
C LEU C 24 29.69 17.57 63.77
N GLU C 25 30.13 18.82 63.89
CA GLU C 25 29.70 19.62 65.03
C GLU C 25 28.21 19.84 65.01
N ALA C 26 27.63 20.09 63.84
CA ALA C 26 26.18 20.18 63.75
C ALA C 26 25.53 18.90 64.24
N VAL C 27 26.18 17.76 64.02
CA VAL C 27 25.69 16.51 64.56
C VAL C 27 25.73 16.53 66.08
N ARG C 28 26.82 17.02 66.65
CA ARG C 28 26.95 17.02 68.10
C ARG C 28 25.75 17.70 68.76
N LYS C 29 25.19 18.70 68.11
CA LYS C 29 24.10 19.48 68.67
C LYS C 29 22.75 18.81 68.54
N GLY C 30 22.68 17.67 67.87
CA GLY C 30 21.42 17.01 67.67
C GLY C 30 21.03 16.12 68.84
N ASN C 31 19.76 15.74 68.85
CA ASN C 31 19.23 14.89 69.91
C ASN C 31 20.04 13.61 70.02
N ALA C 32 20.30 13.19 71.25
CA ALA C 32 21.02 11.95 71.46
C ALA C 32 20.24 10.78 70.90
N ALA C 33 20.95 9.79 70.37
CA ALA C 33 20.34 8.57 69.88
C ALA C 33 21.21 7.38 70.27
N VAL C 34 20.59 6.23 70.43
CA VAL C 34 21.28 5.03 70.87
C VAL C 34 20.75 3.84 70.10
N GLY C 35 21.62 2.91 69.81
CA GLY C 35 21.21 1.64 69.21
C GLY C 35 21.98 0.50 69.82
N VAL C 36 21.26 -0.55 70.19
CA VAL C 36 21.86 -1.67 70.90
C VAL C 36 21.43 -2.96 70.22
N ARG C 37 22.32 -3.52 69.41
CA ARG C 37 22.03 -4.77 68.73
C ARG C 37 22.05 -5.90 69.75
N GLY C 38 20.94 -6.63 69.84
CA GLY C 38 20.87 -7.82 70.65
C GLY C 38 20.86 -9.06 69.79
N THR C 39 20.86 -10.22 70.44
CA THR C 39 20.85 -11.46 69.69
C THR C 39 19.61 -11.57 68.81
N ASP C 40 18.44 -11.21 69.33
CA ASP C 40 17.19 -11.42 68.62
C ASP C 40 16.45 -10.14 68.30
N THR C 41 16.91 -8.99 68.76
CA THR C 41 16.25 -7.72 68.49
C THR C 41 17.31 -6.64 68.37
N VAL C 42 16.93 -5.54 67.74
CA VAL C 42 17.79 -4.36 67.62
C VAL C 42 17.00 -3.15 68.06
N VAL C 43 17.31 -2.63 69.22
CA VAL C 43 16.59 -1.50 69.80
C VAL C 43 17.17 -0.22 69.24
N LEU C 44 16.33 0.80 69.14
CA LEU C 44 16.79 2.15 68.89
C LEU C 44 16.14 3.06 69.92
N GLY C 45 16.77 4.20 70.18
CA GLY C 45 16.21 5.18 71.08
C GLY C 45 16.70 6.55 70.72
N VAL C 46 15.94 7.56 71.16
CA VAL C 46 16.31 8.95 70.92
C VAL C 46 15.94 9.77 72.14
N GLU C 47 16.53 10.97 72.22
CA GLU C 47 16.48 11.75 73.46
C GLU C 47 15.11 12.35 73.71
N LYS C 48 14.51 12.99 72.72
CA LYS C 48 13.29 13.76 72.92
C LYS C 48 12.18 13.13 72.10
N LYS C 49 11.06 12.82 72.76
CA LYS C 49 9.88 12.33 72.06
C LYS C 49 8.90 13.45 71.74
N SER C 50 9.37 14.70 71.70
CA SER C 50 8.53 15.86 71.41
C SER C 50 7.38 15.95 72.41
N ALA C 51 7.71 16.17 73.69
CA ALA C 51 6.69 16.24 74.73
C ALA C 51 6.89 17.42 75.67
N ALA C 52 7.10 18.62 75.13
CA ALA C 52 7.21 19.80 75.98
C ALA C 52 5.84 20.37 76.29
N LYS C 53 4.90 19.49 76.65
CA LYS C 53 3.62 19.87 77.24
C LYS C 53 2.66 20.55 76.25
N LEU C 54 3.12 20.90 75.05
CA LEU C 54 2.22 21.50 74.06
C LEU C 54 2.40 20.95 72.65
N GLN C 55 3.49 20.24 72.38
CA GLN C 55 3.71 19.74 71.03
C GLN C 55 2.68 18.68 70.67
N ASP C 56 2.22 18.72 69.43
CA ASP C 56 1.22 17.79 68.92
C ASP C 56 1.94 16.76 68.05
N SER C 57 2.52 15.77 68.71
CA SER C 57 3.43 14.83 68.07
C SER C 57 2.74 13.57 67.56
N ARG C 58 1.45 13.66 67.22
CA ARG C 58 0.73 12.47 66.77
C ARG C 58 1.26 12.00 65.42
N SER C 59 1.66 12.92 64.55
CA SER C 59 1.89 12.63 63.14
C SER C 59 3.36 12.50 62.77
N VAL C 60 4.26 12.20 63.71
CA VAL C 60 5.67 12.06 63.37
C VAL C 60 6.38 11.32 64.50
N ARG C 61 7.18 10.33 64.12
CA ARG C 61 8.05 9.61 65.04
C ARG C 61 9.50 9.83 64.62
N LYS C 62 10.39 9.87 65.60
CA LYS C 62 11.81 10.08 65.32
C LYS C 62 12.46 8.85 64.70
N ILE C 63 12.17 7.65 65.23
CA ILE C 63 12.69 6.42 64.66
C ILE C 63 11.82 6.03 63.48
N VAL C 64 12.39 6.07 62.28
CA VAL C 64 11.61 6.12 61.06
C VAL C 64 11.87 4.87 60.24
N ASN C 65 10.81 4.31 59.65
CA ASN C 65 10.92 3.16 58.77
C ASN C 65 11.36 3.59 57.38
N LEU C 66 12.50 3.08 56.93
CA LEU C 66 12.83 3.11 55.52
C LEU C 66 12.15 1.99 54.78
N ASP C 67 11.69 0.98 55.51
CA ASP C 67 11.13 -0.23 54.94
C ASP C 67 10.66 -1.07 56.11
N ASN C 68 9.65 -1.91 55.87
CA ASN C 68 9.25 -2.81 56.93
C ASN C 68 10.41 -3.70 57.33
N HIS C 69 11.37 -3.83 56.44
CA HIS C 69 12.60 -4.54 56.68
C HIS C 69 13.54 -3.77 57.60
N ILE C 70 13.51 -2.44 57.55
CA ILE C 70 14.60 -1.60 58.03
C ILE C 70 14.04 -0.36 58.73
N ALA C 71 14.79 0.14 59.70
CA ALA C 71 14.46 1.38 60.40
C ALA C 71 15.68 2.27 60.47
N LEU C 72 15.46 3.52 60.86
CA LEU C 72 16.54 4.50 60.88
C LEU C 72 16.32 5.52 61.98
N ALA C 73 17.39 5.80 62.72
CA ALA C 73 17.43 6.90 63.65
C ALA C 73 18.50 7.87 63.20
N CYS C 74 18.18 9.16 63.26
CA CYS C 74 19.04 10.21 62.75
C CYS C 74 19.36 11.20 63.85
N ALA C 75 20.55 11.78 63.80
CA ALA C 75 20.95 12.84 64.71
C ALA C 75 21.57 13.96 63.92
N GLY C 76 21.34 15.19 64.37
CA GLY C 76 21.83 16.35 63.64
C GLY C 76 20.67 17.19 63.15
N LEU C 77 20.86 17.88 62.03
CA LEU C 77 19.78 18.69 61.48
C LEU C 77 18.59 17.82 61.14
N LYS C 78 17.40 18.25 61.58
CA LYS C 78 16.19 17.53 61.23
C LYS C 78 15.79 17.77 59.78
N ALA C 79 16.14 18.93 59.25
CA ALA C 79 15.73 19.26 57.88
C ALA C 79 16.38 18.34 56.87
N ASP C 80 17.64 17.97 57.09
CA ASP C 80 18.33 17.10 56.14
C ASP C 80 17.87 15.65 56.29
N ALA C 81 17.45 15.28 57.50
CA ALA C 81 17.03 13.91 57.74
C ALA C 81 15.91 13.51 56.81
N ARG C 82 14.98 14.43 56.55
CA ARG C 82 13.87 14.11 55.68
C ARG C 82 14.33 13.78 54.27
N VAL C 83 15.25 14.57 53.72
CA VAL C 83 15.73 14.29 52.37
C VAL C 83 16.45 12.96 52.34
N LEU C 84 17.32 12.73 53.32
CA LEU C 84 18.08 11.48 53.28
C LEU C 84 17.16 10.28 53.42
N ILE C 85 16.15 10.39 54.28
CA ILE C 85 15.22 9.27 54.49
C ILE C 85 14.38 9.04 53.25
N ASN C 86 13.94 10.11 52.59
CA ASN C 86 13.17 9.90 51.36
C ASN C 86 13.99 9.18 50.32
N LYS C 87 15.26 9.57 50.15
CA LYS C 87 16.06 8.88 49.14
C LYS C 87 16.34 7.45 49.55
N ALA C 88 16.52 7.20 50.85
CA ALA C 88 16.73 5.82 51.30
C ALA C 88 15.50 4.96 51.05
N ARG C 89 14.31 5.49 51.32
CA ARG C 89 13.08 4.74 51.05
C ARG C 89 12.95 4.47 49.55
N ILE C 90 13.21 5.47 48.73
CA ILE C 90 13.11 5.29 47.30
C ILE C 90 14.06 4.19 46.85
N GLU C 91 15.28 4.18 47.38
CA GLU C 91 16.22 3.13 47.01
C GLU C 91 15.77 1.76 47.51
N CYS C 92 15.18 1.71 48.71
CA CYS C 92 14.70 0.44 49.22
C CYS C 92 13.66 -0.17 48.29
N GLN C 93 12.80 0.67 47.74
CA GLN C 93 11.81 0.16 46.78
C GLN C 93 12.44 -0.17 45.43
N SER C 94 13.32 0.71 44.94
CA SER C 94 13.88 0.51 43.62
C SER C 94 14.77 -0.72 43.57
N HIS C 95 15.32 -1.11 44.71
CA HIS C 95 16.10 -2.35 44.74
C HIS C 95 15.18 -3.55 44.57
N LYS C 96 14.06 -3.58 45.31
CA LYS C 96 13.09 -4.65 45.10
C LYS C 96 12.67 -4.72 43.65
N LEU C 97 12.44 -3.57 43.01
CA LEU C 97 12.10 -3.60 41.60
C LEU C 97 13.22 -4.18 40.76
N THR C 98 14.45 -3.67 40.91
CA THR C 98 15.56 -4.12 40.08
C THR C 98 15.99 -5.54 40.44
N LEU C 99 15.95 -5.88 41.72
CA LEU C 99 16.20 -7.23 42.17
C LEU C 99 15.08 -7.62 43.12
N GLU C 100 14.52 -8.80 42.95
CA GLU C 100 13.37 -9.15 43.77
C GLU C 100 13.71 -9.09 45.25
N ASP C 101 14.98 -9.29 45.60
CA ASP C 101 15.36 -9.36 47.01
C ASP C 101 15.26 -7.98 47.65
N PRO C 102 14.81 -7.89 48.90
CA PRO C 102 14.85 -6.61 49.60
C PRO C 102 16.26 -6.26 50.04
N VAL C 103 16.50 -4.95 50.21
CA VAL C 103 17.85 -4.47 50.47
C VAL C 103 18.36 -5.03 51.77
N THR C 104 19.60 -5.52 51.74
CA THR C 104 20.26 -5.91 52.98
C THR C 104 20.76 -4.68 53.72
N VAL C 105 20.81 -4.79 55.05
CA VAL C 105 21.07 -3.62 55.89
C VAL C 105 22.37 -2.95 55.46
N GLU C 106 23.41 -3.73 55.24
CA GLU C 106 24.67 -3.16 54.83
C GLU C 106 24.55 -2.45 53.49
N TYR C 107 23.70 -2.94 52.61
CA TYR C 107 23.56 -2.30 51.30
C TYR C 107 22.99 -0.90 51.44
N ILE C 108 21.89 -0.76 52.17
CA ILE C 108 21.29 0.56 52.30
C ILE C 108 22.18 1.47 53.12
N THR C 109 22.85 0.94 54.14
CA THR C 109 23.83 1.76 54.85
C THR C 109 24.88 2.28 53.90
N ARG C 110 25.43 1.40 53.06
CA ARG C 110 26.45 1.82 52.12
C ARG C 110 25.91 2.84 51.14
N TYR C 111 24.66 2.68 50.72
CA TYR C 111 24.07 3.64 49.80
C TYR C 111 23.97 5.02 50.44
N ILE C 112 23.50 5.06 51.69
CA ILE C 112 23.42 6.34 52.40
C ILE C 112 24.81 6.94 52.55
N ALA C 113 25.79 6.12 52.92
CA ALA C 113 27.13 6.62 53.12
C ALA C 113 27.70 7.22 51.84
N GLY C 114 27.58 6.50 50.73
CA GLY C 114 28.07 7.03 49.47
C GLY C 114 27.33 8.30 49.09
N LEU C 115 26.04 8.36 49.38
CA LEU C 115 25.29 9.57 49.11
C LEU C 115 25.85 10.75 49.89
N GLN C 116 26.19 10.52 51.16
CA GLN C 116 26.74 11.60 51.97
C GLN C 116 28.10 12.04 51.44
N GLN C 117 28.94 11.08 51.05
CA GLN C 117 30.24 11.42 50.51
C GLN C 117 30.11 12.23 49.24
N LYS C 118 29.21 11.83 48.35
CA LYS C 118 28.99 12.59 47.13
C LYS C 118 28.75 14.06 47.45
N TYR C 119 27.99 14.31 48.50
CA TYR C 119 27.68 15.67 48.90
C TYR C 119 28.89 16.37 49.47
N THR C 120 29.69 15.66 50.25
CA THR C 120 30.89 16.31 50.77
C THR C 120 31.90 16.60 49.67
N GLN C 121 31.76 15.99 48.50
CA GLN C 121 32.67 16.28 47.39
C GLN C 121 32.03 16.94 46.18
N SER C 122 30.72 16.86 45.99
CA SER C 122 30.10 17.50 44.84
C SER C 122 30.23 19.01 44.94
N GLY C 123 30.41 19.66 43.80
CA GLY C 123 30.56 21.09 43.80
C GLY C 123 29.25 21.82 44.03
N GLY C 124 29.34 22.94 44.74
CA GLY C 124 28.20 23.80 44.92
C GLY C 124 27.08 23.26 45.76
N VAL C 125 27.37 22.41 46.75
CA VAL C 125 26.35 21.85 47.63
C VAL C 125 26.94 21.63 49.01
N ARG C 126 26.12 21.85 50.03
CA ARG C 126 26.52 21.71 51.42
C ARG C 126 26.46 20.25 51.87
N PRO C 127 27.45 19.79 52.63
CA PRO C 127 27.38 18.43 53.16
C PRO C 127 26.15 18.24 54.06
N PHE C 128 25.66 17.01 54.10
CA PHE C 128 24.64 16.65 55.08
C PHE C 128 25.24 16.74 56.48
N GLY C 129 24.54 17.44 57.37
CA GLY C 129 24.97 17.49 58.75
C GLY C 129 24.31 16.42 59.57
N LEU C 130 24.52 15.15 59.22
CA LEU C 130 23.81 14.05 59.83
C LEU C 130 24.76 12.95 60.21
N SER C 131 24.33 12.14 61.17
CA SER C 131 25.01 10.89 61.50
C SER C 131 23.93 9.89 61.86
N THR C 132 23.58 9.02 60.91
CA THR C 132 22.43 8.15 61.02
C THR C 132 22.80 6.86 61.74
N LEU C 133 21.83 6.28 62.43
CA LEU C 133 21.92 4.91 62.91
C LEU C 133 20.90 4.07 62.14
N ILE C 134 21.33 2.95 61.60
CA ILE C 134 20.48 2.12 60.76
C ILE C 134 20.41 0.72 61.36
N VAL C 135 19.29 0.05 61.11
CA VAL C 135 18.97 -1.21 61.77
C VAL C 135 18.07 -2.03 60.88
N GLY C 136 18.17 -3.35 61.01
CA GLY C 136 17.32 -4.22 60.24
C GLY C 136 17.78 -5.66 60.35
N PHE C 137 16.95 -6.56 59.84
CA PHE C 137 17.26 -7.98 59.82
C PHE C 137 17.45 -8.43 58.39
N ASP C 138 18.69 -8.76 58.03
CA ASP C 138 18.98 -9.11 56.65
C ASP C 138 18.07 -10.26 56.22
N PRO C 139 17.45 -10.17 55.06
CA PRO C 139 16.44 -11.16 54.69
C PRO C 139 17.06 -12.55 54.64
N TYR C 140 16.30 -13.53 55.10
CA TYR C 140 16.70 -14.93 54.98
C TYR C 140 17.84 -15.23 55.95
N THR C 141 18.13 -14.31 56.86
CA THR C 141 19.23 -14.48 57.79
C THR C 141 18.78 -14.45 59.25
N ASP C 142 17.75 -13.68 59.56
CA ASP C 142 17.26 -13.48 60.92
C ASP C 142 18.36 -13.18 61.92
N VAL C 143 19.47 -12.62 61.46
CA VAL C 143 20.56 -12.18 62.32
C VAL C 143 20.55 -10.66 62.34
N PRO C 144 20.32 -10.01 63.48
CA PRO C 144 20.18 -8.56 63.49
C PRO C 144 21.43 -7.88 62.97
N ALA C 145 21.29 -6.59 62.66
CA ALA C 145 22.38 -5.81 62.11
C ALA C 145 22.25 -4.37 62.53
N LEU C 146 23.36 -3.76 62.95
CA LEU C 146 23.36 -2.37 63.37
C LEU C 146 24.53 -1.65 62.72
N TYR C 147 24.27 -0.46 62.19
CA TYR C 147 25.25 0.32 61.45
C TYR C 147 25.14 1.78 61.85
N GLN C 148 26.08 2.59 61.37
CA GLN C 148 25.89 4.03 61.34
C GLN C 148 26.71 4.62 60.21
N THR C 149 26.29 5.81 59.79
CA THR C 149 27.05 6.63 58.85
C THR C 149 27.41 7.92 59.57
N ASP C 150 28.41 8.61 59.05
CA ASP C 150 28.77 9.89 59.64
C ASP C 150 29.01 10.91 58.53
N PRO C 151 28.95 12.21 58.84
CA PRO C 151 28.92 13.22 57.77
C PRO C 151 30.01 13.03 56.74
N SER C 152 31.11 12.38 57.10
CA SER C 152 32.20 12.18 56.17
C SER C 152 31.84 11.21 55.06
N GLY C 153 30.77 10.43 55.23
CA GLY C 153 30.43 9.43 54.25
C GLY C 153 31.04 8.08 54.50
N THR C 154 31.54 7.84 55.71
CA THR C 154 32.10 6.55 56.08
C THR C 154 31.21 5.89 57.12
N PHE C 155 31.13 4.56 57.04
CA PHE C 155 30.13 3.81 57.79
C PHE C 155 30.77 2.54 58.32
N SER C 156 30.12 1.94 59.32
CA SER C 156 30.61 0.71 59.89
C SER C 156 29.57 0.15 60.85
N ALA C 157 29.64 -1.15 61.08
CA ALA C 157 28.70 -1.82 61.96
C ALA C 157 29.11 -1.63 63.41
N TRP C 158 28.23 -2.03 64.33
CA TRP C 158 28.47 -1.86 65.75
C TRP C 158 27.67 -2.86 66.54
N LYS C 159 28.22 -3.28 67.68
CA LYS C 159 27.42 -4.01 68.64
C LYS C 159 26.41 -3.08 69.31
N ALA C 160 26.83 -1.85 69.59
CA ALA C 160 25.96 -0.82 70.12
C ALA C 160 26.66 0.50 69.88
N ASN C 161 25.91 1.59 69.97
CA ASN C 161 26.48 2.88 69.62
C ASN C 161 25.50 3.98 69.94
N ALA C 162 25.97 5.23 69.92
CA ALA C 162 25.14 6.39 70.15
C ALA C 162 25.64 7.54 69.30
N THR C 163 24.78 8.52 69.07
CA THR C 163 25.14 9.73 68.36
C THR C 163 24.29 10.89 68.89
N GLY C 164 24.71 12.10 68.56
CA GLY C 164 24.09 13.29 69.11
C GLY C 164 24.88 13.87 70.27
N ARG C 165 24.22 14.74 71.01
CA ARG C 165 24.86 15.36 72.17
C ARG C 165 25.22 14.29 73.18
N ASN C 166 26.35 14.48 73.85
CA ASN C 166 26.84 13.56 74.87
C ASN C 166 27.07 12.18 74.30
N SER C 167 27.25 12.08 72.99
CA SER C 167 27.47 10.78 72.37
C SER C 167 28.58 10.02 73.09
N ASN C 168 29.63 10.74 73.48
CA ASN C 168 30.76 10.10 74.12
C ASN C 168 30.35 9.42 75.42
N SER C 169 29.62 10.13 76.27
CA SER C 169 29.27 9.56 77.57
C SER C 169 28.45 8.30 77.42
N ILE C 170 27.45 8.33 76.52
CA ILE C 170 26.69 7.13 76.25
C ILE C 170 27.59 6.04 75.74
N ARG C 171 28.57 6.39 74.91
CA ARG C 171 29.43 5.37 74.35
C ARG C 171 30.27 4.71 75.42
N GLU C 172 30.78 5.49 76.39
CA GLU C 172 31.48 4.85 77.51
C GLU C 172 30.54 3.97 78.30
N PHE C 173 29.32 4.43 78.56
CA PHE C 173 28.39 3.59 79.29
C PHE C 173 28.24 2.25 78.59
N LEU C 174 28.05 2.28 77.27
CA LEU C 174 27.93 1.04 76.51
C LEU C 174 29.21 0.22 76.58
N GLU C 175 30.36 0.89 76.53
CA GLU C 175 31.63 0.19 76.58
C GLU C 175 31.82 -0.56 77.89
N LYS C 176 31.24 -0.07 78.98
CA LYS C 176 31.34 -0.75 80.26
C LYS C 176 30.14 -1.61 80.59
N ASN C 177 28.98 -1.35 79.99
CA ASN C 177 27.75 -2.00 80.38
C ASN C 177 27.16 -2.92 79.32
N TYR C 178 27.81 -3.07 78.16
CA TYR C 178 27.24 -3.90 77.11
C TYR C 178 27.49 -5.37 77.37
N LYS C 179 26.49 -6.19 77.08
CA LYS C 179 26.59 -7.63 77.20
C LYS C 179 25.58 -8.24 76.23
N GLU C 180 25.80 -9.48 75.84
CA GLU C 180 24.96 -10.06 74.81
C GLU C 180 23.55 -10.29 75.34
N THR C 181 22.67 -9.33 75.08
CA THR C 181 21.33 -9.32 75.64
C THR C 181 20.34 -10.01 74.72
N SER C 182 19.13 -10.19 75.22
CA SER C 182 18.04 -10.77 74.47
C SER C 182 16.72 -10.25 75.01
N GLY C 183 15.70 -10.24 74.17
CA GLY C 183 14.37 -9.88 74.64
C GLY C 183 14.40 -8.53 75.33
N GLN C 184 13.76 -8.46 76.51
CA GLN C 184 13.66 -7.20 77.22
C GLN C 184 15.02 -6.65 77.64
N GLU C 185 16.03 -7.52 77.75
CA GLU C 185 17.31 -7.04 78.23
C GLU C 185 17.92 -6.01 77.29
N THR C 186 17.73 -6.18 75.98
CA THR C 186 18.24 -5.19 75.05
C THR C 186 17.57 -3.84 75.27
N VAL C 187 16.25 -3.86 75.47
CA VAL C 187 15.55 -2.61 75.70
C VAL C 187 16.04 -1.99 77.01
N LYS C 188 16.28 -2.82 78.02
CA LYS C 188 16.78 -2.31 79.29
C LYS C 188 18.11 -1.58 79.08
N LEU C 189 19.03 -2.21 78.34
CA LEU C 189 20.32 -1.56 78.09
C LEU C 189 20.15 -0.26 77.34
N ALA C 190 19.30 -0.25 76.30
CA ALA C 190 19.12 0.97 75.56
C ALA C 190 18.56 2.07 76.44
N ILE C 191 17.59 1.73 77.29
CA ILE C 191 16.98 2.73 78.16
C ILE C 191 17.99 3.26 79.16
N ARG C 192 18.79 2.37 79.74
CA ARG C 192 19.83 2.84 80.67
C ARG C 192 20.81 3.74 79.96
N ALA C 193 21.22 3.36 78.76
CA ALA C 193 22.20 4.13 78.02
C ALA C 193 21.67 5.54 77.76
N LEU C 194 20.40 5.65 77.38
CA LEU C 194 19.83 6.97 77.20
C LEU C 194 19.67 7.71 78.51
N LEU C 195 19.31 6.98 79.57
CA LEU C 195 19.11 7.59 80.87
C LEU C 195 20.39 8.26 81.35
N GLU C 196 21.54 7.71 80.96
CA GLU C 196 22.80 8.32 81.36
C GLU C 196 22.81 9.81 81.06
N VAL C 197 22.34 10.21 79.89
CA VAL C 197 22.36 11.60 79.48
C VAL C 197 21.01 12.27 79.70
N VAL C 198 19.92 11.62 79.29
CA VAL C 198 18.59 12.13 79.58
C VAL C 198 18.13 11.54 80.90
N GLU C 199 18.51 12.16 82.00
CA GLU C 199 18.10 11.66 83.31
C GLU C 199 16.63 11.91 83.58
N SER C 200 15.99 12.79 82.81
CA SER C 200 14.56 13.03 82.96
C SER C 200 13.77 11.94 82.28
N GLY C 201 13.89 10.71 82.78
CA GLY C 201 13.49 9.56 82.01
C GLY C 201 11.99 9.52 81.77
N GLY C 202 11.60 8.72 80.79
CA GLY C 202 10.19 8.47 80.49
C GLY C 202 9.59 9.46 79.54
N LYS C 203 9.37 10.69 80.01
CA LYS C 203 8.64 11.68 79.23
C LYS C 203 9.45 12.21 78.05
N ASN C 204 10.67 11.74 77.86
CA ASN C 204 11.57 12.26 76.83
C ASN C 204 12.05 11.21 75.85
N LEU C 205 12.25 9.97 76.28
CA LEU C 205 12.74 8.95 75.38
C LEU C 205 11.67 8.54 74.37
N GLU C 206 12.12 8.15 73.19
CA GLU C 206 11.30 7.45 72.21
C GLU C 206 12.08 6.23 71.75
N VAL C 207 11.50 5.05 71.92
CA VAL C 207 12.22 3.80 71.75
C VAL C 207 11.43 2.90 70.83
N ALA C 208 12.13 2.19 69.94
CA ALA C 208 11.53 1.21 69.06
C ALA C 208 12.38 -0.04 69.09
N VAL C 209 11.75 -1.18 68.84
CA VAL C 209 12.46 -2.47 68.83
C VAL C 209 12.19 -3.17 67.52
N MET C 210 13.25 -3.69 66.92
CA MET C 210 13.15 -4.41 65.65
C MET C 210 13.14 -5.90 65.92
N ARG C 211 12.01 -6.54 65.68
CA ARG C 211 11.94 -7.99 65.64
C ARG C 211 12.07 -8.45 64.20
N LYS C 212 12.24 -9.76 64.02
CA LYS C 212 12.38 -10.29 62.68
C LYS C 212 11.18 -9.93 61.82
N GLU C 213 10.03 -9.72 62.45
CA GLU C 213 8.80 -9.39 61.74
C GLU C 213 8.57 -7.91 61.58
N GLY C 214 9.49 -7.03 61.92
CA GLY C 214 9.36 -5.61 61.63
C GLY C 214 9.69 -4.75 62.84
N LEU C 215 9.33 -3.48 62.74
CA LEU C 215 9.54 -2.51 63.79
C LEU C 215 8.24 -2.26 64.55
N HIS C 216 8.38 -1.92 65.83
CA HIS C 216 7.23 -1.41 66.58
C HIS C 216 7.72 -0.62 67.77
N GLN C 217 7.08 0.53 67.99
CA GLN C 217 7.56 1.54 68.92
C GLN C 217 6.86 1.40 70.27
N LEU C 218 7.65 1.45 71.33
CA LEU C 218 7.12 1.20 72.66
C LEU C 218 6.10 2.27 73.04
N GLU C 219 5.18 1.88 73.92
CA GLU C 219 4.14 2.80 74.40
C GLU C 219 4.64 3.52 75.65
N GLU C 220 4.06 4.68 75.90
CA GLU C 220 4.46 5.47 77.07
C GLU C 220 4.44 4.64 78.33
N SER C 221 3.38 3.86 78.52
CA SER C 221 3.31 3.00 79.69
C SER C 221 4.48 2.04 79.74
N GLU C 222 4.88 1.50 78.59
CA GLU C 222 5.96 0.53 78.58
C GLU C 222 7.30 1.17 78.92
N ILE C 223 7.61 2.31 78.31
CA ILE C 223 8.85 3.01 78.65
C ILE C 223 8.86 3.37 80.12
N ASP C 224 7.71 3.81 80.63
CA ASP C 224 7.62 4.16 82.05
C ASP C 224 7.86 2.94 82.92
N ALA C 225 7.33 1.78 82.53
CA ALA C 225 7.57 0.57 83.31
C ALA C 225 9.05 0.25 83.35
N ILE C 226 9.73 0.32 82.21
CA ILE C 226 11.16 0.02 82.19
C ILE C 226 11.92 1.04 83.02
N VAL C 227 11.55 2.31 82.90
CA VAL C 227 12.24 3.36 83.65
C VAL C 227 12.09 3.14 85.14
N ALA C 228 10.87 2.80 85.57
CA ALA C 228 10.65 2.53 86.98
C ALA C 228 11.45 1.32 87.43
N GLU C 229 11.48 0.27 86.61
CA GLU C 229 12.26 -0.91 86.97
C GLU C 229 13.72 -0.55 87.20
N ILE C 230 14.31 0.20 86.27
CA ILE C 230 15.71 0.57 86.42
C ILE C 230 15.90 1.51 87.60
N GLU C 231 14.97 2.45 87.80
CA GLU C 231 15.12 3.41 88.87
C GLU C 231 15.03 2.75 90.24
N ALA C 232 14.31 1.63 90.33
CA ALA C 232 14.26 0.88 91.59
C ALA C 232 15.48 0.00 91.74
N GLU C 233 15.82 -0.76 90.70
CA GLU C 233 16.91 -1.73 90.83
C GLU C 233 18.26 -1.05 90.96
N LYS C 234 18.44 0.13 90.35
CA LYS C 234 19.71 0.82 90.50
C LYS C 234 19.90 1.33 91.92
N ALA C 235 18.85 1.90 92.51
CA ALA C 235 18.94 2.31 93.91
C ALA C 235 19.20 1.11 94.80
N ALA C 236 18.53 -0.02 94.53
CA ALA C 236 18.76 -1.21 95.32
C ALA C 236 20.20 -1.69 95.22
N ALA C 237 20.75 -1.72 94.01
CA ALA C 237 22.13 -2.17 93.83
C ALA C 237 23.11 -1.21 94.50
N GLU C 238 22.88 0.10 94.36
CA GLU C 238 23.75 1.08 94.99
C GLU C 238 23.73 0.94 96.50
N ALA C 239 22.54 0.76 97.08
CA ALA C 239 22.45 0.56 98.52
C ALA C 239 23.17 -0.73 98.94
N ALA C 240 23.01 -1.80 98.16
CA ALA C 240 23.66 -3.06 98.51
C ALA C 240 25.18 -2.92 98.47
N LYS C 241 25.71 -2.28 97.43
CA LYS C 241 27.15 -2.15 97.30
C LYS C 241 27.72 -1.23 98.38
N LYS C 242 27.05 -0.11 98.65
CA LYS C 242 27.55 0.88 99.60
C LYS C 242 27.03 0.59 101.01
N TYR D 8 42.57 32.75 52.39
CA TYR D 8 41.89 33.57 51.36
C TYR D 8 41.04 32.69 50.46
N ASP D 9 40.20 33.34 49.64
CA ASP D 9 39.41 32.62 48.63
C ASP D 9 40.24 32.39 47.38
N ARG D 10 41.31 31.63 47.57
CA ARG D 10 42.05 31.08 46.44
C ARG D 10 41.26 29.97 45.79
N GLY D 11 41.31 29.92 44.47
CA GLY D 11 40.58 28.91 43.74
C GLY D 11 41.10 27.52 44.01
N VAL D 12 40.26 26.54 43.73
CA VAL D 12 40.64 25.15 43.94
C VAL D 12 41.81 24.78 43.04
N ASN D 13 41.89 25.41 41.86
CA ASN D 13 42.90 25.09 40.86
C ASN D 13 44.04 26.10 40.83
N THR D 14 44.22 26.88 41.88
CA THR D 14 45.22 27.94 41.86
C THR D 14 46.62 27.37 41.99
N PHE D 15 47.52 27.78 41.11
CA PHE D 15 48.92 27.42 41.24
C PHE D 15 49.59 28.26 42.31
N SER D 16 50.46 27.63 43.08
CA SER D 16 51.25 28.35 44.06
C SER D 16 52.51 28.90 43.41
N PRO D 17 53.13 29.91 44.03
CA PRO D 17 54.23 30.61 43.34
C PRO D 17 55.38 29.70 42.94
N GLU D 18 55.55 28.56 43.59
CA GLU D 18 56.56 27.60 43.17
C GLU D 18 56.01 26.55 42.22
N GLY D 19 54.79 26.74 41.72
CA GLY D 19 54.27 25.90 40.67
C GLY D 19 53.44 24.72 41.13
N ARG D 20 53.12 24.62 42.40
CA ARG D 20 52.41 23.47 42.95
C ARG D 20 50.97 23.85 43.25
N LEU D 21 50.03 23.08 42.73
CA LEU D 21 48.63 23.34 43.05
C LEU D 21 48.47 23.29 44.55
N PHE D 22 47.71 24.23 45.09
CA PHE D 22 47.57 24.27 46.54
C PHE D 22 46.76 23.09 47.04
N GLN D 23 45.57 22.89 46.47
CA GLN D 23 44.69 21.85 46.97
C GLN D 23 45.34 20.49 46.88
N VAL D 24 46.16 20.25 45.87
CA VAL D 24 46.86 18.98 45.79
C VAL D 24 47.80 18.82 46.97
N GLU D 25 48.50 19.88 47.35
CA GLU D 25 49.38 19.81 48.51
C GLU D 25 48.58 19.55 49.78
N TYR D 26 47.47 20.28 49.95
CA TYR D 26 46.64 20.09 51.13
C TYR D 26 46.06 18.68 51.19
N ALA D 27 45.78 18.09 50.04
CA ALA D 27 45.34 16.71 50.02
C ALA D 27 46.47 15.76 50.39
N ILE D 28 47.66 15.97 49.84
CA ILE D 28 48.80 15.14 50.22
C ILE D 28 48.98 15.16 51.72
N GLU D 29 48.72 16.30 52.35
CA GLU D 29 48.80 16.36 53.81
C GLU D 29 47.79 15.41 54.44
N ALA D 30 46.67 15.15 53.76
CA ALA D 30 45.60 14.37 54.38
C ALA D 30 45.96 12.90 54.50
N ILE D 31 46.83 12.39 53.64
CA ILE D 31 47.28 11.02 53.78
C ILE D 31 48.15 10.86 55.02
N LYS D 32 48.86 11.91 55.43
CA LYS D 32 49.67 11.81 56.63
C LYS D 32 48.83 11.42 57.84
N LEU D 33 47.54 11.73 57.83
CA LEU D 33 46.69 11.40 58.95
C LEU D 33 46.05 10.02 58.82
N GLY D 34 46.13 9.40 57.66
CA GLY D 34 45.48 8.13 57.46
C GLY D 34 46.28 6.96 58.01
N SER D 35 45.59 5.83 58.13
CA SER D 35 46.18 4.62 58.68
C SER D 35 47.36 4.17 57.85
N THR D 36 48.37 3.63 58.50
CA THR D 36 49.53 3.11 57.79
C THR D 36 49.17 1.86 57.02
N ALA D 37 49.48 1.83 55.74
CA ALA D 37 49.22 0.68 54.88
C ALA D 37 50.49 0.36 54.12
N ILE D 38 50.88 -0.91 54.12
CA ILE D 38 52.20 -1.33 53.66
C ILE D 38 52.05 -2.52 52.73
N GLY D 39 52.86 -2.56 51.69
CA GLY D 39 52.86 -3.70 50.78
C GLY D 39 54.26 -4.00 50.31
N ILE D 40 54.51 -5.26 49.98
CA ILE D 40 55.82 -5.71 49.52
C ILE D 40 55.64 -6.66 48.35
N LYS D 41 56.30 -6.38 47.24
CA LYS D 41 56.29 -7.26 46.08
C LYS D 41 57.26 -8.40 46.30
N THR D 42 56.98 -9.54 45.66
CA THR D 42 57.91 -10.65 45.64
C THR D 42 57.58 -11.57 44.48
N LYS D 43 58.46 -12.53 44.23
CA LYS D 43 58.25 -13.44 43.11
C LYS D 43 56.98 -14.25 43.30
N GLU D 44 56.72 -14.74 44.51
CA GLU D 44 55.53 -15.53 44.76
C GLU D 44 54.24 -14.75 44.54
N GLY D 45 54.24 -13.46 44.81
CA GLY D 45 53.03 -12.66 44.79
C GLY D 45 53.29 -11.36 45.50
N VAL D 46 52.22 -10.74 45.97
CA VAL D 46 52.30 -9.45 46.64
C VAL D 46 51.52 -9.54 47.94
N VAL D 47 51.95 -8.79 48.94
CA VAL D 47 51.30 -8.79 50.25
C VAL D 47 50.90 -7.36 50.58
N LEU D 48 49.79 -7.21 51.30
CA LEU D 48 49.30 -5.91 51.73
C LEU D 48 48.92 -5.99 53.20
N ALA D 49 49.04 -4.87 53.91
CA ALA D 49 48.64 -4.79 55.31
C ALA D 49 48.25 -3.36 55.63
N VAL D 50 47.42 -3.19 56.66
CA VAL D 50 46.92 -1.87 57.04
C VAL D 50 46.37 -1.93 58.45
N GLU D 51 46.69 -0.93 59.26
CA GLU D 51 46.09 -0.87 60.59
C GLU D 51 44.64 -0.48 60.46
N LYS D 52 43.74 -1.24 61.09
CA LYS D 52 42.34 -0.91 60.99
C LYS D 52 41.97 0.33 61.80
N ARG D 53 42.68 0.62 62.88
CA ARG D 53 42.30 1.70 63.80
C ARG D 53 40.89 1.48 64.35
N ILE D 54 40.75 0.39 65.10
CA ILE D 54 39.48 0.10 65.76
C ILE D 54 39.41 0.92 67.04
N THR D 55 38.61 1.98 67.02
CA THR D 55 38.63 2.92 68.14
C THR D 55 38.09 2.29 69.42
N SER D 56 36.94 1.65 69.36
CA SER D 56 36.26 1.20 70.56
C SER D 56 35.87 -0.26 70.40
N PRO D 57 35.77 -1.01 71.49
CA PRO D 57 35.46 -2.44 71.37
C PRO D 57 34.10 -2.71 70.75
N LEU D 58 33.16 -1.79 70.88
CA LEU D 58 31.84 -1.98 70.29
C LEU D 58 31.91 -2.09 68.77
N LEU D 59 32.74 -1.28 68.14
CA LEU D 59 32.85 -1.30 66.69
C LEU D 59 33.11 -2.72 66.23
N GLU D 60 32.45 -3.12 65.16
CA GLU D 60 32.66 -4.46 64.66
C GLU D 60 33.92 -4.46 63.78
N PRO D 61 34.96 -5.19 64.18
CA PRO D 61 36.20 -5.12 63.41
C PRO D 61 36.03 -5.50 61.95
N SER D 62 35.23 -6.52 61.67
CA SER D 62 35.15 -7.02 60.30
C SER D 62 34.54 -5.99 59.35
N SER D 63 33.72 -5.08 59.86
CA SER D 63 33.03 -4.13 59.01
C SER D 63 33.90 -2.96 58.58
N VAL D 64 35.12 -2.87 59.10
CA VAL D 64 36.05 -1.79 58.74
C VAL D 64 37.00 -2.38 57.71
N GLU D 65 36.70 -2.14 56.44
CA GLU D 65 37.46 -2.70 55.34
C GLU D 65 38.31 -1.61 54.70
N LYS D 66 39.62 -1.82 54.70
CA LYS D 66 40.55 -0.89 54.09
C LYS D 66 41.33 -1.49 52.93
N ILE D 67 41.22 -2.80 52.71
CA ILE D 67 41.75 -3.47 51.53
C ILE D 67 40.57 -3.98 50.73
N MET D 68 40.37 -3.43 49.55
CA MET D 68 39.21 -3.78 48.73
C MET D 68 39.68 -4.34 47.39
N GLU D 69 38.97 -5.38 46.95
CA GLU D 69 39.24 -6.01 45.66
C GLU D 69 38.79 -5.09 44.54
N ILE D 70 39.63 -4.92 43.53
CA ILE D 70 39.20 -4.23 42.32
C ILE D 70 38.80 -5.22 41.25
N ASP D 71 39.50 -6.35 41.18
CA ASP D 71 39.13 -7.43 40.28
C ASP D 71 39.92 -8.65 40.71
N ASP D 72 39.66 -9.77 40.04
CA ASP D 72 40.17 -11.05 40.50
C ASP D 72 41.67 -11.02 40.79
N HIS D 73 42.39 -10.03 40.30
CA HIS D 73 43.84 -10.02 40.40
C HIS D 73 44.41 -8.67 40.83
N ILE D 74 43.59 -7.77 41.35
CA ILE D 74 44.05 -6.43 41.69
C ILE D 74 43.51 -6.03 43.05
N GLY D 75 44.32 -6.17 44.08
CA GLY D 75 43.95 -5.67 45.38
C GLY D 75 44.07 -4.17 45.44
N CYS D 76 43.80 -3.60 46.60
CA CYS D 76 43.94 -2.16 46.78
C CYS D 76 43.94 -1.82 48.26
N ALA D 77 45.01 -1.20 48.73
CA ALA D 77 45.11 -0.75 50.12
C ALA D 77 44.86 0.75 50.16
N MET D 78 43.89 1.16 50.97
CA MET D 78 43.39 2.52 50.98
C MET D 78 43.93 3.25 52.19
N SER D 79 44.27 4.52 52.04
CA SER D 79 44.68 5.32 53.18
C SER D 79 44.34 6.78 52.90
N GLY D 80 44.23 7.55 53.97
CA GLY D 80 43.74 8.91 53.86
C GLY D 80 42.28 8.96 54.21
N LEU D 81 41.45 9.56 53.36
CA LEU D 81 40.01 9.56 53.57
C LEU D 81 39.44 8.29 52.93
N ILE D 82 39.03 7.34 53.77
CA ILE D 82 38.50 6.08 53.24
C ILE D 82 37.16 6.30 52.56
N ALA D 83 36.49 7.40 52.85
CA ALA D 83 35.28 7.73 52.09
C ALA D 83 35.60 8.03 50.65
N ASP D 84 36.66 8.78 50.40
CA ASP D 84 37.04 9.14 49.03
C ASP D 84 37.72 7.99 48.32
N ALA D 85 38.19 6.99 49.07
CA ALA D 85 38.81 5.84 48.44
C ALA D 85 37.77 4.89 47.85
N ARG D 86 36.62 4.74 48.52
CA ARG D 86 35.57 3.90 47.97
C ARG D 86 35.28 4.29 46.54
N THR D 87 35.07 5.58 46.29
CA THR D 87 34.71 6.01 44.95
C THR D 87 35.75 5.60 43.93
N LEU D 88 37.03 5.78 44.24
CA LEU D 88 38.07 5.40 43.31
C LEU D 88 38.02 3.91 43.01
N VAL D 89 37.82 3.09 44.04
CA VAL D 89 37.80 1.65 43.81
C VAL D 89 36.58 1.26 43.00
N GLU D 90 35.45 1.91 43.23
CA GLU D 90 34.28 1.61 42.41
C GLU D 90 34.51 1.98 40.96
N HIS D 91 35.15 3.12 40.71
CA HIS D 91 35.52 3.47 39.35
C HIS D 91 36.45 2.44 38.75
N ALA D 92 37.43 1.99 39.52
CA ALA D 92 38.35 0.98 39.00
C ALA D 92 37.65 -0.32 38.71
N ARG D 93 36.69 -0.71 39.55
CA ARG D 93 35.94 -1.93 39.30
C ARG D 93 35.18 -1.84 37.99
N VAL D 94 34.48 -0.73 37.78
CA VAL D 94 33.71 -0.63 36.54
C VAL D 94 34.63 -0.57 35.34
N GLU D 95 35.79 0.08 35.46
CA GLU D 95 36.70 0.15 34.33
C GLU D 95 37.27 -1.23 34.00
N THR D 96 37.69 -1.99 35.02
CA THR D 96 38.23 -3.30 34.76
C THR D 96 37.18 -4.21 34.13
N GLN D 97 35.94 -4.15 34.62
CA GLN D 97 34.89 -4.95 34.01
C GLN D 97 34.62 -4.52 32.57
N ASN D 98 34.59 -3.21 32.31
CA ASN D 98 34.41 -2.76 30.94
C ASN D 98 35.50 -3.35 30.06
N HIS D 99 36.75 -3.33 30.51
CA HIS D 99 37.81 -3.90 29.70
C HIS D 99 37.59 -5.39 29.49
N ARG D 100 37.11 -6.10 30.51
CA ARG D 100 36.77 -7.50 30.31
C ARG D 100 35.65 -7.64 29.29
N PHE D 101 34.64 -6.78 29.39
CA PHE D 101 33.54 -6.83 28.43
C PHE D 101 34.03 -6.53 27.02
N SER D 102 34.92 -5.56 26.89
CA SER D 102 35.27 -5.08 25.55
C SER D 102 36.41 -5.87 24.94
N TYR D 103 37.07 -6.75 25.70
CA TYR D 103 38.09 -7.63 25.14
C TYR D 103 38.09 -9.03 25.72
N GLY D 104 37.30 -9.30 26.75
CA GLY D 104 37.31 -10.62 27.33
C GLY D 104 38.63 -11.03 27.92
N GLU D 105 39.44 -10.07 28.36
CA GLU D 105 40.70 -10.37 29.02
C GLU D 105 40.91 -9.41 30.18
N PRO D 106 41.64 -9.82 31.21
CA PRO D 106 41.85 -8.94 32.37
C PRO D 106 42.62 -7.69 31.99
N MET D 107 42.22 -6.56 32.56
CA MET D 107 42.97 -5.33 32.36
C MET D 107 44.28 -5.38 33.15
N THR D 108 45.38 -5.03 32.50
CA THR D 108 46.67 -5.06 33.15
C THR D 108 46.65 -4.19 34.40
N VAL D 109 47.55 -4.49 35.34
CA VAL D 109 47.55 -3.74 36.58
C VAL D 109 47.99 -2.31 36.34
N GLU D 110 49.03 -2.10 35.54
CA GLU D 110 49.51 -0.74 35.32
C GLU D 110 48.43 0.12 34.68
N SER D 111 47.54 -0.50 33.92
CA SER D 111 46.47 0.26 33.28
C SER D 111 45.37 0.59 34.26
N THR D 112 45.06 -0.30 35.20
CA THR D 112 44.11 0.04 36.25
C THR D 112 44.63 1.20 37.09
N THR D 113 45.88 1.09 37.54
CA THR D 113 46.50 2.20 38.26
C THR D 113 46.33 3.49 37.46
N GLN D 114 46.69 3.47 36.19
CA GLN D 114 46.55 4.64 35.35
C GLN D 114 45.08 4.99 35.13
N ALA D 115 44.18 4.03 35.33
CA ALA D 115 42.75 4.35 35.24
C ALA D 115 42.28 5.08 36.49
N LEU D 116 42.71 4.62 37.66
CA LEU D 116 42.39 5.31 38.89
C LEU D 116 42.98 6.70 38.90
N CYS D 117 44.25 6.82 38.50
CA CYS D 117 44.92 8.11 38.54
C CYS D 117 44.32 9.10 37.55
N ASP D 118 43.83 8.62 36.41
CA ASP D 118 43.24 9.55 35.44
C ASP D 118 41.98 10.21 35.98
N LEU D 119 41.43 9.69 37.07
CA LEU D 119 40.26 10.33 37.68
C LEU D 119 40.67 11.35 38.73
N ALA D 120 41.93 11.34 39.16
CA ALA D 120 42.31 12.07 40.37
C ALA D 120 42.26 13.58 40.18
N LEU D 121 42.65 14.07 39.01
CA LEU D 121 42.84 15.50 38.81
C LEU D 121 41.67 16.15 38.11
N ARG D 122 40.55 15.44 37.97
CA ARG D 122 39.41 15.97 37.24
C ARG D 122 38.70 17.10 37.97
N PHE D 123 39.00 17.32 39.25
CA PHE D 123 38.24 18.28 40.04
C PHE D 123 38.29 19.67 39.40
N GLY D 124 37.40 20.54 39.87
CA GLY D 124 37.38 21.90 39.38
C GLY D 124 36.01 22.51 39.62
N GLU D 125 35.80 23.68 39.02
CA GLU D 125 34.53 24.37 39.11
C GLU D 125 34.16 24.89 37.73
N GLY D 126 32.86 25.12 37.54
CA GLY D 126 32.39 25.64 36.27
C GLY D 126 31.65 24.65 35.41
N ASP D 127 31.13 23.58 36.00
CA ASP D 127 30.26 22.62 35.30
C ASP D 127 31.01 21.84 34.23
N GLU D 128 32.33 21.95 34.20
CA GLU D 128 33.12 21.08 33.33
C GLU D 128 33.38 19.73 33.97
N GLU D 129 33.28 19.65 35.29
CA GLU D 129 33.40 18.40 36.02
C GLU D 129 32.67 18.53 37.35
N SER D 130 31.94 17.48 37.71
CA SER D 130 31.14 17.48 38.93
C SER D 130 32.01 17.52 40.18
N MET D 131 33.12 16.80 40.19
CA MET D 131 34.02 16.83 41.34
C MET D 131 34.53 18.24 41.56
N SER D 132 34.63 18.63 42.83
CA SER D 132 35.02 19.98 43.20
C SER D 132 36.27 20.04 44.06
N ARG D 133 36.91 18.89 44.27
CA ARG D 133 37.99 18.77 45.24
C ARG D 133 38.74 17.48 44.99
N PRO D 134 40.04 17.44 45.30
CA PRO D 134 40.82 16.24 45.02
C PRO D 134 40.42 15.11 45.94
N PHE D 135 40.81 13.91 45.55
CA PHE D 135 40.60 12.74 46.39
C PHE D 135 41.70 12.68 47.42
N GLY D 136 41.34 12.85 48.69
CA GLY D 136 42.33 12.79 49.75
C GLY D 136 42.70 11.36 50.07
N VAL D 137 43.07 10.58 49.06
CA VAL D 137 43.35 9.16 49.23
C VAL D 137 44.57 8.79 48.41
N SER D 138 45.48 8.05 49.03
CA SER D 138 46.61 7.44 48.36
C SER D 138 46.48 5.94 48.51
N LEU D 139 46.58 5.22 47.39
CA LEU D 139 46.27 3.80 47.35
C LEU D 139 47.52 3.01 47.02
N LEU D 140 47.57 1.78 47.50
CA LEU D 140 48.45 0.78 46.92
C LEU D 140 47.60 -0.16 46.07
N ILE D 141 48.09 -0.47 44.88
CA ILE D 141 47.43 -1.44 44.01
C ILE D 141 48.36 -2.61 43.84
N ALA D 142 48.00 -3.75 44.41
CA ALA D 142 48.79 -4.96 44.32
C ALA D 142 48.07 -5.93 43.42
N GLY D 143 48.72 -6.32 42.32
CA GLY D 143 48.09 -7.21 41.37
C GLY D 143 49.07 -8.17 40.79
N HIS D 144 48.54 -9.08 39.97
CA HIS D 144 49.34 -10.01 39.21
C HIS D 144 48.79 -10.08 37.80
N ASP D 145 49.66 -10.00 36.81
CA ASP D 145 49.24 -10.11 35.42
C ASP D 145 50.39 -10.69 34.61
N GLU D 146 50.30 -10.56 33.29
CA GLU D 146 51.26 -11.19 32.40
C GLU D 146 52.69 -10.78 32.69
N ASN D 147 52.88 -9.62 33.30
CA ASN D 147 54.21 -9.18 33.68
C ASN D 147 54.68 -9.76 34.99
N GLY D 148 53.85 -10.54 35.68
CA GLY D 148 54.20 -11.06 36.98
C GLY D 148 53.66 -10.19 38.08
N PRO D 149 54.06 -10.44 39.31
CA PRO D 149 53.60 -9.60 40.42
C PRO D 149 53.98 -8.15 40.20
N SER D 150 53.08 -7.25 40.55
CA SER D 150 53.38 -5.83 40.43
C SER D 150 52.68 -5.08 41.53
N LEU D 151 53.31 -4.01 41.99
CA LEU D 151 52.77 -3.16 43.04
C LEU D 151 52.96 -1.71 42.63
N TYR D 152 51.89 -0.94 42.71
CA TYR D 152 51.91 0.47 42.35
C TYR D 152 51.32 1.26 43.51
N TYR D 153 51.49 2.58 43.48
CA TYR D 153 50.77 3.42 44.41
C TYR D 153 50.58 4.80 43.82
N THR D 154 49.61 5.52 44.38
CA THR D 154 49.16 6.79 43.82
C THR D 154 49.07 7.82 44.94
N ASP D 155 48.91 9.08 44.56
CA ASP D 155 48.65 10.11 45.54
C ASP D 155 47.72 11.15 44.94
N PRO D 156 47.14 12.05 45.73
CA PRO D 156 46.12 12.96 45.20
C PRO D 156 46.61 13.86 44.09
N SER D 157 47.89 13.82 43.74
CA SER D 157 48.40 14.55 42.60
C SER D 157 48.14 13.84 41.29
N GLY D 158 47.32 12.81 41.30
CA GLY D 158 47.02 12.10 40.07
C GLY D 158 48.24 11.50 39.42
N THR D 159 49.15 10.95 40.22
CA THR D 159 50.35 10.31 39.71
C THR D 159 50.57 9.01 40.46
N PHE D 160 51.31 8.10 39.82
CA PHE D 160 51.55 6.78 40.36
C PHE D 160 52.92 6.32 39.89
N TRP D 161 53.46 5.32 40.58
CA TRP D 161 54.68 4.72 40.06
C TRP D 161 54.98 3.41 40.75
N GLN D 162 55.38 2.44 39.94
CA GLN D 162 55.65 1.09 40.41
C GLN D 162 56.71 1.12 41.48
N CYS D 163 56.56 0.24 42.47
CA CYS D 163 57.53 0.19 43.56
C CYS D 163 57.65 -1.23 44.07
N SER D 164 58.81 -1.55 44.62
CA SER D 164 59.05 -2.90 45.12
C SER D 164 58.54 -3.08 46.53
N ALA D 165 58.31 -1.98 47.24
CA ALA D 165 57.76 -2.05 48.59
C ALA D 165 57.48 -0.64 49.04
N LYS D 166 56.30 -0.42 49.60
CA LYS D 166 55.91 0.92 49.96
C LYS D 166 54.98 0.86 51.16
N ALA D 167 54.97 1.94 51.93
CA ALA D 167 54.11 2.07 53.08
C ALA D 167 53.56 3.48 53.10
N ILE D 168 52.24 3.61 53.11
CA ILE D 168 51.60 4.92 53.01
C ILE D 168 50.93 5.24 54.34
N GLY D 169 50.31 6.40 54.42
CA GLY D 169 49.67 6.79 55.64
C GLY D 169 50.66 7.36 56.63
N SER D 170 50.22 7.45 57.88
CA SER D 170 50.99 8.16 58.89
C SER D 170 52.42 7.65 59.02
N GLY D 171 52.64 6.35 59.00
CA GLY D 171 53.96 5.82 59.24
C GLY D 171 54.88 5.85 58.06
N SER D 172 54.48 6.51 56.98
CA SER D 172 55.22 6.47 55.72
C SER D 172 56.74 6.48 55.95
N GLU D 173 57.25 7.52 56.61
CA GLU D 173 58.70 7.69 56.66
C GLU D 173 59.37 6.54 57.40
N GLY D 174 58.86 6.17 58.56
CA GLY D 174 59.48 5.10 59.32
C GLY D 174 59.39 3.76 58.62
N ALA D 175 58.21 3.44 58.09
CA ALA D 175 58.04 2.18 57.39
C ALA D 175 58.92 2.11 56.16
N ASP D 176 59.08 3.22 55.44
CA ASP D 176 59.90 3.20 54.24
C ASP D 176 61.38 3.06 54.59
N SER D 177 61.83 3.73 55.63
CA SER D 177 63.20 3.52 56.06
C SER D 177 63.43 2.06 56.42
N SER D 178 62.53 1.48 57.20
CA SER D 178 62.72 0.11 57.63
C SER D 178 62.61 -0.85 56.46
N LEU D 179 61.82 -0.49 55.45
CA LEU D 179 61.71 -1.32 54.26
C LEU D 179 62.98 -1.30 53.45
N GLN D 180 63.53 -0.10 53.18
CA GLN D 180 64.78 -0.05 52.44
C GLN D 180 65.86 -0.82 53.17
N GLU D 181 65.88 -0.73 54.49
CA GLU D 181 66.88 -1.46 55.25
C GLU D 181 66.74 -2.96 55.13
N GLN D 182 65.59 -3.45 54.67
CA GLN D 182 65.29 -4.87 54.82
C GLN D 182 64.66 -5.55 53.61
N PHE D 183 64.10 -4.82 52.65
CA PHE D 183 63.56 -5.46 51.46
C PHE D 183 64.65 -6.10 50.64
N ARG D 184 64.65 -7.42 50.54
CA ARG D 184 65.82 -8.16 50.09
C ARG D 184 65.74 -8.64 48.65
N LYS D 185 64.55 -8.64 48.04
CA LYS D 185 64.41 -9.05 46.64
C LYS D 185 64.58 -10.55 46.45
N ASP D 186 64.93 -11.28 47.51
CA ASP D 186 64.83 -12.72 47.48
C ASP D 186 63.68 -13.24 48.32
N LEU D 187 62.84 -12.35 48.85
CA LEU D 187 61.89 -12.74 49.87
C LEU D 187 60.99 -13.85 49.37
N SER D 188 60.90 -14.92 50.16
CA SER D 188 59.78 -15.83 50.01
C SER D 188 58.55 -15.19 50.62
N PHE D 189 57.39 -15.49 50.05
CA PHE D 189 56.17 -14.85 50.51
C PHE D 189 56.04 -14.96 52.02
N GLN D 190 56.45 -16.08 52.60
CA GLN D 190 56.42 -16.19 54.05
C GLN D 190 57.18 -15.05 54.69
N GLU D 191 58.44 -14.84 54.29
CA GLU D 191 59.22 -13.77 54.89
C GLU D 191 58.62 -12.41 54.58
N ALA D 192 58.08 -12.24 53.37
CA ALA D 192 57.58 -10.93 52.97
C ALA D 192 56.47 -10.47 53.88
N GLU D 193 55.56 -11.37 54.27
CA GLU D 193 54.44 -10.93 55.08
C GLU D 193 54.84 -10.69 56.52
N THR D 194 55.78 -11.49 57.06
CA THR D 194 56.24 -11.20 58.41
C THR D 194 56.95 -9.87 58.47
N ILE D 195 57.69 -9.49 57.43
CA ILE D 195 58.35 -8.20 57.44
C ILE D 195 57.33 -7.07 57.47
N ALA D 196 56.31 -7.16 56.63
CA ALA D 196 55.28 -6.13 56.62
C ALA D 196 54.57 -6.07 57.96
N LEU D 197 54.28 -7.22 58.56
CA LEU D 197 53.60 -7.20 59.84
C LEU D 197 54.50 -6.69 60.96
N SER D 198 55.78 -7.04 60.95
CA SER D 198 56.68 -6.51 61.96
C SER D 198 56.82 -5.01 61.87
N ILE D 199 56.89 -4.47 60.66
CA ILE D 199 56.93 -3.02 60.51
C ILE D 199 55.62 -2.41 61.01
N LEU D 200 54.50 -3.00 60.62
CA LEU D 200 53.22 -2.47 61.05
C LEU D 200 53.06 -2.56 62.56
N LYS D 201 53.71 -3.55 63.18
CA LYS D 201 53.64 -3.66 64.63
C LYS D 201 54.23 -2.45 65.30
N GLN D 202 55.48 -2.11 64.97
CA GLN D 202 56.17 -0.99 65.67
C GLN D 202 55.41 0.33 65.44
N VAL D 203 54.95 0.58 64.22
CA VAL D 203 54.23 1.84 63.90
C VAL D 203 52.93 1.89 64.72
N MET D 204 52.19 0.79 64.77
CA MET D 204 50.89 0.76 65.50
C MET D 204 51.11 1.03 66.98
N GLU D 205 50.31 1.94 67.55
CA GLU D 205 50.40 2.20 69.01
C GLU D 205 49.83 1.00 69.76
N GLU D 206 48.66 0.52 69.33
CA GLU D 206 47.99 -0.62 70.01
C GLU D 206 48.76 -1.92 69.73
N LYS D 207 48.60 -2.93 70.60
CA LYS D 207 49.27 -4.24 70.39
C LYS D 207 48.69 -4.91 69.14
N LEU D 208 49.55 -5.56 68.35
CA LEU D 208 49.07 -6.27 67.12
C LEU D 208 48.19 -7.45 67.53
N THR D 209 46.91 -7.41 67.18
CA THR D 209 45.98 -8.53 67.48
C THR D 209 45.36 -9.02 66.17
N PRO D 210 44.76 -10.23 66.10
CA PRO D 210 44.09 -10.69 64.89
C PRO D 210 43.08 -9.66 64.37
N ASN D 211 42.38 -8.97 65.27
CA ASN D 211 41.32 -8.03 64.84
C ASN D 211 41.89 -6.65 64.50
N ASN D 212 42.99 -6.24 65.14
CA ASN D 212 43.53 -4.85 64.94
C ASN D 212 44.18 -4.67 63.56
N VAL D 213 44.44 -5.76 62.82
CA VAL D 213 45.19 -5.60 61.53
C VAL D 213 44.43 -6.32 60.41
N ASP D 214 44.65 -5.89 59.16
CA ASP D 214 44.01 -6.56 57.99
C ASP D 214 45.10 -6.92 56.99
N ILE D 215 45.33 -8.22 56.77
CA ILE D 215 46.38 -8.68 55.83
C ILE D 215 45.72 -9.26 54.59
N ALA D 216 46.33 -9.09 53.41
CA ALA D 216 45.78 -9.64 52.15
C ALA D 216 46.90 -10.13 51.25
N LYS D 217 46.75 -11.31 50.66
CA LYS D 217 47.76 -11.84 49.71
C LYS D 217 47.17 -11.79 48.30
N VAL D 218 47.90 -11.20 47.35
CA VAL D 218 47.42 -11.19 45.94
C VAL D 218 47.83 -12.52 45.29
N SER D 219 49.12 -12.85 45.28
CA SER D 219 49.53 -14.19 44.76
C SER D 219 48.80 -14.42 43.43
N PRO D 220 48.39 -15.64 42.99
CA PRO D 220 47.54 -15.75 41.79
C PRO D 220 46.18 -15.05 42.00
N THR D 221 45.51 -15.29 43.13
CA THR D 221 44.15 -14.72 43.36
C THR D 221 44.06 -14.00 44.71
N TYR D 222 43.35 -12.86 44.75
CA TYR D 222 43.22 -12.03 45.98
C TYR D 222 42.63 -12.86 47.14
N HIS D 223 43.15 -12.65 48.35
CA HIS D 223 42.63 -13.36 49.54
C HIS D 223 42.83 -12.49 50.79
N LEU D 224 41.72 -12.08 51.43
CA LEU D 224 41.82 -11.29 52.68
C LEU D 224 41.97 -12.28 53.84
N TYR D 225 43.09 -12.22 54.56
CA TYR D 225 43.36 -13.20 55.64
C TYR D 225 42.23 -13.19 56.68
N SER D 226 41.71 -14.38 57.03
CA SER D 226 40.66 -14.49 58.07
C SER D 226 41.31 -14.32 59.45
N PRO D 227 40.58 -13.94 60.52
CA PRO D 227 41.20 -13.69 61.81
C PRO D 227 42.08 -14.86 62.28
N SER D 228 41.62 -16.10 62.08
CA SER D 228 42.41 -17.29 62.48
C SER D 228 43.75 -17.32 61.73
N GLU D 229 43.73 -17.00 60.43
CA GLU D 229 44.97 -17.00 59.61
C GLU D 229 45.92 -15.91 60.09
N VAL D 230 45.38 -14.75 60.50
CA VAL D 230 46.23 -13.62 60.98
C VAL D 230 46.93 -14.05 62.27
N GLU D 231 46.20 -14.69 63.20
CA GLU D 231 46.79 -15.15 64.47
C GLU D 231 48.01 -16.02 64.18
N ALA D 232 47.89 -16.90 63.18
CA ALA D 232 49.01 -17.84 62.86
C ALA D 232 50.27 -17.04 62.53
N VAL D 233 50.17 -16.03 61.68
CA VAL D 233 51.38 -15.28 61.25
C VAL D 233 51.83 -14.34 62.38
N ILE D 234 50.89 -13.84 63.20
CA ILE D 234 51.31 -13.01 64.39
C ILE D 234 52.16 -13.89 65.29
N GLY D 235 51.77 -15.15 65.48
CA GLY D 235 52.59 -16.09 66.27
C GLY D 235 53.94 -16.32 65.63
N ARG D 236 53.96 -16.58 64.32
CA ARG D 236 55.23 -16.81 63.59
C ARG D 236 56.16 -15.61 63.83
N LEU D 237 55.62 -14.38 63.81
CA LEU D 237 56.42 -13.16 64.06
C LEU D 237 56.97 -13.19 65.48
N ASN E 4 50.38 38.96 45.59
CA ASN E 4 50.39 40.42 45.36
C ASN E 4 49.07 40.90 44.75
N GLN E 5 48.04 40.09 44.90
CA GLN E 5 46.66 40.44 44.60
C GLN E 5 46.35 40.48 43.10
N TYR E 6 47.38 40.53 42.25
CA TYR E 6 47.17 40.22 40.84
C TYR E 6 47.60 38.80 40.57
N ASP E 7 47.16 37.87 41.41
CA ASP E 7 47.81 36.56 41.45
C ASP E 7 46.86 35.40 41.66
N THR E 8 45.61 35.61 42.06
CA THR E 8 44.74 34.52 42.45
C THR E 8 43.98 33.91 41.28
N ASP E 9 43.73 34.67 40.22
CA ASP E 9 42.94 34.20 39.10
C ASP E 9 43.70 34.44 37.80
N VAL E 10 43.54 33.52 36.85
CA VAL E 10 44.32 33.56 35.62
C VAL E 10 43.98 34.79 34.82
N THR E 11 42.71 35.18 34.81
CA THR E 11 42.21 36.19 33.91
C THR E 11 42.51 37.61 34.36
N THR E 12 43.40 37.80 35.33
CA THR E 12 43.69 39.13 35.86
C THR E 12 45.10 39.53 35.47
N TRP E 13 45.20 40.43 34.49
CA TRP E 13 46.49 40.98 34.11
C TRP E 13 47.10 41.72 35.29
N SER E 14 48.40 41.67 35.37
CA SER E 14 49.11 42.50 36.34
C SER E 14 49.47 43.83 35.71
N PRO E 15 49.54 44.89 36.52
CA PRO E 15 49.74 46.22 35.94
C PRO E 15 51.03 46.35 35.16
N ALA E 16 51.98 45.45 35.36
CA ALA E 16 53.21 45.47 34.60
C ALA E 16 53.09 44.82 33.23
N GLY E 17 51.92 44.30 32.88
CA GLY E 17 51.76 43.58 31.64
C GLY E 17 52.11 42.10 31.76
N ARG E 18 52.02 41.55 32.96
CA ARG E 18 52.40 40.18 33.22
C ARG E 18 51.19 39.41 33.71
N LEU E 19 51.24 38.09 33.54
CA LEU E 19 50.14 37.20 33.86
C LEU E 19 50.74 36.16 34.81
N PHE E 20 50.44 36.30 36.10
CA PHE E 20 51.23 35.60 37.11
C PHE E 20 50.87 34.14 37.22
N GLN E 21 49.58 33.79 37.12
CA GLN E 21 49.21 32.38 37.21
C GLN E 21 49.89 31.59 36.09
N VAL E 22 49.96 32.17 34.91
CA VAL E 22 50.66 31.52 33.81
C VAL E 22 52.13 31.35 34.14
N GLU E 23 52.74 32.32 34.81
CA GLU E 23 54.14 32.16 35.15
C GLU E 23 54.34 31.10 36.22
N TYR E 24 53.37 30.94 37.12
CA TYR E 24 53.45 29.82 38.06
C TYR E 24 53.39 28.49 37.34
N ALA E 25 52.48 28.37 36.37
CA ALA E 25 52.48 27.17 35.55
C ALA E 25 53.84 26.96 34.90
N MET E 26 54.38 27.97 34.23
CA MET E 26 55.67 27.82 33.58
C MET E 26 56.76 27.46 34.57
N GLU E 27 56.61 27.86 35.83
CA GLU E 27 57.57 27.42 36.84
C GLU E 27 57.38 25.95 37.17
N ALA E 28 56.15 25.45 37.05
CA ALA E 28 55.93 24.04 37.34
C ALA E 28 56.89 23.15 36.55
N VAL E 29 57.21 23.53 35.33
CA VAL E 29 58.13 22.73 34.52
C VAL E 29 59.48 22.61 35.19
N LYS E 30 59.97 23.69 35.79
CA LYS E 30 61.33 23.68 36.30
C LYS E 30 61.53 22.60 37.35
N GLN E 31 60.47 22.13 38.00
CA GLN E 31 60.62 21.01 38.94
C GLN E 31 60.67 19.66 38.26
N GLY E 32 60.40 19.56 36.97
CA GLY E 32 60.56 18.29 36.30
C GLY E 32 62.02 17.93 36.15
N SER E 33 62.28 16.69 35.75
CA SER E 33 63.63 16.27 35.48
C SER E 33 64.07 16.75 34.10
N ALA E 34 65.38 16.63 33.84
CA ALA E 34 65.93 17.18 32.61
C ALA E 34 65.42 16.43 31.40
N ALA E 35 64.53 17.06 30.65
CA ALA E 35 64.10 16.55 29.35
C ALA E 35 64.89 17.26 28.27
N ILE E 36 65.68 16.50 27.51
CA ILE E 36 66.55 17.06 26.50
C ILE E 36 65.86 16.84 25.16
N GLY E 37 66.38 17.48 24.13
CA GLY E 37 65.96 17.18 22.78
C GLY E 37 66.87 17.89 21.81
N LEU E 38 67.29 17.18 20.77
CA LEU E 38 68.18 17.79 19.81
C LEU E 38 67.90 17.24 18.43
N ARG E 39 67.97 18.12 17.44
CA ARG E 39 67.43 17.89 16.12
C ARG E 39 68.52 18.00 15.08
N SER E 40 68.48 17.10 14.09
CA SER E 40 69.17 17.30 12.84
C SER E 40 68.14 17.46 11.75
N LYS E 41 68.60 17.48 10.50
CA LYS E 41 67.68 17.70 9.40
C LYS E 41 66.80 16.49 9.14
N THR E 42 67.17 15.33 9.68
CA THR E 42 66.43 14.10 9.47
C THR E 42 65.94 13.44 10.75
N HIS E 43 66.54 13.78 11.90
CA HIS E 43 66.33 13.02 13.13
C HIS E 43 66.04 13.95 14.28
N VAL E 44 65.31 13.44 15.26
CA VAL E 44 65.09 14.09 16.54
C VAL E 44 65.37 13.08 17.63
N VAL E 45 66.04 13.50 18.69
CA VAL E 45 66.42 12.61 19.78
C VAL E 45 65.96 13.23 21.09
N LEU E 46 65.03 12.58 21.76
CA LEU E 46 64.52 13.03 23.04
C LEU E 46 65.13 12.17 24.14
N ALA E 47 65.90 12.78 25.02
CA ALA E 47 66.54 12.08 26.13
C ALA E 47 66.05 12.69 27.43
N CYS E 48 65.80 11.83 28.41
CA CYS E 48 65.20 12.26 29.65
C CYS E 48 65.93 11.64 30.83
N VAL E 49 66.17 12.41 31.88
CA VAL E 49 66.89 11.93 33.05
C VAL E 49 65.89 11.39 34.06
N ASN E 50 66.10 10.15 34.50
CA ASN E 50 65.14 9.43 35.32
C ASN E 50 65.61 9.46 36.77
N LYS E 51 64.74 9.97 37.65
CA LYS E 51 65.05 10.10 39.07
C LYS E 51 63.96 9.38 39.86
N ALA E 52 64.30 8.23 40.41
CA ALA E 52 63.36 7.49 41.24
C ALA E 52 63.19 8.17 42.59
N GLN E 53 62.02 8.00 43.20
CA GLN E 53 61.79 8.59 44.51
C GLN E 53 62.30 7.75 45.66
N SER E 54 63.11 6.73 45.40
CA SER E 54 63.71 5.95 46.52
C SER E 54 64.58 4.82 45.98
N GLU E 55 65.32 4.15 46.84
CA GLU E 55 66.13 3.00 46.40
C GLU E 55 65.19 1.88 45.95
N LEU E 56 64.16 1.61 46.73
CA LEU E 56 63.22 0.50 46.40
C LEU E 56 62.26 0.95 45.31
N SER E 57 61.60 2.08 45.48
CA SER E 57 60.59 2.54 44.49
C SER E 57 61.26 2.87 43.16
N SER E 58 60.51 2.79 42.04
CA SER E 58 61.08 3.04 40.69
C SER E 58 60.77 4.46 40.22
N HIS E 59 61.28 4.86 39.06
CA HIS E 59 61.16 6.26 38.57
C HIS E 59 59.82 6.57 37.94
N GLN E 60 59.67 7.76 37.36
CA GLN E 60 58.40 7.99 36.65
C GLN E 60 58.71 8.21 35.16
N ARG E 61 57.99 7.54 34.26
CA ARG E 61 58.30 7.58 32.82
C ARG E 61 58.04 8.98 32.30
N LYS E 62 58.84 9.43 31.34
CA LYS E 62 58.66 10.82 30.87
C LYS E 62 58.68 10.87 29.34
N ILE E 63 59.29 9.89 28.65
CA ILE E 63 59.22 9.87 27.16
C ILE E 63 57.99 9.09 26.71
N PHE E 64 57.43 9.43 25.56
CA PHE E 64 56.16 8.80 25.13
C PHE E 64 56.03 8.82 23.61
N LYS E 65 55.25 7.92 23.02
CA LYS E 65 55.01 7.83 21.58
C LYS E 65 53.65 8.41 21.26
N VAL E 66 53.60 9.29 20.27
CA VAL E 66 52.36 9.91 19.85
C VAL E 66 51.83 9.30 18.57
N ASP E 67 52.71 9.00 17.62
CA ASP E 67 52.41 8.09 16.54
C ASP E 67 53.74 7.69 15.92
N ASP E 68 53.69 7.06 14.75
CA ASP E 68 54.92 6.51 14.20
C ASP E 68 55.99 7.55 14.00
N HIS E 69 55.62 8.82 13.90
CA HIS E 69 56.55 9.86 13.51
C HIS E 69 56.62 11.02 14.48
N ILE E 70 56.00 10.91 15.65
CA ILE E 70 56.02 11.99 16.63
C ILE E 70 56.27 11.39 18.00
N GLY E 71 57.09 12.07 18.80
CA GLY E 71 57.32 11.69 20.17
C GLY E 71 57.18 12.91 21.06
N VAL E 72 57.13 12.66 22.35
CA VAL E 72 56.94 13.71 23.35
C VAL E 72 57.81 13.40 24.55
N ALA E 73 58.43 14.44 25.09
CA ALA E 73 59.11 14.36 26.38
C ALA E 73 58.54 15.44 27.29
N ILE E 74 57.82 15.04 28.32
CA ILE E 74 57.08 15.97 29.15
C ILE E 74 57.92 16.33 30.36
N ALA E 75 57.78 17.57 30.81
CA ALA E 75 58.26 17.97 32.12
C ALA E 75 57.15 18.74 32.80
N GLY E 76 57.15 18.72 34.12
CA GLY E 76 56.02 19.23 34.88
C GLY E 76 55.20 18.09 35.44
N LEU E 77 54.05 18.45 35.99
CA LEU E 77 53.26 17.44 36.66
C LEU E 77 52.71 16.43 35.65
N THR E 78 52.74 15.16 36.04
CA THR E 78 52.43 14.09 35.09
C THR E 78 50.94 13.99 34.82
N ALA E 79 50.12 14.38 35.78
CA ALA E 79 48.68 14.26 35.59
C ALA E 79 48.22 15.04 34.37
N ASP E 80 48.94 16.10 34.01
CA ASP E 80 48.62 16.88 32.83
C ASP E 80 49.38 16.41 31.59
N GLY E 81 50.59 15.89 31.77
CA GLY E 81 51.26 15.28 30.66
C GLY E 81 50.47 14.12 30.07
N ARG E 82 49.82 13.35 30.93
CA ARG E 82 49.00 12.24 30.44
C ARG E 82 47.84 12.73 29.58
N VAL E 83 47.14 13.78 30.02
CA VAL E 83 46.02 14.26 29.23
C VAL E 83 46.50 14.84 27.91
N LEU E 84 47.61 15.59 27.94
CA LEU E 84 48.06 16.17 26.68
C LEU E 84 48.59 15.10 25.73
N SER E 85 49.28 14.09 26.24
CA SER E 85 49.73 13.01 25.36
C SER E 85 48.55 12.25 24.79
N ARG E 86 47.52 12.00 25.58
CA ARG E 86 46.34 11.33 25.06
C ARG E 86 45.68 12.17 23.99
N TYR E 87 45.61 13.49 24.19
CA TYR E 87 45.02 14.35 23.18
C TYR E 87 45.83 14.31 21.90
N MET E 88 47.15 14.36 22.00
CA MET E 88 47.97 14.38 20.80
C MET E 88 47.86 13.07 20.05
N ARG E 89 47.85 11.95 20.77
CA ARG E 89 47.63 10.67 20.13
C ARG E 89 46.29 10.66 19.42
N SER E 90 45.26 11.14 20.10
CA SER E 90 43.94 11.14 19.50
C SER E 90 43.91 11.96 18.23
N GLU E 91 44.57 13.11 18.24
CA GLU E 91 44.56 13.94 17.04
C GLU E 91 45.33 13.30 15.91
N CYS E 92 46.47 12.70 16.20
CA CYS E 92 47.22 12.02 15.14
C CYS E 92 46.40 10.89 14.56
N ILE E 93 45.69 10.15 15.41
CA ILE E 93 44.84 9.06 14.93
C ILE E 93 43.70 9.58 14.08
N ASN E 94 43.07 10.67 14.52
CA ASN E 94 41.96 11.21 13.75
C ASN E 94 42.42 11.67 12.38
N TYR E 95 43.56 12.36 12.32
CA TYR E 95 44.08 12.81 11.04
C TYR E 95 44.40 11.62 10.15
N GLY E 96 45.04 10.59 10.71
CA GLY E 96 45.29 9.40 9.93
C GLY E 96 44.01 8.78 9.40
N PHE E 97 42.96 8.78 10.24
CA PHE E 97 41.70 8.19 9.82
C PHE E 97 41.09 8.96 8.67
N THR E 98 41.10 10.29 8.74
CA THR E 98 40.44 11.08 7.71
C THR E 98 41.24 11.10 6.41
N TYR E 99 42.52 11.43 6.49
CA TYR E 99 43.35 11.62 5.30
C TYR E 99 44.26 10.46 5.01
N GLU E 100 44.27 9.42 5.82
CA GLU E 100 45.18 8.30 5.63
C GLU E 100 46.59 8.80 5.36
N SER E 101 47.04 9.76 6.16
CA SER E 101 48.40 10.23 6.12
C SER E 101 48.79 10.75 7.49
N SER E 102 50.09 10.84 7.72
CA SER E 102 50.62 11.26 9.00
C SER E 102 50.43 12.76 9.19
N LEU E 103 50.01 13.15 10.38
CA LEU E 103 49.79 14.55 10.71
C LEU E 103 51.14 15.27 10.83
N PRO E 104 51.36 16.39 10.12
CA PRO E 104 52.65 17.07 10.22
C PRO E 104 52.91 17.50 11.65
N VAL E 105 54.19 17.54 12.04
CA VAL E 105 54.48 17.94 13.41
C VAL E 105 53.91 19.32 13.67
N GLY E 106 54.22 20.26 12.79
CA GLY E 106 53.95 21.65 13.09
C GLY E 106 52.49 21.90 13.41
N ARG E 107 51.59 21.26 12.67
CA ARG E 107 50.18 21.50 12.87
C ARG E 107 49.68 20.88 14.16
N LEU E 108 50.19 19.71 14.51
CA LEU E 108 49.84 19.14 15.81
C LEU E 108 50.31 20.06 16.92
N VAL E 109 51.54 20.57 16.79
CA VAL E 109 52.09 21.43 17.82
C VAL E 109 51.25 22.69 17.96
N VAL E 110 50.83 23.27 16.85
CA VAL E 110 50.05 24.49 16.94
C VAL E 110 48.68 24.22 17.52
N GLN E 111 48.06 23.09 17.18
CA GLN E 111 46.80 22.75 17.83
C GLN E 111 47.00 22.56 19.33
N LEU E 112 48.12 21.98 19.70
CA LEU E 112 48.43 21.76 21.11
C LEU E 112 48.60 23.10 21.82
N ALA E 113 49.29 24.05 21.19
CA ALA E 113 49.43 25.37 21.77
C ALA E 113 48.09 26.09 21.88
N ASP E 114 47.22 25.93 20.91
CA ASP E 114 45.88 26.50 21.04
C ASP E 114 45.14 25.89 22.22
N LYS E 115 45.23 24.57 22.36
CA LYS E 115 44.57 23.88 23.46
C LYS E 115 45.09 24.40 24.80
N ALA E 116 46.40 24.60 24.89
CA ALA E 116 46.99 25.09 26.14
C ALA E 116 46.59 26.53 26.41
N GLN E 117 46.62 27.39 25.39
CA GLN E 117 46.26 28.79 25.58
C GLN E 117 44.83 28.93 26.04
N VAL E 118 43.94 28.08 25.52
CA VAL E 118 42.52 28.22 25.85
C VAL E 118 42.32 28.19 27.36
N CYS E 119 43.14 27.40 28.06
CA CYS E 119 42.98 27.30 29.50
C CYS E 119 43.49 28.53 30.22
N THR E 120 44.40 29.30 29.61
CA THR E 120 44.92 30.48 30.28
C THR E 120 44.05 31.71 30.09
N GLN E 121 42.81 31.54 29.64
CA GLN E 121 41.97 32.68 29.35
C GLN E 121 40.63 32.67 30.08
N ARG E 122 40.29 31.58 30.76
CA ARG E 122 38.97 31.43 31.35
C ARG E 122 39.09 31.34 32.87
N SER E 123 38.12 31.93 33.56
CA SER E 123 38.21 32.08 35.00
C SER E 123 38.27 30.75 35.71
N TRP E 124 37.43 29.80 35.31
CA TRP E 124 37.32 28.56 36.07
C TRP E 124 38.42 27.57 35.72
N LYS E 125 39.11 27.77 34.60
CA LYS E 125 40.19 26.86 34.22
C LYS E 125 41.53 27.38 34.70
N ARG E 126 42.52 26.49 34.69
CA ARG E 126 43.89 26.81 35.05
C ARG E 126 44.84 26.34 33.96
N PRO E 127 46.00 26.97 33.82
CA PRO E 127 46.97 26.51 32.83
C PRO E 127 47.33 25.05 33.07
N TYR E 128 47.99 24.45 32.09
CA TYR E 128 48.29 23.03 32.18
C TYR E 128 49.42 22.71 33.15
N GLY E 129 50.47 23.52 33.18
CA GLY E 129 51.56 23.25 34.09
C GLY E 129 52.44 22.09 33.69
N VAL E 130 52.44 21.74 32.40
CA VAL E 130 53.33 20.72 31.86
C VAL E 130 53.90 21.24 30.56
N GLY E 131 55.23 21.20 30.42
CA GLY E 131 55.89 21.73 29.25
C GLY E 131 56.38 20.61 28.36
N LEU E 132 55.71 20.46 27.22
CA LEU E 132 55.96 19.36 26.30
C LEU E 132 57.05 19.77 25.33
N LEU E 133 57.89 18.82 24.98
CA LEU E 133 59.01 19.05 24.08
C LEU E 133 58.83 18.11 22.90
N VAL E 134 57.99 18.52 21.95
CA VAL E 134 57.52 17.66 20.86
C VAL E 134 58.61 17.51 19.83
N GLY E 135 58.84 16.28 19.38
CA GLY E 135 59.78 16.05 18.31
C GLY E 135 59.29 15.00 17.35
N GLY E 136 59.15 15.36 16.09
CA GLY E 136 58.57 14.44 15.13
C GLY E 136 59.05 14.72 13.73
N LEU E 137 58.22 14.37 12.75
CA LEU E 137 58.58 14.44 11.35
C LEU E 137 57.53 15.19 10.54
N ASP E 138 58.02 15.94 9.56
CA ASP E 138 57.17 16.60 8.58
C ASP E 138 57.72 16.32 7.19
N GLU E 139 57.01 16.82 6.18
CA GLU E 139 57.52 16.69 4.81
C GLU E 139 58.84 17.41 4.64
N SER E 140 59.11 18.41 5.48
CA SER E 140 60.38 19.11 5.45
C SER E 140 61.51 18.31 6.10
N GLY E 141 61.18 17.26 6.84
CA GLY E 141 62.16 16.50 7.60
C GLY E 141 61.85 16.54 9.08
N ALA E 142 62.88 16.44 9.90
CA ALA E 142 62.70 16.43 11.35
C ALA E 142 62.38 17.82 11.87
N HIS E 143 61.79 17.88 13.06
CA HIS E 143 61.42 19.12 13.70
C HIS E 143 61.31 18.91 15.21
N LEU E 144 61.71 19.93 15.97
CA LEU E 144 61.63 19.89 17.42
C LEU E 144 60.91 21.15 17.89
N TYR E 145 59.93 20.99 18.76
CA TYR E 145 59.17 22.10 19.30
C TYR E 145 59.19 22.04 20.82
N TYR E 146 58.76 23.12 21.44
CA TYR E 146 58.56 23.15 22.88
C TYR E 146 57.32 23.97 23.18
N ASN E 147 56.45 23.43 24.05
CA ASN E 147 55.17 24.04 24.34
C ASN E 147 55.11 24.42 25.81
N CYS E 148 55.22 25.69 26.11
CA CYS E 148 55.11 26.04 27.51
C CYS E 148 53.65 26.18 27.91
N PRO E 149 53.32 25.96 29.18
CA PRO E 149 51.91 26.09 29.58
C PRO E 149 51.30 27.43 29.24
N SER E 150 52.09 28.44 28.92
CA SER E 150 51.53 29.73 28.59
C SER E 150 50.73 29.71 27.31
N GLY E 151 50.81 28.65 26.53
CA GLY E 151 50.19 28.61 25.23
C GLY E 151 51.08 29.02 24.10
N ASN E 152 52.36 29.23 24.36
CA ASN E 152 53.31 29.56 23.32
C ASN E 152 54.11 28.32 22.94
N TYR E 153 54.69 28.36 21.74
CA TYR E 153 55.48 27.24 21.26
C TYR E 153 56.64 27.77 20.45
N PHE E 154 57.75 27.05 20.48
CA PHE E 154 58.98 27.49 19.85
C PHE E 154 59.58 26.32 19.09
N GLU E 155 60.55 26.62 18.23
CA GLU E 155 61.24 25.58 17.46
C GLU E 155 62.74 25.76 17.59
N TYR E 156 63.45 24.68 17.95
CA TYR E 156 64.87 24.76 18.22
C TYR E 156 65.59 23.64 17.51
N GLN E 157 66.87 23.88 17.20
CA GLN E 157 67.74 22.79 16.79
C GLN E 157 68.05 21.87 17.96
N ALA E 158 67.84 22.34 19.19
CA ALA E 158 68.13 21.58 20.37
C ALA E 158 67.62 22.37 21.56
N PHE E 159 67.38 21.69 22.67
CA PHE E 159 66.81 22.39 23.81
C PHE E 159 66.80 21.43 24.99
N ALA E 160 66.55 21.98 26.17
CA ALA E 160 66.43 21.20 27.39
C ALA E 160 65.50 21.93 28.32
N ILE E 161 64.82 21.18 29.19
CA ILE E 161 63.94 21.76 30.20
C ILE E 161 64.04 20.94 31.47
N GLY E 162 63.46 21.46 32.53
CA GLY E 162 63.40 20.75 33.79
C GLY E 162 64.53 21.13 34.71
N SER E 163 64.45 20.62 35.93
CA SER E 163 65.44 20.96 36.95
C SER E 163 66.82 20.53 36.49
N ARG E 164 67.78 21.42 36.69
CA ARG E 164 69.16 21.21 36.26
C ARG E 164 69.28 21.07 34.76
N SER E 165 68.37 21.68 34.01
CA SER E 165 68.42 21.68 32.57
C SER E 165 69.34 22.74 32.01
N GLN E 166 69.98 23.54 32.86
CA GLN E 166 70.83 24.61 32.34
C GLN E 166 72.15 24.06 31.86
N ALA E 167 72.65 23.00 32.48
CA ALA E 167 73.95 22.45 32.07
C ALA E 167 73.86 21.81 30.70
N ALA E 168 72.81 21.02 30.46
CA ALA E 168 72.63 20.44 29.14
C ALA E 168 72.39 21.51 28.10
N LYS E 169 71.57 22.50 28.43
CA LYS E 169 71.34 23.61 27.52
C LYS E 169 72.65 24.29 27.15
N THR E 170 73.54 24.45 28.13
CA THR E 170 74.80 25.14 27.90
C THR E 170 75.81 24.29 27.16
N TYR E 171 75.70 22.96 27.23
CA TYR E 171 76.50 22.13 26.35
C TYR E 171 76.00 22.21 24.91
N LEU E 172 74.69 22.11 24.74
CA LEU E 172 74.14 22.16 23.39
C LEU E 172 74.50 23.47 22.74
N GLU E 173 74.36 24.59 23.45
CA GLU E 173 74.70 25.87 22.88
C GLU E 173 76.13 25.90 22.39
N ARG E 174 77.00 25.07 22.94
CA ARG E 174 78.32 24.91 22.37
C ARG E 174 78.27 24.08 21.09
N LYS E 175 77.48 23.00 21.07
CA LYS E 175 77.57 22.07 19.96
C LYS E 175 76.37 22.08 19.01
N PHE E 176 75.41 23.00 19.14
CA PHE E 176 74.23 22.90 18.29
C PHE E 176 74.56 23.23 16.85
N ASP E 177 75.69 23.88 16.60
CA ASP E 177 76.04 24.22 15.23
C ASP E 177 76.23 22.97 14.39
N THR E 178 76.50 21.83 15.03
CA THR E 178 76.84 20.62 14.30
C THR E 178 75.64 19.71 14.09
N PHE E 179 74.59 19.87 14.89
CA PHE E 179 73.49 18.92 14.84
C PHE E 179 72.88 18.85 13.45
N ASP E 180 72.72 20.00 12.81
CA ASP E 180 71.94 20.04 11.57
C ASP E 180 72.39 18.96 10.61
N GLY E 181 73.69 18.81 10.41
CA GLY E 181 74.23 17.81 9.54
C GLY E 181 74.70 16.55 10.22
N ALA E 182 74.21 16.25 11.42
CA ALA E 182 74.75 15.15 12.20
C ALA E 182 73.96 13.87 11.96
N THR E 183 74.67 12.74 12.01
CA THR E 183 74.05 11.45 11.81
C THR E 183 73.35 10.99 13.08
N ARG E 184 72.69 9.84 12.98
CA ARG E 184 71.96 9.32 14.13
C ARG E 184 72.88 9.12 15.32
N ASP E 185 74.00 8.44 15.10
CA ASP E 185 74.90 8.11 16.20
C ASP E 185 75.43 9.36 16.87
N GLU E 186 75.78 10.38 16.08
CA GLU E 186 76.35 11.57 16.68
C GLU E 186 75.31 12.33 17.49
N LEU E 187 74.05 12.33 17.04
CA LEU E 187 73.02 12.92 17.88
C LEU E 187 72.84 12.13 19.17
N ILE E 188 72.90 10.80 19.08
CA ILE E 188 72.77 10.00 20.29
C ILE E 188 73.89 10.33 21.26
N LYS E 189 75.11 10.44 20.73
CA LYS E 189 76.26 10.80 21.55
C LYS E 189 76.07 12.16 22.19
N HIS E 190 75.58 13.12 21.42
CA HIS E 190 75.35 14.45 21.98
C HIS E 190 74.28 14.42 23.05
N ALA E 191 73.23 13.63 22.87
CA ALA E 191 72.21 13.53 23.92
C ALA E 191 72.80 12.92 25.18
N LEU E 192 73.59 11.87 25.05
CA LEU E 192 74.21 11.26 26.22
C LEU E 192 75.10 12.25 26.95
N PHE E 193 75.97 12.95 26.22
CA PHE E 193 76.86 13.91 26.86
C PHE E 193 76.08 15.07 27.48
N SER E 194 75.04 15.56 26.81
CA SER E 194 74.25 16.63 27.35
C SER E 194 73.56 16.19 28.63
N ILE E 195 73.25 14.90 28.74
CA ILE E 195 72.72 14.39 30.00
C ILE E 195 73.82 14.34 31.05
N LYS E 196 74.98 13.82 30.69
CA LYS E 196 76.09 13.74 31.62
C LYS E 196 76.35 15.11 32.25
N GLU E 197 76.25 16.17 31.46
CA GLU E 197 76.41 17.50 32.01
C GLU E 197 75.36 17.81 33.07
N THR E 198 74.25 17.09 33.06
CA THR E 198 73.23 17.32 34.08
C THR E 198 73.55 16.56 35.36
N LEU E 199 74.13 15.38 35.25
CA LEU E 199 74.42 14.58 36.43
C LEU E 199 75.47 15.27 37.28
N GLN E 200 75.20 15.35 38.58
CA GLN E 200 76.07 16.07 39.51
C GLN E 200 77.24 15.17 39.91
N GLY E 201 78.19 15.04 38.99
CA GLY E 201 79.39 14.30 39.26
C GLY E 201 79.23 12.80 39.22
N GLU E 202 78.05 12.29 38.90
CA GLU E 202 77.87 10.85 38.73
C GLU E 202 78.35 10.43 37.36
N LYS E 203 79.00 9.27 37.32
CA LYS E 203 79.32 8.68 36.02
C LYS E 203 78.02 8.30 35.32
N LEU E 204 77.94 8.63 34.04
CA LEU E 204 76.73 8.37 33.28
C LEU E 204 76.53 6.87 33.13
N THR E 205 75.27 6.44 33.19
CA THR E 205 74.95 5.03 33.00
C THR E 205 73.57 4.93 32.38
N SER E 206 73.30 3.79 31.73
CA SER E 206 72.02 3.60 31.08
C SER E 206 70.87 3.65 32.06
N SER E 207 71.13 3.46 33.35
CA SER E 207 70.07 3.29 34.32
C SER E 207 69.44 4.61 34.72
N VAL E 208 69.97 5.75 34.27
CA VAL E 208 69.45 7.04 34.71
C VAL E 208 68.65 7.75 33.63
N CYS E 209 68.89 7.48 32.35
CA CYS E 209 68.23 8.22 31.28
C CYS E 209 67.75 7.27 30.20
N THR E 210 66.67 7.64 29.53
CA THR E 210 66.13 6.91 28.39
C THR E 210 66.16 7.81 27.17
N ILE E 211 66.57 7.25 26.04
CA ILE E 211 66.76 7.98 24.81
C ILE E 211 65.81 7.43 23.77
N SER E 212 64.99 8.29 23.20
CA SER E 212 64.10 7.90 22.13
C SER E 212 64.41 8.73 20.89
N VAL E 213 64.48 8.06 19.76
CA VAL E 213 64.90 8.66 18.50
C VAL E 213 63.84 8.42 17.45
N VAL E 214 63.60 9.43 16.63
CA VAL E 214 62.70 9.32 15.48
C VAL E 214 63.46 9.84 14.27
N GLY E 215 63.27 9.19 13.14
CA GLY E 215 64.02 9.53 11.94
C GLY E 215 63.16 9.41 10.70
N VAL E 216 63.60 10.10 9.65
CA VAL E 216 62.85 10.15 8.41
C VAL E 216 62.57 8.76 7.86
N GLY E 217 63.42 7.79 8.18
CA GLY E 217 63.21 6.42 7.73
C GLY E 217 62.83 5.47 8.85
N GLU E 218 62.96 5.92 10.09
CA GLU E 218 62.68 5.09 11.24
C GLU E 218 61.42 5.59 11.93
N PRO E 219 60.55 4.72 12.40
CA PRO E 219 59.47 5.16 13.29
C PRO E 219 60.03 5.51 14.64
N PHE E 220 59.14 5.97 15.52
CA PHE E 220 59.56 6.33 16.87
C PHE E 220 59.98 5.08 17.63
N GLN E 221 61.02 5.20 18.43
CA GLN E 221 61.47 4.08 19.24
C GLN E 221 62.23 4.60 20.45
N THR E 222 62.09 3.91 21.57
CA THR E 222 62.88 4.21 22.76
C THR E 222 64.02 3.21 22.87
N LEU E 223 65.24 3.71 22.82
CA LEU E 223 66.39 2.82 22.84
C LEU E 223 66.35 1.94 24.08
N ASP E 224 66.83 0.72 23.93
CA ASP E 224 66.76 -0.26 25.02
C ASP E 224 67.76 0.07 26.12
N GLN E 225 67.56 -0.60 27.26
CA GLN E 225 68.42 -0.35 28.42
C GLN E 225 69.86 -0.73 28.15
N GLN E 226 70.09 -1.79 27.37
CA GLN E 226 71.42 -2.34 27.22
C GLN E 226 72.22 -1.69 26.10
N MET E 227 71.56 -1.31 25.01
CA MET E 227 72.30 -0.70 23.92
C MET E 227 72.83 0.67 24.30
N VAL E 228 72.03 1.46 25.01
CA VAL E 228 72.53 2.74 25.50
C VAL E 228 73.67 2.53 26.48
N GLN E 229 73.59 1.48 27.29
CA GLN E 229 74.70 1.17 28.19
C GLN E 229 75.97 0.85 27.41
N ASP E 230 75.84 0.04 26.37
CA ASP E 230 77.00 -0.32 25.57
C ASP E 230 77.59 0.91 24.89
N LEU E 231 76.72 1.80 24.40
CA LEU E 231 77.21 3.02 23.77
C LEU E 231 77.92 3.90 24.78
N ILE E 232 77.40 3.98 26.01
CA ILE E 232 78.04 4.77 27.05
C ILE E 232 79.41 4.21 27.41
N ASN E 233 79.62 2.91 27.20
CA ASN E 233 80.90 2.32 27.54
C ASN E 233 82.00 2.71 26.57
N SER E 234 81.73 3.63 25.66
CA SER E 234 82.75 4.14 24.75
C SER E 234 83.41 5.39 25.33
N THR F 6 43.91 50.01 43.99
CA THR F 6 43.37 50.08 45.37
C THR F 6 42.11 49.22 45.44
N GLY F 7 42.06 48.15 44.65
CA GLY F 7 40.91 47.23 44.68
C GLY F 7 40.10 47.34 43.41
N TYR F 8 40.30 48.40 42.64
CA TYR F 8 39.44 48.60 41.46
C TYR F 8 40.10 47.98 40.24
N ASP F 9 41.40 47.75 40.29
CA ASP F 9 42.16 47.24 39.12
C ASP F 9 42.15 45.73 39.11
N LEU F 10 40.99 45.10 39.21
CA LEU F 10 41.01 43.65 39.38
C LEU F 10 40.06 42.91 38.45
N SER F 11 39.34 43.62 37.58
CA SER F 11 38.38 42.98 36.71
C SER F 11 38.18 43.83 35.47
N VAL F 12 37.60 43.21 34.44
CA VAL F 12 37.36 43.94 33.20
C VAL F 12 35.99 44.58 33.18
N THR F 13 35.08 44.17 34.06
CA THR F 13 33.76 44.76 34.15
C THR F 13 33.67 45.81 35.25
N THR F 14 34.76 46.49 35.56
CA THR F 14 34.80 47.44 36.68
C THR F 14 35.45 48.72 36.20
N PHE F 15 34.64 49.77 36.03
CA PHE F 15 35.20 51.10 35.80
C PHE F 15 35.86 51.62 37.05
N SER F 16 37.07 52.14 36.90
CA SER F 16 37.68 52.89 37.98
C SER F 16 37.06 54.28 38.04
N PRO F 17 36.96 54.87 39.23
CA PRO F 17 36.22 56.13 39.36
C PRO F 17 36.61 57.16 38.33
N ASP F 18 37.78 57.04 37.73
CA ASP F 18 38.17 57.88 36.62
C ASP F 18 37.47 57.53 35.32
N GLY F 19 36.50 56.63 35.36
CA GLY F 19 35.80 56.23 34.16
C GLY F 19 36.69 55.57 33.13
N ARG F 20 37.62 54.74 33.59
CA ARG F 20 38.49 53.99 32.69
C ARG F 20 38.66 52.59 33.23
N VAL F 21 38.90 51.65 32.33
CA VAL F 21 39.08 50.24 32.71
C VAL F 21 40.55 49.92 32.70
N PHE F 22 41.09 49.55 33.86
CA PHE F 22 42.52 49.35 33.98
C PHE F 22 42.97 48.03 33.39
N GLN F 23 42.11 47.01 33.41
CA GLN F 23 42.53 45.72 32.88
C GLN F 23 42.88 45.83 31.40
N ILE F 24 42.10 46.59 30.64
CA ILE F 24 42.42 46.80 29.24
C ILE F 24 43.78 47.45 29.11
N GLU F 25 44.11 48.38 30.00
CA GLU F 25 45.38 49.05 29.90
C GLU F 25 46.53 48.14 30.26
N TYR F 26 46.33 47.22 31.21
CA TYR F 26 47.37 46.26 31.50
C TYR F 26 47.59 45.35 30.30
N ALA F 27 46.50 44.93 29.66
CA ALA F 27 46.64 44.16 28.44
C ALA F 27 47.45 44.93 27.41
N ALA F 28 47.09 46.19 27.16
CA ALA F 28 47.82 46.98 26.17
C ALA F 28 49.29 47.11 26.55
N LYS F 29 49.57 47.18 27.85
CA LYS F 29 50.97 47.23 28.27
C LYS F 29 51.69 45.96 27.87
N ALA F 30 51.01 44.82 28.01
CA ALA F 30 51.61 43.57 27.59
C ALA F 30 52.07 43.64 26.13
N VAL F 31 51.29 44.33 25.28
CA VAL F 31 51.72 44.56 23.91
C VAL F 31 52.92 45.48 23.88
N ASP F 32 52.87 46.55 24.66
CA ASP F 32 53.96 47.53 24.65
C ASP F 32 55.28 46.86 24.97
N ASN F 33 55.25 45.74 25.69
CA ASN F 33 56.49 45.07 26.08
C ASN F 33 56.98 44.08 25.04
N SER F 34 56.26 43.85 23.95
CA SER F 34 56.52 42.67 23.13
C SER F 34 57.63 42.81 22.11
N GLY F 35 57.45 43.68 21.13
CA GLY F 35 58.38 43.76 20.01
C GLY F 35 57.74 44.45 18.83
N THR F 36 58.53 45.14 18.03
CA THR F 36 57.97 46.05 17.03
C THR F 36 57.26 45.27 15.94
N ALA F 37 56.18 45.84 15.42
CA ALA F 37 55.49 45.32 14.25
C ALA F 37 55.04 46.47 13.36
N VAL F 38 55.52 46.49 12.12
CA VAL F 38 55.35 47.64 11.24
C VAL F 38 54.51 47.24 10.05
N GLY F 39 53.63 48.15 9.64
CA GLY F 39 52.87 47.97 8.43
C GLY F 39 52.83 49.27 7.66
N ILE F 40 52.84 49.16 6.33
CA ILE F 40 53.00 50.33 5.47
C ILE F 40 52.13 50.13 4.24
N LYS F 41 51.47 51.19 3.79
CA LYS F 41 50.52 51.12 2.69
C LYS F 41 51.14 51.79 1.47
N CYS F 42 51.82 51.02 0.65
CA CYS F 42 52.56 51.57 -0.47
C CYS F 42 51.60 51.91 -1.60
N LYS F 43 52.13 52.48 -2.68
CA LYS F 43 51.26 52.83 -3.80
C LYS F 43 50.62 51.59 -4.39
N ASP F 44 51.39 50.52 -4.56
CA ASP F 44 50.93 49.32 -5.26
C ASP F 44 50.82 48.12 -4.33
N GLY F 45 50.48 48.33 -3.06
CA GLY F 45 50.28 47.21 -2.17
C GLY F 45 50.60 47.61 -0.74
N ILE F 46 50.86 46.59 0.07
CA ILE F 46 51.12 46.75 1.48
C ILE F 46 52.29 45.88 1.86
N VAL F 47 53.15 46.38 2.74
CA VAL F 47 54.29 45.61 3.25
C VAL F 47 54.20 45.59 4.76
N LEU F 48 54.19 44.39 5.34
CA LEU F 48 54.22 44.22 6.78
C LEU F 48 55.60 43.72 7.17
N GLY F 49 56.11 44.23 8.27
CA GLY F 49 57.40 43.78 8.77
C GLY F 49 57.35 43.69 10.27
N VAL F 50 58.06 42.71 10.83
CA VAL F 50 58.04 42.46 12.26
C VAL F 50 59.45 42.19 12.74
N GLU F 51 59.85 42.88 13.80
CA GLU F 51 61.08 42.57 14.50
C GLU F 51 60.82 41.36 15.38
N LYS F 52 61.46 40.24 15.08
CA LYS F 52 61.26 39.01 15.80
C LYS F 52 62.52 38.74 16.61
N LEU F 53 62.34 38.61 17.92
CA LEU F 53 63.47 38.52 18.84
C LEU F 53 63.83 37.05 19.11
N ILE F 54 65.11 36.74 18.97
CA ILE F 54 65.61 35.41 19.32
C ILE F 54 65.79 35.35 20.83
N GLN F 55 65.04 34.47 21.48
CA GLN F 55 65.20 34.32 22.92
C GLN F 55 66.48 33.57 23.27
N SER F 56 66.78 32.49 22.55
CA SER F 56 68.01 31.75 22.74
C SER F 56 68.58 31.42 21.38
N LYS F 57 69.90 31.40 21.28
CA LYS F 57 70.54 31.27 19.97
C LYS F 57 70.21 29.94 19.30
N MET F 58 69.69 28.96 20.04
CA MET F 58 69.39 27.67 19.43
C MET F 58 68.06 27.67 18.68
N MET F 59 67.27 28.74 18.76
CA MET F 59 66.03 28.76 17.99
C MET F 59 66.35 28.61 16.52
N LEU F 60 65.41 28.07 15.79
CA LEU F 60 65.63 27.80 14.38
C LEU F 60 65.17 29.00 13.56
N PRO F 61 66.05 29.60 12.75
CA PRO F 61 65.61 30.78 11.98
C PRO F 61 64.37 30.48 11.17
N GLY F 62 63.28 31.16 11.53
CA GLY F 62 61.95 30.81 11.08
C GLY F 62 61.04 30.35 12.20
N SER F 63 61.54 30.29 13.43
CA SER F 63 60.72 29.88 14.55
C SER F 63 59.66 30.92 14.88
N ASN F 64 58.57 30.45 15.46
CA ASN F 64 57.49 31.31 15.96
C ASN F 64 57.27 32.50 15.04
N ARG F 65 56.95 32.19 13.78
CA ARG F 65 56.60 33.21 12.81
C ARG F 65 55.45 34.07 13.32
N ARG F 66 55.54 35.37 13.07
CA ARG F 66 54.59 36.33 13.62
C ARG F 66 53.72 37.03 12.58
N ILE F 67 53.90 36.77 11.30
CA ILE F 67 53.06 37.33 10.25
C ILE F 67 52.29 36.20 9.61
N HIS F 68 50.97 36.23 9.74
CA HIS F 68 50.11 35.11 9.38
C HIS F 68 49.14 35.55 8.30
N SER F 69 48.76 34.62 7.43
CA SER F 69 47.68 34.90 6.49
C SER F 69 46.35 34.78 7.19
N VAL F 70 45.34 35.41 6.61
CA VAL F 70 44.00 35.37 7.17
C VAL F 70 43.05 34.84 6.11
N HIS F 71 43.16 35.33 4.88
CA HIS F 71 42.56 34.67 3.74
C HIS F 71 43.38 35.04 2.51
N ARG F 72 42.90 34.62 1.35
CA ARG F 72 43.73 34.63 0.15
C ARG F 72 44.36 36.00 -0.08
N HIS F 73 43.63 37.07 0.23
CA HIS F 73 44.03 38.41 -0.16
C HIS F 73 44.41 39.30 1.02
N SER F 74 44.69 38.74 2.19
CA SER F 74 45.07 39.57 3.31
C SER F 74 45.86 38.75 4.31
N GLY F 75 46.54 39.44 5.22
CA GLY F 75 47.33 38.78 6.24
C GLY F 75 47.54 39.71 7.42
N MET F 76 47.98 39.13 8.52
CA MET F 76 48.17 39.85 9.76
C MET F 76 49.62 39.85 10.20
N ALA F 77 49.97 40.80 11.05
CA ALA F 77 51.16 40.75 11.87
C ALA F 77 50.75 41.04 13.31
N VAL F 78 51.14 40.17 14.22
CA VAL F 78 50.70 40.31 15.61
C VAL F 78 51.88 40.78 16.44
N ALA F 79 51.59 41.68 17.37
CA ALA F 79 52.52 42.06 18.41
C ALA F 79 51.81 41.88 19.75
N GLY F 80 52.58 41.62 20.78
CA GLY F 80 52.02 41.28 22.06
C GLY F 80 52.13 39.79 22.31
N LEU F 81 51.29 39.31 23.22
CA LEU F 81 51.28 37.90 23.59
C LEU F 81 50.96 37.05 22.36
N ALA F 82 51.93 36.31 21.87
CA ALA F 82 51.76 35.58 20.61
C ALA F 82 50.64 34.55 20.72
N ALA F 83 50.51 33.90 21.87
CA ALA F 83 49.46 32.89 22.01
C ALA F 83 48.08 33.48 21.77
N ASP F 84 47.86 34.74 22.14
CA ASP F 84 46.61 35.40 21.82
C ASP F 84 46.56 35.84 20.37
N GLY F 85 47.71 36.23 19.81
CA GLY F 85 47.74 36.58 18.41
C GLY F 85 47.26 35.44 17.54
N ARG F 86 47.65 34.21 17.89
CA ARG F 86 47.14 33.07 17.14
C ARG F 86 45.63 32.93 17.26
N GLN F 87 45.05 33.17 18.43
CA GLN F 87 43.61 33.09 18.55
C GLN F 87 42.94 34.13 17.67
N ILE F 88 43.46 35.34 17.65
CA ILE F 88 42.85 36.38 16.81
C ILE F 88 43.03 36.04 15.33
N VAL F 89 44.18 35.48 14.96
CA VAL F 89 44.38 35.10 13.57
C VAL F 89 43.40 34.01 13.18
N ALA F 90 43.18 33.04 14.07
CA ALA F 90 42.20 31.99 13.80
C ALA F 90 40.82 32.59 13.63
N ARG F 91 40.45 33.54 14.47
CA ARG F 91 39.15 34.17 14.32
C ARG F 91 39.04 34.93 13.01
N ALA F 92 40.11 35.61 12.61
CA ALA F 92 40.07 36.32 11.34
C ALA F 92 39.88 35.35 10.19
N LYS F 93 40.57 34.20 10.24
CA LYS F 93 40.36 33.18 9.21
C LYS F 93 38.91 32.72 9.22
N SER F 94 38.36 32.45 10.40
CA SER F 94 36.98 31.99 10.48
C SER F 94 36.03 33.00 9.86
N GLU F 95 36.20 34.27 10.20
CA GLU F 95 35.32 35.29 9.65
C GLU F 95 35.46 35.39 8.15
N ALA F 96 36.70 35.37 7.65
CA ALA F 96 36.91 35.46 6.21
C ALA F 96 36.17 34.34 5.51
N THR F 97 36.37 33.11 5.95
CA THR F 97 35.76 31.99 5.25
C THR F 97 34.25 31.98 5.40
N ASN F 98 33.75 32.35 6.58
CA ASN F 98 32.30 32.35 6.78
C ASN F 98 31.61 33.36 5.87
N TYR F 99 32.18 34.57 5.78
CA TYR F 99 31.61 35.55 4.86
C TYR F 99 31.71 35.06 3.42
N GLU F 100 32.87 34.53 3.03
CA GLU F 100 32.99 33.97 1.70
C GLU F 100 31.89 32.97 1.43
N SER F 101 31.60 32.12 2.40
CA SER F 101 30.58 31.09 2.21
C SER F 101 29.20 31.70 2.05
N VAL F 102 28.81 32.57 2.96
CA VAL F 102 27.43 33.04 2.98
C VAL F 102 27.15 33.95 1.79
N TYR F 103 28.06 34.87 1.47
CA TYR F 103 27.80 35.84 0.42
C TYR F 103 28.52 35.55 -0.88
N GLY F 104 29.29 34.48 -0.97
CA GLY F 104 29.92 34.14 -2.23
C GLY F 104 30.89 35.18 -2.74
N GLU F 105 31.44 36.00 -1.87
CA GLU F 105 32.41 37.02 -2.26
C GLU F 105 33.52 37.09 -1.22
N ALA F 106 34.74 37.36 -1.69
CA ALA F 106 35.86 37.52 -0.79
C ALA F 106 35.62 38.71 0.13
N VAL F 107 35.98 38.54 1.40
CA VAL F 107 35.58 39.52 2.41
C VAL F 107 36.25 40.86 2.13
N PRO F 108 35.52 41.96 2.09
CA PRO F 108 36.21 43.26 1.99
C PRO F 108 37.09 43.43 3.20
N VAL F 109 38.37 43.74 2.96
CA VAL F 109 39.32 43.81 4.06
C VAL F 109 38.74 44.67 5.16
N LYS F 110 38.02 45.73 4.79
CA LYS F 110 37.40 46.60 5.78
C LYS F 110 36.45 45.81 6.66
N GLU F 111 35.61 44.99 6.06
CA GLU F 111 34.68 44.18 6.82
C GLU F 111 35.41 43.15 7.66
N LEU F 112 36.48 42.58 7.12
CA LEU F 112 37.25 41.60 7.90
C LEU F 112 37.81 42.25 9.15
N ALA F 113 38.39 43.43 9.00
CA ALA F 113 38.94 44.15 10.15
C ALA F 113 37.85 44.52 11.13
N ASP F 114 36.68 44.92 10.63
CA ASP F 114 35.59 45.27 11.53
C ASP F 114 35.15 44.08 12.34
N ARG F 115 35.04 42.91 11.72
CA ARG F 115 34.64 41.71 12.45
C ARG F 115 35.69 41.32 13.47
N VAL F 116 36.97 41.39 13.08
CA VAL F 116 38.04 41.05 14.01
C VAL F 116 38.01 41.97 15.21
N ALA F 117 37.86 43.27 14.96
CA ALA F 117 37.82 44.24 16.04
C ALA F 117 36.64 44.00 16.95
N SER F 118 35.48 43.70 16.38
CA SER F 118 34.32 43.41 17.22
C SER F 118 34.58 42.21 18.09
N TYR F 119 35.24 41.19 17.55
CA TYR F 119 35.57 40.03 18.37
C TYR F 119 36.50 40.40 19.51
N VAL F 120 37.53 41.18 19.22
CA VAL F 120 38.47 41.55 20.27
C VAL F 120 37.74 42.33 21.36
N HIS F 121 36.86 43.24 20.98
CA HIS F 121 36.11 43.99 21.97
C HIS F 121 35.22 43.07 22.79
N LEU F 122 34.53 42.14 22.12
CA LEU F 122 33.64 41.24 22.86
C LEU F 122 34.42 40.44 23.89
N CYS F 123 35.66 40.10 23.58
CA CYS F 123 36.45 39.31 24.52
C CYS F 123 36.80 40.10 25.78
N THR F 124 36.30 41.32 25.91
CA THR F 124 36.50 42.12 27.11
C THR F 124 35.25 42.28 27.94
N LEU F 125 34.07 42.25 27.30
CA LEU F 125 32.81 42.48 28.00
C LEU F 125 32.51 41.41 29.03
N TYR F 126 33.13 40.25 28.94
CA TYR F 126 32.81 39.13 29.81
C TYR F 126 33.68 39.16 31.04
N TRP F 127 33.05 39.00 32.19
CA TRP F 127 33.79 38.99 33.44
C TRP F 127 34.71 37.78 33.55
N TRP F 128 34.45 36.73 32.77
CA TRP F 128 35.20 35.50 32.91
C TRP F 128 36.26 35.28 31.84
N LEU F 129 36.51 36.26 30.98
CA LEU F 129 37.58 36.17 30.00
C LEU F 129 38.70 37.15 30.30
N ARG F 130 39.91 36.70 30.05
CA ARG F 130 41.04 37.60 30.02
C ARG F 130 41.06 38.35 28.70
N PRO F 131 41.11 39.68 28.71
CA PRO F 131 41.25 40.40 27.44
C PRO F 131 42.53 39.98 26.73
N PHE F 132 42.46 39.94 25.41
CA PHE F 132 43.64 39.61 24.63
C PHE F 132 44.73 40.63 24.88
N GLY F 133 45.97 40.16 24.98
CA GLY F 133 47.10 41.04 25.15
C GLY F 133 47.91 41.16 23.88
N CYS F 134 47.25 41.30 22.73
CA CYS F 134 47.95 41.38 21.47
C CYS F 134 47.31 42.43 20.57
N GLY F 135 48.12 43.07 19.75
CA GLY F 135 47.65 43.99 18.74
C GLY F 135 48.08 43.48 17.38
N VAL F 136 47.22 43.67 16.38
CA VAL F 136 47.39 43.06 15.06
C VAL F 136 47.29 44.12 13.98
N ILE F 137 47.78 43.78 12.80
CA ILE F 137 47.75 44.65 11.63
C ILE F 137 47.27 43.85 10.44
N LEU F 138 46.18 44.27 9.80
CA LEU F 138 45.69 43.65 8.58
C LEU F 138 46.08 44.51 7.39
N GLY F 139 46.34 43.86 6.26
CA GLY F 139 46.82 44.57 5.11
C GLY F 139 46.26 44.10 3.80
N GLY F 140 45.04 43.60 3.82
CA GLY F 140 44.48 43.01 2.63
C GLY F 140 44.46 43.98 1.46
N TYR F 141 44.39 43.40 0.27
CA TYR F 141 44.45 44.14 -0.99
C TYR F 141 43.13 43.86 -1.71
N ASP F 142 42.11 44.64 -1.41
CA ASP F 142 40.75 44.38 -1.82
C ASP F 142 40.54 44.79 -3.27
N ARG F 143 39.29 44.64 -3.74
CA ARG F 143 38.91 45.27 -4.99
C ARG F 143 38.78 46.77 -4.83
N ASP F 144 38.78 47.27 -3.61
CA ASP F 144 38.89 48.69 -3.33
C ASP F 144 40.32 49.11 -3.05
N GLY F 145 41.29 48.22 -3.30
CA GLY F 145 42.68 48.59 -3.26
C GLY F 145 43.35 48.25 -1.95
N PRO F 146 44.65 48.53 -1.86
CA PRO F 146 45.38 48.23 -0.63
C PRO F 146 44.80 49.03 0.52
N GLN F 147 44.80 48.44 1.71
CA GLN F 147 44.27 49.14 2.87
C GLN F 147 44.68 48.45 4.14
N LEU F 148 45.34 49.20 5.03
CA LEU F 148 46.02 48.68 6.20
C LEU F 148 45.27 49.10 7.45
N TYR F 149 44.99 48.14 8.32
CA TYR F 149 44.23 48.38 9.53
C TYR F 149 45.06 47.96 10.73
N MET F 150 44.71 48.46 11.90
CA MET F 150 45.40 48.04 13.10
C MET F 150 44.40 48.01 14.25
N VAL F 151 44.36 46.89 14.96
CA VAL F 151 43.36 46.64 15.98
C VAL F 151 44.07 46.59 17.32
N GLU F 152 43.56 47.33 18.27
CA GLU F 152 44.22 47.49 19.55
C GLU F 152 43.56 46.59 20.59
N PRO F 153 44.32 46.13 21.58
CA PRO F 153 43.76 45.19 22.55
C PRO F 153 42.53 45.69 23.28
N SER F 154 42.12 46.95 23.06
CA SER F 154 40.87 47.45 23.60
C SER F 154 39.70 47.27 22.65
N GLY F 155 39.94 46.86 21.40
CA GLY F 155 38.89 46.71 20.43
C GLY F 155 38.79 47.82 19.41
N ILE F 156 39.52 48.92 19.59
CA ILE F 156 39.46 50.01 18.62
C ILE F 156 40.28 49.62 17.39
N SER F 157 39.91 50.16 16.23
CA SER F 157 40.69 49.95 15.02
C SER F 157 40.41 51.08 14.04
N TYR F 158 41.43 51.42 13.26
CA TYR F 158 41.31 52.46 12.25
C TYR F 158 42.17 52.08 11.06
N ARG F 159 41.85 52.64 9.91
CA ARG F 159 42.63 52.41 8.71
C ARG F 159 43.79 53.40 8.64
N TYR F 160 45.00 52.87 8.52
CA TYR F 160 46.19 53.69 8.51
C TYR F 160 46.80 53.69 7.11
N PHE F 161 47.74 54.61 6.90
CA PHE F 161 48.69 54.47 5.82
C PHE F 161 50.00 53.88 6.30
N GLY F 162 50.28 54.01 7.59
CA GLY F 162 51.41 53.33 8.20
C GLY F 162 51.07 53.09 9.66
N ALA F 163 51.73 52.10 10.25
CA ALA F 163 51.39 51.70 11.60
C ALA F 163 52.62 51.16 12.30
N ALA F 164 52.48 50.92 13.60
CA ALA F 164 53.53 50.29 14.37
C ALA F 164 53.01 50.02 15.77
N ILE F 165 53.57 48.99 16.41
CA ILE F 165 53.16 48.59 17.75
C ILE F 165 54.32 47.86 18.41
N GLY F 166 54.29 47.80 19.73
CA GLY F 166 55.35 47.16 20.48
C GLY F 166 56.36 48.13 21.06
N LYS F 167 57.57 47.62 21.26
CA LYS F 167 58.63 48.46 21.80
C LYS F 167 58.89 49.67 20.92
N GLY F 168 58.92 49.47 19.62
CA GLY F 168 59.36 50.49 18.69
C GLY F 168 58.29 51.41 18.17
N LYS F 169 57.16 51.53 18.86
CA LYS F 169 56.07 52.38 18.41
C LYS F 169 56.57 53.72 17.89
N GLN F 170 57.21 54.50 18.77
CA GLN F 170 57.44 55.91 18.48
C GLN F 170 58.49 56.10 17.40
N ALA F 171 59.61 55.40 17.49
CA ALA F 171 60.63 55.53 16.46
C ALA F 171 60.07 55.10 15.11
N ALA F 172 59.32 54.00 15.09
CA ALA F 172 58.75 53.51 13.84
C ALA F 172 57.81 54.53 13.24
N LYS F 173 56.92 55.10 14.05
CA LYS F 173 55.97 56.07 13.52
C LYS F 173 56.70 57.30 12.99
N THR F 174 57.66 57.80 13.77
CA THR F 174 58.40 58.98 13.32
C THR F 174 59.09 58.71 12.00
N GLU F 175 59.72 57.54 11.86
CA GLU F 175 60.40 57.24 10.61
C GLU F 175 59.43 57.09 9.46
N ILE F 176 58.28 56.43 9.69
CA ILE F 176 57.30 56.27 8.63
C ILE F 176 56.85 57.64 8.12
N GLU F 177 56.56 58.56 9.04
CA GLU F 177 56.10 59.86 8.60
C GLU F 177 57.09 60.53 7.68
N LYS F 178 58.37 60.21 7.78
CA LYS F 178 59.40 60.78 6.93
C LYS F 178 59.46 60.11 5.57
N LEU F 179 58.43 59.39 5.17
CA LEU F 179 58.43 58.65 3.92
C LEU F 179 57.20 59.02 3.11
N LYS F 180 57.36 59.10 1.79
CA LYS F 180 56.27 59.48 0.90
C LYS F 180 55.60 58.21 0.39
N LEU F 181 54.67 57.70 1.20
CA LEU F 181 54.04 56.42 0.89
C LEU F 181 53.38 56.44 -0.48
N SER F 182 52.85 57.59 -0.90
CA SER F 182 52.17 57.63 -2.18
C SER F 182 53.09 57.35 -3.35
N GLU F 183 54.40 57.45 -3.16
CA GLU F 183 55.35 57.35 -4.27
C GLU F 183 56.13 56.04 -4.29
N MET F 184 56.13 55.26 -3.22
CA MET F 184 56.97 54.08 -3.17
C MET F 184 56.18 52.83 -3.56
N THR F 185 56.74 52.06 -4.49
CA THR F 185 56.21 50.74 -4.76
C THR F 185 56.61 49.78 -3.65
N CYS F 186 55.90 48.65 -3.58
CA CYS F 186 56.18 47.70 -2.51
C CYS F 186 57.63 47.26 -2.51
N ARG F 187 58.28 47.27 -3.67
CA ARG F 187 59.70 46.98 -3.69
C ARG F 187 60.48 48.00 -2.89
N GLU F 188 60.09 49.27 -3.00
CA GLU F 188 60.71 50.29 -2.16
C GLU F 188 60.26 50.15 -0.73
N GLY F 189 59.03 49.68 -0.52
CA GLY F 189 58.54 49.47 0.83
C GLY F 189 59.34 48.42 1.57
N ILE F 190 59.78 47.37 0.88
CA ILE F 190 60.64 46.39 1.51
C ILE F 190 61.86 47.05 2.11
N ILE F 191 62.56 47.84 1.30
CA ILE F 191 63.78 48.48 1.77
C ILE F 191 63.47 49.41 2.92
N GLU F 192 62.40 50.19 2.78
CA GLU F 192 62.08 51.17 3.82
C GLU F 192 61.78 50.49 5.14
N VAL F 193 60.98 49.43 5.12
CA VAL F 193 60.58 48.77 6.35
C VAL F 193 61.77 48.03 6.95
N ALA F 194 62.61 47.41 6.13
CA ALA F 194 63.79 46.77 6.67
C ALA F 194 64.67 47.78 7.37
N LYS F 195 64.88 48.94 6.73
CA LYS F 195 65.71 49.98 7.30
C LYS F 195 65.12 50.49 8.61
N ILE F 196 63.80 50.68 8.65
CA ILE F 196 63.16 51.16 9.86
C ILE F 196 63.33 50.15 10.99
N ILE F 197 63.07 48.88 10.71
CA ILE F 197 63.16 47.88 11.75
C ILE F 197 64.57 47.81 12.29
N TYR F 198 65.57 47.88 11.41
CA TYR F 198 66.95 47.85 11.86
C TYR F 198 67.31 49.08 12.68
N LYS F 199 66.85 50.26 12.26
CA LYS F 199 67.09 51.45 13.06
C LYS F 199 66.50 51.30 14.45
N VAL F 200 65.24 50.86 14.52
CA VAL F 200 64.53 50.89 15.79
C VAL F 200 65.06 49.84 16.74
N HIS F 201 65.74 48.82 16.24
CA HIS F 201 66.33 47.83 17.13
C HIS F 201 67.55 48.40 17.85
N ASP F 202 67.76 47.93 19.07
CA ASP F 202 68.86 48.41 19.92
C ASP F 202 69.58 47.19 20.49
N GLU F 203 70.66 46.78 19.83
CA GLU F 203 71.40 45.62 20.29
C GLU F 203 71.94 45.83 21.70
N ALA F 204 72.23 47.08 22.07
CA ALA F 204 72.76 47.36 23.40
C ALA F 204 71.79 46.95 24.49
N LYS F 205 70.50 46.78 24.17
CA LYS F 205 69.49 46.45 25.17
C LYS F 205 69.01 45.01 25.02
N ASP F 206 68.63 44.59 23.82
CA ASP F 206 68.05 43.27 23.60
C ASP F 206 68.99 42.39 22.79
N LYS F 207 68.68 41.10 22.77
CA LYS F 207 69.44 40.15 21.97
C LYS F 207 69.16 40.38 20.49
N ALA F 208 69.75 39.52 19.66
CA ALA F 208 69.56 39.63 18.22
C ALA F 208 68.10 39.43 17.86
N PHE F 209 67.80 39.61 16.58
CA PHE F 209 66.46 39.50 16.06
C PHE F 209 66.54 39.10 14.59
N GLU F 210 65.40 38.61 14.13
CA GLU F 210 65.32 38.21 12.71
C GLU F 210 64.15 38.98 12.08
N LEU F 211 64.44 39.81 11.09
CA LEU F 211 63.39 40.55 10.38
C LEU F 211 62.51 39.55 9.67
N GLU F 212 61.21 39.67 9.85
CA GLU F 212 60.25 38.77 9.18
C GLU F 212 59.29 39.71 8.45
N MET F 213 59.22 39.66 7.12
CA MET F 213 58.38 40.63 6.37
C MET F 213 57.50 39.91 5.35
N SER F 214 56.27 40.35 5.19
CA SER F 214 55.31 39.72 4.25
C SER F 214 54.63 40.78 3.39
N TRP F 215 54.78 40.66 2.08
CA TRP F 215 54.19 41.67 1.17
C TRP F 215 52.84 41.19 0.64
N ILE F 216 51.84 42.05 0.68
CA ILE F 216 50.57 41.74 -0.01
C ILE F 216 50.52 42.71 -1.18
N CYS F 217 51.26 42.44 -2.26
CA CYS F 217 51.38 43.43 -3.37
C CYS F 217 50.81 42.91 -4.68
N ASP F 218 51.33 43.43 -5.78
CA ASP F 218 50.81 43.02 -7.12
C ASP F 218 51.71 41.92 -7.65
N GLU F 219 52.97 41.91 -7.22
CA GLU F 219 53.88 40.79 -7.60
C GLU F 219 53.33 39.55 -6.89
N SER F 220 52.91 39.72 -5.65
CA SER F 220 52.32 38.60 -4.88
C SER F 220 50.90 38.38 -5.38
N LYS F 221 50.55 38.94 -6.52
CA LYS F 221 49.22 38.69 -7.09
C LYS F 221 48.18 38.98 -6.03
N ARG F 222 48.37 40.03 -5.23
CA ARG F 222 47.39 40.46 -4.22
C ARG F 222 47.24 39.39 -3.15
N GLU F 223 48.08 38.36 -3.19
CA GLU F 223 47.90 37.25 -2.25
C GLU F 223 49.02 37.36 -1.24
N HIS F 224 48.65 37.47 0.01
CA HIS F 224 49.62 37.66 1.08
C HIS F 224 50.67 36.57 1.00
N GLN F 225 51.93 36.96 0.94
CA GLN F 225 53.01 36.00 0.92
C GLN F 225 54.24 36.62 1.54
N LYS F 226 55.17 35.77 1.99
CA LYS F 226 56.43 36.26 2.48
C LYS F 226 57.15 37.02 1.38
N VAL F 227 57.97 38.00 1.77
CA VAL F 227 58.84 38.62 0.79
C VAL F 227 59.80 37.58 0.23
N PRO F 228 60.05 37.55 -1.07
CA PRO F 228 61.02 36.59 -1.60
C PRO F 228 62.36 36.70 -0.88
N ASP F 229 63.00 35.55 -0.68
CA ASP F 229 64.22 35.52 0.11
C ASP F 229 65.27 36.46 -0.43
N ASN F 230 65.44 36.53 -1.75
CA ASN F 230 66.49 37.36 -2.31
C ASN F 230 66.26 38.83 -2.00
N LEU F 231 65.04 39.31 -2.24
CA LEU F 231 64.74 40.71 -1.97
C LEU F 231 64.89 41.00 -0.49
N LEU F 232 64.46 40.06 0.36
CA LEU F 232 64.57 40.25 1.80
C LEU F 232 66.02 40.35 2.25
N GLN F 233 66.88 39.47 1.73
CA GLN F 233 68.28 39.52 2.15
C GLN F 233 68.96 40.78 1.64
N GLU F 234 68.68 41.19 0.41
CA GLU F 234 69.32 42.41 -0.05
C GLU F 234 68.82 43.61 0.73
N ALA F 235 67.53 43.61 1.10
CA ALA F 235 67.03 44.68 1.96
C ALA F 235 67.68 44.65 3.32
N LYS F 236 67.93 43.46 3.87
CA LYS F 236 68.65 43.37 5.14
C LYS F 236 70.04 43.98 5.02
N ALA F 237 70.76 43.65 3.94
CA ALA F 237 72.09 44.21 3.77
C ALA F 237 72.04 45.73 3.63
N ALA F 238 71.08 46.23 2.85
CA ALA F 238 70.95 47.68 2.68
C ALA F 238 70.61 48.34 4.00
N ALA F 239 69.70 47.74 4.77
CA ALA F 239 69.31 48.30 6.06
C ALA F 239 70.47 48.32 7.03
N THR F 240 71.29 47.27 7.03
CA THR F 240 72.50 47.29 7.85
C THR F 240 73.44 48.39 7.41
N ALA F 241 73.65 48.53 6.10
CA ALA F 241 74.53 49.58 5.60
C ALA F 241 73.99 50.96 5.93
N ALA F 242 72.68 51.08 6.12
CA ALA F 242 72.07 52.39 6.35
C ALA F 242 72.33 52.92 7.75
N LEU F 243 72.90 52.11 8.64
CA LEU F 243 73.10 52.54 10.02
C LEU F 243 74.30 53.47 10.20
N GLU F 244 75.10 53.66 9.16
CA GLU F 244 76.24 54.56 9.22
C GLU F 244 76.18 55.54 8.06
N GLY G 8 -31.90 -42.51 -56.68
CA GLY G 8 -30.64 -42.19 -55.95
C GLY G 8 -30.30 -40.71 -56.05
N TYR G 9 -30.05 -40.08 -54.91
CA TYR G 9 -29.76 -38.67 -54.86
C TYR G 9 -28.29 -38.35 -55.04
N ASP G 10 -27.55 -39.38 -55.47
CA ASP G 10 -26.09 -39.28 -55.66
C ASP G 10 -25.77 -38.17 -56.63
N ARG G 11 -26.72 -37.83 -57.47
CA ARG G 11 -26.51 -36.74 -58.43
C ARG G 11 -26.98 -35.43 -57.84
N HIS G 12 -27.77 -35.45 -56.77
CA HIS G 12 -28.37 -34.20 -56.25
C HIS G 12 -27.47 -33.62 -55.18
N ILE G 13 -26.25 -34.11 -55.12
CA ILE G 13 -25.31 -33.63 -54.11
C ILE G 13 -23.96 -34.27 -54.39
N THR G 14 -22.91 -33.67 -53.82
CA THR G 14 -21.54 -34.05 -54.13
C THR G 14 -21.12 -35.28 -53.31
N ILE G 15 -21.62 -36.44 -53.74
CA ILE G 15 -21.18 -37.73 -53.24
C ILE G 15 -20.95 -38.63 -54.45
N PHE G 16 -20.14 -39.65 -54.26
CA PHE G 16 -19.67 -40.44 -55.40
C PHE G 16 -20.79 -41.25 -56.02
N SER G 17 -20.88 -41.18 -57.35
CA SER G 17 -21.74 -42.06 -58.11
C SER G 17 -21.10 -43.45 -58.17
N PRO G 18 -21.89 -44.48 -58.46
CA PRO G 18 -21.29 -45.82 -58.56
C PRO G 18 -20.12 -45.88 -59.52
N GLU G 19 -20.14 -45.07 -60.57
CA GLU G 19 -18.96 -44.91 -61.40
C GLU G 19 -17.90 -44.06 -60.73
N GLY G 20 -18.10 -43.70 -59.47
CA GLY G 20 -17.17 -42.85 -58.75
C GLY G 20 -17.03 -41.46 -59.32
N ARG G 21 -18.06 -40.97 -60.01
CA ARG G 21 -17.94 -39.71 -60.78
C ARG G 21 -18.07 -38.39 -59.99
N LEU G 22 -18.71 -38.33 -58.82
CA LEU G 22 -18.97 -37.03 -58.15
C LEU G 22 -19.75 -36.18 -59.14
N PHE G 23 -20.97 -36.59 -59.48
CA PHE G 23 -21.75 -35.94 -60.57
C PHE G 23 -21.91 -34.44 -60.40
N GLN G 24 -22.11 -33.95 -59.18
CA GLN G 24 -22.42 -32.50 -59.02
C GLN G 24 -21.25 -31.65 -59.50
N VAL G 25 -20.03 -32.05 -59.21
CA VAL G 25 -18.87 -31.26 -59.72
C VAL G 25 -18.75 -31.49 -61.22
N GLU G 26 -19.07 -32.70 -61.68
CA GLU G 26 -19.05 -32.91 -63.15
C GLU G 26 -20.01 -31.87 -63.79
N TYR G 27 -21.15 -31.63 -63.14
CA TYR G 27 -22.17 -30.69 -63.67
C TYR G 27 -21.63 -29.26 -63.57
N ALA G 28 -21.05 -28.89 -62.43
CA ALA G 28 -20.50 -27.54 -62.21
C ALA G 28 -19.73 -27.08 -63.45
N PHE G 29 -18.82 -27.90 -63.95
CA PHE G 29 -18.08 -27.55 -65.18
C PHE G 29 -19.07 -27.13 -66.26
N LYS G 30 -20.14 -27.90 -66.49
CA LYS G 30 -21.17 -27.42 -67.48
C LYS G 30 -21.50 -25.91 -67.37
N ALA G 31 -21.97 -25.35 -66.26
CA ALA G 31 -22.23 -23.93 -65.95
C ALA G 31 -21.18 -23.07 -66.62
N VAL G 32 -19.90 -23.40 -66.38
CA VAL G 32 -18.83 -22.63 -67.07
C VAL G 32 -19.19 -22.51 -68.57
N LYS G 33 -19.65 -23.60 -69.21
CA LYS G 33 -19.91 -23.56 -70.67
C LYS G 33 -21.15 -22.73 -71.01
N SER G 34 -22.28 -22.92 -70.33
CA SER G 34 -23.57 -22.24 -70.64
C SER G 34 -23.43 -20.73 -70.56
N GLY G 35 -22.36 -20.24 -69.98
CA GLY G 35 -22.08 -18.82 -69.89
C GLY G 35 -22.00 -18.14 -71.23
N GLY G 36 -21.70 -18.88 -72.28
CA GLY G 36 -21.57 -18.29 -73.61
C GLY G 36 -20.23 -17.61 -73.84
N VAL G 37 -19.82 -16.77 -72.89
CA VAL G 37 -18.56 -16.05 -73.03
C VAL G 37 -17.40 -17.03 -73.05
N THR G 38 -16.43 -16.78 -73.93
CA THR G 38 -15.21 -17.56 -74.01
C THR G 38 -14.04 -16.65 -73.70
N SER G 39 -12.96 -17.24 -73.22
CA SER G 39 -11.84 -16.43 -72.76
C SER G 39 -10.56 -17.23 -72.92
N ILE G 40 -9.47 -16.52 -73.23
CA ILE G 40 -8.19 -17.16 -73.48
C ILE G 40 -7.08 -16.26 -72.98
N ALA G 41 -5.90 -16.84 -72.81
CA ALA G 41 -4.73 -16.13 -72.33
C ALA G 41 -3.49 -16.79 -72.90
N VAL G 42 -2.38 -16.07 -72.88
CA VAL G 42 -1.12 -16.56 -73.40
C VAL G 42 0.01 -15.87 -72.66
N ARG G 43 1.11 -16.58 -72.47
CA ARG G 43 2.27 -16.05 -71.76
C ARG G 43 3.48 -16.12 -72.67
N GLY G 44 4.26 -15.04 -72.69
CA GLY G 44 5.50 -14.96 -73.41
C GLY G 44 6.67 -14.73 -72.50
N LYS G 45 7.85 -14.64 -73.11
CA LYS G 45 9.06 -14.46 -72.33
C LYS G 45 9.04 -13.18 -71.50
N ASP G 46 8.21 -12.21 -71.87
CA ASP G 46 8.23 -10.89 -71.27
C ASP G 46 6.92 -10.48 -70.62
N SER G 47 5.83 -11.17 -70.90
CA SER G 47 4.51 -10.67 -70.55
C SER G 47 3.53 -11.83 -70.41
N VAL G 48 2.31 -11.50 -70.00
CA VAL G 48 1.18 -12.41 -70.02
C VAL G 48 -0.03 -11.64 -70.51
N CYS G 49 -0.80 -12.26 -71.40
CA CYS G 49 -1.97 -11.65 -71.99
C CYS G 49 -3.22 -12.39 -71.57
N VAL G 50 -4.31 -11.66 -71.38
CA VAL G 50 -5.60 -12.25 -71.07
C VAL G 50 -6.67 -11.51 -71.87
N VAL G 51 -7.40 -12.25 -72.70
CA VAL G 51 -8.37 -11.68 -73.63
C VAL G 51 -9.73 -12.27 -73.34
N THR G 52 -10.76 -11.44 -73.37
CA THR G 52 -12.11 -11.88 -73.05
C THR G 52 -13.13 -11.11 -73.88
N GLN G 53 -14.20 -11.78 -74.25
CA GLN G 53 -15.30 -11.10 -74.92
C GLN G 53 -16.36 -10.72 -73.92
N LYS G 54 -17.05 -9.62 -74.21
CA LYS G 54 -18.14 -9.13 -73.36
C LYS G 54 -19.19 -8.49 -74.23
N LYS G 55 -20.46 -8.67 -73.86
CA LYS G 55 -21.57 -8.14 -74.65
C LYS G 55 -22.82 -8.10 -73.78
N VAL G 56 -23.78 -7.27 -74.19
CA VAL G 56 -25.08 -7.23 -73.53
C VAL G 56 -26.15 -7.10 -74.60
N PRO G 57 -27.39 -7.51 -74.33
CA PRO G 57 -28.45 -7.34 -75.34
C PRO G 57 -29.02 -5.93 -75.38
N ASP G 58 -29.13 -5.27 -74.23
CA ASP G 58 -29.84 -4.01 -74.10
C ASP G 58 -28.87 -2.85 -74.16
N LYS G 59 -29.20 -1.85 -74.98
CA LYS G 59 -28.43 -0.61 -74.99
C LYS G 59 -28.53 0.14 -73.67
N LEU G 60 -29.54 -0.16 -72.85
CA LEU G 60 -29.69 0.54 -71.58
C LEU G 60 -28.52 0.29 -70.65
N LEU G 61 -28.05 -0.94 -70.59
CA LEU G 61 -27.01 -1.30 -69.63
C LEU G 61 -25.79 -0.42 -69.84
N ASP G 62 -25.03 -0.19 -68.78
CA ASP G 62 -23.81 0.61 -68.89
C ASP G 62 -22.63 -0.34 -69.11
N GLN G 63 -22.06 -0.29 -70.31
CA GLN G 63 -21.00 -1.22 -70.69
C GLN G 63 -19.77 -1.12 -69.80
N THR G 64 -19.56 0.01 -69.13
CA THR G 64 -18.37 0.16 -68.30
C THR G 64 -18.49 -0.57 -66.97
N SER G 65 -19.65 -1.13 -66.67
CA SER G 65 -19.82 -1.91 -65.44
C SER G 65 -19.65 -3.40 -65.64
N VAL G 66 -19.84 -3.90 -66.87
CA VAL G 66 -19.63 -5.32 -67.15
C VAL G 66 -18.18 -5.52 -67.56
N SER G 67 -17.48 -6.30 -66.73
CA SER G 67 -16.03 -6.59 -66.94
C SER G 67 -15.60 -7.74 -66.04
N HIS G 68 -14.65 -8.57 -66.48
CA HIS G 68 -14.27 -9.75 -65.66
C HIS G 68 -12.77 -9.82 -65.33
N LEU G 69 -11.90 -9.00 -65.89
CA LEU G 69 -10.45 -9.16 -65.60
C LEU G 69 -10.26 -8.52 -64.24
N PHE G 70 -10.87 -9.07 -63.21
CA PHE G 70 -10.78 -8.52 -61.85
C PHE G 70 -9.31 -8.47 -61.38
N LYS G 71 -8.96 -7.61 -60.41
CA LYS G 71 -7.58 -7.49 -59.87
C LYS G 71 -7.55 -7.82 -58.39
N ILE G 72 -6.73 -8.79 -57.98
CA ILE G 72 -6.71 -9.26 -56.56
C ILE G 72 -5.80 -8.30 -55.83
N THR G 73 -4.50 -8.36 -56.07
CA THR G 73 -3.60 -7.30 -55.55
C THR G 73 -3.02 -6.59 -56.75
N LYS G 74 -2.26 -5.53 -56.53
CA LYS G 74 -1.83 -4.75 -57.70
C LYS G 74 -1.07 -5.66 -58.64
N PHE G 75 -0.62 -6.82 -58.15
CA PHE G 75 0.25 -7.65 -59.00
C PHE G 75 -0.34 -9.01 -59.35
N LEU G 76 -1.61 -9.27 -59.05
CA LEU G 76 -2.23 -10.57 -59.45
C LEU G 76 -3.61 -10.36 -60.11
N GLY G 77 -3.80 -10.68 -61.41
CA GLY G 77 -5.02 -10.55 -62.16
C GLY G 77 -5.86 -11.81 -62.07
N LEU G 78 -7.13 -11.73 -62.44
CA LEU G 78 -8.01 -12.90 -62.32
C LEU G 78 -9.13 -12.76 -63.34
N LEU G 79 -8.96 -13.39 -64.49
CA LEU G 79 -10.02 -13.43 -65.48
C LEU G 79 -10.99 -14.54 -65.11
N ALA G 80 -12.14 -14.17 -64.55
CA ALA G 80 -13.13 -15.15 -64.15
C ALA G 80 -14.18 -15.32 -65.23
N THR G 81 -14.45 -16.56 -65.59
CA THR G 81 -15.51 -16.89 -66.53
C THR G 81 -16.56 -17.72 -65.81
N GLY G 82 -17.67 -17.94 -66.50
CA GLY G 82 -18.78 -18.66 -65.93
C GLY G 82 -19.86 -17.72 -65.45
N MET G 83 -20.76 -18.28 -64.64
CA MET G 83 -21.83 -17.47 -64.08
C MET G 83 -21.24 -16.39 -63.18
N THR G 84 -21.70 -15.15 -63.40
CA THR G 84 -20.97 -13.96 -62.98
C THR G 84 -21.01 -13.69 -61.49
N ALA G 85 -22.14 -13.89 -60.82
CA ALA G 85 -22.22 -13.56 -59.41
C ALA G 85 -21.23 -14.38 -58.59
N ASP G 86 -21.11 -15.67 -58.91
CA ASP G 86 -20.12 -16.51 -58.24
C ASP G 86 -18.71 -16.02 -58.55
N ALA G 87 -18.47 -15.58 -59.78
CA ALA G 87 -17.15 -15.03 -60.11
C ALA G 87 -16.83 -13.86 -59.22
N ARG G 88 -17.77 -12.94 -59.08
CA ARG G 88 -17.52 -11.78 -58.22
C ARG G 88 -17.22 -12.23 -56.80
N ASN G 89 -18.00 -13.16 -56.27
CA ASN G 89 -17.76 -13.60 -54.89
C ASN G 89 -16.37 -14.21 -54.74
N LEU G 90 -16.00 -15.09 -55.66
CA LEU G 90 -14.65 -15.63 -55.66
C LEU G 90 -13.62 -14.51 -55.67
N VAL G 91 -13.88 -13.44 -56.42
CA VAL G 91 -12.93 -12.35 -56.50
C VAL G 91 -12.78 -11.65 -55.16
N GLN G 92 -13.90 -11.34 -54.48
CA GLN G 92 -13.72 -10.65 -53.20
C GLN G 92 -13.00 -11.54 -52.21
N GLN G 93 -13.30 -12.83 -52.17
CA GLN G 93 -12.58 -13.64 -51.19
C GLN G 93 -11.12 -13.85 -51.58
N ALA G 94 -10.81 -13.87 -52.88
CA ALA G 94 -9.41 -13.92 -53.28
C ALA G 94 -8.68 -12.64 -52.90
N ARG G 95 -9.34 -11.49 -53.05
CA ARG G 95 -8.71 -10.24 -52.65
C ARG G 95 -8.41 -10.25 -51.16
N ASN G 96 -9.40 -10.64 -50.36
CA ASN G 96 -9.16 -10.71 -48.93
C ASN G 96 -7.98 -11.62 -48.64
N GLU G 97 -7.90 -12.75 -49.34
CA GLU G 97 -6.84 -13.71 -49.06
C GLU G 97 -5.47 -13.15 -49.43
N ALA G 98 -5.37 -12.50 -50.59
CA ALA G 98 -4.08 -11.96 -50.99
C ALA G 98 -3.61 -10.89 -50.02
N ALA G 99 -4.52 -10.00 -49.63
CA ALA G 99 -4.15 -8.97 -48.66
C ALA G 99 -3.76 -9.58 -47.33
N GLU G 100 -4.44 -10.65 -46.93
CA GLU G 100 -4.10 -11.30 -45.66
C GLU G 100 -2.78 -12.04 -45.73
N PHE G 101 -2.47 -12.68 -46.84
CA PHE G 101 -1.15 -13.28 -47.02
C PHE G 101 -0.06 -12.24 -46.92
N ARG G 102 -0.26 -11.11 -47.59
CA ARG G 102 0.75 -10.05 -47.49
C ARG G 102 0.89 -9.57 -46.07
N HIS G 103 -0.22 -9.43 -45.35
CA HIS G 103 -0.15 -8.96 -43.98
C HIS G 103 0.58 -9.96 -43.10
N LYS G 104 0.28 -11.25 -43.24
CA LYS G 104 0.84 -12.26 -42.37
C LYS G 104 2.33 -12.48 -42.66
N TYR G 105 2.67 -12.64 -43.94
CA TYR G 105 4.02 -13.03 -44.32
C TYR G 105 4.83 -11.91 -44.95
N GLY G 106 4.33 -10.69 -45.00
CA GLY G 106 5.16 -9.56 -45.30
C GLY G 106 5.65 -9.43 -46.72
N TYR G 107 5.12 -10.21 -47.66
CA TYR G 107 5.46 -10.03 -49.06
C TYR G 107 4.29 -10.49 -49.92
N GLU G 108 4.24 -10.01 -51.15
CA GLU G 108 3.08 -10.24 -52.00
C GLU G 108 2.81 -11.73 -52.13
N MET G 109 1.54 -12.09 -52.23
CA MET G 109 1.19 -13.46 -52.55
C MET G 109 1.70 -13.79 -53.94
N PRO G 110 2.57 -14.78 -54.11
CA PRO G 110 2.98 -15.17 -55.45
C PRO G 110 1.84 -15.82 -56.22
N VAL G 111 1.97 -15.82 -57.54
CA VAL G 111 0.87 -16.24 -58.40
C VAL G 111 0.49 -17.68 -58.09
N ASP G 112 1.47 -18.58 -58.02
CA ASP G 112 1.16 -19.98 -57.82
C ASP G 112 0.50 -20.20 -56.46
N ALA G 113 0.86 -19.41 -55.46
CA ALA G 113 0.17 -19.50 -54.18
C ALA G 113 -1.29 -19.10 -54.32
N LEU G 114 -1.57 -18.06 -55.10
CA LEU G 114 -2.94 -17.64 -55.29
C LEU G 114 -3.76 -18.70 -56.02
N ALA G 115 -3.20 -19.25 -57.10
CA ALA G 115 -3.92 -20.30 -57.81
C ALA G 115 -4.16 -21.49 -56.89
N ARG G 116 -3.16 -21.83 -56.07
CA ARG G 116 -3.32 -22.92 -55.13
C ARG G 116 -4.44 -22.64 -54.15
N TRP G 117 -4.51 -21.41 -53.65
CA TRP G 117 -5.57 -21.09 -52.69
C TRP G 117 -6.94 -21.18 -53.35
N ILE G 118 -7.06 -20.65 -54.57
CA ILE G 118 -8.34 -20.71 -55.27
C ILE G 118 -8.75 -22.16 -55.44
N ALA G 119 -7.81 -23.00 -55.86
CA ALA G 119 -8.13 -24.41 -56.10
C ALA G 119 -8.50 -25.13 -54.82
N ASP G 120 -7.80 -24.84 -53.73
CA ASP G 120 -8.15 -25.48 -52.46
C ASP G 120 -9.56 -25.10 -52.03
N LYS G 121 -9.90 -23.82 -52.11
CA LYS G 121 -11.26 -23.43 -51.77
C LYS G 121 -12.26 -24.14 -52.66
N SER G 122 -11.98 -24.21 -53.96
CA SER G 122 -12.91 -24.88 -54.86
C SER G 122 -13.06 -26.34 -54.52
N GLN G 123 -12.01 -26.97 -53.99
CA GLN G 123 -12.10 -28.36 -53.60
C GLN G 123 -12.97 -28.56 -52.36
N VAL G 124 -12.88 -27.62 -51.41
CA VAL G 124 -13.72 -27.73 -50.22
C VAL G 124 -15.18 -27.87 -50.61
N TYR G 125 -15.59 -27.10 -51.60
CA TYR G 125 -16.96 -27.20 -52.10
C TYR G 125 -17.22 -28.59 -52.64
N THR G 126 -16.25 -29.17 -53.34
CA THR G 126 -16.35 -30.50 -53.92
C THR G 126 -16.38 -31.60 -52.90
N GLN G 127 -16.06 -31.32 -51.68
CA GLN G 127 -16.14 -32.37 -50.67
C GLN G 127 -17.31 -32.21 -49.72
N HIS G 128 -17.53 -31.01 -49.19
CA HIS G 128 -18.65 -30.79 -48.31
C HIS G 128 -19.95 -30.84 -49.12
N ALA G 129 -20.92 -31.61 -48.63
CA ALA G 129 -22.00 -32.05 -49.50
C ALA G 129 -22.94 -30.92 -49.90
N TYR G 130 -23.34 -30.09 -48.94
CA TYR G 130 -24.57 -29.30 -49.11
C TYR G 130 -24.32 -27.92 -49.70
N MET G 131 -23.07 -27.59 -50.00
CA MET G 131 -22.67 -26.28 -50.47
C MET G 131 -22.02 -26.43 -51.85
N ARG G 132 -22.58 -25.74 -52.87
CA ARG G 132 -22.36 -26.14 -54.25
C ARG G 132 -21.08 -25.55 -54.83
N PRO G 133 -20.44 -26.25 -55.78
CA PRO G 133 -19.24 -25.70 -56.39
C PRO G 133 -19.50 -24.43 -57.16
N LEU G 134 -18.56 -23.49 -57.08
CA LEU G 134 -18.69 -22.25 -57.84
C LEU G 134 -18.48 -22.54 -59.32
N GLY G 135 -19.43 -22.10 -60.13
CA GLY G 135 -19.37 -22.42 -61.54
C GLY G 135 -18.48 -21.48 -62.33
N VAL G 136 -17.26 -21.24 -61.84
CA VAL G 136 -16.38 -20.26 -62.46
C VAL G 136 -15.01 -20.88 -62.65
N VAL G 137 -14.35 -20.51 -63.74
CA VAL G 137 -13.02 -20.97 -64.07
C VAL G 137 -12.10 -19.75 -64.11
N ALA G 138 -11.30 -19.59 -63.07
CA ALA G 138 -10.45 -18.41 -62.93
C ALA G 138 -9.11 -18.65 -63.59
N ILE G 139 -8.68 -17.70 -64.43
CA ILE G 139 -7.39 -17.74 -65.07
C ILE G 139 -6.53 -16.65 -64.46
N VAL G 140 -5.83 -16.97 -63.40
CA VAL G 140 -4.99 -16.01 -62.69
C VAL G 140 -3.77 -15.72 -63.53
N ILE G 141 -3.28 -14.49 -63.48
CA ILE G 141 -2.02 -14.12 -64.13
C ILE G 141 -1.23 -13.25 -63.17
N GLY G 142 0.06 -13.16 -63.45
CA GLY G 142 0.93 -12.34 -62.63
C GLY G 142 2.37 -12.56 -63.05
N ILE G 143 3.26 -11.82 -62.41
CA ILE G 143 4.69 -11.91 -62.67
C ILE G 143 5.40 -12.11 -61.35
N ASP G 144 5.64 -13.37 -61.00
CA ASP G 144 6.39 -13.69 -59.80
C ASP G 144 7.85 -13.36 -60.04
N GLU G 145 8.45 -12.60 -59.13
CA GLU G 145 9.79 -12.09 -59.36
C GLU G 145 10.82 -13.20 -59.48
N GLU G 146 10.54 -14.38 -58.95
CA GLU G 146 11.48 -15.48 -59.09
C GLU G 146 11.36 -16.18 -60.43
N ASN G 147 10.13 -16.46 -60.86
CA ASN G 147 9.89 -17.25 -62.06
C ASN G 147 9.50 -16.41 -63.26
N GLY G 148 9.18 -15.14 -63.09
CA GLY G 148 8.77 -14.32 -64.20
C GLY G 148 7.30 -14.51 -64.53
N PRO G 149 6.94 -14.37 -65.81
CA PRO G 149 5.52 -14.47 -66.18
C PRO G 149 4.94 -15.81 -65.79
N GLN G 150 3.70 -15.80 -65.32
CA GLN G 150 3.04 -17.02 -64.88
C GLN G 150 1.54 -16.95 -65.12
N LEU G 151 0.99 -18.07 -65.58
CA LEU G 151 -0.41 -18.20 -65.94
C LEU G 151 -0.96 -19.47 -65.31
N PHE G 152 -2.06 -19.35 -64.58
CA PHE G 152 -2.62 -20.48 -63.86
C PHE G 152 -4.11 -20.52 -64.10
N LYS G 153 -4.64 -21.72 -64.27
CA LYS G 153 -6.05 -21.92 -64.53
C LYS G 153 -6.64 -22.87 -63.50
N CYS G 154 -7.67 -22.41 -62.81
CA CYS G 154 -8.35 -23.19 -61.79
C CYS G 154 -9.74 -23.51 -62.28
N ASP G 155 -10.38 -24.51 -61.68
CA ASP G 155 -11.69 -24.90 -62.17
C ASP G 155 -12.56 -25.44 -61.03
N PRO G 156 -13.85 -25.66 -61.27
CA PRO G 156 -14.73 -26.09 -60.17
C PRO G 156 -14.35 -27.40 -59.54
N ALA G 157 -13.58 -28.25 -60.22
CA ALA G 157 -13.21 -29.55 -59.68
C ALA G 157 -12.07 -29.47 -58.68
N GLY G 158 -11.37 -28.34 -58.61
CA GLY G 158 -10.29 -28.21 -57.65
C GLY G 158 -8.91 -28.36 -58.23
N HIS G 159 -8.78 -28.64 -59.52
CA HIS G 159 -7.47 -28.74 -60.13
C HIS G 159 -6.93 -27.35 -60.45
N PHE G 160 -5.61 -27.28 -60.60
CA PHE G 160 -4.99 -26.06 -61.09
C PHE G 160 -3.63 -26.38 -61.66
N TYR G 161 -3.33 -25.79 -62.82
CA TYR G 161 -2.10 -26.10 -63.51
C TYR G 161 -1.49 -24.80 -64.01
N GLY G 162 -0.16 -24.80 -64.14
CA GLY G 162 0.50 -23.71 -64.83
C GLY G 162 0.50 -23.95 -66.33
N HIS G 163 0.06 -22.94 -67.07
CA HIS G 163 -0.20 -23.10 -68.48
C HIS G 163 0.73 -22.20 -69.30
N LYS G 164 0.92 -22.60 -70.56
CA LYS G 164 1.50 -21.70 -71.53
C LYS G 164 0.41 -20.97 -72.31
N ALA G 165 -0.81 -21.52 -72.30
CA ALA G 165 -1.95 -20.85 -72.89
C ALA G 165 -3.20 -21.64 -72.56
N THR G 166 -4.30 -20.94 -72.37
CA THR G 166 -5.51 -21.51 -71.80
C THR G 166 -6.71 -21.07 -72.60
N SER G 167 -7.87 -21.61 -72.21
CA SER G 167 -9.15 -21.20 -72.76
C SER G 167 -10.23 -21.52 -71.74
N ALA G 168 -11.41 -20.97 -71.96
CA ALA G 168 -12.55 -21.26 -71.10
C ALA G 168 -13.83 -21.04 -71.88
N GLY G 169 -14.94 -21.32 -71.24
CA GLY G 169 -16.23 -21.01 -71.82
C GLY G 169 -16.63 -21.98 -72.91
N SER G 170 -17.62 -21.54 -73.69
CA SER G 170 -18.29 -22.43 -74.63
C SER G 170 -17.31 -23.04 -75.63
N LYS G 171 -16.48 -22.21 -76.25
CA LYS G 171 -15.60 -22.65 -77.33
C LYS G 171 -14.17 -22.84 -76.87
N ASP G 172 -13.98 -23.37 -75.66
CA ASP G 172 -12.63 -23.54 -75.14
C ASP G 172 -11.81 -24.48 -76.01
N GLN G 173 -12.41 -25.59 -76.45
CA GLN G 173 -11.65 -26.57 -77.19
C GLN G 173 -11.22 -26.04 -78.55
N GLU G 174 -12.05 -25.21 -79.19
CA GLU G 174 -11.61 -24.59 -80.42
C GLU G 174 -10.39 -23.70 -80.16
N ALA G 175 -10.41 -22.96 -79.05
CA ALA G 175 -9.29 -22.11 -78.71
C ALA G 175 -8.02 -22.92 -78.50
N ILE G 176 -8.12 -24.04 -77.78
CA ILE G 176 -6.93 -24.84 -77.53
C ILE G 176 -6.44 -25.51 -78.81
N ASN G 177 -7.36 -25.98 -79.64
CA ASN G 177 -6.94 -26.55 -80.92
C ASN G 177 -6.18 -25.52 -81.73
N PHE G 178 -6.66 -24.27 -81.73
CA PHE G 178 -5.94 -23.22 -82.41
C PHE G 178 -4.56 -23.01 -81.78
N LEU G 179 -4.50 -22.86 -80.46
CA LEU G 179 -3.26 -22.50 -79.81
C LEU G 179 -2.21 -23.59 -79.98
N GLU G 180 -2.58 -24.85 -79.79
CA GLU G 180 -1.61 -25.93 -79.93
C GLU G 180 -0.91 -25.85 -81.28
N LYS G 181 -1.68 -25.66 -82.35
CA LYS G 181 -1.09 -25.48 -83.66
C LYS G 181 -0.23 -24.22 -83.67
N LYS G 182 -0.71 -23.16 -83.00
CA LYS G 182 -0.01 -21.88 -83.06
C LYS G 182 1.27 -21.88 -82.24
N MET G 183 1.39 -22.76 -81.25
CA MET G 183 2.60 -22.88 -80.44
C MET G 183 3.15 -24.30 -80.45
N LYS G 184 3.04 -24.97 -81.60
CA LYS G 184 3.45 -26.37 -81.68
C LYS G 184 4.89 -26.56 -81.24
N ASN G 185 5.75 -25.56 -81.47
CA ASN G 185 7.16 -25.65 -81.12
C ASN G 185 7.52 -24.86 -79.87
N ASP G 186 6.51 -24.44 -79.11
CA ASP G 186 6.72 -23.70 -77.87
C ASP G 186 7.67 -22.51 -78.05
N PRO G 187 7.34 -21.57 -78.93
CA PRO G 187 8.15 -20.36 -79.05
C PRO G 187 7.92 -19.42 -77.88
N ALA G 188 8.83 -18.46 -77.75
CA ALA G 188 8.79 -17.47 -76.68
C ALA G 188 8.40 -16.13 -77.28
N PHE G 189 7.11 -15.82 -77.24
CA PHE G 189 6.58 -14.64 -77.90
C PHE G 189 7.05 -13.34 -77.24
N SER G 190 7.01 -12.27 -78.03
CA SER G 190 7.16 -10.92 -77.50
C SER G 190 5.81 -10.37 -77.11
N TYR G 191 5.85 -9.31 -76.30
CA TYR G 191 4.61 -8.65 -75.84
C TYR G 191 3.60 -8.49 -76.96
N GLU G 192 3.91 -7.66 -77.95
CA GLU G 192 2.95 -7.46 -79.02
C GLU G 192 2.61 -8.78 -79.69
N GLU G 193 3.60 -9.67 -79.82
CA GLU G 193 3.32 -10.97 -80.42
C GLU G 193 2.38 -11.77 -79.53
N THR G 194 2.58 -11.73 -78.21
CA THR G 194 1.64 -12.38 -77.30
C THR G 194 0.22 -11.91 -77.55
N VAL G 195 0.01 -10.59 -77.54
CA VAL G 195 -1.35 -10.09 -77.62
C VAL G 195 -1.95 -10.34 -78.98
N GLN G 196 -1.14 -10.22 -80.04
CA GLN G 196 -1.63 -10.56 -81.37
C GLN G 196 -2.08 -12.00 -81.43
N THR G 197 -1.29 -12.92 -80.85
CA THR G 197 -1.65 -14.32 -80.87
C THR G 197 -2.95 -14.57 -80.12
N ALA G 198 -3.10 -13.96 -78.94
CA ALA G 198 -4.32 -14.15 -78.17
C ALA G 198 -5.54 -13.62 -78.93
N ILE G 199 -5.43 -12.40 -79.47
CA ILE G 199 -6.56 -11.83 -80.17
C ILE G 199 -6.89 -12.64 -81.41
N SER G 200 -5.87 -13.16 -82.10
CA SER G 200 -6.14 -13.96 -83.29
C SER G 200 -6.82 -15.27 -82.92
N ALA G 201 -6.41 -15.88 -81.81
CA ALA G 201 -7.07 -17.10 -81.37
C ALA G 201 -8.53 -16.83 -81.08
N LEU G 202 -8.83 -15.72 -80.42
CA LEU G 202 -10.23 -15.41 -80.13
C LEU G 202 -11.00 -15.12 -81.41
N GLN G 203 -10.37 -14.42 -82.35
CA GLN G 203 -11.00 -14.21 -83.66
C GLN G 203 -11.35 -15.54 -84.29
N SER G 204 -10.38 -16.45 -84.39
CA SER G 204 -10.60 -17.71 -85.09
C SER G 204 -11.67 -18.53 -84.40
N VAL G 205 -11.64 -18.61 -83.07
CA VAL G 205 -12.71 -19.31 -82.36
C VAL G 205 -14.05 -18.70 -82.70
N LEU G 206 -14.17 -17.38 -82.60
CA LEU G 206 -15.44 -16.73 -82.89
C LEU G 206 -15.72 -16.70 -84.38
N GLN G 207 -14.67 -16.77 -85.21
CA GLN G 207 -14.80 -16.55 -86.66
C GLN G 207 -15.77 -15.41 -86.95
N GLU G 208 -15.76 -14.41 -86.08
CA GLU G 208 -16.58 -13.22 -86.23
C GLU G 208 -15.69 -11.99 -86.11
N ASP G 209 -15.76 -11.13 -87.12
CA ASP G 209 -14.97 -9.91 -87.09
C ASP G 209 -15.28 -9.11 -85.84
N PHE G 210 -14.25 -8.59 -85.19
CA PHE G 210 -14.44 -7.88 -83.94
C PHE G 210 -14.87 -6.44 -84.20
N LYS G 211 -15.68 -5.92 -83.28
CA LYS G 211 -15.95 -4.50 -83.20
C LYS G 211 -14.92 -3.79 -82.35
N ALA G 212 -13.97 -4.51 -81.76
CA ALA G 212 -12.85 -3.94 -81.03
C ALA G 212 -13.32 -3.36 -79.70
N THR G 213 -14.62 -3.37 -79.45
CA THR G 213 -15.18 -2.89 -78.20
C THR G 213 -16.01 -3.94 -77.51
N GLU G 214 -16.26 -5.07 -78.17
CA GLU G 214 -16.98 -6.18 -77.58
C GLU G 214 -16.04 -7.15 -76.89
N ILE G 215 -14.75 -6.81 -76.78
CA ILE G 215 -13.75 -7.62 -76.11
C ILE G 215 -13.04 -6.74 -75.10
N GLU G 216 -12.30 -7.39 -74.20
CA GLU G 216 -11.44 -6.70 -73.26
C GLU G 216 -10.21 -7.56 -73.00
N VAL G 217 -9.05 -6.92 -72.97
CA VAL G 217 -7.76 -7.60 -72.88
C VAL G 217 -6.91 -6.94 -71.82
N GLY G 218 -6.34 -7.73 -70.93
CA GLY G 218 -5.47 -7.22 -69.89
C GLY G 218 -4.12 -7.90 -69.93
N VAL G 219 -3.08 -7.13 -69.60
CA VAL G 219 -1.71 -7.60 -69.71
C VAL G 219 -0.92 -7.22 -68.48
N VAL G 220 0.13 -7.99 -68.22
CA VAL G 220 1.04 -7.75 -67.12
C VAL G 220 2.45 -7.90 -67.67
N GLN G 221 3.31 -6.93 -67.36
CA GLN G 221 4.61 -6.79 -68.00
C GLN G 221 5.73 -7.04 -67.02
N VAL G 222 6.78 -7.71 -67.48
CA VAL G 222 8.00 -7.81 -66.67
C VAL G 222 8.56 -6.42 -66.42
N ALA G 223 8.61 -5.59 -67.46
CA ALA G 223 9.04 -4.22 -67.33
C ALA G 223 8.02 -3.36 -66.58
N ASN G 224 6.83 -3.89 -66.34
CA ASN G 224 5.76 -3.17 -65.65
C ASN G 224 4.80 -4.18 -65.05
N PRO G 225 5.06 -4.68 -63.84
CA PRO G 225 4.27 -5.79 -63.29
C PRO G 225 2.84 -5.45 -62.93
N VAL G 226 2.44 -4.18 -62.95
CA VAL G 226 1.09 -3.83 -62.52
C VAL G 226 0.08 -4.40 -63.49
N PHE G 227 -1.03 -4.91 -62.97
CA PHE G 227 -2.11 -5.42 -63.80
C PHE G 227 -2.82 -4.26 -64.48
N ARG G 228 -3.01 -4.36 -65.79
CA ARG G 228 -3.53 -3.25 -66.57
C ARG G 228 -4.50 -3.79 -67.61
N SER G 229 -5.48 -2.99 -67.97
CA SER G 229 -6.39 -3.34 -69.05
C SER G 229 -6.11 -2.44 -70.25
N LEU G 230 -5.77 -3.04 -71.38
CA LEU G 230 -5.42 -2.26 -72.55
C LEU G 230 -6.55 -1.31 -72.92
N THR G 231 -6.20 -0.07 -73.26
CA THR G 231 -7.19 0.88 -73.73
C THR G 231 -7.67 0.49 -75.11
N THR G 232 -8.88 0.96 -75.46
CA THR G 232 -9.45 0.61 -76.74
C THR G 232 -8.55 1.02 -77.90
N GLU G 233 -7.72 2.04 -77.71
CA GLU G 233 -6.80 2.44 -78.76
C GLU G 233 -5.72 1.38 -79.00
N GLU G 234 -5.19 0.81 -77.92
CA GLU G 234 -4.21 -0.26 -78.09
C GLU G 234 -4.87 -1.51 -78.65
N ILE G 235 -6.12 -1.79 -78.27
CA ILE G 235 -6.85 -2.88 -78.87
C ILE G 235 -7.00 -2.65 -80.37
N ASP G 236 -7.31 -1.43 -80.77
CA ASP G 236 -7.40 -1.09 -82.19
C ASP G 236 -6.06 -1.28 -82.88
N GLU G 237 -4.99 -0.86 -82.22
CA GLU G 237 -3.65 -1.01 -82.80
C GLU G 237 -3.36 -2.48 -83.08
N HIS G 238 -3.61 -3.33 -82.09
CA HIS G 238 -3.37 -4.75 -82.26
C HIS G 238 -4.27 -5.35 -83.33
N LEU G 239 -5.54 -4.95 -83.36
CA LEU G 239 -6.46 -5.50 -84.35
C LEU G 239 -6.04 -5.12 -85.76
N THR G 240 -5.62 -3.87 -85.97
CA THR G 240 -5.16 -3.48 -87.29
C THR G 240 -3.85 -4.18 -87.64
N ALA G 241 -2.99 -4.39 -86.64
CA ALA G 241 -1.79 -5.18 -86.88
C ALA G 241 -2.13 -6.59 -87.32
N ILE G 242 -3.22 -7.15 -86.82
CA ILE G 242 -3.67 -8.45 -87.32
C ILE G 242 -4.23 -8.32 -88.73
N SER G 243 -5.01 -7.28 -88.97
CA SER G 243 -5.68 -7.15 -90.27
C SER G 243 -4.68 -6.98 -91.40
N GLU G 244 -3.62 -6.22 -91.17
CA GLU G 244 -2.66 -5.96 -92.24
C GLU G 244 -1.91 -7.21 -92.66
N ARG G 245 -2.01 -8.30 -91.91
CA ARG G 245 -1.37 -9.55 -92.28
C ARG G 245 -2.34 -10.50 -92.97
N SER H 4 -26.26 -25.29 -38.98
CA SER H 4 -25.00 -26.02 -38.64
C SER H 4 -25.32 -27.40 -38.05
N GLN H 5 -26.45 -28.00 -38.45
CA GLN H 5 -26.85 -29.34 -37.97
C GLN H 5 -26.60 -30.31 -39.12
N TYR H 6 -25.42 -30.26 -39.73
CA TYR H 6 -25.05 -31.22 -40.79
C TYR H 6 -24.25 -32.35 -40.10
N SER H 7 -24.78 -32.94 -39.03
CA SER H 7 -24.09 -33.99 -38.25
C SER H 7 -24.74 -35.35 -38.46
N PHE H 8 -25.19 -35.62 -39.67
CA PHE H 8 -25.76 -36.93 -40.01
C PHE H 8 -24.81 -37.58 -41.01
N SER H 9 -24.49 -38.85 -40.81
CA SER H 9 -23.46 -39.49 -41.66
C SER H 9 -23.98 -39.85 -43.04
N LEU H 10 -23.39 -39.27 -44.08
CA LEU H 10 -23.73 -39.63 -45.45
C LEU H 10 -23.15 -40.98 -45.85
N THR H 11 -22.40 -41.62 -44.96
CA THR H 11 -21.87 -42.97 -45.16
C THR H 11 -22.54 -43.88 -44.14
N THR H 12 -23.25 -44.89 -44.63
CA THR H 12 -24.01 -45.78 -43.77
C THR H 12 -23.86 -47.21 -44.25
N PHE H 13 -24.05 -48.15 -43.32
CA PHE H 13 -23.92 -49.56 -43.66
C PHE H 13 -25.10 -49.99 -44.52
N SER H 14 -24.80 -50.45 -45.73
CA SER H 14 -25.84 -50.99 -46.60
C SER H 14 -26.32 -52.32 -46.04
N PRO H 15 -27.49 -52.79 -46.46
CA PRO H 15 -28.03 -54.04 -45.91
C PRO H 15 -27.07 -55.20 -46.04
N SER H 16 -26.18 -55.18 -47.02
CA SER H 16 -25.18 -56.23 -47.17
C SER H 16 -24.06 -56.15 -46.16
N GLY H 17 -23.91 -55.02 -45.47
CA GLY H 17 -22.85 -54.83 -44.50
C GLY H 17 -21.74 -53.93 -44.98
N LYS H 18 -21.43 -53.95 -46.27
CA LYS H 18 -20.37 -53.10 -46.79
C LYS H 18 -20.88 -51.67 -46.96
N LEU H 19 -19.97 -50.71 -46.81
CA LEU H 19 -20.28 -49.30 -46.98
C LEU H 19 -20.28 -48.98 -48.46
N VAL H 20 -21.46 -48.73 -49.04
CA VAL H 20 -21.52 -48.49 -50.48
C VAL H 20 -20.67 -47.29 -50.85
N GLN H 21 -20.66 -46.27 -49.99
CA GLN H 21 -19.96 -45.04 -50.33
C GLN H 21 -18.46 -45.29 -50.48
N ILE H 22 -17.88 -46.10 -49.60
CA ILE H 22 -16.44 -46.38 -49.73
C ILE H 22 -16.17 -47.19 -50.99
N GLU H 23 -17.08 -48.09 -51.35
CA GLU H 23 -16.92 -48.79 -52.62
C GLU H 23 -16.84 -47.80 -53.77
N HIS H 24 -17.74 -46.81 -53.76
CA HIS H 24 -17.73 -45.81 -54.82
C HIS H 24 -16.45 -45.00 -54.79
N ALA H 25 -15.98 -44.63 -53.60
CA ALA H 25 -14.72 -43.91 -53.52
C ALA H 25 -13.59 -44.73 -54.12
N LEU H 26 -13.55 -46.03 -53.84
CA LEU H 26 -12.49 -46.86 -54.38
C LEU H 26 -12.61 -47.03 -55.88
N THR H 27 -13.83 -47.10 -56.42
CA THR H 27 -13.94 -47.08 -57.87
C THR H 27 -13.38 -45.79 -58.43
N ALA H 28 -13.66 -44.68 -57.76
CA ALA H 28 -13.08 -43.41 -58.20
C ALA H 28 -11.56 -43.48 -58.17
N VAL H 29 -11.01 -44.10 -57.14
CA VAL H 29 -9.56 -44.26 -57.08
C VAL H 29 -9.04 -45.07 -58.25
N GLY H 30 -9.71 -46.18 -58.56
CA GLY H 30 -9.24 -47.04 -59.63
C GLY H 30 -9.24 -46.37 -60.98
N SER H 31 -9.94 -45.25 -61.11
CA SER H 31 -9.96 -44.49 -62.35
C SER H 31 -8.87 -43.44 -62.43
N GLY H 32 -8.00 -43.34 -61.43
CA GLY H 32 -6.93 -42.38 -61.46
C GLY H 32 -5.73 -42.88 -62.22
N GLN H 33 -4.72 -42.02 -62.34
CA GLN H 33 -3.51 -42.40 -63.05
C GLN H 33 -2.65 -43.34 -62.22
N THR H 34 -2.07 -44.33 -62.88
CA THR H 34 -1.43 -45.42 -62.18
C THR H 34 -0.23 -44.95 -61.38
N SER H 35 -0.01 -45.58 -60.23
CA SER H 35 1.20 -45.35 -59.45
C SER H 35 1.49 -46.60 -58.66
N LEU H 36 2.77 -46.79 -58.35
CA LEU H 36 3.21 -48.00 -57.68
C LEU H 36 4.49 -47.70 -56.91
N GLY H 37 4.73 -48.51 -55.89
CA GLY H 37 5.90 -48.32 -55.05
C GLY H 37 6.57 -49.65 -54.78
N ILE H 38 7.91 -49.61 -54.82
CA ILE H 38 8.72 -50.80 -54.62
C ILE H 38 9.73 -50.49 -53.53
N LYS H 39 9.72 -51.27 -52.45
CA LYS H 39 10.77 -51.14 -51.45
C LYS H 39 11.84 -52.18 -51.71
N ALA H 40 13.08 -51.74 -51.65
CA ALA H 40 14.23 -52.59 -51.89
C ALA H 40 14.99 -52.81 -50.59
N ALA H 41 16.06 -53.58 -50.68
CA ALA H 41 16.85 -53.86 -49.49
C ALA H 41 17.38 -52.57 -48.87
N ASN H 42 17.70 -51.58 -49.69
CA ASN H 42 18.36 -50.37 -49.23
C ASN H 42 17.55 -49.10 -49.47
N GLY H 43 16.29 -49.20 -49.84
CA GLY H 43 15.49 -48.00 -50.03
C GLY H 43 14.14 -48.31 -50.63
N VAL H 44 13.47 -47.24 -51.06
CA VAL H 44 12.10 -47.30 -51.55
C VAL H 44 11.98 -46.38 -52.76
N VAL H 45 11.19 -46.82 -53.74
CA VAL H 45 10.90 -46.03 -54.93
C VAL H 45 9.40 -46.04 -55.16
N ILE H 46 8.87 -44.90 -55.58
CA ILE H 46 7.45 -44.76 -55.90
C ILE H 46 7.33 -43.93 -57.17
N ALA H 47 6.48 -44.38 -58.09
CA ALA H 47 6.39 -43.77 -59.40
C ALA H 47 4.94 -43.70 -59.83
N THR H 48 4.69 -42.89 -60.86
CA THR H 48 3.33 -42.61 -61.30
C THR H 48 3.38 -41.97 -62.67
N GLU H 49 2.42 -42.34 -63.51
CA GLU H 49 2.32 -41.71 -64.82
C GLU H 49 1.75 -40.30 -64.67
N LYS H 50 2.20 -39.39 -65.55
CA LYS H 50 1.84 -37.99 -65.47
C LYS H 50 1.36 -37.50 -66.84
N LYS H 51 0.49 -38.28 -67.48
CA LYS H 51 -0.08 -37.87 -68.75
C LYS H 51 -0.97 -36.65 -68.53
N LEU H 52 -0.88 -35.68 -69.42
CA LEU H 52 -1.49 -34.38 -69.24
C LEU H 52 -2.42 -34.05 -70.40
N PRO H 53 -3.42 -33.19 -70.17
CA PRO H 53 -4.45 -32.96 -71.19
C PRO H 53 -3.95 -32.20 -72.42
N SER H 54 -2.79 -31.57 -72.38
CA SER H 54 -2.30 -30.82 -73.53
C SER H 54 -0.80 -30.66 -73.42
N ILE H 55 -0.18 -30.28 -74.54
CA ILE H 55 1.25 -29.99 -74.53
C ILE H 55 1.52 -28.59 -74.01
N LEU H 56 0.51 -27.72 -74.01
CA LEU H 56 0.71 -26.33 -73.59
C LEU H 56 0.80 -26.18 -72.08
N VAL H 57 0.29 -27.14 -71.31
CA VAL H 57 0.40 -27.07 -69.86
C VAL H 57 1.87 -27.13 -69.46
N ASP H 58 2.22 -26.39 -68.41
CA ASP H 58 3.61 -26.26 -68.00
C ASP H 58 3.99 -27.48 -67.17
N GLU H 59 4.83 -28.34 -67.73
CA GLU H 59 5.16 -29.59 -67.06
C GLU H 59 5.64 -29.36 -65.64
N ALA H 60 6.59 -28.45 -65.45
CA ALA H 60 7.17 -28.24 -64.14
C ALA H 60 6.15 -27.77 -63.11
N SER H 61 5.07 -27.12 -63.56
CA SER H 61 4.07 -26.57 -62.67
C SER H 61 3.12 -27.63 -62.12
N VAL H 62 3.36 -28.90 -62.43
CA VAL H 62 2.51 -29.98 -61.94
C VAL H 62 3.35 -31.19 -61.57
N GLN H 63 3.61 -31.38 -60.28
CA GLN H 63 4.33 -32.53 -59.77
C GLN H 63 3.43 -33.31 -58.83
N LYS H 64 3.37 -34.63 -59.02
CA LYS H 64 2.49 -35.47 -58.23
C LYS H 64 3.17 -36.01 -56.99
N ILE H 65 4.43 -36.39 -57.09
CA ILE H 65 5.19 -36.89 -55.95
C ILE H 65 5.65 -35.72 -55.12
N GLN H 66 5.21 -35.67 -53.86
CA GLN H 66 5.59 -34.57 -52.98
C GLN H 66 5.77 -35.11 -51.58
N LEU H 67 6.74 -34.53 -50.87
CA LEU H 67 7.23 -35.13 -49.64
C LEU H 67 6.71 -34.40 -48.41
N LEU H 68 6.36 -35.19 -47.40
CA LEU H 68 5.76 -34.71 -46.17
C LEU H 68 6.77 -34.39 -45.09
N THR H 69 7.90 -35.07 -45.08
CA THR H 69 9.02 -34.73 -44.21
C THR H 69 10.28 -35.04 -44.99
N PRO H 70 11.41 -34.48 -44.59
CA PRO H 70 12.64 -34.69 -45.36
C PRO H 70 12.95 -36.15 -45.64
N ASN H 71 12.29 -37.09 -44.96
CA ASN H 71 12.53 -38.51 -45.18
C ASN H 71 11.25 -39.30 -45.44
N ILE H 72 10.16 -38.65 -45.84
CA ILE H 72 8.91 -39.34 -46.16
C ILE H 72 8.31 -38.68 -47.40
N GLY H 73 7.86 -39.48 -48.35
CA GLY H 73 7.26 -38.98 -49.56
C GLY H 73 5.90 -39.61 -49.81
N VAL H 74 5.13 -39.10 -50.75
CA VAL H 74 3.80 -39.63 -51.02
C VAL H 74 3.45 -39.47 -52.49
N VAL H 75 2.71 -40.44 -53.00
CA VAL H 75 2.07 -40.36 -54.31
C VAL H 75 0.61 -40.72 -54.09
N TYR H 76 -0.24 -40.23 -54.98
CA TYR H 76 -1.68 -40.42 -54.85
C TYR H 76 -2.24 -41.04 -56.11
N SER H 77 -3.36 -41.73 -55.97
CA SER H 77 -4.08 -42.28 -57.10
C SER H 77 -5.56 -41.99 -56.91
N GLY H 78 -6.16 -41.38 -57.93
CA GLY H 78 -7.52 -40.91 -57.85
C GLY H 78 -7.58 -39.41 -57.92
N MET H 79 -8.54 -38.79 -57.27
CA MET H 79 -8.71 -37.34 -57.35
C MET H 79 -7.54 -36.66 -56.67
N GLY H 80 -6.69 -36.00 -57.47
CA GLY H 80 -5.58 -35.24 -56.94
C GLY H 80 -5.96 -34.12 -55.99
N PRO H 81 -7.05 -33.41 -56.25
CA PRO H 81 -7.41 -32.29 -55.35
C PRO H 81 -7.53 -32.73 -53.91
N ASP H 82 -8.10 -33.90 -53.66
CA ASP H 82 -8.19 -34.41 -52.30
C ASP H 82 -6.80 -34.68 -51.73
N SER H 83 -5.90 -35.20 -52.56
CA SER H 83 -4.54 -35.46 -52.11
C SER H 83 -3.89 -34.20 -51.59
N ARG H 84 -4.19 -33.06 -52.21
CA ARG H 84 -3.56 -31.82 -51.78
C ARG H 84 -4.06 -31.37 -50.42
N VAL H 85 -5.23 -31.84 -50.00
CA VAL H 85 -5.69 -31.58 -48.64
C VAL H 85 -5.02 -32.55 -47.67
N LEU H 86 -4.97 -33.82 -48.05
CA LEU H 86 -4.38 -34.81 -47.16
C LEU H 86 -2.92 -34.49 -46.90
N VAL H 87 -2.20 -34.03 -47.92
CA VAL H 87 -0.77 -33.75 -47.75
C VAL H 87 -0.57 -32.58 -46.81
N ARG H 88 -1.41 -31.56 -46.92
CA ARG H 88 -1.31 -30.43 -45.99
C ARG H 88 -1.55 -30.89 -44.56
N LYS H 89 -2.59 -31.69 -44.36
CA LYS H 89 -2.88 -32.17 -43.00
C LYS H 89 -1.73 -33.00 -42.47
N SER H 90 -1.14 -33.85 -43.32
CA SER H 90 -0.05 -34.71 -42.89
C SER H 90 1.19 -33.89 -42.54
N ARG H 91 1.48 -32.85 -43.32
CA ARG H 91 2.60 -31.98 -42.97
C ARG H 91 2.36 -31.29 -41.64
N LYS H 92 1.13 -30.83 -41.40
CA LYS H 92 0.82 -30.21 -40.11
C LYS H 92 1.05 -31.19 -38.97
N GLN H 93 0.60 -32.43 -39.15
CA GLN H 93 0.76 -33.44 -38.10
C GLN H 93 2.22 -33.76 -37.85
N ALA H 94 3.02 -33.88 -38.91
CA ALA H 94 4.44 -34.13 -38.73
C ALA H 94 5.10 -33.00 -37.98
N GLU H 95 4.76 -31.75 -38.31
CA GLU H 95 5.36 -30.65 -37.58
C GLU H 95 4.90 -30.61 -36.13
N GLN H 96 3.66 -31.00 -35.86
CA GLN H 96 3.23 -31.07 -34.46
C GLN H 96 4.03 -32.10 -33.70
N TYR H 97 4.23 -33.28 -34.29
CA TYR H 97 5.04 -34.29 -33.64
C TYR H 97 6.45 -33.78 -33.40
N TYR H 98 7.02 -33.09 -34.39
CA TYR H 98 8.36 -32.56 -34.23
C TYR H 98 8.41 -31.55 -33.10
N LYS H 99 7.53 -30.54 -33.14
CA LYS H 99 7.53 -29.55 -32.08
C LYS H 99 7.44 -30.20 -30.72
N LEU H 100 6.64 -31.25 -30.59
CA LEU H 100 6.53 -31.88 -29.28
C LEU H 100 7.80 -32.62 -28.90
N TYR H 101 8.35 -33.44 -29.80
CA TYR H 101 9.44 -34.33 -29.46
C TYR H 101 10.79 -33.91 -30.02
N LYS H 102 10.85 -32.89 -30.85
CA LYS H 102 12.09 -32.47 -31.48
C LYS H 102 12.82 -33.68 -32.06
N GLU H 103 12.06 -34.51 -32.76
CA GLU H 103 12.60 -35.69 -33.39
C GLU H 103 11.73 -35.97 -34.61
N PRO H 104 12.31 -36.42 -35.72
CA PRO H 104 11.47 -36.71 -36.90
C PRO H 104 10.40 -37.72 -36.56
N ILE H 105 9.21 -37.49 -37.11
CA ILE H 105 8.09 -38.42 -36.90
C ILE H 105 8.39 -39.74 -37.60
N PRO H 106 8.24 -40.88 -36.94
CA PRO H 106 8.41 -42.15 -37.65
C PRO H 106 7.37 -42.32 -38.74
N VAL H 107 7.73 -43.05 -39.78
CA VAL H 107 6.81 -43.22 -40.90
C VAL H 107 5.49 -43.82 -40.44
N THR H 108 5.53 -44.87 -39.62
CA THR H 108 4.31 -45.54 -39.23
C THR H 108 3.37 -44.60 -38.51
N GLN H 109 3.92 -43.75 -37.65
CA GLN H 109 3.07 -42.80 -36.93
C GLN H 109 2.40 -41.84 -37.89
N LEU H 110 3.14 -41.35 -38.89
CA LEU H 110 2.52 -40.47 -39.87
C LEU H 110 1.42 -41.19 -40.62
N VAL H 111 1.63 -42.45 -40.98
CA VAL H 111 0.61 -43.19 -41.70
C VAL H 111 -0.63 -43.35 -40.83
N ARG H 112 -0.45 -43.67 -39.56
CA ARG H 112 -1.61 -43.77 -38.67
C ARG H 112 -2.37 -42.46 -38.60
N GLU H 113 -1.64 -41.36 -38.43
CA GLU H 113 -2.32 -40.08 -38.23
C GLU H 113 -2.98 -39.59 -39.51
N THR H 114 -2.49 -40.02 -40.67
CA THR H 114 -3.21 -39.75 -41.91
C THR H 114 -4.44 -40.63 -42.05
N ALA H 115 -4.31 -41.91 -41.67
CA ALA H 115 -5.42 -42.84 -41.81
C ALA H 115 -6.59 -42.42 -40.94
N ALA H 116 -6.31 -41.92 -39.74
CA ALA H 116 -7.38 -41.45 -38.88
C ALA H 116 -8.14 -40.32 -39.55
N VAL H 117 -7.42 -39.38 -40.18
CA VAL H 117 -8.06 -38.27 -40.86
C VAL H 117 -8.91 -38.77 -42.03
N MET H 118 -8.36 -39.67 -42.83
CA MET H 118 -9.14 -40.18 -43.95
C MET H 118 -10.39 -40.89 -43.47
N GLN H 119 -10.28 -41.62 -42.36
CA GLN H 119 -11.45 -42.29 -41.80
C GLN H 119 -12.49 -41.28 -41.36
N GLU H 120 -12.05 -40.22 -40.68
CA GLU H 120 -12.98 -39.27 -40.08
C GLU H 120 -13.97 -38.75 -41.11
N PHE H 121 -13.56 -38.67 -42.36
CA PHE H 121 -14.47 -38.27 -43.41
C PHE H 121 -15.36 -39.40 -43.88
N THR H 122 -15.13 -40.62 -43.40
CA THR H 122 -16.05 -41.72 -43.67
C THR H 122 -17.14 -41.84 -42.62
N GLN H 123 -17.05 -41.07 -41.53
CA GLN H 123 -18.07 -41.13 -40.51
C GLN H 123 -18.71 -39.78 -40.26
N SER H 124 -17.91 -38.73 -40.17
CA SER H 124 -18.47 -37.40 -39.91
C SER H 124 -19.50 -37.04 -40.96
N GLY H 125 -20.37 -36.11 -40.62
CA GLY H 125 -21.51 -35.84 -41.46
C GLY H 125 -21.31 -34.68 -42.40
N GLY H 126 -22.01 -34.74 -43.53
CA GLY H 126 -21.97 -33.68 -44.51
C GLY H 126 -20.75 -33.69 -45.41
N VAL H 127 -19.94 -34.74 -45.34
CA VAL H 127 -18.71 -34.81 -46.12
C VAL H 127 -18.63 -36.17 -46.79
N ARG H 128 -18.21 -36.18 -48.04
CA ARG H 128 -17.97 -37.43 -48.73
C ARG H 128 -16.56 -37.94 -48.40
N PRO H 129 -16.37 -39.24 -48.36
CA PRO H 129 -15.03 -39.77 -48.09
C PRO H 129 -14.02 -39.29 -49.12
N PHE H 130 -12.73 -39.26 -48.74
CA PHE H 130 -11.71 -38.93 -49.71
C PHE H 130 -11.75 -39.91 -50.86
N GLY H 131 -11.43 -39.43 -52.06
CA GLY H 131 -11.48 -40.27 -53.23
C GLY H 131 -10.11 -40.62 -53.77
N VAL H 132 -9.17 -40.94 -52.88
CA VAL H 132 -7.77 -41.06 -53.26
C VAL H 132 -7.05 -41.99 -52.29
N SER H 133 -6.14 -42.79 -52.83
CA SER H 133 -5.29 -43.67 -52.03
C SER H 133 -3.84 -43.24 -52.18
N LEU H 134 -3.09 -43.35 -51.09
CA LEU H 134 -1.73 -42.82 -51.04
C LEU H 134 -0.73 -43.95 -50.81
N LEU H 135 0.35 -43.94 -51.58
CA LEU H 135 1.50 -44.80 -51.30
C LEU H 135 2.56 -43.96 -50.61
N ILE H 136 2.56 -43.96 -49.29
CA ILE H 136 3.49 -43.18 -48.50
C ILE H 136 4.77 -43.98 -48.36
N ALA H 137 5.89 -43.38 -48.77
CA ALA H 137 7.19 -44.03 -48.76
C ALA H 137 8.15 -43.21 -47.92
N GLY H 138 9.10 -43.90 -47.29
CA GLY H 138 10.09 -43.22 -46.48
C GLY H 138 10.99 -44.21 -45.80
N PHE H 139 12.09 -43.70 -45.27
CA PHE H 139 13.10 -44.53 -44.62
C PHE H 139 13.21 -44.07 -43.19
N ASP H 140 13.33 -45.02 -42.27
CA ASP H 140 13.28 -44.72 -40.85
C ASP H 140 14.27 -45.59 -40.10
N GLU H 141 14.30 -45.43 -38.78
CA GLU H 141 15.21 -46.21 -37.95
C GLU H 141 15.03 -47.70 -38.16
N ASN H 142 13.80 -48.15 -38.41
CA ASN H 142 13.50 -49.56 -38.56
C ASN H 142 13.27 -49.93 -40.01
N GLY H 143 14.10 -49.37 -40.90
CA GLY H 143 14.20 -49.82 -42.26
C GLY H 143 13.29 -49.08 -43.21
N PRO H 144 13.46 -49.33 -44.50
CA PRO H 144 12.58 -48.71 -45.49
C PRO H 144 11.16 -49.20 -45.33
N GLN H 145 10.21 -48.31 -45.56
CA GLN H 145 8.81 -48.61 -45.34
C GLN H 145 7.96 -48.03 -46.46
N LEU H 146 7.03 -48.84 -46.96
CA LEU H 146 6.07 -48.39 -47.96
C LEU H 146 4.67 -48.75 -47.49
N TYR H 147 3.78 -47.77 -47.45
CA TYR H 147 2.44 -47.92 -46.91
C TYR H 147 1.43 -47.49 -47.94
N GLN H 148 0.29 -48.18 -47.99
CA GLN H 148 -0.85 -47.78 -48.80
C GLN H 148 -2.01 -47.43 -47.89
N VAL H 149 -2.64 -46.30 -48.14
CA VAL H 149 -3.79 -45.85 -47.38
C VAL H 149 -4.97 -45.71 -48.32
N ASP H 150 -6.10 -46.28 -47.96
CA ASP H 150 -7.31 -46.28 -48.77
C ASP H 150 -8.25 -45.17 -48.32
N PRO H 151 -9.27 -44.88 -49.12
CA PRO H 151 -10.32 -43.97 -48.65
C PRO H 151 -10.95 -44.43 -47.36
N SER H 152 -10.98 -45.75 -47.12
CA SER H 152 -11.55 -46.28 -45.90
C SER H 152 -10.73 -45.93 -44.67
N GLY H 153 -9.52 -45.40 -44.86
CA GLY H 153 -8.65 -45.14 -43.73
C GLY H 153 -7.83 -46.32 -43.30
N SER H 154 -8.07 -47.50 -43.85
CA SER H 154 -7.27 -48.65 -43.51
C SER H 154 -5.97 -48.64 -44.31
N TYR H 155 -4.88 -48.93 -43.62
CA TYR H 155 -3.57 -48.85 -44.23
C TYR H 155 -2.84 -50.17 -44.07
N PHE H 156 -1.93 -50.44 -44.99
CA PHE H 156 -1.16 -51.67 -44.97
C PHE H 156 0.28 -51.38 -45.35
N SER H 157 1.19 -52.20 -44.85
CA SER H 157 2.59 -52.13 -45.27
C SER H 157 2.84 -53.15 -46.37
N TRP H 158 3.28 -52.68 -47.52
CA TRP H 158 3.49 -53.52 -48.69
C TRP H 158 4.97 -53.55 -49.05
N LYS H 159 5.40 -54.68 -49.62
CA LYS H 159 6.69 -54.71 -50.28
C LYS H 159 6.62 -53.98 -51.62
N ALA H 160 5.52 -54.17 -52.33
CA ALA H 160 5.26 -53.42 -53.56
C ALA H 160 3.78 -53.49 -53.84
N SER H 161 3.25 -52.45 -54.48
CA SER H 161 1.84 -52.44 -54.85
C SER H 161 1.62 -51.33 -55.85
N ALA H 162 0.44 -51.34 -56.48
CA ALA H 162 0.09 -50.36 -57.49
C ALA H 162 -1.35 -49.91 -57.28
N MET H 163 -1.70 -48.80 -57.95
CA MET H 163 -3.02 -48.22 -57.81
C MET H 163 -3.47 -47.71 -59.16
N GLY H 164 -4.71 -47.22 -59.22
CA GLY H 164 -5.20 -46.54 -60.40
C GLY H 164 -5.51 -47.49 -61.55
N LYS H 165 -5.38 -46.96 -62.76
CA LYS H 165 -5.63 -47.75 -63.94
C LYS H 165 -4.62 -48.89 -64.04
N ASN H 166 -4.99 -49.94 -64.76
CA ASN H 166 -4.21 -51.16 -64.92
C ASN H 166 -3.62 -51.65 -63.60
N VAL H 167 -4.32 -51.46 -62.48
CA VAL H 167 -3.77 -51.88 -61.20
C VAL H 167 -3.52 -53.37 -61.19
N SER H 168 -4.47 -54.15 -61.73
CA SER H 168 -4.30 -55.59 -61.71
C SER H 168 -3.10 -56.03 -62.55
N ASN H 169 -2.93 -55.43 -63.72
CA ASN H 169 -1.80 -55.79 -64.57
C ASN H 169 -0.48 -55.46 -63.90
N ALA H 170 -0.38 -54.27 -63.31
CA ALA H 170 0.85 -53.90 -62.61
C ALA H 170 1.08 -54.81 -61.41
N LYS H 171 0.02 -55.21 -60.73
CA LYS H 171 0.18 -56.09 -59.57
C LYS H 171 0.72 -57.45 -59.99
N THR H 172 0.14 -58.03 -61.04
CA THR H 172 0.65 -59.30 -61.54
C THR H 172 2.10 -59.15 -62.00
N PHE H 173 2.39 -58.05 -62.69
CA PHE H 173 3.75 -57.82 -63.16
C PHE H 173 4.73 -57.75 -62.01
N LEU H 174 4.38 -57.03 -60.94
CA LEU H 174 5.26 -56.96 -59.78
C LEU H 174 5.42 -58.33 -59.12
N GLU H 175 4.34 -59.09 -59.02
CA GLU H 175 4.47 -60.42 -58.43
C GLU H 175 5.45 -61.27 -59.23
N LYS H 176 5.32 -61.25 -60.56
CA LYS H 176 6.18 -62.08 -61.39
C LYS H 176 7.57 -61.49 -61.57
N ARG H 177 7.80 -60.26 -61.15
CA ARG H 177 9.10 -59.64 -61.27
C ARG H 177 9.77 -59.34 -59.93
N TYR H 178 8.99 -59.10 -58.89
CA TYR H 178 9.56 -58.75 -57.60
C TYR H 178 10.36 -59.91 -57.02
N THR H 179 11.53 -59.61 -56.51
CA THR H 179 12.32 -60.57 -55.75
C THR H 179 12.82 -59.87 -54.50
N ASP H 180 12.68 -60.54 -53.36
CA ASP H 180 13.10 -59.94 -52.10
C ASP H 180 14.52 -59.41 -52.23
N ASP H 181 14.84 -58.43 -51.40
CA ASP H 181 16.19 -57.91 -51.26
C ASP H 181 16.83 -57.61 -52.62
N MET H 182 16.08 -56.99 -53.53
CA MET H 182 16.71 -56.46 -54.72
C MET H 182 17.46 -55.17 -54.38
N GLU H 183 18.00 -54.54 -55.40
CA GLU H 183 18.71 -53.28 -55.19
C GLU H 183 17.82 -52.11 -55.61
N LEU H 184 18.09 -50.94 -55.03
CA LEU H 184 17.25 -49.78 -55.30
C LEU H 184 17.32 -49.36 -56.76
N ASP H 185 18.49 -49.44 -57.38
CA ASP H 185 18.58 -49.15 -58.80
C ASP H 185 17.74 -50.13 -59.61
N ASP H 186 17.81 -51.41 -59.25
CA ASP H 186 16.98 -52.41 -59.93
C ASP H 186 15.52 -52.19 -59.64
N ALA H 187 15.17 -51.74 -58.43
CA ALA H 187 13.78 -51.43 -58.13
C ALA H 187 13.28 -50.28 -58.99
N VAL H 188 14.11 -49.25 -59.19
CA VAL H 188 13.73 -48.14 -60.06
C VAL H 188 13.57 -48.63 -61.49
N HIS H 189 14.48 -49.48 -61.95
CA HIS H 189 14.30 -50.11 -63.26
C HIS H 189 12.95 -50.79 -63.35
N THR H 190 12.61 -51.58 -62.32
CA THR H 190 11.39 -52.35 -62.35
C THR H 190 10.17 -51.44 -62.41
N ALA H 191 10.15 -50.40 -61.58
CA ALA H 191 9.01 -49.47 -61.59
C ALA H 191 8.89 -48.77 -62.93
N ILE H 192 10.02 -48.31 -63.48
CA ILE H 192 9.97 -47.58 -64.74
C ILE H 192 9.43 -48.47 -65.84
N LEU H 193 9.93 -49.70 -65.92
CA LEU H 193 9.47 -50.57 -67.00
C LEU H 193 8.06 -51.06 -66.75
N THR H 194 7.62 -51.11 -65.48
CA THR H 194 6.23 -51.44 -65.21
C THR H 194 5.29 -50.34 -65.70
N LEU H 195 5.66 -49.08 -65.48
CA LEU H 195 4.87 -47.99 -66.03
C LEU H 195 4.90 -48.02 -67.55
N LYS H 196 6.05 -48.34 -68.13
CA LYS H 196 6.17 -48.43 -69.58
C LYS H 196 5.27 -49.51 -70.14
N GLU H 197 5.20 -50.65 -69.47
CA GLU H 197 4.37 -51.76 -69.91
C GLU H 197 2.88 -51.44 -69.94
N GLY H 198 2.40 -50.59 -69.02
CA GLY H 198 0.99 -50.30 -68.93
C GLY H 198 0.56 -48.98 -69.51
N PHE H 199 1.39 -48.33 -70.31
CA PHE H 199 1.11 -46.99 -70.80
C PHE H 199 1.06 -47.00 -72.33
N GLU H 200 0.16 -46.19 -72.88
CA GLU H 200 -0.01 -46.09 -74.33
C GLU H 200 0.87 -45.00 -74.91
N GLY H 201 2.17 -45.28 -75.00
CA GLY H 201 3.10 -44.31 -75.54
C GLY H 201 4.50 -44.55 -75.04
N GLN H 202 5.34 -43.52 -75.17
CA GLN H 202 6.73 -43.60 -74.78
C GLN H 202 6.92 -42.96 -73.41
N ILE H 203 7.72 -43.60 -72.58
CA ILE H 203 8.00 -43.08 -71.24
C ILE H 203 9.23 -42.19 -71.29
N SER H 204 9.09 -40.96 -70.81
CA SER H 204 10.19 -40.03 -70.75
C SER H 204 10.11 -39.27 -69.44
N GLY H 205 11.24 -38.74 -69.01
CA GLY H 205 11.32 -38.10 -67.71
C GLY H 205 10.28 -37.01 -67.51
N LYS H 206 9.82 -36.40 -68.59
CA LYS H 206 8.78 -35.39 -68.50
C LYS H 206 7.39 -36.00 -68.46
N ASN H 207 7.27 -37.30 -68.72
CA ASN H 207 5.98 -37.98 -68.79
C ASN H 207 5.59 -38.70 -67.51
N ILE H 208 6.57 -39.15 -66.72
CA ILE H 208 6.33 -39.89 -65.49
C ILE H 208 7.00 -39.17 -64.34
N GLU H 209 6.78 -39.68 -63.13
CA GLU H 209 7.48 -39.20 -61.96
C GLU H 209 8.04 -40.37 -61.17
N ILE H 210 9.13 -40.12 -60.48
CA ILE H 210 9.82 -41.12 -59.70
C ILE H 210 10.33 -40.47 -58.42
N GLY H 211 10.26 -41.20 -57.33
CA GLY H 211 10.83 -40.74 -56.07
C GLY H 211 11.60 -41.87 -55.42
N ILE H 212 12.78 -41.55 -54.91
CA ILE H 212 13.63 -42.53 -54.24
C ILE H 212 14.09 -41.94 -52.92
N ILE H 213 14.41 -42.83 -51.99
CA ILE H 213 14.81 -42.46 -50.64
C ILE H 213 16.18 -43.04 -50.28
N GLY H 214 16.39 -44.31 -50.57
CA GLY H 214 17.68 -44.92 -50.32
C GLY H 214 18.13 -44.80 -48.87
N THR H 215 19.33 -45.28 -48.56
CA THR H 215 19.81 -45.25 -47.19
C THR H 215 20.08 -43.85 -46.68
N ASP H 216 20.10 -42.86 -47.56
CA ASP H 216 20.42 -41.50 -47.13
C ASP H 216 19.34 -40.92 -46.24
N LYS H 217 18.15 -41.51 -46.21
CA LYS H 217 17.02 -40.96 -45.47
C LYS H 217 16.72 -39.54 -45.92
N LYS H 218 16.84 -39.28 -47.21
CA LYS H 218 16.48 -37.99 -47.81
C LYS H 218 15.63 -38.29 -49.04
N PHE H 219 14.32 -38.05 -48.92
CA PHE H 219 13.43 -38.34 -50.04
C PHE H 219 13.62 -37.29 -51.12
N ARG H 220 13.99 -37.74 -52.32
CA ARG H 220 14.26 -36.84 -53.43
C ARG H 220 13.50 -37.32 -54.65
N VAL H 221 12.90 -36.38 -55.36
CA VAL H 221 12.14 -36.69 -56.57
C VAL H 221 13.05 -36.55 -57.78
N LEU H 222 13.11 -37.59 -58.59
CA LEU H 222 14.02 -37.60 -59.73
C LEU H 222 13.56 -36.59 -60.78
N THR H 223 14.47 -35.75 -61.22
CA THR H 223 14.18 -34.81 -62.29
C THR H 223 14.14 -35.53 -63.62
N PRO H 224 13.51 -34.94 -64.64
CA PRO H 224 13.45 -35.62 -65.94
C PRO H 224 14.81 -35.93 -66.52
N ALA H 225 15.81 -35.09 -66.24
CA ALA H 225 17.14 -35.33 -66.79
C ALA H 225 17.67 -36.69 -66.36
N GLU H 226 17.54 -37.03 -65.08
CA GLU H 226 18.05 -38.29 -64.57
C GLU H 226 17.04 -39.42 -64.64
N ILE H 227 15.75 -39.12 -64.73
CA ILE H 227 14.80 -40.16 -65.13
C ILE H 227 15.16 -40.68 -66.51
N ASP H 228 15.55 -39.78 -67.42
CA ASP H 228 15.97 -40.19 -68.74
C ASP H 228 17.22 -41.08 -68.69
N ASP H 229 18.14 -40.80 -67.77
CA ASP H 229 19.29 -41.68 -67.61
C ASP H 229 18.84 -43.05 -67.10
N TYR H 230 18.01 -43.07 -66.07
CA TYR H 230 17.55 -44.35 -65.53
C TYR H 230 16.88 -45.19 -66.60
N LEU H 231 15.95 -44.61 -67.36
CA LEU H 231 15.28 -45.40 -68.38
C LEU H 231 16.20 -45.76 -69.53
N GLY H 232 17.39 -45.17 -69.61
CA GLY H 232 18.35 -45.53 -70.62
C GLY H 232 19.00 -46.87 -70.34
N SER I 2 -31.72 -30.16 -46.37
CA SER I 2 -30.95 -31.35 -45.96
C SER I 2 -31.78 -32.19 -45.03
N ARG I 3 -32.89 -32.71 -45.53
CA ARG I 3 -33.72 -33.61 -44.74
C ARG I 3 -33.98 -34.88 -45.54
N ARG I 4 -33.96 -34.76 -46.86
CA ARG I 4 -34.12 -35.93 -47.71
C ARG I 4 -32.82 -36.72 -47.83
N TYR I 5 -31.71 -36.14 -47.40
CA TYR I 5 -30.43 -36.84 -47.43
C TYR I 5 -30.20 -37.62 -46.14
N ASP I 6 -30.84 -37.21 -45.05
CA ASP I 6 -30.61 -37.84 -43.75
C ASP I 6 -31.20 -39.24 -43.77
N SER I 7 -30.40 -40.23 -43.36
CA SER I 7 -30.87 -41.61 -43.33
C SER I 7 -31.38 -42.03 -41.96
N ARG I 8 -31.40 -41.13 -40.97
CA ARG I 8 -31.97 -41.42 -39.67
C ARG I 8 -31.36 -42.70 -39.10
N THR I 9 -30.07 -42.59 -38.77
CA THR I 9 -29.22 -43.75 -38.51
C THR I 9 -29.26 -44.24 -37.07
N THR I 10 -30.20 -43.78 -36.25
CA THR I 10 -30.33 -44.25 -34.87
C THR I 10 -31.79 -44.40 -34.49
N ILE I 11 -32.60 -44.96 -35.37
CA ILE I 11 -34.04 -45.06 -35.18
C ILE I 11 -34.45 -46.51 -35.13
N PHE I 12 -35.38 -46.82 -34.23
CA PHE I 12 -35.87 -48.18 -34.11
C PHE I 12 -36.63 -48.57 -35.37
N SER I 13 -36.42 -49.80 -35.81
CA SER I 13 -37.20 -50.37 -36.89
C SER I 13 -38.57 -50.80 -36.39
N PRO I 14 -39.47 -51.19 -37.28
CA PRO I 14 -40.78 -51.67 -36.82
C PRO I 14 -40.70 -52.90 -35.95
N GLU I 15 -39.59 -53.62 -35.96
CA GLU I 15 -39.44 -54.82 -35.16
C GLU I 15 -38.77 -54.57 -33.81
N GLY I 16 -38.43 -53.33 -33.50
CA GLY I 16 -37.69 -53.01 -32.30
C GLY I 16 -36.19 -53.00 -32.45
N ARG I 17 -35.67 -53.38 -33.62
CA ARG I 17 -34.23 -53.48 -33.80
C ARG I 17 -33.69 -52.28 -34.57
N LEU I 18 -32.43 -51.97 -34.32
CA LEU I 18 -31.79 -50.79 -34.89
C LEU I 18 -31.19 -51.13 -36.25
N TYR I 19 -31.92 -50.78 -37.32
CA TYR I 19 -31.52 -51.20 -38.66
C TYR I 19 -30.01 -51.20 -38.82
N GLN I 20 -29.37 -50.08 -38.50
CA GLN I 20 -27.96 -49.92 -38.86
C GLN I 20 -27.08 -50.91 -38.13
N VAL I 21 -27.43 -51.26 -36.90
CA VAL I 21 -26.61 -52.20 -36.13
C VAL I 21 -26.69 -53.59 -36.72
N GLU I 22 -27.88 -54.04 -37.09
CA GLU I 22 -27.98 -55.35 -37.75
C GLU I 22 -27.40 -55.34 -39.15
N TYR I 23 -26.98 -54.18 -39.64
CA TYR I 23 -26.15 -54.16 -40.84
C TYR I 23 -24.67 -54.16 -40.49
N ALA I 24 -24.30 -53.50 -39.39
CA ALA I 24 -22.94 -53.62 -38.90
C ALA I 24 -22.61 -55.07 -38.59
N MET I 25 -23.60 -55.83 -38.13
CA MET I 25 -23.37 -57.24 -37.85
C MET I 25 -22.99 -57.98 -39.12
N GLU I 26 -23.70 -57.72 -40.21
CA GLU I 26 -23.33 -58.33 -41.48
C GLU I 26 -21.94 -57.89 -41.89
N ALA I 27 -21.62 -56.62 -41.68
CA ALA I 27 -20.30 -56.13 -42.06
C ALA I 27 -19.21 -56.88 -41.31
N ILE I 28 -19.37 -57.03 -40.00
CA ILE I 28 -18.35 -57.68 -39.19
C ILE I 28 -18.25 -59.15 -39.55
N GLY I 29 -19.37 -59.85 -39.54
CA GLY I 29 -19.32 -61.28 -39.77
C GLY I 29 -18.57 -61.67 -41.02
N ASN I 30 -18.50 -60.78 -42.00
CA ASN I 30 -17.83 -61.07 -43.25
C ASN I 30 -16.34 -60.75 -43.22
N ALA I 31 -15.84 -60.19 -42.12
CA ALA I 31 -14.43 -59.85 -42.04
C ALA I 31 -13.62 -61.05 -41.56
N GLY I 32 -12.35 -60.80 -41.27
CA GLY I 32 -11.49 -61.87 -40.77
C GLY I 32 -12.04 -62.44 -39.48
N SER I 33 -11.74 -63.71 -39.23
CA SER I 33 -12.25 -64.40 -38.05
C SER I 33 -11.17 -64.51 -36.98
N ALA I 34 -11.57 -64.25 -35.75
CA ALA I 34 -10.69 -64.39 -34.59
C ALA I 34 -11.46 -65.15 -33.52
N ILE I 35 -10.74 -65.94 -32.73
CA ILE I 35 -11.35 -66.69 -31.65
C ILE I 35 -10.52 -66.53 -30.39
N GLY I 36 -11.16 -66.69 -29.26
CA GLY I 36 -10.50 -66.52 -27.98
C GLY I 36 -10.86 -67.63 -27.03
N ILE I 37 -9.89 -68.03 -26.21
CA ILE I 37 -10.01 -69.17 -25.32
C ILE I 37 -9.54 -68.74 -23.95
N LEU I 38 -10.20 -69.21 -22.91
CA LEU I 38 -9.81 -68.87 -21.54
C LEU I 38 -9.33 -70.13 -20.83
N ALA I 39 -8.02 -70.22 -20.64
CA ALA I 39 -7.43 -71.24 -19.78
C ALA I 39 -7.07 -70.61 -18.44
N LYS I 40 -7.34 -71.34 -17.35
CA LYS I 40 -7.11 -70.73 -16.05
C LYS I 40 -5.67 -70.31 -15.86
N ASP I 41 -4.74 -70.88 -16.62
CA ASP I 41 -3.36 -70.43 -16.59
C ASP I 41 -3.15 -69.19 -17.45
N GLY I 42 -4.06 -68.88 -18.35
CA GLY I 42 -3.92 -67.74 -19.24
C GLY I 42 -4.96 -67.81 -20.34
N VAL I 43 -4.98 -66.74 -21.13
CA VAL I 43 -5.99 -66.55 -22.17
C VAL I 43 -5.27 -66.35 -23.50
N VAL I 44 -5.78 -66.96 -24.55
CA VAL I 44 -5.12 -66.98 -25.85
C VAL I 44 -6.07 -66.42 -26.91
N LEU I 45 -5.54 -65.53 -27.74
CA LEU I 45 -6.27 -64.93 -28.85
C LEU I 45 -5.62 -65.36 -30.14
N ILE I 46 -6.41 -65.83 -31.09
CA ILE I 46 -5.90 -66.24 -32.39
C ILE I 46 -6.87 -65.76 -33.46
N GLY I 47 -6.32 -65.12 -34.49
CA GLY I 47 -7.15 -64.61 -35.56
C GLY I 47 -6.42 -64.64 -36.88
N GLU I 48 -7.19 -64.76 -37.95
CA GLU I 48 -6.65 -64.90 -39.29
C GLU I 48 -6.90 -63.61 -40.06
N LYS I 49 -5.92 -63.20 -40.86
CA LYS I 49 -5.98 -61.93 -41.55
C LYS I 49 -6.87 -62.03 -42.78
N LYS I 50 -7.77 -61.05 -42.92
CA LYS I 50 -8.62 -61.01 -44.11
C LYS I 50 -7.78 -60.81 -45.37
N VAL I 51 -6.83 -59.89 -45.31
CA VAL I 51 -6.05 -59.52 -46.50
C VAL I 51 -4.71 -60.24 -46.45
N THR I 52 -4.33 -60.81 -47.59
CA THR I 52 -3.06 -61.50 -47.71
C THR I 52 -2.68 -61.56 -49.18
N SER I 53 -1.45 -61.17 -49.48
CA SER I 53 -0.94 -61.20 -50.84
C SER I 53 0.55 -61.50 -50.79
N LYS I 54 1.08 -61.97 -51.91
CA LYS I 54 2.49 -62.38 -51.95
C LYS I 54 3.43 -61.19 -51.78
N LEU I 55 2.91 -59.97 -51.85
CA LEU I 55 3.73 -58.77 -51.78
C LEU I 55 3.58 -58.02 -50.47
N LEU I 56 2.59 -58.36 -49.65
CA LEU I 56 2.47 -57.71 -48.36
C LEU I 56 3.75 -57.86 -47.56
N GLN I 57 3.86 -57.09 -46.48
CA GLN I 57 5.07 -57.13 -45.68
C GLN I 57 5.20 -58.44 -44.93
N THR I 58 4.12 -58.92 -44.32
CA THR I 58 4.11 -60.22 -43.66
C THR I 58 4.88 -60.21 -42.34
N SER I 59 5.55 -59.11 -42.02
CA SER I 59 6.18 -58.95 -40.73
C SER I 59 5.44 -58.00 -39.82
N THR I 60 4.27 -57.50 -40.25
CA THR I 60 3.46 -56.62 -39.42
C THR I 60 2.87 -57.43 -38.27
N SER I 61 3.40 -57.22 -37.06
CA SER I 61 3.00 -58.05 -35.93
C SER I 61 1.54 -57.84 -35.55
N THR I 62 1.00 -56.65 -35.81
CA THR I 62 -0.36 -56.32 -35.40
C THR I 62 -1.14 -55.81 -36.60
N GLU I 63 -2.05 -56.65 -37.11
CA GLU I 63 -3.06 -56.22 -38.06
C GLU I 63 -4.44 -56.68 -37.59
N LYS I 64 -4.45 -57.74 -36.78
CA LYS I 64 -5.69 -58.32 -36.28
C LYS I 64 -5.88 -58.13 -34.78
N MET I 65 -4.82 -57.82 -34.04
CA MET I 65 -4.91 -57.76 -32.59
C MET I 65 -3.89 -56.79 -32.04
N TYR I 66 -4.31 -56.00 -31.06
CA TYR I 66 -3.58 -54.83 -30.63
C TYR I 66 -3.38 -54.87 -29.12
N LYS I 67 -2.56 -53.95 -28.63
CA LYS I 67 -2.29 -53.85 -27.21
C LYS I 67 -2.92 -52.58 -26.66
N ILE I 68 -3.67 -52.72 -25.56
CA ILE I 68 -4.35 -51.59 -24.95
C ILE I 68 -3.70 -51.16 -23.64
N ASP I 69 -3.11 -52.08 -22.88
CA ASP I 69 -2.28 -51.72 -21.75
C ASP I 69 -1.42 -52.92 -21.42
N ASP I 70 -0.53 -52.76 -20.44
CA ASP I 70 0.37 -53.85 -20.10
C ASP I 70 -0.41 -55.12 -19.76
N HIS I 71 -1.63 -54.98 -19.25
CA HIS I 71 -2.41 -56.11 -18.78
C HIS I 71 -3.63 -56.43 -19.63
N VAL I 72 -3.79 -55.79 -20.79
CA VAL I 72 -4.95 -56.03 -21.63
C VAL I 72 -4.52 -55.98 -23.09
N ALA I 73 -5.15 -56.81 -23.90
CA ALA I 73 -4.96 -56.80 -25.35
C ALA I 73 -6.25 -57.26 -25.98
N CYS I 74 -6.43 -56.94 -27.26
CA CYS I 74 -7.70 -57.22 -27.91
C CYS I 74 -7.47 -57.62 -29.36
N ALA I 75 -8.34 -58.50 -29.84
CA ALA I 75 -8.39 -58.89 -31.24
C ALA I 75 -9.68 -58.36 -31.83
N VAL I 76 -9.58 -57.77 -33.02
CA VAL I 76 -10.64 -56.96 -33.60
C VAL I 76 -11.07 -57.55 -34.93
N ALA I 77 -12.36 -57.59 -35.17
CA ALA I 77 -12.92 -58.00 -36.44
C ALA I 77 -13.83 -56.90 -36.98
N GLY I 78 -13.62 -56.54 -38.24
CA GLY I 78 -14.44 -55.53 -38.87
C GLY I 78 -13.68 -54.37 -39.46
N ILE I 79 -14.32 -53.20 -39.53
CA ILE I 79 -13.73 -52.02 -40.13
C ILE I 79 -12.39 -51.75 -39.46
N MET I 80 -11.31 -51.75 -40.24
CA MET I 80 -9.99 -51.58 -39.66
C MET I 80 -9.79 -50.16 -39.11
N SER I 81 -10.23 -49.16 -39.86
CA SER I 81 -10.01 -47.78 -39.42
C SER I 81 -10.78 -47.48 -38.15
N ASP I 82 -12.03 -47.89 -38.10
CA ASP I 82 -12.82 -47.69 -36.89
C ASP I 82 -12.20 -48.41 -35.72
N ALA I 83 -11.70 -49.62 -35.97
CA ALA I 83 -11.01 -50.37 -34.93
C ALA I 83 -9.83 -49.57 -34.39
N ASN I 84 -9.04 -48.96 -35.28
CA ASN I 84 -7.88 -48.20 -34.82
C ASN I 84 -8.30 -47.01 -33.97
N ILE I 85 -9.28 -46.25 -34.44
CA ILE I 85 -9.74 -45.10 -33.66
C ILE I 85 -10.22 -45.56 -32.29
N LEU I 86 -10.99 -46.63 -32.27
CA LEU I 86 -11.67 -47.00 -31.04
C LEU I 86 -10.70 -47.64 -30.06
N ILE I 87 -9.70 -48.37 -30.56
CA ILE I 87 -8.64 -48.89 -29.71
C ILE I 87 -7.83 -47.76 -29.11
N ASN I 88 -7.58 -46.71 -29.90
CA ASN I 88 -6.89 -45.57 -29.32
C ASN I 88 -7.70 -44.96 -28.19
N THR I 89 -9.01 -44.85 -28.39
CA THR I 89 -9.86 -44.38 -27.31
C THR I 89 -9.73 -45.26 -26.08
N ALA I 90 -9.77 -46.58 -26.26
CA ALA I 90 -9.64 -47.49 -25.13
C ALA I 90 -8.32 -47.30 -24.41
N ARG I 91 -7.24 -47.15 -25.16
CA ARG I 91 -5.94 -46.91 -24.54
C ARG I 91 -5.98 -45.68 -23.66
N VAL I 92 -6.52 -44.59 -24.20
CA VAL I 92 -6.53 -43.34 -23.45
C VAL I 92 -7.41 -43.49 -22.21
N GLN I 93 -8.49 -44.25 -22.31
CA GLN I 93 -9.36 -44.42 -21.15
C GLN I 93 -8.66 -45.22 -20.06
N ALA I 94 -8.01 -46.32 -20.42
CA ALA I 94 -7.28 -47.09 -19.41
C ALA I 94 -6.21 -46.24 -18.76
N GLN I 95 -5.54 -45.39 -19.55
CA GLN I 95 -4.51 -44.54 -18.97
C GLN I 95 -5.10 -43.46 -18.08
N ARG I 96 -6.28 -42.92 -18.41
CA ARG I 96 -6.87 -41.96 -17.47
C ARG I 96 -7.28 -42.64 -16.17
N TYR I 97 -7.82 -43.86 -16.25
CA TYR I 97 -8.14 -44.57 -15.01
C TYR I 97 -6.89 -44.74 -14.16
N THR I 98 -5.82 -45.26 -14.77
CA THR I 98 -4.60 -45.46 -14.01
C THR I 98 -4.08 -44.14 -13.45
N PHE I 99 -4.14 -43.07 -14.24
CA PHE I 99 -3.70 -41.77 -13.75
C PHE I 99 -4.47 -41.37 -12.51
N SER I 100 -5.77 -41.58 -12.51
CA SER I 100 -6.58 -41.13 -11.39
C SER I 100 -6.35 -41.99 -10.16
N TYR I 101 -6.33 -43.31 -10.33
CA TYR I 101 -6.25 -44.24 -9.22
C TYR I 101 -4.87 -44.88 -9.02
N GLN I 102 -3.93 -44.65 -9.92
CA GLN I 102 -2.60 -45.24 -9.81
C GLN I 102 -2.65 -46.74 -9.73
N GLU I 103 -3.58 -47.37 -10.43
CA GLU I 103 -3.68 -48.82 -10.50
C GLU I 103 -4.12 -49.21 -11.90
N PRO I 104 -3.80 -50.42 -12.33
CA PRO I 104 -4.30 -50.89 -13.63
C PRO I 104 -5.82 -50.86 -13.64
N MET I 105 -6.38 -50.47 -14.77
CA MET I 105 -7.83 -50.40 -14.87
C MET I 105 -8.37 -51.80 -15.07
N PRO I 106 -9.26 -52.29 -14.21
CA PRO I 106 -9.74 -53.66 -14.37
C PRO I 106 -10.34 -53.88 -15.74
N VAL I 107 -10.12 -55.07 -16.28
CA VAL I 107 -10.53 -55.33 -17.66
C VAL I 107 -12.01 -55.06 -17.85
N GLU I 108 -12.82 -55.47 -16.87
CA GLU I 108 -14.26 -55.26 -16.99
C GLU I 108 -14.58 -53.79 -17.19
N GLN I 109 -13.95 -52.91 -16.40
CA GLN I 109 -14.23 -51.49 -16.52
C GLN I 109 -13.88 -50.98 -17.90
N LEU I 110 -12.74 -51.41 -18.43
CA LEU I 110 -12.31 -50.94 -19.74
C LEU I 110 -13.28 -51.39 -20.81
N VAL I 111 -13.75 -52.63 -20.73
CA VAL I 111 -14.74 -53.10 -21.69
C VAL I 111 -16.01 -52.28 -21.57
N GLN I 112 -16.45 -52.01 -20.34
CA GLN I 112 -17.65 -51.19 -20.17
C GLN I 112 -17.48 -49.83 -20.82
N SER I 113 -16.35 -49.18 -20.57
CA SER I 113 -16.16 -47.84 -21.09
C SER I 113 -16.17 -47.83 -22.61
N LEU I 114 -15.44 -48.77 -23.21
CA LEU I 114 -15.43 -48.81 -24.67
C LEU I 114 -16.81 -49.12 -25.23
N CYS I 115 -17.54 -50.01 -24.59
CA CYS I 115 -18.87 -50.33 -25.09
C CYS I 115 -19.81 -49.14 -24.93
N ASP I 116 -19.65 -48.36 -23.87
CA ASP I 116 -20.47 -47.17 -23.73
C ASP I 116 -20.15 -46.16 -24.81
N THR I 117 -18.87 -46.05 -25.18
CA THR I 117 -18.52 -45.21 -26.33
C THR I 117 -19.16 -45.71 -27.60
N LYS I 118 -19.20 -47.03 -27.80
CA LYS I 118 -19.88 -47.57 -28.97
C LYS I 118 -21.36 -47.25 -28.95
N GLN I 119 -21.99 -47.40 -27.78
CA GLN I 119 -23.44 -47.27 -27.67
C GLN I 119 -23.88 -45.82 -27.80
N GLY I 120 -23.03 -44.88 -27.39
CA GLY I 120 -23.36 -43.49 -27.63
C GLY I 120 -23.67 -43.23 -29.08
N TYR I 121 -22.89 -43.83 -29.98
CA TYR I 121 -23.08 -43.57 -31.41
C TYR I 121 -24.37 -44.19 -31.92
N THR I 122 -24.88 -45.21 -31.23
CA THR I 122 -26.12 -45.85 -31.63
C THR I 122 -27.31 -45.40 -30.83
N GLN I 123 -27.15 -44.43 -29.94
CA GLN I 123 -28.32 -43.83 -29.29
C GLN I 123 -28.67 -42.47 -29.83
N PHE I 124 -27.70 -41.65 -30.23
CA PHE I 124 -27.98 -40.30 -30.65
C PHE I 124 -26.86 -39.75 -31.52
N GLY I 125 -27.14 -38.61 -32.13
CA GLY I 125 -26.17 -37.91 -32.93
C GLY I 125 -26.33 -38.07 -34.43
N GLY I 126 -27.05 -39.09 -34.87
CA GLY I 126 -27.26 -39.27 -36.29
C GLY I 126 -26.02 -39.66 -37.07
N LEU I 127 -25.03 -40.24 -36.42
CA LEU I 127 -23.86 -40.81 -37.09
C LEU I 127 -23.97 -42.32 -37.15
N ARG I 128 -23.19 -42.92 -38.05
CA ARG I 128 -23.20 -44.37 -38.17
C ARG I 128 -22.40 -45.00 -37.03
N PRO I 129 -22.85 -46.12 -36.49
CA PRO I 129 -22.09 -46.77 -35.41
C PRO I 129 -20.82 -47.39 -35.93
N PHE I 130 -19.85 -47.53 -35.02
CA PHE I 130 -18.60 -48.18 -35.38
C PHE I 130 -18.86 -49.62 -35.81
N GLY I 131 -18.29 -49.99 -36.95
CA GLY I 131 -18.51 -51.32 -37.49
C GLY I 131 -17.46 -52.30 -37.03
N VAL I 132 -17.36 -52.52 -35.72
CA VAL I 132 -16.29 -53.32 -35.13
C VAL I 132 -16.89 -54.30 -34.13
N SER I 133 -16.14 -55.34 -33.82
CA SER I 133 -16.44 -56.24 -32.71
C SER I 133 -15.13 -56.75 -32.15
N PHE I 134 -15.08 -56.91 -30.83
CA PHE I 134 -13.81 -57.06 -30.11
C PHE I 134 -13.78 -58.36 -29.31
N LEU I 135 -12.57 -58.82 -29.04
CA LEU I 135 -12.28 -59.72 -27.93
C LEU I 135 -11.27 -59.03 -27.04
N PHE I 136 -11.51 -59.04 -25.74
CA PHE I 136 -10.60 -58.44 -24.77
C PHE I 136 -10.05 -59.53 -23.87
N ALA I 137 -8.76 -59.48 -23.60
CA ALA I 137 -8.10 -60.43 -22.73
C ALA I 137 -7.23 -59.67 -21.75
N GLY I 138 -7.29 -60.04 -20.48
CA GLY I 138 -6.50 -59.33 -19.49
C GLY I 138 -6.59 -59.99 -18.13
N TRP I 139 -5.77 -59.49 -17.22
CA TRP I 139 -5.70 -60.04 -15.87
C TRP I 139 -5.88 -58.94 -14.85
N ASP I 140 -6.66 -59.24 -13.82
CA ASP I 140 -7.04 -58.30 -12.79
C ASP I 140 -6.83 -58.93 -11.42
N LYS I 141 -6.49 -58.09 -10.44
CA LYS I 141 -6.48 -58.56 -9.07
C LYS I 141 -7.88 -58.88 -8.59
N ASN I 142 -8.91 -58.49 -9.34
CA ASN I 142 -10.29 -58.75 -8.97
C ASN I 142 -10.76 -60.13 -9.41
N TYR I 143 -10.78 -60.39 -10.72
CA TYR I 143 -11.30 -61.63 -11.26
C TYR I 143 -10.27 -62.41 -12.05
N GLY I 144 -8.99 -62.11 -11.91
CA GLY I 144 -7.99 -62.88 -12.62
C GLY I 144 -8.19 -62.77 -14.11
N PHE I 145 -7.81 -63.81 -14.84
CA PHE I 145 -7.90 -63.77 -16.29
C PHE I 145 -9.35 -63.65 -16.72
N GLN I 146 -9.60 -62.78 -17.70
CA GLN I 146 -10.93 -62.53 -18.21
C GLN I 146 -10.89 -62.45 -19.73
N LEU I 147 -12.01 -62.78 -20.36
CA LEU I 147 -12.14 -62.69 -21.81
C LEU I 147 -13.54 -62.20 -22.14
N TYR I 148 -13.62 -61.10 -22.89
CA TYR I 148 -14.87 -60.44 -23.18
C TYR I 148 -15.02 -60.25 -24.68
N MET I 149 -16.27 -60.21 -25.14
CA MET I 149 -16.58 -59.95 -26.53
C MET I 149 -17.66 -58.89 -26.62
N SER I 150 -17.48 -57.92 -27.51
CA SER I 150 -18.39 -56.78 -27.60
C SER I 150 -18.83 -56.56 -29.04
N ASP I 151 -20.04 -56.04 -29.19
CA ASP I 151 -20.65 -55.82 -30.49
C ASP I 151 -20.45 -54.37 -30.92
N PRO I 152 -20.84 -54.05 -32.15
CA PRO I 152 -21.04 -52.64 -32.49
C PRO I 152 -22.20 -52.02 -31.75
N SER I 153 -23.06 -52.84 -31.13
CA SER I 153 -24.21 -52.31 -30.41
C SER I 153 -23.82 -51.80 -29.03
N GLY I 154 -22.68 -52.22 -28.51
CA GLY I 154 -22.33 -51.95 -27.14
C GLY I 154 -22.60 -53.09 -26.19
N ASN I 155 -23.32 -54.12 -26.61
CA ASN I 155 -23.50 -55.28 -25.77
C ASN I 155 -22.22 -56.09 -25.71
N TYR I 156 -21.82 -56.46 -24.50
CA TYR I 156 -20.62 -57.23 -24.27
C TYR I 156 -20.90 -58.26 -23.20
N GLY I 157 -19.99 -59.20 -23.04
CA GLY I 157 -20.16 -60.20 -22.00
C GLY I 157 -18.91 -61.03 -21.80
N GLY I 158 -18.80 -61.61 -20.62
CA GLY I 158 -17.70 -62.51 -20.34
C GLY I 158 -17.89 -63.84 -21.04
N TRP I 159 -16.79 -64.47 -21.40
CA TRP I 159 -16.83 -65.71 -22.15
C TRP I 159 -15.64 -66.59 -21.79
N LYS I 160 -15.90 -67.88 -21.68
CA LYS I 160 -14.82 -68.85 -21.56
C LYS I 160 -14.15 -69.07 -22.91
N ALA I 161 -14.93 -69.17 -23.97
CA ALA I 161 -14.40 -69.27 -25.33
C ALA I 161 -15.39 -68.63 -26.29
N THR I 162 -14.87 -67.94 -27.29
CA THR I 162 -15.73 -67.19 -28.19
C THR I 162 -15.09 -67.17 -29.57
N ALA I 163 -15.91 -66.84 -30.57
CA ALA I 163 -15.44 -66.66 -31.93
C ALA I 163 -16.25 -65.55 -32.57
N ILE I 164 -15.56 -64.70 -33.33
CA ILE I 164 -16.18 -63.58 -34.02
C ILE I 164 -15.74 -63.59 -35.47
N GLY I 165 -16.35 -62.70 -36.26
CA GLY I 165 -15.97 -62.59 -37.65
C GLY I 165 -16.54 -63.72 -38.48
N ALA I 166 -15.80 -64.10 -39.52
CA ALA I 166 -16.28 -65.07 -40.48
C ALA I 166 -16.61 -66.40 -39.80
N ASN I 167 -17.71 -67.00 -40.24
CA ASN I 167 -18.09 -68.35 -39.83
C ASN I 167 -18.16 -68.49 -38.32
N ASN I 168 -18.61 -67.43 -37.65
CA ASN I 168 -18.57 -67.42 -36.19
C ASN I 168 -19.55 -68.39 -35.57
N GLN I 169 -20.65 -68.72 -36.26
CA GLN I 169 -21.55 -69.73 -35.72
C GLN I 169 -20.90 -71.11 -35.74
N ALA I 170 -20.25 -71.45 -36.84
CA ALA I 170 -19.55 -72.73 -36.91
C ALA I 170 -18.42 -72.80 -35.89
N ALA I 171 -17.66 -71.71 -35.76
CA ALA I 171 -16.61 -71.68 -34.75
C ALA I 171 -17.19 -71.82 -33.35
N GLN I 172 -18.31 -71.17 -33.09
CA GLN I 172 -18.93 -71.27 -31.78
C GLN I 172 -19.35 -72.71 -31.49
N SER I 173 -19.99 -73.37 -32.45
CA SER I 173 -20.39 -74.75 -32.24
C SER I 173 -19.16 -75.63 -32.02
N MET I 174 -18.13 -75.45 -32.84
CA MET I 174 -16.93 -76.26 -32.73
C MET I 174 -16.23 -76.06 -31.39
N LEU I 175 -16.39 -74.88 -30.79
CA LEU I 175 -15.89 -74.66 -29.44
C LEU I 175 -16.79 -75.31 -28.40
N LYS I 176 -18.10 -75.34 -28.65
CA LYS I 176 -19.04 -75.67 -27.59
C LYS I 176 -18.67 -76.95 -26.88
N GLN I 177 -18.42 -78.03 -27.62
CA GLN I 177 -18.16 -79.31 -26.98
C GLN I 177 -16.69 -79.55 -26.71
N ASP I 178 -15.80 -79.14 -27.61
CA ASP I 178 -14.38 -79.43 -27.43
C ASP I 178 -13.80 -78.69 -26.24
N TYR I 179 -14.12 -77.41 -26.11
CA TYR I 179 -13.64 -76.66 -24.96
C TYR I 179 -14.15 -77.28 -23.67
N LYS I 180 -13.24 -77.45 -22.72
CA LYS I 180 -13.59 -77.88 -21.38
C LYS I 180 -12.67 -77.17 -20.42
N ASP I 181 -13.18 -76.87 -19.22
CA ASP I 181 -12.31 -76.33 -18.19
C ASP I 181 -11.09 -77.24 -18.04
N ASP I 182 -10.02 -76.69 -17.47
CA ASP I 182 -8.78 -77.39 -17.23
C ASP I 182 -7.88 -77.43 -18.45
N VAL I 183 -8.23 -76.72 -19.52
CA VAL I 183 -7.27 -76.55 -20.60
C VAL I 183 -6.17 -75.62 -20.14
N THR I 184 -4.94 -76.09 -20.18
CA THR I 184 -3.81 -75.20 -19.95
C THR I 184 -3.60 -74.33 -21.19
N ARG I 185 -2.77 -73.31 -21.04
CA ARG I 185 -2.52 -72.41 -22.15
C ARG I 185 -2.15 -73.17 -23.41
N GLU I 186 -1.31 -74.19 -23.28
CA GLU I 186 -0.90 -74.94 -24.46
C GLU I 186 -2.08 -75.71 -25.05
N ASP I 187 -2.86 -76.38 -24.20
CA ASP I 187 -4.02 -77.09 -24.70
C ASP I 187 -5.02 -76.13 -25.32
N ALA I 188 -5.20 -74.96 -24.72
CA ALA I 188 -6.07 -73.95 -25.30
C ALA I 188 -5.56 -73.50 -26.67
N VAL I 189 -4.25 -73.30 -26.80
CA VAL I 189 -3.68 -72.87 -28.07
C VAL I 189 -3.92 -73.93 -29.13
N LYS I 190 -3.70 -75.20 -28.76
CA LYS I 190 -3.95 -76.28 -29.71
C LYS I 190 -5.41 -76.35 -30.11
N LEU I 191 -6.31 -76.18 -29.15
CA LEU I 191 -7.73 -76.19 -29.46
C LEU I 191 -8.05 -75.06 -30.43
N ALA I 192 -7.50 -73.88 -30.19
CA ALA I 192 -7.83 -72.74 -31.04
C ALA I 192 -7.29 -72.95 -32.45
N LEU I 193 -6.06 -73.45 -32.58
CA LEU I 193 -5.56 -73.77 -33.91
C LEU I 193 -6.47 -74.78 -34.59
N LYS I 194 -6.83 -75.84 -33.88
CA LYS I 194 -7.62 -76.90 -34.49
C LYS I 194 -8.93 -76.33 -35.01
N VAL I 195 -9.66 -75.61 -34.16
CA VAL I 195 -11.00 -75.15 -34.53
C VAL I 195 -10.91 -74.05 -35.58
N LEU I 196 -9.83 -73.27 -35.58
CA LEU I 196 -9.71 -72.21 -36.58
C LEU I 196 -9.34 -72.78 -37.94
N SER I 197 -8.46 -73.79 -37.97
CA SER I 197 -8.17 -74.45 -39.23
C SER I 197 -9.42 -75.14 -39.78
N LYS I 198 -10.15 -75.84 -38.91
CA LYS I 198 -11.37 -76.50 -39.38
C LYS I 198 -12.44 -75.51 -39.78
N THR I 199 -12.50 -74.35 -39.12
CA THR I 199 -13.41 -73.29 -39.54
C THR I 199 -13.07 -72.79 -40.93
N MET I 200 -11.80 -72.59 -41.22
CA MET I 200 -11.36 -72.20 -42.55
C MET I 200 -11.31 -73.43 -43.45
N ASP I 201 -11.40 -73.19 -44.76
CA ASP I 201 -11.48 -74.30 -45.70
C ASP I 201 -10.23 -75.16 -45.63
N SER I 202 -9.05 -74.54 -45.56
CA SER I 202 -7.79 -75.25 -45.70
C SER I 202 -7.32 -75.73 -44.35
N THR I 203 -6.76 -76.94 -44.32
CA THR I 203 -6.16 -77.49 -43.13
C THR I 203 -4.64 -77.37 -43.19
N SER I 204 -4.02 -77.30 -42.01
CA SER I 204 -2.59 -77.01 -41.89
C SER I 204 -2.26 -75.70 -42.59
N LEU I 205 -2.86 -74.62 -42.07
CA LEU I 205 -2.72 -73.32 -42.68
C LEU I 205 -1.30 -72.81 -42.55
N THR I 206 -1.07 -71.62 -43.10
CA THR I 206 0.24 -71.00 -43.08
C THR I 206 0.32 -69.99 -41.94
N SER I 207 1.53 -69.83 -41.41
CA SER I 207 1.73 -68.86 -40.35
C SER I 207 1.49 -67.43 -40.80
N GLU I 208 1.43 -67.18 -42.10
CA GLU I 208 1.11 -65.84 -42.57
C GLU I 208 -0.37 -65.53 -42.39
N LYS I 209 -1.24 -66.50 -42.67
CA LYS I 209 -2.67 -66.25 -42.59
C LYS I 209 -3.17 -66.16 -41.16
N LEU I 210 -2.32 -66.46 -40.16
CA LEU I 210 -2.73 -66.52 -38.78
C LEU I 210 -1.95 -65.52 -37.94
N GLU I 211 -2.59 -65.02 -36.89
CA GLU I 211 -1.92 -64.29 -35.82
C GLU I 211 -2.32 -64.91 -34.50
N LEU I 212 -1.39 -64.95 -33.56
CA LEU I 212 -1.64 -65.56 -32.27
C LEU I 212 -0.95 -64.75 -31.19
N ALA I 213 -1.70 -64.39 -30.16
CA ALA I 213 -1.16 -63.67 -29.03
C ALA I 213 -1.74 -64.27 -27.77
N GLU I 214 -1.07 -64.03 -26.65
CA GLU I 214 -1.46 -64.65 -25.40
C GLU I 214 -1.19 -63.69 -24.26
N VAL I 215 -2.07 -63.70 -23.27
CA VAL I 215 -1.88 -62.96 -22.04
C VAL I 215 -1.68 -63.96 -20.92
N TYR I 216 -0.54 -63.86 -20.24
CA TYR I 216 -0.18 -64.82 -19.21
C TYR I 216 0.65 -64.10 -18.15
N LEU I 217 0.82 -64.76 -17.02
CA LEU I 217 1.56 -64.20 -15.90
C LEU I 217 2.93 -64.83 -15.81
N LEU I 218 3.96 -63.99 -15.67
CA LEU I 218 5.29 -64.48 -15.39
C LEU I 218 5.32 -65.15 -14.03
N PRO I 219 6.38 -65.89 -13.73
CA PRO I 219 6.47 -66.51 -12.40
C PRO I 219 6.49 -65.50 -11.28
N SER I 220 6.85 -64.26 -11.56
CA SER I 220 6.83 -63.20 -10.54
C SER I 220 5.48 -62.53 -10.41
N GLY I 221 4.48 -62.97 -11.17
CA GLY I 221 3.18 -62.34 -11.14
C GLY I 221 3.01 -61.18 -12.10
N LYS I 222 4.08 -60.69 -12.70
CA LYS I 222 3.98 -59.66 -13.71
C LYS I 222 3.18 -60.18 -14.90
N VAL I 223 2.06 -59.52 -15.20
CA VAL I 223 1.21 -59.92 -16.32
C VAL I 223 1.92 -59.55 -17.61
N LYS I 224 1.85 -60.45 -18.59
CA LYS I 224 2.60 -60.31 -19.83
C LYS I 224 1.68 -60.48 -21.02
N TYR I 225 1.97 -59.79 -22.11
CA TYR I 225 1.27 -59.93 -23.37
C TYR I 225 2.28 -60.24 -24.45
N GLN I 226 2.04 -61.29 -25.22
CA GLN I 226 3.03 -61.77 -26.18
C GLN I 226 2.38 -62.05 -27.52
N VAL I 227 2.94 -61.49 -28.58
CA VAL I 227 2.50 -61.76 -29.94
C VAL I 227 3.51 -62.70 -30.58
N HIS I 228 3.03 -63.85 -31.04
CA HIS I 228 3.94 -64.86 -31.56
C HIS I 228 4.54 -64.43 -32.89
N SER I 229 5.85 -64.53 -33.00
CA SER I 229 6.54 -64.24 -34.24
C SER I 229 6.27 -65.34 -35.26
N PRO I 230 6.50 -65.07 -36.54
CA PRO I 230 6.17 -66.08 -37.55
C PRO I 230 6.80 -67.44 -37.27
N GLU I 231 8.02 -67.47 -36.73
CA GLU I 231 8.64 -68.75 -36.44
C GLU I 231 7.88 -69.51 -35.36
N SER I 232 7.41 -68.80 -34.34
CA SER I 232 6.62 -69.45 -33.31
C SER I 232 5.32 -70.01 -33.87
N LEU I 233 4.63 -69.24 -34.71
CA LEU I 233 3.45 -69.76 -35.38
C LEU I 233 3.80 -70.96 -36.23
N ASN I 234 4.98 -70.96 -36.85
CA ASN I 234 5.38 -72.10 -37.67
C ASN I 234 5.56 -73.35 -36.84
N ARG I 235 6.25 -73.25 -35.72
CA ARG I 235 6.39 -74.40 -34.85
C ARG I 235 5.03 -74.88 -34.37
N LEU I 236 4.18 -73.96 -33.93
CA LEU I 236 2.86 -74.35 -33.46
C LEU I 236 2.05 -75.00 -34.56
N LEU I 237 2.21 -74.55 -35.80
CA LEU I 237 1.51 -75.18 -36.92
C LEU I 237 2.05 -76.56 -37.18
N THR I 238 3.36 -76.76 -36.98
CA THR I 238 3.89 -78.12 -37.07
C THR I 238 3.27 -79.03 -36.03
N GLU I 239 3.18 -78.56 -34.78
CA GLU I 239 2.51 -79.39 -33.77
C GLU I 239 1.03 -79.57 -34.08
N SER I 240 0.38 -78.57 -34.68
CA SER I 240 -1.02 -78.73 -35.05
C SER I 240 -1.18 -79.79 -36.13
N GLY I 241 -0.31 -79.75 -37.14
CA GLY I 241 -0.35 -80.78 -38.17
C GLY I 241 -0.06 -82.16 -37.61
N LEU I 242 0.80 -82.22 -36.59
CA LEU I 242 1.02 -83.49 -35.89
C LEU I 242 -0.23 -83.92 -35.13
N THR I 243 -0.93 -82.96 -34.50
CA THR I 243 -2.03 -83.29 -33.59
C THR I 243 -3.29 -83.66 -34.36
N GLN I 244 -3.50 -83.06 -35.53
CA GLN I 244 -4.75 -83.32 -36.27
C GLN I 244 -4.93 -84.80 -36.58
N PRO I 245 -3.96 -85.49 -37.20
CA PRO I 245 -4.13 -86.94 -37.35
C PRO I 245 -4.22 -87.66 -36.03
N ALA I 246 -3.45 -87.23 -35.03
CA ALA I 246 -3.51 -87.87 -33.73
C ALA I 246 -4.87 -87.67 -33.08
N ALA I 247 -5.37 -86.43 -33.10
CA ALA I 247 -6.69 -86.17 -32.53
C ALA I 247 -7.78 -86.93 -33.27
N GLU I 248 -7.68 -87.03 -34.59
CA GLU I 248 -8.66 -87.81 -35.35
C GLU I 248 -8.61 -89.28 -34.98
N THR I 249 -7.41 -89.85 -34.86
CA THR I 249 -7.30 -91.27 -34.53
C THR I 249 -7.79 -91.57 -33.13
N SER I 250 -7.50 -90.69 -32.16
CA SER I 250 -7.92 -90.90 -30.79
C SER I 250 -9.42 -91.12 -30.69
N ARG J 3 -23.75 -30.85 -33.02
CA ARG J 3 -25.15 -31.03 -32.53
C ARG J 3 -26.05 -31.50 -33.65
N TYR J 4 -26.76 -32.60 -33.41
CA TYR J 4 -27.68 -33.14 -34.40
C TYR J 4 -29.06 -33.15 -33.79
N ASP J 5 -29.89 -32.22 -34.23
CA ASP J 5 -31.25 -32.09 -33.72
C ASP J 5 -32.21 -32.43 -34.85
N ARG J 6 -32.99 -33.47 -34.65
CA ARG J 6 -34.12 -33.76 -35.50
C ARG J 6 -35.14 -34.55 -34.71
N ALA J 7 -36.40 -34.36 -35.04
CA ALA J 7 -37.48 -35.05 -34.34
C ALA J 7 -37.42 -36.51 -34.73
N ILE J 8 -36.71 -37.31 -33.93
CA ILE J 8 -36.72 -38.75 -34.13
C ILE J 8 -38.07 -39.32 -33.74
N THR J 9 -38.66 -38.81 -32.66
CA THR J 9 -39.93 -39.28 -32.15
C THR J 9 -41.03 -38.31 -32.56
N VAL J 10 -41.90 -38.72 -33.47
CA VAL J 10 -42.96 -37.86 -33.98
C VAL J 10 -44.26 -38.64 -34.03
N PHE J 11 -45.37 -37.90 -34.04
CA PHE J 11 -46.69 -38.52 -34.07
C PHE J 11 -47.00 -39.03 -35.46
N SER J 12 -47.53 -40.25 -35.52
CA SER J 12 -48.02 -40.80 -36.76
C SER J 12 -49.46 -40.34 -36.99
N PRO J 13 -49.98 -40.48 -38.21
CA PRO J 13 -51.33 -39.99 -38.49
C PRO J 13 -52.37 -40.43 -37.50
N ASP J 14 -52.20 -41.58 -36.88
CA ASP J 14 -53.19 -42.10 -35.96
C ASP J 14 -52.95 -41.67 -34.52
N GLY J 15 -51.97 -40.79 -34.29
CA GLY J 15 -51.70 -40.30 -32.96
C GLY J 15 -50.71 -41.12 -32.17
N HIS J 16 -50.17 -42.20 -32.73
CA HIS J 16 -49.22 -43.03 -32.02
C HIS J 16 -47.79 -42.53 -32.21
N LEU J 17 -46.94 -42.84 -31.24
CA LEU J 17 -45.51 -42.55 -31.30
C LEU J 17 -44.80 -43.81 -31.77
N PHE J 18 -44.65 -43.96 -33.07
CA PHE J 18 -44.13 -45.22 -33.58
C PHE J 18 -42.77 -45.55 -32.97
N GLN J 19 -41.98 -44.54 -32.62
CA GLN J 19 -40.70 -44.85 -32.00
C GLN J 19 -40.89 -45.47 -30.62
N VAL J 20 -41.84 -44.95 -29.83
CA VAL J 20 -42.06 -45.55 -28.53
C VAL J 20 -42.66 -46.94 -28.66
N GLU J 21 -43.57 -47.13 -29.62
CA GLU J 21 -44.13 -48.46 -29.83
C GLU J 21 -43.02 -49.45 -30.23
N TYR J 22 -42.07 -49.00 -31.04
CA TYR J 22 -40.96 -49.87 -31.39
C TYR J 22 -40.04 -50.12 -30.21
N ALA J 23 -39.89 -49.14 -29.32
CA ALA J 23 -39.16 -49.40 -28.09
C ALA J 23 -39.84 -50.49 -27.29
N LEU J 24 -41.17 -50.47 -27.21
CA LEU J 24 -41.87 -51.55 -26.54
C LEU J 24 -41.62 -52.87 -27.24
N GLU J 25 -41.64 -52.89 -28.56
CA GLU J 25 -41.31 -54.13 -29.26
C GLU J 25 -39.96 -54.65 -28.83
N ALA J 26 -38.97 -53.76 -28.74
CA ALA J 26 -37.63 -54.17 -28.34
C ALA J 26 -37.63 -54.72 -26.93
N VAL J 27 -38.40 -54.12 -26.03
CA VAL J 27 -38.51 -54.64 -24.67
C VAL J 27 -39.09 -56.05 -24.69
N ARG J 28 -40.13 -56.26 -25.49
CA ARG J 28 -40.81 -57.55 -25.47
C ARG J 28 -39.93 -58.68 -25.94
N LYS J 29 -38.79 -58.39 -26.57
CA LYS J 29 -37.86 -59.43 -26.99
C LYS J 29 -36.72 -59.63 -26.01
N GLY J 30 -36.64 -58.85 -24.94
CA GLY J 30 -35.55 -58.98 -24.00
C GLY J 30 -35.81 -60.03 -22.95
N ASN J 31 -34.76 -60.33 -22.18
CA ASN J 31 -34.81 -61.39 -21.18
C ASN J 31 -35.94 -61.13 -20.19
N ALA J 32 -36.83 -62.12 -20.06
CA ALA J 32 -37.97 -61.97 -19.17
C ALA J 32 -37.50 -61.75 -17.74
N ALA J 33 -38.22 -60.87 -17.03
CA ALA J 33 -37.94 -60.58 -15.63
C ALA J 33 -39.25 -60.57 -14.87
N VAL J 34 -39.16 -60.74 -13.56
CA VAL J 34 -40.32 -60.74 -12.70
C VAL J 34 -39.91 -60.21 -11.33
N GLY J 35 -40.81 -59.46 -10.71
CA GLY J 35 -40.59 -59.03 -9.36
C GLY J 35 -41.83 -59.34 -8.55
N VAL J 36 -41.66 -59.70 -7.29
CA VAL J 36 -42.80 -59.97 -6.42
C VAL J 36 -42.54 -59.29 -5.08
N ARG J 37 -43.55 -58.63 -4.55
CA ARG J 37 -43.43 -57.87 -3.31
C ARG J 37 -44.08 -58.67 -2.20
N GLY J 38 -43.33 -58.87 -1.11
CA GLY J 38 -43.78 -59.68 -0.01
C GLY J 38 -44.13 -58.85 1.22
N THR J 39 -44.46 -59.55 2.29
CA THR J 39 -44.76 -58.86 3.53
C THR J 39 -43.53 -58.21 4.11
N ASP J 40 -42.36 -58.82 3.96
CA ASP J 40 -41.13 -58.29 4.51
C ASP J 40 -39.94 -58.43 3.57
N THR J 41 -40.17 -58.72 2.30
CA THR J 41 -39.08 -58.91 1.36
C THR J 41 -39.60 -58.61 -0.03
N VAL J 42 -38.68 -58.31 -0.94
CA VAL J 42 -39.08 -58.06 -2.35
C VAL J 42 -38.19 -58.90 -3.24
N VAL J 43 -38.71 -60.02 -3.73
CA VAL J 43 -37.86 -60.97 -4.50
C VAL J 43 -37.88 -60.64 -5.98
N LEU J 44 -36.72 -60.33 -6.57
CA LEU J 44 -36.65 -60.10 -8.02
C LEU J 44 -36.13 -61.38 -8.68
N GLY J 45 -36.09 -61.42 -10.00
CA GLY J 45 -35.60 -62.61 -10.72
C GLY J 45 -35.47 -62.33 -12.20
N VAL J 46 -34.82 -63.22 -12.95
CA VAL J 46 -34.58 -63.01 -14.40
C VAL J 46 -34.14 -64.33 -15.01
N GLU J 47 -34.16 -64.45 -16.33
CA GLU J 47 -33.82 -65.73 -17.00
C GLU J 47 -32.55 -65.52 -17.81
N LYS J 48 -31.44 -66.06 -17.34
CA LYS J 48 -30.15 -65.82 -18.03
C LYS J 48 -30.07 -66.74 -19.24
N LYS J 49 -29.06 -66.59 -20.09
CA LYS J 49 -29.07 -67.40 -21.35
C LYS J 49 -28.09 -68.57 -21.27
N SER J 50 -28.50 -69.70 -20.71
CA SER J 50 -27.68 -70.95 -20.71
C SER J 50 -26.41 -70.84 -19.86
N ALA J 51 -26.32 -71.63 -18.79
CA ALA J 51 -25.09 -71.65 -17.95
C ALA J 51 -24.05 -72.59 -18.58
N ALA J 52 -24.51 -73.69 -19.19
CA ALA J 52 -23.60 -74.64 -19.84
C ALA J 52 -22.85 -73.92 -20.96
N LYS J 53 -23.54 -73.07 -21.72
CA LYS J 53 -22.86 -72.24 -22.76
C LYS J 53 -21.70 -71.55 -22.08
N LEU J 54 -20.55 -71.43 -22.75
CA LEU J 54 -19.32 -70.88 -22.12
C LEU J 54 -19.52 -69.39 -21.79
N GLN J 55 -20.30 -69.07 -20.78
CA GLN J 55 -20.61 -67.66 -20.41
C GLN J 55 -20.10 -67.38 -19.01
N ASP J 56 -19.18 -66.43 -18.87
CA ASP J 56 -18.75 -66.08 -17.52
C ASP J 56 -19.66 -64.99 -17.00
N SER J 57 -20.52 -65.33 -16.05
CA SER J 57 -21.43 -64.37 -15.46
C SER J 57 -20.94 -63.86 -14.12
N ARG J 58 -19.71 -64.16 -13.73
CA ARG J 58 -19.21 -63.71 -12.43
C ARG J 58 -19.11 -62.19 -12.39
N SER J 59 -18.78 -61.56 -13.52
CA SER J 59 -18.44 -60.15 -13.54
C SER J 59 -19.64 -59.22 -13.72
N VAL J 60 -20.76 -59.70 -14.28
CA VAL J 60 -21.93 -58.86 -14.49
C VAL J 60 -23.17 -59.56 -13.96
N ARG J 61 -23.95 -58.85 -13.17
CA ARG J 61 -25.15 -59.41 -12.56
C ARG J 61 -26.38 -58.83 -13.24
N LYS J 62 -27.30 -59.70 -13.63
CA LYS J 62 -28.49 -59.22 -14.32
C LYS J 62 -29.35 -58.35 -13.41
N ILE J 63 -29.28 -58.53 -12.10
CA ILE J 63 -29.99 -57.70 -11.13
C ILE J 63 -28.96 -56.85 -10.41
N VAL J 64 -29.16 -55.54 -10.40
CA VAL J 64 -28.12 -54.60 -10.04
C VAL J 64 -28.63 -53.68 -8.96
N ASN J 65 -27.69 -53.03 -8.26
CA ASN J 65 -28.02 -52.08 -7.21
C ASN J 65 -27.80 -50.67 -7.70
N LEU J 66 -28.86 -49.86 -7.68
CA LEU J 66 -28.73 -48.43 -7.86
C LEU J 66 -28.31 -47.76 -6.57
N ASP J 67 -28.39 -48.48 -5.47
CA ASP J 67 -28.00 -48.02 -4.16
C ASP J 67 -28.13 -49.21 -3.22
N ASN J 68 -27.57 -49.06 -2.02
CA ASN J 68 -27.66 -50.16 -1.08
C ASN J 68 -29.09 -50.47 -0.68
N HIS J 69 -30.04 -49.57 -0.96
CA HIS J 69 -31.45 -49.82 -0.69
C HIS J 69 -32.30 -49.99 -1.94
N ILE J 70 -31.76 -49.88 -3.14
CA ILE J 70 -32.57 -49.97 -4.36
C ILE J 70 -31.89 -50.91 -5.34
N ALA J 71 -32.65 -51.87 -5.83
CA ALA J 71 -32.18 -52.85 -6.78
C ALA J 71 -33.07 -52.86 -8.01
N LEU J 72 -32.47 -52.97 -9.18
CA LEU J 72 -33.17 -52.73 -10.43
C LEU J 72 -32.95 -53.89 -11.39
N ALA J 73 -34.00 -54.23 -12.12
CA ALA J 73 -33.91 -55.21 -13.20
C ALA J 73 -34.49 -54.59 -14.46
N CYS J 74 -33.86 -54.86 -15.60
CA CYS J 74 -34.26 -54.26 -16.86
C CYS J 74 -34.79 -55.33 -17.79
N ALA J 75 -35.39 -54.89 -18.88
CA ALA J 75 -35.72 -55.76 -19.98
C ALA J 75 -35.64 -54.96 -21.26
N GLY J 76 -34.98 -55.52 -22.28
CA GLY J 76 -34.80 -54.84 -23.54
C GLY J 76 -33.33 -54.71 -23.88
N LEU J 77 -32.99 -53.56 -24.45
CA LEU J 77 -31.63 -53.32 -24.92
C LEU J 77 -30.67 -53.35 -23.75
N LYS J 78 -29.78 -54.34 -23.73
CA LYS J 78 -28.85 -54.45 -22.61
C LYS J 78 -27.90 -53.26 -22.56
N ALA J 79 -27.52 -52.74 -23.73
CA ALA J 79 -26.57 -51.63 -23.76
C ALA J 79 -27.16 -50.38 -23.13
N ASP J 80 -28.45 -50.14 -23.34
CA ASP J 80 -29.08 -48.92 -22.80
C ASP J 80 -29.27 -49.03 -21.30
N ALA J 81 -29.52 -50.25 -20.82
CA ALA J 81 -29.69 -50.46 -19.39
C ALA J 81 -28.49 -49.90 -18.65
N ARG J 82 -27.30 -50.08 -19.20
CA ARG J 82 -26.10 -49.61 -18.50
C ARG J 82 -26.14 -48.11 -18.32
N VAL J 83 -26.57 -47.39 -19.35
CA VAL J 83 -26.62 -45.93 -19.25
C VAL J 83 -27.65 -45.51 -18.21
N LEU J 84 -28.83 -46.13 -18.23
CA LEU J 84 -29.80 -45.83 -17.18
C LEU J 84 -29.23 -46.09 -15.80
N ILE J 85 -28.58 -47.24 -15.62
CA ILE J 85 -28.07 -47.60 -14.31
C ILE J 85 -27.08 -46.56 -13.83
N ASN J 86 -26.16 -46.14 -14.70
CA ASN J 86 -25.17 -45.17 -14.28
C ASN J 86 -25.83 -43.86 -13.90
N LYS J 87 -26.78 -43.40 -14.70
CA LYS J 87 -27.44 -42.14 -14.39
C LYS J 87 -28.19 -42.24 -13.06
N ALA J 88 -28.88 -43.36 -12.84
CA ALA J 88 -29.66 -43.54 -11.62
C ALA J 88 -28.74 -43.59 -10.40
N ARG J 89 -27.65 -44.34 -10.48
CA ARG J 89 -26.70 -44.40 -9.37
C ARG J 89 -26.18 -43.01 -9.05
N ILE J 90 -25.72 -42.30 -10.08
CA ILE J 90 -25.14 -40.98 -9.87
C ILE J 90 -26.17 -40.09 -9.18
N GLU J 91 -27.41 -40.13 -9.63
CA GLU J 91 -28.40 -39.26 -9.04
C GLU J 91 -28.82 -39.72 -7.65
N CYS J 92 -28.76 -41.02 -7.38
CA CYS J 92 -29.06 -41.49 -6.03
C CYS J 92 -28.03 -40.95 -5.04
N GLN J 93 -26.76 -41.06 -5.37
CA GLN J 93 -25.74 -40.47 -4.50
C GLN J 93 -25.89 -38.96 -4.45
N SER J 94 -26.25 -38.33 -5.56
CA SER J 94 -26.42 -36.88 -5.56
C SER J 94 -27.55 -36.47 -4.63
N HIS J 95 -28.63 -37.24 -4.60
CA HIS J 95 -29.72 -36.97 -3.68
C HIS J 95 -29.26 -37.13 -2.24
N LYS J 96 -28.49 -38.18 -1.97
CA LYS J 96 -27.88 -38.28 -0.65
C LYS J 96 -27.07 -37.04 -0.32
N LEU J 97 -26.40 -36.47 -1.31
CA LEU J 97 -25.45 -35.39 -1.10
C LEU J 97 -26.09 -34.02 -0.99
N THR J 98 -27.28 -33.82 -1.55
CA THR J 98 -27.96 -32.54 -1.42
C THR J 98 -28.98 -32.56 -0.29
N LEU J 99 -29.74 -33.63 -0.17
CA LEU J 99 -30.56 -33.92 0.99
C LEU J 99 -29.91 -35.09 1.73
N GLU J 100 -29.81 -34.98 3.05
CA GLU J 100 -29.08 -36.01 3.77
C GLU J 100 -29.74 -37.38 3.61
N ASP J 101 -31.03 -37.43 3.32
CA ASP J 101 -31.72 -38.71 3.27
C ASP J 101 -31.36 -39.47 2.00
N PRO J 102 -31.40 -40.80 2.01
CA PRO J 102 -31.36 -41.55 0.75
C PRO J 102 -32.72 -41.54 0.08
N VAL J 103 -32.72 -41.81 -1.22
CA VAL J 103 -33.95 -41.72 -1.99
C VAL J 103 -34.94 -42.78 -1.51
N THR J 104 -36.21 -42.44 -1.57
CA THR J 104 -37.25 -43.46 -1.50
C THR J 104 -37.25 -44.25 -2.79
N VAL J 105 -37.97 -45.36 -2.80
CA VAL J 105 -38.12 -46.09 -4.05
C VAL J 105 -38.88 -45.26 -5.06
N GLU J 106 -39.94 -44.59 -4.62
CA GLU J 106 -40.78 -43.87 -5.56
C GLU J 106 -40.04 -42.69 -6.16
N TYR J 107 -39.20 -42.02 -5.39
CA TYR J 107 -38.45 -40.91 -5.96
C TYR J 107 -37.57 -41.38 -7.10
N ILE J 108 -36.82 -42.45 -6.89
CA ILE J 108 -35.91 -42.88 -7.94
C ILE J 108 -36.69 -43.43 -9.10
N THR J 109 -37.81 -44.12 -8.85
CA THR J 109 -38.63 -44.57 -9.96
C THR J 109 -39.08 -43.39 -10.79
N ARG J 110 -39.56 -42.34 -10.12
CA ARG J 110 -40.02 -41.15 -10.83
C ARG J 110 -38.90 -40.52 -11.62
N TYR J 111 -37.71 -40.43 -11.03
CA TYR J 111 -36.59 -39.81 -11.73
C TYR J 111 -36.21 -40.61 -12.96
N ILE J 112 -36.12 -41.93 -12.83
CA ILE J 112 -35.76 -42.76 -13.97
C ILE J 112 -36.82 -42.61 -15.07
N ALA J 113 -38.09 -42.66 -14.69
CA ALA J 113 -39.15 -42.54 -15.68
C ALA J 113 -39.10 -41.18 -16.37
N GLY J 114 -38.81 -40.12 -15.61
CA GLY J 114 -38.74 -38.81 -16.19
C GLY J 114 -37.61 -38.70 -17.19
N LEU J 115 -36.45 -39.24 -16.84
CA LEU J 115 -35.33 -39.25 -17.77
C LEU J 115 -35.67 -40.03 -19.03
N GLN J 116 -36.30 -41.19 -18.84
CA GLN J 116 -36.67 -42.04 -19.95
C GLN J 116 -37.64 -41.35 -20.88
N GLN J 117 -38.61 -40.62 -20.32
CA GLN J 117 -39.55 -39.86 -21.14
C GLN J 117 -38.87 -38.70 -21.84
N LYS J 118 -38.04 -37.94 -21.12
CA LYS J 118 -37.32 -36.85 -21.75
C LYS J 118 -36.61 -37.33 -22.99
N TYR J 119 -36.01 -38.52 -22.92
CA TYR J 119 -35.35 -39.02 -24.11
C TYR J 119 -36.33 -39.25 -25.25
N THR J 120 -37.63 -39.37 -24.96
CA THR J 120 -38.60 -39.62 -26.02
C THR J 120 -39.10 -38.36 -26.69
N GLN J 121 -38.76 -37.19 -26.16
CA GLN J 121 -39.26 -35.94 -26.72
C GLN J 121 -38.16 -35.00 -27.20
N SER J 122 -36.96 -35.06 -26.64
CA SER J 122 -35.89 -34.21 -27.11
C SER J 122 -35.44 -34.63 -28.51
N GLY J 123 -34.81 -33.69 -29.21
CA GLY J 123 -34.43 -33.93 -30.57
C GLY J 123 -33.08 -34.61 -30.70
N GLY J 124 -32.97 -35.45 -31.72
CA GLY J 124 -31.73 -36.13 -32.01
C GLY J 124 -31.37 -37.24 -31.06
N VAL J 125 -32.28 -37.66 -30.20
CA VAL J 125 -32.02 -38.71 -29.20
C VAL J 125 -33.06 -39.80 -29.37
N ARG J 126 -32.61 -41.02 -29.37
CA ARG J 126 -33.46 -42.17 -29.59
C ARG J 126 -34.00 -42.70 -28.26
N PRO J 127 -35.28 -43.09 -28.19
CA PRO J 127 -35.83 -43.56 -26.91
C PRO J 127 -35.11 -44.78 -26.35
N PHE J 128 -34.97 -44.85 -25.03
CA PHE J 128 -34.52 -46.08 -24.40
C PHE J 128 -35.48 -47.20 -24.73
N GLY J 129 -34.94 -48.38 -25.05
CA GLY J 129 -35.77 -49.56 -25.21
C GLY J 129 -35.82 -50.38 -23.95
N LEU J 130 -36.40 -49.85 -22.87
CA LEU J 130 -36.30 -50.50 -21.57
C LEU J 130 -37.62 -50.42 -20.82
N SER J 131 -37.80 -51.34 -19.89
CA SER J 131 -38.90 -51.31 -18.92
C SER J 131 -38.37 -51.88 -17.61
N THR J 132 -37.87 -51.02 -16.74
CA THR J 132 -37.22 -51.49 -15.54
C THR J 132 -38.24 -51.95 -14.51
N LEU J 133 -37.78 -52.79 -13.57
CA LEU J 133 -38.53 -53.13 -12.37
C LEU J 133 -37.69 -52.78 -11.16
N ILE J 134 -38.08 -51.74 -10.43
CA ILE J 134 -37.27 -51.22 -9.35
C ILE J 134 -37.85 -51.71 -8.04
N VAL J 135 -37.01 -51.77 -7.01
CA VAL J 135 -37.36 -52.37 -5.73
C VAL J 135 -36.50 -51.73 -4.67
N GLY J 136 -37.00 -51.71 -3.44
CA GLY J 136 -36.25 -51.10 -2.36
C GLY J 136 -37.11 -50.89 -1.14
N PHE J 137 -36.47 -50.36 -0.10
CA PHE J 137 -37.12 -50.06 1.16
C PHE J 137 -36.94 -48.58 1.46
N ASP J 138 -38.05 -47.88 1.68
CA ASP J 138 -37.97 -46.46 1.96
C ASP J 138 -37.26 -46.25 3.28
N PRO J 139 -36.33 -45.30 3.35
CA PRO J 139 -35.38 -45.28 4.48
C PRO J 139 -36.01 -45.19 5.85
N TYR J 140 -37.09 -44.45 6.02
CA TYR J 140 -37.66 -44.18 7.35
C TYR J 140 -39.00 -44.85 7.54
N THR J 141 -39.32 -45.84 6.71
CA THR J 141 -40.56 -46.57 6.89
C THR J 141 -40.32 -48.07 6.82
N ASP J 142 -39.28 -48.47 6.09
CA ASP J 142 -38.93 -49.88 5.95
C ASP J 142 -40.16 -50.73 5.67
N VAL J 143 -40.83 -50.44 4.56
CA VAL J 143 -41.91 -51.26 4.03
C VAL J 143 -41.56 -51.54 2.56
N PRO J 144 -41.72 -52.77 2.06
CA PRO J 144 -41.27 -53.07 0.70
C PRO J 144 -42.04 -52.28 -0.34
N ALA J 145 -41.36 -51.99 -1.44
CA ALA J 145 -41.96 -51.30 -2.57
C ALA J 145 -41.49 -51.94 -3.86
N LEU J 146 -42.30 -51.80 -4.91
CA LEU J 146 -41.93 -52.33 -6.21
C LEU J 146 -42.61 -51.51 -7.29
N TYR J 147 -41.83 -51.02 -8.24
CA TYR J 147 -42.35 -50.21 -9.32
C TYR J 147 -41.96 -50.85 -10.64
N GLN J 148 -42.32 -50.18 -11.73
CA GLN J 148 -41.70 -50.43 -13.01
C GLN J 148 -41.58 -49.13 -13.77
N THR J 149 -41.36 -49.23 -15.07
CA THR J 149 -41.28 -48.08 -15.94
C THR J 149 -41.50 -48.57 -17.35
N ASP J 150 -41.88 -47.67 -18.23
CA ASP J 150 -42.12 -48.00 -19.61
C ASP J 150 -41.28 -47.12 -20.53
N PRO J 151 -41.13 -47.51 -21.79
CA PRO J 151 -40.48 -46.60 -22.74
C PRO J 151 -41.19 -45.27 -22.79
N SER J 152 -42.41 -45.30 -22.25
CA SER J 152 -43.24 -44.08 -22.21
C SER J 152 -42.84 -43.25 -21.01
N GLY J 153 -42.33 -43.87 -19.97
CA GLY J 153 -42.03 -43.12 -18.74
C GLY J 153 -43.13 -43.30 -17.72
N THR J 154 -44.23 -43.93 -18.08
CA THR J 154 -45.26 -44.21 -17.07
C THR J 154 -44.66 -45.13 -16.02
N PHE J 155 -44.69 -44.72 -14.76
CA PHE J 155 -44.14 -45.51 -13.64
C PHE J 155 -45.27 -45.87 -12.69
N SER J 156 -45.42 -47.12 -12.33
CA SER J 156 -46.54 -47.55 -11.46
C SER J 156 -46.07 -48.60 -10.49
N ALA J 157 -46.48 -48.50 -9.23
CA ALA J 157 -46.05 -49.46 -8.21
C ALA J 157 -46.86 -50.74 -8.39
N TRP J 158 -46.32 -51.87 -7.97
CA TRP J 158 -47.03 -53.14 -8.25
C TRP J 158 -46.85 -54.11 -7.09
N LYS J 159 -47.65 -55.15 -7.07
CA LYS J 159 -47.53 -56.19 -6.04
C LYS J 159 -46.77 -57.36 -6.67
N ALA J 160 -46.63 -57.37 -7.99
CA ALA J 160 -45.89 -58.43 -8.72
C ALA J 160 -45.92 -58.09 -10.20
N ASN J 161 -44.79 -57.87 -10.85
CA ASN J 161 -44.86 -57.42 -12.26
C ASN J 161 -43.80 -58.11 -13.09
N ALA J 162 -44.04 -58.28 -14.38
CA ALA J 162 -43.07 -59.00 -15.22
C ALA J 162 -42.98 -58.38 -16.63
N THR J 163 -41.77 -58.14 -17.11
CA THR J 163 -41.56 -57.51 -18.41
C THR J 163 -40.53 -58.30 -19.19
N GLY J 164 -40.79 -58.51 -20.47
CA GLY J 164 -39.90 -59.24 -21.34
C GLY J 164 -40.59 -60.33 -22.13
N ARG J 165 -39.80 -61.30 -22.58
CA ARG J 165 -40.32 -62.37 -23.41
C ARG J 165 -41.62 -62.91 -22.84
N ASN J 166 -42.68 -62.84 -23.63
CA ASN J 166 -43.97 -63.44 -23.27
C ASN J 166 -44.34 -63.08 -21.83
N SER J 167 -44.06 -61.84 -21.43
CA SER J 167 -44.32 -61.42 -20.07
C SER J 167 -45.81 -61.37 -19.76
N ASN J 168 -46.65 -61.13 -20.76
CA ASN J 168 -48.08 -61.12 -20.50
C ASN J 168 -48.53 -62.45 -19.92
N SER J 169 -47.89 -63.56 -20.33
CA SER J 169 -48.22 -64.84 -19.73
C SER J 169 -47.89 -64.85 -18.25
N ILE J 170 -46.72 -64.34 -17.89
CA ILE J 170 -46.35 -64.31 -16.48
C ILE J 170 -47.33 -63.47 -15.69
N ARG J 171 -47.77 -62.34 -16.27
CA ARG J 171 -48.72 -61.50 -15.56
C ARG J 171 -50.06 -62.21 -15.40
N GLU J 172 -50.51 -62.90 -16.45
CA GLU J 172 -51.76 -63.65 -16.36
C GLU J 172 -51.66 -64.72 -15.28
N PHE J 173 -50.50 -65.36 -15.18
CA PHE J 173 -50.27 -66.36 -14.14
C PHE J 173 -50.32 -65.73 -12.75
N LEU J 174 -49.63 -64.61 -12.58
CA LEU J 174 -49.62 -63.95 -11.27
C LEU J 174 -51.01 -63.53 -10.86
N GLU J 175 -51.79 -63.01 -11.80
CA GLU J 175 -53.13 -62.54 -11.47
C GLU J 175 -53.92 -63.65 -10.79
N LYS J 176 -53.70 -64.91 -11.21
CA LYS J 176 -54.37 -66.05 -10.59
C LYS J 176 -53.67 -66.54 -9.33
N ASN J 177 -52.36 -66.31 -9.21
CA ASN J 177 -51.58 -66.98 -8.17
C ASN J 177 -51.27 -66.13 -6.95
N TYR J 178 -51.18 -64.81 -7.08
CA TYR J 178 -50.56 -63.99 -6.05
C TYR J 178 -51.33 -64.09 -4.74
N LYS J 179 -50.60 -64.08 -3.63
CA LYS J 179 -51.17 -64.10 -2.29
C LYS J 179 -50.45 -63.09 -1.43
N GLU J 180 -51.21 -62.18 -0.82
CA GLU J 180 -50.63 -61.03 -0.15
C GLU J 180 -49.73 -61.40 1.01
N THR J 181 -50.11 -62.40 1.79
CA THR J 181 -49.44 -62.70 3.06
C THR J 181 -48.07 -63.35 2.89
N SER J 182 -47.68 -63.69 1.67
CA SER J 182 -46.46 -64.46 1.46
C SER J 182 -45.29 -63.81 2.18
N GLY J 183 -44.53 -64.63 2.91
CA GLY J 183 -43.39 -64.18 3.69
C GLY J 183 -42.08 -64.69 3.12
N GLN J 184 -41.57 -65.79 3.67
CA GLN J 184 -40.45 -66.48 3.04
C GLN J 184 -40.87 -67.13 1.74
N GLU J 185 -42.18 -67.18 1.47
CA GLU J 185 -42.70 -67.85 0.29
C GLU J 185 -42.69 -66.99 -0.96
N THR J 186 -42.42 -65.68 -0.84
CA THR J 186 -42.40 -64.83 -2.02
C THR J 186 -41.43 -65.38 -3.06
N VAL J 187 -40.32 -65.94 -2.62
CA VAL J 187 -39.37 -66.52 -3.56
C VAL J 187 -40.02 -67.64 -4.35
N LYS J 188 -40.80 -68.49 -3.67
CA LYS J 188 -41.42 -69.61 -4.36
C LYS J 188 -42.40 -69.12 -5.42
N LEU J 189 -43.18 -68.09 -5.09
CA LEU J 189 -44.13 -67.55 -6.06
C LEU J 189 -43.39 -66.93 -7.23
N ALA J 190 -42.35 -66.16 -6.97
CA ALA J 190 -41.59 -65.54 -8.06
C ALA J 190 -40.96 -66.60 -8.94
N ILE J 191 -40.46 -67.68 -8.35
CA ILE J 191 -39.88 -68.76 -9.12
C ILE J 191 -40.93 -69.43 -9.97
N ARG J 192 -42.11 -69.69 -9.41
CA ARG J 192 -43.20 -70.25 -10.20
C ARG J 192 -43.52 -69.35 -11.38
N ALA J 193 -43.66 -68.05 -11.12
CA ALA J 193 -43.96 -67.12 -12.20
C ALA J 193 -42.89 -67.21 -13.28
N LEU J 194 -41.63 -67.07 -12.90
CA LEU J 194 -40.58 -67.02 -13.90
C LEU J 194 -40.45 -68.34 -14.62
N LEU J 195 -40.80 -69.44 -13.96
CA LEU J 195 -40.84 -70.76 -14.59
C LEU J 195 -42.03 -70.92 -15.51
N GLU J 196 -43.06 -70.08 -15.37
CA GLU J 196 -44.14 -70.13 -16.34
C GLU J 196 -43.59 -70.06 -17.76
N VAL J 197 -42.63 -69.17 -17.99
CA VAL J 197 -42.04 -69.03 -19.32
C VAL J 197 -40.86 -69.98 -19.50
N VAL J 198 -39.89 -69.93 -18.60
CA VAL J 198 -38.72 -70.79 -18.72
C VAL J 198 -39.18 -72.25 -18.74
N GLU J 199 -38.51 -73.05 -19.55
CA GLU J 199 -38.94 -74.43 -19.79
C GLU J 199 -38.43 -75.38 -18.72
N SER J 200 -38.68 -75.06 -17.45
CA SER J 200 -38.29 -75.88 -16.31
C SER J 200 -36.78 -75.99 -16.15
N GLY J 201 -36.00 -75.18 -16.87
CA GLY J 201 -34.56 -75.33 -16.83
C GLY J 201 -33.97 -75.12 -15.45
N GLY J 202 -34.35 -74.04 -14.78
CA GLY J 202 -33.81 -73.75 -13.46
C GLY J 202 -32.38 -73.27 -13.47
N LYS J 203 -31.51 -73.99 -14.20
CA LYS J 203 -30.11 -73.61 -14.28
C LYS J 203 -29.93 -72.18 -14.77
N ASN J 204 -30.85 -71.69 -15.60
CA ASN J 204 -30.67 -70.44 -16.31
C ASN J 204 -31.30 -69.24 -15.60
N LEU J 205 -31.94 -69.44 -14.46
CA LEU J 205 -32.57 -68.34 -13.74
C LEU J 205 -31.55 -67.58 -12.91
N GLU J 206 -31.71 -66.26 -12.91
CA GLU J 206 -31.06 -65.37 -11.96
C GLU J 206 -32.14 -64.84 -11.02
N VAL J 207 -31.85 -64.82 -9.73
CA VAL J 207 -32.83 -64.41 -8.73
C VAL J 207 -32.12 -63.69 -7.60
N ALA J 208 -32.81 -62.72 -7.00
CA ALA J 208 -32.28 -61.97 -5.88
C ALA J 208 -33.43 -61.48 -5.02
N VAL J 209 -33.22 -61.50 -3.71
CA VAL J 209 -34.23 -61.06 -2.74
C VAL J 209 -33.67 -59.87 -1.99
N MET J 210 -34.53 -58.91 -1.71
CA MET J 210 -34.13 -57.67 -1.06
C MET J 210 -34.59 -57.69 0.40
N ARG J 211 -33.67 -57.49 1.31
CA ARG J 211 -33.97 -57.38 2.73
C ARG J 211 -33.95 -55.92 3.15
N LYS J 212 -34.44 -55.67 4.37
CA LYS J 212 -34.49 -54.30 4.85
C LYS J 212 -33.12 -53.67 4.90
N GLU J 213 -32.06 -54.48 5.00
CA GLU J 213 -30.71 -53.97 5.14
C GLU J 213 -29.85 -54.15 3.89
N GLY J 214 -30.23 -55.02 2.95
CA GLY J 214 -29.46 -55.14 1.74
C GLY J 214 -29.95 -56.21 0.79
N LEU J 215 -29.61 -56.05 -0.49
CA LEU J 215 -29.88 -57.07 -1.49
C LEU J 215 -28.83 -58.17 -1.39
N HIS J 216 -29.27 -59.42 -1.57
CA HIS J 216 -28.33 -60.51 -1.68
C HIS J 216 -28.85 -61.49 -2.73
N GLN J 217 -27.98 -61.87 -3.66
CA GLN J 217 -28.39 -62.78 -4.71
C GLN J 217 -28.69 -64.14 -4.11
N LEU J 218 -29.65 -64.85 -4.67
CA LEU J 218 -29.82 -66.26 -4.33
C LEU J 218 -28.88 -67.10 -5.18
N GLU J 219 -27.95 -67.78 -4.52
CA GLU J 219 -26.96 -68.58 -5.23
C GLU J 219 -27.63 -69.71 -5.99
N GLU J 220 -26.93 -70.20 -7.02
CA GLU J 220 -27.47 -71.29 -7.81
C GLU J 220 -27.84 -72.48 -6.93
N SER J 221 -27.13 -72.65 -5.82
CA SER J 221 -27.47 -73.72 -4.88
C SER J 221 -28.92 -73.61 -4.44
N GLU J 222 -29.27 -72.51 -3.77
CA GLU J 222 -30.63 -72.38 -3.26
C GLU J 222 -31.65 -72.18 -4.38
N ILE J 223 -31.24 -71.59 -5.50
CA ILE J 223 -32.16 -71.50 -6.64
C ILE J 223 -32.56 -72.90 -7.08
N ASP J 224 -31.58 -73.79 -7.22
CA ASP J 224 -31.88 -75.16 -7.61
C ASP J 224 -32.69 -75.87 -6.54
N ALA J 225 -32.38 -75.62 -5.27
CA ALA J 225 -33.14 -76.24 -4.20
C ALA J 225 -34.60 -75.82 -4.26
N ILE J 226 -34.85 -74.53 -4.49
CA ILE J 226 -36.23 -74.04 -4.55
C ILE J 226 -36.91 -74.52 -5.82
N VAL J 227 -36.16 -74.64 -6.91
CA VAL J 227 -36.74 -75.22 -8.13
C VAL J 227 -37.19 -76.64 -7.83
N ALA J 228 -36.37 -77.40 -7.12
CA ALA J 228 -36.77 -78.75 -6.75
C ALA J 228 -37.98 -78.73 -5.83
N GLU J 229 -38.01 -77.80 -4.88
CA GLU J 229 -39.16 -77.70 -3.99
C GLU J 229 -40.44 -77.48 -4.78
N ILE J 230 -40.42 -76.53 -5.71
CA ILE J 230 -41.63 -76.25 -6.48
C ILE J 230 -41.97 -77.41 -7.39
N GLU J 231 -40.96 -78.08 -7.96
CA GLU J 231 -41.24 -79.25 -8.78
C GLU J 231 -41.94 -80.33 -7.97
N ALA J 232 -41.40 -80.64 -6.79
CA ALA J 232 -41.99 -81.67 -5.96
C ALA J 232 -43.39 -81.27 -5.48
N GLU J 233 -43.56 -80.01 -5.11
CA GLU J 233 -44.87 -79.55 -4.65
C GLU J 233 -45.89 -79.59 -5.78
N LYS J 234 -45.48 -79.25 -7.00
CA LYS J 234 -46.39 -79.37 -8.13
C LYS J 234 -46.72 -80.84 -8.41
N ALA J 235 -45.74 -81.72 -8.26
CA ALA J 235 -46.03 -83.15 -8.40
C ALA J 235 -47.04 -83.61 -7.36
N ALA J 236 -46.88 -83.17 -6.11
CA ALA J 236 -47.82 -83.55 -5.06
C ALA J 236 -49.20 -82.97 -5.33
N ALA J 237 -49.27 -81.73 -5.80
CA ALA J 237 -50.54 -81.12 -6.13
C ALA J 237 -51.23 -81.86 -7.27
N GLU J 238 -50.45 -82.26 -8.28
CA GLU J 238 -51.02 -83.04 -9.38
C GLU J 238 -51.54 -84.38 -8.88
N ALA J 239 -50.80 -85.02 -7.98
CA ALA J 239 -51.25 -86.29 -7.41
C ALA J 239 -52.54 -86.12 -6.63
N ALA J 240 -52.62 -85.08 -5.79
CA ALA J 240 -53.82 -84.84 -5.01
C ALA J 240 -55.01 -84.49 -5.90
N LYS J 241 -54.76 -83.70 -6.96
CA LYS J 241 -55.83 -83.39 -7.90
C LYS J 241 -56.36 -84.65 -8.57
N LYS J 242 -55.47 -85.56 -8.96
CA LYS J 242 -55.86 -86.84 -9.53
C LYS J 242 -55.31 -87.99 -8.69
N TYR K 8 -41.11 -38.64 -39.94
CA TYR K 8 -41.36 -39.44 -41.16
C TYR K 8 -40.96 -38.59 -42.37
N ASP K 9 -41.89 -38.20 -43.24
CA ASP K 9 -41.51 -37.45 -44.45
C ASP K 9 -41.46 -35.97 -44.09
N ARG K 10 -42.61 -35.41 -43.72
CA ARG K 10 -42.67 -34.00 -43.29
C ARG K 10 -41.82 -33.83 -42.05
N GLY K 11 -41.47 -32.59 -41.74
CA GLY K 11 -40.74 -32.36 -40.49
C GLY K 11 -41.72 -32.18 -39.35
N VAL K 12 -41.25 -31.74 -38.20
CA VAL K 12 -42.19 -31.47 -37.08
C VAL K 12 -43.11 -30.31 -37.49
N ASN K 13 -42.59 -29.12 -37.72
CA ASN K 13 -43.47 -27.97 -38.00
C ASN K 13 -43.79 -27.86 -39.49
N THR K 14 -44.89 -28.45 -39.98
CA THR K 14 -45.29 -28.31 -41.41
C THR K 14 -46.78 -27.97 -41.52
N PHE K 15 -47.23 -27.07 -42.41
CA PHE K 15 -48.62 -26.69 -42.37
C PHE K 15 -49.42 -27.51 -43.38
N SER K 16 -50.61 -27.93 -42.98
CA SER K 16 -51.48 -28.63 -43.91
C SER K 16 -52.02 -27.66 -44.95
N PRO K 17 -52.35 -28.14 -46.15
CA PRO K 17 -52.92 -27.23 -47.16
C PRO K 17 -54.15 -26.49 -46.68
N GLU K 18 -54.72 -26.88 -45.55
CA GLU K 18 -55.80 -26.15 -44.92
C GLU K 18 -55.34 -25.35 -43.71
N GLY K 19 -54.04 -25.12 -43.58
CA GLY K 19 -53.51 -24.15 -42.64
C GLY K 19 -53.19 -24.66 -41.26
N ARG K 20 -53.48 -25.92 -40.94
CA ARG K 20 -53.31 -26.44 -39.59
C ARG K 20 -52.10 -27.35 -39.52
N LEU K 21 -51.35 -27.23 -38.43
CA LEU K 21 -50.13 -28.02 -38.26
C LEU K 21 -50.42 -29.50 -38.29
N PHE K 22 -49.54 -30.26 -38.95
CA PHE K 22 -49.72 -31.71 -39.00
C PHE K 22 -49.53 -32.31 -37.62
N GLN K 23 -48.45 -31.95 -36.94
CA GLN K 23 -48.13 -32.61 -35.68
C GLN K 23 -49.15 -32.30 -34.61
N VAL K 24 -49.66 -31.07 -34.58
CA VAL K 24 -50.68 -30.75 -33.58
C VAL K 24 -51.97 -31.49 -33.88
N GLU K 25 -52.33 -31.62 -35.16
CA GLU K 25 -53.50 -32.43 -35.49
C GLU K 25 -53.33 -33.87 -35.03
N TYR K 26 -52.13 -34.42 -35.24
CA TYR K 26 -51.89 -35.79 -34.84
C TYR K 26 -51.88 -35.95 -33.33
N ALA K 27 -51.39 -34.94 -32.59
CA ALA K 27 -51.51 -34.98 -31.15
C ALA K 27 -52.97 -34.93 -30.71
N ILE K 28 -53.77 -34.06 -31.33
CA ILE K 28 -55.19 -34.00 -31.03
C ILE K 28 -55.84 -35.36 -31.24
N GLU K 29 -55.47 -36.03 -32.33
CA GLU K 29 -55.95 -37.38 -32.56
C GLU K 29 -55.43 -38.34 -31.49
N ALA K 30 -54.21 -38.13 -31.01
CA ALA K 30 -53.65 -38.98 -29.97
C ALA K 30 -54.45 -38.91 -28.69
N ILE K 31 -54.93 -37.72 -28.31
CA ILE K 31 -55.71 -37.60 -27.09
C ILE K 31 -57.02 -38.38 -27.14
N LYS K 32 -57.56 -38.66 -28.33
CA LYS K 32 -58.82 -39.38 -28.38
C LYS K 32 -58.73 -40.73 -27.69
N LEU K 33 -57.53 -41.27 -27.52
CA LEU K 33 -57.32 -42.54 -26.85
C LEU K 33 -57.13 -42.39 -25.35
N GLY K 34 -56.99 -41.18 -24.84
CA GLY K 34 -56.71 -41.01 -23.43
C GLY K 34 -57.90 -41.31 -22.55
N SER K 35 -57.61 -41.49 -21.27
CA SER K 35 -58.68 -41.68 -20.29
C SER K 35 -59.63 -40.50 -20.32
N THR K 36 -60.88 -40.74 -19.94
CA THR K 36 -61.85 -39.67 -19.88
C THR K 36 -61.63 -38.84 -18.63
N ALA K 37 -61.40 -37.55 -18.79
CA ALA K 37 -61.33 -36.63 -17.67
C ALA K 37 -62.44 -35.61 -17.79
N ILE K 38 -62.96 -35.18 -16.65
CA ILE K 38 -64.18 -34.38 -16.63
C ILE K 38 -64.13 -33.48 -15.40
N GLY K 39 -64.80 -32.34 -15.49
CA GLY K 39 -64.92 -31.44 -14.36
C GLY K 39 -66.03 -30.46 -14.58
N ILE K 40 -66.63 -30.00 -13.49
CA ILE K 40 -67.78 -29.09 -13.53
C ILE K 40 -67.50 -27.93 -12.59
N LYS K 41 -67.71 -26.71 -13.06
CA LYS K 41 -67.48 -25.52 -12.26
C LYS K 41 -68.79 -25.10 -11.60
N THR K 42 -68.68 -24.51 -10.41
CA THR K 42 -69.84 -24.07 -9.66
C THR K 42 -69.48 -22.83 -8.84
N LYS K 43 -70.52 -22.11 -8.42
CA LYS K 43 -70.33 -20.97 -7.54
C LYS K 43 -69.80 -21.38 -6.18
N GLU K 44 -69.88 -22.67 -5.84
CA GLU K 44 -69.39 -23.19 -4.59
C GLU K 44 -68.00 -23.81 -4.69
N GLY K 45 -67.63 -24.33 -5.86
CA GLY K 45 -66.33 -24.93 -6.04
C GLY K 45 -66.21 -25.54 -7.42
N VAL K 46 -65.13 -26.30 -7.60
CA VAL K 46 -64.85 -27.02 -8.83
C VAL K 46 -64.61 -28.49 -8.50
N VAL K 47 -65.05 -29.38 -9.38
CA VAL K 47 -64.90 -30.81 -9.19
C VAL K 47 -64.19 -31.40 -10.40
N LEU K 48 -63.25 -32.31 -10.15
CA LEU K 48 -62.46 -32.94 -11.20
C LEU K 48 -62.48 -34.45 -11.02
N ALA K 49 -63.03 -35.15 -12.01
CA ALA K 49 -63.10 -36.61 -11.98
C ALA K 49 -62.47 -37.15 -13.24
N VAL K 50 -61.92 -38.36 -13.15
CA VAL K 50 -61.19 -38.95 -14.26
C VAL K 50 -61.08 -40.44 -14.02
N GLU K 51 -61.06 -41.21 -15.12
CA GLU K 51 -60.94 -42.66 -15.00
C GLU K 51 -59.48 -43.07 -15.01
N LYS K 52 -59.09 -43.94 -14.08
CA LYS K 52 -57.71 -44.38 -14.01
C LYS K 52 -57.44 -45.53 -14.95
N ARG K 53 -58.47 -46.24 -15.38
CA ARG K 53 -58.33 -47.47 -16.17
C ARG K 53 -57.26 -48.38 -15.58
N ILE K 54 -57.54 -48.86 -14.37
CA ILE K 54 -56.69 -49.84 -13.71
C ILE K 54 -56.80 -51.16 -14.46
N THR K 55 -55.66 -51.70 -14.90
CA THR K 55 -55.66 -52.79 -15.87
C THR K 55 -55.64 -54.16 -15.22
N SER K 56 -54.97 -54.33 -14.10
CA SER K 56 -54.90 -55.63 -13.44
C SER K 56 -54.92 -55.43 -11.94
N PRO K 57 -55.48 -56.39 -11.18
CA PRO K 57 -55.55 -56.22 -9.73
C PRO K 57 -54.19 -56.14 -9.06
N LEU K 58 -53.15 -56.64 -9.71
CA LEU K 58 -51.81 -56.53 -9.16
C LEU K 58 -51.35 -55.10 -9.08
N LEU K 59 -51.74 -54.26 -10.04
CA LEU K 59 -51.31 -52.87 -10.06
C LEU K 59 -51.83 -52.16 -8.84
N GLU K 60 -50.99 -51.31 -8.25
CA GLU K 60 -51.41 -50.54 -7.09
C GLU K 60 -52.21 -49.33 -7.55
N PRO K 61 -53.53 -49.33 -7.43
CA PRO K 61 -54.30 -48.18 -7.95
C PRO K 61 -53.90 -46.88 -7.29
N SER K 62 -53.44 -46.90 -6.05
CA SER K 62 -53.02 -45.66 -5.42
C SER K 62 -51.85 -45.02 -6.14
N SER K 63 -51.14 -45.80 -6.97
CA SER K 63 -49.94 -45.30 -7.63
C SER K 63 -50.21 -44.65 -8.98
N VAL K 64 -51.39 -44.86 -9.54
CA VAL K 64 -51.76 -44.28 -10.83
C VAL K 64 -52.58 -43.04 -10.56
N GLU K 65 -51.96 -41.87 -10.64
CA GLU K 65 -52.64 -40.62 -10.35
C GLU K 65 -52.80 -39.82 -11.64
N LYS K 66 -54.05 -39.42 -11.91
CA LYS K 66 -54.39 -38.64 -13.09
C LYS K 66 -54.74 -37.20 -12.73
N ILE K 67 -54.74 -36.85 -11.46
CA ILE K 67 -55.00 -35.48 -11.01
C ILE K 67 -53.82 -35.05 -10.16
N MET K 68 -53.23 -33.92 -10.48
CA MET K 68 -52.03 -33.47 -9.80
C MET K 68 -52.21 -32.04 -9.30
N GLU K 69 -51.36 -31.66 -8.36
CA GLU K 69 -51.43 -30.34 -7.76
C GLU K 69 -50.43 -29.42 -8.43
N ILE K 70 -50.90 -28.25 -8.87
CA ILE K 70 -49.95 -27.25 -9.41
C ILE K 70 -49.52 -26.45 -8.19
N ASP K 71 -50.47 -26.12 -7.31
CA ASP K 71 -50.16 -25.39 -6.05
C ASP K 71 -51.33 -25.54 -5.07
N ASP K 72 -51.28 -24.89 -3.92
CA ASP K 72 -52.29 -25.08 -2.85
C ASP K 72 -53.69 -25.12 -3.41
N HIS K 73 -54.00 -24.20 -4.32
CA HIS K 73 -55.35 -24.13 -4.93
C HIS K 73 -55.40 -24.93 -6.23
N ILE K 74 -54.65 -24.52 -7.24
CA ILE K 74 -54.79 -25.11 -8.60
C ILE K 74 -54.61 -26.63 -8.71
N GLY K 75 -55.67 -27.36 -9.12
CA GLY K 75 -55.50 -28.76 -9.46
C GLY K 75 -55.51 -28.92 -10.97
N CYS K 76 -55.29 -30.14 -11.42
CA CYS K 76 -55.07 -30.38 -12.85
C CYS K 76 -55.36 -31.83 -13.19
N ALA K 77 -56.51 -32.09 -13.80
CA ALA K 77 -56.71 -33.40 -14.40
C ALA K 77 -55.77 -33.54 -15.58
N MET K 78 -55.88 -34.66 -16.30
CA MET K 78 -55.07 -34.81 -17.50
C MET K 78 -55.61 -35.95 -18.35
N SER K 79 -55.46 -35.78 -19.67
CA SER K 79 -55.84 -36.79 -20.64
C SER K 79 -54.72 -36.92 -21.64
N GLY K 80 -54.74 -38.03 -22.38
CA GLY K 80 -53.70 -38.28 -23.36
C GLY K 80 -52.51 -38.98 -22.76
N LEU K 81 -51.31 -38.63 -23.20
CA LEU K 81 -50.09 -39.28 -22.72
C LEU K 81 -49.78 -38.76 -21.33
N ILE K 82 -50.12 -39.55 -20.31
CA ILE K 82 -49.90 -39.13 -18.93
C ILE K 82 -48.43 -38.91 -18.65
N ALA K 83 -47.55 -39.55 -19.42
CA ALA K 83 -46.13 -39.35 -19.22
C ALA K 83 -45.73 -37.90 -19.46
N ASP K 84 -46.31 -37.29 -20.51
CA ASP K 84 -45.95 -35.93 -20.89
C ASP K 84 -46.62 -34.91 -19.99
N ALA K 85 -47.79 -35.23 -19.46
CA ALA K 85 -48.49 -34.29 -18.59
C ALA K 85 -47.64 -33.90 -17.40
N ARG K 86 -46.98 -34.88 -16.76
CA ARG K 86 -46.18 -34.57 -15.59
C ARG K 86 -45.18 -33.46 -15.85
N THR K 87 -44.64 -33.39 -17.07
CA THR K 87 -43.70 -32.33 -17.38
C THR K 87 -44.38 -30.96 -17.46
N LEU K 88 -45.58 -30.88 -18.03
CA LEU K 88 -46.33 -29.65 -17.97
C LEU K 88 -46.64 -29.26 -16.53
N VAL K 89 -47.05 -30.23 -15.72
CA VAL K 89 -47.40 -29.93 -14.34
C VAL K 89 -46.17 -29.50 -13.55
N GLU K 90 -45.04 -30.17 -13.76
CA GLU K 90 -43.83 -29.75 -13.06
C GLU K 90 -43.40 -28.36 -13.49
N HIS K 91 -43.52 -28.04 -14.77
CA HIS K 91 -43.20 -26.69 -15.22
C HIS K 91 -44.16 -25.68 -14.62
N ALA K 92 -45.43 -26.05 -14.50
CA ALA K 92 -46.40 -25.15 -13.88
C ALA K 92 -46.12 -24.94 -12.41
N ARG K 93 -45.70 -25.98 -11.70
CA ARG K 93 -45.34 -25.84 -10.30
C ARG K 93 -44.18 -24.87 -10.14
N VAL K 94 -43.14 -25.05 -10.96
CA VAL K 94 -42.02 -24.13 -10.84
C VAL K 94 -42.43 -22.73 -11.23
N GLU K 95 -43.33 -22.59 -12.20
CA GLU K 95 -43.79 -21.27 -12.61
C GLU K 95 -44.53 -20.58 -11.46
N THR K 96 -45.52 -21.26 -10.89
CA THR K 96 -46.29 -20.66 -9.82
C THR K 96 -45.41 -20.31 -8.64
N GLN K 97 -44.52 -21.21 -8.24
CA GLN K 97 -43.66 -20.90 -7.11
C GLN K 97 -42.68 -19.78 -7.45
N ASN K 98 -42.36 -19.59 -8.73
CA ASN K 98 -41.61 -18.41 -9.12
C ASN K 98 -42.46 -17.15 -8.96
N HIS K 99 -43.77 -17.27 -9.18
CA HIS K 99 -44.64 -16.11 -9.03
C HIS K 99 -44.83 -15.74 -7.57
N ARG K 100 -44.86 -16.73 -6.68
CA ARG K 100 -45.00 -16.44 -5.26
C ARG K 100 -43.70 -15.93 -4.67
N PHE K 101 -42.56 -16.46 -5.12
CA PHE K 101 -41.29 -15.90 -4.70
C PHE K 101 -41.17 -14.45 -5.13
N SER K 102 -41.53 -14.15 -6.37
CA SER K 102 -41.23 -12.86 -6.95
C SER K 102 -42.19 -11.79 -6.46
N TYR K 103 -43.46 -12.13 -6.26
CA TYR K 103 -44.47 -11.17 -5.87
C TYR K 103 -45.18 -11.50 -4.58
N GLY K 104 -44.89 -12.63 -3.96
CA GLY K 104 -45.49 -12.92 -2.68
C GLY K 104 -46.97 -13.19 -2.71
N GLU K 105 -47.54 -13.50 -3.86
CA GLU K 105 -48.97 -13.76 -3.98
C GLU K 105 -49.17 -14.94 -4.90
N PRO K 106 -50.32 -15.60 -4.82
CA PRO K 106 -50.53 -16.81 -5.60
C PRO K 106 -50.86 -16.48 -7.05
N MET K 107 -50.13 -17.07 -7.97
CA MET K 107 -50.44 -16.84 -9.38
C MET K 107 -51.89 -17.20 -9.64
N THR K 108 -52.60 -16.35 -10.37
CA THR K 108 -54.00 -16.61 -10.66
C THR K 108 -54.13 -17.89 -11.46
N VAL K 109 -55.36 -18.39 -11.57
CA VAL K 109 -55.59 -19.56 -12.41
C VAL K 109 -55.27 -19.24 -13.86
N GLU K 110 -55.80 -18.13 -14.37
CA GLU K 110 -55.65 -17.84 -15.78
C GLU K 110 -54.19 -17.71 -16.15
N SER K 111 -53.39 -17.09 -15.29
CA SER K 111 -51.97 -16.96 -15.58
C SER K 111 -51.28 -18.31 -15.67
N THR K 112 -51.58 -19.22 -14.73
CA THR K 112 -50.97 -20.55 -14.78
C THR K 112 -51.37 -21.28 -16.04
N THR K 113 -52.66 -21.29 -16.37
CA THR K 113 -53.10 -21.94 -17.61
C THR K 113 -52.28 -21.42 -18.77
N GLN K 114 -52.09 -20.11 -18.83
CA GLN K 114 -51.33 -19.51 -19.90
C GLN K 114 -49.90 -20.02 -19.90
N ALA K 115 -49.32 -20.18 -18.71
CA ALA K 115 -47.97 -20.71 -18.61
C ALA K 115 -47.88 -22.15 -19.09
N LEU K 116 -48.83 -23.00 -18.74
CA LEU K 116 -48.82 -24.36 -19.26
C LEU K 116 -48.93 -24.36 -20.78
N CYS K 117 -49.82 -23.51 -21.31
CA CYS K 117 -50.08 -23.53 -22.76
C CYS K 117 -48.96 -22.86 -23.54
N ASP K 118 -48.15 -22.04 -22.88
CA ASP K 118 -47.04 -21.43 -23.59
C ASP K 118 -45.96 -22.43 -23.98
N LEU K 119 -46.00 -23.64 -23.43
CA LEU K 119 -45.07 -24.67 -23.84
C LEU K 119 -45.59 -25.48 -25.02
N ALA K 120 -46.86 -25.33 -25.37
CA ALA K 120 -47.42 -26.19 -26.40
C ALA K 120 -46.63 -26.08 -27.70
N LEU K 121 -46.40 -24.86 -28.18
CA LEU K 121 -45.83 -24.67 -29.51
C LEU K 121 -44.34 -24.40 -29.49
N ARG K 122 -43.73 -24.69 -28.33
CA ARG K 122 -42.25 -24.63 -28.27
C ARG K 122 -41.72 -26.01 -28.67
N PHE K 123 -42.28 -26.62 -29.71
CA PHE K 123 -41.78 -27.89 -30.28
C PHE K 123 -40.95 -27.55 -31.51
N GLY K 124 -39.79 -28.17 -31.73
CA GLY K 124 -38.95 -27.76 -32.86
C GLY K 124 -37.86 -28.76 -33.23
N GLU K 125 -37.12 -28.49 -34.30
CA GLU K 125 -35.99 -29.35 -34.66
C GLU K 125 -34.77 -28.49 -34.86
N GLY K 126 -34.77 -27.30 -34.27
CA GLY K 126 -33.66 -26.36 -34.51
C GLY K 126 -32.60 -26.50 -33.46
N ASP K 127 -32.47 -25.49 -32.60
CA ASP K 127 -31.51 -25.60 -31.48
C ASP K 127 -32.11 -24.84 -30.31
N GLU K 128 -32.87 -23.80 -30.62
CA GLU K 128 -33.46 -22.98 -29.54
C GLU K 128 -34.48 -23.86 -28.80
N GLU K 129 -35.37 -24.51 -29.55
CA GLU K 129 -36.42 -25.31 -28.91
C GLU K 129 -35.75 -26.48 -28.19
N SER K 130 -36.31 -26.90 -27.07
CA SER K 130 -35.68 -27.97 -26.26
C SER K 130 -36.59 -29.21 -26.27
N MET K 131 -37.39 -29.37 -27.30
CA MET K 131 -38.33 -30.51 -27.40
C MET K 131 -38.64 -30.73 -28.87
N SER K 132 -39.04 -31.93 -29.23
CA SER K 132 -39.26 -32.28 -30.65
C SER K 132 -40.67 -32.79 -30.90
N ARG K 133 -41.64 -32.50 -30.04
CA ARG K 133 -43.01 -32.90 -30.37
C ARG K 133 -44.04 -32.22 -29.47
N PRO K 134 -45.29 -32.08 -29.89
CA PRO K 134 -46.29 -31.54 -29.02
C PRO K 134 -46.57 -32.43 -27.81
N PHE K 135 -46.57 -31.89 -26.60
CA PHE K 135 -46.94 -32.70 -25.42
C PHE K 135 -48.35 -33.18 -25.71
N GLY K 136 -48.58 -34.48 -25.69
CA GLY K 136 -49.90 -35.04 -26.03
C GLY K 136 -50.81 -35.14 -24.84
N VAL K 137 -51.12 -34.02 -24.20
CA VAL K 137 -51.93 -34.07 -22.96
C VAL K 137 -52.93 -32.94 -22.90
N SER K 138 -54.18 -33.26 -22.68
CA SER K 138 -55.17 -32.20 -22.43
C SER K 138 -55.42 -32.20 -20.93
N LEU K 139 -55.16 -31.10 -20.25
CA LEU K 139 -55.25 -31.07 -18.78
C LEU K 139 -56.45 -30.22 -18.40
N LEU K 140 -57.39 -30.73 -17.61
CA LEU K 140 -58.50 -29.87 -17.10
C LEU K 140 -58.02 -29.16 -15.83
N ILE K 141 -57.34 -28.02 -15.98
CA ILE K 141 -56.91 -27.22 -14.81
C ILE K 141 -58.14 -26.65 -14.12
N ALA K 142 -58.13 -26.59 -12.80
CA ALA K 142 -59.15 -26.07 -11.92
C ALA K 142 -58.47 -25.21 -10.87
N GLY K 143 -59.20 -24.24 -10.34
CA GLY K 143 -58.55 -23.36 -9.40
C GLY K 143 -59.53 -22.41 -8.75
N HIS K 144 -58.99 -21.61 -7.84
CA HIS K 144 -59.75 -20.56 -7.19
C HIS K 144 -58.83 -19.36 -7.02
N ASP K 145 -59.33 -18.19 -7.37
CA ASP K 145 -58.62 -16.94 -7.17
C ASP K 145 -59.65 -15.84 -6.97
N GLU K 146 -59.19 -14.59 -6.90
CA GLU K 146 -60.09 -13.52 -6.53
C GLU K 146 -61.33 -13.48 -7.41
N ASN K 147 -61.23 -13.84 -8.67
CA ASN K 147 -62.36 -13.81 -9.58
C ASN K 147 -63.30 -14.98 -9.40
N GLY K 148 -63.07 -15.83 -8.40
CA GLY K 148 -63.95 -16.93 -8.11
C GLY K 148 -63.47 -18.24 -8.68
N PRO K 149 -64.23 -19.30 -8.48
CA PRO K 149 -63.88 -20.60 -9.05
C PRO K 149 -63.90 -20.54 -10.58
N SER K 150 -62.87 -21.11 -11.19
CA SER K 150 -62.69 -21.04 -12.63
C SER K 150 -62.13 -22.36 -13.14
N LEU K 151 -62.78 -22.93 -14.15
CA LEU K 151 -62.33 -24.15 -14.79
C LEU K 151 -61.82 -23.81 -16.18
N TYR K 152 -60.57 -24.16 -16.44
CA TYR K 152 -59.94 -23.92 -17.73
C TYR K 152 -59.70 -25.25 -18.43
N TYR K 153 -59.34 -25.17 -19.69
CA TYR K 153 -59.15 -26.32 -20.56
C TYR K 153 -58.06 -26.01 -21.57
N THR K 154 -57.24 -26.99 -21.88
CA THR K 154 -56.12 -26.79 -22.79
C THR K 154 -56.05 -27.98 -23.73
N ASP K 155 -55.36 -27.80 -24.84
CA ASP K 155 -55.13 -28.93 -25.73
C ASP K 155 -53.73 -28.79 -26.29
N PRO K 156 -53.23 -29.77 -27.06
CA PRO K 156 -51.85 -29.69 -27.54
C PRO K 156 -51.58 -28.46 -28.39
N SER K 157 -52.62 -27.84 -28.93
CA SER K 157 -52.49 -26.72 -29.85
C SER K 157 -51.98 -25.45 -29.20
N GLY K 158 -51.93 -25.40 -27.87
CA GLY K 158 -51.53 -24.18 -27.19
C GLY K 158 -52.66 -23.21 -26.92
N THR K 159 -53.86 -23.50 -27.40
CA THR K 159 -55.01 -22.69 -27.03
C THR K 159 -55.60 -23.19 -25.73
N PHE K 160 -56.28 -22.30 -24.99
CA PHE K 160 -57.03 -22.73 -23.83
C PHE K 160 -58.38 -22.04 -23.83
N TRP K 161 -59.33 -22.65 -23.16
CA TRP K 161 -60.72 -22.25 -23.26
C TRP K 161 -61.31 -22.30 -21.86
N GLN K 162 -61.52 -21.16 -21.22
CA GLN K 162 -62.32 -21.20 -20.01
C GLN K 162 -63.68 -21.76 -20.35
N CYS K 163 -64.24 -22.53 -19.42
CA CYS K 163 -65.50 -23.21 -19.70
C CYS K 163 -66.17 -23.55 -18.38
N SER K 164 -67.45 -23.90 -18.47
CA SER K 164 -68.21 -24.24 -17.27
C SER K 164 -68.07 -25.72 -16.93
N ALA K 165 -68.06 -26.59 -17.93
CA ALA K 165 -67.97 -28.02 -17.68
C ALA K 165 -67.58 -28.73 -18.97
N LYS K 166 -66.41 -29.36 -18.97
CA LYS K 166 -65.94 -30.04 -20.16
C LYS K 166 -65.33 -31.39 -19.80
N ALA K 167 -65.38 -32.29 -20.77
CA ALA K 167 -64.82 -33.62 -20.64
C ALA K 167 -63.82 -33.86 -21.76
N ILE K 168 -62.72 -34.49 -21.43
CA ILE K 168 -61.62 -34.72 -22.38
C ILE K 168 -61.23 -36.18 -22.31
N GLY K 169 -60.95 -36.77 -23.47
CA GLY K 169 -60.49 -38.13 -23.53
C GLY K 169 -61.33 -39.02 -24.43
N SER K 170 -61.47 -40.27 -24.01
CA SER K 170 -62.06 -41.28 -24.87
C SER K 170 -63.52 -40.97 -25.21
N GLY K 171 -64.33 -40.75 -24.18
CA GLY K 171 -65.76 -40.58 -24.38
C GLY K 171 -66.22 -39.15 -24.45
N SER K 172 -65.33 -38.23 -24.83
CA SER K 172 -65.61 -36.82 -24.65
C SER K 172 -66.89 -36.39 -25.36
N GLU K 173 -67.17 -36.96 -26.53
CA GLU K 173 -68.40 -36.58 -27.22
C GLU K 173 -69.61 -36.82 -26.34
N GLY K 174 -69.72 -38.01 -25.77
CA GLY K 174 -70.85 -38.35 -24.94
C GLY K 174 -70.92 -37.52 -23.68
N ALA K 175 -69.77 -37.33 -23.02
CA ALA K 175 -69.75 -36.55 -21.80
C ALA K 175 -70.16 -35.10 -22.07
N ASP K 176 -69.71 -34.53 -23.18
CA ASP K 176 -70.12 -33.17 -23.52
C ASP K 176 -71.60 -33.11 -23.83
N SER K 177 -72.10 -34.08 -24.59
CA SER K 177 -73.52 -34.04 -24.95
C SER K 177 -74.39 -34.22 -23.72
N SER K 178 -73.90 -34.92 -22.71
CA SER K 178 -74.66 -35.12 -21.49
C SER K 178 -74.41 -34.06 -20.44
N LEU K 179 -73.31 -33.32 -20.51
CA LEU K 179 -73.12 -32.17 -19.65
C LEU K 179 -73.97 -31.00 -20.13
N GLN K 180 -73.97 -30.78 -21.45
CA GLN K 180 -74.70 -29.65 -22.01
C GLN K 180 -76.17 -29.69 -21.62
N GLU K 181 -76.69 -30.89 -21.42
CA GLU K 181 -78.12 -31.05 -21.19
C GLU K 181 -78.49 -31.12 -19.71
N GLN K 182 -77.52 -31.15 -18.80
CA GLN K 182 -77.88 -31.12 -17.38
C GLN K 182 -76.95 -30.29 -16.51
N PHE K 183 -76.17 -29.37 -17.05
CA PHE K 183 -75.44 -28.42 -16.22
C PHE K 183 -76.36 -27.24 -15.92
N ARG K 184 -76.88 -27.20 -14.69
CA ARG K 184 -77.93 -26.25 -14.33
C ARG K 184 -77.41 -24.82 -14.15
N LYS K 185 -76.17 -24.66 -13.72
CA LYS K 185 -75.61 -23.37 -13.30
C LYS K 185 -76.11 -22.99 -11.90
N ASP K 186 -77.05 -23.77 -11.35
CA ASP K 186 -77.42 -23.65 -9.96
C ASP K 186 -76.76 -24.72 -9.10
N LEU K 187 -75.79 -25.43 -9.65
CA LEU K 187 -75.36 -26.70 -9.07
C LEU K 187 -74.88 -26.52 -7.65
N SER K 188 -75.53 -27.23 -6.73
CA SER K 188 -75.00 -27.38 -5.38
C SER K 188 -73.84 -28.36 -5.47
N PHE K 189 -72.69 -27.92 -4.95
CA PHE K 189 -71.45 -28.66 -5.14
C PHE K 189 -71.64 -30.15 -4.92
N GLN K 190 -72.29 -30.53 -3.82
CA GLN K 190 -72.42 -31.95 -3.52
C GLN K 190 -73.22 -32.66 -4.58
N GLU K 191 -73.98 -31.93 -5.41
CA GLU K 191 -74.62 -32.57 -6.55
C GLU K 191 -73.74 -32.52 -7.79
N ALA K 192 -72.85 -31.53 -7.89
CA ALA K 192 -71.92 -31.50 -9.01
C ALA K 192 -71.09 -32.77 -9.07
N GLU K 193 -70.72 -33.30 -7.91
CA GLU K 193 -70.00 -34.56 -7.88
C GLU K 193 -70.85 -35.69 -8.45
N THR K 194 -72.11 -35.74 -8.04
CA THR K 194 -73.00 -36.81 -8.48
C THR K 194 -73.18 -36.79 -9.99
N ILE K 195 -73.36 -35.62 -10.59
CA ILE K 195 -73.47 -35.55 -12.05
C ILE K 195 -72.17 -35.97 -12.70
N ALA K 196 -71.04 -35.50 -12.17
CA ALA K 196 -69.76 -35.84 -12.77
C ALA K 196 -69.51 -37.34 -12.76
N LEU K 197 -69.99 -38.04 -11.74
CA LEU K 197 -69.75 -39.47 -11.70
C LEU K 197 -70.83 -40.26 -12.43
N SER K 198 -72.09 -39.84 -12.38
CA SER K 198 -73.11 -40.54 -13.15
C SER K 198 -72.84 -40.44 -14.63
N ILE K 199 -72.39 -39.27 -15.09
CA ILE K 199 -72.03 -39.13 -16.49
C ILE K 199 -70.81 -39.98 -16.83
N LEU K 200 -69.89 -40.12 -15.87
CA LEU K 200 -68.67 -40.89 -16.13
C LEU K 200 -68.96 -42.38 -16.20
N LYS K 201 -69.86 -42.86 -15.35
CA LYS K 201 -70.17 -44.29 -15.33
C LYS K 201 -70.61 -44.78 -16.69
N GLN K 202 -71.51 -44.04 -17.34
CA GLN K 202 -71.95 -44.39 -18.69
C GLN K 202 -70.90 -44.12 -19.75
N VAL K 203 -69.72 -43.66 -19.35
CA VAL K 203 -68.60 -43.49 -20.27
C VAL K 203 -67.54 -44.57 -20.06
N MET K 204 -67.37 -45.03 -18.83
CA MET K 204 -66.36 -46.03 -18.54
C MET K 204 -66.83 -47.41 -18.95
N GLU K 205 -65.86 -48.31 -19.13
CA GLU K 205 -66.11 -49.72 -19.39
C GLU K 205 -66.16 -50.56 -18.12
N GLU K 206 -66.32 -49.92 -16.97
CA GLU K 206 -66.24 -50.59 -15.69
C GLU K 206 -67.34 -50.07 -14.79
N LYS K 207 -67.67 -50.84 -13.77
CA LYS K 207 -68.48 -50.29 -12.70
C LYS K 207 -67.62 -49.38 -11.82
N LEU K 208 -68.21 -48.27 -11.39
CA LEU K 208 -67.50 -47.36 -10.51
C LEU K 208 -67.02 -48.12 -9.29
N THR K 209 -65.78 -47.86 -8.90
CA THR K 209 -65.25 -48.36 -7.64
C THR K 209 -64.16 -47.41 -7.19
N PRO K 210 -64.09 -47.11 -5.92
CA PRO K 210 -63.13 -46.10 -5.44
C PRO K 210 -61.74 -46.24 -6.05
N ASN K 211 -61.36 -47.46 -6.42
CA ASN K 211 -59.98 -47.69 -6.86
C ASN K 211 -59.74 -47.15 -8.26
N ASN K 212 -60.66 -47.39 -9.19
CA ASN K 212 -60.41 -47.09 -10.60
C ASN K 212 -60.86 -45.70 -11.02
N VAL K 213 -61.38 -44.89 -10.10
CA VAL K 213 -61.88 -43.56 -10.41
C VAL K 213 -61.34 -42.58 -9.39
N ASP K 214 -60.95 -41.40 -9.86
CA ASP K 214 -60.36 -40.37 -9.02
C ASP K 214 -61.25 -39.15 -9.02
N ILE K 215 -61.26 -38.42 -7.90
CA ILE K 215 -62.06 -37.21 -7.77
C ILE K 215 -61.30 -36.20 -6.94
N ALA K 216 -61.26 -34.96 -7.42
CA ALA K 216 -60.62 -33.89 -6.69
C ALA K 216 -61.54 -32.68 -6.73
N LYS K 217 -61.39 -31.83 -5.73
CA LYS K 217 -62.13 -30.59 -5.63
C LYS K 217 -61.17 -29.52 -5.17
N VAL K 218 -61.27 -28.34 -5.76
CA VAL K 218 -60.60 -27.16 -5.25
C VAL K 218 -61.68 -26.09 -5.09
N SER K 219 -62.35 -26.10 -3.94
CA SER K 219 -63.27 -25.03 -3.58
C SER K 219 -62.54 -23.82 -2.99
N PRO K 220 -61.88 -23.92 -1.84
CA PRO K 220 -60.83 -22.95 -1.55
C PRO K 220 -59.45 -23.47 -1.90
N THR K 221 -59.30 -24.80 -1.89
CA THR K 221 -57.98 -25.40 -1.82
C THR K 221 -58.03 -26.81 -2.37
N TYR K 222 -56.93 -27.22 -3.01
CA TYR K 222 -56.88 -28.49 -3.70
C TYR K 222 -56.95 -29.63 -2.69
N HIS K 223 -57.95 -30.47 -2.82
CA HIS K 223 -58.11 -31.65 -1.96
C HIS K 223 -58.49 -32.84 -2.81
N LEU K 224 -57.72 -33.92 -2.70
CA LEU K 224 -57.93 -35.12 -3.49
C LEU K 224 -58.73 -36.12 -2.67
N TYR K 225 -59.81 -36.63 -3.25
CA TYR K 225 -60.70 -37.50 -2.50
C TYR K 225 -60.01 -38.81 -2.16
N SER K 226 -59.95 -39.12 -0.87
CA SER K 226 -59.48 -40.42 -0.43
C SER K 226 -60.53 -41.48 -0.77
N PRO K 227 -60.12 -42.74 -0.87
CA PRO K 227 -61.07 -43.77 -1.33
C PRO K 227 -62.32 -43.85 -0.50
N SER K 228 -62.28 -43.45 0.77
CA SER K 228 -63.50 -43.42 1.56
C SER K 228 -64.47 -42.37 1.01
N GLU K 229 -63.98 -41.18 0.73
CA GLU K 229 -64.85 -40.13 0.20
C GLU K 229 -65.38 -40.50 -1.18
N VAL K 230 -64.53 -41.08 -2.03
CA VAL K 230 -64.99 -41.50 -3.35
C VAL K 230 -65.99 -42.62 -3.23
N GLU K 231 -65.78 -43.52 -2.28
CA GLU K 231 -66.76 -44.58 -2.03
C GLU K 231 -68.10 -43.98 -1.64
N ALA K 232 -68.08 -42.98 -0.76
CA ALA K 232 -69.31 -42.31 -0.37
C ALA K 232 -69.99 -41.70 -1.58
N VAL K 233 -69.22 -41.02 -2.42
CA VAL K 233 -69.82 -40.39 -3.60
C VAL K 233 -70.42 -41.44 -4.51
N ILE K 234 -69.73 -42.56 -4.73
CA ILE K 234 -70.26 -43.58 -5.61
C ILE K 234 -71.54 -44.17 -5.02
N GLY K 235 -71.56 -44.39 -3.71
CA GLY K 235 -72.79 -44.87 -3.09
C GLY K 235 -73.94 -43.90 -3.27
N ARG K 236 -73.67 -42.60 -3.13
CA ARG K 236 -74.71 -41.61 -3.35
C ARG K 236 -75.25 -41.70 -4.77
N LEU K 237 -74.39 -41.43 -5.75
CA LEU K 237 -74.74 -41.41 -7.16
C LEU K 237 -76.19 -41.01 -7.39
N ASN L 4 -47.34 -32.91 -54.20
CA ASN L 4 -46.65 -31.67 -54.66
C ASN L 4 -45.29 -31.56 -53.98
N GLN L 5 -44.23 -31.65 -54.77
CA GLN L 5 -42.87 -31.71 -54.24
C GLN L 5 -42.46 -30.43 -53.54
N TYR L 6 -42.96 -29.29 -54.00
CA TYR L 6 -42.57 -28.01 -53.43
C TYR L 6 -43.46 -27.60 -52.25
N ASP L 7 -44.46 -28.40 -51.92
CA ASP L 7 -45.44 -28.04 -50.91
C ASP L 7 -44.89 -28.13 -49.50
N THR L 8 -43.96 -29.05 -49.25
CA THR L 8 -43.71 -29.51 -47.90
C THR L 8 -42.63 -28.75 -47.17
N ASP L 9 -42.11 -27.66 -47.74
CA ASP L 9 -41.06 -26.91 -47.06
C ASP L 9 -41.22 -25.41 -47.30
N VAL L 10 -40.67 -24.63 -46.38
CA VAL L 10 -40.81 -23.18 -46.44
C VAL L 10 -39.88 -22.57 -47.47
N THR L 11 -38.67 -23.11 -47.58
CA THR L 11 -37.62 -22.48 -48.38
C THR L 11 -37.71 -22.79 -49.86
N THR L 12 -38.54 -23.75 -50.27
CA THR L 12 -38.54 -24.19 -51.66
C THR L 12 -39.57 -23.41 -52.46
N TRP L 13 -39.08 -22.49 -53.30
CA TRP L 13 -39.94 -21.84 -54.27
C TRP L 13 -40.48 -22.84 -55.27
N SER L 14 -41.78 -22.82 -55.51
CA SER L 14 -42.35 -23.63 -56.56
C SER L 14 -42.05 -23.03 -57.91
N PRO L 15 -42.14 -23.81 -58.99
CA PRO L 15 -41.82 -23.26 -60.32
C PRO L 15 -42.64 -22.04 -60.67
N ALA L 16 -43.81 -21.88 -60.07
CA ALA L 16 -44.61 -20.68 -60.29
C ALA L 16 -44.15 -19.50 -59.46
N GLY L 17 -43.16 -19.68 -58.60
CA GLY L 17 -42.71 -18.60 -57.75
C GLY L 17 -43.52 -18.43 -56.48
N ARG L 18 -44.10 -19.51 -55.96
CA ARG L 18 -44.95 -19.46 -54.79
C ARG L 18 -44.35 -20.28 -53.66
N LEU L 19 -44.43 -19.74 -52.44
CA LEU L 19 -44.04 -20.44 -51.22
C LEU L 19 -45.28 -21.09 -50.64
N PHE L 20 -45.49 -22.36 -50.97
CA PHE L 20 -46.74 -23.00 -50.57
C PHE L 20 -46.89 -23.03 -49.07
N GLN L 21 -45.78 -23.11 -48.33
CA GLN L 21 -45.89 -23.09 -46.87
C GLN L 21 -46.42 -21.78 -46.36
N VAL L 22 -45.97 -20.65 -46.92
CA VAL L 22 -46.47 -19.36 -46.47
C VAL L 22 -47.91 -19.16 -46.92
N GLU L 23 -48.24 -19.64 -48.12
CA GLU L 23 -49.64 -19.59 -48.54
C GLU L 23 -50.52 -20.33 -47.54
N TYR L 24 -50.07 -21.49 -47.09
CA TYR L 24 -50.84 -22.25 -46.12
C TYR L 24 -50.90 -21.54 -44.77
N ALA L 25 -49.77 -21.04 -44.28
CA ALA L 25 -49.81 -20.27 -43.06
C ALA L 25 -50.82 -19.13 -43.17
N MET L 26 -50.95 -18.53 -44.34
CA MET L 26 -52.00 -17.54 -44.55
C MET L 26 -53.37 -18.19 -44.65
N GLU L 27 -53.44 -19.49 -44.91
CA GLU L 27 -54.72 -20.18 -44.78
C GLU L 27 -55.12 -20.37 -43.32
N ALA L 28 -54.15 -20.36 -42.41
CA ALA L 28 -54.49 -20.53 -41.00
C ALA L 28 -55.40 -19.41 -40.53
N VAL L 29 -55.07 -18.16 -40.89
CA VAL L 29 -55.86 -17.03 -40.43
C VAL L 29 -57.23 -17.02 -41.10
N LYS L 30 -57.29 -17.34 -42.38
CA LYS L 30 -58.58 -17.35 -43.07
C LYS L 30 -59.51 -18.40 -42.48
N GLN L 31 -58.97 -19.33 -41.70
CA GLN L 31 -59.80 -20.34 -41.06
C GLN L 31 -60.18 -19.96 -39.64
N GLY L 32 -59.47 -19.03 -39.02
CA GLY L 32 -59.73 -18.69 -37.64
C GLY L 32 -60.96 -17.82 -37.47
N SER L 33 -61.26 -17.53 -36.21
CA SER L 33 -62.41 -16.69 -35.90
C SER L 33 -62.18 -15.28 -36.43
N ALA L 34 -63.28 -14.60 -36.74
CA ALA L 34 -63.19 -13.33 -37.44
C ALA L 34 -62.85 -12.19 -36.49
N ALA L 35 -62.12 -11.22 -37.03
CA ALA L 35 -61.83 -9.97 -36.35
C ALA L 35 -62.09 -8.82 -37.30
N ILE L 36 -62.56 -7.71 -36.75
CA ILE L 36 -62.87 -6.51 -37.53
C ILE L 36 -62.00 -5.38 -37.00
N GLY L 37 -61.73 -4.41 -37.87
CA GLY L 37 -60.96 -3.25 -37.48
C GLY L 37 -61.30 -2.09 -38.37
N LEU L 38 -61.40 -0.88 -37.81
CA LEU L 38 -61.77 0.28 -38.60
C LEU L 38 -61.44 1.54 -37.80
N ARG L 39 -61.19 2.62 -38.54
CA ARG L 39 -60.53 3.79 -37.97
C ARG L 39 -61.15 5.08 -38.48
N SER L 40 -60.71 6.19 -37.88
CA SER L 40 -60.96 7.54 -38.33
C SER L 40 -59.64 8.31 -38.28
N LYS L 41 -59.69 9.62 -38.50
CA LYS L 41 -58.48 10.41 -38.42
C LYS L 41 -57.84 10.34 -37.04
N THR L 42 -58.61 9.94 -36.03
CA THR L 42 -58.15 9.96 -34.66
C THR L 42 -58.46 8.71 -33.86
N HIS L 43 -59.34 7.83 -34.34
CA HIS L 43 -59.77 6.68 -33.58
C HIS L 43 -59.66 5.42 -34.41
N VAL L 44 -59.37 4.30 -33.74
CA VAL L 44 -59.29 2.98 -34.36
C VAL L 44 -60.06 2.00 -33.48
N VAL L 45 -61.05 1.35 -34.07
CA VAL L 45 -61.92 0.43 -33.36
C VAL L 45 -61.55 -0.99 -33.74
N LEU L 46 -61.27 -1.81 -32.73
CA LEU L 46 -60.93 -3.21 -32.93
C LEU L 46 -62.00 -4.07 -32.27
N ALA L 47 -62.70 -4.87 -33.08
CA ALA L 47 -63.74 -5.76 -32.60
C ALA L 47 -63.36 -7.19 -32.92
N CYS L 48 -64.22 -8.12 -32.53
CA CYS L 48 -63.96 -9.53 -32.75
C CYS L 48 -65.24 -10.31 -32.49
N VAL L 49 -65.74 -10.99 -33.51
CA VAL L 49 -66.96 -11.79 -33.33
C VAL L 49 -66.53 -13.11 -32.71
N ASN L 50 -66.42 -13.11 -31.39
CA ASN L 50 -65.82 -14.21 -30.65
C ASN L 50 -66.94 -15.20 -30.34
N LYS L 51 -66.85 -16.41 -30.89
CA LYS L 51 -67.99 -17.31 -30.98
C LYS L 51 -68.49 -17.73 -29.60
N ALA L 52 -69.80 -17.99 -29.53
CA ALA L 52 -70.43 -18.72 -28.43
C ALA L 52 -70.68 -20.15 -28.91
N GLN L 53 -69.62 -20.95 -28.90
CA GLN L 53 -69.70 -22.29 -29.48
C GLN L 53 -70.66 -23.20 -28.73
N SER L 54 -70.66 -23.15 -27.40
CA SER L 54 -71.47 -24.08 -26.63
C SER L 54 -71.99 -23.38 -25.38
N GLU L 55 -73.07 -23.94 -24.84
CA GLU L 55 -73.65 -23.42 -23.60
C GLU L 55 -72.70 -23.62 -22.43
N LEU L 56 -71.67 -24.44 -22.61
CA LEU L 56 -70.77 -24.78 -21.52
C LEU L 56 -69.46 -24.03 -21.63
N SER L 57 -68.93 -23.93 -22.85
CA SER L 57 -67.62 -23.32 -23.05
C SER L 57 -67.73 -21.81 -23.08
N SER L 58 -66.61 -21.17 -22.79
CA SER L 58 -66.43 -19.75 -23.02
C SER L 58 -65.33 -19.56 -24.04
N HIS L 59 -65.12 -18.33 -24.44
CA HIS L 59 -64.15 -18.02 -25.48
C HIS L 59 -62.81 -17.70 -24.85
N GLN L 60 -61.86 -17.22 -25.63
CA GLN L 60 -60.56 -16.79 -25.15
C GLN L 60 -60.28 -15.38 -25.62
N ARG L 61 -59.50 -14.67 -24.81
CA ARG L 61 -59.18 -13.27 -25.06
C ARG L 61 -58.39 -13.12 -26.34
N LYS L 62 -58.95 -12.42 -27.31
CA LYS L 62 -58.31 -12.26 -28.62
C LYS L 62 -57.77 -10.86 -28.84
N ILE L 63 -58.42 -9.83 -28.34
CA ILE L 63 -58.03 -8.45 -28.56
C ILE L 63 -57.12 -8.02 -27.42
N PHE L 64 -55.85 -7.82 -27.72
CA PHE L 64 -54.83 -7.56 -26.71
C PHE L 64 -54.45 -6.10 -26.72
N LYS L 65 -54.39 -5.49 -25.55
CA LYS L 65 -53.66 -4.25 -25.41
C LYS L 65 -52.19 -4.52 -25.64
N VAL L 66 -51.48 -3.53 -26.18
CA VAL L 66 -50.03 -3.58 -26.33
C VAL L 66 -49.35 -2.41 -25.63
N ASP L 67 -49.89 -1.21 -25.82
CA ASP L 67 -49.43 -0.04 -25.10
C ASP L 67 -50.65 0.82 -24.83
N ASP L 68 -50.42 1.96 -24.18
CA ASP L 68 -51.53 2.88 -23.97
C ASP L 68 -52.17 3.27 -25.28
N HIS L 69 -51.41 3.20 -26.37
CA HIS L 69 -51.83 3.75 -27.65
C HIS L 69 -51.81 2.76 -28.80
N ILE L 70 -51.66 1.47 -28.53
CA ILE L 70 -51.63 0.46 -29.59
C ILE L 70 -52.40 -0.76 -29.13
N GLY L 71 -53.25 -1.29 -30.01
CA GLY L 71 -54.02 -2.47 -29.72
C GLY L 71 -53.86 -3.49 -30.84
N VAL L 72 -54.25 -4.72 -30.56
CA VAL L 72 -54.07 -5.84 -31.48
C VAL L 72 -55.35 -6.67 -31.46
N ALA L 73 -55.56 -7.44 -32.52
CA ALA L 73 -56.66 -8.40 -32.55
C ALA L 73 -56.23 -9.60 -33.37
N ILE L 74 -55.70 -10.61 -32.70
CA ILE L 74 -55.08 -11.72 -33.40
C ILE L 74 -56.13 -12.51 -34.18
N ALA L 75 -55.66 -13.39 -35.04
CA ALA L 75 -56.53 -14.29 -35.79
C ALA L 75 -55.69 -15.45 -36.30
N GLY L 76 -56.11 -16.67 -35.96
CA GLY L 76 -55.36 -17.85 -36.35
C GLY L 76 -54.91 -18.66 -35.15
N LEU L 77 -53.71 -19.23 -35.21
CA LEU L 77 -53.20 -19.98 -34.08
C LEU L 77 -53.04 -19.05 -32.89
N THR L 78 -53.83 -19.28 -31.84
CA THR L 78 -53.85 -18.35 -30.73
C THR L 78 -52.50 -18.29 -30.04
N ALA L 79 -51.75 -19.38 -30.06
CA ALA L 79 -50.45 -19.38 -29.37
C ALA L 79 -49.44 -18.48 -30.08
N ASP L 80 -49.38 -18.54 -31.40
CA ASP L 80 -48.49 -17.64 -32.13
C ASP L 80 -48.92 -16.20 -31.93
N GLY L 81 -50.23 -15.96 -31.91
CA GLY L 81 -50.71 -14.62 -31.62
C GLY L 81 -50.26 -14.14 -30.25
N ARG L 82 -50.33 -15.03 -29.26
CA ARG L 82 -49.89 -14.64 -27.92
C ARG L 82 -48.40 -14.33 -27.93
N VAL L 83 -47.61 -15.10 -28.65
CA VAL L 83 -46.18 -14.84 -28.72
C VAL L 83 -45.92 -13.47 -29.33
N LEU L 84 -46.58 -13.17 -30.45
CA LEU L 84 -46.34 -11.91 -31.13
C LEU L 84 -46.83 -10.73 -30.29
N SER L 85 -47.97 -10.88 -29.62
CA SER L 85 -48.46 -9.80 -28.77
C SER L 85 -47.52 -9.56 -27.61
N ARG L 86 -46.99 -10.63 -27.00
CA ARG L 86 -45.96 -10.47 -26.00
C ARG L 86 -44.78 -9.69 -26.56
N TYR L 87 -44.38 -10.02 -27.79
CA TYR L 87 -43.23 -9.35 -28.38
C TYR L 87 -43.48 -7.87 -28.58
N MET L 88 -44.64 -7.51 -29.12
CA MET L 88 -44.96 -6.10 -29.30
C MET L 88 -45.02 -5.37 -27.97
N ARG L 89 -45.60 -6.01 -26.95
CA ARG L 89 -45.65 -5.38 -25.64
C ARG L 89 -44.25 -5.07 -25.13
N SER L 90 -43.36 -6.06 -25.20
CA SER L 90 -42.01 -5.83 -24.73
C SER L 90 -41.30 -4.79 -25.57
N GLU L 91 -41.59 -4.74 -26.86
CA GLU L 91 -40.94 -3.77 -27.73
C GLU L 91 -41.37 -2.35 -27.38
N CYS L 92 -42.67 -2.13 -27.19
CA CYS L 92 -43.14 -0.82 -26.78
C CYS L 92 -42.56 -0.44 -25.42
N ILE L 93 -42.47 -1.40 -24.51
CA ILE L 93 -41.93 -1.09 -23.19
C ILE L 93 -40.46 -0.71 -23.29
N ASN L 94 -39.70 -1.40 -24.14
CA ASN L 94 -38.30 -1.01 -24.34
C ASN L 94 -38.20 0.40 -24.91
N TYR L 95 -39.03 0.71 -25.90
CA TYR L 95 -38.99 2.04 -26.49
C TYR L 95 -39.27 3.09 -25.44
N GLY L 96 -40.28 2.85 -24.62
CA GLY L 96 -40.57 3.78 -23.54
C GLY L 96 -39.41 3.92 -22.58
N PHE L 97 -38.79 2.80 -22.23
CA PHE L 97 -37.66 2.85 -21.30
C PHE L 97 -36.55 3.71 -21.86
N THR L 98 -36.25 3.55 -23.15
CA THR L 98 -35.09 4.24 -23.72
C THR L 98 -35.41 5.71 -23.98
N TYR L 99 -36.42 5.99 -24.79
CA TYR L 99 -36.72 7.35 -25.19
C TYR L 99 -37.80 8.01 -24.36
N GLU L 100 -38.46 7.28 -23.47
CA GLU L 100 -39.55 7.85 -22.69
C GLU L 100 -40.57 8.54 -23.58
N SER L 101 -41.06 7.81 -24.58
CA SER L 101 -42.11 8.30 -25.44
C SER L 101 -42.80 7.11 -26.08
N SER L 102 -43.94 7.37 -26.71
CA SER L 102 -44.70 6.32 -27.34
C SER L 102 -44.02 5.86 -28.63
N LEU L 103 -43.90 4.55 -28.81
CA LEU L 103 -43.41 3.99 -30.07
C LEU L 103 -44.48 4.17 -31.13
N PRO L 104 -44.18 4.78 -32.28
CA PRO L 104 -45.19 4.91 -33.32
C PRO L 104 -45.67 3.55 -33.79
N VAL L 105 -46.93 3.49 -34.22
CA VAL L 105 -47.46 2.25 -34.76
C VAL L 105 -46.73 1.86 -36.03
N GLY L 106 -46.51 2.83 -36.92
CA GLY L 106 -45.95 2.51 -38.21
C GLY L 106 -44.61 1.81 -38.12
N ARG L 107 -43.88 2.04 -37.03
CA ARG L 107 -42.59 1.40 -36.85
C ARG L 107 -42.73 0.04 -36.19
N LEU L 108 -43.65 -0.07 -35.24
CA LEU L 108 -43.86 -1.34 -34.57
C LEU L 108 -44.35 -2.39 -35.56
N VAL L 109 -45.26 -2.00 -36.45
CA VAL L 109 -45.79 -2.95 -37.41
C VAL L 109 -44.68 -3.43 -38.34
N VAL L 110 -43.77 -2.54 -38.73
CA VAL L 110 -42.69 -2.97 -39.62
C VAL L 110 -41.77 -3.93 -38.89
N GLN L 111 -41.46 -3.66 -37.62
CA GLN L 111 -40.65 -4.62 -36.87
C GLN L 111 -41.34 -5.97 -36.79
N LEU L 112 -42.63 -5.97 -36.52
CA LEU L 112 -43.38 -7.21 -36.42
C LEU L 112 -43.34 -7.96 -37.74
N ALA L 113 -43.52 -7.26 -38.85
CA ALA L 113 -43.44 -7.89 -40.15
C ALA L 113 -42.07 -8.46 -40.43
N ASP L 114 -41.01 -7.80 -39.97
CA ASP L 114 -39.69 -8.40 -40.10
C ASP L 114 -39.58 -9.69 -39.32
N LYS L 115 -40.15 -9.76 -38.12
CA LYS L 115 -40.13 -11.03 -37.38
C LYS L 115 -40.80 -12.13 -38.19
N ALA L 116 -42.03 -11.88 -38.65
CA ALA L 116 -42.71 -12.89 -39.43
C ALA L 116 -41.90 -13.29 -40.65
N GLN L 117 -41.24 -12.33 -41.30
CA GLN L 117 -40.46 -12.67 -42.49
C GLN L 117 -39.27 -13.56 -42.13
N VAL L 118 -38.48 -13.15 -41.13
CA VAL L 118 -37.29 -13.94 -40.80
C VAL L 118 -37.68 -15.36 -40.44
N CYS L 119 -38.86 -15.54 -39.85
CA CYS L 119 -39.36 -16.90 -39.75
C CYS L 119 -39.63 -17.49 -41.13
N THR L 120 -40.16 -16.70 -42.05
CA THR L 120 -40.50 -17.21 -43.38
C THR L 120 -39.30 -17.63 -44.20
N GLN L 121 -38.10 -17.15 -43.87
CA GLN L 121 -36.94 -17.39 -44.72
C GLN L 121 -36.15 -18.63 -44.35
N ARG L 122 -35.78 -18.78 -43.09
CA ARG L 122 -34.89 -19.86 -42.68
C ARG L 122 -35.59 -21.21 -42.77
N SER L 123 -34.80 -22.26 -43.01
CA SER L 123 -35.31 -23.61 -42.92
C SER L 123 -35.52 -23.94 -41.44
N TRP L 124 -36.02 -25.13 -41.15
CA TRP L 124 -36.32 -25.57 -39.79
C TRP L 124 -37.27 -24.66 -39.02
N LYS L 125 -37.92 -23.72 -39.70
CA LYS L 125 -38.89 -22.84 -39.04
C LYS L 125 -40.22 -22.88 -39.80
N ARG L 126 -41.20 -22.16 -39.28
CA ARG L 126 -42.49 -22.07 -39.94
C ARG L 126 -42.98 -20.63 -39.88
N PRO L 127 -43.77 -20.19 -40.86
CA PRO L 127 -44.41 -18.89 -40.75
C PRO L 127 -45.33 -18.88 -39.55
N TYR L 128 -45.45 -17.71 -38.91
CA TYR L 128 -46.15 -17.66 -37.63
C TYR L 128 -47.57 -18.20 -37.71
N GLY L 129 -48.25 -18.07 -38.84
CA GLY L 129 -49.58 -18.65 -38.93
C GLY L 129 -50.63 -17.91 -38.15
N VAL L 130 -50.40 -16.64 -37.80
CA VAL L 130 -51.40 -15.78 -37.21
C VAL L 130 -51.31 -14.41 -37.86
N GLY L 131 -52.43 -13.86 -38.27
CA GLY L 131 -52.50 -12.53 -38.85
C GLY L 131 -53.09 -11.56 -37.84
N LEU L 132 -52.53 -10.35 -37.79
CA LEU L 132 -52.88 -9.38 -36.77
C LEU L 132 -53.55 -8.17 -37.42
N LEU L 133 -54.56 -7.64 -36.76
CA LEU L 133 -55.00 -6.28 -37.03
C LEU L 133 -54.46 -5.37 -35.94
N VAL L 134 -53.48 -4.55 -36.27
CA VAL L 134 -52.83 -3.65 -35.32
C VAL L 134 -53.33 -2.25 -35.58
N GLY L 135 -53.65 -1.52 -34.53
CA GLY L 135 -54.08 -0.16 -34.69
C GLY L 135 -53.75 0.67 -33.47
N GLY L 136 -53.09 1.80 -33.66
CA GLY L 136 -52.67 2.58 -32.52
C GLY L 136 -52.60 4.04 -32.87
N LEU L 137 -51.56 4.70 -32.36
CA LEU L 137 -51.38 6.13 -32.53
C LEU L 137 -49.99 6.46 -33.04
N ASP L 138 -49.89 7.64 -33.62
CA ASP L 138 -48.68 8.16 -34.22
C ASP L 138 -48.86 9.67 -34.31
N GLU L 139 -47.76 10.40 -34.47
CA GLU L 139 -47.89 11.85 -34.57
C GLU L 139 -48.87 12.23 -35.67
N SER L 140 -48.97 11.41 -36.72
CA SER L 140 -49.90 11.65 -37.81
C SER L 140 -51.31 11.16 -37.52
N GLY L 141 -51.65 10.92 -36.27
CA GLY L 141 -52.99 10.48 -35.93
C GLY L 141 -53.03 9.01 -35.56
N ALA L 142 -54.09 8.33 -35.97
CA ALA L 142 -54.31 6.93 -35.64
C ALA L 142 -54.37 6.10 -36.91
N HIS L 143 -53.71 4.95 -36.89
CA HIS L 143 -53.53 4.11 -38.06
C HIS L 143 -54.06 2.71 -37.78
N LEU L 144 -54.46 2.02 -38.84
CA LEU L 144 -54.87 0.63 -38.77
C LEU L 144 -53.99 -0.16 -39.72
N TYR L 145 -53.39 -1.22 -39.22
CA TYR L 145 -52.48 -2.06 -40.01
C TYR L 145 -52.94 -3.50 -39.95
N TYR L 146 -52.57 -4.27 -40.96
CA TYR L 146 -52.80 -5.71 -40.97
C TYR L 146 -51.47 -6.41 -41.24
N ASN L 147 -50.86 -6.97 -40.20
CA ASN L 147 -49.69 -7.82 -40.39
C ASN L 147 -50.17 -9.15 -40.93
N CYS L 148 -49.41 -9.74 -41.84
CA CYS L 148 -49.77 -11.04 -42.37
C CYS L 148 -48.62 -12.01 -42.17
N PRO L 149 -48.89 -13.30 -42.06
CA PRO L 149 -47.84 -14.26 -41.72
C PRO L 149 -46.70 -14.28 -42.72
N SER L 150 -46.94 -13.77 -43.92
CA SER L 150 -45.95 -13.82 -44.98
C SER L 150 -44.89 -12.74 -44.86
N GLY L 151 -45.00 -11.84 -43.91
CA GLY L 151 -44.06 -10.75 -43.80
C GLY L 151 -44.48 -9.49 -44.51
N ASN L 152 -45.46 -9.57 -45.39
CA ASN L 152 -46.10 -8.37 -45.92
C ASN L 152 -46.96 -7.73 -44.84
N TYR L 153 -47.05 -6.41 -44.89
CA TYR L 153 -47.92 -5.67 -44.00
C TYR L 153 -48.62 -4.60 -44.81
N PHE L 154 -49.73 -4.11 -44.28
CA PHE L 154 -50.55 -3.17 -45.01
C PHE L 154 -51.16 -2.16 -44.04
N GLU L 155 -51.61 -1.04 -44.60
CA GLU L 155 -52.36 -0.04 -43.85
C GLU L 155 -53.72 0.10 -44.51
N TYR L 156 -54.77 0.11 -43.71
CA TYR L 156 -56.13 0.03 -44.23
C TYR L 156 -56.98 1.11 -43.60
N GLN L 157 -58.08 1.44 -44.26
CA GLN L 157 -59.12 2.22 -43.62
C GLN L 157 -59.99 1.35 -42.72
N ALA L 158 -60.22 0.11 -43.11
CA ALA L 158 -60.95 -0.86 -42.30
C ALA L 158 -60.77 -2.22 -42.95
N PHE L 159 -60.62 -3.24 -42.13
CA PHE L 159 -60.30 -4.56 -42.67
C PHE L 159 -60.84 -5.65 -41.76
N ALA L 160 -61.36 -6.69 -42.37
CA ALA L 160 -61.95 -7.83 -41.66
C ALA L 160 -61.27 -9.11 -42.11
N ILE L 161 -60.70 -9.85 -41.16
CA ILE L 161 -60.03 -11.11 -41.46
C ILE L 161 -60.63 -12.19 -40.60
N GLY L 162 -60.34 -13.44 -40.96
CA GLY L 162 -60.88 -14.57 -40.27
C GLY L 162 -62.07 -15.15 -40.99
N SER L 163 -62.66 -16.17 -40.40
CA SER L 163 -63.69 -16.92 -41.08
C SER L 163 -64.89 -16.03 -41.39
N ARG L 164 -65.49 -16.25 -42.56
CA ARG L 164 -66.69 -15.53 -42.96
C ARG L 164 -66.50 -14.01 -42.91
N SER L 165 -65.32 -13.54 -43.31
CA SER L 165 -65.09 -12.11 -43.36
C SER L 165 -65.73 -11.44 -44.56
N GLN L 166 -65.99 -12.18 -45.64
CA GLN L 166 -66.59 -11.56 -46.82
C GLN L 166 -67.87 -10.84 -46.46
N ALA L 167 -68.64 -11.38 -45.51
CA ALA L 167 -69.85 -10.68 -45.08
C ALA L 167 -69.52 -9.33 -44.48
N ALA L 168 -68.43 -9.25 -43.71
CA ALA L 168 -68.03 -7.98 -43.14
C ALA L 168 -67.38 -7.08 -44.19
N LYS L 169 -66.55 -7.64 -45.06
CA LYS L 169 -65.87 -6.83 -46.06
C LYS L 169 -66.86 -6.21 -47.03
N THR L 170 -67.84 -6.99 -47.49
CA THR L 170 -68.81 -6.45 -48.43
C THR L 170 -69.62 -5.31 -47.83
N TYR L 171 -69.77 -5.29 -46.51
CA TYR L 171 -70.42 -4.15 -45.86
C TYR L 171 -69.46 -2.98 -45.77
N LEU L 172 -68.28 -3.20 -45.19
CA LEU L 172 -67.34 -2.09 -44.99
C LEU L 172 -67.02 -1.41 -46.32
N GLU L 173 -67.01 -2.17 -47.41
CA GLU L 173 -66.77 -1.57 -48.72
C GLU L 173 -67.73 -0.43 -48.97
N ARG L 174 -68.97 -0.56 -48.51
CA ARG L 174 -69.99 0.43 -48.77
C ARG L 174 -70.07 1.50 -47.70
N LYS L 175 -69.21 1.47 -46.71
CA LYS L 175 -69.23 2.48 -45.65
C LYS L 175 -67.86 2.99 -45.24
N PHE L 176 -66.76 2.40 -45.71
CA PHE L 176 -65.44 2.86 -45.28
C PHE L 176 -65.21 4.32 -45.66
N ASP L 177 -65.84 4.76 -46.74
CA ASP L 177 -65.63 6.11 -47.25
C ASP L 177 -66.13 7.20 -46.33
N THR L 178 -67.01 6.88 -45.38
CA THR L 178 -67.49 7.89 -44.44
C THR L 178 -66.70 7.87 -43.13
N PHE L 179 -65.92 6.83 -42.89
CA PHE L 179 -65.22 6.73 -41.61
C PHE L 179 -64.21 7.84 -41.43
N ASP L 180 -63.73 8.42 -42.53
CA ASP L 180 -62.57 9.30 -42.48
C ASP L 180 -62.64 10.24 -41.29
N GLY L 181 -63.66 11.10 -41.25
CA GLY L 181 -63.84 12.02 -40.14
C GLY L 181 -64.94 11.62 -39.17
N ALA L 182 -65.44 10.41 -39.23
CA ALA L 182 -66.58 10.04 -38.40
C ALA L 182 -66.18 10.02 -36.93
N THR L 183 -67.12 10.40 -36.07
CA THR L 183 -66.87 10.43 -34.64
C THR L 183 -66.83 9.03 -34.08
N ARG L 184 -66.11 8.88 -32.97
CA ARG L 184 -65.93 7.58 -32.32
C ARG L 184 -67.19 6.72 -32.39
N ASP L 185 -68.29 7.26 -31.91
CA ASP L 185 -69.51 6.47 -31.83
C ASP L 185 -69.96 6.00 -33.21
N GLU L 186 -69.73 6.80 -34.25
CA GLU L 186 -70.09 6.36 -35.59
C GLU L 186 -69.28 5.14 -35.99
N LEU L 187 -67.98 5.13 -35.66
CA LEU L 187 -67.18 3.95 -35.92
C LEU L 187 -67.68 2.75 -35.14
N ILE L 188 -68.04 2.95 -33.87
CA ILE L 188 -68.52 1.81 -33.10
C ILE L 188 -69.81 1.26 -33.69
N LYS L 189 -70.72 2.14 -34.09
CA LYS L 189 -71.96 1.68 -34.70
C LYS L 189 -71.68 0.92 -35.99
N HIS L 190 -70.76 1.45 -36.80
CA HIS L 190 -70.40 0.77 -38.03
C HIS L 190 -69.84 -0.61 -37.73
N ALA L 191 -69.00 -0.71 -36.70
CA ALA L 191 -68.40 -1.99 -36.35
C ALA L 191 -69.45 -2.97 -35.88
N LEU L 192 -70.43 -2.50 -35.10
CA LEU L 192 -71.51 -3.39 -34.70
C LEU L 192 -72.26 -3.90 -35.93
N PHE L 193 -72.56 -3.01 -36.86
CA PHE L 193 -73.25 -3.46 -38.06
C PHE L 193 -72.43 -4.50 -38.81
N SER L 194 -71.12 -4.25 -38.94
CA SER L 194 -70.25 -5.20 -39.63
C SER L 194 -70.30 -6.56 -38.95
N ILE L 195 -70.14 -6.57 -37.63
CA ILE L 195 -70.22 -7.84 -36.90
C ILE L 195 -71.56 -8.49 -37.14
N LYS L 196 -72.63 -7.70 -37.20
CA LYS L 196 -73.94 -8.26 -37.47
C LYS L 196 -73.95 -8.97 -38.81
N GLU L 197 -73.31 -8.37 -39.83
CA GLU L 197 -73.28 -9.00 -41.14
C GLU L 197 -72.59 -10.35 -41.09
N THR L 198 -71.40 -10.42 -40.50
CA THR L 198 -70.69 -11.69 -40.43
C THR L 198 -71.38 -12.67 -39.50
N LEU L 199 -72.19 -12.19 -38.56
CA LEU L 199 -72.90 -13.08 -37.66
C LEU L 199 -73.91 -13.88 -38.47
N GLN L 200 -73.58 -15.15 -38.73
CA GLN L 200 -74.48 -16.00 -39.50
C GLN L 200 -75.83 -16.15 -38.81
N GLY L 201 -75.82 -16.37 -37.49
CA GLY L 201 -77.06 -16.42 -36.74
C GLY L 201 -77.84 -15.13 -36.74
N GLU L 202 -77.17 -14.02 -37.03
CA GLU L 202 -77.82 -12.72 -37.13
C GLU L 202 -78.42 -12.31 -35.78
N LYS L 203 -78.02 -12.99 -34.71
CA LYS L 203 -78.51 -12.65 -33.38
C LYS L 203 -77.66 -11.53 -32.80
N LEU L 204 -78.32 -10.48 -32.34
CA LEU L 204 -77.63 -9.31 -31.78
C LEU L 204 -77.56 -9.46 -30.27
N THR L 205 -76.43 -9.95 -29.77
CA THR L 205 -76.22 -10.11 -28.34
C THR L 205 -74.83 -9.64 -27.97
N SER L 206 -74.71 -9.14 -26.74
CA SER L 206 -73.43 -8.59 -26.29
C SER L 206 -72.38 -9.66 -26.03
N SER L 207 -72.79 -10.91 -25.84
CA SER L 207 -71.82 -11.93 -25.46
C SER L 207 -70.91 -12.29 -26.63
N VAL L 208 -71.46 -12.31 -27.85
CA VAL L 208 -70.72 -12.83 -28.99
C VAL L 208 -69.55 -11.96 -29.41
N CYS L 209 -69.66 -10.64 -29.31
CA CYS L 209 -68.67 -9.76 -29.91
C CYS L 209 -68.06 -8.88 -28.82
N THR L 210 -66.77 -8.60 -28.99
CA THR L 210 -66.03 -7.71 -28.11
C THR L 210 -65.52 -6.54 -28.92
N ILE L 211 -65.42 -5.39 -28.27
CA ILE L 211 -65.03 -4.15 -28.93
C ILE L 211 -63.95 -3.47 -28.10
N SER L 212 -63.05 -2.78 -28.79
CA SER L 212 -62.04 -1.99 -28.13
C SER L 212 -61.79 -0.76 -28.97
N VAL L 213 -61.32 0.31 -28.33
CA VAL L 213 -61.13 1.58 -28.99
C VAL L 213 -59.89 2.24 -28.43
N VAL L 214 -59.15 2.92 -29.30
CA VAL L 214 -57.99 3.71 -28.91
C VAL L 214 -57.98 4.98 -29.76
N GLY L 215 -57.71 6.12 -29.14
CA GLY L 215 -57.78 7.39 -29.81
C GLY L 215 -56.70 8.33 -29.34
N VAL L 216 -56.64 9.50 -29.97
CA VAL L 216 -55.53 10.43 -29.76
C VAL L 216 -55.40 10.85 -28.31
N GLY L 217 -56.49 10.83 -27.56
CA GLY L 217 -56.42 11.13 -26.13
C GLY L 217 -57.14 10.08 -25.33
N GLU L 218 -57.51 8.97 -25.97
CA GLU L 218 -58.26 7.89 -25.34
C GLU L 218 -57.36 6.67 -25.28
N PRO L 219 -56.80 6.37 -24.12
CA PRO L 219 -55.97 5.16 -24.00
C PRO L 219 -56.75 3.91 -24.33
N PHE L 220 -56.04 2.89 -24.80
CA PHE L 220 -56.68 1.67 -25.24
C PHE L 220 -57.51 1.07 -24.11
N GLN L 221 -58.75 0.71 -24.43
CA GLN L 221 -59.69 0.18 -23.47
C GLN L 221 -60.73 -0.67 -24.19
N THR L 222 -61.22 -1.70 -23.52
CA THR L 222 -62.18 -2.64 -24.09
C THR L 222 -63.56 -2.34 -23.54
N LEU L 223 -64.50 -2.03 -24.40
CA LEU L 223 -65.84 -1.70 -23.95
C LEU L 223 -66.44 -2.87 -23.19
N ASP L 224 -67.15 -2.56 -22.11
CA ASP L 224 -67.69 -3.55 -21.21
C ASP L 224 -68.94 -4.21 -21.80
N GLN L 225 -69.28 -5.37 -21.24
CA GLN L 225 -70.46 -6.10 -21.70
C GLN L 225 -71.71 -5.23 -21.61
N GLN L 226 -71.91 -4.56 -20.48
CA GLN L 226 -73.11 -3.74 -20.32
C GLN L 226 -73.15 -2.62 -21.34
N MET L 227 -72.00 -1.97 -21.58
CA MET L 227 -71.99 -0.84 -22.49
C MET L 227 -72.31 -1.29 -23.90
N VAL L 228 -71.66 -2.36 -24.36
CA VAL L 228 -71.96 -2.88 -25.68
C VAL L 228 -73.41 -3.29 -25.79
N GLN L 229 -73.94 -3.97 -24.77
CA GLN L 229 -75.34 -4.35 -24.80
C GLN L 229 -76.22 -3.13 -24.94
N ASP L 230 -75.86 -2.05 -24.25
CA ASP L 230 -76.63 -0.81 -24.36
C ASP L 230 -76.61 -0.29 -25.79
N LEU L 231 -75.44 -0.30 -26.43
CA LEU L 231 -75.37 0.17 -27.81
C LEU L 231 -76.24 -0.68 -28.74
N ILE L 232 -76.13 -2.01 -28.67
CA ILE L 232 -76.96 -2.84 -29.53
C ILE L 232 -78.44 -2.62 -29.23
N ASN L 233 -78.80 -2.41 -27.96
CA ASN L 233 -80.19 -2.14 -27.64
C ASN L 233 -80.72 -0.94 -28.42
N SER L 234 -79.86 0.04 -28.69
CA SER L 234 -80.26 1.22 -29.42
C SER L 234 -80.85 0.87 -30.77
N THR M 6 -38.41 -33.23 -60.43
CA THR M 6 -37.48 -34.18 -61.08
C THR M 6 -36.39 -34.57 -60.07
N GLY M 7 -36.29 -33.81 -58.99
CA GLY M 7 -35.27 -34.09 -57.96
C GLY M 7 -34.17 -33.06 -58.02
N TYR M 8 -33.99 -32.44 -59.18
CA TYR M 8 -32.92 -31.44 -59.35
C TYR M 8 -33.48 -30.04 -59.20
N ASP M 9 -34.68 -29.90 -58.65
CA ASP M 9 -35.35 -28.58 -58.51
C ASP M 9 -35.93 -28.47 -57.10
N LEU M 10 -35.23 -28.95 -56.09
CA LEU M 10 -35.79 -28.99 -54.75
C LEU M 10 -34.93 -28.27 -53.72
N SER M 11 -33.71 -27.88 -54.06
CA SER M 11 -32.92 -27.04 -53.17
C SER M 11 -32.07 -26.11 -54.02
N VAL M 12 -31.54 -25.08 -53.37
CA VAL M 12 -30.82 -24.05 -54.11
C VAL M 12 -29.39 -24.47 -54.42
N THR M 13 -28.85 -25.48 -53.74
CA THR M 13 -27.48 -25.92 -53.97
C THR M 13 -27.39 -27.11 -54.92
N THR M 14 -28.52 -27.65 -55.37
CA THR M 14 -28.43 -28.59 -56.49
C THR M 14 -28.12 -27.80 -57.74
N PHE M 15 -27.85 -28.51 -58.83
CA PHE M 15 -27.21 -27.87 -59.96
C PHE M 15 -27.53 -28.72 -61.18
N SER M 16 -28.47 -28.29 -61.97
CA SER M 16 -29.26 -29.12 -62.88
C SER M 16 -28.45 -29.67 -64.04
N PRO M 17 -28.87 -30.80 -64.63
CA PRO M 17 -28.09 -31.40 -65.72
C PRO M 17 -27.96 -30.52 -66.94
N ASP M 18 -28.74 -29.45 -67.02
CA ASP M 18 -28.53 -28.43 -68.04
C ASP M 18 -27.36 -27.51 -67.72
N GLY M 19 -27.12 -27.25 -66.44
CA GLY M 19 -26.05 -26.39 -65.99
C GLY M 19 -26.55 -25.29 -65.08
N ARG M 20 -27.83 -25.32 -64.75
CA ARG M 20 -28.59 -24.22 -64.20
C ARG M 20 -29.00 -24.52 -62.76
N VAL M 21 -29.24 -23.46 -62.00
CA VAL M 21 -29.69 -23.59 -60.62
C VAL M 21 -31.16 -23.18 -60.62
N PHE M 22 -32.05 -24.16 -60.50
CA PHE M 22 -33.45 -23.89 -60.81
C PHE M 22 -34.12 -23.02 -59.76
N GLN M 23 -33.64 -23.06 -58.52
CA GLN M 23 -34.31 -22.29 -57.49
C GLN M 23 -34.17 -20.79 -57.71
N ILE M 24 -33.03 -20.33 -58.22
CA ILE M 24 -32.90 -18.91 -58.51
C ILE M 24 -33.78 -18.50 -59.66
N GLU M 25 -33.93 -19.36 -60.68
CA GLU M 25 -34.91 -19.08 -61.71
C GLU M 25 -36.31 -19.01 -61.13
N TYR M 26 -36.62 -19.85 -60.15
CA TYR M 26 -37.94 -19.82 -59.54
C TYR M 26 -38.16 -18.57 -58.70
N ALA M 27 -37.09 -17.99 -58.16
CA ALA M 27 -37.22 -16.69 -57.51
C ALA M 27 -37.38 -15.58 -58.54
N ALA M 28 -36.67 -15.68 -59.66
CA ALA M 28 -36.86 -14.71 -60.72
C ALA M 28 -38.29 -14.73 -61.22
N LYS M 29 -38.88 -15.92 -61.32
CA LYS M 29 -40.28 -15.99 -61.74
C LYS M 29 -41.19 -15.31 -60.74
N ALA M 30 -40.79 -15.31 -59.47
CA ALA M 30 -41.55 -14.57 -58.47
C ALA M 30 -41.42 -13.07 -58.66
N VAL M 31 -40.24 -12.59 -59.03
CA VAL M 31 -40.08 -11.17 -59.28
C VAL M 31 -40.85 -10.75 -60.53
N ASP M 32 -40.79 -11.55 -61.59
CA ASP M 32 -41.39 -11.14 -62.86
C ASP M 32 -42.87 -10.85 -62.73
N ASN M 33 -43.54 -11.52 -61.81
CA ASN M 33 -44.99 -11.39 -61.67
C ASN M 33 -45.38 -10.44 -60.54
N SER M 34 -44.63 -9.34 -60.35
CA SER M 34 -44.99 -8.32 -59.39
C SER M 34 -45.12 -6.97 -60.10
N GLY M 35 -45.44 -5.95 -59.32
CA GLY M 35 -45.65 -4.64 -59.91
C GLY M 35 -44.36 -4.09 -60.51
N THR M 36 -44.51 -3.31 -61.58
CA THR M 36 -43.36 -2.80 -62.30
C THR M 36 -42.57 -1.81 -61.47
N ALA M 37 -41.26 -1.81 -61.67
CA ALA M 37 -40.37 -0.80 -61.10
C ALA M 37 -39.52 -0.23 -62.22
N VAL M 38 -39.21 1.06 -62.11
CA VAL M 38 -38.47 1.76 -63.15
C VAL M 38 -37.53 2.75 -62.50
N GLY M 39 -36.34 2.86 -63.05
CA GLY M 39 -35.37 3.83 -62.62
C GLY M 39 -34.70 4.45 -63.83
N ILE M 40 -34.47 5.76 -63.80
CA ILE M 40 -33.91 6.47 -64.94
C ILE M 40 -32.75 7.32 -64.45
N LYS M 41 -31.62 7.22 -65.14
CA LYS M 41 -30.48 8.08 -64.86
C LYS M 41 -30.56 9.30 -65.76
N CYS M 42 -30.96 10.43 -65.19
CA CYS M 42 -31.13 11.64 -65.97
C CYS M 42 -29.82 12.41 -66.03
N LYS M 43 -29.85 13.53 -66.75
CA LYS M 43 -28.66 14.34 -66.94
C LYS M 43 -28.09 14.82 -65.62
N ASP M 44 -28.95 15.25 -64.70
CA ASP M 44 -28.50 15.85 -63.45
C ASP M 44 -28.97 15.09 -62.23
N GLY M 45 -29.58 13.92 -62.38
CA GLY M 45 -29.98 13.14 -61.24
C GLY M 45 -30.73 11.90 -61.65
N ILE M 46 -31.24 11.22 -60.63
CA ILE M 46 -31.88 9.92 -60.78
C ILE M 46 -33.32 10.01 -60.29
N VAL M 47 -34.24 9.45 -61.05
CA VAL M 47 -35.65 9.39 -60.69
C VAL M 47 -36.08 7.93 -60.68
N LEU M 48 -36.76 7.51 -59.63
CA LEU M 48 -37.27 6.16 -59.48
C LEU M 48 -38.79 6.23 -59.49
N GLY M 49 -39.43 5.16 -59.95
CA GLY M 49 -40.88 5.12 -59.96
C GLY M 49 -41.43 3.73 -60.06
N VAL M 50 -42.29 3.34 -59.12
CA VAL M 50 -42.78 1.98 -59.01
C VAL M 50 -44.28 1.97 -59.26
N GLU M 51 -44.79 0.81 -59.67
CA GLU M 51 -46.22 0.62 -59.90
C GLU M 51 -46.78 -0.18 -58.74
N LYS M 52 -47.10 0.50 -57.65
CA LYS M 52 -47.62 -0.17 -56.46
C LYS M 52 -49.11 -0.44 -56.68
N LEU M 53 -49.40 -1.62 -57.19
CA LEU M 53 -50.78 -1.97 -57.50
C LEU M 53 -51.56 -2.29 -56.23
N ILE M 54 -52.84 -1.95 -56.24
CA ILE M 54 -53.72 -2.13 -55.09
C ILE M 54 -54.61 -3.33 -55.34
N GLN M 55 -55.08 -3.92 -54.25
CA GLN M 55 -56.01 -5.05 -54.27
C GLN M 55 -57.35 -4.73 -53.62
N SER M 56 -57.38 -3.79 -52.70
CA SER M 56 -58.57 -3.44 -51.95
C SER M 56 -58.82 -1.95 -52.08
N LYS M 57 -60.07 -1.55 -51.95
CA LYS M 57 -60.35 -0.11 -51.98
C LYS M 57 -59.82 0.54 -50.69
N MET M 58 -59.46 -0.26 -49.69
CA MET M 58 -59.11 0.35 -48.39
C MET M 58 -57.66 0.74 -48.26
N MET M 59 -56.73 -0.12 -48.65
CA MET M 59 -55.30 0.17 -48.41
C MET M 59 -55.10 1.69 -48.45
N LEU M 60 -54.93 2.30 -47.29
CA LEU M 60 -54.81 3.76 -47.23
C LEU M 60 -53.74 4.18 -48.20
N PRO M 61 -54.04 5.08 -49.15
CA PRO M 61 -53.03 5.58 -50.05
C PRO M 61 -51.80 5.97 -49.23
N GLY M 62 -50.64 5.37 -49.51
CA GLY M 62 -49.44 5.63 -48.69
C GLY M 62 -49.23 4.51 -47.71
N SER M 63 -49.12 3.28 -48.19
CA SER M 63 -49.05 2.12 -47.27
C SER M 63 -47.72 1.42 -47.40
N ASN M 64 -47.73 0.20 -47.93
CA ASN M 64 -46.47 -0.59 -48.05
C ASN M 64 -45.57 0.09 -49.08
N ARG M 65 -44.77 1.06 -48.65
CA ARG M 65 -43.88 1.79 -49.58
C ARG M 65 -42.92 0.79 -50.20
N ARG M 66 -42.59 0.99 -51.47
CA ARG M 66 -41.60 0.11 -52.11
C ARG M 66 -40.34 0.91 -52.44
N ILE M 67 -40.37 2.24 -52.36
CA ILE M 67 -39.13 3.04 -52.57
C ILE M 67 -38.63 3.49 -51.22
N HIS M 68 -37.57 2.88 -50.73
CA HIS M 68 -37.06 3.11 -49.40
C HIS M 68 -35.75 3.87 -49.49
N SER M 69 -35.57 4.84 -48.61
CA SER M 69 -34.24 5.41 -48.46
C SER M 69 -33.31 4.34 -47.92
N VAL M 70 -32.03 4.45 -48.28
CA VAL M 70 -31.03 3.49 -47.85
C VAL M 70 -29.89 4.24 -47.19
N HIS M 71 -29.76 5.51 -47.51
CA HIS M 71 -28.83 6.40 -46.86
C HIS M 71 -29.18 7.82 -47.30
N ARG M 72 -28.59 8.80 -46.63
CA ARG M 72 -28.99 10.17 -46.93
C ARG M 72 -28.77 10.49 -48.40
N HIS M 73 -27.77 9.87 -49.02
CA HIS M 73 -27.39 10.19 -50.38
C HIS M 73 -27.94 9.22 -51.40
N SER M 74 -28.73 8.24 -51.00
CA SER M 74 -29.12 7.18 -51.93
C SER M 74 -30.40 6.51 -51.48
N GLY M 75 -31.15 6.00 -52.45
CA GLY M 75 -32.42 5.35 -52.19
C GLY M 75 -32.51 4.06 -52.97
N MET M 76 -33.61 3.33 -52.77
CA MET M 76 -33.75 1.99 -53.32
C MET M 76 -35.21 1.67 -53.55
N ALA M 77 -35.49 0.86 -54.57
CA ALA M 77 -36.84 0.45 -54.93
C ALA M 77 -36.88 -1.05 -55.16
N VAL M 78 -37.85 -1.74 -54.56
CA VAL M 78 -37.89 -3.20 -54.58
C VAL M 78 -39.09 -3.64 -55.39
N ALA M 79 -38.96 -4.80 -56.05
CA ALA M 79 -40.04 -5.44 -56.76
C ALA M 79 -40.09 -6.91 -56.33
N GLY M 80 -41.26 -7.52 -56.46
CA GLY M 80 -41.42 -8.88 -56.00
C GLY M 80 -41.84 -8.92 -54.55
N LEU M 81 -41.38 -9.92 -53.80
CA LEU M 81 -41.81 -9.99 -52.40
C LEU M 81 -41.29 -8.78 -51.65
N ALA M 82 -42.17 -7.84 -51.35
CA ALA M 82 -41.76 -6.67 -50.58
C ALA M 82 -41.17 -7.08 -49.24
N ALA M 83 -41.60 -8.23 -48.72
CA ALA M 83 -41.07 -8.69 -47.44
C ALA M 83 -39.57 -8.90 -47.53
N ASP M 84 -39.09 -9.47 -48.65
CA ASP M 84 -37.66 -9.67 -48.83
C ASP M 84 -36.96 -8.36 -49.19
N GLY M 85 -37.62 -7.52 -49.97
CA GLY M 85 -37.05 -6.22 -50.28
C GLY M 85 -36.75 -5.43 -49.03
N ARG M 86 -37.58 -5.55 -48.01
CA ARG M 86 -37.32 -4.82 -46.79
C ARG M 86 -36.03 -5.28 -46.14
N GLN M 87 -35.72 -6.58 -46.18
CA GLN M 87 -34.45 -7.03 -45.63
C GLN M 87 -33.26 -6.65 -46.51
N ILE M 88 -33.41 -6.66 -47.83
CA ILE M 88 -32.32 -6.14 -48.66
C ILE M 88 -32.05 -4.69 -48.30
N VAL M 89 -33.11 -3.90 -48.15
CA VAL M 89 -32.96 -2.49 -47.80
C VAL M 89 -32.34 -2.35 -46.43
N ALA M 90 -32.73 -3.19 -45.48
CA ALA M 90 -32.16 -3.11 -44.15
C ALA M 90 -30.67 -3.39 -44.19
N ARG M 91 -30.27 -4.39 -44.98
CA ARG M 91 -28.85 -4.72 -45.07
C ARG M 91 -28.08 -3.61 -45.76
N ALA M 92 -28.66 -3.01 -46.80
CA ALA M 92 -28.02 -1.88 -47.44
C ALA M 92 -27.82 -0.73 -46.47
N LYS M 93 -28.85 -0.44 -45.66
CA LYS M 93 -28.71 0.57 -44.62
C LYS M 93 -27.56 0.23 -43.71
N SER M 94 -27.53 -1.00 -43.21
CA SER M 94 -26.53 -1.39 -42.24
C SER M 94 -25.12 -1.30 -42.82
N GLU M 95 -24.96 -1.68 -44.08
CA GLU M 95 -23.63 -1.62 -44.68
C GLU M 95 -23.19 -0.20 -44.95
N ALA M 96 -24.08 0.67 -45.39
CA ALA M 96 -23.69 2.07 -45.54
C ALA M 96 -23.28 2.65 -44.20
N THR M 97 -24.05 2.34 -43.15
CA THR M 97 -23.69 2.82 -41.82
C THR M 97 -22.33 2.28 -41.40
N ASN M 98 -22.08 1.01 -41.66
CA ASN M 98 -20.81 0.42 -41.27
C ASN M 98 -19.64 1.08 -41.99
N TYR M 99 -19.80 1.33 -43.30
CA TYR M 99 -18.77 2.03 -44.04
C TYR M 99 -18.50 3.40 -43.44
N GLU M 100 -19.55 4.16 -43.14
CA GLU M 100 -19.35 5.45 -42.48
C GLU M 100 -18.55 5.27 -41.21
N SER M 101 -18.95 4.32 -40.38
CA SER M 101 -18.35 4.19 -39.06
C SER M 101 -16.89 3.80 -39.14
N VAL M 102 -16.54 2.94 -40.10
CA VAL M 102 -15.16 2.49 -40.20
C VAL M 102 -14.30 3.55 -40.87
N TYR M 103 -14.63 3.90 -42.12
CA TYR M 103 -13.77 4.76 -42.90
C TYR M 103 -14.09 6.24 -42.77
N GLY M 104 -15.27 6.59 -42.25
CA GLY M 104 -15.55 7.98 -41.98
C GLY M 104 -15.91 8.83 -43.18
N GLU M 105 -16.41 8.26 -44.26
CA GLU M 105 -16.93 9.03 -45.38
C GLU M 105 -18.06 8.26 -46.05
N ALA M 106 -18.90 8.99 -46.77
CA ALA M 106 -20.07 8.40 -47.38
C ALA M 106 -19.70 7.20 -48.23
N VAL M 107 -20.39 6.09 -48.03
CA VAL M 107 -20.12 4.87 -48.79
C VAL M 107 -20.40 5.19 -50.25
N PRO M 108 -19.45 5.04 -51.16
CA PRO M 108 -19.75 5.34 -52.56
C PRO M 108 -20.86 4.43 -53.06
N VAL M 109 -21.70 4.98 -53.94
CA VAL M 109 -22.83 4.20 -54.42
C VAL M 109 -22.36 2.91 -55.06
N LYS M 110 -21.27 2.98 -55.82
CA LYS M 110 -20.79 1.77 -56.48
C LYS M 110 -20.52 0.68 -55.46
N GLU M 111 -19.78 1.01 -54.41
CA GLU M 111 -19.45 0.02 -53.39
C GLU M 111 -20.71 -0.49 -52.72
N LEU M 112 -21.67 0.39 -52.46
CA LEU M 112 -22.91 -0.04 -51.81
C LEU M 112 -23.67 -1.03 -52.69
N ALA M 113 -23.74 -0.76 -53.99
CA ALA M 113 -24.43 -1.67 -54.89
C ALA M 113 -23.73 -3.02 -54.91
N ASP M 114 -22.40 -3.01 -54.99
CA ASP M 114 -21.69 -4.28 -55.00
C ASP M 114 -21.92 -5.04 -53.71
N ARG M 115 -22.01 -4.34 -52.58
CA ARG M 115 -22.21 -5.03 -51.31
C ARG M 115 -23.61 -5.61 -51.19
N VAL M 116 -24.63 -4.86 -51.62
CA VAL M 116 -25.99 -5.40 -51.58
C VAL M 116 -26.10 -6.61 -52.50
N ALA M 117 -25.54 -6.50 -53.70
CA ALA M 117 -25.55 -7.65 -54.60
C ALA M 117 -24.80 -8.82 -53.99
N SER M 118 -23.70 -8.53 -53.29
CA SER M 118 -22.95 -9.59 -52.63
C SER M 118 -23.81 -10.30 -51.61
N TYR M 119 -24.56 -9.54 -50.82
CA TYR M 119 -25.40 -10.17 -49.80
C TYR M 119 -26.52 -10.99 -50.42
N VAL M 120 -27.16 -10.43 -51.45
CA VAL M 120 -28.23 -11.16 -52.12
C VAL M 120 -27.71 -12.47 -52.68
N HIS M 121 -26.52 -12.46 -53.28
CA HIS M 121 -25.94 -13.71 -53.74
C HIS M 121 -25.59 -14.62 -52.59
N LEU M 122 -24.98 -14.07 -51.54
CA LEU M 122 -24.56 -14.88 -50.41
C LEU M 122 -25.72 -15.68 -49.86
N CYS M 123 -26.91 -15.10 -49.88
CA CYS M 123 -28.06 -15.87 -49.45
C CYS M 123 -28.48 -16.92 -50.47
N THR M 124 -27.80 -17.00 -51.61
CA THR M 124 -28.06 -18.04 -52.59
C THR M 124 -27.15 -19.25 -52.40
N LEU M 125 -26.19 -19.18 -51.50
CA LEU M 125 -25.22 -20.26 -51.32
C LEU M 125 -25.62 -21.24 -50.23
N TYR M 126 -26.36 -20.77 -49.22
CA TYR M 126 -26.67 -21.60 -48.08
C TYR M 126 -27.79 -22.58 -48.41
N TRP M 127 -27.65 -23.82 -47.95
CA TRP M 127 -28.66 -24.83 -48.17
C TRP M 127 -29.91 -24.60 -47.33
N TRP M 128 -29.76 -23.88 -46.22
CA TRP M 128 -30.86 -23.67 -45.28
C TRP M 128 -31.48 -22.30 -45.40
N LEU M 129 -31.21 -21.56 -46.47
CA LEU M 129 -31.80 -20.25 -46.68
C LEU M 129 -32.64 -20.26 -47.95
N ARG M 130 -33.81 -19.67 -47.87
CA ARG M 130 -34.58 -19.41 -49.07
C ARG M 130 -33.92 -18.28 -49.84
N PRO M 131 -33.73 -18.38 -51.15
CA PRO M 131 -33.17 -17.26 -51.90
C PRO M 131 -34.12 -16.08 -51.85
N PHE M 132 -33.56 -14.89 -52.02
CA PHE M 132 -34.39 -13.69 -52.01
C PHE M 132 -35.29 -13.67 -53.24
N GLY M 133 -36.53 -13.24 -53.04
CA GLY M 133 -37.48 -13.21 -54.12
C GLY M 133 -37.70 -11.83 -54.69
N CYS M 134 -36.82 -10.89 -54.39
CA CYS M 134 -36.98 -9.52 -54.83
C CYS M 134 -35.67 -8.99 -55.38
N GLY M 135 -35.76 -8.34 -56.54
CA GLY M 135 -34.64 -7.62 -57.13
C GLY M 135 -34.92 -6.13 -57.04
N VAL M 136 -33.87 -5.35 -56.83
CA VAL M 136 -34.02 -3.96 -56.43
C VAL M 136 -33.27 -3.06 -57.39
N ILE M 137 -33.76 -1.84 -57.55
CA ILE M 137 -33.06 -0.78 -58.26
C ILE M 137 -32.48 0.17 -57.24
N LEU M 138 -31.21 0.49 -57.39
CA LEU M 138 -30.49 1.36 -56.48
C LEU M 138 -30.04 2.60 -57.24
N GLY M 139 -30.37 3.77 -56.72
CA GLY M 139 -30.18 4.99 -57.48
C GLY M 139 -29.37 6.07 -56.79
N GLY M 140 -28.32 5.69 -56.09
CA GLY M 140 -27.58 6.65 -55.30
C GLY M 140 -27.09 7.83 -56.13
N TYR M 141 -26.48 8.77 -55.42
CA TYR M 141 -25.95 9.99 -56.00
C TYR M 141 -24.81 10.47 -55.12
N ASP M 142 -23.61 10.57 -55.68
CA ASP M 142 -22.46 11.01 -54.91
C ASP M 142 -21.47 11.77 -55.78
N ARG M 143 -20.25 11.99 -55.27
CA ARG M 143 -19.27 12.81 -55.96
C ARG M 143 -19.01 12.34 -57.39
N ASP M 144 -19.45 11.13 -57.74
CA ASP M 144 -19.35 10.61 -59.08
C ASP M 144 -20.60 10.90 -59.91
N GLY M 145 -21.58 11.58 -59.34
CA GLY M 145 -22.80 11.89 -60.03
C GLY M 145 -23.84 10.80 -59.84
N PRO M 146 -24.90 10.84 -60.66
CA PRO M 146 -25.91 9.79 -60.58
C PRO M 146 -25.33 8.43 -60.94
N GLN M 147 -25.78 7.39 -60.26
CA GLN M 147 -25.36 6.03 -60.51
C GLN M 147 -26.55 5.11 -60.26
N LEU M 148 -27.10 4.54 -61.32
CA LEU M 148 -28.27 3.69 -61.19
C LEU M 148 -27.86 2.22 -61.29
N TYR M 149 -28.12 1.45 -60.25
CA TYR M 149 -27.76 0.04 -60.22
C TYR M 149 -29.02 -0.78 -60.08
N MET M 150 -29.00 -2.00 -60.60
CA MET M 150 -30.13 -2.89 -60.47
C MET M 150 -29.63 -4.28 -60.15
N VAL M 151 -30.20 -4.90 -59.12
CA VAL M 151 -29.68 -6.13 -58.54
C VAL M 151 -30.69 -7.23 -58.76
N GLU M 152 -30.28 -8.28 -59.41
CA GLU M 152 -31.18 -9.38 -59.64
C GLU M 152 -31.17 -10.32 -58.45
N PRO M 153 -32.18 -11.18 -58.33
CA PRO M 153 -32.15 -12.19 -57.25
C PRO M 153 -30.93 -13.08 -57.33
N SER M 154 -30.45 -13.35 -58.53
CA SER M 154 -29.27 -14.19 -58.70
C SER M 154 -28.05 -13.60 -58.02
N GLY M 155 -27.98 -12.28 -57.89
CA GLY M 155 -26.80 -11.61 -57.41
C GLY M 155 -26.12 -10.74 -58.44
N ILE M 156 -26.50 -10.85 -59.71
CA ILE M 156 -25.85 -10.05 -60.75
C ILE M 156 -26.34 -8.62 -60.67
N SER M 157 -25.41 -7.69 -60.49
CA SER M 157 -25.75 -6.27 -60.45
C SER M 157 -24.87 -5.54 -61.44
N TYR M 158 -25.47 -4.60 -62.16
CA TYR M 158 -24.79 -3.83 -63.18
C TYR M 158 -25.24 -2.39 -63.10
N ARG M 159 -24.37 -1.48 -63.54
CA ARG M 159 -24.74 -0.09 -63.63
C ARG M 159 -25.50 0.15 -64.92
N TYR M 160 -26.59 0.89 -64.82
CA TYR M 160 -27.50 1.08 -65.93
C TYR M 160 -27.70 2.56 -66.20
N PHE M 161 -28.18 2.87 -67.40
CA PHE M 161 -28.80 4.15 -67.66
C PHE M 161 -30.30 4.13 -67.41
N GLY M 162 -30.92 2.96 -67.54
CA GLY M 162 -32.31 2.81 -67.19
C GLY M 162 -32.60 1.35 -66.90
N ALA M 163 -33.43 1.11 -65.88
CA ALA M 163 -33.74 -0.23 -65.43
C ALA M 163 -35.24 -0.41 -65.36
N ALA M 164 -35.67 -1.66 -65.41
CA ALA M 164 -37.10 -1.95 -65.30
C ALA M 164 -37.28 -3.43 -65.02
N ILE M 165 -37.95 -3.75 -63.92
CA ILE M 165 -38.15 -5.12 -63.47
C ILE M 165 -39.64 -5.32 -63.20
N GLY M 166 -40.00 -6.54 -62.88
CA GLY M 166 -41.39 -6.88 -62.69
C GLY M 166 -42.09 -7.13 -64.01
N LYS M 167 -43.42 -7.15 -63.94
CA LYS M 167 -44.23 -7.47 -65.11
C LYS M 167 -43.87 -6.58 -66.30
N GLY M 168 -43.53 -5.32 -66.03
CA GLY M 168 -43.31 -4.36 -67.08
C GLY M 168 -41.97 -4.43 -67.75
N LYS M 169 -41.17 -5.46 -67.48
CA LYS M 169 -39.84 -5.54 -68.02
C LYS M 169 -39.79 -5.16 -69.49
N GLN M 170 -40.44 -5.95 -70.34
CA GLN M 170 -40.28 -5.77 -71.77
C GLN M 170 -40.80 -4.41 -72.23
N ALA M 171 -42.04 -4.09 -71.87
CA ALA M 171 -42.61 -2.83 -72.32
C ALA M 171 -41.81 -1.66 -71.80
N ALA M 172 -41.41 -1.72 -70.53
CA ALA M 172 -40.66 -0.62 -69.94
C ALA M 172 -39.33 -0.42 -70.65
N LYS M 173 -38.60 -1.50 -70.91
CA LYS M 173 -37.32 -1.35 -71.57
C LYS M 173 -37.49 -0.83 -72.98
N THR M 174 -38.50 -1.32 -73.71
CA THR M 174 -38.72 -0.81 -75.05
C THR M 174 -39.07 0.67 -75.04
N GLU M 175 -39.89 1.12 -74.09
CA GLU M 175 -40.22 2.54 -74.02
C GLU M 175 -39.02 3.38 -73.61
N ILE M 176 -38.20 2.88 -72.70
CA ILE M 176 -37.04 3.66 -72.26
C ILE M 176 -36.04 3.80 -73.40
N GLU M 177 -35.85 2.75 -74.20
CA GLU M 177 -34.89 2.86 -75.29
C GLU M 177 -35.17 4.05 -76.20
N LYS M 178 -36.43 4.43 -76.37
CA LYS M 178 -36.75 5.56 -77.22
C LYS M 178 -36.29 6.89 -76.65
N LEU M 179 -35.85 6.91 -75.40
CA LEU M 179 -35.74 8.14 -74.63
C LEU M 179 -34.31 8.65 -74.65
N LYS M 180 -34.15 9.96 -74.78
CA LYS M 180 -32.84 10.60 -74.77
C LYS M 180 -32.46 10.88 -73.32
N LEU M 181 -31.85 9.88 -72.70
CA LEU M 181 -31.63 9.92 -71.26
C LEU M 181 -30.67 11.02 -70.85
N SER M 182 -29.60 11.22 -71.63
CA SER M 182 -28.54 12.14 -71.21
C SER M 182 -28.95 13.59 -71.33
N GLU M 183 -29.81 13.93 -72.29
CA GLU M 183 -30.25 15.30 -72.47
C GLU M 183 -31.35 15.69 -71.49
N MET M 184 -32.14 14.74 -71.03
CA MET M 184 -33.31 15.04 -70.21
C MET M 184 -32.92 15.14 -68.74
N THR M 185 -33.52 16.12 -68.07
CA THR M 185 -33.18 16.46 -66.70
C THR M 185 -34.34 16.12 -65.78
N CYS M 186 -34.09 16.24 -64.48
CA CYS M 186 -35.14 16.00 -63.50
C CYS M 186 -36.29 16.96 -63.78
N ARG M 187 -37.49 16.60 -63.32
CA ARG M 187 -38.75 17.23 -63.70
C ARG M 187 -39.10 16.88 -65.13
N GLU M 188 -38.18 16.23 -65.85
CA GLU M 188 -38.54 15.66 -67.15
C GLU M 188 -38.56 14.14 -67.05
N GLY M 189 -37.66 13.58 -66.25
CA GLY M 189 -37.77 12.19 -65.92
C GLY M 189 -39.07 11.84 -65.24
N ILE M 190 -39.63 12.76 -64.46
CA ILE M 190 -40.89 12.51 -63.80
C ILE M 190 -41.97 12.20 -64.84
N ILE M 191 -42.10 13.04 -65.85
CA ILE M 191 -43.15 12.83 -66.85
C ILE M 191 -42.92 11.53 -67.60
N GLU M 192 -41.67 11.29 -68.00
CA GLU M 192 -41.39 10.09 -68.79
C GLU M 192 -41.67 8.83 -67.99
N VAL M 193 -41.26 8.80 -66.73
CA VAL M 193 -41.50 7.64 -65.89
C VAL M 193 -43.01 7.42 -65.68
N ALA M 194 -43.74 8.49 -65.35
CA ALA M 194 -45.17 8.32 -65.14
C ALA M 194 -45.85 7.83 -66.40
N LYS M 195 -45.50 8.41 -67.54
CA LYS M 195 -46.13 8.04 -68.80
C LYS M 195 -45.90 6.56 -69.08
N ILE M 196 -44.65 6.10 -68.96
CA ILE M 196 -44.37 4.72 -69.32
C ILE M 196 -45.00 3.77 -68.31
N ILE M 197 -45.03 4.15 -67.04
CA ILE M 197 -45.67 3.28 -66.05
C ILE M 197 -47.14 3.10 -66.40
N TYR M 198 -47.83 4.21 -66.64
CA TYR M 198 -49.25 4.12 -66.94
C TYR M 198 -49.49 3.33 -68.22
N LYS M 199 -48.64 3.51 -69.22
CA LYS M 199 -48.76 2.73 -70.44
C LYS M 199 -48.61 1.24 -70.14
N VAL M 200 -47.62 0.90 -69.30
CA VAL M 200 -47.35 -0.50 -69.01
C VAL M 200 -48.51 -1.14 -68.27
N HIS M 201 -49.18 -0.38 -67.41
CA HIS M 201 -50.18 -0.95 -66.52
C HIS M 201 -51.29 -1.63 -67.30
N ASP M 202 -51.52 -2.91 -66.99
CA ASP M 202 -52.54 -3.71 -67.66
C ASP M 202 -53.82 -3.65 -66.85
N GLU M 203 -54.70 -2.71 -67.20
CA GLU M 203 -56.00 -2.68 -66.54
C GLU M 203 -56.74 -4.00 -66.71
N ALA M 204 -56.48 -4.71 -67.80
CA ALA M 204 -57.06 -6.03 -68.01
C ALA M 204 -56.48 -7.07 -67.05
N LYS M 205 -55.36 -6.76 -66.40
CA LYS M 205 -54.75 -7.67 -65.43
C LYS M 205 -54.87 -7.19 -64.00
N ASP M 206 -54.87 -5.89 -63.76
CA ASP M 206 -54.95 -5.35 -62.41
C ASP M 206 -55.91 -4.17 -62.39
N LYS M 207 -55.99 -3.52 -61.23
CA LYS M 207 -56.96 -2.46 -61.03
C LYS M 207 -56.39 -1.42 -60.07
N ALA M 208 -56.74 -0.17 -60.33
CA ALA M 208 -56.52 0.94 -59.40
C ALA M 208 -55.15 0.87 -58.74
N PHE M 209 -54.10 0.83 -59.54
CA PHE M 209 -52.76 0.87 -58.97
C PHE M 209 -52.46 2.24 -58.38
N GLU M 210 -51.37 2.31 -57.64
CA GLU M 210 -50.83 3.56 -57.13
C GLU M 210 -49.43 3.76 -57.67
N LEU M 211 -49.10 4.99 -58.02
CA LEU M 211 -47.81 5.33 -58.59
C LEU M 211 -46.97 6.00 -57.51
N GLU M 212 -45.76 5.51 -57.31
CA GLU M 212 -44.80 6.18 -56.45
C GLU M 212 -43.68 6.77 -57.29
N MET M 213 -42.94 7.71 -56.71
CA MET M 213 -41.72 8.16 -57.33
C MET M 213 -40.79 8.74 -56.28
N SER M 214 -39.51 8.74 -56.62
CA SER M 214 -38.48 9.33 -55.79
C SER M 214 -37.35 9.74 -56.70
N TRP M 215 -36.52 10.63 -56.20
CA TRP M 215 -35.40 11.11 -57.00
C TRP M 215 -34.37 11.81 -56.15
N ILE M 216 -33.13 11.68 -56.61
CA ILE M 216 -31.96 12.28 -55.99
C ILE M 216 -31.38 13.19 -57.06
N CYS M 217 -31.25 14.47 -56.77
CA CYS M 217 -30.52 15.31 -57.71
C CYS M 217 -30.13 16.61 -57.03
N ASP M 218 -29.47 17.48 -57.81
CA ASP M 218 -29.03 18.75 -57.29
C ASP M 218 -30.18 19.51 -56.67
N GLU M 219 -31.38 19.43 -57.26
CA GLU M 219 -32.52 20.10 -56.69
C GLU M 219 -32.76 19.65 -55.25
N SER M 220 -32.71 18.36 -54.99
CA SER M 220 -32.84 17.82 -53.65
C SER M 220 -31.58 17.91 -52.90
N LYS M 221 -30.65 18.75 -53.31
CA LYS M 221 -29.32 18.83 -52.73
C LYS M 221 -28.72 17.44 -52.57
N ARG M 222 -28.83 16.64 -53.63
CA ARG M 222 -28.15 15.35 -53.73
C ARG M 222 -28.51 14.45 -52.56
N GLU M 223 -29.82 14.33 -52.30
CA GLU M 223 -30.36 13.43 -51.29
C GLU M 223 -31.61 12.78 -51.83
N HIS M 224 -32.00 11.66 -51.22
CA HIS M 224 -33.15 10.90 -51.67
C HIS M 224 -34.38 11.36 -50.90
N GLN M 225 -35.46 11.63 -51.63
CA GLN M 225 -36.67 12.15 -51.01
C GLN M 225 -37.79 12.08 -52.03
N LYS M 226 -38.98 11.78 -51.55
CA LYS M 226 -40.12 11.59 -52.42
C LYS M 226 -40.29 12.81 -53.32
N VAL M 227 -40.98 12.62 -54.44
CA VAL M 227 -41.21 13.75 -55.34
C VAL M 227 -42.14 14.74 -54.67
N PRO M 228 -41.92 16.05 -54.78
CA PRO M 228 -42.97 16.99 -54.40
C PRO M 228 -44.28 16.65 -55.08
N ASP M 229 -45.32 16.46 -54.28
CA ASP M 229 -46.53 15.83 -54.78
C ASP M 229 -47.16 16.61 -55.92
N ASN M 230 -46.96 17.93 -55.96
CA ASN M 230 -47.51 18.70 -57.07
C ASN M 230 -46.91 18.26 -58.40
N LEU M 231 -45.59 18.02 -58.41
CA LEU M 231 -44.96 17.50 -59.61
C LEU M 231 -45.54 16.15 -60.00
N LEU M 232 -45.80 15.29 -59.02
CA LEU M 232 -46.41 13.99 -59.32
C LEU M 232 -47.80 14.17 -59.91
N GLN M 233 -48.59 15.11 -59.38
CA GLN M 233 -49.93 15.32 -59.93
C GLN M 233 -49.86 15.81 -61.36
N GLU M 234 -48.96 16.75 -61.64
CA GLU M 234 -48.80 17.23 -63.01
C GLU M 234 -48.38 16.09 -63.93
N ALA M 235 -47.42 15.28 -63.48
CA ALA M 235 -46.94 14.18 -64.30
C ALA M 235 -48.03 13.13 -64.53
N LYS M 236 -48.80 12.81 -63.50
CA LYS M 236 -49.89 11.86 -63.66
C LYS M 236 -50.92 12.39 -64.65
N ALA M 237 -51.24 13.69 -64.57
CA ALA M 237 -52.15 14.28 -65.53
C ALA M 237 -51.60 14.16 -66.95
N ALA M 238 -50.31 14.45 -67.13
CA ALA M 238 -49.71 14.34 -68.45
C ALA M 238 -49.73 12.90 -68.93
N ALA M 239 -49.47 11.94 -68.04
CA ALA M 239 -49.49 10.54 -68.42
C ALA M 239 -50.88 10.10 -68.84
N THR M 240 -51.90 10.52 -68.09
CA THR M 240 -53.27 10.19 -68.48
C THR M 240 -53.61 10.80 -69.83
N ALA M 241 -53.22 12.05 -70.05
CA ALA M 241 -53.50 12.69 -71.33
C ALA M 241 -52.82 11.95 -72.47
N ALA M 242 -51.55 11.59 -72.29
CA ALA M 242 -50.83 10.86 -73.32
C ALA M 242 -51.47 9.50 -73.58
N LEU M 243 -51.90 8.82 -72.53
CA LEU M 243 -52.57 7.53 -72.68
C LEU M 243 -53.92 7.66 -73.36
N GLU M 244 -54.46 8.87 -73.49
CA GLU M 244 -55.72 9.08 -74.18
C GLU M 244 -55.55 9.36 -75.67
N THR N 14 2.54 29.16 -14.55
CA THR N 14 3.51 30.24 -14.25
C THR N 14 4.59 30.33 -15.30
N THR N 15 5.15 31.53 -15.43
CA THR N 15 6.27 31.78 -16.33
C THR N 15 7.12 32.86 -15.71
N ILE N 16 8.43 32.75 -15.85
CA ILE N 16 9.35 33.77 -15.38
C ILE N 16 10.58 33.73 -16.26
N ILE N 17 10.90 34.87 -16.85
CA ILE N 17 11.97 34.94 -17.83
C ILE N 17 12.87 36.12 -17.46
N GLY N 18 14.16 35.95 -17.69
CA GLY N 18 15.10 37.01 -17.44
C GLY N 18 16.02 37.20 -18.62
N VAL N 19 16.20 38.43 -19.08
CA VAL N 19 16.96 38.71 -20.28
C VAL N 19 18.03 39.74 -19.95
N THR N 20 19.24 39.52 -20.44
CA THR N 20 20.33 40.45 -20.24
C THR N 20 20.64 41.17 -21.55
N TYR N 21 20.67 42.49 -21.40
CA TYR N 21 20.97 43.37 -22.53
C TYR N 21 22.23 44.16 -22.20
N LYS N 22 22.71 45.01 -23.11
CA LYS N 22 24.00 45.69 -22.89
C LYS N 22 24.06 46.31 -21.50
N ASP N 23 23.11 47.15 -21.14
CA ASP N 23 23.23 47.89 -19.87
C ASP N 23 22.85 47.04 -18.64
N GLY N 24 21.78 46.23 -18.66
CA GLY N 24 21.37 45.52 -17.43
C GLY N 24 20.45 44.34 -17.63
N VAL N 25 19.36 44.26 -16.87
CA VAL N 25 18.45 43.08 -16.92
C VAL N 25 17.00 43.53 -17.18
N ILE N 26 16.12 42.61 -17.59
CA ILE N 26 14.69 42.91 -17.79
C ILE N 26 13.93 41.70 -17.30
N LEU N 27 13.86 41.50 -15.98
CA LEU N 27 13.21 40.29 -15.42
C LEU N 27 11.71 40.28 -15.78
N GLY N 28 11.05 39.13 -15.92
CA GLY N 28 9.63 39.05 -16.35
C GLY N 28 8.75 38.07 -15.58
N ALA N 29 7.42 38.10 -15.77
CA ALA N 29 6.48 37.23 -15.01
C ALA N 29 5.15 37.11 -15.73
N ASP N 30 4.19 36.39 -15.16
CA ASP N 30 2.94 36.14 -15.91
C ASP N 30 1.69 36.53 -15.13
N SER N 31 1.67 36.49 -13.81
CA SER N 31 0.53 36.94 -12.98
C SER N 31 -0.65 35.96 -12.99
N ARG N 32 -0.50 34.78 -12.39
CA ARG N 32 -1.64 33.84 -12.26
C ARG N 32 -1.33 32.82 -11.18
N THR N 33 -1.78 33.04 -9.95
CA THR N 33 -1.56 32.06 -8.87
C THR N 33 -2.78 31.17 -8.85
N SER N 34 -2.61 29.90 -9.17
CA SER N 34 -3.77 28.99 -9.29
C SER N 34 -3.77 28.00 -8.13
N THR N 35 -4.93 27.50 -7.74
CA THR N 35 -5.02 26.47 -6.69
C THR N 35 -5.86 25.34 -7.28
N GLY N 36 -5.27 24.59 -8.21
CA GLY N 36 -6.06 23.61 -8.93
C GLY N 36 -6.36 24.12 -10.32
N VAL N 37 -7.65 24.10 -10.69
CA VAL N 37 -8.07 24.68 -11.95
C VAL N 37 -8.63 26.08 -11.74
N TYR N 38 -8.81 26.49 -10.49
CA TYR N 38 -9.31 27.83 -10.22
C TYR N 38 -8.15 28.81 -10.20
N VAL N 39 -8.40 30.04 -10.64
CA VAL N 39 -7.38 31.07 -10.66
C VAL N 39 -7.57 31.92 -9.41
N ALA N 40 -6.93 31.55 -8.32
CA ALA N 40 -7.11 32.27 -7.07
C ALA N 40 -6.77 33.75 -7.22
N ASN N 41 -5.78 34.10 -8.05
CA ASN N 41 -5.35 35.51 -8.21
C ASN N 41 -4.97 35.76 -9.65
N ARG N 42 -5.38 36.89 -10.21
CA ARG N 42 -5.14 37.11 -11.65
C ARG N 42 -4.05 38.14 -11.84
N ALA N 43 -3.65 38.83 -10.78
CA ALA N 43 -2.65 39.88 -10.94
C ALA N 43 -1.57 39.70 -9.90
N SER N 44 -1.31 38.46 -9.51
CA SER N 44 -0.19 38.22 -8.58
C SER N 44 1.06 38.92 -9.10
N ASP N 45 1.91 39.37 -8.18
CA ASP N 45 3.15 40.05 -8.57
C ASP N 45 4.27 39.06 -8.39
N LYS N 46 4.76 38.48 -9.47
CA LYS N 46 5.74 37.43 -9.23
C LYS N 46 7.17 37.93 -9.22
N ILE N 47 7.38 39.24 -9.23
CA ILE N 47 8.71 39.83 -9.19
C ILE N 47 8.77 40.72 -7.97
N THR N 48 9.74 40.48 -7.09
CA THR N 48 9.84 41.18 -5.83
C THR N 48 11.18 41.86 -5.72
N GLN N 49 11.28 42.83 -4.82
CA GLN N 49 12.52 43.56 -4.64
C GLN N 49 13.37 42.90 -3.59
N LEU N 50 14.68 42.86 -3.84
CA LEU N 50 15.65 42.53 -2.80
C LEU N 50 16.44 43.75 -2.38
N THR N 51 16.96 44.51 -3.32
CA THR N 51 17.44 45.85 -3.04
C THR N 51 17.05 46.74 -4.22
N ASP N 52 17.37 48.02 -4.12
CA ASP N 52 16.91 48.96 -5.13
C ASP N 52 17.38 48.58 -6.52
N ASN N 53 18.31 47.65 -6.64
CA ASN N 53 18.89 47.30 -7.93
C ASN N 53 18.79 45.81 -8.24
N VAL N 54 18.21 45.00 -7.36
CA VAL N 54 18.13 43.56 -7.58
C VAL N 54 16.71 43.10 -7.32
N TYR N 55 16.18 42.29 -8.23
CA TYR N 55 14.84 41.73 -8.11
C TYR N 55 14.91 40.25 -8.40
N VAL N 56 13.96 39.51 -7.85
CA VAL N 56 13.89 38.06 -8.02
C VAL N 56 12.54 37.72 -8.63
N CYS N 57 12.55 36.88 -9.66
CA CYS N 57 11.31 36.35 -10.22
C CYS N 57 10.92 35.11 -9.44
N ARG N 58 9.91 35.24 -8.60
CA ARG N 58 9.44 34.14 -7.77
C ARG N 58 8.66 33.15 -8.61
N SER N 59 8.91 31.87 -8.40
CA SER N 59 8.15 30.83 -9.10
C SER N 59 8.17 29.57 -8.25
N GLY N 60 7.16 28.73 -8.48
CA GLY N 60 6.97 27.52 -7.69
C GLY N 60 6.00 27.77 -6.56
N SER N 61 6.22 27.12 -5.42
CA SER N 61 5.36 27.30 -4.27
C SER N 61 5.29 28.77 -3.89
N ALA N 62 4.08 29.27 -3.66
CA ALA N 62 3.93 30.69 -3.34
C ALA N 62 4.50 31.01 -1.97
N ALA N 63 4.14 30.23 -0.95
CA ALA N 63 4.61 30.51 0.40
C ALA N 63 6.13 30.46 0.48
N ASP N 64 6.72 29.40 -0.06
CA ASP N 64 8.16 29.22 0.03
C ASP N 64 8.92 30.31 -0.68
N SER N 65 8.51 30.62 -1.91
CA SER N 65 9.18 31.69 -2.63
C SER N 65 9.02 33.02 -1.92
N GLN N 66 7.83 33.30 -1.40
CA GLN N 66 7.60 34.57 -0.73
C GLN N 66 8.51 34.71 0.49
N ILE N 67 8.59 33.67 1.31
CA ILE N 67 9.38 33.81 2.53
C ILE N 67 10.87 33.84 2.21
N VAL N 68 11.31 33.11 1.18
CA VAL N 68 12.71 33.21 0.80
C VAL N 68 13.01 34.61 0.32
N SER N 69 12.07 35.22 -0.40
CA SER N 69 12.24 36.61 -0.78
C SER N 69 12.36 37.51 0.44
N ASP N 70 11.49 37.30 1.43
CA ASP N 70 11.55 38.12 2.63
C ASP N 70 12.87 37.98 3.34
N TYR N 71 13.34 36.74 3.50
CA TYR N 71 14.56 36.50 4.24
C TYR N 71 15.76 37.03 3.49
N VAL N 72 15.78 36.88 2.17
CA VAL N 72 16.87 37.45 1.41
C VAL N 72 16.87 38.96 1.51
N ARG N 73 15.70 39.58 1.46
CA ARG N 73 15.65 41.03 1.61
C ARG N 73 16.17 41.45 2.97
N TYR N 74 15.83 40.69 4.01
CA TYR N 74 16.29 41.00 5.36
C TYR N 74 17.80 40.88 5.47
N PHE N 75 18.35 39.73 5.07
CA PHE N 75 19.80 39.57 5.12
C PHE N 75 20.48 40.63 4.28
N LEU N 76 19.83 41.06 3.22
CA LEU N 76 20.53 41.92 2.27
C LEU N 76 20.45 43.37 2.73
N HIS N 77 19.38 43.76 3.43
CA HIS N 77 19.39 45.00 4.20
C HIS N 77 20.54 45.01 5.19
N GLN N 78 20.65 43.96 6.00
CA GLN N 78 21.73 43.93 6.96
C GLN N 78 23.08 44.09 6.27
N HIS N 79 23.28 43.36 5.18
CA HIS N 79 24.57 43.41 4.49
C HIS N 79 24.84 44.80 3.94
N THR N 80 23.87 45.40 3.27
CA THR N 80 24.14 46.66 2.61
C THR N 80 24.33 47.79 3.61
N ILE N 81 23.74 47.69 4.79
CA ILE N 81 24.10 48.65 5.84
C ILE N 81 25.50 48.37 6.35
N GLN N 82 25.81 47.11 6.65
CA GLN N 82 27.13 46.79 7.18
C GLN N 82 28.22 47.35 6.28
N LEU N 83 28.10 47.10 4.98
CA LEU N 83 29.07 47.63 4.05
C LEU N 83 28.80 49.09 3.71
N GLY N 84 27.58 49.57 3.96
CA GLY N 84 27.24 50.92 3.54
C GLY N 84 27.45 51.11 2.05
N GLN N 85 26.97 50.17 1.25
CA GLN N 85 27.32 50.15 -0.16
C GLN N 85 26.31 49.32 -0.93
N PRO N 86 25.98 49.71 -2.16
CA PRO N 86 24.97 48.95 -2.92
C PRO N 86 25.38 47.50 -3.10
N ALA N 87 24.55 46.60 -2.58
CA ALA N 87 24.86 45.17 -2.66
C ALA N 87 24.85 44.71 -4.11
N THR N 88 25.72 43.76 -4.42
CA THR N 88 25.88 43.29 -5.79
C THR N 88 24.86 42.20 -6.11
N VAL N 89 24.72 41.93 -7.41
CA VAL N 89 23.81 40.88 -7.83
C VAL N 89 24.32 39.52 -7.39
N LYS N 90 25.63 39.27 -7.56
CA LYS N 90 26.18 37.98 -7.20
C LYS N 90 25.84 37.64 -5.76
N VAL N 91 25.94 38.62 -4.87
CA VAL N 91 25.65 38.37 -3.46
C VAL N 91 24.18 38.09 -3.26
N ALA N 92 23.31 38.78 -3.98
CA ALA N 92 21.89 38.51 -3.85
C ALA N 92 21.58 37.09 -4.28
N ALA N 93 22.14 36.66 -5.41
CA ALA N 93 21.90 35.31 -5.89
C ALA N 93 22.44 34.28 -4.90
N ASN N 94 23.62 34.53 -4.35
CA ASN N 94 24.18 33.58 -3.42
C ASN N 94 23.38 33.53 -2.13
N LEU N 95 22.80 34.66 -1.72
CA LEU N 95 21.91 34.61 -0.56
C LEU N 95 20.66 33.82 -0.85
N VAL N 96 20.10 33.98 -2.04
CA VAL N 96 18.93 33.18 -2.41
C VAL N 96 19.28 31.69 -2.39
N ARG N 97 20.48 31.36 -2.85
CA ARG N 97 20.90 29.96 -2.84
C ARG N 97 21.14 29.47 -1.42
N LEU N 98 21.58 30.36 -0.54
CA LEU N 98 21.82 29.97 0.84
C LEU N 98 20.58 29.33 1.44
N LEU N 99 19.40 29.81 1.08
CA LEU N 99 18.16 29.27 1.63
C LEU N 99 17.57 28.22 0.71
N ALA N 100 17.71 28.41 -0.61
CA ALA N 100 17.22 27.40 -1.53
C ALA N 100 17.93 26.07 -1.34
N TYR N 101 19.25 26.11 -1.21
CA TYR N 101 20.00 24.88 -0.94
C TYR N 101 19.87 24.45 0.51
N GLY N 102 19.87 25.39 1.43
CA GLY N 102 19.81 25.01 2.84
C GLY N 102 18.56 24.24 3.17
N ASN N 103 17.49 24.46 2.42
CA ASN N 103 16.19 23.88 2.71
C ASN N 103 15.65 23.13 1.50
N LYS N 104 16.51 22.32 0.89
CA LYS N 104 16.08 21.52 -0.25
C LYS N 104 14.84 20.72 0.09
N ASP N 105 14.77 20.24 1.33
CA ASP N 105 13.67 19.37 1.72
C ASP N 105 12.33 20.09 1.63
N THR N 106 12.27 21.32 2.11
CA THR N 106 10.99 21.98 2.35
C THR N 106 10.61 22.98 1.28
N LEU N 107 11.57 23.71 0.71
CA LEU N 107 11.27 24.81 -0.20
C LEU N 107 11.29 24.27 -1.64
N GLN N 108 10.10 24.19 -2.24
CA GLN N 108 9.95 23.84 -3.64
C GLN N 108 9.81 25.13 -4.46
N THR N 109 10.96 25.76 -4.69
CA THR N 109 11.00 27.08 -5.30
C THR N 109 12.00 27.10 -6.45
N GLY N 110 11.64 27.81 -7.51
CA GLY N 110 12.58 28.09 -8.58
C GLY N 110 12.55 29.56 -8.88
N MET N 111 13.71 30.21 -8.94
CA MET N 111 13.77 31.66 -8.99
C MET N 111 14.83 32.11 -9.97
N ILE N 112 14.70 33.36 -10.42
CA ILE N 112 15.68 34.00 -11.28
C ILE N 112 15.98 35.36 -10.67
N VAL N 113 17.27 35.67 -10.51
CA VAL N 113 17.70 36.88 -9.84
C VAL N 113 18.42 37.76 -10.86
N GLY N 114 17.98 39.00 -10.97
CA GLY N 114 18.58 39.92 -11.91
C GLY N 114 18.78 41.27 -11.25
N GLY N 115 19.76 42.00 -11.74
CA GLY N 115 20.09 43.26 -11.13
C GLY N 115 21.18 43.98 -11.90
N TRP N 116 21.77 44.98 -11.27
CA TRP N 116 22.80 45.78 -11.91
C TRP N 116 23.80 46.25 -10.88
N ASP N 117 25.06 46.32 -11.29
CA ASP N 117 26.14 46.77 -10.43
C ASP N 117 27.13 47.59 -11.23
N LYS N 118 27.78 48.52 -10.54
CA LYS N 118 28.96 49.12 -11.12
C LYS N 118 30.05 48.08 -11.32
N TYR N 119 30.08 47.05 -10.47
CA TYR N 119 31.18 46.10 -10.51
C TYR N 119 31.12 45.23 -11.76
N GLU N 120 29.96 44.66 -12.04
CA GLU N 120 29.85 43.65 -13.10
C GLU N 120 28.78 43.95 -14.14
N GLY N 121 27.97 45.00 -13.94
CA GLY N 121 26.93 45.28 -14.90
C GLY N 121 25.67 44.50 -14.61
N GLY N 122 24.86 44.27 -15.65
CA GLY N 122 23.62 43.55 -15.48
C GLY N 122 23.84 42.07 -15.66
N LYS N 123 23.48 41.30 -14.63
CA LYS N 123 23.72 39.87 -14.60
C LYS N 123 22.44 39.17 -14.20
N ILE N 124 22.24 37.96 -14.73
CA ILE N 124 21.10 37.15 -14.40
C ILE N 124 21.59 35.83 -13.85
N TYR N 125 21.12 35.48 -12.65
CA TYR N 125 21.44 34.23 -11.98
C TYR N 125 20.17 33.42 -11.85
N GLY N 126 20.14 32.25 -12.46
CA GLY N 126 18.99 31.39 -12.37
C GLY N 126 19.18 30.38 -11.27
N ILE N 127 18.32 30.39 -10.25
CA ILE N 127 18.43 29.41 -9.18
C ILE N 127 17.31 28.40 -9.35
N PRO N 128 17.50 27.37 -10.16
CA PRO N 128 16.41 26.43 -10.41
C PRO N 128 16.01 25.71 -9.16
N LEU N 129 15.05 24.82 -9.30
CA LEU N 129 14.62 24.00 -8.19
C LEU N 129 15.79 23.15 -7.70
N GLY N 130 15.95 23.08 -6.39
CA GLY N 130 17.04 22.34 -5.80
C GLY N 130 18.20 23.19 -5.34
N GLY N 131 18.41 24.35 -5.93
CA GLY N 131 19.34 25.32 -5.37
C GLY N 131 20.69 25.42 -6.04
N THR N 132 20.74 25.36 -7.37
CA THR N 132 21.97 25.68 -8.06
C THR N 132 21.97 27.16 -8.43
N ILE N 133 23.15 27.75 -8.54
CA ILE N 133 23.27 29.08 -9.12
C ILE N 133 23.88 28.90 -10.49
N ILE N 134 23.26 29.49 -11.51
CA ILE N 134 23.81 29.47 -12.84
C ILE N 134 23.72 30.87 -13.40
N GLU N 135 24.84 31.58 -13.45
CA GLU N 135 24.90 32.79 -14.27
C GLU N 135 24.60 32.42 -15.71
N GLN N 136 23.74 33.19 -16.36
CA GLN N 136 23.32 32.88 -17.71
C GLN N 136 23.13 34.17 -18.50
N PRO N 137 23.21 34.10 -19.83
CA PRO N 137 22.72 35.23 -20.63
C PRO N 137 21.23 35.45 -20.49
N PHE N 138 20.45 34.39 -20.30
CA PHE N 138 19.05 34.51 -19.94
C PHE N 138 18.62 33.25 -19.21
N SER N 139 17.46 33.34 -18.57
CA SER N 139 16.91 32.22 -17.82
C SER N 139 15.43 32.11 -18.11
N ILE N 140 14.92 30.90 -17.97
CA ILE N 140 13.50 30.62 -18.14
C ILE N 140 13.10 29.71 -16.99
N GLY N 141 11.90 29.90 -16.47
CA GLY N 141 11.48 29.14 -15.31
C GLY N 141 9.99 28.92 -15.30
N GLY N 142 9.53 28.26 -14.26
CA GLY N 142 8.11 28.02 -14.12
C GLY N 142 7.61 27.00 -15.11
N SER N 143 6.40 26.50 -14.90
CA SER N 143 5.86 25.47 -15.78
C SER N 143 5.73 25.94 -17.21
N GLY N 144 5.63 27.24 -17.43
CA GLY N 144 5.52 27.75 -18.78
C GLY N 144 6.83 27.88 -19.50
N SER N 145 7.94 27.51 -18.87
CA SER N 145 9.23 27.58 -19.53
C SER N 145 9.30 26.66 -20.74
N SER N 146 8.76 25.46 -20.62
CA SER N 146 8.97 24.44 -21.64
C SER N 146 8.49 24.89 -23.00
N TYR N 147 7.49 25.76 -23.07
CA TYR N 147 7.00 26.21 -24.35
C TYR N 147 7.91 27.23 -25.02
N LEU N 148 9.08 27.48 -24.43
CA LEU N 148 9.94 28.57 -24.85
C LEU N 148 11.34 28.14 -25.25
N TYR N 149 11.83 27.01 -24.74
CA TYR N 149 13.21 26.62 -25.04
C TYR N 149 13.48 26.72 -26.53
N GLY N 150 12.61 26.12 -27.33
CA GLY N 150 12.82 26.15 -28.77
C GLY N 150 12.76 27.54 -29.33
N PHE N 151 11.84 28.36 -28.84
CA PHE N 151 11.74 29.72 -29.36
C PHE N 151 12.96 30.53 -28.97
N LEU N 152 13.33 30.50 -27.69
CA LEU N 152 14.44 31.33 -27.25
C LEU N 152 15.73 30.92 -27.93
N ASP N 153 16.00 29.61 -28.05
CA ASP N 153 17.26 29.17 -28.63
C ASP N 153 17.53 29.80 -29.98
N GLN N 154 16.50 30.02 -30.79
CA GLN N 154 16.67 30.65 -32.08
C GLN N 154 16.44 32.15 -32.05
N ALA N 155 16.07 32.68 -30.89
CA ALA N 155 15.83 34.13 -30.75
C ALA N 155 16.99 34.87 -30.07
N TRP N 156 17.56 34.34 -28.99
CA TRP N 156 18.58 35.09 -28.21
C TRP N 156 19.73 35.63 -29.03
N LYS N 157 19.93 36.93 -28.98
CA LYS N 157 21.10 37.56 -29.62
C LYS N 157 21.73 38.36 -28.50
N ASP N 158 23.01 38.16 -28.22
CA ASP N 158 23.67 38.80 -27.06
C ASP N 158 23.84 40.29 -27.29
N GLY N 159 23.72 41.08 -26.24
CA GLY N 159 23.98 42.52 -26.41
C GLY N 159 22.87 43.25 -27.13
N MET N 160 21.69 43.32 -26.50
CA MET N 160 20.54 44.03 -27.11
C MET N 160 20.35 45.34 -26.38
N SER N 161 19.43 46.16 -26.84
CA SER N 161 19.14 47.42 -26.12
C SER N 161 18.06 47.16 -25.07
N LYS N 162 17.63 48.19 -24.35
CA LYS N 162 16.51 48.04 -23.40
C LYS N 162 15.24 47.77 -24.19
N ASP N 163 15.18 48.24 -25.43
CA ASP N 163 13.97 48.06 -26.25
C ASP N 163 13.85 46.62 -26.72
N GLU N 164 14.70 46.16 -27.62
CA GLU N 164 14.63 44.82 -28.18
C GLU N 164 14.50 43.78 -27.10
N ALA N 165 15.21 43.95 -25.99
CA ALA N 165 15.04 43.04 -24.88
C ALA N 165 13.63 43.09 -24.33
N GLU N 166 13.06 44.30 -24.21
CA GLU N 166 11.68 44.37 -23.73
C GLU N 166 10.74 43.63 -24.66
N GLU N 167 10.87 43.83 -25.97
CA GLU N 167 9.98 43.15 -26.91
C GLU N 167 10.16 41.65 -26.81
N LEU N 168 11.39 41.19 -26.69
CA LEU N 168 11.61 39.75 -26.60
C LEU N 168 11.00 39.17 -25.34
N VAL N 169 11.12 39.87 -24.21
CA VAL N 169 10.52 39.36 -22.99
C VAL N 169 9.00 39.31 -23.12
N LYS N 170 8.42 40.35 -23.73
CA LYS N 170 6.98 40.34 -23.95
C LYS N 170 6.56 39.18 -24.83
N LYS N 171 7.28 38.94 -25.93
CA LYS N 171 6.95 37.83 -26.80
C LYS N 171 7.05 36.51 -26.05
N ALA N 172 8.13 36.32 -25.30
CA ALA N 172 8.31 35.06 -24.62
C ALA N 172 7.17 34.80 -23.64
N VAL N 173 6.87 35.77 -22.79
CA VAL N 173 5.84 35.54 -21.80
C VAL N 173 4.48 35.39 -22.46
N SER N 174 4.21 36.12 -23.53
CA SER N 174 2.90 35.98 -24.17
C SER N 174 2.76 34.65 -24.87
N LEU N 175 3.82 34.16 -25.52
CA LEU N 175 3.75 32.84 -26.14
C LEU N 175 3.53 31.76 -25.10
N ALA N 176 4.20 31.86 -23.95
CA ALA N 176 3.95 30.90 -22.88
C ALA N 176 2.54 31.03 -22.34
N ILE N 177 2.02 32.26 -22.27
CA ILE N 177 0.67 32.48 -21.77
C ILE N 177 -0.36 31.84 -22.68
N ALA N 178 -0.19 32.02 -23.99
CA ALA N 178 -1.20 31.61 -24.94
C ALA N 178 -1.40 30.11 -24.99
N ARG N 179 -0.47 29.34 -24.46
CA ARG N 179 -0.45 27.91 -24.72
C ARG N 179 -0.42 27.11 -23.43
N ASP N 180 -0.08 27.76 -22.32
CA ASP N 180 0.03 27.08 -21.04
C ASP N 180 -1.21 27.35 -20.21
N GLY N 181 -1.74 26.32 -19.59
CA GLY N 181 -2.85 26.51 -18.69
C GLY N 181 -2.47 27.27 -17.45
N ALA N 182 -1.26 27.06 -16.94
CA ALA N 182 -0.86 27.60 -15.66
C ALA N 182 -0.36 29.04 -15.75
N SER N 183 -0.25 29.60 -16.95
CA SER N 183 0.29 30.93 -17.16
C SER N 183 -0.70 31.78 -17.92
N GLY N 184 -1.00 32.95 -17.39
CA GLY N 184 -1.92 33.83 -18.07
C GLY N 184 -2.07 35.13 -17.33
N GLY N 185 -2.91 36.00 -17.88
CA GLY N 185 -3.15 37.29 -17.28
C GLY N 185 -2.39 38.39 -17.98
N VAL N 186 -1.83 39.28 -17.19
CA VAL N 186 -1.03 40.38 -17.70
C VAL N 186 0.44 40.02 -17.60
N VAL N 187 1.22 40.50 -18.56
CA VAL N 187 2.66 40.35 -18.51
C VAL N 187 3.23 41.51 -17.71
N ARG N 188 4.03 41.19 -16.71
CA ARG N 188 4.75 42.18 -15.94
C ARG N 188 6.22 42.07 -16.29
N THR N 189 6.88 43.21 -16.45
CA THR N 189 8.31 43.24 -16.72
C THR N 189 8.94 44.27 -15.80
N VAL N 190 10.24 44.10 -15.54
CA VAL N 190 10.96 44.98 -14.65
C VAL N 190 12.33 45.28 -15.22
N ILE N 191 12.54 46.49 -15.71
CA ILE N 191 13.80 46.84 -16.35
C ILE N 191 14.75 47.42 -15.33
N ILE N 192 15.88 46.77 -15.10
CA ILE N 192 16.85 47.19 -14.10
C ILE N 192 18.12 47.61 -14.80
N ASN N 193 18.63 48.79 -14.44
CA ASN N 193 19.60 49.48 -15.26
C ASN N 193 20.43 50.38 -14.34
N GLU N 194 21.33 51.14 -14.95
CA GLU N 194 22.13 52.06 -14.14
C GLU N 194 21.26 53.16 -13.55
N GLU N 195 20.33 53.69 -14.33
CA GLU N 195 19.43 54.70 -13.81
C GLU N 195 18.40 54.14 -12.85
N GLY N 196 18.09 52.85 -12.91
CA GLY N 196 17.22 52.25 -11.92
C GLY N 196 16.08 51.46 -12.49
N VAL N 197 15.37 50.81 -11.57
CA VAL N 197 14.31 49.87 -11.93
C VAL N 197 13.14 50.61 -12.57
N THR N 198 12.57 50.00 -13.60
CA THR N 198 11.39 50.49 -14.29
C THR N 198 10.43 49.34 -14.46
N ARG N 199 9.30 49.40 -13.75
CA ARG N 199 8.33 48.32 -13.76
C ARG N 199 7.25 48.64 -14.78
N ASN N 200 6.86 47.63 -15.56
CA ASN N 200 5.85 47.81 -16.59
C ASN N 200 4.71 46.81 -16.38
N PHE N 201 3.69 46.97 -17.22
CA PHE N 201 2.44 46.22 -17.10
C PHE N 201 1.80 46.16 -18.48
N TYR N 202 1.67 44.96 -19.03
CA TYR N 202 1.11 44.77 -20.37
C TYR N 202 -0.07 43.82 -20.30
N PRO N 203 -1.30 44.32 -20.31
CA PRO N 203 -2.45 43.43 -20.31
C PRO N 203 -2.44 42.56 -21.55
N GLY N 204 -3.38 41.63 -21.61
CA GLY N 204 -3.50 40.80 -22.80
C GLY N 204 -3.72 41.62 -24.05
N ASP N 205 -4.47 42.71 -23.92
CA ASP N 205 -4.85 43.51 -25.08
C ASP N 205 -3.64 44.12 -25.77
N GLN N 206 -2.57 44.38 -25.03
CA GLN N 206 -1.37 44.94 -25.63
C GLN N 206 -0.46 43.89 -26.25
N LEU N 207 -0.70 42.61 -25.95
CA LEU N 207 0.19 41.57 -26.47
C LEU N 207 -0.26 41.11 -27.85
N PRO N 208 0.66 40.62 -28.67
CA PRO N 208 0.29 40.23 -30.03
C PRO N 208 -0.67 39.06 -30.04
N LEU N 209 -1.09 38.68 -31.24
CA LEU N 209 -2.03 37.58 -31.42
C LEU N 209 -1.35 36.49 -32.24
N TRP N 210 -1.17 35.33 -31.61
CA TRP N 210 -0.40 34.24 -32.18
C TRP N 210 -1.30 33.29 -32.95
N HIS N 211 -0.80 32.09 -33.22
CA HIS N 211 -1.48 31.16 -34.11
C HIS N 211 -2.91 30.92 -33.66
N GLU N 212 -3.83 30.99 -34.62
CA GLU N 212 -5.25 30.73 -34.41
C GLU N 212 -5.76 31.41 -33.14
N GLU N 213 -5.62 32.73 -33.11
CA GLU N 213 -6.26 33.59 -32.12
C GLU N 213 -6.87 34.77 -32.85
N LEU N 214 -7.99 35.25 -32.32
CA LEU N 214 -8.78 36.25 -33.00
C LEU N 214 -8.70 37.59 -32.28
N GLU N 215 -9.20 38.68 -32.84
CA GLU N 215 -9.06 39.95 -32.12
C GLU N 215 -10.19 40.07 -31.11
N PRO N 216 -9.95 40.38 -29.84
CA PRO N 216 -11.02 40.43 -28.86
C PRO N 216 -12.17 41.38 -29.26
N GLN N 217 -13.40 41.03 -28.94
CA GLN N 217 -14.57 41.83 -29.36
C GLN N 217 -15.57 41.85 -28.21
N ASN N 218 -16.23 42.98 -27.99
CA ASN N 218 -17.10 43.10 -26.79
C ASN N 218 -18.19 42.05 -26.79
N SER N 219 -19.02 42.00 -27.81
CA SER N 219 -20.15 41.04 -27.83
C SER N 219 -20.33 40.46 -29.22
N LEU N 220 -20.77 39.22 -29.31
CA LEU N 220 -21.00 38.57 -30.61
C LEU N 220 -22.09 39.35 -31.30
N LEU N 221 -22.91 40.07 -30.54
CA LEU N 221 -23.99 40.90 -31.11
C LEU N 221 -23.34 41.91 -32.05
N ASP N 222 -22.03 42.13 -31.94
CA ASP N 222 -21.29 43.04 -32.85
C ASP N 222 -20.90 42.32 -34.14
N ILE N 223 -21.10 41.00 -34.23
CA ILE N 223 -20.83 40.25 -35.49
C ILE N 223 -22.04 39.41 -35.89
N TRP N 224 -22.74 38.83 -34.93
CA TRP N 224 -23.99 38.01 -35.14
C TRP N 224 -23.68 36.54 -35.43
N GLY N 225 -24.53 35.64 -34.96
CA GLY N 225 -24.39 34.19 -35.23
C GLY N 225 -25.17 33.39 -34.22
N THR O 40 -18.16 27.85 4.12
CA THR O 40 -18.37 29.26 4.54
C THR O 40 -18.11 30.19 3.37
N THR O 41 -18.59 31.42 3.46
CA THR O 41 -18.36 32.42 2.43
C THR O 41 -17.91 33.71 3.11
N ILE O 42 -16.71 34.16 2.80
CA ILE O 42 -16.20 35.41 3.33
C ILE O 42 -15.66 36.22 2.17
N VAL O 43 -15.68 37.53 2.33
CA VAL O 43 -15.57 38.45 1.20
C VAL O 43 -14.87 39.72 1.66
N GLY O 44 -14.18 40.37 0.73
CA GLY O 44 -13.52 41.62 1.02
C GLY O 44 -13.46 42.48 -0.22
N LEU O 45 -13.82 43.74 -0.04
CA LEU O 45 -13.92 44.69 -1.14
C LEU O 45 -13.34 46.02 -0.69
N VAL O 46 -12.53 46.63 -1.54
CA VAL O 46 -11.94 47.93 -1.26
C VAL O 46 -12.66 48.98 -2.08
N TYR O 47 -13.49 49.78 -1.43
CA TYR O 47 -14.22 50.84 -2.09
C TYR O 47 -13.42 52.14 -1.93
N GLN O 48 -13.99 53.26 -2.38
CA GLN O 48 -13.19 54.46 -2.54
C GLN O 48 -12.58 54.92 -1.21
N ASP O 49 -13.33 54.83 -0.13
CA ASP O 49 -12.90 55.37 1.16
C ASP O 49 -12.22 54.35 2.05
N GLY O 50 -12.53 53.07 1.90
CA GLY O 50 -12.02 52.09 2.83
C GLY O 50 -12.28 50.69 2.32
N VAL O 51 -12.21 49.73 3.22
CA VAL O 51 -12.30 48.32 2.89
C VAL O 51 -13.51 47.72 3.57
N ILE O 52 -14.33 47.01 2.80
CA ILE O 52 -15.56 46.39 3.28
C ILE O 52 -15.34 44.89 3.34
N LEU O 53 -15.71 44.29 4.48
CA LEU O 53 -15.64 42.85 4.67
C LEU O 53 -17.04 42.31 4.84
N GLY O 54 -17.25 41.07 4.44
CA GLY O 54 -18.56 40.46 4.54
C GLY O 54 -18.44 38.98 4.78
N ALA O 55 -19.48 38.39 5.34
CA ALA O 55 -19.49 36.97 5.62
C ALA O 55 -20.89 36.54 6.01
N ASP O 56 -21.23 35.30 5.65
CA ASP O 56 -22.49 34.73 6.09
C ASP O 56 -22.37 34.30 7.56
N THR O 57 -23.36 33.56 8.03
CA THR O 57 -23.42 33.20 9.44
C THR O 57 -23.77 31.74 9.69
N ARG O 58 -23.59 30.86 8.71
CA ARG O 58 -23.79 29.44 8.95
C ARG O 58 -22.48 28.76 9.31
N ALA O 59 -22.51 27.94 10.35
CA ALA O 59 -21.41 27.08 10.70
C ALA O 59 -21.90 25.64 10.78
N THR O 60 -21.20 24.74 10.11
CA THR O 60 -21.62 23.35 9.99
C THR O 60 -20.49 22.45 10.48
N GLU O 61 -20.86 21.21 10.79
CA GLU O 61 -19.90 20.15 11.12
C GLU O 61 -20.27 18.94 10.28
N GLY O 62 -19.77 18.91 9.04
CA GLY O 62 -20.22 17.94 8.08
C GLY O 62 -21.53 18.39 7.48
N PRO O 63 -22.44 17.45 7.21
CA PRO O 63 -23.71 17.83 6.57
C PRO O 63 -24.76 18.39 7.50
N ILE O 64 -24.43 18.81 8.72
CA ILE O 64 -25.41 19.29 9.68
C ILE O 64 -24.95 20.64 10.22
N VAL O 65 -25.84 21.63 10.19
CA VAL O 65 -25.47 22.97 10.61
C VAL O 65 -25.45 22.99 12.14
N ALA O 66 -24.25 23.16 12.71
CA ALA O 66 -24.15 23.25 14.16
C ALA O 66 -24.75 24.54 14.68
N ASP O 67 -24.42 25.66 14.03
CA ASP O 67 -24.72 26.99 14.58
C ASP O 67 -25.31 27.83 13.47
N LYS O 68 -26.57 28.20 13.62
CA LYS O 68 -27.25 28.96 12.58
C LYS O 68 -26.73 30.38 12.43
N ASN O 69 -26.14 30.95 13.49
CA ASN O 69 -25.69 32.34 13.48
C ASN O 69 -24.29 32.41 14.08
N CYS O 70 -23.28 32.35 13.22
CA CYS O 70 -21.90 32.38 13.66
C CYS O 70 -21.33 33.78 13.45
N GLU O 71 -20.34 34.15 14.26
CA GLU O 71 -19.68 35.44 14.13
C GLU O 71 -18.37 35.24 13.37
N LYS O 72 -18.38 35.54 12.07
CA LYS O 72 -17.24 35.18 11.24
C LYS O 72 -16.31 36.33 10.92
N ILE O 73 -16.68 37.57 11.21
CA ILE O 73 -15.79 38.72 11.08
C ILE O 73 -15.22 39.03 12.45
N HIS O 74 -13.91 39.07 12.56
CA HIS O 74 -13.22 39.16 13.83
C HIS O 74 -12.51 40.49 13.97
N TYR O 75 -12.35 40.93 15.22
CA TYR O 75 -11.61 42.15 15.49
C TYR O 75 -10.15 41.82 15.77
N MET O 76 -9.26 42.55 15.11
CA MET O 76 -7.83 42.50 15.42
C MET O 76 -7.30 43.79 16.00
N ALA O 77 -7.76 44.92 15.50
CA ALA O 77 -7.29 46.22 15.97
C ALA O 77 -8.35 47.25 15.61
N PRO O 78 -8.25 48.46 16.15
CA PRO O 78 -9.30 49.44 15.89
C PRO O 78 -9.50 49.73 14.42
N ASN O 79 -8.53 49.38 13.58
CA ASN O 79 -8.64 49.61 12.14
C ASN O 79 -8.42 48.34 11.33
N ILE O 80 -8.45 47.17 11.96
CA ILE O 80 -8.19 45.91 11.27
C ILE O 80 -9.21 44.89 11.72
N TYR O 81 -9.85 44.23 10.75
CA TYR O 81 -10.73 43.10 11.01
C TYR O 81 -10.39 42.01 10.02
N CYS O 82 -10.81 40.79 10.31
CA CYS O 82 -10.49 39.68 9.44
C CYS O 82 -11.59 38.64 9.47
N CYS O 83 -11.95 38.14 8.29
CA CYS O 83 -12.89 37.06 8.14
C CYS O 83 -12.11 35.75 8.05
N GLY O 84 -12.45 34.81 8.92
CA GLY O 84 -11.71 33.56 8.99
C GLY O 84 -12.40 32.45 8.21
N ALA O 85 -11.61 31.74 7.41
CA ALA O 85 -12.08 30.57 6.70
C ALA O 85 -11.08 29.45 6.92
N GLY O 86 -11.52 28.22 6.69
CA GLY O 86 -10.68 27.09 7.01
C GLY O 86 -11.01 26.56 8.41
N THR O 87 -10.03 25.88 9.01
CA THR O 87 -10.25 25.25 10.31
C THR O 87 -10.53 26.33 11.34
N ALA O 88 -11.68 26.23 12.02
CA ALA O 88 -12.05 27.27 12.97
C ALA O 88 -10.99 27.42 14.04
N ALA O 89 -10.80 26.39 14.86
CA ALA O 89 -9.87 26.48 15.98
C ALA O 89 -8.60 27.23 15.56
N ASP O 90 -8.04 26.86 14.42
CA ASP O 90 -6.83 27.53 13.96
C ASP O 90 -7.07 28.99 13.65
N THR O 91 -8.19 29.32 13.00
CA THR O 91 -8.43 30.72 12.66
C THR O 91 -8.57 31.57 13.91
N GLU O 92 -9.43 31.17 14.85
CA GLU O 92 -9.51 31.96 16.08
C GLU O 92 -8.20 31.98 16.82
N ALA O 93 -7.49 30.87 16.91
CA ALA O 93 -6.23 30.88 17.65
C ALA O 93 -5.24 31.87 17.04
N VAL O 94 -5.07 31.81 15.72
CA VAL O 94 -4.05 32.64 15.09
C VAL O 94 -4.47 34.10 15.09
N THR O 95 -5.74 34.38 14.79
CA THR O 95 -6.20 35.76 14.80
C THR O 95 -6.12 36.35 16.20
N ASP O 96 -6.45 35.57 17.24
CA ASP O 96 -6.34 36.08 18.59
C ASP O 96 -4.88 36.32 18.98
N MET O 97 -4.00 35.40 18.61
CA MET O 97 -2.60 35.58 18.95
C MET O 97 -2.06 36.83 18.28
N VAL O 98 -2.40 37.03 17.00
CA VAL O 98 -1.93 38.21 16.31
C VAL O 98 -2.57 39.47 16.88
N SER O 99 -3.82 39.39 17.29
CA SER O 99 -4.46 40.53 17.91
C SER O 99 -3.71 40.95 19.17
N SER O 100 -3.36 39.98 20.02
CA SER O 100 -2.64 40.30 21.24
C SER O 100 -1.26 40.86 20.93
N GLN O 101 -0.55 40.26 19.97
CA GLN O 101 0.77 40.78 19.61
C GLN O 101 0.65 42.21 19.11
N LEU O 102 -0.38 42.47 18.32
CA LEU O 102 -0.55 43.79 17.73
C LEU O 102 -0.90 44.81 18.79
N LYS O 103 -1.69 44.42 19.80
CA LYS O 103 -1.97 45.33 20.91
C LYS O 103 -0.73 45.63 21.73
N LEU O 104 0.08 44.60 21.98
CA LEU O 104 1.32 44.85 22.71
C LEU O 104 2.21 45.81 21.94
N HIS O 105 2.30 45.63 20.62
CA HIS O 105 3.10 46.54 19.82
C HIS O 105 2.50 47.94 19.81
N ARG O 106 1.17 48.04 19.84
CA ARG O 106 0.54 49.35 19.89
C ARG O 106 0.94 50.09 21.15
N TYR O 107 0.90 49.40 22.30
CA TYR O 107 1.43 49.99 23.53
C TYR O 107 2.90 50.36 23.37
N HIS O 108 3.70 49.44 22.86
CA HIS O 108 5.15 49.65 22.83
C HIS O 108 5.50 50.88 22.01
N THR O 109 4.89 51.04 20.85
CA THR O 109 5.16 52.17 19.97
C THR O 109 4.18 53.31 20.15
N GLY O 110 3.07 53.09 20.83
CA GLY O 110 2.10 54.14 21.06
C GLY O 110 1.18 54.38 19.86
N ARG O 111 1.76 54.40 18.67
CA ARG O 111 1.00 54.77 17.48
C ARG O 111 0.11 53.63 17.00
N GLU O 112 -0.89 54.00 16.22
CA GLU O 112 -1.90 53.06 15.76
C GLU O 112 -1.29 51.97 14.90
N SER O 113 -1.65 50.73 15.17
CA SER O 113 -1.14 49.61 14.40
C SER O 113 -1.63 49.68 12.96
N ARG O 114 -0.82 49.18 12.04
CA ARG O 114 -1.15 49.17 10.62
C ARG O 114 -1.28 47.74 10.14
N VAL O 115 -1.89 47.59 8.96
CA VAL O 115 -2.29 46.27 8.48
C VAL O 115 -1.07 45.44 8.11
N ILE O 116 -0.06 46.07 7.52
CA ILE O 116 1.13 45.30 7.13
C ILE O 116 1.69 44.55 8.31
N THR O 117 1.62 45.13 9.50
CA THR O 117 2.10 44.43 10.68
C THR O 117 1.31 43.16 10.93
N ALA O 118 -0.01 43.24 10.88
CA ALA O 118 -0.82 42.04 11.09
C ALA O 118 -0.53 41.01 10.03
N LEU O 119 -0.41 41.45 8.78
CA LEU O 119 -0.14 40.54 7.69
C LEU O 119 1.17 39.81 7.91
N THR O 120 2.22 40.54 8.28
CA THR O 120 3.53 39.91 8.43
C THR O 120 3.57 39.02 9.65
N LEU O 121 2.90 39.39 10.74
CA LEU O 121 2.85 38.49 11.88
C LEU O 121 2.09 37.21 11.54
N LEU O 122 0.98 37.33 10.82
CA LEU O 122 0.25 36.14 10.41
C LEU O 122 1.11 35.26 9.52
N LYS O 123 1.84 35.87 8.59
CA LYS O 123 2.73 35.09 7.73
C LYS O 123 3.76 34.36 8.57
N SER O 124 4.45 35.08 9.43
CA SER O 124 5.51 34.46 10.23
C SER O 124 4.99 33.36 11.12
N HIS O 125 3.74 33.44 11.57
CA HIS O 125 3.20 32.36 12.38
C HIS O 125 2.76 31.19 11.52
N LEU O 126 1.97 31.46 10.48
CA LEU O 126 1.43 30.39 9.68
C LEU O 126 2.52 29.58 9.00
N PHE O 127 3.54 30.26 8.44
CA PHE O 127 4.56 29.52 7.73
C PHE O 127 5.27 28.54 8.66
N ARG O 128 5.72 29.00 9.82
CA ARG O 128 6.60 28.17 10.63
C ARG O 128 5.90 26.88 11.06
N TYR O 129 4.58 26.81 10.95
CA TYR O 129 3.84 25.60 11.19
C TYR O 129 3.50 24.87 9.89
N GLN O 130 4.07 25.33 8.78
CA GLN O 130 4.08 24.58 7.53
C GLN O 130 2.69 24.16 7.10
N GLY O 131 1.71 25.03 7.33
CA GLY O 131 0.35 24.75 6.89
C GLY O 131 -0.40 23.76 7.73
N HIS O 132 0.22 23.17 8.75
CA HIS O 132 -0.52 22.29 9.64
C HIS O 132 -1.62 23.05 10.36
N VAL O 133 -1.33 24.26 10.83
CA VAL O 133 -2.36 25.17 11.30
C VAL O 133 -3.06 25.68 10.06
N SER O 134 -4.32 25.28 9.86
CA SER O 134 -4.99 25.48 8.58
C SER O 134 -5.86 26.72 8.58
N ALA O 135 -5.41 27.79 9.23
CA ALA O 135 -6.15 29.03 9.25
C ALA O 135 -5.94 29.81 7.97
N ALA O 136 -7.03 30.27 7.37
CA ALA O 136 -6.97 31.08 6.17
C ALA O 136 -7.93 32.25 6.34
N LEU O 137 -7.44 33.46 6.07
CA LEU O 137 -8.18 34.67 6.40
C LEU O 137 -8.24 35.61 5.22
N VAL O 138 -9.26 36.45 5.21
CA VAL O 138 -9.26 37.70 4.45
C VAL O 138 -9.02 38.81 5.46
N LEU O 139 -8.03 39.64 5.23
CA LEU O 139 -7.62 40.65 6.20
C LEU O 139 -7.77 42.03 5.58
N GLY O 140 -8.35 42.95 6.32
CA GLY O 140 -8.59 44.29 5.83
C GLY O 140 -8.45 45.32 6.91
N GLY O 141 -8.15 46.54 6.49
CA GLY O 141 -8.04 47.63 7.43
C GLY O 141 -7.81 48.94 6.71
N VAL O 142 -7.69 50.01 7.50
CA VAL O 142 -7.34 51.32 6.99
C VAL O 142 -6.23 51.88 7.87
N ASP O 143 -5.21 52.45 7.25
CA ASP O 143 -4.00 52.86 7.94
C ASP O 143 -3.53 54.22 7.43
N VAL O 144 -2.35 54.59 7.90
CA VAL O 144 -1.70 55.83 7.49
C VAL O 144 -1.55 55.81 5.98
N SER O 145 -1.34 54.62 5.42
CA SER O 145 -1.13 54.47 3.99
C SER O 145 -2.41 54.26 3.22
N GLY O 146 -3.53 54.05 3.90
CA GLY O 146 -4.80 53.90 3.24
C GLY O 146 -5.31 52.48 3.27
N PRO O 147 -6.44 52.23 2.61
CA PRO O 147 -7.10 50.92 2.75
C PRO O 147 -6.21 49.79 2.30
N HIS O 148 -6.36 48.65 2.97
CA HIS O 148 -5.56 47.47 2.66
C HIS O 148 -6.47 46.25 2.66
N LEU O 149 -6.20 45.31 1.76
CA LEU O 149 -6.98 44.08 1.73
C LEU O 149 -6.09 42.94 1.25
N HIS O 150 -5.97 41.91 2.07
CA HIS O 150 -5.09 40.79 1.78
C HIS O 150 -5.85 39.49 2.02
N THR O 151 -5.42 38.45 1.33
CA THR O 151 -5.85 37.10 1.65
C THR O 151 -4.64 36.31 2.13
N ILE O 152 -4.84 35.56 3.21
CA ILE O 152 -3.77 34.78 3.82
C ILE O 152 -4.19 33.32 3.80
N TYR O 153 -3.31 32.46 3.33
CA TYR O 153 -3.58 31.04 3.19
C TYR O 153 -2.73 30.24 4.16
N PRO O 154 -3.16 29.02 4.50
CA PRO O 154 -2.57 28.33 5.65
C PRO O 154 -1.07 28.17 5.57
N HIS O 155 -0.47 28.21 4.39
CA HIS O 155 0.96 28.04 4.28
C HIS O 155 1.73 29.35 4.40
N GLY O 156 1.05 30.48 4.55
CA GLY O 156 1.71 31.76 4.61
C GLY O 156 1.71 32.53 3.31
N SER O 157 1.23 31.95 2.22
CA SER O 157 1.11 32.69 0.97
C SER O 157 0.04 33.77 1.12
N THR O 158 0.39 34.99 0.74
CA THR O 158 -0.50 36.12 0.90
C THR O 158 -0.65 36.83 -0.43
N ASP O 159 -1.76 37.54 -0.57
CA ASP O 159 -2.01 38.36 -1.75
C ASP O 159 -2.52 39.72 -1.32
N THR O 160 -2.35 40.70 -2.18
CA THR O 160 -2.95 42.01 -2.03
C THR O 160 -3.90 42.24 -3.20
N LEU O 161 -5.15 42.55 -2.90
CA LEU O 161 -6.20 42.43 -3.88
C LEU O 161 -7.18 43.59 -3.77
N PRO O 162 -7.87 43.93 -4.87
CA PRO O 162 -8.99 44.86 -4.74
C PRO O 162 -10.26 44.17 -4.26
N PHE O 163 -10.47 42.93 -4.65
CA PHE O 163 -11.58 42.15 -4.16
C PHE O 163 -11.10 40.74 -3.88
N ALA O 164 -11.55 40.18 -2.77
CA ALA O 164 -11.15 38.86 -2.35
C ALA O 164 -12.38 38.07 -1.93
N THR O 165 -12.30 36.75 -2.04
CA THR O 165 -13.32 35.87 -1.50
C THR O 165 -12.65 34.58 -1.07
N MET O 166 -13.25 33.90 -0.11
CA MET O 166 -12.72 32.63 0.37
C MET O 166 -13.87 31.76 0.85
N GLY O 167 -13.53 30.63 1.45
CA GLY O 167 -14.54 29.71 1.91
C GLY O 167 -15.15 28.95 0.77
N SER O 168 -16.09 28.07 1.12
CA SER O 168 -16.67 27.18 0.12
C SER O 168 -17.30 27.99 -1.01
N GLY O 169 -18.06 29.02 -0.68
CA GLY O 169 -18.72 29.83 -1.67
C GLY O 169 -17.84 30.87 -2.32
N SER O 170 -16.53 30.65 -2.35
CA SER O 170 -15.64 31.64 -2.94
C SER O 170 -15.95 31.82 -4.41
N LEU O 171 -16.25 30.74 -5.12
CA LEU O 171 -16.59 30.85 -6.53
C LEU O 171 -17.90 31.59 -6.73
N ALA O 172 -18.89 31.28 -5.91
CA ALA O 172 -20.18 31.96 -6.03
C ALA O 172 -20.02 33.45 -5.79
N ALA O 173 -19.16 33.84 -4.86
CA ALA O 173 -18.91 35.26 -4.64
C ALA O 173 -18.11 35.87 -5.79
N MET O 174 -17.08 35.17 -6.25
CA MET O 174 -16.22 35.75 -7.27
C MET O 174 -16.95 35.90 -8.57
N SER O 175 -18.00 35.13 -8.80
CA SER O 175 -18.88 35.43 -9.92
C SER O 175 -19.36 36.87 -9.83
N VAL O 176 -19.92 37.24 -8.70
CA VAL O 176 -20.47 38.59 -8.55
C VAL O 176 -19.38 39.63 -8.67
N PHE O 177 -18.23 39.37 -8.04
CA PHE O 177 -17.16 40.37 -8.10
C PHE O 177 -16.64 40.56 -9.51
N GLU O 178 -16.37 39.46 -10.23
CA GLU O 178 -15.88 39.58 -11.60
C GLU O 178 -16.93 40.13 -12.54
N SER O 179 -18.20 40.16 -12.15
CA SER O 179 -19.23 40.77 -12.98
C SER O 179 -19.54 42.22 -12.62
N LYS O 180 -19.44 42.61 -11.36
CA LYS O 180 -19.93 43.90 -10.90
C LYS O 180 -18.90 44.80 -10.25
N TYR O 181 -17.72 44.30 -9.92
CA TYR O 181 -16.73 45.16 -9.28
C TYR O 181 -16.24 46.23 -10.24
N ARG O 182 -15.90 47.39 -9.68
CA ARG O 182 -15.21 48.43 -10.43
C ARG O 182 -14.52 49.33 -9.42
N GLU O 183 -13.63 50.18 -9.93
CA GLU O 183 -12.92 51.10 -9.04
C GLU O 183 -13.82 52.21 -8.56
N GLY O 184 -13.54 52.72 -7.37
CA GLY O 184 -14.23 53.89 -6.88
C GLY O 184 -15.71 53.67 -6.60
N LEU O 185 -16.08 52.49 -6.16
CA LEU O 185 -17.44 52.28 -5.67
C LEU O 185 -17.64 53.09 -4.40
N THR O 186 -18.79 53.73 -4.28
CA THR O 186 -19.08 54.44 -3.05
C THR O 186 -19.54 53.44 -1.99
N ARG O 187 -19.59 53.92 -0.75
CA ARG O 187 -19.83 53.02 0.39
C ARG O 187 -21.12 52.24 0.20
N ASP O 188 -22.18 52.92 -0.21
CA ASP O 188 -23.46 52.22 -0.36
C ASP O 188 -23.42 51.23 -1.53
N GLU O 189 -22.85 51.61 -2.68
CA GLU O 189 -22.72 50.65 -3.76
C GLU O 189 -21.80 49.50 -3.37
N GLY O 190 -20.69 49.80 -2.70
CA GLY O 190 -19.78 48.74 -2.30
C GLY O 190 -20.43 47.75 -1.36
N VAL O 191 -21.18 48.25 -0.38
CA VAL O 191 -21.88 47.36 0.53
C VAL O 191 -22.95 46.58 -0.20
N LYS O 192 -23.62 47.21 -1.18
CA LYS O 192 -24.58 46.47 -1.98
C LYS O 192 -23.92 45.30 -2.68
N ILE O 193 -22.76 45.55 -3.29
CA ILE O 193 -22.09 44.47 -4.02
C ILE O 193 -21.65 43.37 -3.07
N VAL O 194 -21.14 43.74 -1.90
CA VAL O 194 -20.71 42.70 -0.97
C VAL O 194 -21.91 41.88 -0.51
N CYS O 195 -23.04 42.53 -0.23
CA CYS O 195 -24.23 41.80 0.15
C CYS O 195 -24.72 40.90 -0.96
N GLU O 196 -24.63 41.36 -2.21
CA GLU O 196 -25.00 40.51 -3.34
C GLU O 196 -24.09 39.30 -3.43
N ALA O 197 -22.79 39.51 -3.26
CA ALA O 197 -21.86 38.40 -3.34
C ALA O 197 -22.14 37.38 -2.25
N ILE O 198 -22.38 37.84 -1.03
CA ILE O 198 -22.64 36.89 0.05
C ILE O 198 -23.98 36.20 -0.15
N ALA O 199 -24.98 36.90 -0.66
CA ALA O 199 -26.25 36.24 -0.95
C ALA O 199 -26.04 35.16 -2.02
N SER O 200 -25.21 35.45 -3.01
CA SER O 200 -24.91 34.45 -4.03
C SER O 200 -24.21 33.25 -3.42
N GLY O 201 -23.30 33.48 -2.49
CA GLY O 201 -22.62 32.42 -1.79
C GLY O 201 -23.44 31.75 -0.73
N ILE O 202 -24.62 32.27 -0.44
CA ILE O 202 -25.55 31.64 0.48
C ILE O 202 -26.47 30.73 -0.32
N PHE O 203 -27.09 31.28 -1.35
CA PHE O 203 -28.14 30.56 -2.06
C PHE O 203 -27.58 29.51 -3.01
N ASN O 204 -26.32 29.62 -3.42
CA ASN O 204 -25.76 28.77 -4.45
C ASN O 204 -24.80 27.72 -3.91
N ASP O 205 -24.41 27.80 -2.65
CA ASP O 205 -23.48 26.82 -2.02
C ASP O 205 -24.04 26.34 -0.69
N LEU O 206 -23.97 25.03 -0.43
CA LEU O 206 -24.61 24.45 0.77
C LEU O 206 -23.75 24.68 2.00
N GLY O 207 -22.45 24.84 1.81
CA GLY O 207 -21.57 24.96 2.99
C GLY O 207 -21.89 26.17 3.81
N SER O 208 -22.36 27.23 3.17
CA SER O 208 -22.63 28.49 3.87
C SER O 208 -24.08 28.89 3.66
N GLY O 209 -24.70 29.45 4.68
CA GLY O 209 -26.09 29.91 4.59
C GLY O 209 -26.44 30.81 5.76
N SER O 210 -27.71 30.92 6.12
CA SER O 210 -28.17 31.70 7.29
C SER O 210 -28.28 33.20 7.00
N ASN O 211 -27.56 34.06 7.71
CA ASN O 211 -27.74 35.53 7.60
C ASN O 211 -26.43 36.21 7.20
N VAL O 212 -26.48 37.43 6.64
CA VAL O 212 -25.26 38.14 6.16
C VAL O 212 -24.79 39.14 7.21
N ASP O 213 -23.48 39.24 7.45
CA ASP O 213 -22.90 40.23 8.37
C ASP O 213 -21.87 41.08 7.61
N VAL O 214 -21.62 42.32 8.03
CA VAL O 214 -20.71 43.19 7.26
C VAL O 214 -19.97 44.13 8.20
N CYS O 215 -18.72 44.48 7.91
CA CYS O 215 -17.92 45.44 8.70
C CYS O 215 -17.35 46.51 7.77
N VAL O 216 -17.70 47.78 7.95
CA VAL O 216 -17.25 48.85 7.02
C VAL O 216 -16.05 49.57 7.64
N ILE O 217 -14.87 49.49 7.02
CA ILE O 217 -13.71 50.05 7.69
C ILE O 217 -13.31 51.31 6.93
N THR O 218 -13.81 52.46 7.36
CA THR O 218 -13.36 53.73 6.81
C THR O 218 -12.16 54.23 7.59
N LYS O 219 -11.80 55.49 7.38
CA LYS O 219 -10.59 56.02 7.98
C LYS O 219 -10.64 55.94 9.50
N GLY O 220 -11.71 56.46 10.09
CA GLY O 220 -11.77 56.55 11.53
C GLY O 220 -12.72 55.57 12.19
N ASN O 221 -13.85 55.30 11.54
CA ASN O 221 -14.93 54.56 12.17
C ASN O 221 -15.14 53.25 11.44
N VAL O 222 -15.44 52.21 12.20
CA VAL O 222 -15.67 50.86 11.67
C VAL O 222 -17.12 50.50 11.96
N GLU O 223 -17.97 50.59 10.94
CA GLU O 223 -19.40 50.35 11.10
C GLU O 223 -19.66 48.86 10.93
N TYR O 224 -19.79 48.16 12.06
CA TYR O 224 -20.05 46.70 12.04
C TYR O 224 -21.55 46.42 12.12
N LEU O 225 -22.04 45.49 11.29
CA LEU O 225 -23.47 45.12 11.28
C LEU O 225 -23.59 43.66 11.73
N ARG O 226 -24.25 43.41 12.87
CA ARG O 226 -24.31 42.04 13.45
C ARG O 226 -25.09 41.09 12.54
N ASN O 227 -26.20 41.55 11.95
CA ASN O 227 -27.02 40.72 11.05
C ASN O 227 -27.68 41.63 10.01
N HIS O 228 -26.89 42.17 9.08
CA HIS O 228 -27.42 43.17 8.12
C HIS O 228 -28.57 42.59 7.28
N VAL O 229 -28.38 41.40 6.70
CA VAL O 229 -29.43 40.87 5.76
C VAL O 229 -29.89 39.49 6.24
N GLN O 230 -31.19 39.35 6.57
CA GLN O 230 -31.76 38.03 6.93
C GLN O 230 -32.68 37.68 5.78
N PRO O 231 -32.21 37.04 4.69
CA PRO O 231 -33.05 36.90 3.48
C PRO O 231 -33.97 35.70 3.44
N ASN O 232 -33.83 34.74 4.34
CA ASN O 232 -34.64 33.52 4.26
C ASN O 232 -35.26 33.18 5.61
N PRO O 233 -36.43 33.74 5.97
CA PRO O 233 -37.00 33.46 7.27
C PRO O 233 -37.45 32.01 7.45
N ARG O 234 -38.05 31.71 8.60
CA ARG O 234 -38.54 30.36 8.88
C ARG O 234 -39.80 30.16 8.08
N THR O 235 -39.89 29.11 7.28
CA THR O 235 -41.08 28.95 6.40
C THR O 235 -42.32 28.41 7.12
N TYR O 236 -42.21 27.82 8.31
CA TYR O 236 -43.42 27.21 8.94
C TYR O 236 -43.62 27.69 10.39
N THR O 237 -44.87 27.65 10.87
CA THR O 237 -45.20 28.15 12.22
C THR O 237 -45.32 26.99 13.21
N SER O 238 -45.69 25.80 12.75
CA SER O 238 -45.86 24.58 13.58
C SER O 238 -47.27 24.52 14.21
N ALA O 239 -48.10 25.53 13.98
CA ALA O 239 -49.48 25.56 14.51
C ALA O 239 -49.49 25.19 16.00
N LYS O 240 -50.33 24.24 16.39
CA LYS O 240 -50.40 23.80 17.81
C LYS O 240 -49.11 23.10 18.18
N GLY O 241 -48.47 23.53 19.27
CA GLY O 241 -47.26 22.84 19.74
C GLY O 241 -47.56 21.39 20.07
N TYR O 242 -46.63 20.48 19.76
CA TYR O 242 -46.88 19.04 19.98
C TYR O 242 -46.72 18.70 21.46
N THR O 243 -47.55 17.78 21.99
CA THR O 243 -47.55 17.46 23.44
C THR O 243 -46.68 16.27 23.77
N PHE O 244 -46.04 16.30 24.94
CA PHE O 244 -45.17 15.20 25.37
C PHE O 244 -46.06 14.22 26.15
N SER O 245 -46.68 13.26 25.44
CA SER O 245 -47.64 12.31 26.05
C SER O 245 -46.99 11.51 27.17
N LYS O 246 -45.95 10.74 26.86
CA LYS O 246 -45.23 10.00 27.91
C LYS O 246 -44.86 10.99 29.01
N PRO O 247 -45.39 10.83 30.22
CA PRO O 247 -45.08 11.67 31.38
C PRO O 247 -43.61 11.68 31.78
N THR O 248 -42.74 10.93 31.12
CA THR O 248 -41.32 11.03 31.40
C THR O 248 -40.96 10.62 32.82
N GLU O 249 -41.08 9.33 33.15
CA GLU O 249 -40.78 8.83 34.48
C GLU O 249 -39.35 9.16 34.90
N VAL O 250 -39.19 9.55 36.17
CA VAL O 250 -37.91 9.94 36.74
C VAL O 250 -37.70 9.13 38.02
N LEU O 251 -36.45 8.76 38.27
CA LEU O 251 -36.16 7.88 39.41
C LEU O 251 -35.74 8.65 40.64
N SER O 252 -34.89 9.67 40.49
CA SER O 252 -34.34 10.38 41.63
C SER O 252 -34.28 11.86 41.33
N THR O 253 -34.33 12.68 42.38
CA THR O 253 -34.25 14.13 42.23
C THR O 253 -33.55 14.71 43.44
N LYS O 254 -32.24 14.87 43.36
CA LYS O 254 -31.53 15.68 44.32
C LYS O 254 -31.80 17.15 44.01
N VAL O 255 -32.05 17.93 45.04
CA VAL O 255 -32.35 19.34 44.91
C VAL O 255 -31.47 20.11 45.88
N THR O 256 -30.94 21.24 45.41
CA THR O 256 -30.04 22.07 46.21
C THR O 256 -30.64 23.45 46.34
N ALA O 257 -30.72 23.96 47.57
CA ALA O 257 -31.16 25.33 47.81
C ALA O 257 -29.97 26.26 47.59
N LEU O 258 -29.70 26.54 46.32
CA LEU O 258 -28.67 27.51 45.97
C LEU O 258 -29.00 28.86 46.59
N ALA O 259 -27.99 29.49 47.19
CA ALA O 259 -28.16 30.78 47.86
C ALA O 259 -28.69 31.85 46.92
N SER P 2 -14.16 4.97 14.56
CA SER P 2 -13.11 5.93 15.01
C SER P 2 -12.89 5.81 16.51
N ILE P 3 -12.34 6.87 17.10
CA ILE P 3 -12.01 6.85 18.52
C ILE P 3 -13.05 7.59 19.34
N PHE P 4 -13.80 8.51 18.73
CA PHE P 4 -14.82 9.23 19.48
C PHE P 4 -15.94 8.30 19.93
N GLU P 5 -16.33 7.36 19.07
CA GLU P 5 -17.35 6.38 19.42
C GLU P 5 -16.75 5.10 19.97
N TYR P 6 -15.59 5.18 20.61
CA TYR P 6 -15.07 4.04 21.34
C TYR P 6 -15.94 3.74 22.56
N ASN P 7 -16.38 4.80 23.25
CA ASN P 7 -17.29 4.65 24.38
C ASN P 7 -18.72 4.99 24.03
N GLY P 8 -18.94 6.11 23.37
CA GLY P 8 -20.28 6.50 22.99
C GLY P 8 -20.98 7.23 24.11
N SER P 9 -21.58 8.38 23.77
CA SER P 9 -22.20 9.24 24.76
C SER P 9 -23.24 10.08 24.08
N ALA P 10 -24.09 10.71 24.88
CA ALA P 10 -25.09 11.64 24.38
C ALA P 10 -25.26 12.72 25.43
N THR P 11 -24.95 13.96 25.06
CA THR P 11 -25.07 15.08 25.98
C THR P 11 -25.79 16.21 25.28
N VAL P 12 -26.65 16.90 26.03
CA VAL P 12 -27.45 17.99 25.49
C VAL P 12 -27.49 19.11 26.52
N ALA P 13 -27.65 20.34 26.04
CA ALA P 13 -27.84 21.50 26.88
C ALA P 13 -28.90 22.37 26.22
N MET P 14 -29.73 23.02 27.02
CA MET P 14 -30.82 23.77 26.42
C MET P 14 -31.26 24.87 27.38
N VAL P 15 -31.63 26.01 26.81
CA VAL P 15 -31.76 27.27 27.52
C VAL P 15 -33.23 27.56 27.77
N GLY P 16 -33.58 27.80 29.02
CA GLY P 16 -34.91 28.22 29.42
C GLY P 16 -34.95 29.71 29.73
N LYS P 17 -35.98 30.11 30.47
CA LYS P 17 -36.20 31.53 30.68
C LYS P 17 -35.03 32.17 31.40
N ASN P 18 -34.84 31.82 32.68
CA ASN P 18 -33.63 32.16 33.42
C ASN P 18 -32.98 30.91 33.99
N CYS P 19 -33.36 29.74 33.48
CA CYS P 19 -32.82 28.47 33.91
C CYS P 19 -32.10 27.83 32.74
N ILE P 20 -31.16 26.95 33.07
CA ILE P 20 -30.41 26.20 32.07
C ILE P 20 -30.55 24.73 32.44
N ALA P 21 -30.63 23.87 31.42
CA ALA P 21 -30.72 22.44 31.63
C ALA P 21 -29.64 21.75 30.83
N ILE P 22 -28.97 20.79 31.45
CA ILE P 22 -27.93 20.01 30.82
C ILE P 22 -28.23 18.55 31.08
N GLY P 23 -28.22 17.75 30.02
CA GLY P 23 -28.58 16.35 30.14
C GLY P 23 -27.43 15.50 29.65
N SER P 24 -27.58 14.19 29.82
CA SER P 24 -26.52 13.28 29.40
C SER P 24 -27.00 11.85 29.48
N ASP P 25 -26.20 10.96 28.91
CA ASP P 25 -26.45 9.53 28.96
C ASP P 25 -25.90 8.96 30.26
N ARG P 26 -25.95 7.65 30.41
CA ARG P 26 -25.41 7.03 31.65
C ARG P 26 -24.96 5.60 31.36
N ARG P 27 -23.84 5.40 30.65
CA ARG P 27 -23.28 4.05 30.41
C ARG P 27 -21.83 4.11 29.96
N LEU P 28 -20.97 3.20 30.41
CA LEU P 28 -19.56 3.11 29.95
C LEU P 28 -19.49 1.86 29.10
N GLY P 29 -18.83 1.90 27.95
CA GLY P 29 -18.67 0.66 27.16
C GLY P 29 -17.36 0.57 26.42
N VAL P 30 -16.73 -0.59 26.44
CA VAL P 30 -15.48 -0.81 25.68
C VAL P 30 -15.80 -0.42 24.24
N GLN P 31 -16.91 -0.90 23.69
CA GLN P 31 -17.35 -0.52 22.33
C GLN P 31 -18.81 -0.90 22.28
N LEU P 32 -19.12 -2.16 22.56
CA LEU P 32 -20.53 -2.56 22.67
C LEU P 32 -20.63 -3.54 23.86
N GLN P 33 -20.05 -3.23 25.01
CA GLN P 33 -20.01 -4.24 26.11
C GLN P 33 -20.75 -3.82 27.39
N THR P 34 -21.11 -2.57 27.56
CA THR P 34 -21.92 -2.11 28.72
C THR P 34 -21.31 -2.52 30.06
N ILE P 35 -20.11 -2.06 30.35
CA ILE P 35 -19.42 -2.35 31.64
C ILE P 35 -20.19 -1.74 32.79
N ALA P 36 -20.78 -0.56 32.62
CA ALA P 36 -21.45 0.15 33.74
C ALA P 36 -22.52 1.09 33.25
N THR P 37 -23.73 0.99 33.76
CA THR P 37 -24.90 1.78 33.42
C THR P 37 -25.05 3.02 34.28
N ASP P 38 -23.99 3.48 34.94
CA ASP P 38 -24.07 4.62 35.82
C ASP P 38 -22.87 5.52 35.63
N PHE P 39 -22.46 5.75 34.39
CA PHE P 39 -21.33 6.60 34.14
C PHE P 39 -21.72 8.07 34.27
N GLN P 40 -20.76 8.90 34.58
CA GLN P 40 -20.99 10.34 34.74
C GLN P 40 -20.28 11.10 33.63
N ARG P 41 -21.04 11.75 32.76
CA ARG P 41 -20.45 12.66 31.80
C ARG P 41 -20.64 14.12 32.17
N ILE P 42 -21.54 14.43 33.11
CA ILE P 42 -21.79 15.78 33.56
C ILE P 42 -21.10 15.99 34.90
N PHE P 43 -20.35 17.08 35.02
CA PHE P 43 -19.66 17.40 36.25
C PHE P 43 -20.00 18.82 36.68
N GLN P 44 -20.37 18.99 37.95
CA GLN P 44 -20.59 20.31 38.51
C GLN P 44 -19.24 20.92 38.88
N ILE P 45 -18.95 22.10 38.36
CA ILE P 45 -17.70 22.76 38.71
C ILE P 45 -17.99 23.82 39.77
N HIS P 46 -19.11 24.51 39.65
CA HIS P 46 -19.64 25.27 40.76
C HIS P 46 -21.12 25.48 40.51
N ASP P 47 -21.83 25.88 41.55
CA ASP P 47 -23.24 26.20 41.38
C ASP P 47 -23.37 27.15 40.21
N ARG P 48 -24.28 26.83 39.28
CA ARG P 48 -24.53 27.63 38.10
C ARG P 48 -23.51 27.40 36.98
N LEU P 49 -22.67 26.39 37.07
CA LEU P 49 -21.77 26.05 35.96
C LEU P 49 -21.54 24.55 35.93
N PHE P 50 -21.91 23.93 34.81
CA PHE P 50 -21.76 22.50 34.60
C PHE P 50 -21.10 22.25 33.27
N ILE P 51 -20.30 21.19 33.19
CA ILE P 51 -19.61 20.78 31.98
C ILE P 51 -19.99 19.35 31.67
N GLY P 52 -20.40 19.10 30.43
CA GLY P 52 -20.61 17.75 29.95
C GLY P 52 -19.48 17.39 29.00
N LEU P 53 -18.90 16.20 29.18
CA LEU P 53 -17.69 15.81 28.47
C LEU P 53 -17.96 14.53 27.69
N SER P 54 -18.55 14.68 26.51
CA SER P 54 -18.78 13.54 25.65
C SER P 54 -17.50 13.16 24.90
N GLY P 55 -17.50 11.97 24.33
CA GLY P 55 -16.32 11.46 23.67
C GLY P 55 -15.64 10.40 24.50
N LEU P 56 -14.34 10.23 24.31
CA LEU P 56 -13.60 9.19 25.00
C LEU P 56 -13.74 9.39 26.51
N GLY P 57 -13.98 8.30 27.23
CA GLY P 57 -14.14 8.40 28.67
C GLY P 57 -12.88 8.81 29.39
N SER P 58 -11.75 8.23 29.03
CA SER P 58 -10.51 8.57 29.74
C SER P 58 -10.15 10.02 29.55
N ASP P 59 -10.19 10.49 28.30
CA ASP P 59 -9.89 11.92 28.06
C ASP P 59 -10.82 12.74 28.95
N ALA P 60 -12.09 12.34 29.05
CA ALA P 60 -13.08 13.11 29.85
C ALA P 60 -12.62 13.22 31.30
N GLN P 61 -12.32 12.09 31.94
CA GLN P 61 -11.89 12.09 33.36
C GLN P 61 -10.66 12.99 33.50
N THR P 62 -9.68 12.84 32.60
CA THR P 62 -8.43 13.63 32.71
C THR P 62 -8.78 15.12 32.67
N LEU P 63 -9.57 15.54 31.69
CA LEU P 63 -9.90 16.99 31.52
C LEU P 63 -10.66 17.47 32.76
N TYR P 64 -11.55 16.64 33.31
CA TYR P 64 -12.36 17.05 34.49
C TYR P 64 -11.43 17.32 35.67
N GLN P 65 -10.55 16.37 35.99
CA GLN P 65 -9.64 16.51 37.15
C GLN P 65 -8.74 17.73 36.93
N ARG P 66 -8.17 17.84 35.72
CA ARG P 66 -7.27 18.98 35.39
C ARG P 66 -8.05 20.29 35.53
N LEU P 67 -9.30 20.33 35.08
CA LEU P 67 -10.12 21.56 35.16
C LEU P 67 -10.38 21.91 36.63
N VAL P 68 -10.68 20.91 37.46
CA VAL P 68 -10.90 21.15 38.92
C VAL P 68 -9.65 21.81 39.50
N PHE P 69 -8.47 21.26 39.21
CA PHE P 69 -7.18 21.86 39.67
C PHE P 69 -7.21 23.36 39.36
N ARG P 70 -7.29 23.70 38.07
CA ARG P 70 -7.25 25.13 37.64
C ARG P 70 -8.36 25.93 38.32
N HIS P 71 -9.59 25.41 38.35
CA HIS P 71 -10.72 26.23 38.91
C HIS P 71 -10.48 26.49 40.39
N LYS P 72 -9.98 25.52 41.14
CA LYS P 72 -9.87 25.75 42.60
C LYS P 72 -8.79 26.79 42.80
N LEU P 73 -7.72 26.65 42.07
CA LEU P 73 -6.60 27.60 42.23
C LEU P 73 -7.09 28.98 41.79
N TYR P 74 -8.05 29.06 40.89
CA TYR P 74 -8.59 30.40 40.55
C TYR P 74 -9.41 30.92 41.72
N GLN P 75 -10.09 30.04 42.46
CA GLN P 75 -10.96 30.54 43.54
C GLN P 75 -10.05 31.05 44.63
N LEU P 76 -8.92 30.40 44.86
CA LEU P 76 -8.04 30.81 45.96
C LEU P 76 -7.36 32.10 45.53
N ARG P 77 -7.05 32.26 44.26
CA ARG P 77 -6.27 33.44 43.85
C ARG P 77 -7.20 34.61 43.60
N GLU P 78 -8.39 34.38 43.04
CA GLU P 78 -9.24 35.53 42.69
C GLU P 78 -10.41 35.68 43.67
N GLU P 79 -10.89 34.61 44.28
CA GLU P 79 -11.96 34.64 45.32
C GLU P 79 -13.34 34.77 44.69
N ARG P 80 -13.44 34.52 43.40
CA ARG P 80 -14.74 34.55 42.71
C ARG P 80 -14.86 33.25 41.95
N ASP P 81 -16.05 32.65 41.92
CA ASP P 81 -16.21 31.46 41.08
C ASP P 81 -16.08 31.94 39.63
N MET P 82 -15.51 31.14 38.75
CA MET P 82 -15.26 31.56 37.36
C MET P 82 -16.56 31.70 36.61
N LYS P 83 -16.70 32.74 35.80
CA LYS P 83 -17.90 33.00 35.04
C LYS P 83 -17.98 32.00 33.88
N PRO P 84 -19.18 31.62 33.44
CA PRO P 84 -19.25 30.64 32.35
C PRO P 84 -18.36 30.95 31.16
N GLU P 85 -18.58 32.08 30.47
CA GLU P 85 -17.84 32.32 29.24
C GLU P 85 -16.34 32.23 29.48
N THR P 86 -15.88 32.71 30.62
CA THR P 86 -14.47 32.60 30.95
C THR P 86 -14.05 31.15 31.06
N PHE P 87 -14.90 30.32 31.65
CA PHE P 87 -14.56 28.91 31.77
C PHE P 87 -14.51 28.25 30.40
N ALA P 88 -15.43 28.63 29.50
CA ALA P 88 -15.39 28.11 28.15
C ALA P 88 -14.10 28.52 27.44
N ASN P 89 -13.67 29.76 27.64
CA ASN P 89 -12.40 30.18 27.06
C ASN P 89 -11.23 29.40 27.65
N LEU P 90 -11.25 29.15 28.96
CA LEU P 90 -10.18 28.38 29.57
C LEU P 90 -10.13 26.98 28.97
N VAL P 91 -11.29 26.34 28.85
CA VAL P 91 -11.32 24.98 28.31
C VAL P 91 -10.84 24.99 26.86
N SER P 92 -11.25 26.00 26.09
CA SER P 92 -10.78 26.09 24.71
C SER P 92 -9.27 26.20 24.67
N ALA P 93 -8.69 27.01 25.55
CA ALA P 93 -7.24 27.16 25.54
C ALA P 93 -6.55 25.85 25.90
N ILE P 94 -7.03 25.16 26.94
CA ILE P 94 -6.35 23.94 27.36
C ILE P 94 -6.66 22.75 26.45
N LEU P 95 -7.63 22.89 25.55
CA LEU P 95 -7.83 21.87 24.52
C LEU P 95 -6.95 22.16 23.33
N TYR P 96 -6.83 23.43 22.95
CA TYR P 96 -6.00 23.81 21.83
C TYR P 96 -4.52 23.67 22.12
N GLU P 97 -4.10 23.70 23.39
CA GLU P 97 -2.69 23.52 23.66
C GLU P 97 -2.19 22.20 23.07
N LYS P 98 -3.05 21.18 23.04
CA LYS P 98 -2.73 19.90 22.45
C LYS P 98 -3.27 19.79 21.04
N ARG P 99 -3.24 20.92 20.32
CA ARG P 99 -3.73 20.98 18.95
C ARG P 99 -3.35 19.74 18.16
N PHE P 100 -2.14 19.23 18.35
CA PHE P 100 -1.63 18.10 17.59
C PHE P 100 -1.62 16.81 18.41
N GLY P 101 -2.16 16.83 19.61
CA GLY P 101 -2.25 15.66 20.46
C GLY P 101 -3.60 15.56 21.10
N PRO P 102 -4.64 15.95 20.37
CA PRO P 102 -5.87 16.42 21.00
C PRO P 102 -6.49 15.38 21.92
N TYR P 103 -7.12 15.89 22.98
CA TYR P 103 -8.09 15.10 23.72
C TYR P 103 -9.27 14.79 22.82
N PHE P 104 -9.76 13.56 22.90
CA PHE P 104 -10.92 13.19 22.11
C PHE P 104 -12.20 13.41 22.91
N CYS P 105 -12.38 14.64 23.38
CA CYS P 105 -13.60 15.04 24.07
C CYS P 105 -14.32 16.12 23.27
N GLN P 106 -15.63 16.17 23.45
CA GLN P 106 -16.49 17.15 22.79
C GLN P 106 -17.28 17.83 23.88
N PRO P 107 -16.63 18.68 24.67
CA PRO P 107 -17.28 19.20 25.88
C PRO P 107 -18.50 20.04 25.57
N VAL P 108 -19.46 19.97 26.49
CA VAL P 108 -20.61 20.86 26.51
C VAL P 108 -20.57 21.62 27.82
N ILE P 109 -20.68 22.94 27.74
CA ILE P 109 -20.55 23.81 28.89
C ILE P 109 -21.83 24.59 29.06
N ALA P 110 -22.39 24.58 30.26
CA ALA P 110 -23.66 25.24 30.49
C ALA P 110 -23.69 25.78 31.91
N GLY P 111 -24.09 27.02 32.07
CA GLY P 111 -24.21 27.48 33.45
C GLY P 111 -24.72 28.89 33.55
N LEU P 112 -25.48 29.17 34.59
CA LEU P 112 -26.04 30.52 34.80
C LEU P 112 -24.95 31.39 35.38
N GLY P 113 -25.15 32.70 35.38
CA GLY P 113 -24.11 33.62 35.87
C GLY P 113 -24.53 35.05 35.69
N ASP P 114 -23.64 35.98 36.04
CA ASP P 114 -23.94 37.43 35.89
C ASP P 114 -25.29 37.72 36.52
N ASP P 115 -26.12 38.49 35.83
CA ASP P 115 -27.48 38.75 36.34
C ASP P 115 -28.32 37.52 36.04
N ASN P 116 -27.92 36.36 36.54
CA ASN P 116 -28.76 35.16 36.34
C ASN P 116 -29.08 35.09 34.85
N LYS P 117 -28.05 34.87 34.01
CA LYS P 117 -28.21 34.82 32.53
C LYS P 117 -27.64 33.51 32.00
N PRO P 118 -28.40 32.60 31.36
CA PRO P 118 -27.82 31.33 30.92
C PRO P 118 -26.66 31.40 29.93
N PHE P 119 -25.78 30.38 29.88
CA PHE P 119 -24.66 30.33 28.92
C PHE P 119 -24.47 28.91 28.43
N ILE P 120 -24.44 28.67 27.11
CA ILE P 120 -24.17 27.31 26.67
C ILE P 120 -23.24 27.35 25.47
N CYS P 121 -22.32 26.41 25.41
CA CYS P 121 -21.46 26.26 24.25
C CYS P 121 -20.79 24.90 24.28
N THR P 122 -20.64 24.31 23.10
CA THR P 122 -19.82 23.12 22.93
C THR P 122 -18.68 23.46 22.01
N MET P 123 -17.66 22.61 22.01
CA MET P 123 -16.42 22.92 21.34
C MET P 123 -15.95 21.73 20.53
N ASP P 124 -15.24 22.03 19.46
CA ASP P 124 -14.48 21.02 18.75
C ASP P 124 -13.49 20.36 19.70
N SER P 125 -12.93 19.24 19.25
CA SER P 125 -11.94 18.56 20.07
C SER P 125 -10.70 19.40 20.28
N ILE P 126 -10.51 20.47 19.50
CA ILE P 126 -9.40 21.40 19.70
C ILE P 126 -9.94 22.79 20.00
N GLY P 127 -11.07 22.86 20.69
CA GLY P 127 -11.48 24.08 21.35
C GLY P 127 -12.26 25.06 20.50
N ALA P 128 -12.58 24.73 19.27
CA ALA P 128 -13.44 25.67 18.52
C ALA P 128 -14.79 25.77 19.22
N LYS P 129 -15.09 26.90 19.82
CA LYS P 129 -16.33 27.03 20.63
C LYS P 129 -17.53 27.20 19.71
N GLU P 130 -18.69 26.77 20.17
CA GLU P 130 -19.93 26.88 19.39
C GLU P 130 -20.94 27.58 20.29
N LEU P 131 -20.61 28.79 20.71
CA LEU P 131 -21.50 29.55 21.61
C LEU P 131 -22.86 29.56 20.95
N ALA P 132 -23.84 28.89 21.54
CA ALA P 132 -25.21 28.91 20.99
C ALA P 132 -26.16 29.50 22.00
N LYS P 133 -27.43 29.62 21.64
CA LYS P 133 -28.38 30.29 22.54
C LYS P 133 -29.64 29.45 22.63
N ASP P 134 -29.98 28.70 21.59
CA ASP P 134 -31.12 27.82 21.82
C ASP P 134 -30.75 26.51 22.48
N PHE P 135 -29.81 25.76 21.91
CA PHE P 135 -29.41 24.50 22.51
C PHE P 135 -28.12 24.00 21.89
N VAL P 136 -27.51 23.03 22.56
CA VAL P 136 -26.25 22.44 22.14
C VAL P 136 -26.32 20.94 22.35
N VAL P 137 -25.67 20.18 21.46
CA VAL P 137 -25.74 18.73 21.49
C VAL P 137 -24.39 18.16 21.12
N ALA P 138 -24.00 17.08 21.80
CA ALA P 138 -22.71 16.45 21.54
C ALA P 138 -22.80 14.98 21.88
N GLY P 139 -21.81 14.23 21.42
CA GLY P 139 -21.78 12.79 21.59
C GLY P 139 -22.02 12.04 20.29
N THR P 140 -22.23 10.74 20.43
CA THR P 140 -22.50 9.91 19.26
C THR P 140 -23.90 10.12 18.71
N ALA P 141 -24.84 10.58 19.53
CA ALA P 141 -26.20 10.81 19.07
C ALA P 141 -26.35 12.22 18.52
N SER P 142 -25.25 12.79 18.02
CA SER P 142 -25.26 14.17 17.57
C SER P 142 -26.44 14.45 16.65
N GLU P 143 -26.53 13.74 15.52
CA GLU P 143 -27.58 14.05 14.56
C GLU P 143 -28.96 13.86 15.15
N SER P 144 -29.16 12.75 15.86
CA SER P 144 -30.45 12.50 16.46
C SER P 144 -30.80 13.57 17.48
N LEU P 145 -29.84 14.00 18.27
CA LEU P 145 -30.11 15.06 19.23
C LEU P 145 -30.43 16.36 18.51
N TYR P 146 -29.73 16.65 17.42
CA TYR P 146 -30.03 17.87 16.68
C TYR P 146 -31.45 17.84 16.17
N GLY P 147 -31.88 16.73 15.59
CA GLY P 147 -33.25 16.66 15.12
C GLY P 147 -34.24 16.75 16.26
N ALA P 148 -34.02 16.02 17.34
CA ALA P 148 -34.97 16.01 18.44
C ALA P 148 -35.11 17.38 19.07
N CYS P 149 -33.98 18.07 19.27
CA CYS P 149 -34.01 19.39 19.89
C CYS P 149 -34.56 20.45 18.94
N GLU P 150 -34.21 20.36 17.65
CA GLU P 150 -34.72 21.30 16.68
C GLU P 150 -36.24 21.19 16.58
N SER P 151 -36.77 19.99 16.71
CA SER P 151 -38.21 19.79 16.62
C SER P 151 -38.94 19.99 17.94
N MET P 152 -38.22 20.11 19.05
CA MET P 152 -38.84 20.12 20.36
C MET P 152 -38.54 21.38 21.16
N TYR P 153 -37.69 22.26 20.66
CA TYR P 153 -37.30 23.44 21.41
C TYR P 153 -38.38 24.51 21.35
N LYS P 154 -38.35 25.42 22.31
CA LYS P 154 -39.17 26.63 22.30
C LYS P 154 -38.31 27.77 22.82
N PRO P 155 -38.61 29.01 22.45
CA PRO P 155 -37.70 30.11 22.80
C PRO P 155 -37.47 30.28 24.29
N ASP P 156 -38.50 30.57 25.07
CA ASP P 156 -38.37 30.84 26.49
C ASP P 156 -39.26 29.89 27.26
N MET P 157 -38.66 29.11 28.14
CA MET P 157 -39.32 27.95 28.71
C MET P 157 -39.10 27.95 30.22
N GLU P 158 -40.17 27.72 30.97
CA GLU P 158 -40.03 27.64 32.40
C GLU P 158 -39.14 26.46 32.76
N PRO P 159 -38.74 26.34 34.02
CA PRO P 159 -37.95 25.16 34.41
C PRO P 159 -38.65 23.83 34.17
N GLU P 160 -39.96 23.72 34.42
CA GLU P 160 -40.61 22.42 34.26
C GLU P 160 -40.76 22.05 32.78
N GLU P 161 -41.18 23.01 31.96
CA GLU P 161 -41.22 22.74 30.53
C GLU P 161 -39.86 22.39 30.00
N LEU P 162 -38.83 23.11 30.45
CA LEU P 162 -37.49 22.82 29.98
C LEU P 162 -37.08 21.41 30.38
N PHE P 163 -37.38 21.02 31.60
CA PHE P 163 -37.02 19.66 32.03
C PHE P 163 -37.70 18.65 31.13
N GLU P 164 -39.00 18.79 30.93
CA GLU P 164 -39.72 17.80 30.14
C GLU P 164 -39.19 17.76 28.71
N THR P 165 -38.87 18.91 28.14
CA THR P 165 -38.40 18.94 26.75
C THR P 165 -37.01 18.34 26.62
N VAL P 166 -36.07 18.74 27.48
CA VAL P 166 -34.74 18.14 27.37
C VAL P 166 -34.82 16.64 27.62
N SER P 167 -35.65 16.22 28.56
CA SER P 167 -35.77 14.80 28.84
C SER P 167 -36.30 14.05 27.62
N GLN P 168 -37.38 14.54 27.03
CA GLN P 168 -37.94 13.86 25.87
C GLN P 168 -36.97 13.87 24.69
N ALA P 169 -36.31 15.01 24.45
CA ALA P 169 -35.35 15.08 23.37
C ALA P 169 -34.23 14.08 23.58
N LEU P 170 -33.64 14.06 24.78
CA LEU P 170 -32.53 13.15 25.03
C LEU P 170 -32.98 11.70 24.89
N GLN P 171 -34.14 11.36 25.44
CA GLN P 171 -34.54 9.96 25.44
C GLN P 171 -34.92 9.50 24.04
N ALA P 172 -35.72 10.29 23.32
CA ALA P 172 -36.10 9.92 21.96
C ALA P 172 -34.89 9.91 21.04
N SER P 173 -33.86 10.69 21.36
CA SER P 173 -32.70 10.76 20.50
C SER P 173 -31.70 9.66 20.83
N VAL P 174 -31.73 9.16 22.06
CA VAL P 174 -30.82 8.10 22.45
C VAL P 174 -31.41 6.75 22.11
N ASP P 175 -32.73 6.61 22.11
CA ASP P 175 -33.33 5.35 21.68
C ASP P 175 -32.95 5.02 20.24
N ARG P 176 -32.59 6.02 19.45
CA ARG P 176 -32.13 5.83 18.07
C ARG P 176 -30.62 5.71 17.99
N ASP P 177 -29.95 5.28 19.05
CA ASP P 177 -28.51 5.13 19.06
C ASP P 177 -28.16 3.88 19.86
N CYS P 178 -27.28 3.04 19.30
CA CYS P 178 -26.95 1.77 19.92
C CYS P 178 -25.79 1.86 20.89
N LEU P 179 -25.01 2.93 20.84
CA LEU P 179 -23.87 3.10 21.73
C LEU P 179 -24.21 3.95 22.95
N SER P 180 -25.49 4.20 23.20
CA SER P 180 -25.89 5.11 24.26
C SER P 180 -27.27 4.73 24.74
N GLY P 181 -27.57 5.13 25.97
CA GLY P 181 -28.84 4.82 26.58
C GLY P 181 -28.63 4.34 27.99
N TRP P 182 -29.39 3.34 28.41
CA TRP P 182 -29.25 2.81 29.75
C TRP P 182 -29.43 3.93 30.77
N GLY P 183 -30.49 4.72 30.60
CA GLY P 183 -30.85 5.73 31.56
C GLY P 183 -30.55 7.14 31.11
N GLY P 184 -30.50 8.06 32.06
CA GLY P 184 -30.23 9.45 31.73
C GLY P 184 -30.04 10.24 33.01
N HIS P 185 -29.40 11.39 32.86
CA HIS P 185 -28.96 12.18 34.01
C HIS P 185 -29.08 13.65 33.65
N VAL P 186 -30.17 14.29 34.09
CA VAL P 186 -30.52 15.63 33.64
C VAL P 186 -30.48 16.58 34.82
N TYR P 187 -29.90 17.76 34.62
CA TYR P 187 -29.88 18.82 35.61
C TYR P 187 -30.73 19.98 35.12
N ILE P 188 -31.53 20.56 36.02
CA ILE P 188 -32.20 21.82 35.79
C ILE P 188 -31.63 22.83 36.77
N VAL P 189 -30.90 23.81 36.26
CA VAL P 189 -30.19 24.77 37.08
C VAL P 189 -30.88 26.11 36.96
N THR P 190 -31.35 26.62 38.08
CA THR P 190 -32.04 27.91 38.16
C THR P 190 -31.32 28.77 39.18
N PRO P 191 -31.47 30.09 39.09
CA PRO P 191 -30.70 30.97 39.98
C PRO P 191 -31.05 30.82 41.45
N THR P 192 -31.95 29.90 41.82
CA THR P 192 -32.28 29.67 43.21
C THR P 192 -32.28 28.19 43.59
N GLU P 193 -31.99 27.29 42.64
CA GLU P 193 -32.24 25.88 42.86
C GLU P 193 -31.55 25.08 41.78
N ILE P 194 -31.04 23.90 42.15
CA ILE P 194 -30.44 22.96 41.23
C ILE P 194 -31.08 21.61 41.44
N LYS P 195 -31.77 21.10 40.41
CA LYS P 195 -32.45 19.81 40.48
C LYS P 195 -31.72 18.84 39.57
N GLU P 196 -31.29 17.71 40.15
CA GLU P 196 -30.51 16.70 39.44
C GLU P 196 -31.36 15.45 39.31
N HIS P 197 -31.81 15.14 38.09
CA HIS P 197 -32.74 14.06 37.82
C HIS P 197 -32.03 12.91 37.15
N ILE P 198 -32.41 11.69 37.53
CA ILE P 198 -31.98 10.47 36.85
C ILE P 198 -33.23 9.83 36.27
N LEU P 199 -33.19 9.53 34.98
CA LEU P 199 -34.38 9.17 34.22
C LEU P 199 -34.47 7.67 34.01
N LYS P 200 -35.70 7.18 33.85
CA LYS P 200 -35.91 5.79 33.51
C LYS P 200 -35.79 5.61 32.00
N GLY P 201 -34.84 4.79 31.57
CA GLY P 201 -34.55 4.62 30.17
C GLY P 201 -34.72 3.17 29.73
N ARG P 202 -34.56 2.96 28.44
CA ARG P 202 -34.45 1.60 27.92
C ARG P 202 -33.09 1.03 28.27
N MET P 203 -33.09 -0.10 28.95
CA MET P 203 -31.85 -0.81 29.24
C MET P 203 -31.59 -1.90 28.22
N ASP P 204 -31.41 -1.49 26.96
CA ASP P 204 -31.11 -2.43 25.89
C ASP P 204 -30.22 -1.79 24.85
N MET Q 1 -5.01 -15.84 25.85
CA MET Q 1 -4.97 -14.46 26.38
C MET Q 1 -5.79 -14.34 27.67
N GLU Q 2 -5.41 -13.39 28.53
CA GLU Q 2 -5.86 -13.40 29.90
C GLU Q 2 -7.37 -13.22 30.01
N CYS Q 3 -7.92 -13.72 31.10
CA CYS Q 3 -9.27 -13.45 31.55
C CYS Q 3 -9.22 -13.09 33.03
N VAL Q 4 -9.99 -12.08 33.41
CA VAL Q 4 -10.00 -11.60 34.79
C VAL Q 4 -11.42 -11.12 35.08
N PHE Q 5 -11.85 -11.24 36.33
CA PHE Q 5 -13.16 -10.68 36.66
C PHE Q 5 -13.31 -10.55 38.17
N GLY Q 6 -14.22 -9.67 38.56
CA GLY Q 6 -14.41 -9.33 39.96
C GLY Q 6 -15.87 -9.43 40.34
N LEU Q 7 -16.14 -9.17 41.62
CA LEU Q 7 -17.44 -9.40 42.22
C LEU Q 7 -17.43 -8.80 43.61
N VAL Q 8 -18.44 -7.99 43.94
CA VAL Q 8 -18.48 -7.32 45.24
C VAL Q 8 -19.63 -7.90 46.05
N GLY Q 9 -19.29 -8.58 47.13
CA GLY Q 9 -20.27 -9.10 48.05
C GLY Q 9 -20.61 -8.09 49.12
N ASN Q 10 -21.24 -8.59 50.19
CA ASN Q 10 -21.68 -7.67 51.23
C ASN Q 10 -20.50 -7.09 51.99
N GLY Q 11 -19.45 -7.88 52.20
CA GLY Q 11 -18.29 -7.38 52.92
C GLY Q 11 -16.98 -7.85 52.32
N PHE Q 12 -17.01 -8.26 51.06
CA PHE Q 12 -15.83 -8.82 50.41
C PHE Q 12 -15.88 -8.49 48.94
N ALA Q 13 -14.71 -8.45 48.31
CA ALA Q 13 -14.61 -8.25 46.88
C ALA Q 13 -13.70 -9.32 46.29
N ILE Q 14 -14.29 -10.28 45.62
CA ILE Q 14 -13.54 -11.39 45.05
C ILE Q 14 -12.91 -10.94 43.75
N ILE Q 15 -11.74 -11.48 43.44
CA ILE Q 15 -11.13 -11.35 42.13
C ILE Q 15 -10.61 -12.72 41.72
N ALA Q 16 -10.94 -13.14 40.51
CA ALA Q 16 -10.44 -14.39 39.97
C ALA Q 16 -9.74 -14.11 38.65
N ALA Q 17 -8.84 -15.01 38.26
CA ALA Q 17 -8.10 -14.81 37.04
C ALA Q 17 -7.52 -16.14 36.60
N ASP Q 18 -7.37 -16.30 35.29
CA ASP Q 18 -6.71 -17.47 34.75
C ASP Q 18 -5.22 -17.40 35.05
N THR Q 19 -4.61 -18.56 35.23
CA THR Q 19 -3.23 -18.63 35.67
C THR Q 19 -2.31 -19.25 34.62
N SER Q 20 -2.63 -19.07 33.34
CA SER Q 20 -1.85 -19.65 32.26
C SER Q 20 -0.99 -18.60 31.59
N ALA Q 21 0.30 -18.89 31.59
CA ALA Q 21 1.26 -18.01 30.94
C ALA Q 21 1.66 -18.69 29.65
N VAL Q 22 1.60 -17.98 28.54
CA VAL Q 22 1.82 -18.64 27.22
C VAL Q 22 2.80 -17.83 26.39
N ASN Q 23 3.16 -18.33 25.21
CA ASN Q 23 4.03 -17.59 24.27
C ASN Q 23 3.27 -17.46 22.96
N SER Q 24 3.04 -18.58 22.29
CA SER Q 24 2.24 -18.55 21.05
C SER Q 24 1.20 -19.66 21.14
N ILE Q 25 1.67 -20.90 21.31
CA ILE Q 25 0.76 -22.06 21.39
C ILE Q 25 1.16 -22.89 22.60
N LEU Q 26 2.19 -22.47 23.35
CA LEU Q 26 2.67 -23.35 24.44
C LEU Q 26 2.31 -22.73 25.78
N VAL Q 27 1.74 -23.50 26.68
CA VAL Q 27 1.39 -23.01 28.03
C VAL Q 27 2.62 -23.20 28.88
N HIS Q 28 3.63 -22.37 28.64
CA HIS Q 28 4.90 -22.52 29.37
C HIS Q 28 4.55 -22.74 30.82
N LYS Q 29 3.45 -22.17 31.30
CA LYS Q 29 3.17 -22.32 32.72
C LYS Q 29 1.68 -22.19 32.92
N THR Q 30 1.15 -22.97 33.86
CA THR Q 30 -0.26 -22.85 34.24
C THR Q 30 -0.45 -22.43 35.68
N ASN Q 31 0.62 -22.07 36.39
CA ASN Q 31 0.54 -21.60 37.76
C ASN Q 31 0.82 -20.11 37.87
N GLU Q 32 0.85 -19.41 36.75
CA GLU Q 32 1.18 -17.99 36.78
C GLU Q 32 0.09 -17.25 37.53
N ASP Q 33 0.41 -16.82 38.74
CA ASP Q 33 -0.54 -16.05 39.55
C ASP Q 33 -0.48 -14.59 39.13
N LYS Q 34 -1.61 -14.03 38.73
CA LYS Q 34 -1.64 -12.68 38.17
C LYS Q 34 -2.27 -11.65 39.08
N ILE Q 35 -3.03 -12.08 40.09
CA ILE Q 35 -3.69 -11.16 41.00
C ILE Q 35 -2.64 -10.74 42.03
N MET Q 36 -2.30 -9.47 42.04
CA MET Q 36 -1.27 -8.98 42.95
C MET Q 36 -1.89 -8.55 44.26
N LYS Q 37 -1.07 -8.47 45.31
CA LYS Q 37 -1.45 -7.78 46.53
C LYS Q 37 -0.72 -6.45 46.59
N LEU Q 38 -1.47 -5.35 46.52
CA LEU Q 38 -0.84 -4.05 46.72
C LEU Q 38 -0.58 -3.78 48.18
N ASP Q 39 -1.48 -4.22 49.05
CA ASP Q 39 -1.41 -3.90 50.47
C ASP Q 39 -1.94 -5.11 51.21
N SER Q 40 -2.06 -4.96 52.51
CA SER Q 40 -2.79 -5.97 53.27
C SER Q 40 -4.25 -5.99 52.90
N HIS Q 41 -4.73 -4.96 52.20
CA HIS Q 41 -6.15 -4.82 51.92
C HIS Q 41 -6.40 -4.34 50.50
N LYS Q 42 -5.70 -4.91 49.53
CA LYS Q 42 -5.89 -4.57 48.13
C LYS Q 42 -5.52 -5.75 47.26
N LEU Q 43 -6.24 -5.90 46.16
CA LEU Q 43 -5.91 -6.82 45.10
C LEU Q 43 -5.90 -6.06 43.80
N MET Q 44 -5.06 -6.49 42.87
CA MET Q 44 -4.96 -5.82 41.57
C MET Q 44 -4.77 -6.89 40.50
N GLY Q 45 -5.88 -7.39 39.98
CA GLY Q 45 -5.81 -8.26 38.83
C GLY Q 45 -5.52 -7.45 37.58
N ALA Q 46 -4.66 -7.99 36.73
CA ALA Q 46 -4.27 -7.27 35.54
C ALA Q 46 -4.28 -8.23 34.35
N SER Q 47 -4.60 -7.67 33.19
CA SER Q 47 -4.64 -8.42 31.95
C SER Q 47 -4.04 -7.55 30.86
N GLY Q 48 -3.21 -8.14 30.03
CA GLY Q 48 -2.52 -7.42 29.00
C GLY Q 48 -1.19 -8.06 28.71
N GLU Q 49 -0.37 -7.37 27.92
CA GLU Q 49 0.92 -7.93 27.54
C GLU Q 49 1.71 -8.25 28.79
N ALA Q 50 2.22 -9.47 28.88
CA ALA Q 50 2.76 -9.94 30.15
C ALA Q 50 3.87 -9.03 30.67
N GLY Q 51 4.77 -8.61 29.80
CA GLY Q 51 5.81 -7.70 30.25
C GLY Q 51 5.25 -6.40 30.78
N ASP Q 52 4.32 -5.81 30.05
CA ASP Q 52 3.71 -4.57 30.51
C ASP Q 52 2.91 -4.79 31.77
N ARG Q 53 2.16 -5.89 31.84
CA ARG Q 53 1.42 -6.19 33.05
C ARG Q 53 2.34 -6.20 34.26
N VAL Q 54 3.42 -6.96 34.18
CA VAL Q 54 4.31 -7.08 35.34
C VAL Q 54 4.96 -5.74 35.65
N GLN Q 55 5.49 -5.06 34.65
CA GLN Q 55 6.20 -3.82 34.93
C GLN Q 55 5.28 -2.77 35.53
N PHE Q 56 4.09 -2.61 34.97
CA PHE Q 56 3.18 -1.60 35.50
C PHE Q 56 2.70 -1.97 36.89
N THR Q 57 2.35 -3.24 37.11
CA THR Q 57 1.91 -3.63 38.44
C THR Q 57 2.99 -3.40 39.47
N GLU Q 58 4.24 -3.73 39.14
CA GLU Q 58 5.32 -3.49 40.10
C GLU Q 58 5.53 -2.01 40.35
N PHE Q 59 5.43 -1.19 39.30
CA PHE Q 59 5.59 0.25 39.49
C PHE Q 59 4.52 0.77 40.45
N VAL Q 60 3.27 0.36 40.24
CA VAL Q 60 2.19 0.84 41.10
C VAL Q 60 2.39 0.35 42.53
N GLN Q 61 2.84 -0.89 42.70
CA GLN Q 61 3.08 -1.37 44.05
C GLN Q 61 4.20 -0.59 44.72
N LYS Q 62 5.24 -0.25 43.98
CA LYS Q 62 6.28 0.60 44.53
C LYS Q 62 5.69 1.89 45.05
N ASN Q 63 4.86 2.54 44.24
CA ASN Q 63 4.33 3.82 44.68
C ASN Q 63 3.39 3.67 45.87
N VAL Q 64 2.59 2.62 45.91
CA VAL Q 64 1.73 2.38 47.06
C VAL Q 64 2.56 2.20 48.32
N SER Q 65 3.61 1.40 48.24
CA SER Q 65 4.44 1.15 49.41
C SER Q 65 5.16 2.43 49.85
N LEU Q 66 5.63 3.22 48.88
CA LEU Q 66 6.28 4.47 49.23
C LEU Q 66 5.33 5.39 49.98
N TYR Q 67 4.08 5.48 49.51
CA TYR Q 67 3.13 6.30 50.22
C TYR Q 67 2.92 5.77 51.63
N GLN Q 68 2.75 4.45 51.76
CA GLN Q 68 2.46 3.85 53.10
C GLN Q 68 3.52 4.25 54.13
N PHE Q 69 4.79 3.89 53.91
CA PHE Q 69 5.85 4.14 54.93
C PHE Q 69 6.04 5.64 55.18
N ARG Q 70 6.04 6.46 54.13
CA ARG Q 70 6.33 7.92 54.30
C ARG Q 70 5.29 8.60 55.19
N ASN Q 71 4.01 8.27 55.06
CA ASN Q 71 2.96 9.01 55.82
C ASN Q 71 2.53 8.23 57.06
N GLY Q 72 2.60 6.90 57.03
CA GLY Q 72 2.16 6.07 58.17
C GLY Q 72 0.73 5.57 58.00
N ILE Q 73 -0.03 6.18 57.09
CA ILE Q 73 -1.44 5.75 56.81
C ILE Q 73 -1.51 5.23 55.38
N PRO Q 74 -2.01 4.00 55.12
CA PRO Q 74 -2.03 3.42 53.76
C PRO Q 74 -2.98 4.14 52.79
N LEU Q 75 -2.70 4.08 51.49
CA LEU Q 75 -3.62 4.67 50.53
C LEU Q 75 -4.96 3.97 50.60
N THR Q 76 -6.03 4.76 50.64
CA THR Q 76 -7.36 4.20 50.54
C THR Q 76 -7.57 3.66 49.13
N THR Q 77 -8.49 2.70 49.02
CA THR Q 77 -8.65 1.99 47.74
C THR Q 77 -8.95 2.96 46.60
N ALA Q 78 -9.86 3.91 46.84
CA ALA Q 78 -10.23 4.82 45.76
C ALA Q 78 -9.04 5.65 45.32
N ALA Q 79 -8.21 6.09 46.26
CA ALA Q 79 -7.01 6.85 45.91
C ALA Q 79 -6.01 5.99 45.16
N ALA Q 80 -5.86 4.73 45.55
CA ALA Q 80 -4.97 3.85 44.80
C ALA Q 80 -5.46 3.68 43.37
N ALA Q 81 -6.76 3.49 43.19
CA ALA Q 81 -7.31 3.35 41.86
C ALA Q 81 -7.10 4.62 41.04
N ASN Q 82 -7.33 5.78 41.64
CA ASN Q 82 -7.17 7.02 40.91
C ASN Q 82 -5.72 7.26 40.55
N PHE Q 83 -4.79 6.91 41.45
CA PHE Q 83 -3.38 7.05 41.14
C PHE Q 83 -2.98 6.16 39.99
N THR Q 84 -3.45 4.90 40.01
CA THR Q 84 -3.22 4.00 38.90
C THR Q 84 -3.73 4.60 37.61
N ARG Q 85 -4.95 5.12 37.63
CA ARG Q 85 -5.53 5.69 36.42
C ARG Q 85 -4.71 6.85 35.93
N GLY Q 86 -4.25 7.70 36.83
CA GLY Q 86 -3.46 8.84 36.42
C GLY Q 86 -2.17 8.42 35.75
N GLU Q 87 -1.45 7.48 36.36
CA GLU Q 87 -0.19 7.03 35.77
C GLU Q 87 -0.42 6.39 34.41
N LEU Q 88 -1.46 5.56 34.31
CA LEU Q 88 -1.76 4.89 33.06
C LEU Q 88 -2.16 5.88 31.98
N ALA Q 89 -2.99 6.88 32.33
CA ALA Q 89 -3.40 7.89 31.37
C ALA Q 89 -2.23 8.75 30.91
N THR Q 90 -1.33 9.12 31.82
CA THR Q 90 -0.16 9.87 31.39
C THR Q 90 0.74 9.04 30.48
N ALA Q 91 0.92 7.76 30.78
CA ALA Q 91 1.73 6.93 29.89
C ALA Q 91 1.02 6.68 28.57
N LEU Q 92 -0.30 6.84 28.54
CA LEU Q 92 -1.09 6.50 27.37
C LEU Q 92 -0.56 7.17 26.11
N ARG Q 93 -0.25 8.46 26.19
CA ARG Q 93 0.13 9.21 25.01
C ARG Q 93 1.63 9.27 24.78
N LYS Q 94 2.43 8.68 25.66
CA LYS Q 94 3.87 8.78 25.57
C LYS Q 94 4.56 7.44 25.37
N ASN Q 95 4.11 6.40 26.04
CA ASN Q 95 4.69 5.06 25.92
C ASN Q 95 3.70 4.04 26.46
N PRO Q 96 2.56 3.86 25.80
CA PRO Q 96 1.40 3.26 26.46
C PRO Q 96 1.71 1.88 27.01
N TYR Q 97 1.17 1.61 28.21
CA TYR Q 97 1.10 0.25 28.71
C TYR Q 97 -0.18 -0.39 28.20
N SER Q 98 -0.11 -1.69 27.91
CA SER Q 98 -1.26 -2.38 27.35
C SER Q 98 -1.95 -3.24 28.39
N VAL Q 99 -2.09 -2.74 29.61
CA VAL Q 99 -2.61 -3.51 30.73
C VAL Q 99 -4.01 -3.03 31.06
N ASN Q 100 -4.92 -3.98 31.31
CA ASN Q 100 -6.23 -3.71 31.85
C ASN Q 100 -6.25 -4.15 33.31
N ILE Q 101 -6.78 -3.30 34.18
CA ILE Q 101 -6.63 -3.48 35.62
C ILE Q 101 -7.98 -3.53 36.29
N ILE Q 102 -8.13 -4.45 37.23
CA ILE Q 102 -9.26 -4.51 38.15
C ILE Q 102 -8.70 -4.43 39.55
N LEU Q 103 -9.12 -3.43 40.31
CA LEU Q 103 -8.58 -3.18 41.63
C LEU Q 103 -9.69 -3.35 42.66
N ALA Q 104 -9.46 -4.22 43.63
CA ALA Q 104 -10.38 -4.42 44.74
C ALA Q 104 -9.70 -4.04 46.03
N GLY Q 105 -10.49 -3.77 47.06
CA GLY Q 105 -9.94 -3.37 48.33
C GLY Q 105 -11.04 -3.26 49.37
N PHE Q 106 -10.60 -3.13 50.62
CA PHE Q 106 -11.50 -2.95 51.75
C PHE Q 106 -10.94 -1.87 52.65
N ASP Q 107 -11.77 -0.93 53.03
CA ASP Q 107 -11.40 0.12 53.96
C ASP Q 107 -12.44 0.18 55.07
N GLN Q 108 -11.96 0.21 56.32
CA GLN Q 108 -12.87 0.00 57.44
C GLN Q 108 -14.06 0.93 57.37
N ASP Q 109 -13.85 2.17 56.94
CA ASP Q 109 -14.91 3.17 56.97
C ASP Q 109 -15.74 3.20 55.70
N THR Q 110 -15.42 2.39 54.69
CA THR Q 110 -16.14 2.41 53.43
C THR Q 110 -16.62 1.05 52.96
N GLY Q 111 -15.93 -0.02 53.33
CA GLY Q 111 -16.33 -1.35 52.90
C GLY Q 111 -15.68 -1.76 51.61
N PRO Q 112 -16.06 -2.91 51.08
CA PRO Q 112 -15.41 -3.43 49.88
C PRO Q 112 -15.71 -2.56 48.67
N SER Q 113 -14.74 -2.47 47.78
CA SER Q 113 -14.91 -1.72 46.55
C SER Q 113 -14.15 -2.43 45.45
N LEU Q 114 -14.60 -2.23 44.22
CA LEU Q 114 -14.00 -2.86 43.05
C LEU Q 114 -13.99 -1.84 41.93
N TYR Q 115 -12.82 -1.55 41.40
CA TYR Q 115 -12.65 -0.51 40.40
C TYR Q 115 -12.36 -1.10 39.04
N PHE Q 116 -12.92 -0.48 38.02
CA PHE Q 116 -12.66 -0.86 36.63
C PHE Q 116 -11.68 0.13 36.05
N ILE Q 117 -10.53 -0.35 35.60
CA ILE Q 117 -9.56 0.52 34.96
C ILE Q 117 -9.16 -0.13 33.64
N ASP Q 118 -9.46 0.53 32.54
CA ASP Q 118 -9.15 0.03 31.22
C ASP Q 118 -7.76 0.47 30.78
N TYR Q 119 -7.22 -0.19 29.77
CA TYR Q 119 -5.89 0.21 29.29
C TYR Q 119 -5.91 1.59 28.69
N ILE Q 120 -7.09 2.09 28.31
CA ILE Q 120 -7.24 3.48 27.92
C ILE Q 120 -7.26 4.41 29.12
N ALA Q 121 -7.23 3.87 30.32
CA ALA Q 121 -7.21 4.64 31.56
C ALA Q 121 -8.59 5.16 31.93
N THR Q 122 -9.65 4.52 31.47
CA THR Q 122 -10.97 4.86 31.96
C THR Q 122 -11.20 4.19 33.30
N LEU Q 123 -11.52 4.97 34.32
CA LEU Q 123 -11.72 4.45 35.67
C LEU Q 123 -13.19 4.51 36.02
N HIS Q 124 -13.70 3.44 36.61
CA HIS Q 124 -15.07 3.44 37.08
C HIS Q 124 -15.20 2.47 38.24
N LYS Q 125 -15.97 2.86 39.24
CA LYS Q 125 -16.22 2.02 40.41
C LYS Q 125 -17.37 1.09 40.08
N VAL Q 126 -17.04 -0.08 39.60
CA VAL Q 126 -18.05 -1.02 39.12
C VAL Q 126 -18.46 -1.96 40.24
N ASP Q 127 -19.70 -2.40 40.15
CA ASP Q 127 -20.18 -3.47 41.02
C ASP Q 127 -19.56 -4.81 40.64
N LYS Q 128 -19.44 -5.07 39.34
CA LYS Q 128 -18.84 -6.30 38.84
C LYS Q 128 -18.04 -5.96 37.59
N ALA Q 129 -16.97 -6.70 37.37
CA ALA Q 129 -16.07 -6.39 36.27
C ALA Q 129 -15.61 -7.67 35.60
N ALA Q 130 -14.97 -7.53 34.45
CA ALA Q 130 -14.40 -8.66 33.73
C ALA Q 130 -13.60 -8.14 32.55
N PHE Q 131 -12.51 -8.84 32.24
CA PHE Q 131 -11.66 -8.48 31.12
C PHE Q 131 -11.30 -9.74 30.34
N GLY Q 132 -11.14 -9.57 29.04
CA GLY Q 132 -10.77 -10.68 28.17
C GLY Q 132 -11.98 -11.39 27.60
N TYR Q 133 -11.70 -12.37 26.74
CA TYR Q 133 -12.79 -13.11 26.10
C TYR Q 133 -13.73 -13.74 27.11
N GLY Q 134 -13.22 -14.16 28.26
CA GLY Q 134 -14.13 -14.67 29.27
C GLY Q 134 -15.05 -13.61 29.83
N SER Q 135 -14.86 -12.36 29.42
CA SER Q 135 -15.66 -11.27 29.97
C SER Q 135 -17.12 -11.44 29.65
N TYR Q 136 -17.44 -11.86 28.42
CA TYR Q 136 -18.84 -12.00 28.05
C TYR Q 136 -19.54 -12.97 28.98
N PHE Q 137 -19.00 -14.17 29.10
CA PHE Q 137 -19.65 -15.20 29.90
C PHE Q 137 -19.69 -14.78 31.36
N ALA Q 138 -18.59 -14.24 31.87
CA ALA Q 138 -18.56 -13.82 33.27
C ALA Q 138 -19.63 -12.78 33.54
N LEU Q 139 -19.71 -11.75 32.71
CA LEU Q 139 -20.67 -10.67 32.92
C LEU Q 139 -22.09 -11.18 32.81
N ALA Q 140 -22.38 -11.96 31.77
CA ALA Q 140 -23.76 -12.44 31.64
C ALA Q 140 -24.16 -13.28 32.83
N MET Q 141 -23.30 -14.19 33.27
CA MET Q 141 -23.67 -15.05 34.38
C MET Q 141 -23.80 -14.26 35.67
N MET Q 142 -22.88 -13.33 35.93
CA MET Q 142 -23.00 -12.50 37.12
C MET Q 142 -24.30 -11.72 37.10
N ASP Q 143 -24.58 -11.03 36.00
CA ASP Q 143 -25.85 -10.32 35.88
C ASP Q 143 -27.01 -11.23 36.19
N ARG Q 144 -26.95 -12.46 35.70
CA ARG Q 144 -28.08 -13.35 35.89
C ARG Q 144 -28.27 -13.70 37.36
N HIS Q 145 -27.17 -13.90 38.09
CA HIS Q 145 -27.27 -14.38 39.47
C HIS Q 145 -26.77 -13.40 40.51
N TYR Q 146 -26.24 -12.25 40.12
CA TYR Q 146 -25.64 -11.34 41.07
C TYR Q 146 -26.69 -10.71 41.97
N ARG Q 147 -26.32 -10.55 43.25
CA ARG Q 147 -27.09 -9.75 44.20
C ARG Q 147 -26.11 -8.85 44.92
N SER Q 148 -26.64 -7.90 45.67
CA SER Q 148 -25.80 -6.93 46.35
C SER Q 148 -25.37 -7.36 47.75
N ASP Q 149 -25.77 -8.55 48.19
CA ASP Q 149 -25.56 -8.98 49.56
C ASP Q 149 -25.12 -10.43 49.63
N MET Q 150 -24.19 -10.85 48.78
CA MET Q 150 -23.92 -12.26 48.63
C MET Q 150 -22.99 -12.74 49.73
N SER Q 151 -23.34 -13.87 50.35
CA SER Q 151 -22.43 -14.50 51.27
C SER Q 151 -21.25 -15.10 50.49
N VAL Q 152 -20.08 -15.11 51.12
CA VAL Q 152 -18.89 -15.57 50.42
C VAL Q 152 -19.13 -16.92 49.79
N ASP Q 153 -19.98 -17.75 50.40
CA ASP Q 153 -20.36 -19.00 49.77
C ASP Q 153 -21.05 -18.75 48.44
N GLU Q 154 -22.00 -17.82 48.41
CA GLU Q 154 -22.70 -17.53 47.17
C GLU Q 154 -21.77 -16.91 46.14
N ALA Q 155 -20.91 -16.00 46.58
CA ALA Q 155 -19.99 -15.38 45.63
C ALA Q 155 -19.05 -16.40 45.04
N ILE Q 156 -18.53 -17.32 45.86
CA ILE Q 156 -17.62 -18.32 45.34
C ILE Q 156 -18.35 -19.31 44.45
N LYS Q 157 -19.59 -19.64 44.78
CA LYS Q 157 -20.38 -20.47 43.87
C LYS Q 157 -20.52 -19.79 42.53
N LEU Q 158 -20.79 -18.49 42.54
CA LEU Q 158 -20.96 -17.76 41.29
C LEU Q 158 -19.65 -17.74 40.51
N VAL Q 159 -18.53 -17.55 41.19
CA VAL Q 159 -17.26 -17.53 40.49
C VAL Q 159 -16.94 -18.91 39.91
N ASP Q 160 -17.27 -19.97 40.64
CA ASP Q 160 -17.07 -21.30 40.11
C ASP Q 160 -17.90 -21.51 38.85
N GLU Q 161 -19.16 -21.06 38.87
CA GLU Q 161 -19.99 -21.20 37.68
C GLU Q 161 -19.42 -20.41 36.50
N CYS Q 162 -18.95 -19.19 36.77
CA CYS Q 162 -18.35 -18.40 35.71
C CYS Q 162 -17.13 -19.09 35.13
N ILE Q 163 -16.31 -19.69 35.99
CA ILE Q 163 -15.12 -20.39 35.53
C ILE Q 163 -15.51 -21.58 34.66
N ALA Q 164 -16.50 -22.35 35.11
CA ALA Q 164 -16.92 -23.50 34.32
C ALA Q 164 -17.42 -23.09 32.95
N GLU Q 165 -18.24 -22.05 32.89
CA GLU Q 165 -18.70 -21.59 31.58
C GLU Q 165 -17.55 -21.10 30.73
N ILE Q 166 -16.63 -20.32 31.31
CA ILE Q 166 -15.52 -19.82 30.51
C ILE Q 166 -14.72 -20.96 29.93
N ARG Q 167 -14.52 -22.03 30.70
CA ARG Q 167 -13.83 -23.19 30.15
C ARG Q 167 -14.64 -23.86 29.06
N THR Q 168 -15.95 -23.97 29.26
CA THR Q 168 -16.77 -24.76 28.34
C THR Q 168 -16.94 -24.08 27.00
N ARG Q 169 -17.03 -22.75 26.99
CA ARG Q 169 -17.47 -22.05 25.78
C ARG Q 169 -16.36 -21.30 25.07
N LEU Q 170 -15.27 -20.95 25.73
CA LEU Q 170 -14.16 -20.32 25.02
C LEU Q 170 -13.32 -21.36 24.31
N VAL Q 171 -12.64 -20.93 23.25
CA VAL Q 171 -11.69 -21.80 22.56
C VAL Q 171 -10.32 -21.71 23.24
N VAL Q 172 -10.02 -20.56 23.84
CA VAL Q 172 -8.74 -20.36 24.50
C VAL Q 172 -8.96 -20.59 25.98
N ALA Q 173 -9.97 -21.40 26.31
CA ALA Q 173 -10.33 -21.67 27.68
C ALA Q 173 -9.10 -22.07 28.50
N PRO Q 174 -8.66 -21.25 29.44
CA PRO Q 174 -7.54 -21.65 30.29
C PRO Q 174 -8.03 -22.63 31.34
N PRO Q 175 -7.20 -23.59 31.74
CA PRO Q 175 -7.70 -24.63 32.63
C PRO Q 175 -7.68 -24.26 34.11
N ASN Q 176 -6.79 -23.36 34.51
CA ASN Q 176 -6.57 -23.07 35.93
C ASN Q 176 -6.90 -21.62 36.24
N PHE Q 177 -7.67 -21.42 37.30
CA PHE Q 177 -8.04 -20.09 37.77
C PHE Q 177 -7.72 -19.98 39.26
N VAL Q 178 -7.34 -18.77 39.67
CA VAL Q 178 -7.06 -18.46 41.07
C VAL Q 178 -8.13 -17.49 41.56
N ILE Q 179 -8.56 -17.65 42.81
CA ILE Q 179 -9.62 -16.84 43.38
C ILE Q 179 -9.07 -16.16 44.62
N LYS Q 180 -9.11 -14.84 44.66
CA LYS Q 180 -8.61 -14.06 45.78
C LYS Q 180 -9.70 -13.15 46.32
N ILE Q 181 -9.77 -13.05 47.63
CA ILE Q 181 -10.84 -12.36 48.33
C ILE Q 181 -10.25 -11.28 49.20
N VAL Q 182 -10.95 -10.16 49.32
CA VAL Q 182 -10.55 -9.07 50.21
C VAL Q 182 -11.71 -8.82 51.17
N ASP Q 183 -11.42 -8.81 52.46
CA ASP Q 183 -12.44 -8.53 53.45
C ASP Q 183 -11.82 -7.71 54.56
N LYS Q 184 -12.55 -7.58 55.67
CA LYS Q 184 -12.03 -6.83 56.80
C LYS Q 184 -10.69 -7.37 57.26
N ASP Q 185 -10.48 -8.68 57.15
CA ASP Q 185 -9.22 -9.29 57.57
C ASP Q 185 -8.08 -8.90 56.66
N GLY Q 186 -8.30 -8.84 55.37
CA GLY Q 186 -7.29 -8.35 54.45
C GLY Q 186 -7.28 -9.13 53.16
N ALA Q 187 -6.58 -8.58 52.18
CA ALA Q 187 -6.41 -9.25 50.90
C ALA Q 187 -5.80 -10.61 51.13
N ARG Q 188 -6.28 -11.60 50.40
CA ARG Q 188 -5.96 -12.99 50.72
C ARG Q 188 -6.20 -13.83 49.49
N GLU Q 189 -5.69 -15.05 49.52
CA GLU Q 189 -6.01 -16.03 48.49
C GLU Q 189 -7.11 -16.95 48.99
N PHE Q 190 -8.19 -17.07 48.23
CA PHE Q 190 -9.28 -17.91 48.70
C PHE Q 190 -9.05 -19.36 48.34
N ALA Q 191 -8.88 -19.65 47.06
CA ALA Q 191 -8.75 -21.03 46.63
C ALA Q 191 -8.13 -21.05 45.24
N TRP Q 192 -7.58 -22.19 44.89
CA TRP Q 192 -6.98 -22.38 43.58
C TRP Q 192 -7.89 -23.37 42.86
N ARG Q 193 -8.27 -23.05 41.62
CA ARG Q 193 -9.15 -23.93 40.86
C ARG Q 193 -8.34 -24.73 39.85
N GLN Q 194 -7.65 -25.74 40.36
CA GLN Q 194 -7.06 -26.76 39.50
C GLN Q 194 -8.14 -27.34 38.61
N SER Q 195 -7.85 -27.45 37.32
CA SER Q 195 -8.66 -28.30 36.47
C SER Q 195 -7.89 -29.53 36.05
N ILE Q 196 -6.68 -29.33 35.54
CA ILE Q 196 -5.84 -30.44 35.10
C ILE Q 196 -5.29 -31.18 36.30
N THR R 56 16.42 -23.94 16.41
CA THR R 56 17.04 -24.02 17.77
C THR R 56 16.04 -24.57 18.74
N THR R 57 16.52 -25.38 19.69
CA THR R 57 15.65 -25.96 20.69
C THR R 57 16.46 -26.20 21.95
N THR R 58 16.05 -25.53 23.02
CA THR R 58 16.77 -25.62 24.28
C THR R 58 15.76 -25.88 25.36
N LEU R 59 16.15 -26.63 26.38
CA LEU R 59 15.25 -26.93 27.47
C LEU R 59 16.00 -26.88 28.78
N ALA R 60 15.24 -26.91 29.86
CA ALA R 60 15.78 -26.90 31.20
C ALA R 60 14.68 -27.32 32.15
N PHE R 61 15.04 -28.10 33.16
CA PHE R 61 14.03 -28.53 34.12
C PHE R 61 14.69 -28.82 35.45
N ILE R 62 14.04 -28.38 36.52
CA ILE R 62 14.50 -28.65 37.87
C ILE R 62 14.01 -30.03 38.30
N PHE R 63 14.78 -30.71 39.13
CA PHE R 63 14.34 -31.98 39.66
C PHE R 63 15.07 -32.19 40.98
N LYS R 64 15.02 -33.41 41.50
CA LYS R 64 15.46 -33.64 42.86
C LYS R 64 16.90 -33.18 43.08
N HIS R 65 17.80 -33.55 42.17
CA HIS R 65 19.22 -33.34 42.37
C HIS R 65 19.76 -32.11 41.67
N GLY R 66 18.91 -31.18 41.29
CA GLY R 66 19.39 -29.95 40.66
C GLY R 66 18.56 -29.65 39.42
N VAL R 67 19.10 -28.77 38.59
CA VAL R 67 18.45 -28.36 37.35
C VAL R 67 19.34 -28.75 36.19
N MET R 68 18.76 -29.42 35.21
CA MET R 68 19.46 -29.76 33.99
C MET R 68 19.21 -28.72 32.92
N VAL R 69 20.13 -28.60 31.97
CA VAL R 69 19.97 -27.73 30.82
C VAL R 69 20.47 -28.47 29.60
N ALA R 70 19.73 -28.39 28.50
CA ALA R 70 20.12 -29.05 27.27
C ALA R 70 19.83 -28.13 26.11
N ALA R 71 20.53 -28.36 25.00
CA ALA R 71 20.42 -27.46 23.86
C ALA R 71 21.15 -28.06 22.68
N ASP R 72 20.60 -27.84 21.48
CA ASP R 72 21.26 -28.30 20.27
C ASP R 72 22.39 -27.36 19.92
N SER R 73 22.93 -27.49 18.70
CA SER R 73 24.06 -26.65 18.31
C SER R 73 23.95 -26.14 16.89
N ARG R 74 22.76 -26.09 16.31
CA ARG R 74 22.63 -25.64 14.93
C ARG R 74 22.35 -24.15 14.87
N ALA R 75 22.96 -23.49 13.90
CA ALA R 75 22.70 -22.09 13.62
C ALA R 75 22.43 -21.91 12.14
N SER R 76 21.23 -21.45 11.81
CA SER R 76 20.79 -21.43 10.43
C SER R 76 20.20 -20.08 10.10
N MET R 77 20.42 -19.64 8.86
CA MET R 77 19.84 -18.43 8.32
C MET R 77 19.08 -18.78 7.06
N GLY R 78 17.80 -18.44 7.02
CA GLY R 78 16.99 -18.88 5.91
C GLY R 78 16.91 -20.39 5.90
N GLY R 79 17.36 -20.98 4.79
CA GLY R 79 17.47 -22.41 4.67
C GLY R 79 18.87 -22.96 4.76
N TYR R 80 19.83 -22.14 5.21
CA TYR R 80 21.24 -22.53 5.22
C TYR R 80 21.69 -22.77 6.65
N ILE R 81 22.50 -23.81 6.83
CA ILE R 81 23.06 -24.15 8.15
C ILE R 81 24.41 -23.46 8.26
N SER R 82 24.43 -22.25 8.78
CA SER R 82 25.68 -21.52 8.87
C SER R 82 26.67 -22.23 9.78
N SER R 83 26.21 -23.03 10.74
CA SER R 83 27.13 -23.80 11.56
C SER R 83 26.35 -24.80 12.41
N GLN R 84 27.07 -25.82 12.86
CA GLN R 84 26.52 -26.88 13.71
C GLN R 84 27.25 -26.96 15.04
N SER R 85 27.90 -25.88 15.48
CA SER R 85 28.73 -25.92 16.67
C SER R 85 28.60 -24.69 17.55
N VAL R 86 27.50 -23.97 17.49
CA VAL R 86 27.30 -22.82 18.37
C VAL R 86 27.05 -23.31 19.78
N LYS R 87 27.80 -22.77 20.74
CA LYS R 87 27.55 -23.08 22.14
C LYS R 87 26.33 -22.27 22.57
N LYS R 88 25.22 -22.95 22.79
CA LYS R 88 23.99 -22.25 23.14
C LYS R 88 23.70 -22.23 24.62
N ILE R 89 24.57 -22.77 25.46
CA ILE R 89 24.46 -22.63 26.90
C ILE R 89 25.60 -21.73 27.36
N ILE R 90 25.24 -20.57 27.91
CA ILE R 90 26.19 -19.48 28.13
C ILE R 90 26.54 -19.47 29.61
N GLU R 91 27.80 -19.71 29.93
CA GLU R 91 28.27 -19.74 31.31
C GLU R 91 28.29 -18.33 31.85
N ILE R 92 27.41 -18.03 32.81
CA ILE R 92 27.41 -16.71 33.43
C ILE R 92 28.24 -16.70 34.69
N ASN R 93 28.38 -17.85 35.33
CA ASN R 93 28.80 -17.95 36.71
C ASN R 93 28.99 -19.43 37.02
N PRO R 94 30.01 -19.83 37.76
CA PRO R 94 30.14 -21.26 38.09
C PRO R 94 28.88 -21.87 38.67
N TYR R 95 27.89 -21.06 39.04
CA TYR R 95 26.62 -21.57 39.55
C TYR R 95 25.44 -21.27 38.64
N MET R 96 25.64 -20.55 37.53
CA MET R 96 24.51 -20.02 36.79
C MET R 96 24.76 -20.17 35.30
N LEU R 97 23.78 -20.74 34.60
CA LEU R 97 23.83 -20.93 33.15
C LEU R 97 22.66 -20.22 32.51
N GLY R 98 22.94 -19.42 31.49
CA GLY R 98 21.90 -18.95 30.62
C GLY R 98 21.79 -19.82 29.39
N THR R 99 20.81 -19.51 28.54
CA THR R 99 20.59 -20.29 27.34
C THR R 99 20.29 -19.35 26.18
N MET R 100 20.71 -19.76 25.00
CA MET R 100 20.55 -18.96 23.79
C MET R 100 19.31 -19.40 23.03
N ALA R 101 18.46 -18.46 22.67
CA ALA R 101 17.36 -18.74 21.77
C ALA R 101 16.92 -17.43 21.15
N GLY R 102 16.43 -17.51 19.91
CA GLY R 102 16.17 -16.31 19.15
C GLY R 102 17.45 -15.78 18.55
N GLY R 103 17.55 -14.47 18.39
CA GLY R 103 18.75 -13.90 17.79
C GLY R 103 19.99 -14.35 18.53
N ALA R 104 20.98 -14.84 17.78
CA ALA R 104 22.22 -15.29 18.41
C ALA R 104 23.06 -14.11 18.87
N ALA R 105 23.18 -13.08 18.04
CA ALA R 105 23.92 -11.90 18.45
C ALA R 105 23.30 -11.27 19.68
N ASP R 106 21.98 -11.13 19.70
CA ASP R 106 21.31 -10.52 20.84
C ASP R 106 21.56 -11.31 22.11
N CYS R 107 21.39 -12.62 22.05
CA CYS R 107 21.57 -13.43 23.24
C CYS R 107 23.01 -13.36 23.73
N GLN R 108 23.97 -13.50 22.82
CA GLN R 108 25.37 -13.41 23.23
C GLN R 108 25.67 -12.08 23.90
N PHE R 109 25.26 -10.99 23.26
CA PHE R 109 25.57 -9.67 23.79
C PHE R 109 24.95 -9.45 25.15
N TRP R 110 23.65 -9.72 25.28
CA TRP R 110 22.98 -9.38 26.52
C TRP R 110 23.36 -10.35 27.63
N HIS R 111 23.80 -11.56 27.29
CA HIS R 111 24.32 -12.43 28.33
C HIS R 111 25.72 -12.01 28.74
N ARG R 112 26.50 -11.42 27.83
CA ARG R 112 27.77 -10.83 28.27
C ARG R 112 27.52 -9.66 29.21
N ASN R 113 26.55 -8.81 28.88
CA ASN R 113 26.19 -7.73 29.79
C ASN R 113 25.71 -8.28 31.12
N LEU R 114 24.89 -9.33 31.09
CA LEU R 114 24.40 -9.91 32.32
C LEU R 114 25.55 -10.43 33.17
N GLY R 115 26.52 -11.10 32.55
CA GLY R 115 27.67 -11.56 33.29
C GLY R 115 28.44 -10.42 33.92
N ILE R 116 28.57 -9.30 33.21
CA ILE R 116 29.31 -8.18 33.76
C ILE R 116 28.55 -7.56 34.93
N LYS R 117 27.23 -7.40 34.79
CA LYS R 117 26.43 -6.87 35.89
C LYS R 117 26.52 -7.78 37.12
N CYS R 118 26.46 -9.10 36.90
CA CYS R 118 26.57 -10.03 38.01
C CYS R 118 27.93 -9.94 38.67
N ARG R 119 28.99 -9.80 37.87
CA ARG R 119 30.33 -9.67 38.45
C ARG R 119 30.45 -8.41 39.29
N LEU R 120 29.95 -7.28 38.76
CA LEU R 120 29.99 -6.05 39.53
C LEU R 120 29.20 -6.19 40.82
N HIS R 121 28.04 -6.85 40.75
CA HIS R 121 27.25 -7.07 41.94
C HIS R 121 28.01 -7.90 42.96
N GLU R 122 28.71 -8.93 42.50
CA GLU R 122 29.49 -9.73 43.44
C GLU R 122 30.58 -8.90 44.09
N LEU R 123 31.33 -8.16 43.29
CA LEU R 123 32.39 -7.35 43.87
C LEU R 123 31.83 -6.37 44.88
N ALA R 124 30.73 -5.70 44.53
CA ALA R 124 30.17 -4.70 45.42
C ALA R 124 29.68 -5.32 46.72
N ASN R 125 28.88 -6.38 46.62
CA ASN R 125 28.22 -6.95 47.78
C ASN R 125 28.92 -8.18 48.35
N LYS R 126 30.03 -8.60 47.77
CA LYS R 126 30.77 -9.76 48.25
C LYS R 126 29.89 -11.00 48.33
N ARG R 127 28.89 -11.10 47.44
CA ARG R 127 27.98 -12.23 47.45
C ARG R 127 27.44 -12.47 46.06
N ARG R 128 27.51 -13.71 45.59
CA ARG R 128 27.12 -14.03 44.24
C ARG R 128 25.63 -13.79 44.06
N ILE R 129 25.26 -13.14 42.96
CA ILE R 129 23.87 -12.74 42.77
C ILE R 129 23.00 -13.97 42.66
N SER R 130 21.85 -13.94 43.32
CA SER R 130 20.91 -15.05 43.28
C SER R 130 20.26 -15.13 41.90
N VAL R 131 19.80 -16.33 41.54
CA VAL R 131 19.20 -16.50 40.23
C VAL R 131 18.08 -15.50 40.03
N THR R 132 17.29 -15.26 41.08
CA THR R 132 16.20 -14.31 40.96
C THR R 132 16.71 -12.95 40.53
N GLY R 133 17.77 -12.48 41.17
CA GLY R 133 18.29 -11.15 40.83
C GLY R 133 18.81 -11.09 39.42
N ALA R 134 19.54 -12.11 38.99
CA ALA R 134 20.07 -12.12 37.63
C ALA R 134 18.94 -12.12 36.63
N SER R 135 17.94 -12.96 36.84
CA SER R 135 16.80 -13.00 35.94
C SER R 135 16.13 -11.64 35.87
N LYS R 136 15.95 -11.00 37.02
CA LYS R 136 15.26 -9.72 37.05
C LYS R 136 16.07 -8.62 36.38
N LEU R 137 17.39 -8.62 36.57
CA LEU R 137 18.23 -7.67 35.84
C LEU R 137 18.07 -7.85 34.35
N LEU R 138 18.16 -9.09 33.87
CA LEU R 138 18.06 -9.30 32.43
C LEU R 138 16.69 -8.86 31.93
N ALA R 139 15.65 -9.19 32.68
CA ALA R 139 14.31 -8.81 32.27
C ALA R 139 14.17 -7.30 32.15
N ASN R 140 14.67 -6.57 33.15
CA ASN R 140 14.60 -5.12 33.10
C ASN R 140 15.40 -4.57 31.93
N ILE R 141 16.61 -5.08 31.72
CA ILE R 141 17.45 -4.57 30.64
C ILE R 141 16.76 -4.76 29.32
N LEU R 142 16.20 -5.94 29.09
CA LEU R 142 15.54 -6.20 27.82
C LEU R 142 14.26 -5.38 27.69
N TYR R 143 13.56 -5.16 28.79
CA TYR R 143 12.39 -4.30 28.75
C TYR R 143 12.74 -2.88 28.34
N ASN R 144 13.89 -2.37 28.77
CA ASN R 144 14.26 -1.04 28.33
C ASN R 144 14.33 -0.93 26.81
N TYR R 145 14.56 -2.05 26.11
CA TYR R 145 14.62 -2.07 24.66
C TYR R 145 13.34 -2.63 24.06
N ARG R 146 12.20 -2.28 24.65
CA ARG R 146 10.97 -3.04 24.42
C ARG R 146 10.57 -3.04 22.95
N GLY R 147 10.54 -1.87 22.32
CA GLY R 147 10.02 -1.78 20.98
C GLY R 147 11.03 -1.92 19.86
N MET R 148 12.32 -1.98 20.20
CA MET R 148 13.36 -1.98 19.20
C MET R 148 13.47 -3.29 18.44
N GLY R 149 12.74 -4.33 18.84
CA GLY R 149 12.72 -5.55 18.06
C GLY R 149 13.82 -6.52 18.37
N LEU R 150 14.28 -6.57 19.62
CA LEU R 150 15.23 -7.60 20.02
C LEU R 150 14.56 -8.96 19.97
N SER R 151 15.38 -10.01 19.89
CA SER R 151 14.91 -11.38 19.98
C SER R 151 15.79 -12.10 21.00
N VAL R 152 15.22 -12.43 22.15
CA VAL R 152 15.95 -13.07 23.24
C VAL R 152 14.99 -13.91 24.05
N GLY R 153 15.23 -15.21 24.14
CA GLY R 153 14.54 -16.05 25.10
C GLY R 153 15.52 -16.97 25.77
N THR R 154 15.70 -16.85 27.09
CA THR R 154 16.84 -17.45 27.75
C THR R 154 16.48 -17.93 29.14
N MET R 155 16.59 -19.23 29.36
CA MET R 155 16.42 -19.75 30.71
C MET R 155 17.65 -19.42 31.54
N ILE R 156 17.45 -18.79 32.69
CA ILE R 156 18.53 -18.55 33.64
C ILE R 156 18.45 -19.63 34.71
N ALA R 157 19.11 -20.75 34.47
CA ALA R 157 19.14 -21.85 35.42
C ALA R 157 20.34 -21.69 36.32
N GLY R 158 20.15 -21.97 37.60
CA GLY R 158 21.24 -21.83 38.53
C GLY R 158 20.87 -22.39 39.88
N TRP R 159 21.74 -22.16 40.84
CA TRP R 159 21.55 -22.59 42.22
C TRP R 159 21.79 -21.40 43.13
N ASP R 160 20.84 -21.13 44.02
CA ASP R 160 20.94 -20.05 44.98
C ASP R 160 21.32 -20.61 46.33
N GLU R 161 21.50 -19.71 47.29
CA GLU R 161 21.57 -20.16 48.67
C GLU R 161 20.26 -20.81 49.09
N THR R 162 19.16 -20.46 48.43
CA THR R 162 17.84 -20.94 48.82
C THR R 162 17.38 -22.15 48.01
N GLY R 163 18.20 -22.66 47.11
CA GLY R 163 17.84 -23.83 46.33
C GLY R 163 17.93 -23.57 44.84
N PRO R 164 17.70 -24.60 44.04
CA PRO R 164 17.82 -24.44 42.59
C PRO R 164 16.80 -23.45 42.07
N GLY R 165 17.15 -22.77 41.01
CA GLY R 165 16.27 -21.77 40.43
C GLY R 165 16.35 -21.82 38.93
N LEU R 166 15.21 -21.58 38.28
CA LEU R 166 15.14 -21.59 36.83
C LEU R 166 14.10 -20.56 36.42
N TYR R 167 14.46 -19.67 35.50
CA TYR R 167 13.58 -18.60 35.08
C TYR R 167 13.66 -18.46 33.57
N TYR R 168 12.53 -18.13 32.95
CA TYR R 168 12.47 -17.94 31.51
C TYR R 168 12.21 -16.47 31.22
N VAL R 169 13.09 -15.85 30.44
CA VAL R 169 13.05 -14.42 30.18
C VAL R 169 12.87 -14.21 28.69
N ASP R 170 12.23 -13.12 28.31
CA ASP R 170 11.88 -12.84 26.93
C ASP R 170 12.28 -11.42 26.56
N SER R 171 12.45 -11.20 25.26
CA SER R 171 12.78 -9.88 24.77
C SER R 171 11.66 -8.88 25.04
N GLU R 172 10.45 -9.36 25.32
CA GLU R 172 9.35 -8.48 25.65
C GLU R 172 9.38 -8.02 27.11
N GLY R 173 10.38 -8.45 27.87
CA GLY R 173 10.42 -8.15 29.29
C GLY R 173 9.64 -9.12 30.15
N GLY R 174 9.00 -10.12 29.56
CA GLY R 174 8.29 -11.09 30.36
C GLY R 174 9.23 -12.08 31.00
N ARG R 175 9.01 -12.34 32.29
CA ARG R 175 9.80 -13.29 33.04
C ARG R 175 8.88 -14.25 33.76
N LEU R 176 9.19 -15.53 33.67
CA LEU R 176 8.46 -16.57 34.36
C LEU R 176 9.44 -17.38 35.19
N LYS R 177 8.97 -17.96 36.27
CA LYS R 177 9.75 -18.93 36.99
C LYS R 177 9.01 -20.24 37.03
N GLY R 178 9.71 -21.32 36.73
CA GLY R 178 9.05 -22.60 36.60
C GLY R 178 10.04 -23.73 36.78
N MET R 179 9.51 -24.94 36.79
CA MET R 179 10.31 -26.14 36.93
C MET R 179 10.48 -26.90 35.63
N ARG R 180 10.00 -26.36 34.52
CA ARG R 180 10.23 -26.92 33.20
C ARG R 180 10.08 -25.81 32.18
N PHE R 181 10.99 -25.75 31.24
CA PHE R 181 10.87 -24.83 30.12
C PHE R 181 11.56 -25.44 28.92
N SER R 182 11.23 -24.91 27.75
CA SER R 182 12.02 -25.14 26.55
C SER R 182 11.69 -24.03 25.57
N VAL R 183 12.71 -23.56 24.88
CA VAL R 183 12.57 -22.41 23.98
C VAL R 183 13.19 -22.77 22.64
N GLY R 184 12.73 -22.09 21.61
CA GLY R 184 13.24 -22.30 20.26
C GLY R 184 12.21 -23.01 19.40
N SER R 185 12.53 -23.07 18.11
CA SER R 185 11.58 -23.63 17.15
C SER R 185 11.11 -25.01 17.57
N GLY R 186 12.02 -25.85 18.01
CA GLY R 186 11.66 -27.19 18.42
C GLY R 186 11.22 -27.23 19.86
N SER R 187 10.67 -26.14 20.36
CA SER R 187 10.11 -26.12 21.70
C SER R 187 8.99 -27.13 21.89
N PRO R 188 7.97 -27.19 21.03
CA PRO R 188 6.88 -28.13 21.27
C PRO R 188 7.29 -29.58 21.27
N TYR R 189 8.24 -30.01 20.43
CA TYR R 189 8.67 -31.40 20.50
C TYR R 189 9.41 -31.69 21.79
N ALA R 190 10.24 -30.76 22.23
CA ALA R 190 10.94 -30.92 23.49
C ALA R 190 9.95 -31.08 24.63
N TYR R 191 8.95 -30.21 24.71
CA TYR R 191 7.88 -30.42 25.67
C TYR R 191 7.21 -31.77 25.49
N GLY R 192 6.85 -32.14 24.27
CA GLY R 192 6.17 -33.40 24.08
C GLY R 192 6.91 -34.55 24.74
N VAL R 193 8.20 -34.66 24.46
CA VAL R 193 8.95 -35.75 25.09
C VAL R 193 9.15 -35.50 26.58
N LEU R 194 9.41 -34.26 26.98
CA LEU R 194 9.83 -33.96 28.34
C LEU R 194 8.68 -34.18 29.32
N ASP R 195 7.53 -33.57 29.06
CA ASP R 195 6.37 -33.79 29.91
C ASP R 195 6.05 -35.26 30.03
N ASN R 196 6.31 -36.01 28.97
CA ASN R 196 5.98 -37.42 28.98
C ASN R 196 6.92 -38.21 29.88
N GLY R 197 8.21 -37.90 29.82
CA GLY R 197 9.16 -38.64 30.61
C GLY R 197 9.47 -38.06 31.97
N TYR R 198 9.09 -36.81 32.20
CA TYR R 198 9.58 -36.09 33.37
C TYR R 198 9.01 -36.69 34.66
N LYS R 199 9.87 -36.83 35.66
CA LYS R 199 9.46 -37.18 37.01
C LYS R 199 10.41 -36.49 37.97
N TYR R 200 9.86 -35.93 39.06
CA TYR R 200 10.69 -35.12 39.94
C TYR R 200 11.72 -35.94 40.70
N ASP R 201 11.48 -37.23 40.88
CA ASP R 201 12.32 -38.06 41.70
C ASP R 201 13.47 -38.71 40.94
N MET R 202 13.54 -38.54 39.63
CA MET R 202 14.52 -39.29 38.86
C MET R 202 15.95 -38.87 39.19
N THR R 203 16.87 -39.81 39.09
CA THR R 203 18.27 -39.55 39.37
C THR R 203 18.92 -38.81 38.22
N VAL R 204 20.03 -38.14 38.52
CA VAL R 204 20.71 -37.32 37.52
C VAL R 204 21.12 -38.18 36.34
N GLU R 205 21.47 -39.43 36.57
CA GLU R 205 21.94 -40.30 35.50
C GLU R 205 20.86 -40.55 34.46
N GLU R 206 19.59 -40.44 34.84
CA GLU R 206 18.51 -40.58 33.88
C GLU R 206 17.84 -39.25 33.56
N ALA R 207 17.96 -38.24 34.41
CA ALA R 207 17.55 -36.91 34.00
C ALA R 207 18.38 -36.44 32.81
N SER R 208 19.68 -36.70 32.85
CA SER R 208 20.52 -36.36 31.72
C SER R 208 20.15 -37.14 30.48
N GLU R 209 19.61 -38.35 30.62
CA GLU R 209 19.19 -39.10 29.46
C GLU R 209 17.88 -38.57 28.90
N LEU R 210 16.97 -38.17 29.79
CA LEU R 210 15.73 -37.55 29.32
C LEU R 210 16.00 -36.25 28.59
N ALA R 211 16.90 -35.43 29.13
CA ALA R 211 17.21 -34.16 28.48
C ALA R 211 17.84 -34.37 27.12
N ARG R 212 18.56 -35.47 26.94
CA ARG R 212 19.19 -35.73 25.66
C ARG R 212 18.17 -36.27 24.67
N ARG R 213 17.29 -37.16 25.13
CA ARG R 213 16.28 -37.75 24.25
C ARG R 213 15.32 -36.68 23.75
N ALA R 214 14.88 -35.79 24.64
CA ALA R 214 13.94 -34.76 24.22
C ALA R 214 14.53 -33.88 23.12
N ILE R 215 15.76 -33.42 23.32
CA ILE R 215 16.38 -32.56 22.32
C ILE R 215 16.63 -33.34 21.04
N TYR R 216 16.99 -34.62 21.15
CA TYR R 216 17.13 -35.40 19.94
C TYR R 216 15.84 -35.46 19.15
N HIS R 217 14.71 -35.67 19.84
CA HIS R 217 13.46 -35.75 19.11
C HIS R 217 13.12 -34.42 18.45
N ALA R 218 13.36 -33.32 19.16
CA ALA R 218 13.14 -32.02 18.55
C ALA R 218 14.00 -31.85 17.31
N THR R 219 15.28 -32.25 17.39
CA THR R 219 16.16 -32.10 16.24
C THR R 219 15.72 -32.95 15.07
N TYR R 220 15.30 -34.19 15.34
CA TYR R 220 14.85 -35.06 14.29
C TYR R 220 13.63 -34.50 13.59
N ARG R 221 12.72 -33.88 14.33
CA ARG R 221 11.49 -33.40 13.73
C ARG R 221 11.58 -31.97 13.23
N ASP R 222 12.53 -31.19 13.70
CA ASP R 222 12.57 -29.75 13.40
C ASP R 222 13.74 -29.47 12.48
N GLY R 223 13.47 -28.74 11.40
CA GLY R 223 14.53 -28.41 10.46
C GLY R 223 15.58 -27.50 11.05
N ALA R 224 15.17 -26.52 11.85
CA ALA R 224 16.09 -25.50 12.33
C ALA R 224 16.93 -25.95 13.51
N SER R 225 16.68 -27.13 14.07
CA SER R 225 17.41 -27.63 15.22
C SER R 225 18.19 -28.88 14.83
N GLY R 226 19.33 -29.07 15.47
CA GLY R 226 20.18 -30.20 15.17
C GLY R 226 21.60 -29.89 15.57
N GLY R 227 22.46 -30.84 15.30
CA GLY R 227 23.88 -30.66 15.58
C GLY R 227 24.32 -31.54 16.74
N VAL R 228 24.77 -30.92 17.81
CA VAL R 228 25.30 -31.63 18.98
C VAL R 228 24.44 -31.30 20.18
N VAL R 229 23.89 -32.33 20.82
CA VAL R 229 23.12 -32.13 22.04
C VAL R 229 24.10 -31.98 23.19
N SER R 230 24.04 -30.84 23.87
CA SER R 230 24.97 -30.54 24.96
C SER R 230 24.19 -30.38 26.26
N VAL R 231 24.47 -31.24 27.22
CA VAL R 231 23.68 -31.35 28.45
C VAL R 231 24.53 -30.92 29.63
N TYR R 232 24.05 -29.96 30.40
CA TYR R 232 24.72 -29.45 31.59
C TYR R 232 23.91 -29.85 32.81
N HIS R 233 24.57 -29.95 33.95
CA HIS R 233 23.92 -30.26 35.22
C HIS R 233 24.35 -29.22 36.24
N VAL R 234 23.41 -28.44 36.74
CA VAL R 234 23.71 -27.38 37.70
C VAL R 234 23.44 -27.90 39.10
N GLY R 235 24.42 -28.57 39.68
CA GLY R 235 24.21 -29.31 40.90
C GLY R 235 24.11 -28.42 42.11
N PRO R 236 24.14 -29.02 43.30
CA PRO R 236 24.06 -28.21 44.52
C PRO R 236 25.12 -27.15 44.62
N ASP R 237 26.33 -27.44 44.15
CA ASP R 237 27.42 -26.47 44.21
C ASP R 237 27.48 -25.66 42.93
N GLY R 238 27.77 -26.30 41.80
CA GLY R 238 27.92 -25.61 40.54
C GLY R 238 27.70 -26.58 39.39
N TRP R 239 27.75 -26.05 38.19
CA TRP R 239 27.35 -26.82 37.01
C TRP R 239 28.52 -27.60 36.42
N LYS R 240 28.17 -28.52 35.53
CA LYS R 240 29.17 -29.28 34.79
C LYS R 240 28.52 -29.86 33.55
N LYS R 241 29.36 -29.99 32.54
CA LYS R 241 28.88 -30.54 31.28
C LYS R 241 28.83 -32.05 31.49
N VAL R 242 27.64 -32.57 31.69
CA VAL R 242 27.62 -34.01 31.96
C VAL R 242 27.81 -34.81 30.69
N THR R 243 27.28 -34.35 29.57
CA THR R 243 27.44 -35.10 28.33
C THR R 243 27.16 -34.19 27.15
N GLY R 244 27.75 -34.54 26.02
CA GLY R 244 27.43 -33.92 24.75
C GLY R 244 27.57 -34.93 23.65
N ASP R 245 26.54 -35.12 22.83
CA ASP R 245 26.53 -36.17 21.82
C ASP R 245 26.12 -35.61 20.47
N ASP R 246 26.53 -36.29 19.42
CA ASP R 246 26.23 -35.87 18.05
C ASP R 246 24.92 -36.47 17.60
N VAL R 247 23.99 -35.63 17.17
CA VAL R 247 22.64 -36.14 16.88
C VAL R 247 22.69 -37.20 15.79
N GLY R 248 23.57 -37.03 14.80
CA GLY R 248 23.71 -38.03 13.77
C GLY R 248 24.06 -39.40 14.29
N ASP R 249 24.70 -39.47 15.45
CA ASP R 249 25.00 -40.73 16.12
C ASP R 249 23.93 -41.12 17.12
N LEU R 250 23.32 -40.14 17.79
CA LEU R 250 22.21 -40.44 18.67
C LEU R 250 21.11 -41.19 17.94
N HIS R 251 20.73 -40.70 16.76
CA HIS R 251 19.61 -41.31 16.09
C HIS R 251 19.81 -42.81 15.92
N PHE R 252 20.99 -43.21 15.47
CA PHE R 252 21.24 -44.63 15.26
C PHE R 252 21.61 -45.35 16.54
N GLN R 253 21.86 -44.62 17.62
CA GLN R 253 21.91 -45.24 18.93
C GLN R 253 20.52 -45.66 19.37
N TYR R 254 19.56 -44.75 19.28
CA TYR R 254 18.19 -45.03 19.69
C TYR R 254 17.45 -45.89 18.69
N TYR R 255 17.65 -45.66 17.42
CA TYR R 255 17.01 -46.57 16.45
C TYR R 255 18.14 -47.37 15.82
N PRO R 256 18.47 -48.55 16.37
CA PRO R 256 19.58 -49.34 15.89
C PRO R 256 19.40 -49.77 14.44
N VAL R 257 20.50 -49.86 13.69
CA VAL R 257 20.42 -50.18 12.24
C VAL R 257 19.89 -51.60 12.08
N VAL R 258 20.17 -52.48 13.04
CA VAL R 258 19.72 -53.90 12.98
C VAL R 258 20.44 -54.59 11.82
N ASN S 7 13.71 6.12 -2.19
CA ASN S 7 14.30 6.74 -3.39
C ASN S 7 15.71 6.19 -3.62
N TRP S 8 16.55 6.12 -2.58
CA TRP S 8 17.97 5.69 -2.70
C TRP S 8 18.26 4.59 -1.68
N SER S 9 19.15 3.67 -2.00
CA SER S 9 19.43 2.55 -1.07
C SER S 9 20.80 2.75 -0.43
N PRO S 10 20.90 2.88 0.89
CA PRO S 10 22.17 3.16 1.55
C PRO S 10 23.18 2.02 1.54
N TYR S 11 22.91 0.95 0.80
CA TYR S 11 23.77 -0.22 0.79
C TYR S 11 24.09 -0.60 -0.64
N ASP S 12 25.13 -1.41 -0.78
CA ASP S 12 25.48 -2.00 -2.06
C ASP S 12 26.20 -3.30 -1.80
N PHE S 13 25.98 -4.27 -2.67
CA PHE S 13 26.61 -5.58 -2.55
C PHE S 13 27.73 -5.67 -3.58
N ASN S 14 28.96 -5.64 -3.10
CA ASN S 14 30.14 -5.65 -3.95
C ASN S 14 30.78 -7.02 -4.06
N GLY S 15 30.10 -8.08 -3.67
CA GLY S 15 30.56 -9.40 -4.02
C GLY S 15 31.93 -9.72 -3.44
N GLY S 16 32.65 -10.57 -4.17
CA GLY S 16 33.91 -11.09 -3.69
C GLY S 16 33.68 -12.10 -2.59
N THR S 17 34.69 -12.90 -2.26
CA THR S 17 34.56 -13.89 -1.20
C THR S 17 35.88 -14.08 -0.50
N CYS S 18 35.81 -14.35 0.81
CA CYS S 18 36.97 -14.50 1.65
C CYS S 18 36.98 -15.89 2.27
N VAL S 19 38.17 -16.45 2.43
CA VAL S 19 38.35 -17.77 3.03
C VAL S 19 39.44 -17.66 4.08
N ALA S 20 39.30 -18.46 5.13
CA ALA S 20 40.30 -18.53 6.19
C ALA S 20 40.45 -19.97 6.63
N VAL S 21 41.69 -20.43 6.72
CA VAL S 21 41.99 -21.79 7.12
C VAL S 21 42.95 -21.72 8.31
N ALA S 22 42.57 -22.34 9.42
CA ALA S 22 43.33 -22.28 10.65
C ALA S 22 44.16 -23.55 10.76
N GLY S 23 45.46 -23.39 10.86
CA GLY S 23 46.34 -24.52 11.04
C GLY S 23 46.72 -24.74 12.48
N ALA S 24 47.57 -25.74 12.68
CA ALA S 24 48.08 -26.00 14.02
C ALA S 24 49.01 -24.89 14.47
N ASP S 25 49.81 -24.34 13.56
CA ASP S 25 50.76 -23.29 13.91
C ASP S 25 50.75 -22.12 12.93
N TYR S 26 49.69 -21.96 12.14
CA TYR S 26 49.63 -20.94 11.11
C TYR S 26 48.18 -20.60 10.85
N CYS S 27 47.95 -19.62 9.99
CA CYS S 27 46.60 -19.26 9.57
C CYS S 27 46.66 -18.68 8.17
N VAL S 28 45.89 -19.26 7.26
CA VAL S 28 45.89 -18.86 5.85
C VAL S 28 44.58 -18.17 5.54
N ILE S 29 44.66 -16.96 4.99
CA ILE S 29 43.51 -16.13 4.69
C ILE S 29 43.60 -15.73 3.23
N ALA S 30 42.50 -15.90 2.49
CA ALA S 30 42.51 -15.59 1.08
C ALA S 30 41.22 -14.88 0.70
N ALA S 31 41.30 -14.07 -0.35
CA ALA S 31 40.16 -13.32 -0.83
C ALA S 31 40.52 -12.76 -2.20
N ASP S 32 39.60 -12.87 -3.14
CA ASP S 32 39.88 -12.39 -4.48
C ASP S 32 39.83 -10.86 -4.50
N THR S 33 40.36 -10.29 -5.56
CA THR S 33 40.50 -8.85 -5.68
C THR S 33 39.45 -8.18 -6.55
N ARG S 34 38.39 -8.90 -6.93
CA ARG S 34 37.36 -8.28 -7.76
C ARG S 34 36.43 -7.43 -6.91
N MET S 35 35.97 -6.32 -7.50
CA MET S 35 34.95 -5.47 -6.90
C MET S 35 33.94 -5.13 -7.97
N SER S 36 32.66 -5.17 -7.63
CA SER S 36 31.64 -5.01 -8.64
C SER S 36 30.37 -4.45 -8.03
N THR S 37 29.48 -3.99 -8.89
CA THR S 37 28.12 -3.66 -8.52
C THR S 37 27.22 -4.11 -9.65
N GLY S 38 25.98 -4.46 -9.34
CA GLY S 38 25.08 -4.92 -10.36
C GLY S 38 25.74 -6.01 -11.17
N TYR S 39 25.98 -5.76 -12.46
CA TYR S 39 26.64 -6.73 -13.31
C TYR S 39 27.88 -6.18 -13.99
N ASN S 40 28.43 -5.08 -13.50
CA ASN S 40 29.63 -4.50 -14.09
C ASN S 40 30.72 -4.40 -13.04
N ILE S 41 31.94 -4.71 -13.45
CA ILE S 41 33.08 -4.76 -12.55
C ILE S 41 33.60 -3.34 -12.36
N LEU S 42 33.72 -2.92 -11.11
CA LEU S 42 34.26 -1.60 -10.82
C LEU S 42 35.78 -1.59 -10.88
N THR S 43 36.42 -2.51 -10.17
CA THR S 43 37.87 -2.62 -10.22
C THR S 43 38.23 -4.09 -10.06
N ARG S 44 39.43 -4.43 -10.49
CA ARG S 44 39.93 -5.79 -10.37
C ARG S 44 41.08 -5.92 -9.37
N ASP S 45 41.29 -4.92 -8.53
CA ASP S 45 42.39 -4.94 -7.56
C ASP S 45 41.95 -4.45 -6.19
N TYR S 46 40.74 -4.77 -5.78
CA TYR S 46 40.20 -4.33 -4.49
C TYR S 46 40.48 -5.41 -3.47
N SER S 47 41.35 -5.11 -2.49
CA SER S 47 41.77 -6.11 -1.53
C SER S 47 40.79 -6.19 -0.38
N LYS S 48 40.33 -7.40 -0.08
CA LYS S 48 39.46 -7.60 1.07
C LYS S 48 40.24 -7.68 2.37
N ILE S 49 41.51 -8.08 2.30
CA ILE S 49 42.31 -8.37 3.48
C ILE S 49 42.85 -7.08 4.06
N CYS S 50 42.74 -6.95 5.38
CA CYS S 50 43.36 -5.87 6.13
C CYS S 50 44.13 -6.49 7.28
N LYS S 51 45.38 -6.07 7.48
CA LYS S 51 46.20 -6.55 8.58
C LYS S 51 45.93 -5.68 9.79
N LEU S 52 45.05 -6.15 10.67
CA LEU S 52 44.63 -5.32 11.79
C LEU S 52 45.68 -5.26 12.90
N ALA S 53 46.40 -6.34 13.14
CA ALA S 53 47.42 -6.35 14.18
C ALA S 53 48.57 -7.22 13.70
N GLU S 54 49.63 -7.28 14.50
CA GLU S 54 50.79 -8.05 14.07
C GLU S 54 50.45 -9.52 13.90
N LYS S 55 49.39 -10.01 14.54
CA LYS S 55 48.99 -11.40 14.42
C LYS S 55 47.48 -11.57 14.26
N SER S 56 46.79 -10.58 13.71
CA SER S 56 45.40 -10.70 13.31
C SER S 56 45.29 -10.20 11.88
N VAL S 57 44.31 -10.71 11.15
CA VAL S 57 44.07 -10.29 9.78
C VAL S 57 42.59 -10.44 9.47
N LEU S 58 41.93 -9.33 9.18
CA LEU S 58 40.50 -9.31 8.90
C LEU S 58 40.26 -9.37 7.42
N ALA S 59 39.52 -10.37 6.98
CA ALA S 59 39.11 -10.51 5.59
C ALA S 59 37.59 -10.47 5.53
N SER S 60 37.04 -9.50 4.81
CA SER S 60 35.61 -9.29 4.85
C SER S 60 35.08 -9.10 3.44
N SER S 61 33.80 -9.42 3.27
CA SER S 61 33.11 -9.24 2.01
C SER S 61 31.77 -8.59 2.29
N GLY S 62 31.28 -7.85 1.30
CA GLY S 62 30.01 -7.18 1.43
C GLY S 62 30.06 -5.78 0.87
N PHE S 63 29.37 -4.85 1.53
CA PHE S 63 29.34 -3.47 1.07
C PHE S 63 30.70 -2.82 1.30
N GLN S 64 31.31 -2.33 0.22
CA GLN S 64 32.70 -1.91 0.29
C GLN S 64 32.92 -0.71 1.19
N ALA S 65 32.06 0.31 1.13
CA ALA S 65 32.25 1.46 2.00
C ALA S 65 32.16 1.03 3.46
N ASP S 66 31.21 0.15 3.79
CA ASP S 66 31.11 -0.32 5.16
C ASP S 66 32.30 -1.18 5.54
N VAL S 67 32.80 -1.97 4.61
CA VAL S 67 33.99 -2.76 4.89
C VAL S 67 35.16 -1.85 5.25
N ARG S 68 35.38 -0.80 4.46
CA ARG S 68 36.49 0.11 4.76
C ARG S 68 36.25 0.88 6.04
N ALA S 69 35.00 1.30 6.28
CA ALA S 69 34.72 2.01 7.53
C ALA S 69 35.02 1.13 8.71
N LEU S 70 34.63 -0.14 8.65
CA LEU S 70 34.92 -1.06 9.74
C LEU S 70 36.42 -1.29 9.90
N GLN S 71 37.13 -1.45 8.78
CA GLN S 71 38.57 -1.65 8.87
C GLN S 71 39.26 -0.47 9.52
N LYS S 72 38.89 0.75 9.13
CA LYS S 72 39.52 1.92 9.70
C LYS S 72 39.13 2.12 11.15
N HIS S 73 37.87 1.83 11.49
CA HIS S 73 37.46 1.93 12.88
C HIS S 73 38.27 0.98 13.76
N LEU S 74 38.42 -0.27 13.33
CA LEU S 74 39.17 -1.22 14.12
C LEU S 74 40.64 -0.84 14.19
N ASP S 75 41.20 -0.32 13.09
CA ASP S 75 42.59 0.11 13.14
C ASP S 75 42.78 1.24 14.14
N ALA S 76 41.90 2.23 14.12
CA ALA S 76 42.01 3.32 15.07
C ALA S 76 41.87 2.82 16.50
N ARG S 77 40.91 1.93 16.72
CA ARG S 77 40.66 1.47 18.08
C ARG S 77 41.85 0.64 18.57
N HIS S 78 42.49 -0.09 17.67
CA HIS S 78 43.69 -0.82 18.04
C HIS S 78 44.84 0.11 18.36
N LEU S 79 44.98 1.20 17.61
CA LEU S 79 46.05 2.13 17.92
C LEU S 79 45.85 2.72 19.30
N ILE S 80 44.60 3.04 19.64
CA ILE S 80 44.31 3.55 20.97
C ILE S 80 44.68 2.51 22.03
N TYR S 81 44.29 1.26 21.80
CA TYR S 81 44.63 0.20 22.74
C TYR S 81 46.14 0.10 22.92
N GLN S 82 46.88 0.16 21.82
CA GLN S 82 48.33 0.09 21.93
C GLN S 82 48.86 1.21 22.79
N HIS S 83 48.36 2.42 22.58
CA HIS S 83 48.86 3.55 23.36
C HIS S 83 48.55 3.37 24.84
N GLN S 84 47.36 2.90 25.16
CA GLN S 84 46.97 2.78 26.57
C GLN S 84 47.70 1.62 27.24
N HIS S 85 47.48 0.41 26.76
CA HIS S 85 47.94 -0.78 27.45
C HIS S 85 49.35 -1.18 27.06
N ASN S 86 50.01 -0.39 26.23
CA ASN S 86 51.43 -0.55 25.96
C ASN S 86 51.77 -1.94 25.44
N LYS S 87 50.86 -2.54 24.69
CA LYS S 87 51.08 -3.85 24.09
C LYS S 87 50.13 -4.01 22.93
N GLN S 88 50.40 -5.00 22.09
CA GLN S 88 49.64 -5.21 20.86
C GLN S 88 48.48 -6.16 21.12
N MET S 89 47.30 -5.76 20.68
CA MET S 89 46.09 -6.52 20.93
C MET S 89 46.25 -7.97 20.46
N SER S 90 45.91 -8.91 21.33
CA SER S 90 45.93 -10.30 20.93
C SER S 90 44.80 -10.56 19.95
N CYS S 91 44.89 -11.69 19.26
CA CYS S 91 43.83 -12.01 18.30
C CYS S 91 42.48 -12.14 18.96
N PRO S 92 42.28 -13.00 19.97
CA PRO S 92 40.94 -13.13 20.54
C PRO S 92 40.38 -11.84 21.10
N ALA S 93 41.23 -10.99 21.66
CA ALA S 93 40.75 -9.68 22.09
C ALA S 93 40.27 -8.87 20.90
N MET S 94 40.96 -8.96 19.77
CA MET S 94 40.49 -8.26 18.58
C MET S 94 39.17 -8.83 18.11
N ALA S 95 39.00 -10.15 18.21
CA ALA S 95 37.74 -10.76 17.81
C ALA S 95 36.59 -10.26 18.68
N GLN S 96 36.80 -10.21 19.98
CA GLN S 96 35.78 -9.69 20.88
C GLN S 96 35.47 -8.22 20.58
N LEU S 97 36.51 -7.42 20.34
CA LEU S 97 36.29 -6.03 20.01
C LEU S 97 35.48 -5.89 18.73
N LEU S 98 35.81 -6.69 17.72
CA LEU S 98 35.07 -6.63 16.46
C LEU S 98 33.62 -7.02 16.67
N SER S 99 33.37 -8.05 17.49
CA SER S 99 32.00 -8.45 17.77
C SER S 99 31.23 -7.29 18.39
N ASN S 100 31.83 -6.65 19.40
CA ASN S 100 31.14 -5.55 20.07
C ASN S 100 30.91 -4.39 19.12
N THR S 101 31.90 -4.07 18.29
CA THR S 101 31.73 -2.96 17.36
C THR S 101 30.63 -3.24 16.37
N LEU S 102 30.58 -4.44 15.81
CA LEU S 102 29.51 -4.77 14.89
C LEU S 102 28.15 -4.65 15.57
N TYR S 103 28.05 -5.14 16.81
CA TYR S 103 26.75 -5.14 17.46
C TYR S 103 26.33 -3.75 17.90
N TYR S 104 27.28 -2.85 18.15
CA TYR S 104 26.88 -1.51 18.58
C TYR S 104 26.03 -0.82 17.53
N LYS S 105 26.24 -1.15 16.26
CA LYS S 105 25.42 -0.62 15.18
C LYS S 105 24.30 -1.58 14.81
N ARG S 106 23.78 -2.31 15.80
CA ARG S 106 22.71 -3.27 15.64
C ARG S 106 21.60 -2.75 14.74
N PHE S 107 21.16 -1.52 14.97
CA PHE S 107 19.99 -0.98 14.31
C PHE S 107 20.32 -0.20 13.04
N PHE S 108 21.55 -0.30 12.53
CA PHE S 108 21.90 0.17 11.19
C PHE S 108 23.17 -0.56 10.78
N PRO S 109 23.08 -1.87 10.57
CA PRO S 109 24.29 -2.70 10.60
C PRO S 109 25.28 -2.33 9.52
N TYR S 110 26.55 -2.60 9.79
CA TYR S 110 27.52 -2.77 8.73
C TYR S 110 27.05 -3.87 7.81
N TYR S 111 27.09 -3.62 6.50
CA TYR S 111 26.82 -4.68 5.53
C TYR S 111 28.13 -5.34 5.13
N ALA S 112 28.83 -5.87 6.12
CA ALA S 112 30.09 -6.57 5.93
C ALA S 112 29.98 -7.93 6.58
N PHE S 113 30.57 -8.93 5.94
CA PHE S 113 30.62 -10.29 6.47
C PHE S 113 32.08 -10.66 6.69
N ASN S 114 32.48 -10.70 7.96
CA ASN S 114 33.88 -10.71 8.35
C ASN S 114 34.34 -12.10 8.74
N VAL S 115 35.63 -12.36 8.50
CA VAL S 115 36.25 -13.60 8.93
C VAL S 115 37.63 -13.25 9.46
N LEU S 116 37.75 -13.10 10.77
CA LEU S 116 39.06 -12.91 11.37
C LEU S 116 39.86 -14.19 11.31
N GLY S 117 41.16 -14.05 11.07
CA GLY S 117 42.11 -15.13 11.26
C GLY S 117 43.28 -14.58 12.06
N GLY S 118 44.12 -15.49 12.53
CA GLY S 118 45.32 -15.04 13.21
C GLY S 118 45.89 -16.11 14.09
N LEU S 119 46.93 -15.74 14.82
CA LEU S 119 47.56 -16.60 15.81
C LEU S 119 47.23 -16.10 17.20
N ASP S 120 46.80 -17.00 18.07
CA ASP S 120 46.42 -16.65 19.43
C ASP S 120 47.70 -16.41 20.25
N ASN S 121 47.54 -16.26 21.57
CA ASN S 121 48.70 -15.95 22.40
C ASN S 121 49.76 -17.04 22.30
N GLU S 122 49.36 -18.30 22.35
CA GLU S 122 50.33 -19.39 22.37
C GLU S 122 50.88 -19.72 21.00
N GLY S 123 50.35 -19.12 19.95
CA GLY S 123 50.83 -19.36 18.61
C GLY S 123 50.03 -20.36 17.79
N LYS S 124 48.83 -20.72 18.23
CA LYS S 124 47.96 -21.58 17.44
C LYS S 124 47.04 -20.74 16.59
N GLY S 125 46.98 -21.05 15.30
CA GLY S 125 46.11 -20.30 14.42
C GLY S 125 44.66 -20.44 14.84
N CYS S 126 43.95 -19.32 14.84
CA CYS S 126 42.55 -19.30 15.25
C CYS S 126 41.76 -18.40 14.31
N VAL S 127 40.64 -18.91 13.83
CA VAL S 127 39.81 -18.21 12.86
C VAL S 127 38.44 -17.96 13.46
N PHE S 128 38.00 -16.71 13.43
CA PHE S 128 36.71 -16.31 13.95
C PHE S 128 35.84 -15.88 12.79
N THR S 129 34.59 -16.36 12.78
CA THR S 129 33.67 -16.11 11.68
C THR S 129 32.43 -15.40 12.20
N TYR S 130 32.01 -14.35 11.50
CA TYR S 130 31.07 -13.38 12.05
C TYR S 130 29.80 -13.27 11.22
N ASP S 131 28.74 -12.82 11.87
CA ASP S 131 27.57 -12.35 11.16
C ASP S 131 27.78 -10.91 10.71
N ALA S 132 26.69 -10.28 10.27
CA ALA S 132 26.71 -8.85 10.06
C ALA S 132 26.28 -8.09 11.30
N VAL S 133 25.85 -8.79 12.34
CA VAL S 133 25.36 -8.16 13.57
C VAL S 133 26.23 -8.50 14.76
N GLY S 134 27.25 -9.33 14.58
CA GLY S 134 28.26 -9.51 15.60
C GLY S 134 28.49 -10.92 16.07
N SER S 135 27.49 -11.78 16.05
CA SER S 135 27.69 -13.13 16.56
C SER S 135 28.86 -13.78 15.86
N TYR S 136 29.68 -14.48 16.62
CA TYR S 136 30.89 -15.07 16.07
C TYR S 136 31.22 -16.36 16.79
N GLU S 137 32.04 -17.17 16.13
CA GLU S 137 32.50 -18.43 16.67
C GLU S 137 33.98 -18.56 16.43
N LYS S 138 34.63 -19.43 17.20
CA LYS S 138 35.98 -19.83 16.85
C LYS S 138 35.91 -21.17 16.16
N VAL S 139 36.32 -21.22 14.89
CA VAL S 139 36.18 -22.40 14.07
C VAL S 139 37.49 -22.63 13.35
N GLY S 140 37.66 -23.84 12.80
CA GLY S 140 38.92 -24.18 12.15
C GLY S 140 39.07 -23.63 10.75
N TYR S 141 37.98 -23.14 10.15
CA TYR S 141 38.00 -22.56 8.82
C TYR S 141 36.68 -21.85 8.64
N SER S 142 36.57 -21.09 7.57
CA SER S 142 35.31 -20.44 7.23
C SER S 142 35.49 -19.71 5.91
N SER S 143 34.37 -19.25 5.38
CA SER S 143 34.39 -18.41 4.20
C SER S 143 33.07 -17.68 4.13
N GLN S 144 33.13 -16.43 3.69
CA GLN S 144 31.95 -15.59 3.71
C GLN S 144 31.95 -14.72 2.47
N GLY S 145 30.75 -14.30 2.07
CA GLY S 145 30.58 -13.57 0.84
C GLY S 145 29.77 -14.35 -0.16
N SER S 146 29.87 -13.91 -1.42
CA SER S 146 29.05 -14.51 -2.47
C SER S 146 29.36 -15.98 -2.64
N GLY S 147 30.63 -16.32 -2.76
CA GLY S 147 30.98 -17.69 -3.09
C GLY S 147 31.03 -18.62 -1.91
N ALA S 148 30.70 -18.14 -0.71
CA ALA S 148 30.89 -18.96 0.48
C ALA S 148 30.15 -20.28 0.37
N LYS S 149 28.91 -20.26 -0.10
CA LYS S 149 28.12 -21.47 -0.14
C LYS S 149 28.69 -22.47 -1.12
N LEU S 150 29.41 -22.00 -2.14
CA LEU S 150 30.06 -22.92 -3.07
C LEU S 150 31.32 -23.52 -2.47
N ILE S 151 31.96 -22.81 -1.54
CA ILE S 151 33.20 -23.31 -0.96
C ILE S 151 32.91 -24.28 0.18
N MET S 152 31.96 -23.95 1.07
CA MET S 152 31.78 -24.75 2.28
C MET S 152 31.70 -26.26 2.06
N PRO S 153 30.92 -26.79 1.13
CA PRO S 153 30.86 -28.25 1.05
C PRO S 153 32.21 -28.89 0.84
N PHE S 154 33.05 -28.32 0.00
CA PHE S 154 34.35 -28.91 -0.27
C PHE S 154 35.27 -28.82 0.94
N LEU S 155 35.34 -27.64 1.57
CA LEU S 155 36.17 -27.51 2.76
C LEU S 155 35.70 -28.47 3.84
N ASP S 156 34.41 -28.47 4.15
CA ASP S 156 33.89 -29.39 5.14
C ASP S 156 34.29 -30.81 4.83
N ASN S 157 34.13 -31.24 3.58
CA ASN S 157 34.47 -32.61 3.24
C ASN S 157 35.95 -32.87 3.43
N GLN S 158 36.78 -31.87 3.18
CA GLN S 158 38.22 -32.09 3.24
C GLN S 158 38.82 -31.86 4.62
N LEU S 159 38.18 -31.13 5.53
CA LEU S 159 38.87 -30.81 6.81
C LEU S 159 37.91 -30.98 7.97
N LYS S 160 37.49 -32.22 8.26
CA LYS S 160 36.45 -32.44 9.31
C LYS S 160 37.11 -33.02 10.56
N SER S 161 36.78 -32.47 11.73
CA SER S 161 37.34 -32.95 13.01
C SER S 161 36.21 -33.15 14.02
N PRO S 162 36.28 -34.14 14.94
CA PRO S 162 35.26 -34.27 15.94
C PRO S 162 34.95 -32.90 16.55
N SER S 163 33.67 -32.64 16.80
CA SER S 163 33.22 -31.33 17.31
C SER S 163 33.95 -30.98 18.59
N PRO S 164 34.15 -29.69 18.89
CA PRO S 164 34.77 -29.34 20.13
C PRO S 164 33.83 -29.48 21.33
N LEU S 165 32.56 -29.83 21.12
CA LEU S 165 31.57 -29.85 22.23
C LEU S 165 31.33 -31.26 22.77
N LEU S 166 31.91 -32.29 22.16
CA LEU S 166 31.68 -33.69 22.57
C LEU S 166 32.30 -33.94 23.95
N ILE S 167 31.54 -34.50 24.91
CA ILE S 167 32.07 -34.63 26.31
C ILE S 167 33.10 -35.75 26.40
N PRO S 168 32.86 -37.00 25.96
CA PRO S 168 33.93 -37.96 25.98
C PRO S 168 34.77 -37.46 24.80
N ALA S 169 35.65 -36.48 25.00
CA ALA S 169 36.35 -35.83 23.86
C ALA S 169 36.85 -36.90 22.88
N GLN S 170 36.44 -36.82 21.61
CA GLN S 170 36.76 -37.92 20.65
C GLN S 170 38.05 -37.60 19.88
N ASP S 171 39.11 -37.18 20.57
CA ASP S 171 40.43 -36.96 19.93
C ASP S 171 40.33 -35.87 18.85
N ALA S 172 41.32 -35.82 17.94
CA ALA S 172 41.33 -34.77 16.90
C ALA S 172 41.90 -35.34 15.61
N VAL S 173 41.53 -34.77 14.46
CA VAL S 173 41.98 -35.31 13.15
C VAL S 173 43.43 -34.89 12.91
N THR S 174 44.19 -35.68 12.17
CA THR S 174 45.60 -35.34 11.86
C THR S 174 45.64 -33.91 11.33
N PRO S 175 46.39 -32.98 11.95
CA PRO S 175 46.37 -31.60 11.52
C PRO S 175 47.05 -31.47 10.14
N LEU S 176 46.64 -30.47 9.35
CA LEU S 176 47.19 -30.30 7.97
C LEU S 176 48.35 -29.31 7.99
N SER S 177 49.43 -29.61 7.27
CA SER S 177 50.59 -28.69 7.18
C SER S 177 50.21 -27.48 6.35
N GLU S 178 51.11 -26.50 6.25
CA GLU S 178 50.77 -25.26 5.51
C GLU S 178 50.66 -25.55 4.02
N SER S 179 51.62 -26.23 3.43
CA SER S 179 51.62 -26.43 1.95
C SER S 179 50.31 -27.03 1.47
N GLU S 180 49.58 -27.74 2.33
CA GLU S 180 48.30 -28.37 2.05
C GLU S 180 47.14 -27.42 2.26
N ALA S 181 47.19 -26.56 3.28
CA ALA S 181 46.14 -25.56 3.43
C ALA S 181 46.16 -24.58 2.28
N ILE S 182 47.36 -24.19 1.83
CA ILE S 182 47.47 -23.28 0.70
C ILE S 182 46.81 -23.90 -0.53
N ASP S 183 47.16 -25.12 -0.85
CA ASP S 183 46.61 -25.75 -2.05
C ASP S 183 45.11 -25.92 -1.91
N LEU S 184 44.64 -26.20 -0.70
CA LEU S 184 43.20 -26.33 -0.49
C LEU S 184 42.49 -25.01 -0.75
N VAL S 185 43.08 -23.90 -0.31
CA VAL S 185 42.44 -22.60 -0.57
C VAL S 185 42.48 -22.29 -2.06
N ARG S 186 43.59 -22.59 -2.72
CA ARG S 186 43.65 -22.44 -4.17
C ARG S 186 42.50 -23.17 -4.83
N THR S 187 42.31 -24.45 -4.47
CA THR S 187 41.27 -25.23 -5.10
C THR S 187 39.89 -24.69 -4.79
N ALA S 188 39.67 -24.25 -3.56
CA ALA S 188 38.36 -23.70 -3.21
C ALA S 188 38.03 -22.52 -4.10
N PHE S 189 38.97 -21.59 -4.25
CA PHE S 189 38.68 -20.42 -5.08
C PHE S 189 38.59 -20.77 -6.56
N ALA S 190 39.37 -21.73 -7.04
CA ALA S 190 39.18 -22.15 -8.42
C ALA S 190 37.75 -22.59 -8.64
N SER S 191 37.26 -23.46 -7.77
CA SER S 191 35.91 -24.00 -7.93
C SER S 191 34.85 -22.93 -7.69
N ALA S 192 35.13 -21.93 -6.85
CA ALA S 192 34.14 -20.89 -6.61
C ALA S 192 34.06 -19.93 -7.78
N THR S 193 35.20 -19.60 -8.38
CA THR S 193 35.17 -18.73 -9.55
C THR S 193 34.49 -19.39 -10.72
N GLU S 194 34.74 -20.68 -10.94
CA GLU S 194 34.09 -21.31 -12.08
C GLU S 194 32.57 -21.13 -12.02
N ARG S 195 32.01 -21.13 -10.81
CA ARG S 195 30.56 -21.19 -10.64
C ARG S 195 29.94 -19.95 -10.01
N ASP S 196 30.72 -18.97 -9.60
CA ASP S 196 30.18 -17.73 -9.05
C ASP S 196 30.62 -16.56 -9.93
N ILE S 197 29.65 -15.68 -10.13
CA ILE S 197 29.89 -14.51 -10.99
C ILE S 197 30.60 -13.44 -10.20
N TYR S 198 30.61 -13.55 -8.88
CA TYR S 198 31.15 -12.42 -8.09
C TYR S 198 32.58 -12.69 -7.62
N THR S 199 33.08 -13.90 -7.83
CA THR S 199 34.44 -14.25 -7.36
C THR S 199 35.42 -14.34 -8.53
N GLY S 200 36.67 -13.90 -8.35
CA GLY S 200 37.68 -14.00 -9.42
C GLY S 200 38.76 -12.93 -9.41
N ASP S 201 39.70 -12.95 -10.37
CA ASP S 201 40.81 -11.96 -10.53
C ASP S 201 42.10 -12.49 -9.90
N LYS S 202 42.43 -12.17 -8.65
CA LYS S 202 43.61 -12.75 -7.97
C LYS S 202 43.15 -13.42 -6.69
N LEU S 203 44.08 -13.86 -5.83
CA LEU S 203 43.73 -14.48 -4.52
C LEU S 203 44.88 -14.17 -3.56
N GLU S 204 44.67 -13.28 -2.60
CA GLU S 204 45.72 -12.86 -1.67
C GLU S 204 45.78 -13.84 -0.51
N ILE S 205 46.77 -14.74 -0.46
CA ILE S 205 46.78 -15.78 0.60
C ILE S 205 47.77 -15.36 1.68
N LEU S 206 47.32 -14.58 2.66
CA LEU S 206 48.21 -14.15 3.76
C LEU S 206 48.46 -15.32 4.67
N VAL S 207 49.69 -15.80 4.76
CA VAL S 207 50.01 -17.01 5.55
C VAL S 207 50.72 -16.59 6.84
N LEU S 208 49.97 -16.26 7.87
CA LEU S 208 50.60 -15.97 9.14
C LEU S 208 51.38 -17.17 9.62
N ASN S 209 52.50 -16.92 10.29
CA ASN S 209 53.30 -17.98 10.88
C ASN S 209 53.94 -17.45 12.15
N LYS S 210 54.85 -18.24 12.71
CA LYS S 210 55.74 -17.70 13.71
C LYS S 210 56.86 -16.90 13.07
N GLU S 211 57.00 -16.97 11.75
CA GLU S 211 57.98 -16.18 11.02
C GLU S 211 57.42 -14.89 10.45
N GLY S 212 56.15 -14.56 10.72
CA GLY S 212 55.56 -13.36 10.17
C GLY S 212 54.86 -13.62 8.86
N LEU S 213 53.89 -12.75 8.55
CA LEU S 213 52.97 -13.08 7.48
C LEU S 213 53.59 -12.79 6.12
N ARG S 214 53.34 -13.68 5.18
CA ARG S 214 53.71 -13.54 3.78
C ARG S 214 52.50 -13.10 2.97
N ARG S 215 52.67 -13.07 1.66
CA ARG S 215 51.59 -12.73 0.75
C ARG S 215 51.81 -13.48 -0.55
N GLU S 216 50.77 -14.14 -1.05
CA GLU S 216 50.85 -14.88 -2.29
C GLU S 216 49.65 -14.57 -3.15
N TYR S 217 49.83 -14.67 -4.46
CA TYR S 217 48.81 -14.31 -5.42
C TYR S 217 48.63 -15.44 -6.42
N MET S 218 47.39 -15.64 -6.86
CA MET S 218 47.12 -16.59 -7.93
C MET S 218 46.19 -15.94 -8.91
N GLU S 219 46.26 -16.38 -10.17
CA GLU S 219 45.45 -15.80 -11.22
C GLU S 219 44.15 -16.58 -11.34
N LEU S 220 43.06 -15.95 -10.96
CA LEU S 220 41.74 -16.51 -11.24
C LEU S 220 41.26 -16.01 -12.60
N ARG S 221 40.21 -16.64 -13.11
CA ARG S 221 39.73 -16.31 -14.44
C ARG S 221 39.07 -14.94 -14.44
N LEU S 222 39.11 -14.28 -15.59
CA LEU S 222 38.71 -12.88 -15.71
C LEU S 222 37.24 -12.68 -16.04
N ASP S 223 36.68 -13.48 -16.93
CA ASP S 223 35.36 -13.19 -17.48
C ASP S 223 34.27 -13.11 -16.43
N TYR T 19 16.21 13.85 -3.85
CA TYR T 19 15.82 13.68 -5.28
C TYR T 19 16.74 14.53 -6.14
N PRO T 20 17.36 13.98 -7.19
CA PRO T 20 18.28 14.74 -8.03
C PRO T 20 17.52 15.60 -9.01
N TYR T 21 17.63 16.93 -8.88
CA TYR T 21 16.86 17.80 -9.75
C TYR T 21 17.60 18.10 -11.05
N VAL T 22 18.79 18.69 -10.95
CA VAL T 22 19.56 19.10 -12.12
C VAL T 22 20.92 18.41 -12.02
N THR T 23 21.18 17.48 -12.96
CA THR T 23 22.23 16.50 -12.79
C THR T 23 23.26 16.59 -13.91
N GLY T 24 24.45 16.05 -13.65
CA GLY T 24 25.49 16.01 -14.65
C GLY T 24 25.76 14.58 -15.12
N THR T 25 26.28 14.48 -16.35
CA THR T 25 26.41 13.20 -17.01
C THR T 25 27.73 12.55 -16.59
N SER T 26 28.01 11.35 -17.10
CA SER T 26 29.24 10.62 -16.82
C SER T 26 30.50 11.46 -16.94
N VAL T 27 31.49 11.16 -16.11
CA VAL T 27 32.80 11.78 -16.12
C VAL T 27 33.83 10.70 -16.37
N ILE T 28 34.79 10.98 -17.23
CA ILE T 28 35.83 10.03 -17.57
C ILE T 28 37.16 10.61 -17.11
N GLY T 29 38.11 9.73 -16.86
CA GLY T 29 39.46 10.16 -16.51
C GLY T 29 40.42 9.02 -16.72
N ILE T 30 41.54 9.33 -17.36
CA ILE T 30 42.57 8.32 -17.61
C ILE T 30 43.90 8.83 -17.11
N LYS T 31 44.69 7.91 -16.58
CA LYS T 31 46.04 8.22 -16.14
C LYS T 31 46.99 8.00 -17.30
N TYR T 32 47.61 9.08 -17.76
CA TYR T 32 48.48 9.01 -18.93
C TYR T 32 49.90 9.30 -18.49
N LYS T 33 50.83 9.18 -19.42
CA LYS T 33 52.22 9.44 -19.12
C LYS T 33 52.38 10.84 -18.54
N ASP T 34 53.07 10.92 -17.41
CA ASP T 34 53.37 12.20 -16.76
C ASP T 34 52.14 13.08 -16.56
N GLY T 35 51.03 12.51 -16.12
CA GLY T 35 49.91 13.36 -15.76
C GLY T 35 48.63 12.57 -15.67
N ILE T 36 47.53 13.31 -15.82
CA ILE T 36 46.18 12.78 -15.80
C ILE T 36 45.31 13.62 -16.71
N LEU T 37 44.33 12.97 -17.35
CA LEU T 37 43.34 13.66 -18.15
C LEU T 37 41.97 13.28 -17.63
N ILE T 38 41.11 14.27 -17.42
CA ILE T 38 39.75 14.06 -17.00
C ILE T 38 38.83 14.76 -17.97
N ALA T 39 37.92 14.02 -18.58
CA ALA T 39 37.02 14.54 -19.59
C ALA T 39 35.61 14.51 -19.03
N ALA T 40 34.78 15.45 -19.46
CA ALA T 40 33.43 15.55 -18.94
C ALA T 40 32.66 16.56 -19.78
N ASP T 41 31.44 16.19 -20.16
CA ASP T 41 30.61 17.10 -20.94
C ASP T 41 30.05 18.19 -20.05
N MET T 42 29.74 19.33 -20.66
CA MET T 42 29.25 20.49 -19.93
C MET T 42 27.75 20.53 -19.81
N GLY T 43 27.09 19.37 -19.81
CA GLY T 43 25.64 19.34 -19.88
C GLY T 43 25.00 19.10 -18.53
N GLY T 44 24.24 20.09 -18.07
CA GLY T 44 23.41 19.90 -16.90
C GLY T 44 21.96 19.72 -17.27
N SER T 45 21.48 18.48 -17.24
CA SER T 45 20.11 18.20 -17.62
C SER T 45 19.18 18.37 -16.42
N TYR T 46 17.89 18.24 -16.67
CA TYR T 46 16.89 18.47 -15.64
C TYR T 46 15.67 17.64 -15.99
N GLY T 47 15.43 16.57 -15.25
CA GLY T 47 14.40 15.65 -15.67
C GLY T 47 14.85 14.96 -16.93
N SER T 48 14.25 15.31 -18.06
CA SER T 48 14.66 14.79 -19.35
C SER T 48 15.06 15.88 -20.34
N THR T 49 15.12 17.13 -19.90
CA THR T 49 15.41 18.25 -20.77
C THR T 49 16.77 18.85 -20.44
N LEU T 50 17.48 19.30 -21.47
CA LEU T 50 18.78 19.93 -21.31
C LEU T 50 18.60 21.40 -21.02
N ARG T 51 18.32 21.71 -19.76
CA ARG T 51 18.20 23.10 -19.37
C ARG T 51 19.48 23.85 -19.68
N TYR T 52 20.61 23.33 -19.20
CA TYR T 52 21.88 24.04 -19.26
C TYR T 52 22.85 23.24 -20.10
N LYS T 53 23.44 23.89 -21.10
CA LYS T 53 24.42 23.27 -21.98
C LYS T 53 25.80 23.90 -21.82
N SER T 54 26.00 24.71 -20.78
CA SER T 54 27.32 25.27 -20.51
C SER T 54 27.63 25.29 -19.02
N VAL T 55 27.39 24.18 -18.33
CA VAL T 55 27.75 24.06 -16.92
C VAL T 55 29.14 23.45 -16.84
N GLU T 56 30.03 24.08 -16.08
CA GLU T 56 31.40 23.62 -15.90
C GLU T 56 31.43 22.54 -14.84
N ARG T 57 31.94 21.35 -15.17
CA ARG T 57 31.98 20.26 -14.20
C ARG T 57 33.38 19.75 -13.91
N LEU T 58 34.42 20.43 -14.39
CA LEU T 58 35.80 20.15 -14.01
C LEU T 58 36.36 21.32 -13.24
N LYS T 59 36.99 21.05 -12.11
CA LYS T 59 37.59 22.09 -11.30
C LYS T 59 38.95 21.63 -10.83
N GLY T 60 39.97 22.46 -11.06
CA GLY T 60 41.29 22.19 -10.50
C GLY T 60 41.31 22.53 -9.03
N ILE T 61 41.52 21.53 -8.19
CA ILE T 61 41.44 21.69 -6.74
C ILE T 61 42.83 21.59 -6.16
N GLY T 62 43.27 22.64 -5.48
CA GLY T 62 44.59 22.65 -4.94
C GLY T 62 45.60 22.86 -6.04
N LYS T 63 46.86 22.71 -5.65
CA LYS T 63 47.96 22.84 -6.58
C LYS T 63 48.39 21.49 -7.16
N HIS T 64 47.67 20.42 -6.86
CA HIS T 64 48.09 19.08 -7.24
C HIS T 64 46.98 18.20 -7.79
N SER T 65 45.73 18.63 -7.77
CA SER T 65 44.63 17.73 -8.09
C SER T 65 43.51 18.48 -8.78
N LEU T 66 42.65 17.73 -9.47
CA LEU T 66 41.40 18.25 -10.00
C LEU T 66 40.35 17.16 -9.95
N LEU T 67 39.11 17.56 -9.68
CA LEU T 67 38.02 16.60 -9.68
C LEU T 67 36.98 16.97 -10.72
N GLY T 68 36.35 15.94 -11.26
CA GLY T 68 35.15 16.13 -12.05
C GLY T 68 34.03 15.34 -11.43
N ALA T 69 32.83 15.90 -11.49
CA ALA T 69 31.70 15.34 -10.77
C ALA T 69 30.53 15.10 -11.70
N SER T 70 29.85 14.00 -11.51
CA SER T 70 28.54 13.77 -12.08
C SER T 70 27.48 13.99 -11.01
N GLY T 71 26.26 13.61 -11.31
CA GLY T 71 25.21 13.75 -10.33
C GLY T 71 24.77 15.19 -10.17
N GLU T 72 24.02 15.44 -9.11
CA GLU T 72 23.36 16.73 -8.96
C GLU T 72 24.39 17.86 -8.94
N ILE T 73 24.11 18.91 -9.71
CA ILE T 73 25.03 20.04 -9.78
C ILE T 73 25.07 20.79 -8.47
N SER T 74 23.92 20.93 -7.81
CA SER T 74 23.88 21.66 -6.55
C SER T 74 24.88 21.11 -5.56
N ASP T 75 24.82 19.79 -5.33
CA ASP T 75 25.74 19.15 -4.42
C ASP T 75 27.18 19.20 -4.92
N PHE T 76 27.39 19.28 -6.23
CA PHE T 76 28.74 19.48 -6.73
C PHE T 76 29.28 20.84 -6.31
N GLN T 77 28.45 21.88 -6.40
CA GLN T 77 28.88 23.19 -5.91
C GLN T 77 29.12 23.16 -4.41
N GLU T 78 28.28 22.46 -3.66
CA GLU T 78 28.52 22.33 -2.23
C GLU T 78 29.86 21.69 -1.95
N LEU T 79 30.17 20.60 -2.65
CA LEU T 79 31.48 19.97 -2.49
C LEU T 79 32.59 20.94 -2.82
N LEU T 80 32.39 21.78 -3.82
CA LEU T 80 33.40 22.78 -4.12
C LEU T 80 33.61 23.74 -2.97
N ARG T 81 32.54 24.17 -2.32
CA ARG T 81 32.71 25.02 -1.15
C ARG T 81 33.53 24.30 -0.09
N TYR T 82 33.19 23.05 0.18
CA TYR T 82 33.93 22.27 1.17
C TYR T 82 35.42 22.22 0.84
N LEU T 83 35.74 21.82 -0.39
CA LEU T 83 37.13 21.62 -0.76
C LEU T 83 37.87 22.94 -0.83
N ASP T 84 37.18 24.01 -1.20
CA ASP T 84 37.84 25.31 -1.22
C ASP T 84 38.23 25.74 0.18
N ASP T 85 37.33 25.60 1.16
CA ASP T 85 37.73 25.92 2.52
C ASP T 85 38.88 25.05 2.98
N LEU T 86 38.80 23.75 2.71
CA LEU T 86 39.88 22.85 3.13
C LEU T 86 41.22 23.28 2.53
N ILE T 87 41.25 23.50 1.22
CA ILE T 87 42.49 23.84 0.55
C ILE T 87 42.98 25.20 1.01
N LEU T 88 42.07 26.14 1.26
CA LEU T 88 42.51 27.45 1.70
C LEU T 88 43.19 27.36 3.06
N TYR T 89 42.59 26.64 4.00
CA TYR T 89 43.23 26.49 5.30
C TYR T 89 44.55 25.79 5.16
N ASP T 90 44.62 24.79 4.27
CA ASP T 90 45.88 24.11 4.04
C ASP T 90 46.95 25.09 3.57
N ASN T 91 46.59 25.97 2.65
CA ASN T 91 47.57 26.89 2.10
C ASN T 91 48.00 27.93 3.12
N MET T 92 47.07 28.40 3.95
CA MET T 92 47.39 29.47 4.88
C MET T 92 48.41 29.06 5.92
N TRP T 93 48.63 27.76 6.12
CA TRP T 93 49.71 27.34 7.00
C TRP T 93 51.06 27.81 6.47
N ASP T 94 51.26 27.65 5.17
CA ASP T 94 52.50 28.09 4.53
C ASP T 94 53.71 27.47 5.20
N ASP T 95 53.57 26.23 5.65
CA ASP T 95 54.68 25.52 6.25
C ASP T 95 55.31 24.50 5.31
N GLY T 96 54.91 24.47 4.05
CA GLY T 96 55.50 23.55 3.10
C GLY T 96 54.80 22.22 2.96
N ASN T 97 53.84 21.92 3.83
CA ASN T 97 53.01 20.74 3.68
C ASN T 97 51.77 21.09 2.87
N SER T 98 51.22 20.08 2.21
CA SER T 98 50.06 20.30 1.37
C SER T 98 49.33 18.98 1.17
N PHE T 99 48.10 19.07 0.71
CA PHE T 99 47.30 17.87 0.46
C PHE T 99 47.53 17.39 -0.98
N GLY T 100 48.02 16.17 -1.10
CA GLY T 100 48.17 15.56 -2.40
C GLY T 100 46.83 15.11 -2.90
N PRO T 101 46.80 14.46 -4.07
CA PRO T 101 45.51 13.98 -4.56
C PRO T 101 44.90 12.98 -3.62
N LYS T 102 45.74 12.15 -3.00
CA LYS T 102 45.24 11.06 -2.17
C LYS T 102 44.53 11.59 -0.94
N GLU T 103 45.08 12.63 -0.31
CA GLU T 103 44.48 13.12 0.92
C GLU T 103 43.16 13.81 0.63
N VAL T 104 43.07 14.60 -0.44
CA VAL T 104 41.79 15.22 -0.77
C VAL T 104 40.78 14.15 -1.18
N HIS T 105 41.23 13.11 -1.88
CA HIS T 105 40.30 12.05 -2.24
C HIS T 105 39.80 11.33 -1.00
N ASN T 106 40.69 11.07 -0.04
CA ASN T 106 40.25 10.40 1.18
C ASN T 106 39.29 11.28 1.97
N TYR T 107 39.55 12.58 1.99
CA TYR T 107 38.61 13.48 2.64
C TYR T 107 37.25 13.40 1.97
N LEU T 108 37.23 13.40 0.64
CA LEU T 108 35.96 13.33 -0.07
C LEU T 108 35.24 12.02 0.21
N THR T 109 35.99 10.92 0.20
CA THR T 109 35.40 9.64 0.53
C THR T 109 34.72 9.70 1.88
N ARG T 110 35.41 10.25 2.87
CA ARG T 110 34.87 10.28 4.22
C ARG T 110 33.64 11.17 4.29
N VAL T 111 33.66 12.31 3.61
CA VAL T 111 32.51 13.21 3.71
C VAL T 111 31.29 12.60 3.03
N MET T 112 31.48 12.00 1.86
CA MET T 112 30.35 11.37 1.19
C MET T 112 29.79 10.25 2.05
N TYR T 113 30.66 9.44 2.64
CA TYR T 113 30.20 8.35 3.48
C TYR T 113 29.44 8.89 4.69
N ASN T 114 29.97 9.92 5.33
CA ASN T 114 29.30 10.47 6.51
C ASN T 114 27.92 10.98 6.16
N ARG T 115 27.80 11.72 5.07
CA ARG T 115 26.49 12.23 4.70
C ARG T 115 25.56 11.12 4.27
N ARG T 116 26.10 9.99 3.81
CA ARG T 116 25.26 8.82 3.64
C ARG T 116 24.74 8.33 4.98
N ASN T 117 25.62 8.28 5.99
CA ASN T 117 25.22 7.78 7.30
C ASN T 117 24.13 8.62 7.94
N LYS T 118 23.98 9.86 7.51
CA LYS T 118 22.91 10.71 7.99
C LYS T 118 21.67 10.63 7.11
N PHE T 119 21.69 9.77 6.09
CA PHE T 119 20.61 9.68 5.11
C PHE T 119 20.37 11.01 4.44
N ASN T 120 21.44 11.74 4.18
CA ASN T 120 21.35 13.03 3.52
C ASN T 120 22.46 13.10 2.49
N PRO T 121 22.55 12.12 1.60
CA PRO T 121 23.74 11.98 0.78
C PRO T 121 23.94 13.16 -0.16
N LEU T 122 25.19 13.41 -0.51
CA LEU T 122 25.48 14.24 -1.66
C LEU T 122 25.29 13.39 -2.90
N TRP T 123 24.53 13.89 -3.87
CA TRP T 123 24.10 13.03 -4.97
C TRP T 123 25.12 13.01 -6.09
N ASN T 124 26.37 13.29 -5.78
CA ASN T 124 27.45 13.33 -6.76
C ASN T 124 28.24 12.04 -6.78
N SER T 125 28.92 11.80 -7.90
CA SER T 125 29.93 10.77 -8.02
C SER T 125 31.19 11.43 -8.54
N LEU T 126 32.26 11.37 -7.76
CA LEU T 126 33.42 12.23 -7.97
C LEU T 126 34.58 11.44 -8.56
N VAL T 127 35.37 12.11 -9.39
CA VAL T 127 36.58 11.54 -9.97
C VAL T 127 37.72 12.50 -9.67
N LEU T 128 38.56 12.16 -8.71
CA LEU T 128 39.59 13.08 -8.23
C LEU T 128 40.96 12.51 -8.53
N GLY T 129 41.69 13.14 -9.45
CA GLY T 129 43.03 12.74 -9.77
C GLY T 129 44.00 13.87 -9.51
N GLY T 130 45.28 13.55 -9.57
CA GLY T 130 46.31 14.53 -9.29
C GLY T 130 47.68 13.94 -9.44
N VAL T 131 48.68 14.77 -9.16
CA VAL T 131 50.08 14.39 -9.21
C VAL T 131 50.81 15.12 -8.11
N LYS T 132 51.64 14.40 -7.34
CA LYS T 132 52.42 15.00 -6.27
C LYS T 132 53.70 14.22 -6.09
N ASN T 133 54.83 14.93 -6.17
CA ASN T 133 56.15 14.31 -6.03
C ASN T 133 56.34 13.17 -7.02
N GLY T 134 55.71 13.27 -8.19
CA GLY T 134 55.82 12.26 -9.21
C GLY T 134 54.86 11.09 -9.08
N GLN T 135 54.19 10.95 -7.95
CA GLN T 135 53.21 9.90 -7.77
C GLN T 135 51.86 10.41 -8.22
N LYS T 136 51.35 9.89 -9.32
CA LYS T 136 50.06 10.31 -9.85
C LYS T 136 48.97 9.40 -9.34
N TYR T 137 47.80 9.98 -9.07
CA TYR T 137 46.72 9.30 -8.38
C TYR T 137 45.41 9.60 -9.10
N LEU T 138 44.55 8.59 -9.21
CA LEU T 138 43.25 8.72 -9.85
C LEU T 138 42.28 7.77 -9.19
N GLY T 139 41.21 8.30 -8.64
CA GLY T 139 40.23 7.45 -7.98
C GLY T 139 38.92 8.17 -7.89
N THR T 140 37.88 7.42 -7.54
CA THR T 140 36.52 7.92 -7.58
C THR T 140 35.76 7.55 -6.32
N VAL T 141 34.64 8.24 -6.12
CA VAL T 141 33.78 8.06 -4.95
C VAL T 141 32.34 8.05 -5.42
N ASN T 142 31.54 7.18 -4.82
CA ASN T 142 30.13 7.07 -5.14
C ASN T 142 29.32 7.88 -4.15
N MET T 143 28.08 8.19 -4.53
CA MET T 143 27.24 8.98 -3.63
C MET T 143 27.02 8.26 -2.31
N ILE T 144 27.20 6.94 -2.29
CA ILE T 144 26.99 6.15 -1.08
C ILE T 144 28.24 6.01 -0.26
N GLY T 145 29.42 6.25 -0.85
CA GLY T 145 30.67 6.10 -0.15
C GLY T 145 31.64 5.16 -0.81
N VAL T 146 31.20 4.34 -1.75
CA VAL T 146 32.11 3.42 -2.43
C VAL T 146 33.23 4.21 -3.08
N HIS T 147 34.45 3.71 -2.96
CA HIS T 147 35.61 4.39 -3.50
C HIS T 147 36.63 3.38 -3.97
N TYR T 148 37.53 3.82 -4.83
CA TYR T 148 38.61 2.97 -5.29
C TYR T 148 39.58 3.79 -6.11
N GLN T 149 40.60 3.11 -6.61
CA GLN T 149 41.67 3.75 -7.37
C GLN T 149 42.09 2.82 -8.49
N ASP T 150 42.15 3.36 -9.71
CA ASP T 150 42.55 2.55 -10.85
C ASP T 150 43.12 3.46 -11.92
N ASN T 151 43.81 2.85 -12.87
CA ASN T 151 44.49 3.63 -13.90
C ASN T 151 43.53 4.44 -14.75
N HIS T 152 42.25 4.10 -14.73
CA HIS T 152 41.27 4.75 -15.57
C HIS T 152 39.92 4.59 -14.90
N VAL T 153 39.20 5.70 -14.74
CA VAL T 153 37.98 5.68 -13.95
C VAL T 153 36.89 6.36 -14.75
N ALA T 154 35.64 6.07 -14.38
CA ALA T 154 34.48 6.67 -15.01
C ALA T 154 33.34 6.66 -14.01
N THR T 155 32.35 7.51 -14.25
CA THR T 155 31.19 7.59 -13.38
C THR T 155 29.92 7.53 -14.21
N GLY T 156 28.85 7.11 -13.57
CA GLY T 156 27.58 7.09 -14.25
C GLY T 156 27.62 6.18 -15.45
N PHE T 157 26.91 6.58 -16.51
CA PHE T 157 26.68 5.71 -17.64
C PHE T 157 27.99 5.44 -18.38
N GLY T 158 28.99 6.28 -18.15
CA GLY T 158 30.31 5.97 -18.67
C GLY T 158 30.82 4.67 -18.14
N ASN T 159 30.57 4.39 -16.87
CA ASN T 159 30.99 3.13 -16.28
C ASN T 159 30.52 1.94 -17.09
N HIS T 160 29.53 2.12 -17.96
CA HIS T 160 29.08 1.08 -18.88
C HIS T 160 29.70 1.20 -20.25
N LEU T 161 29.68 2.40 -20.85
CA LEU T 161 30.09 2.50 -22.25
C LEU T 161 31.52 2.94 -22.48
N ALA T 162 32.27 3.27 -21.44
CA ALA T 162 33.63 3.77 -21.60
C ALA T 162 34.66 2.78 -21.06
N VAL T 163 34.48 2.32 -19.83
CA VAL T 163 35.51 1.50 -19.20
C VAL T 163 35.76 0.24 -20.04
N PRO T 164 34.79 -0.28 -20.79
CA PRO T 164 35.14 -1.31 -21.77
C PRO T 164 36.13 -0.82 -22.81
N ILE T 165 36.13 0.45 -23.15
CA ILE T 165 37.12 0.99 -24.08
C ILE T 165 38.43 1.23 -23.36
N LEU T 166 38.38 1.90 -22.21
CA LEU T 166 39.60 2.18 -21.47
C LEU T 166 40.36 0.90 -21.22
N ARG T 167 39.69 -0.11 -20.65
CA ARG T 167 40.36 -1.37 -20.35
C ARG T 167 40.98 -1.97 -21.59
N ASP T 168 40.29 -1.85 -22.73
CA ASP T 168 40.75 -2.49 -23.94
C ASP T 168 42.11 -1.96 -24.36
N GLU T 169 42.29 -0.64 -24.30
CA GLU T 169 43.46 -0.02 -24.91
C GLU T 169 44.11 1.04 -24.04
N TRP T 170 44.07 0.89 -22.72
CA TRP T 170 44.88 1.74 -21.88
C TRP T 170 46.30 1.19 -21.81
N LYS T 171 47.28 2.06 -21.91
CA LYS T 171 48.68 1.66 -21.93
C LYS T 171 49.48 2.50 -20.95
N GLU T 172 50.56 1.93 -20.45
CA GLU T 172 51.37 2.61 -19.46
C GLU T 172 51.92 3.91 -20.02
N ASP T 173 52.50 3.85 -21.21
CA ASP T 173 53.20 4.99 -21.82
C ASP T 173 52.27 5.81 -22.71
N LEU T 174 51.00 5.88 -22.34
CA LEU T 174 50.00 6.56 -23.14
C LEU T 174 50.30 8.05 -23.18
N SER T 175 50.80 8.53 -24.32
CA SER T 175 51.18 9.92 -24.46
C SER T 175 49.99 10.83 -24.18
N PHE T 176 50.25 12.14 -24.11
CA PHE T 176 49.15 13.08 -24.00
C PHE T 176 48.24 13.00 -25.21
N GLU T 177 48.83 12.99 -26.40
CA GLU T 177 48.04 12.96 -27.62
C GLU T 177 47.20 11.69 -27.68
N ASP T 178 47.80 10.54 -27.44
CA ASP T 178 47.05 9.30 -27.43
C ASP T 178 46.04 9.27 -26.30
N GLY T 179 46.39 9.84 -25.15
CA GLY T 179 45.41 9.94 -24.09
C GLY T 179 44.16 10.63 -24.57
N VAL T 180 44.34 11.73 -25.30
CA VAL T 180 43.19 12.50 -25.77
C VAL T 180 42.45 11.76 -26.88
N ARG T 181 43.17 11.13 -27.80
CA ARG T 181 42.48 10.33 -28.80
C ARG T 181 41.58 9.31 -28.13
N LEU T 182 42.11 8.59 -27.15
CA LEU T 182 41.33 7.57 -26.45
C LEU T 182 40.15 8.20 -25.72
N LEU T 183 40.38 9.32 -25.06
CA LEU T 183 39.33 9.93 -24.26
C LEU T 183 38.23 10.47 -25.15
N GLU T 184 38.57 11.00 -26.32
CA GLU T 184 37.57 11.45 -27.26
C GLU T 184 36.82 10.28 -27.86
N LYS T 185 37.49 9.15 -28.08
CA LYS T 185 36.77 7.96 -28.52
C LYS T 185 35.70 7.57 -27.51
N CYS T 186 36.06 7.58 -26.22
CA CYS T 186 35.08 7.28 -25.19
C CYS T 186 33.94 8.29 -25.19
N MET T 187 34.27 9.57 -25.38
CA MET T 187 33.22 10.58 -25.31
C MET T 187 32.32 10.53 -26.53
N ARG T 188 32.83 10.15 -27.69
CA ARG T 188 31.95 9.90 -28.83
C ARG T 188 31.02 8.75 -28.55
N VAL T 189 31.56 7.63 -28.06
CA VAL T 189 30.69 6.49 -27.84
C VAL T 189 29.64 6.79 -26.79
N LEU T 190 29.92 7.70 -25.88
CA LEU T 190 28.88 8.15 -24.95
C LEU T 190 27.91 9.08 -25.63
N LEU T 191 28.41 10.03 -26.40
CA LEU T 191 27.56 10.98 -27.10
C LEU T 191 26.54 10.26 -27.97
N TYR T 192 26.96 9.20 -28.66
CA TYR T 192 26.05 8.48 -29.52
C TYR T 192 24.91 7.86 -28.72
N ARG T 193 25.23 7.30 -27.56
CA ARG T 193 24.31 6.37 -26.91
C ARG T 193 24.11 6.65 -25.43
N ASP T 194 23.92 7.90 -25.03
CA ASP T 194 23.71 8.25 -23.63
C ASP T 194 22.38 8.95 -23.38
N ARG T 195 21.86 9.70 -24.34
CA ARG T 195 20.52 10.29 -24.24
C ARG T 195 20.46 11.46 -23.27
N SER T 196 21.52 11.70 -22.50
CA SER T 196 21.54 12.86 -21.62
C SER T 196 22.81 13.68 -21.79
N ALA T 197 23.71 13.24 -22.66
CA ALA T 197 24.95 13.96 -22.88
C ALA T 197 24.77 15.00 -23.97
N VAL T 198 25.31 16.19 -23.72
CA VAL T 198 25.35 17.25 -24.71
C VAL T 198 26.69 17.20 -25.40
N ASN T 199 26.76 17.81 -26.57
CA ASN T 199 27.96 17.73 -27.39
C ASN T 199 28.99 18.78 -27.05
N LYS T 200 28.97 19.29 -25.82
CA LYS T 200 29.94 20.26 -25.34
C LYS T 200 30.71 19.65 -24.18
N LEU T 201 32.03 19.55 -24.32
CA LEU T 201 32.82 18.84 -23.33
C LEU T 201 34.19 19.45 -23.22
N GLN T 202 34.88 19.09 -22.13
CA GLN T 202 36.19 19.62 -21.78
C GLN T 202 37.12 18.48 -21.42
N ILE T 203 38.41 18.66 -21.71
CA ILE T 203 39.46 17.74 -21.28
C ILE T 203 40.43 18.54 -20.43
N ALA T 204 40.71 18.05 -19.23
CA ALA T 204 41.53 18.78 -18.27
C ALA T 204 42.85 18.05 -18.04
N LYS T 205 43.95 18.75 -18.25
CA LYS T 205 45.29 18.19 -18.06
C LYS T 205 45.84 18.61 -16.71
N ILE T 206 46.37 17.65 -15.96
CA ILE T 206 47.03 17.93 -14.69
C ILE T 206 48.37 17.23 -14.69
N THR T 207 49.43 17.97 -14.37
CA THR T 207 50.78 17.45 -14.41
C THR T 207 51.57 18.06 -13.27
N GLU T 208 52.70 17.43 -12.96
CA GLU T 208 53.58 17.97 -11.93
C GLU T 208 54.05 19.37 -12.30
N GLU T 209 54.83 19.47 -13.37
CA GLU T 209 55.48 20.72 -13.72
C GLU T 209 54.52 21.81 -14.13
N GLY T 210 53.44 21.48 -14.83
CA GLY T 210 52.46 22.49 -15.19
C GLY T 210 51.40 22.61 -14.12
N GLY T 211 50.18 22.25 -14.45
CA GLY T 211 49.10 22.31 -13.49
C GLY T 211 47.82 22.02 -14.22
N VAL T 212 46.70 22.18 -13.52
CA VAL T 212 45.41 21.97 -14.17
C VAL T 212 45.32 22.90 -15.37
N THR T 213 44.76 22.38 -16.46
CA THR T 213 44.63 23.17 -17.68
C THR T 213 43.37 22.67 -18.38
N ILE T 214 42.25 23.32 -18.09
CA ILE T 214 40.96 22.85 -18.59
C ILE T 214 40.72 23.42 -19.99
N SER T 215 40.59 22.54 -20.96
CA SER T 215 40.44 22.95 -22.33
C SER T 215 39.17 23.77 -22.50
N PRO T 216 39.12 24.65 -23.49
CA PRO T 216 37.90 25.38 -23.73
C PRO T 216 36.82 24.44 -24.18
N PRO T 217 35.54 24.79 -23.97
CA PRO T 217 34.47 23.93 -24.45
C PRO T 217 34.58 23.71 -25.94
N TYR T 218 34.26 22.50 -26.37
CA TYR T 218 34.32 22.14 -27.77
C TYR T 218 33.36 21.00 -28.01
N SER T 219 33.09 20.73 -29.28
CA SER T 219 32.20 19.65 -29.67
C SER T 219 32.88 18.79 -30.72
N LEU T 220 32.43 17.55 -30.82
CA LEU T 220 33.07 16.55 -31.65
C LEU T 220 32.24 16.28 -32.90
N LYS T 221 32.91 16.25 -34.05
CA LYS T 221 32.22 15.79 -35.24
C LYS T 221 31.65 14.41 -34.98
N THR T 222 30.73 13.98 -35.84
CA THR T 222 30.02 12.74 -35.61
C THR T 222 29.54 12.20 -36.94
N TYR T 223 29.35 10.89 -37.03
CA TYR T 223 29.01 10.24 -38.29
C TYR T 223 27.63 9.60 -38.19
N TRP T 224 26.82 9.82 -39.24
CA TRP T 224 25.47 9.28 -39.31
C TRP T 224 25.07 8.73 -40.66
N GLU T 225 25.93 8.79 -41.67
CA GLU T 225 25.50 8.51 -43.04
C GLU T 225 25.65 7.04 -43.44
N PHE T 226 25.61 6.08 -42.53
CA PHE T 226 25.58 4.69 -42.93
C PHE T 226 24.39 4.45 -43.85
N ALA T 227 24.62 3.73 -44.95
CA ALA T 227 23.53 3.48 -45.88
C ALA T 227 22.40 2.71 -45.24
N ALA T 228 22.65 2.07 -44.10
CA ALA T 228 21.57 1.45 -43.33
C ALA T 228 20.95 2.43 -42.35
N PHE T 229 21.53 3.61 -42.19
CA PHE T 229 20.89 4.69 -41.45
C PHE T 229 20.13 5.63 -42.38
N LYS T 230 20.59 5.76 -43.62
CA LYS T 230 19.87 6.57 -44.59
C LYS T 230 18.53 5.92 -44.94
N ASN T 231 18.58 4.61 -45.09
CA ASN T 231 17.38 3.84 -45.48
C ASN T 231 17.43 2.50 -44.79
N PRO T 232 16.96 2.36 -43.52
CA PRO T 232 16.86 1.04 -42.91
C PRO T 232 15.81 0.30 -43.76
N THR T 233 15.81 -1.04 -43.71
CA THR T 233 14.90 -1.86 -44.56
C THR T 233 15.49 -1.89 -45.97
N ALA T 234 15.77 -0.73 -46.56
CA ALA T 234 16.41 -0.63 -47.90
C ALA T 234 15.46 -1.07 -49.02
N GLY T 235 14.89 -0.11 -49.75
CA GLY T 235 14.01 -0.42 -50.90
C GLY T 235 13.36 0.84 -51.41
N ALA T 236 13.61 1.24 -52.66
CA ALA T 236 13.07 2.52 -53.18
C ALA T 236 11.55 2.48 -53.23
N GLU T 237 10.87 3.63 -53.11
CA GLU T 237 9.39 3.70 -53.08
C GLU T 237 8.88 3.13 -51.74
N GLY T 238 9.20 1.89 -51.40
CA GLY T 238 8.84 1.33 -50.08
C GLY T 238 9.47 2.16 -48.98
N SER T 239 8.88 2.15 -47.78
CA SER T 239 9.37 3.01 -46.67
C SER T 239 9.44 4.45 -47.17
N THR U 14 10.83 11.75 -28.22
CA THR U 14 10.42 11.69 -29.64
C THR U 14 9.87 13.04 -30.05
N THR U 15 10.16 13.44 -31.28
CA THR U 15 9.60 14.64 -31.87
C THR U 15 9.09 14.32 -33.25
N ILE U 16 7.82 14.57 -33.49
CA ILE U 16 7.19 14.31 -34.78
C ILE U 16 6.35 15.52 -35.15
N ILE U 17 6.45 15.96 -36.39
CA ILE U 17 5.83 17.19 -36.84
C ILE U 17 5.35 17.00 -38.27
N GLY U 18 4.19 17.57 -38.56
CA GLY U 18 3.71 17.62 -39.93
C GLY U 18 3.20 19.01 -40.23
N VAL U 19 3.57 19.56 -41.37
CA VAL U 19 3.19 20.92 -41.74
C VAL U 19 2.64 20.90 -43.17
N THR U 20 1.54 21.59 -43.37
CA THR U 20 0.90 21.68 -44.69
C THR U 20 1.45 22.87 -45.45
N TYR U 21 1.73 22.68 -46.73
CA TYR U 21 2.18 23.75 -47.60
C TYR U 21 1.27 23.81 -48.81
N LYS U 22 1.57 24.68 -49.76
CA LYS U 22 0.54 25.01 -50.74
C LYS U 22 0.20 23.86 -51.66
N ASP U 23 0.97 22.77 -51.64
CA ASP U 23 0.72 21.65 -52.55
C ASP U 23 0.86 20.29 -51.92
N GLY U 24 0.81 20.17 -50.61
CA GLY U 24 1.06 18.89 -49.97
C GLY U 24 1.32 19.04 -48.50
N VAL U 25 2.09 18.11 -47.91
CA VAL U 25 2.47 18.09 -46.46
C VAL U 25 3.94 17.69 -46.33
N ILE U 26 4.57 17.95 -45.20
CA ILE U 26 6.01 17.65 -45.01
C ILE U 26 6.18 17.10 -43.61
N LEU U 27 5.94 15.81 -43.40
CA LEU U 27 6.01 15.24 -42.03
C LEU U 27 7.48 15.05 -41.68
N GLY U 28 7.88 15.24 -40.43
CA GLY U 28 9.28 15.13 -40.03
C GLY U 28 9.43 14.67 -38.60
N ALA U 29 10.44 13.88 -38.27
CA ALA U 29 10.60 13.29 -36.93
C ALA U 29 12.07 13.12 -36.56
N ASP U 30 12.38 12.76 -35.33
CA ASP U 30 13.77 12.54 -34.86
C ASP U 30 14.17 11.08 -35.08
N SER U 31 15.21 10.61 -34.41
CA SER U 31 15.61 9.20 -34.51
C SER U 31 16.20 8.69 -33.20
N ARG U 32 15.47 8.62 -32.10
CA ARG U 32 16.09 8.08 -30.86
C ARG U 32 15.15 7.19 -30.09
N THR U 33 15.46 5.90 -29.99
CA THR U 33 14.63 5.00 -29.19
C THR U 33 15.40 4.75 -27.91
N SER U 34 14.81 5.04 -26.76
CA SER U 34 15.58 4.93 -25.51
C SER U 34 14.92 3.96 -24.55
N THR U 35 15.72 3.12 -23.89
CA THR U 35 15.22 2.18 -22.86
C THR U 35 15.77 2.68 -21.53
N GLY U 36 15.43 3.89 -21.14
CA GLY U 36 15.95 4.47 -19.90
C GLY U 36 16.88 5.62 -20.18
N VAL U 37 18.18 5.41 -20.01
CA VAL U 37 19.15 6.46 -20.39
C VAL U 37 20.13 5.85 -21.37
N TYR U 38 19.67 4.91 -22.20
CA TYR U 38 20.52 4.30 -23.24
C TYR U 38 19.80 4.45 -24.59
N VAL U 39 20.42 5.14 -25.53
CA VAL U 39 19.85 5.26 -26.89
C VAL U 39 19.99 3.90 -27.55
N ALA U 40 18.93 3.11 -27.57
CA ALA U 40 18.94 1.76 -28.16
C ALA U 40 19.09 1.80 -29.67
N ASN U 41 18.39 2.67 -30.36
CA ASN U 41 18.61 2.83 -31.82
C ASN U 41 18.70 4.33 -32.08
N ARG U 42 19.74 4.76 -32.75
CA ARG U 42 19.98 6.18 -32.97
C ARG U 42 19.69 6.63 -34.39
N ALA U 43 19.12 5.78 -35.22
CA ALA U 43 18.67 6.17 -36.54
C ALA U 43 17.32 5.57 -36.84
N SER U 44 16.44 5.54 -35.85
CA SER U 44 15.12 4.96 -36.01
C SER U 44 14.33 5.72 -37.06
N ASP U 45 13.42 5.03 -37.71
CA ASP U 45 12.57 5.62 -38.74
C ASP U 45 11.14 5.65 -38.22
N LYS U 46 10.67 6.84 -37.89
CA LYS U 46 9.38 7.04 -37.26
C LYS U 46 8.28 7.47 -38.21
N ILE U 47 8.55 7.55 -39.51
CA ILE U 47 7.54 7.95 -40.48
C ILE U 47 7.18 6.74 -41.32
N THR U 48 6.16 6.01 -40.90
CA THR U 48 5.80 4.73 -41.50
C THR U 48 4.78 4.96 -42.60
N GLN U 49 5.01 4.37 -43.76
CA GLN U 49 4.07 4.49 -44.86
C GLN U 49 2.80 3.73 -44.54
N LEU U 50 1.66 4.30 -44.95
CA LEU U 50 0.39 3.58 -44.94
C LEU U 50 -0.17 3.37 -46.34
N THR U 51 0.33 4.10 -47.32
CA THR U 51 -0.16 4.03 -48.69
C THR U 51 0.68 5.01 -49.49
N ASP U 52 0.58 4.91 -50.82
CA ASP U 52 1.33 5.84 -51.65
C ASP U 52 1.05 7.28 -51.24
N ASN U 53 -0.21 7.57 -50.95
CA ASN U 53 -0.60 8.89 -50.46
C ASN U 53 -0.05 9.17 -49.08
N VAL U 54 -0.27 8.27 -48.13
CA VAL U 54 -0.36 8.64 -46.72
C VAL U 54 0.81 8.02 -45.96
N TYR U 55 1.50 8.86 -45.19
CA TYR U 55 2.51 8.42 -44.24
C TYR U 55 2.07 8.88 -42.88
N VAL U 56 2.47 8.17 -41.83
CA VAL U 56 2.05 8.49 -40.48
C VAL U 56 3.25 8.49 -39.55
N CYS U 57 3.43 9.58 -38.81
CA CYS U 57 4.57 9.69 -37.92
C CYS U 57 4.27 9.01 -36.60
N ARG U 58 5.09 8.04 -36.23
CA ARG U 58 4.81 7.14 -35.13
C ARG U 58 5.39 7.70 -33.84
N SER U 59 4.56 7.78 -32.81
CA SER U 59 5.00 8.27 -31.50
C SER U 59 4.58 7.29 -30.43
N GLY U 60 5.01 7.57 -29.21
CA GLY U 60 4.63 6.72 -28.10
C GLY U 60 5.36 5.39 -28.16
N SER U 61 4.75 4.37 -27.56
CA SER U 61 5.37 3.05 -27.50
C SER U 61 5.66 2.55 -28.91
N ALA U 62 6.82 1.90 -29.06
CA ALA U 62 7.23 1.44 -30.37
C ALA U 62 6.49 0.19 -30.82
N ALA U 63 5.83 -0.50 -29.91
CA ALA U 63 5.05 -1.67 -30.30
C ALA U 63 3.68 -1.27 -30.79
N ASP U 64 2.97 -0.47 -29.99
CA ASP U 64 1.62 -0.05 -30.36
C ASP U 64 1.64 0.74 -31.66
N SER U 65 2.57 1.68 -31.79
CA SER U 65 2.55 2.53 -32.96
C SER U 65 2.74 1.71 -34.23
N GLN U 66 3.68 0.77 -34.21
CA GLN U 66 3.93 0.01 -35.44
C GLN U 66 2.84 -1.01 -35.68
N ILE U 67 2.24 -1.57 -34.63
CA ILE U 67 1.19 -2.55 -34.87
C ILE U 67 -0.05 -1.85 -35.43
N VAL U 68 -0.36 -0.66 -34.92
CA VAL U 68 -1.44 0.12 -35.50
C VAL U 68 -1.12 0.46 -36.94
N SER U 69 0.12 0.85 -37.20
CA SER U 69 0.52 1.17 -38.56
C SER U 69 0.35 -0.05 -39.47
N ASP U 70 0.76 -1.23 -39.01
CA ASP U 70 0.60 -2.42 -39.82
C ASP U 70 -0.86 -2.70 -40.10
N TYR U 71 -1.72 -2.60 -39.09
CA TYR U 71 -3.12 -2.91 -39.31
C TYR U 71 -3.75 -1.93 -40.28
N VAL U 72 -3.39 -0.65 -40.19
CA VAL U 72 -4.00 0.31 -41.10
C VAL U 72 -3.40 0.19 -42.50
N ARG U 73 -2.14 -0.24 -42.62
CA ARG U 73 -1.63 -0.63 -43.94
C ARG U 73 -2.48 -1.73 -44.54
N TYR U 74 -2.79 -2.74 -43.73
CA TYR U 74 -3.57 -3.87 -44.21
C TYR U 74 -4.96 -3.43 -44.64
N PHE U 75 -5.60 -2.59 -43.82
CA PHE U 75 -6.93 -2.09 -44.15
C PHE U 75 -6.90 -1.23 -45.40
N LEU U 76 -5.90 -0.39 -45.55
CA LEU U 76 -5.82 0.44 -46.75
C LEU U 76 -5.58 -0.41 -47.97
N HIS U 77 -4.82 -1.50 -47.84
CA HIS U 77 -4.62 -2.40 -48.97
C HIS U 77 -5.91 -3.06 -49.39
N GLN U 78 -6.73 -3.49 -48.42
CA GLN U 78 -8.02 -4.07 -48.77
C GLN U 78 -8.94 -3.03 -49.39
N HIS U 79 -9.03 -1.86 -48.75
CA HIS U 79 -10.00 -0.84 -49.14
C HIS U 79 -9.67 -0.28 -50.51
N THR U 80 -8.40 0.02 -50.78
CA THR U 80 -8.05 0.62 -52.06
C THR U 80 -8.33 -0.34 -53.20
N ILE U 81 -8.07 -1.63 -53.01
CA ILE U 81 -8.35 -2.61 -54.06
C ILE U 81 -9.84 -2.75 -54.27
N GLN U 82 -10.62 -2.87 -53.19
CA GLN U 82 -12.05 -3.02 -53.37
C GLN U 82 -12.63 -1.79 -54.04
N LEU U 83 -12.16 -0.61 -53.66
CA LEU U 83 -12.66 0.63 -54.22
C LEU U 83 -12.11 0.88 -55.62
N GLY U 84 -10.87 0.51 -55.87
CA GLY U 84 -10.24 0.75 -57.14
C GLY U 84 -9.60 2.12 -57.30
N GLN U 85 -9.58 2.92 -56.24
CA GLN U 85 -8.99 4.25 -56.28
C GLN U 85 -8.06 4.40 -55.09
N PRO U 86 -7.04 5.25 -55.20
CA PRO U 86 -6.16 5.46 -54.06
C PRO U 86 -6.95 5.98 -52.88
N ALA U 87 -6.55 5.54 -51.69
CA ALA U 87 -7.27 5.91 -50.48
C ALA U 87 -7.01 7.36 -50.11
N THR U 88 -8.08 8.09 -49.84
CA THR U 88 -7.95 9.47 -49.39
C THR U 88 -7.13 9.53 -48.11
N VAL U 89 -6.73 10.73 -47.73
CA VAL U 89 -6.08 10.93 -46.44
C VAL U 89 -7.11 10.80 -45.32
N LYS U 90 -8.32 11.30 -45.54
CA LYS U 90 -9.33 11.23 -44.50
C LYS U 90 -9.60 9.79 -44.10
N VAL U 91 -9.68 8.90 -45.08
CA VAL U 91 -9.92 7.50 -44.80
C VAL U 91 -8.79 6.94 -43.96
N ALA U 92 -7.55 7.28 -44.31
CA ALA U 92 -6.41 6.74 -43.57
C ALA U 92 -6.40 7.25 -42.14
N ALA U 93 -6.68 8.53 -41.95
CA ALA U 93 -6.74 9.07 -40.60
C ALA U 93 -7.82 8.37 -39.80
N ASN U 94 -8.97 8.13 -40.43
CA ASN U 94 -10.08 7.52 -39.69
C ASN U 94 -9.79 6.05 -39.39
N LEU U 95 -9.07 5.37 -40.27
CA LEU U 95 -8.67 4.00 -39.98
C LEU U 95 -7.69 3.95 -38.82
N VAL U 96 -6.73 4.88 -38.78
CA VAL U 96 -5.83 4.93 -37.64
C VAL U 96 -6.61 5.21 -36.37
N ARG U 97 -7.57 6.13 -36.45
CA ARG U 97 -8.36 6.47 -35.26
C ARG U 97 -9.18 5.29 -34.80
N LEU U 98 -9.73 4.51 -35.74
CA LEU U 98 -10.45 3.31 -35.37
C LEU U 98 -9.65 2.49 -34.37
N LEU U 99 -8.42 2.13 -34.74
CA LEU U 99 -7.58 1.33 -33.84
C LEU U 99 -7.26 2.10 -32.57
N ALA U 100 -6.75 3.33 -32.72
CA ALA U 100 -6.22 4.03 -31.56
C ALA U 100 -7.31 4.35 -30.54
N TYR U 101 -8.56 4.40 -30.98
CA TYR U 101 -9.65 4.70 -30.06
C TYR U 101 -10.31 3.43 -29.54
N GLY U 102 -10.72 2.53 -30.43
CA GLY U 102 -11.24 1.27 -29.93
C GLY U 102 -10.33 0.59 -28.96
N ASN U 103 -9.02 0.77 -29.09
CA ASN U 103 -8.05 0.26 -28.13
C ASN U 103 -7.55 1.38 -27.23
N LYS U 104 -8.42 2.32 -26.90
CA LYS U 104 -8.10 3.46 -26.06
C LYS U 104 -7.41 2.99 -24.80
N ASP U 105 -7.87 1.86 -24.27
CA ASP U 105 -7.44 1.36 -22.97
C ASP U 105 -6.26 0.41 -23.05
N THR U 106 -5.71 0.19 -24.23
CA THR U 106 -4.62 -0.79 -24.38
C THR U 106 -3.43 -0.21 -25.11
N LEU U 107 -3.65 0.78 -25.97
CA LEU U 107 -2.60 1.34 -26.80
C LEU U 107 -2.17 2.70 -26.26
N GLN U 108 -0.87 2.94 -26.26
CA GLN U 108 -0.29 4.19 -25.79
C GLN U 108 0.58 4.75 -26.90
N THR U 109 -0.04 5.46 -27.84
CA THR U 109 0.67 5.89 -29.03
C THR U 109 0.02 7.14 -29.60
N GLY U 110 0.82 8.17 -29.80
CA GLY U 110 0.43 9.32 -30.58
C GLY U 110 0.74 9.06 -32.04
N MET U 111 0.07 9.78 -32.92
CA MET U 111 0.21 9.54 -34.35
C MET U 111 -0.03 10.86 -35.05
N ILE U 112 0.48 11.00 -36.26
CA ILE U 112 0.17 12.14 -37.12
C ILE U 112 0.05 11.61 -38.53
N VAL U 113 -1.12 11.73 -39.11
CA VAL U 113 -1.38 11.20 -40.45
C VAL U 113 -1.31 12.37 -41.42
N GLY U 114 -0.52 12.22 -42.47
CA GLY U 114 -0.38 13.26 -43.46
C GLY U 114 -0.34 12.64 -44.84
N GLY U 115 -0.66 13.46 -45.82
CA GLY U 115 -0.62 12.96 -47.18
C GLY U 115 -1.20 13.96 -48.14
N TRP U 116 -1.31 13.53 -49.38
CA TRP U 116 -1.94 14.32 -50.42
C TRP U 116 -2.86 13.41 -51.20
N ASP U 117 -4.05 13.90 -51.51
CA ASP U 117 -5.04 13.15 -52.24
C ASP U 117 -5.82 14.09 -53.14
N LYS U 118 -6.21 13.60 -54.30
CA LYS U 118 -6.67 14.50 -55.35
C LYS U 118 -7.92 15.26 -54.98
N TYR U 119 -8.57 14.92 -53.88
CA TYR U 119 -9.84 15.54 -53.52
C TYR U 119 -9.66 16.76 -52.63
N GLU U 120 -9.12 16.56 -51.44
CA GLU U 120 -8.98 17.63 -50.47
C GLU U 120 -7.55 18.17 -50.38
N GLY U 121 -6.64 17.71 -51.23
CA GLY U 121 -5.29 18.22 -51.22
C GLY U 121 -4.55 17.81 -49.97
N GLY U 122 -3.32 18.29 -49.85
CA GLY U 122 -2.47 17.90 -48.74
C GLY U 122 -3.09 18.28 -47.42
N LYS U 123 -3.22 17.32 -46.51
CA LYS U 123 -3.90 17.54 -45.25
C LYS U 123 -3.15 16.83 -44.14
N ILE U 124 -3.44 17.21 -42.91
CA ILE U 124 -2.78 16.63 -41.74
C ILE U 124 -3.81 16.43 -40.63
N TYR U 125 -3.79 15.26 -40.02
CA TYR U 125 -4.72 14.90 -38.96
C TYR U 125 -3.93 14.46 -37.75
N GLY U 126 -3.98 15.23 -36.67
CA GLY U 126 -3.35 14.81 -35.44
C GLY U 126 -4.22 13.81 -34.73
N ILE U 127 -3.60 12.79 -34.15
CA ILE U 127 -4.33 11.75 -33.43
C ILE U 127 -3.63 11.50 -32.10
N PRO U 128 -3.74 12.39 -31.15
CA PRO U 128 -3.01 12.22 -29.89
C PRO U 128 -3.45 11.01 -29.11
N LEU U 129 -2.91 10.82 -27.90
CA LEU U 129 -3.40 9.74 -27.06
C LEU U 129 -4.89 9.87 -26.85
N GLY U 130 -5.60 8.77 -27.03
CA GLY U 130 -7.04 8.75 -26.93
C GLY U 130 -7.76 8.74 -28.24
N GLY U 131 -7.10 9.10 -29.34
CA GLY U 131 -7.73 8.99 -30.64
C GLY U 131 -8.67 10.11 -30.98
N THR U 132 -8.20 11.35 -30.96
CA THR U 132 -9.02 12.48 -31.35
C THR U 132 -8.53 13.03 -32.69
N ILE U 133 -9.19 12.66 -33.78
CA ILE U 133 -8.77 13.19 -35.07
C ILE U 133 -9.03 14.69 -35.09
N ILE U 134 -7.98 15.48 -35.10
CA ILE U 134 -8.09 16.92 -35.26
C ILE U 134 -7.41 17.28 -36.56
N GLU U 135 -8.17 17.73 -37.55
CA GLU U 135 -7.54 18.25 -38.75
C GLU U 135 -6.85 19.56 -38.39
N GLN U 136 -5.61 19.71 -38.81
CA GLN U 136 -4.80 20.85 -38.43
C GLN U 136 -4.00 21.32 -39.63
N PRO U 137 -3.51 22.56 -39.59
CA PRO U 137 -2.57 23.00 -40.62
C PRO U 137 -1.22 22.37 -40.38
N PHE U 138 -0.84 22.27 -39.12
CA PHE U 138 0.36 21.57 -38.70
C PHE U 138 0.10 20.95 -37.34
N SER U 139 0.79 19.85 -37.05
CA SER U 139 0.65 19.17 -35.79
C SER U 139 2.02 18.78 -35.26
N ILE U 140 2.09 18.51 -33.97
CA ILE U 140 3.33 18.13 -33.32
C ILE U 140 3.02 17.13 -32.22
N GLY U 141 3.95 16.20 -32.01
CA GLY U 141 3.76 15.17 -31.00
C GLY U 141 5.08 14.76 -30.40
N GLY U 142 5.01 13.77 -29.52
CA GLY U 142 6.18 13.29 -28.82
C GLY U 142 6.54 14.21 -27.67
N SER U 143 7.59 13.82 -26.95
CA SER U 143 8.06 14.63 -25.83
C SER U 143 8.52 15.98 -26.33
N GLY U 144 9.17 15.99 -27.49
CA GLY U 144 9.77 17.21 -28.02
C GLY U 144 8.78 18.16 -28.68
N SER U 145 7.50 18.13 -28.31
CA SER U 145 6.57 19.11 -28.84
C SER U 145 6.49 20.34 -27.94
N SER U 146 6.76 20.16 -26.66
CA SER U 146 6.68 21.28 -25.73
C SER U 146 7.63 22.38 -26.15
N TYR U 147 8.84 22.03 -26.54
CA TYR U 147 9.82 23.04 -26.88
C TYR U 147 9.49 23.75 -28.18
N LEU U 148 8.56 23.21 -28.96
CA LEU U 148 8.21 23.80 -30.25
C LEU U 148 6.90 24.55 -30.21
N TYR U 149 6.10 24.41 -29.16
CA TYR U 149 4.83 25.13 -29.13
C TYR U 149 5.04 26.62 -29.37
N GLY U 150 5.92 27.25 -28.59
CA GLY U 150 6.14 28.68 -28.76
C GLY U 150 6.74 29.03 -30.10
N PHE U 151 7.78 28.30 -30.52
CA PHE U 151 8.43 28.62 -31.77
C PHE U 151 7.45 28.57 -32.93
N LEU U 152 6.49 27.64 -32.88
CA LEU U 152 5.61 27.47 -34.03
C LEU U 152 4.38 28.36 -33.95
N ASP U 153 3.96 28.76 -32.75
CA ASP U 153 3.00 29.86 -32.67
C ASP U 153 3.60 31.12 -33.28
N GLN U 154 4.87 31.36 -32.99
CA GLN U 154 5.59 32.51 -33.50
C GLN U 154 5.98 32.39 -34.96
N ALA U 155 6.09 31.18 -35.50
CA ALA U 155 6.71 30.99 -36.81
C ALA U 155 5.77 30.43 -37.86
N TRP U 156 4.62 29.89 -37.49
CA TRP U 156 3.77 29.26 -38.48
C TRP U 156 3.29 30.28 -39.49
N LYS U 157 3.20 29.85 -40.74
CA LYS U 157 2.66 30.64 -41.84
C LYS U 157 1.76 29.74 -42.65
N ASP U 158 0.77 30.30 -43.33
CA ASP U 158 -0.15 29.49 -44.11
C ASP U 158 0.23 29.55 -45.58
N GLY U 159 0.35 28.38 -46.20
CA GLY U 159 0.56 28.32 -47.63
C GLY U 159 2.00 28.49 -48.08
N MET U 160 2.96 28.14 -47.22
CA MET U 160 4.35 28.22 -47.62
C MET U 160 4.56 27.36 -48.87
N SER U 161 5.74 27.50 -49.47
CA SER U 161 6.13 26.63 -50.56
C SER U 161 6.88 25.42 -50.01
N LYS U 162 7.31 24.54 -50.91
CA LYS U 162 7.99 23.33 -50.45
C LYS U 162 9.23 23.67 -49.64
N ASP U 163 10.07 24.54 -50.18
CA ASP U 163 11.32 24.87 -49.50
C ASP U 163 11.05 25.47 -48.13
N GLU U 164 10.13 26.43 -48.06
CA GLU U 164 9.86 27.07 -46.77
C GLU U 164 9.31 26.08 -45.76
N ALA U 165 8.38 25.23 -46.17
CA ALA U 165 7.82 24.26 -45.23
C ALA U 165 8.87 23.27 -44.79
N GLU U 166 9.69 22.78 -45.72
CA GLU U 166 10.72 21.83 -45.34
C GLU U 166 11.72 22.45 -44.37
N GLU U 167 12.09 23.71 -44.62
CA GLU U 167 13.07 24.35 -43.76
C GLU U 167 12.47 24.61 -42.39
N LEU U 168 11.18 24.93 -42.32
CA LEU U 168 10.55 25.06 -41.01
C LEU U 168 10.54 23.73 -40.28
N VAL U 169 10.25 22.64 -40.99
CA VAL U 169 10.26 21.34 -40.34
C VAL U 169 11.66 21.03 -39.81
N LYS U 170 12.68 21.29 -40.60
CA LYS U 170 14.05 21.07 -40.16
C LYS U 170 14.37 21.90 -38.92
N LYS U 171 14.06 23.20 -38.96
CA LYS U 171 14.34 24.05 -37.81
C LYS U 171 13.62 23.55 -36.57
N ALA U 172 12.34 23.20 -36.72
CA ALA U 172 11.55 22.80 -35.56
C ALA U 172 12.10 21.52 -34.96
N VAL U 173 12.38 20.52 -35.80
CA VAL U 173 12.82 19.25 -35.26
C VAL U 173 14.22 19.37 -34.65
N SER U 174 15.11 20.14 -35.27
CA SER U 174 16.42 20.30 -34.67
C SER U 174 16.35 21.10 -33.39
N LEU U 175 15.44 22.06 -33.31
CA LEU U 175 15.25 22.78 -32.06
C LEU U 175 14.74 21.87 -30.97
N ALA U 176 13.96 20.85 -31.33
CA ALA U 176 13.54 19.87 -30.34
C ALA U 176 14.68 18.94 -29.96
N ILE U 177 15.48 18.55 -30.95
CA ILE U 177 16.63 17.69 -30.69
C ILE U 177 17.57 18.36 -29.71
N ALA U 178 17.83 19.64 -29.91
CA ALA U 178 18.85 20.35 -29.16
C ALA U 178 18.54 20.44 -27.68
N ARG U 179 17.28 20.53 -27.29
CA ARG U 179 16.91 20.69 -25.89
C ARG U 179 16.22 19.49 -25.29
N ASP U 180 15.90 18.46 -26.06
CA ASP U 180 15.12 17.34 -25.58
C ASP U 180 16.03 16.14 -25.39
N GLY U 181 15.97 15.55 -24.20
CA GLY U 181 16.76 14.36 -23.94
C GLY U 181 16.34 13.19 -24.79
N ALA U 182 15.02 13.01 -24.97
CA ALA U 182 14.49 11.85 -25.65
C ALA U 182 14.49 11.99 -27.16
N SER U 183 14.95 13.11 -27.72
CA SER U 183 14.97 13.33 -29.15
C SER U 183 16.39 13.59 -29.58
N GLY U 184 16.79 13.00 -30.70
CA GLY U 184 18.15 13.17 -31.16
C GLY U 184 18.41 12.40 -32.42
N GLY U 185 19.59 12.61 -32.97
CA GLY U 185 19.98 11.88 -34.15
C GLY U 185 19.81 12.70 -35.40
N VAL U 186 19.18 12.11 -36.39
CA VAL U 186 19.01 12.75 -37.68
C VAL U 186 17.63 13.39 -37.71
N VAL U 187 17.35 14.11 -38.78
CA VAL U 187 16.00 14.60 -39.04
C VAL U 187 15.53 14.01 -40.36
N ARG U 188 14.49 13.20 -40.29
CA ARG U 188 13.88 12.61 -41.47
C ARG U 188 12.64 13.40 -41.82
N THR U 189 12.49 13.75 -43.09
CA THR U 189 11.29 14.40 -43.56
C THR U 189 10.76 13.67 -44.77
N VAL U 190 9.44 13.65 -44.90
CA VAL U 190 8.75 13.08 -46.06
C VAL U 190 7.91 14.18 -46.68
N ILE U 191 8.08 14.40 -47.97
CA ILE U 191 7.37 15.44 -48.70
C ILE U 191 6.36 14.77 -49.60
N ILE U 192 5.14 14.60 -49.14
CA ILE U 192 4.09 13.97 -49.94
C ILE U 192 3.47 15.05 -50.81
N ASN U 193 3.33 14.76 -52.09
CA ASN U 193 3.00 15.77 -53.07
C ASN U 193 2.48 15.09 -54.32
N GLU U 194 1.79 15.86 -55.15
CA GLU U 194 1.07 15.28 -56.28
C GLU U 194 1.99 14.41 -57.13
N GLU U 195 3.24 14.80 -57.28
CA GLU U 195 4.17 14.04 -58.10
C GLU U 195 4.83 12.89 -57.35
N GLY U 196 4.52 12.71 -56.08
CA GLY U 196 4.95 11.53 -55.35
C GLY U 196 5.76 11.86 -54.12
N VAL U 197 6.02 10.80 -53.34
CA VAL U 197 6.70 10.96 -52.08
C VAL U 197 8.19 11.18 -52.31
N THR U 198 8.84 11.85 -51.36
CA THR U 198 10.28 12.03 -51.37
C THR U 198 10.78 12.10 -49.94
N ARG U 199 11.77 11.28 -49.63
CA ARG U 199 12.24 11.10 -48.27
C ARG U 199 13.63 11.73 -48.15
N ASN U 200 13.78 12.66 -47.22
CA ASN U 200 15.04 13.35 -47.02
C ASN U 200 15.63 12.97 -45.66
N PHE U 201 16.94 13.12 -45.57
CA PHE U 201 17.72 12.68 -44.43
C PHE U 201 18.77 13.74 -44.13
N TYR U 202 18.71 14.31 -42.93
CA TYR U 202 19.58 15.41 -42.53
C TYR U 202 20.38 15.03 -41.30
N PRO U 203 21.65 14.63 -41.44
CA PRO U 203 22.42 14.31 -40.26
C PRO U 203 22.43 15.48 -39.31
N GLY U 204 22.89 15.24 -38.08
CA GLY U 204 23.01 16.32 -37.13
C GLY U 204 23.96 17.39 -37.65
N ASP U 205 24.85 16.98 -38.55
CA ASP U 205 25.85 17.88 -39.11
C ASP U 205 25.24 18.97 -39.98
N GLN U 206 24.26 18.62 -40.80
CA GLN U 206 23.61 19.57 -41.70
C GLN U 206 22.65 20.50 -40.98
N LEU U 207 22.30 20.21 -39.74
CA LEU U 207 21.32 21.01 -39.04
C LEU U 207 21.95 22.26 -38.46
N PRO U 208 21.19 23.33 -38.29
CA PRO U 208 21.76 24.59 -37.79
C PRO U 208 22.34 24.42 -36.40
N LEU U 209 22.91 25.51 -35.89
CA LEU U 209 23.40 25.58 -34.52
C LEU U 209 22.65 26.68 -33.78
N TRP U 210 22.17 26.34 -32.59
CA TRP U 210 21.34 27.23 -31.79
C TRP U 210 22.13 27.66 -30.56
N HIS U 211 21.44 28.38 -29.67
CA HIS U 211 22.09 28.92 -28.48
C HIS U 211 22.90 27.83 -27.78
N GLU U 212 24.16 28.16 -27.46
CA GLU U 212 25.04 27.27 -26.70
C GLU U 212 25.42 26.02 -27.48
N GLU U 213 25.80 26.19 -28.73
CA GLU U 213 26.33 25.09 -29.50
C GLU U 213 27.52 25.57 -30.31
N LEU U 214 28.53 24.72 -30.38
CA LEU U 214 29.79 25.06 -31.00
C LEU U 214 29.99 24.20 -32.25
N GLU U 215 30.73 24.72 -33.20
CA GLU U 215 31.08 23.95 -34.37
C GLU U 215 31.71 22.64 -33.94
N PRO U 216 31.41 21.49 -34.55
CA PRO U 216 32.09 20.28 -34.20
C PRO U 216 33.57 20.32 -34.59
N GLN U 217 34.40 19.49 -33.95
CA GLN U 217 35.87 19.53 -34.17
C GLN U 217 36.41 18.11 -34.07
N ASN U 218 37.22 17.66 -35.03
CA ASN U 218 37.68 16.25 -35.02
C ASN U 218 38.34 15.89 -33.70
N SER U 219 39.07 16.82 -33.06
CA SER U 219 39.80 16.53 -31.80
C SER U 219 40.16 17.84 -31.09
N LEU U 220 40.80 17.73 -29.93
CA LEU U 220 41.15 18.93 -29.15
C LEU U 220 42.56 19.30 -29.53
N LEU U 221 43.34 18.33 -29.99
CA LEU U 221 44.70 18.62 -30.46
C LEU U 221 44.59 19.64 -31.60
N ASP U 222 43.43 19.74 -32.23
CA ASP U 222 43.22 20.76 -33.30
C ASP U 222 43.19 22.14 -32.63
N ILE U 223 42.33 22.34 -31.65
CA ILE U 223 42.31 23.63 -30.91
C ILE U 223 43.49 23.70 -29.92
N TRP U 224 43.36 23.25 -28.68
CA TRP U 224 44.43 23.34 -27.64
C TRP U 224 45.79 23.10 -28.26
N GLY U 225 46.12 21.83 -28.48
CA GLY U 225 47.44 21.48 -29.05
C GLY U 225 48.18 20.50 -28.16
N THR V 40 23.24 -11.88 -20.70
CA THR V 40 24.08 -12.51 -21.74
C THR V 40 24.49 -11.47 -22.77
N THR V 41 25.27 -11.88 -23.76
CA THR V 41 25.70 -10.99 -24.83
C THR V 41 25.41 -11.63 -26.17
N ILE V 42 24.52 -11.03 -26.93
CA ILE V 42 24.20 -11.51 -28.27
C ILE V 42 24.33 -10.35 -29.22
N VAL V 43 24.94 -10.61 -30.38
CA VAL V 43 25.42 -9.55 -31.24
C VAL V 43 25.03 -9.86 -32.67
N GLY V 44 24.95 -8.84 -33.50
CA GLY V 44 24.66 -9.03 -34.90
C GLY V 44 25.34 -7.96 -35.71
N LEU V 45 25.92 -8.37 -36.84
CA LEU V 45 26.70 -7.49 -37.68
C LEU V 45 26.34 -7.78 -39.13
N VAL V 46 26.27 -6.75 -39.94
CA VAL V 46 26.05 -6.91 -41.38
C VAL V 46 27.31 -6.52 -42.11
N TYR V 47 27.86 -7.44 -42.89
CA TYR V 47 29.06 -7.18 -43.65
C TYR V 47 28.72 -7.27 -45.14
N GLN V 48 29.74 -7.18 -45.98
CA GLN V 48 29.47 -6.94 -47.40
C GLN V 48 28.66 -8.07 -48.03
N ASP V 49 28.89 -9.31 -47.62
CA ASP V 49 28.30 -10.47 -48.29
C ASP V 49 27.18 -11.12 -47.51
N GLY V 50 26.87 -10.64 -46.31
CA GLY V 50 25.87 -11.27 -45.49
C GLY V 50 25.91 -10.72 -44.08
N VAL V 51 25.33 -11.47 -43.16
CA VAL V 51 25.19 -11.03 -41.77
C VAL V 51 25.95 -12.00 -40.89
N ILE V 52 26.40 -11.50 -39.74
CA ILE V 52 27.21 -12.28 -38.81
C ILE V 52 26.60 -12.15 -37.43
N LEU V 53 26.49 -13.27 -36.73
CA LEU V 53 25.92 -13.31 -35.39
C LEU V 53 26.91 -13.93 -34.42
N GLY V 54 26.95 -13.38 -33.22
CA GLY V 54 27.82 -13.92 -32.19
C GLY V 54 27.14 -13.84 -30.85
N ALA V 55 27.55 -14.71 -29.94
CA ALA V 55 27.03 -14.70 -28.58
C ALA V 55 28.04 -15.40 -27.69
N ASP V 56 28.01 -15.06 -26.40
CA ASP V 56 28.80 -15.81 -25.45
C ASP V 56 28.15 -17.15 -25.20
N THR V 57 28.69 -17.90 -24.24
CA THR V 57 28.14 -19.19 -23.88
C THR V 57 28.02 -19.40 -22.38
N ARG V 58 27.42 -18.46 -21.67
CA ARG V 58 27.12 -18.64 -20.26
C ARG V 58 25.61 -18.70 -20.05
N ALA V 59 25.22 -19.31 -18.94
CA ALA V 59 23.84 -19.27 -18.49
C ALA V 59 23.81 -19.26 -16.98
N THR V 60 23.14 -18.26 -16.41
CA THR V 60 23.12 -18.09 -14.96
C THR V 60 21.71 -18.27 -14.43
N GLU V 61 21.59 -19.11 -13.41
CA GLU V 61 20.37 -19.25 -12.62
C GLU V 61 20.54 -18.36 -11.38
N GLY V 62 20.37 -17.07 -11.59
CA GLY V 62 20.59 -16.10 -10.55
C GLY V 62 21.98 -15.50 -10.64
N PRO V 63 22.72 -15.51 -9.52
CA PRO V 63 24.14 -15.12 -9.57
C PRO V 63 25.11 -16.29 -9.70
N ILE V 64 24.62 -17.50 -9.94
CA ILE V 64 25.46 -18.69 -9.97
C ILE V 64 25.36 -19.31 -11.34
N VAL V 65 26.47 -19.37 -12.05
CA VAL V 65 26.49 -19.84 -13.45
C VAL V 65 26.13 -21.32 -13.47
N ALA V 66 25.10 -21.65 -14.23
CA ALA V 66 24.64 -23.03 -14.31
C ALA V 66 25.30 -23.77 -15.47
N ASP V 67 25.27 -23.18 -16.67
CA ASP V 67 25.76 -23.84 -17.87
C ASP V 67 26.89 -23.01 -18.43
N LYS V 68 28.06 -23.63 -18.58
CA LYS V 68 29.22 -22.92 -19.07
C LYS V 68 29.32 -22.89 -20.58
N ASN V 69 28.53 -23.68 -21.28
CA ASN V 69 28.69 -23.80 -22.72
C ASN V 69 27.33 -23.85 -23.40
N CYS V 70 26.41 -22.99 -22.95
CA CYS V 70 25.09 -22.90 -23.56
C CYS V 70 25.19 -22.36 -24.97
N GLU V 71 24.51 -23.02 -25.91
CA GLU V 71 24.40 -22.46 -27.26
C GLU V 71 23.28 -21.43 -27.29
N LYS V 72 23.54 -20.31 -27.95
CA LYS V 72 22.57 -19.23 -28.03
C LYS V 72 22.16 -18.88 -29.44
N ILE V 73 22.91 -19.29 -30.47
CA ILE V 73 22.58 -18.98 -31.85
C ILE V 73 21.69 -20.09 -32.40
N HIS V 74 20.39 -19.85 -32.44
CA HIS V 74 19.44 -20.88 -32.79
C HIS V 74 19.20 -20.94 -34.28
N TYR V 75 18.56 -22.02 -34.70
CA TYR V 75 18.20 -22.23 -36.10
C TYR V 75 16.77 -21.81 -36.35
N MET V 76 16.55 -21.05 -37.42
CA MET V 76 15.22 -20.69 -37.85
C MET V 76 14.92 -21.08 -39.28
N ALA V 77 15.94 -21.16 -40.13
CA ALA V 77 15.78 -21.69 -41.47
C ALA V 77 17.18 -21.88 -42.03
N PRO V 78 17.30 -22.48 -43.22
CA PRO V 78 18.65 -22.69 -43.76
C PRO V 78 19.42 -21.41 -43.94
N ASN V 79 18.74 -20.27 -44.08
CA ASN V 79 19.38 -18.99 -44.30
C ASN V 79 18.99 -17.96 -43.26
N ILE V 80 18.47 -18.38 -42.12
CA ILE V 80 18.08 -17.47 -41.06
C ILE V 80 18.50 -18.08 -39.73
N TYR V 81 19.16 -17.28 -38.89
CA TYR V 81 19.50 -17.71 -37.54
C TYR V 81 19.16 -16.57 -36.60
N CYS V 82 18.88 -16.91 -35.34
CA CYS V 82 18.45 -15.90 -34.40
C CYS V 82 19.03 -16.20 -33.03
N CYS V 83 19.62 -15.18 -32.41
CA CYS V 83 20.19 -15.29 -31.08
C CYS V 83 19.18 -14.75 -30.08
N GLY V 84 18.98 -15.47 -28.98
CA GLY V 84 17.96 -15.09 -28.04
C GLY V 84 18.52 -14.36 -26.83
N ALA V 85 17.67 -13.55 -26.22
CA ALA V 85 17.94 -12.95 -24.92
C ALA V 85 16.63 -12.88 -24.17
N GLY V 86 16.67 -12.36 -22.95
CA GLY V 86 15.44 -12.41 -22.18
C GLY V 86 15.18 -13.83 -21.69
N THR V 87 13.92 -14.12 -21.40
CA THR V 87 13.57 -15.39 -20.77
C THR V 87 13.90 -16.56 -21.68
N ALA V 88 14.70 -17.49 -21.18
CA ALA V 88 15.17 -18.60 -22.01
C ALA V 88 14.01 -19.46 -22.51
N ALA V 89 13.09 -19.82 -21.62
CA ALA V 89 11.95 -20.60 -22.04
C ALA V 89 11.20 -19.90 -23.15
N ASP V 90 10.93 -18.61 -22.97
CA ASP V 90 10.11 -17.87 -23.92
C ASP V 90 10.82 -17.73 -25.26
N THR V 91 12.10 -17.38 -25.26
CA THR V 91 12.81 -17.26 -26.52
C THR V 91 12.87 -18.59 -27.24
N GLU V 92 13.16 -19.67 -26.53
CA GLU V 92 13.21 -20.97 -27.21
C GLU V 92 11.84 -21.33 -27.77
N ALA V 93 10.78 -21.09 -27.00
CA ALA V 93 9.45 -21.44 -27.48
C ALA V 93 9.07 -20.64 -28.70
N VAL V 94 9.29 -19.33 -28.67
CA VAL V 94 8.90 -18.49 -29.79
C VAL V 94 9.74 -18.84 -31.02
N THR V 95 11.04 -19.01 -30.85
CA THR V 95 11.87 -19.33 -31.99
C THR V 95 11.50 -20.66 -32.60
N ASP V 96 11.22 -21.67 -31.77
CA ASP V 96 10.81 -22.96 -32.32
C ASP V 96 9.48 -22.86 -33.05
N MET V 97 8.52 -22.13 -32.47
CA MET V 97 7.22 -22.02 -33.11
C MET V 97 7.34 -21.33 -34.46
N VAL V 98 8.10 -20.24 -34.53
CA VAL V 98 8.22 -19.54 -35.80
C VAL V 98 9.03 -20.36 -36.79
N SER V 99 10.02 -21.10 -36.32
CA SER V 99 10.74 -21.97 -37.25
C SER V 99 9.81 -23.01 -37.84
N SER V 100 8.92 -23.57 -37.02
CA SER V 100 7.96 -24.53 -37.53
C SER V 100 7.02 -23.88 -38.53
N GLN V 101 6.53 -22.69 -38.23
CA GLN V 101 5.67 -22.00 -39.19
C GLN V 101 6.41 -21.74 -40.49
N LEU V 102 7.67 -21.36 -40.40
CA LEU V 102 8.46 -21.11 -41.60
C LEU V 102 8.62 -22.38 -42.41
N LYS V 103 8.84 -23.51 -41.76
CA LYS V 103 8.96 -24.76 -42.50
C LYS V 103 7.65 -25.10 -43.21
N LEU V 104 6.54 -24.96 -42.51
CA LEU V 104 5.25 -25.25 -43.14
C LEU V 104 5.03 -24.33 -44.32
N HIS V 105 5.37 -23.06 -44.17
CA HIS V 105 5.19 -22.11 -45.28
C HIS V 105 6.11 -22.45 -46.43
N ARG V 106 7.33 -22.88 -46.13
CA ARG V 106 8.25 -23.27 -47.20
C ARG V 106 7.69 -24.42 -48.00
N TYR V 107 7.10 -25.40 -47.32
CA TYR V 107 6.41 -26.47 -48.04
C TYR V 107 5.24 -25.93 -48.85
N HIS V 108 4.44 -25.04 -48.26
CA HIS V 108 3.23 -24.57 -48.92
C HIS V 108 3.55 -23.80 -50.18
N THR V 109 4.47 -22.84 -50.09
CA THR V 109 4.84 -22.01 -51.24
C THR V 109 6.00 -22.57 -52.02
N GLY V 110 6.91 -23.30 -51.38
CA GLY V 110 7.95 -23.98 -52.12
C GLY V 110 9.10 -23.11 -52.54
N ARG V 111 9.38 -22.03 -51.81
CA ARG V 111 10.55 -21.22 -52.11
C ARG V 111 11.19 -20.77 -50.80
N GLU V 112 12.52 -20.67 -50.81
CA GLU V 112 13.28 -20.37 -49.61
C GLU V 112 12.61 -19.28 -48.79
N SER V 113 12.58 -19.50 -47.48
CA SER V 113 11.91 -18.56 -46.58
C SER V 113 12.66 -17.23 -46.54
N ARG V 114 11.92 -16.17 -46.24
CA ARG V 114 12.45 -14.82 -46.18
C ARG V 114 12.57 -14.36 -44.74
N VAL V 115 13.47 -13.41 -44.50
CA VAL V 115 13.60 -12.89 -43.14
C VAL V 115 12.41 -12.02 -42.79
N ILE V 116 11.76 -11.42 -43.78
CA ILE V 116 10.59 -10.60 -43.49
C ILE V 116 9.46 -11.46 -42.93
N THR V 117 9.29 -12.65 -43.48
CA THR V 117 8.30 -13.57 -42.95
C THR V 117 8.58 -13.90 -41.50
N ALA V 118 9.83 -14.25 -41.18
CA ALA V 118 10.14 -14.60 -39.80
C ALA V 118 9.89 -13.42 -38.88
N LEU V 119 10.28 -12.23 -39.32
CA LEU V 119 10.05 -11.03 -38.53
C LEU V 119 8.57 -10.83 -38.26
N THR V 120 7.74 -10.92 -39.30
CA THR V 120 6.32 -10.65 -39.12
C THR V 120 5.67 -11.68 -38.24
N LEU V 121 5.99 -12.96 -38.41
CA LEU V 121 5.41 -13.98 -37.57
C LEU V 121 5.82 -13.80 -36.11
N LEU V 122 7.11 -13.55 -35.87
CA LEU V 122 7.56 -13.31 -34.51
C LEU V 122 6.84 -12.12 -33.90
N LYS V 123 6.71 -11.04 -34.68
CA LYS V 123 6.10 -9.83 -34.17
C LYS V 123 4.64 -10.05 -33.81
N SER V 124 3.91 -10.71 -34.69
CA SER V 124 2.50 -10.98 -34.38
C SER V 124 2.38 -11.83 -33.13
N HIS V 125 3.18 -12.88 -33.02
CA HIS V 125 3.07 -13.76 -31.85
C HIS V 125 3.40 -13.00 -30.58
N LEU V 126 4.48 -12.22 -30.58
CA LEU V 126 4.89 -11.53 -29.37
C LEU V 126 3.88 -10.46 -28.98
N PHE V 127 3.33 -9.74 -29.95
CA PHE V 127 2.36 -8.70 -29.60
C PHE V 127 1.05 -9.32 -29.14
N ARG V 128 0.82 -10.59 -29.42
CA ARG V 128 -0.43 -11.25 -28.96
C ARG V 128 -0.36 -11.63 -27.48
N TYR V 129 0.62 -11.16 -26.72
CA TYR V 129 0.73 -11.64 -25.32
C TYR V 129 1.07 -10.49 -24.40
N GLN V 130 1.01 -9.27 -24.92
CA GLN V 130 1.22 -8.05 -24.10
C GLN V 130 2.57 -8.12 -23.38
N GLY V 131 3.52 -8.87 -23.93
CA GLY V 131 4.89 -8.86 -23.36
C GLY V 131 5.07 -9.76 -22.18
N HIS V 132 4.05 -10.50 -21.78
CA HIS V 132 4.27 -11.47 -20.68
C HIS V 132 5.27 -12.51 -21.17
N VAL V 133 5.28 -12.84 -22.46
CA VAL V 133 6.34 -13.76 -22.97
C VAL V 133 7.61 -12.93 -23.05
N SER V 134 8.44 -13.00 -22.02
CA SER V 134 9.62 -12.11 -21.99
C SER V 134 10.69 -12.60 -22.94
N ALA V 135 10.40 -12.61 -24.23
CA ALA V 135 11.40 -13.00 -25.21
C ALA V 135 12.02 -11.77 -25.84
N ALA V 136 13.25 -11.88 -26.30
CA ALA V 136 13.92 -10.79 -26.99
C ALA V 136 14.99 -11.39 -27.91
N LEU V 137 14.86 -11.12 -29.20
CA LEU V 137 15.66 -11.82 -30.19
C LEU V 137 16.49 -10.85 -30.99
N VAL V 138 17.67 -11.29 -31.38
CA VAL V 138 18.39 -10.70 -32.50
C VAL V 138 18.27 -11.67 -33.65
N LEU V 139 17.60 -11.25 -34.70
CA LEU V 139 17.32 -12.10 -35.85
C LEU V 139 18.24 -11.71 -36.98
N GLY V 140 18.69 -12.70 -37.73
CA GLY V 140 19.64 -12.41 -38.80
C GLY V 140 19.66 -13.46 -39.87
N GLY V 141 19.67 -13.03 -41.13
CA GLY V 141 19.82 -14.03 -42.19
C GLY V 141 19.91 -13.44 -43.56
N VAL V 142 20.62 -14.12 -44.45
CA VAL V 142 20.63 -13.65 -45.86
C VAL V 142 19.40 -14.24 -46.54
N ASP V 143 18.82 -13.56 -47.53
CA ASP V 143 17.56 -13.99 -48.16
C ASP V 143 17.53 -13.48 -49.60
N VAL V 144 16.40 -13.53 -50.29
CA VAL V 144 16.27 -13.15 -51.72
C VAL V 144 16.18 -11.63 -51.84
N SER V 145 16.42 -10.94 -50.74
CA SER V 145 16.42 -9.46 -50.75
C SER V 145 17.72 -8.94 -50.15
N GLY V 146 18.62 -9.85 -49.76
CA GLY V 146 19.93 -9.43 -49.25
C GLY V 146 20.07 -9.62 -47.76
N PRO V 147 21.26 -9.41 -47.17
CA PRO V 147 21.44 -9.52 -45.75
C PRO V 147 20.39 -8.77 -44.96
N HIS V 148 19.93 -9.32 -43.84
CA HIS V 148 18.96 -8.62 -42.96
C HIS V 148 19.20 -8.95 -41.49
N LEU V 149 19.42 -7.96 -40.63
CA LEU V 149 19.57 -8.17 -39.18
C LEU V 149 18.52 -7.33 -38.46
N HIS V 150 17.63 -7.96 -37.72
CA HIS V 150 16.57 -7.23 -37.02
C HIS V 150 16.65 -7.52 -35.54
N THR V 151 16.09 -6.66 -34.70
CA THR V 151 16.00 -7.00 -33.29
C THR V 151 14.54 -6.94 -32.86
N ILE V 152 14.13 -7.88 -32.02
CA ILE V 152 12.76 -7.93 -31.52
C ILE V 152 12.79 -7.81 -30.01
N TYR V 153 11.99 -6.94 -29.48
CA TYR V 153 11.84 -6.81 -28.05
C TYR V 153 10.57 -7.50 -27.60
N PRO V 154 10.42 -7.77 -26.30
CA PRO V 154 9.29 -8.62 -25.87
C PRO V 154 7.95 -8.09 -26.29
N HIS V 155 7.78 -6.79 -26.42
CA HIS V 155 6.50 -6.24 -26.82
C HIS V 155 6.27 -6.30 -28.33
N GLY V 156 7.28 -6.67 -29.10
CA GLY V 156 7.18 -6.64 -30.55
C GLY V 156 7.90 -5.47 -31.19
N SER V 157 8.34 -4.49 -30.41
CA SER V 157 9.09 -3.38 -30.96
C SER V 157 10.19 -3.91 -31.86
N THR V 158 10.20 -3.46 -33.10
CA THR V 158 11.12 -4.01 -34.08
C THR V 158 11.98 -2.92 -34.68
N ASP V 159 13.25 -3.25 -34.87
CA ASP V 159 14.21 -2.36 -35.50
C ASP V 159 14.89 -3.11 -36.63
N THR V 160 15.36 -2.37 -37.62
CA THR V 160 16.24 -2.90 -38.65
C THR V 160 17.53 -2.10 -38.61
N LEU V 161 18.65 -2.79 -38.53
CA LEU V 161 19.89 -2.16 -38.10
C LEU V 161 21.06 -2.62 -38.96
N PRO V 162 22.15 -1.86 -38.96
CA PRO V 162 23.41 -2.40 -39.49
C PRO V 162 24.17 -3.23 -38.47
N PHE V 163 24.11 -2.85 -37.19
CA PHE V 163 24.71 -3.65 -36.13
C PHE V 163 23.76 -3.63 -34.95
N ALA V 164 23.67 -4.75 -34.25
CA ALA V 164 22.76 -4.83 -33.12
C ALA V 164 23.43 -5.59 -31.98
N THR V 165 23.06 -5.28 -30.74
CA THR V 165 23.64 -5.95 -29.54
C THR V 165 22.61 -6.03 -28.42
N MET V 166 22.34 -7.21 -27.87
CA MET V 166 21.26 -7.33 -26.87
C MET V 166 21.76 -8.13 -25.70
N GLY V 167 21.17 -7.93 -24.55
CA GLY V 167 21.57 -8.75 -23.40
C GLY V 167 21.96 -7.91 -22.22
N SER V 168 22.70 -8.50 -21.30
CA SER V 168 23.20 -7.76 -20.12
C SER V 168 24.47 -7.03 -20.52
N GLY V 169 25.19 -7.58 -21.48
CA GLY V 169 26.44 -6.97 -21.93
C GLY V 169 26.21 -6.23 -23.20
N SER V 170 25.04 -5.66 -23.34
CA SER V 170 24.72 -5.01 -24.62
C SER V 170 25.67 -3.84 -24.75
N LEU V 171 25.68 -3.03 -23.73
CA LEU V 171 26.46 -1.82 -23.74
C LEU V 171 27.94 -2.12 -23.96
N ALA V 172 28.44 -3.18 -23.33
CA ALA V 172 29.84 -3.53 -23.48
C ALA V 172 30.17 -3.86 -24.93
N ALA V 173 29.24 -4.50 -25.65
CA ALA V 173 29.51 -4.82 -27.05
C ALA V 173 29.23 -3.63 -27.96
N MET V 174 28.24 -2.83 -27.62
CA MET V 174 27.95 -1.65 -28.43
C MET V 174 29.09 -0.68 -28.36
N SER V 175 29.86 -0.70 -27.27
CA SER V 175 31.08 0.08 -27.25
C SER V 175 31.99 -0.31 -28.40
N VAL V 176 32.22 -1.60 -28.59
CA VAL V 176 33.13 -2.05 -29.65
C VAL V 176 32.56 -1.69 -31.01
N PHE V 177 31.29 -1.98 -31.25
CA PHE V 177 30.69 -1.54 -32.51
C PHE V 177 30.84 -0.05 -32.74
N GLU V 178 30.41 0.78 -31.80
CA GLU V 178 30.49 2.20 -32.05
C GLU V 178 31.93 2.62 -32.33
N SER V 179 32.90 2.01 -31.66
CA SER V 179 34.28 2.35 -31.97
C SER V 179 34.67 1.92 -33.36
N LYS V 180 34.42 0.67 -33.72
CA LYS V 180 35.10 0.02 -34.83
C LYS V 180 34.20 -0.44 -35.95
N TYR V 181 32.91 -0.11 -35.95
CA TYR V 181 32.08 -0.48 -37.08
C TYR V 181 32.33 0.43 -38.27
N ARG V 182 32.20 -0.12 -39.46
CA ARG V 182 32.23 0.67 -40.68
C ARG V 182 31.49 -0.10 -41.76
N GLU V 183 31.15 0.58 -42.84
CA GLU V 183 30.49 -0.08 -43.94
C GLU V 183 31.47 -0.94 -44.73
N GLY V 184 30.96 -2.04 -45.28
CA GLY V 184 31.75 -2.83 -46.20
C GLY V 184 32.85 -3.66 -45.59
N LEU V 185 32.66 -4.16 -44.37
CA LEU V 185 33.63 -5.06 -43.77
C LEU V 185 33.65 -6.38 -44.52
N THR V 186 34.83 -6.96 -44.67
CA THR V 186 34.94 -8.28 -45.27
C THR V 186 34.58 -9.34 -44.23
N ARG V 187 34.58 -10.60 -44.66
CA ARG V 187 34.22 -11.68 -43.73
C ARG V 187 35.17 -11.73 -42.56
N ASP V 188 36.47 -11.70 -42.83
CA ASP V 188 37.47 -11.91 -41.77
C ASP V 188 37.41 -10.81 -40.74
N GLU V 189 37.39 -9.55 -41.17
CA GLU V 189 37.27 -8.48 -40.20
C GLU V 189 35.87 -8.37 -39.64
N GLY V 190 34.85 -8.85 -40.34
CA GLY V 190 33.53 -8.94 -39.74
C GLY V 190 33.52 -9.87 -38.54
N VAL V 191 34.09 -11.06 -38.70
CA VAL V 191 34.13 -12.00 -37.58
C VAL V 191 35.07 -11.49 -36.50
N LYS V 192 36.17 -10.84 -36.89
CA LYS V 192 37.06 -10.28 -35.88
C LYS V 192 36.34 -9.26 -35.01
N ILE V 193 35.59 -8.35 -35.63
CA ILE V 193 34.91 -7.35 -34.82
C ILE V 193 33.77 -7.96 -34.02
N VAL V 194 33.05 -8.93 -34.58
CA VAL V 194 32.03 -9.58 -33.77
C VAL V 194 32.66 -10.28 -32.58
N CYS V 195 33.77 -10.98 -32.80
CA CYS V 195 34.43 -11.71 -31.72
C CYS V 195 34.91 -10.77 -30.64
N GLU V 196 35.52 -9.65 -31.02
CA GLU V 196 36.00 -8.77 -29.98
C GLU V 196 34.86 -8.00 -29.32
N ALA V 197 33.74 -7.78 -30.01
CA ALA V 197 32.56 -7.24 -29.33
C ALA V 197 32.07 -8.21 -28.27
N ILE V 198 31.99 -9.49 -28.62
CA ILE V 198 31.54 -10.49 -27.67
C ILE V 198 32.51 -10.60 -26.50
N ALA V 199 33.81 -10.56 -26.80
CA ALA V 199 34.80 -10.63 -25.72
C ALA V 199 34.70 -9.42 -24.82
N SER V 200 34.43 -8.25 -25.39
CA SER V 200 34.17 -7.08 -24.57
C SER V 200 32.98 -7.32 -23.66
N GLY V 201 31.93 -7.92 -24.20
CA GLY V 201 30.78 -8.23 -23.37
C GLY V 201 31.09 -9.28 -22.33
N ILE V 202 32.10 -10.10 -22.60
CA ILE V 202 32.44 -11.21 -21.71
C ILE V 202 33.21 -10.70 -20.50
N PHE V 203 34.30 -9.98 -20.75
CA PHE V 203 35.19 -9.57 -19.67
C PHE V 203 34.68 -8.37 -18.90
N ASN V 204 33.61 -7.71 -19.35
CA ASN V 204 33.17 -6.48 -18.73
C ASN V 204 31.79 -6.63 -18.12
N ASP V 205 31.12 -7.73 -18.41
CA ASP V 205 29.80 -8.02 -17.89
C ASP V 205 29.87 -9.27 -17.04
N LEU V 206 29.42 -9.21 -15.79
CA LEU V 206 29.60 -10.36 -14.86
C LEU V 206 28.65 -11.49 -15.21
N GLY V 207 27.47 -11.16 -15.70
CA GLY V 207 26.46 -12.17 -16.03
C GLY V 207 26.69 -12.70 -17.41
N SER V 208 27.88 -12.50 -17.93
CA SER V 208 28.22 -13.01 -19.28
C SER V 208 29.59 -13.62 -19.17
N GLY V 209 29.77 -14.85 -19.64
CA GLY V 209 31.09 -15.45 -19.45
C GLY V 209 31.34 -16.65 -20.31
N SER V 210 32.52 -17.25 -20.17
CA SER V 210 32.86 -18.49 -20.88
C SER V 210 33.29 -18.24 -22.31
N ASN V 211 33.00 -19.16 -23.20
CA ASN V 211 33.56 -19.07 -24.57
C ASN V 211 32.78 -18.12 -25.48
N VAL V 212 33.18 -18.03 -26.74
CA VAL V 212 32.50 -17.15 -27.72
C VAL V 212 32.00 -18.04 -28.84
N ASP V 213 30.79 -17.80 -29.34
CA ASP V 213 30.23 -18.57 -30.47
C ASP V 213 29.95 -17.59 -31.60
N VAL V 214 30.28 -17.95 -32.84
CA VAL V 214 29.98 -17.06 -33.99
C VAL V 214 29.11 -17.82 -34.98
N CYS V 215 28.52 -17.14 -35.97
CA CYS V 215 27.71 -17.81 -37.02
C CYS V 215 27.58 -16.95 -38.27
N VAL V 216 28.49 -17.09 -39.22
CA VAL V 216 28.39 -16.37 -40.50
C VAL V 216 27.18 -16.91 -41.26
N ILE V 217 26.37 -16.06 -41.87
CA ILE V 217 25.17 -16.49 -42.63
C ILE V 217 25.30 -15.88 -44.01
N THR V 218 26.24 -16.34 -44.82
CA THR V 218 26.37 -15.87 -46.22
C THR V 218 25.24 -16.46 -47.06
N LYS V 219 25.22 -16.20 -48.37
CA LYS V 219 24.07 -16.67 -49.17
C LYS V 219 24.14 -18.18 -49.25
N GLY V 220 23.36 -18.87 -48.43
CA GLY V 220 23.32 -20.33 -48.49
C GLY V 220 24.15 -20.94 -47.39
N ASN V 221 25.46 -21.02 -47.61
CA ASN V 221 26.37 -21.54 -46.57
C ASN V 221 26.16 -20.84 -45.23
N VAL V 222 26.02 -21.60 -44.15
CA VAL V 222 25.96 -21.03 -42.78
C VAL V 222 27.08 -21.72 -42.02
N GLU V 223 27.81 -21.02 -41.16
CA GLU V 223 28.98 -21.64 -40.51
C GLU V 223 28.93 -21.53 -38.99
N TYR V 224 28.30 -22.49 -38.30
CA TYR V 224 28.17 -22.34 -36.83
C TYR V 224 29.51 -22.68 -36.22
N LEU V 225 30.37 -21.69 -36.14
CA LEU V 225 31.68 -21.89 -35.51
C LEU V 225 31.50 -21.81 -34.00
N ARG V 226 31.41 -22.94 -33.32
CA ARG V 226 31.15 -23.00 -31.85
C ARG V 226 32.46 -22.82 -31.12
N ASN V 227 32.40 -22.27 -29.91
CA ASN V 227 33.64 -21.98 -29.15
C ASN V 227 34.74 -21.54 -30.13
N HIS V 228 34.44 -20.58 -31.02
CA HIS V 228 35.51 -20.11 -31.93
C HIS V 228 36.70 -19.62 -31.11
N VAL V 229 36.43 -18.89 -30.03
CA VAL V 229 37.52 -18.42 -29.13
C VAL V 229 37.33 -19.09 -27.76
N GLN V 230 38.40 -19.64 -27.18
CA GLN V 230 38.33 -20.17 -25.79
C GLN V 230 39.15 -19.23 -24.93
N PRO V 231 38.63 -18.03 -24.59
CA PRO V 231 39.40 -17.01 -23.88
C PRO V 231 39.76 -17.37 -22.44
N ASN V 232 39.08 -18.35 -21.83
CA ASN V 232 39.22 -18.63 -20.41
C ASN V 232 39.55 -20.09 -20.17
N PRO V 233 40.83 -20.46 -20.21
CA PRO V 233 41.22 -21.88 -20.16
C PRO V 233 41.55 -22.44 -18.78
N ARG V 234 41.19 -21.76 -17.69
CA ARG V 234 41.62 -22.16 -16.35
C ARG V 234 41.28 -23.61 -16.04
N THR V 235 42.30 -24.45 -15.88
CA THR V 235 42.14 -25.84 -15.49
C THR V 235 43.35 -26.28 -14.66
N TYR V 236 43.12 -27.24 -13.78
CA TYR V 236 44.17 -27.85 -12.95
C TYR V 236 44.87 -26.79 -12.09
N THR V 237 44.09 -26.22 -11.16
CA THR V 237 44.63 -25.20 -10.27
C THR V 237 45.37 -25.79 -9.07
N SER V 238 45.27 -27.10 -8.85
CA SER V 238 45.93 -27.73 -7.72
C SER V 238 46.26 -29.17 -8.07
N ALA V 239 47.28 -29.70 -7.42
CA ALA V 239 47.74 -31.05 -7.70
C ALA V 239 46.65 -32.06 -7.36
N LYS V 240 46.61 -33.13 -8.14
CA LYS V 240 45.63 -34.17 -7.90
C LYS V 240 45.93 -34.91 -6.59
N GLY V 241 44.93 -35.62 -6.10
CA GLY V 241 45.11 -36.43 -4.90
C GLY V 241 43.95 -36.39 -3.94
N TYR V 242 42.95 -35.55 -4.21
CA TYR V 242 41.83 -35.43 -3.29
C TYR V 242 41.08 -36.74 -3.20
N THR V 243 40.74 -37.14 -1.97
CA THR V 243 40.06 -38.39 -1.73
C THR V 243 39.10 -38.21 -0.58
N PHE V 244 38.14 -39.13 -0.50
CA PHE V 244 37.06 -39.03 0.47
C PHE V 244 37.49 -39.67 1.78
N SER V 245 37.37 -38.92 2.87
CA SER V 245 37.79 -39.42 4.17
C SER V 245 37.01 -40.66 4.59
N LYS V 246 35.68 -40.64 4.40
CA LYS V 246 34.83 -41.72 4.86
C LYS V 246 33.95 -42.17 3.71
N PRO V 247 34.07 -43.42 3.26
CA PRO V 247 33.14 -43.91 2.23
C PRO V 247 31.72 -43.88 2.76
N THR V 248 30.78 -43.50 1.90
CA THR V 248 29.40 -43.38 2.33
C THR V 248 28.92 -44.72 2.86
N GLU V 249 28.28 -44.70 4.03
CA GLU V 249 27.67 -45.89 4.59
C GLU V 249 26.39 -46.17 3.82
N VAL V 250 26.42 -47.15 2.95
CA VAL V 250 25.26 -47.54 2.16
C VAL V 250 24.39 -48.44 3.00
N LEU V 251 23.10 -48.47 2.68
CA LEU V 251 22.09 -49.20 3.44
C LEU V 251 21.06 -49.69 2.43
N SER V 252 20.87 -51.00 2.34
CA SER V 252 19.83 -51.53 1.46
C SER V 252 20.05 -51.14 0.00
N THR V 253 21.06 -51.71 -0.66
CA THR V 253 21.20 -51.57 -2.10
C THR V 253 20.27 -52.56 -2.78
N LYS V 254 20.01 -52.31 -4.06
CA LYS V 254 19.25 -53.22 -4.90
C LYS V 254 19.80 -53.16 -6.31
N VAL V 255 20.03 -54.33 -6.91
CA VAL V 255 20.61 -54.45 -8.24
C VAL V 255 19.56 -55.04 -9.16
N THR V 256 19.43 -54.48 -10.36
CA THR V 256 18.36 -54.85 -11.26
C THR V 256 18.80 -55.72 -12.43
N ALA V 257 20.09 -55.83 -12.71
CA ALA V 257 20.59 -56.73 -13.75
C ALA V 257 19.81 -56.51 -15.04
N LEU V 258 19.99 -55.31 -15.60
CA LEU V 258 19.14 -54.87 -16.71
C LEU V 258 19.19 -55.82 -17.89
N ALA V 259 20.37 -56.27 -18.26
CA ALA V 259 20.50 -57.23 -19.36
C ALA V 259 19.84 -56.70 -20.62
N SER W 2 9.16 -18.54 -0.04
CA SER W 2 8.81 -18.95 -1.44
C SER W 2 8.03 -20.25 -1.43
N ILE W 3 7.66 -20.71 -2.63
CA ILE W 3 6.94 -21.98 -2.74
C ILE W 3 7.91 -23.12 -2.96
N PHE W 4 9.02 -22.87 -3.65
CA PHE W 4 10.01 -23.91 -3.84
C PHE W 4 10.59 -24.39 -2.52
N GLU W 5 10.56 -23.57 -1.48
CA GLU W 5 11.05 -23.96 -0.17
C GLU W 5 10.01 -24.67 0.67
N TYR W 6 8.79 -24.84 0.15
CA TYR W 6 7.75 -25.48 0.96
C TYR W 6 8.13 -26.91 1.29
N ASN W 7 8.56 -27.68 0.30
CA ASN W 7 9.06 -29.03 0.53
C ASN W 7 10.50 -29.09 0.03
N GLY W 8 11.43 -28.71 0.87
CA GLY W 8 12.81 -28.67 0.46
C GLY W 8 13.29 -30.01 -0.06
N SER W 9 14.16 -29.95 -1.06
CA SER W 9 14.66 -31.15 -1.68
C SER W 9 16.05 -30.90 -2.25
N ALA W 10 16.77 -31.98 -2.47
CA ALA W 10 18.06 -31.93 -3.12
C ALA W 10 18.08 -33.01 -4.19
N THR W 11 18.65 -32.70 -5.34
CA THR W 11 18.71 -33.65 -6.44
C THR W 11 19.92 -33.33 -7.27
N VAL W 12 20.65 -34.36 -7.66
CA VAL W 12 21.85 -34.23 -8.48
C VAL W 12 21.86 -35.33 -9.51
N ALA W 13 22.27 -35.01 -10.72
CA ALA W 13 22.56 -35.98 -11.75
C ALA W 13 23.99 -35.77 -12.19
N MET W 14 24.71 -36.86 -12.42
CA MET W 14 26.10 -36.75 -12.76
C MET W 14 26.43 -37.84 -13.78
N VAL W 15 27.32 -37.53 -14.71
CA VAL W 15 27.57 -38.39 -15.86
C VAL W 15 28.96 -38.98 -15.75
N GLY W 16 29.07 -40.28 -15.99
CA GLY W 16 30.31 -41.00 -15.89
C GLY W 16 30.80 -41.49 -17.23
N LYS W 17 31.77 -42.41 -17.18
CA LYS W 17 32.35 -42.90 -18.42
C LYS W 17 31.31 -43.53 -19.31
N ASN W 18 30.55 -44.47 -18.79
CA ASN W 18 29.44 -45.05 -19.53
C ASN W 18 28.25 -45.22 -18.61
N CYS W 19 28.06 -44.29 -17.69
CA CYS W 19 27.21 -44.48 -16.53
C CYS W 19 26.36 -43.23 -16.34
N ILE W 20 25.50 -43.30 -15.34
CA ILE W 20 24.67 -42.17 -14.94
C ILE W 20 24.34 -42.36 -13.48
N ALA W 21 24.54 -41.31 -12.70
CA ALA W 21 24.16 -41.32 -11.31
C ALA W 21 23.19 -40.19 -11.04
N ILE W 22 22.03 -40.54 -10.52
CA ILE W 22 21.03 -39.56 -10.10
C ILE W 22 20.68 -39.85 -8.66
N GLY W 23 20.89 -38.87 -7.79
CA GLY W 23 20.61 -39.04 -6.39
C GLY W 23 19.70 -37.94 -5.91
N SER W 24 19.06 -38.17 -4.77
CA SER W 24 18.11 -37.21 -4.24
C SER W 24 18.00 -37.38 -2.75
N ASP W 25 17.17 -36.54 -2.16
CA ASP W 25 17.03 -36.49 -0.72
C ASP W 25 15.84 -37.37 -0.32
N ARG W 26 15.52 -37.42 0.99
CA ARG W 26 14.39 -38.19 1.47
C ARG W 26 13.39 -37.39 2.28
N ARG W 27 13.74 -36.21 2.77
CA ARG W 27 12.89 -35.56 3.76
C ARG W 27 11.64 -35.03 3.05
N LEU W 28 10.47 -35.48 3.50
CA LEU W 28 9.21 -34.85 3.13
C LEU W 28 8.81 -33.96 4.29
N GLY W 29 8.78 -32.66 4.05
CA GLY W 29 8.53 -31.72 5.12
C GLY W 29 7.77 -30.52 4.64
N VAL W 30 6.78 -30.14 5.44
CA VAL W 30 6.19 -28.81 5.38
C VAL W 30 7.35 -27.91 5.77
N GLN W 31 7.19 -26.60 5.57
CA GLN W 31 8.33 -25.71 5.46
C GLN W 31 9.49 -26.13 6.35
N LEU W 32 9.28 -26.20 7.67
CA LEU W 32 10.37 -26.61 8.54
C LEU W 32 10.14 -28.01 9.11
N GLN W 33 8.92 -28.29 9.54
CA GLN W 33 8.62 -29.58 10.15
C GLN W 33 8.85 -30.70 9.15
N THR W 34 9.55 -31.74 9.58
CA THR W 34 9.66 -32.96 8.79
C THR W 34 8.52 -33.89 9.14
N ILE W 35 7.91 -34.47 8.11
CA ILE W 35 6.75 -35.35 8.30
C ILE W 35 6.96 -36.73 7.72
N ALA W 36 8.12 -37.02 7.16
CA ALA W 36 8.47 -38.37 6.75
C ALA W 36 9.94 -38.37 6.39
N THR W 37 10.47 -39.56 6.12
CA THR W 37 11.87 -39.69 5.77
C THR W 37 12.10 -40.73 4.69
N ASP W 38 11.08 -41.02 3.88
CA ASP W 38 11.27 -41.93 2.76
C ASP W 38 10.55 -41.44 1.52
N PHE W 39 10.46 -40.13 1.34
CA PHE W 39 9.77 -39.57 0.20
C PHE W 39 10.58 -39.87 -1.06
N GLN W 40 9.91 -40.39 -2.09
CA GLN W 40 10.57 -40.76 -3.32
C GLN W 40 10.51 -39.59 -4.28
N ARG W 41 11.67 -39.02 -4.60
CA ARG W 41 11.77 -37.93 -5.55
C ARG W 41 12.42 -38.34 -6.86
N ILE W 42 12.99 -39.53 -6.95
CA ILE W 42 13.55 -40.04 -8.18
C ILE W 42 12.66 -41.16 -8.68
N PHE W 43 12.13 -41.00 -9.90
CA PHE W 43 11.21 -41.96 -10.48
C PHE W 43 11.83 -42.55 -11.75
N GLN W 44 11.64 -43.84 -11.94
CA GLN W 44 12.18 -44.53 -13.10
C GLN W 44 11.14 -44.56 -14.20
N ILE W 45 11.30 -43.70 -15.19
CA ILE W 45 10.40 -43.71 -16.33
C ILE W 45 10.52 -45.01 -17.12
N HIS W 46 11.74 -45.43 -17.39
CA HIS W 46 11.98 -46.76 -17.94
C HIS W 46 13.46 -47.05 -17.73
N ASP W 47 13.85 -48.31 -17.94
CA ASP W 47 15.25 -48.66 -17.82
C ASP W 47 16.06 -47.73 -18.70
N ARG W 48 17.16 -47.22 -18.17
CA ARG W 48 18.05 -46.32 -18.85
C ARG W 48 17.49 -44.92 -18.92
N LEU W 49 16.52 -44.56 -18.10
CA LEU W 49 16.00 -43.21 -18.08
C LEU W 49 15.30 -42.97 -16.75
N PHE W 50 15.81 -42.00 -15.99
CA PHE W 50 15.26 -41.63 -14.70
C PHE W 50 15.03 -40.13 -14.67
N ILE W 51 14.06 -39.70 -13.88
CA ILE W 51 13.76 -38.29 -13.71
C ILE W 51 13.72 -37.97 -12.24
N GLY W 52 14.40 -36.91 -11.85
CA GLY W 52 14.29 -36.41 -10.50
C GLY W 52 13.42 -35.18 -10.49
N LEU W 53 12.46 -35.11 -9.58
CA LEU W 53 11.49 -34.02 -9.54
C LEU W 53 11.67 -33.26 -8.22
N SER W 54 12.48 -32.22 -8.25
CA SER W 54 12.71 -31.42 -7.06
C SER W 54 11.65 -30.35 -6.94
N GLY W 55 11.55 -29.77 -5.75
CA GLY W 55 10.58 -28.73 -5.51
C GLY W 55 9.29 -29.24 -4.90
N LEU W 56 8.18 -28.56 -5.17
CA LEU W 56 6.94 -28.83 -4.47
C LEU W 56 6.49 -30.27 -4.68
N GLY W 57 6.04 -30.92 -3.61
CA GLY W 57 5.70 -32.32 -3.69
C GLY W 57 4.47 -32.61 -4.52
N SER W 58 3.44 -31.78 -4.40
CA SER W 58 2.25 -32.00 -5.20
C SER W 58 2.56 -31.90 -6.68
N ASP W 59 3.32 -30.89 -7.07
CA ASP W 59 3.70 -30.74 -8.46
C ASP W 59 4.60 -31.87 -8.91
N ALA W 60 5.52 -32.32 -8.05
CA ALA W 60 6.35 -33.47 -8.41
C ALA W 60 5.49 -34.67 -8.73
N GLN W 61 4.53 -34.98 -7.87
CA GLN W 61 3.72 -36.17 -8.10
C GLN W 61 2.81 -36.00 -9.31
N THR W 62 2.18 -34.83 -9.46
CA THR W 62 1.33 -34.61 -10.62
C THR W 62 2.12 -34.72 -11.92
N LEU W 63 3.29 -34.10 -11.97
CA LEU W 63 4.07 -34.14 -13.19
C LEU W 63 4.57 -35.55 -13.46
N TYR W 64 4.91 -36.30 -12.42
CA TYR W 64 5.30 -37.68 -12.64
C TYR W 64 4.15 -38.47 -13.24
N GLN W 65 2.94 -38.27 -12.72
CA GLN W 65 1.83 -39.07 -13.20
C GLN W 65 1.45 -38.68 -14.62
N ARG W 66 1.54 -37.40 -14.95
CA ARG W 66 1.33 -36.99 -16.33
C ARG W 66 2.39 -37.60 -17.25
N LEU W 67 3.64 -37.63 -16.81
CA LEU W 67 4.70 -38.18 -17.63
C LEU W 67 4.55 -39.69 -17.80
N VAL W 68 4.14 -40.40 -16.76
CA VAL W 68 3.87 -41.82 -16.91
C VAL W 68 2.73 -42.03 -17.90
N PHE W 69 1.65 -41.28 -17.72
CA PHE W 69 0.54 -41.32 -18.67
C PHE W 69 1.07 -41.25 -20.10
N ARG W 70 1.78 -40.16 -20.41
CA ARG W 70 2.12 -39.91 -21.81
C ARG W 70 3.19 -40.86 -22.30
N HIS W 71 4.15 -41.25 -21.46
CA HIS W 71 5.16 -42.19 -21.92
C HIS W 71 4.57 -43.57 -22.15
N LYS W 72 3.60 -43.97 -21.34
CA LYS W 72 2.94 -45.24 -21.60
C LYS W 72 2.17 -45.20 -22.91
N LEU W 73 1.48 -44.10 -23.18
CA LEU W 73 0.80 -43.97 -24.47
C LEU W 73 1.82 -44.06 -25.61
N TYR W 74 2.91 -43.32 -25.48
CA TYR W 74 3.98 -43.37 -26.47
C TYR W 74 4.44 -44.81 -26.70
N GLN W 75 4.78 -45.50 -25.62
CA GLN W 75 5.35 -46.83 -25.72
C GLN W 75 4.36 -47.79 -26.36
N LEU W 76 3.07 -47.67 -26.04
CA LEU W 76 2.08 -48.50 -26.70
C LEU W 76 2.05 -48.19 -28.18
N ARG W 77 2.09 -46.91 -28.53
CA ARG W 77 1.83 -46.52 -29.92
C ARG W 77 3.01 -46.77 -30.84
N GLU W 78 4.22 -46.91 -30.32
CA GLU W 78 5.34 -47.21 -31.21
C GLU W 78 6.37 -48.16 -30.62
N GLU W 79 6.04 -48.90 -29.57
CA GLU W 79 6.85 -50.03 -29.11
C GLU W 79 8.33 -49.68 -28.98
N ARG W 80 8.64 -48.51 -28.43
CA ARG W 80 10.01 -48.17 -28.13
C ARG W 80 10.03 -47.16 -27.00
N ASP W 81 10.86 -47.40 -26.00
CA ASP W 81 10.91 -46.52 -24.84
C ASP W 81 11.52 -45.18 -25.23
N MET W 82 10.91 -44.11 -24.75
CA MET W 82 11.20 -42.77 -25.22
C MET W 82 12.65 -42.41 -24.89
N LYS W 83 13.42 -42.11 -25.92
CA LYS W 83 14.83 -41.76 -25.82
C LYS W 83 15.01 -40.60 -24.85
N PRO W 84 16.10 -40.55 -24.08
CA PRO W 84 16.22 -39.48 -23.07
C PRO W 84 16.10 -38.09 -23.62
N GLU W 85 16.70 -37.78 -24.77
CA GLU W 85 16.56 -36.44 -25.32
C GLU W 85 15.10 -36.15 -25.65
N THR W 86 14.43 -37.12 -26.26
CA THR W 86 13.03 -36.94 -26.59
C THR W 86 12.21 -36.76 -25.32
N PHE W 87 12.55 -37.48 -24.27
CA PHE W 87 11.81 -37.31 -23.02
C PHE W 87 12.03 -35.92 -22.43
N ALA W 88 13.25 -35.40 -22.52
CA ALA W 88 13.49 -34.04 -22.06
C ALA W 88 12.67 -33.04 -22.85
N ASN W 89 12.57 -33.23 -24.16
CA ASN W 89 11.74 -32.35 -24.97
C ASN W 89 10.28 -32.45 -24.54
N LEU W 90 9.80 -33.67 -24.31
CA LEU W 90 8.40 -33.82 -23.89
C LEU W 90 8.15 -33.14 -22.56
N VAL W 91 9.08 -33.31 -21.61
CA VAL W 91 8.88 -32.72 -20.29
C VAL W 91 8.91 -31.20 -20.39
N SER W 92 9.80 -30.67 -21.21
CA SER W 92 9.83 -29.23 -21.42
C SER W 92 8.52 -28.76 -22.01
N ALA W 93 7.97 -29.50 -22.97
CA ALA W 93 6.68 -29.13 -23.53
C ALA W 93 5.59 -29.14 -22.48
N ILE W 94 5.57 -30.17 -21.63
CA ILE W 94 4.54 -30.26 -20.61
C ILE W 94 4.66 -29.11 -19.63
N LEU W 95 5.88 -28.77 -19.23
CA LEU W 95 6.06 -27.65 -18.30
C LEU W 95 5.63 -26.34 -18.92
N TYR W 96 6.05 -26.09 -20.16
CA TYR W 96 5.73 -24.82 -20.81
C TYR W 96 4.25 -24.71 -21.09
N GLU W 97 3.56 -25.83 -21.26
CA GLU W 97 2.12 -25.79 -21.51
C GLU W 97 1.42 -24.97 -20.44
N LYS W 98 1.90 -25.05 -19.20
CA LYS W 98 1.37 -24.28 -18.08
C LYS W 98 2.16 -23.01 -17.83
N ARG W 99 2.67 -22.40 -18.90
CA ARG W 99 3.55 -21.23 -18.81
C ARG W 99 3.13 -20.26 -17.71
N PHE W 100 1.84 -19.94 -17.64
CA PHE W 100 1.34 -18.90 -16.73
C PHE W 100 0.71 -19.49 -15.48
N GLY W 101 0.80 -20.80 -15.29
CA GLY W 101 0.31 -21.45 -14.10
C GLY W 101 1.30 -22.49 -13.62
N PRO W 102 2.58 -22.18 -13.74
CA PRO W 102 3.59 -23.23 -13.87
C PRO W 102 3.63 -24.16 -12.67
N TYR W 103 3.95 -25.42 -12.97
CA TYR W 103 4.33 -26.34 -11.92
C TYR W 103 5.54 -25.78 -11.20
N PHE W 104 5.53 -25.84 -9.87
CA PHE W 104 6.68 -25.42 -9.08
C PHE W 104 7.62 -26.61 -8.85
N CYS W 105 8.17 -27.10 -9.96
CA CYS W 105 9.05 -28.25 -9.94
C CYS W 105 10.20 -27.97 -10.89
N GLN W 106 11.34 -28.60 -10.63
CA GLN W 106 12.55 -28.43 -11.45
C GLN W 106 13.08 -29.81 -11.81
N PRO W 107 12.43 -30.48 -12.75
CA PRO W 107 12.80 -31.88 -13.01
C PRO W 107 14.25 -31.98 -13.44
N VAL W 108 14.93 -33.01 -12.94
CA VAL W 108 16.27 -33.36 -13.37
C VAL W 108 16.18 -34.71 -14.06
N ILE W 109 16.73 -34.81 -15.26
CA ILE W 109 16.54 -35.97 -16.11
C ILE W 109 17.88 -36.63 -16.32
N ALA W 110 17.87 -37.96 -16.47
CA ALA W 110 19.10 -38.70 -16.63
C ALA W 110 18.78 -40.02 -17.31
N GLY W 111 19.72 -40.51 -18.10
CA GLY W 111 19.54 -41.79 -18.76
C GLY W 111 20.60 -41.97 -19.81
N LEU W 112 20.61 -43.16 -20.39
CA LEU W 112 21.54 -43.50 -21.46
C LEU W 112 20.81 -43.50 -22.79
N GLY W 113 21.43 -42.92 -23.80
CA GLY W 113 20.83 -42.84 -25.11
C GLY W 113 20.57 -44.21 -25.66
N ASP W 114 20.17 -44.24 -26.94
CA ASP W 114 19.97 -45.51 -27.62
C ASP W 114 21.20 -46.40 -27.48
N ASP W 115 22.38 -45.86 -27.78
CA ASP W 115 23.62 -46.51 -27.41
C ASP W 115 23.93 -46.17 -25.95
N ASN W 116 25.15 -46.41 -25.54
CA ASN W 116 25.55 -46.18 -24.16
C ASN W 116 26.06 -44.78 -23.91
N LYS W 117 25.60 -43.81 -24.69
CA LYS W 117 25.94 -42.41 -24.49
C LYS W 117 25.08 -41.82 -23.39
N PRO W 118 25.63 -41.46 -22.23
CA PRO W 118 24.80 -40.89 -21.17
C PRO W 118 24.11 -39.61 -21.62
N PHE W 119 23.20 -39.13 -20.78
CA PHE W 119 22.49 -37.88 -21.01
C PHE W 119 21.92 -37.39 -19.71
N ILE W 120 21.97 -36.07 -19.50
CA ILE W 120 21.40 -35.43 -18.33
C ILE W 120 20.97 -34.02 -18.70
N CYS W 121 19.99 -33.50 -17.98
CA CYS W 121 19.57 -32.13 -18.15
C CYS W 121 18.55 -31.79 -17.07
N THR W 122 18.48 -30.51 -16.73
CA THR W 122 17.49 -30.01 -15.79
C THR W 122 16.77 -28.85 -16.42
N MET W 123 15.65 -28.47 -15.83
CA MET W 123 14.73 -27.54 -16.45
C MET W 123 14.34 -26.45 -15.46
N ASP W 124 14.19 -25.24 -15.97
CA ASP W 124 13.50 -24.20 -15.24
C ASP W 124 12.09 -24.67 -14.92
N SER W 125 11.42 -23.91 -14.06
CA SER W 125 10.04 -24.27 -13.72
C SER W 125 9.12 -24.19 -14.93
N ILE W 126 9.48 -23.37 -15.92
CA ILE W 126 8.62 -23.15 -17.08
C ILE W 126 9.18 -23.83 -18.31
N GLY W 127 10.09 -24.79 -18.12
CA GLY W 127 10.50 -25.67 -19.18
C GLY W 127 11.78 -25.30 -19.89
N ALA W 128 12.55 -24.36 -19.36
CA ALA W 128 13.79 -23.97 -20.03
C ALA W 128 14.88 -24.99 -19.73
N LYS W 129 15.20 -25.83 -20.71
CA LYS W 129 16.23 -26.83 -20.53
C LYS W 129 17.58 -26.15 -20.36
N GLU W 130 18.49 -26.83 -19.67
CA GLU W 130 19.90 -26.46 -19.75
C GLU W 130 20.71 -27.73 -19.61
N LEU W 131 21.34 -28.14 -20.70
CA LEU W 131 22.04 -29.41 -20.79
C LEU W 131 23.48 -29.21 -20.37
N ALA W 132 24.01 -30.16 -19.60
CA ALA W 132 25.40 -30.12 -19.19
C ALA W 132 26.01 -31.49 -19.41
N LYS W 133 27.25 -31.51 -19.87
CA LYS W 133 27.99 -32.73 -20.08
C LYS W 133 28.68 -33.22 -18.82
N ASP W 134 28.56 -32.50 -17.71
CA ASP W 134 29.28 -32.87 -16.50
C ASP W 134 28.35 -33.22 -15.35
N PHE W 135 27.46 -32.33 -14.95
CA PHE W 135 26.55 -32.64 -13.86
C PHE W 135 25.47 -31.58 -13.79
N VAL W 136 24.36 -31.95 -13.16
CA VAL W 136 23.15 -31.13 -13.17
C VAL W 136 22.46 -31.27 -11.82
N VAL W 137 22.17 -30.16 -11.16
CA VAL W 137 21.67 -30.17 -9.80
C VAL W 137 20.42 -29.32 -9.72
N ALA W 138 19.63 -29.56 -8.67
CA ALA W 138 18.37 -28.87 -8.48
C ALA W 138 17.98 -28.99 -7.01
N GLY W 139 16.89 -28.32 -6.66
CA GLY W 139 16.37 -28.38 -5.31
C GLY W 139 16.80 -27.19 -4.48
N THR W 140 16.40 -27.24 -3.21
CA THR W 140 16.71 -26.14 -2.31
C THR W 140 18.16 -26.17 -1.83
N ALA W 141 18.83 -27.29 -1.97
CA ALA W 141 20.27 -27.41 -1.73
C ALA W 141 21.05 -27.12 -2.94
N SER W 142 20.51 -26.24 -3.79
CA SER W 142 21.04 -26.07 -5.13
C SER W 142 22.50 -25.66 -5.11
N GLU W 143 22.81 -24.47 -4.58
CA GLU W 143 24.15 -23.94 -4.77
C GLU W 143 25.18 -24.66 -3.92
N SER W 144 24.78 -25.15 -2.75
CA SER W 144 25.68 -26.05 -2.03
C SER W 144 26.06 -27.22 -2.92
N LEU W 145 25.08 -27.75 -3.67
CA LEU W 145 25.37 -28.83 -4.60
C LEU W 145 26.25 -28.38 -5.74
N TYR W 146 26.03 -27.16 -6.26
CA TYR W 146 26.88 -26.69 -7.34
C TYR W 146 28.33 -26.66 -6.88
N GLY W 147 28.58 -26.09 -5.71
CA GLY W 147 29.93 -26.03 -5.21
C GLY W 147 30.51 -27.41 -4.97
N ALA W 148 29.76 -28.27 -4.28
CA ALA W 148 30.28 -29.59 -3.96
C ALA W 148 30.63 -30.35 -5.23
N CYS W 149 29.68 -30.46 -6.15
CA CYS W 149 29.96 -31.20 -7.37
C CYS W 149 31.09 -30.58 -8.16
N GLU W 150 31.27 -29.27 -8.08
CA GLU W 150 32.45 -28.73 -8.81
C GLU W 150 33.73 -29.27 -8.19
N SER W 151 33.84 -29.22 -6.88
CA SER W 151 35.09 -29.58 -6.18
C SER W 151 35.34 -31.06 -6.07
N MET W 152 34.42 -31.92 -6.46
CA MET W 152 34.61 -33.36 -6.22
C MET W 152 34.44 -34.16 -7.51
N TYR W 153 34.20 -33.51 -8.64
CA TYR W 153 34.07 -34.21 -9.94
C TYR W 153 35.43 -34.49 -10.57
N LYS W 154 35.57 -35.65 -11.20
CA LYS W 154 36.83 -36.02 -11.88
C LYS W 154 36.46 -36.64 -13.23
N PRO W 155 36.44 -35.90 -14.34
CA PRO W 155 35.99 -36.41 -15.60
C PRO W 155 36.21 -37.89 -15.91
N ASP W 156 35.15 -38.62 -16.30
CA ASP W 156 35.24 -40.04 -16.76
C ASP W 156 35.30 -41.02 -15.59
N MET W 157 34.62 -40.69 -14.49
CA MET W 157 34.65 -41.55 -13.29
C MET W 157 34.04 -42.89 -13.66
N GLU W 158 34.70 -43.96 -13.26
CA GLU W 158 34.23 -45.31 -13.66
C GLU W 158 33.06 -45.66 -12.77
N PRO W 159 32.21 -46.64 -13.15
CA PRO W 159 31.13 -47.06 -12.30
C PRO W 159 31.71 -47.46 -10.95
N GLU W 160 31.26 -46.87 -9.86
CA GLU W 160 31.72 -47.16 -8.47
C GLU W 160 32.36 -45.90 -7.94
N GLU W 161 33.51 -45.51 -8.49
CA GLU W 161 34.00 -44.20 -8.03
C GLU W 161 32.92 -43.13 -8.28
N LEU W 162 32.03 -43.32 -9.26
CA LEU W 162 30.96 -42.32 -9.41
C LEU W 162 30.08 -42.46 -8.20
N PHE W 163 29.64 -43.69 -7.91
CA PHE W 163 28.71 -43.88 -6.79
C PHE W 163 29.27 -43.07 -5.67
N GLU W 164 30.57 -43.13 -5.56
CA GLU W 164 31.17 -42.49 -4.40
C GLU W 164 31.19 -40.99 -4.53
N THR W 165 31.56 -40.48 -5.71
CA THR W 165 31.64 -39.03 -5.89
C THR W 165 30.29 -38.37 -5.73
N VAL W 166 29.25 -38.96 -6.33
CA VAL W 166 27.92 -38.36 -6.25
C VAL W 166 27.35 -38.50 -4.85
N SER W 167 27.57 -39.65 -4.20
CA SER W 167 27.11 -39.80 -2.83
C SER W 167 27.76 -38.76 -1.93
N GLN W 168 29.07 -38.56 -2.07
CA GLN W 168 29.74 -37.59 -1.22
C GLN W 168 29.28 -36.17 -1.50
N ALA W 169 29.12 -35.82 -2.78
CA ALA W 169 28.64 -34.49 -3.12
C ALA W 169 27.26 -34.25 -2.53
N LEU W 170 26.36 -35.21 -2.69
CA LEU W 170 25.00 -35.07 -2.18
C LEU W 170 25.00 -34.96 -0.66
N GLN W 171 25.74 -35.85 0.02
CA GLN W 171 25.74 -35.82 1.47
C GLN W 171 26.28 -34.49 2.00
N ALA W 172 27.43 -34.05 1.47
CA ALA W 172 28.03 -32.82 1.95
C ALA W 172 27.12 -31.63 1.69
N SER W 173 26.51 -31.57 0.50
CA SER W 173 25.72 -30.40 0.16
C SER W 173 24.34 -30.42 0.79
N VAL W 174 23.85 -31.57 1.24
CA VAL W 174 22.56 -31.59 1.91
C VAL W 174 22.74 -31.45 3.41
N ASP W 175 23.93 -31.71 3.95
CA ASP W 175 24.17 -31.45 5.36
C ASP W 175 24.31 -29.96 5.65
N ARG W 176 24.68 -29.15 4.66
CA ARG W 176 24.73 -27.71 4.81
C ARG W 176 23.39 -27.06 4.52
N ASP W 177 22.32 -27.83 4.49
CA ASP W 177 20.98 -27.35 4.19
C ASP W 177 20.03 -27.90 5.23
N CYS W 178 19.22 -27.02 5.82
CA CYS W 178 18.30 -27.46 6.87
C CYS W 178 16.93 -27.83 6.34
N LEU W 179 16.68 -27.63 5.06
CA LEU W 179 15.43 -28.06 4.45
C LEU W 179 15.55 -29.39 3.72
N SER W 180 16.68 -30.08 3.81
CA SER W 180 16.88 -31.30 3.06
C SER W 180 17.73 -32.25 3.86
N GLY W 181 17.45 -33.54 3.73
CA GLY W 181 18.33 -34.55 4.29
C GLY W 181 17.59 -35.78 4.75
N TRP W 182 17.85 -36.22 5.97
CA TRP W 182 17.21 -37.41 6.50
C TRP W 182 17.50 -38.60 5.60
N GLY W 183 18.76 -38.72 5.19
CA GLY W 183 19.17 -39.84 4.40
C GLY W 183 19.57 -39.46 3.00
N GLY W 184 19.27 -40.32 2.04
CA GLY W 184 19.58 -40.04 0.66
C GLY W 184 19.39 -41.28 -0.17
N HIS W 185 19.00 -41.06 -1.42
CA HIS W 185 18.67 -42.13 -2.34
C HIS W 185 19.49 -41.92 -3.59
N VAL W 186 20.12 -42.96 -4.10
CA VAL W 186 21.01 -42.84 -5.24
C VAL W 186 20.80 -44.01 -6.19
N TYR W 187 20.79 -43.71 -7.48
CA TYR W 187 20.76 -44.72 -8.53
C TYR W 187 22.04 -44.62 -9.35
N ILE W 188 22.57 -45.75 -9.75
CA ILE W 188 23.64 -45.82 -10.75
C ILE W 188 23.11 -46.61 -11.92
N VAL W 189 23.08 -45.98 -13.09
CA VAL W 189 22.62 -46.63 -14.31
C VAL W 189 23.85 -47.03 -15.11
N THR W 190 23.90 -48.28 -15.52
CA THR W 190 24.93 -48.77 -16.42
C THR W 190 24.25 -49.59 -17.49
N PRO W 191 24.85 -49.67 -18.68
CA PRO W 191 24.17 -50.38 -19.77
C PRO W 191 23.74 -51.79 -19.42
N THR W 192 24.26 -52.37 -18.34
CA THR W 192 23.98 -53.74 -17.97
C THR W 192 23.40 -53.90 -16.58
N GLU W 193 23.40 -52.87 -15.75
CA GLU W 193 22.88 -52.97 -14.40
C GLU W 193 22.33 -51.64 -13.95
N ILE W 194 21.42 -51.69 -12.98
CA ILE W 194 20.96 -50.52 -12.24
C ILE W 194 21.17 -50.82 -10.78
N LYS W 195 21.99 -50.01 -10.11
CA LYS W 195 22.33 -50.22 -8.71
C LYS W 195 21.72 -49.10 -7.89
N GLU W 196 20.63 -49.40 -7.19
CA GLU W 196 19.93 -48.42 -6.38
C GLU W 196 20.43 -48.53 -4.95
N HIS W 197 20.92 -47.43 -4.40
CA HIS W 197 21.44 -47.39 -3.04
C HIS W 197 20.61 -46.43 -2.22
N ILE W 198 20.41 -46.78 -0.95
CA ILE W 198 19.84 -45.86 0.02
C ILE W 198 20.91 -45.56 1.06
N LEU W 199 21.44 -44.35 1.02
CA LEU W 199 22.55 -43.96 1.87
C LEU W 199 22.02 -43.59 3.24
N LYS W 200 22.79 -43.88 4.27
CA LYS W 200 22.44 -43.38 5.60
C LYS W 200 23.19 -42.09 5.88
N GLY W 201 22.54 -41.20 6.62
CA GLY W 201 23.17 -39.94 6.92
C GLY W 201 22.56 -39.31 8.14
N ARG W 202 23.02 -38.09 8.44
CA ARG W 202 22.46 -37.34 9.55
C ARG W 202 20.95 -37.26 9.43
N MET W 203 20.28 -37.80 10.45
CA MET W 203 18.84 -37.72 10.57
C MET W 203 18.44 -36.54 11.44
N ASP W 204 18.86 -35.33 11.08
CA ASP W 204 18.53 -34.15 11.86
C ASP W 204 18.53 -32.90 11.01
N MET X 1 -6.46 -25.31 13.00
CA MET X 1 -6.76 -25.56 14.44
C MET X 1 -7.24 -26.97 14.69
N GLU X 2 -8.23 -27.41 13.91
CA GLU X 2 -8.73 -28.77 14.04
C GLU X 2 -7.58 -29.75 14.05
N CYS X 3 -7.41 -30.47 15.15
CA CYS X 3 -6.31 -31.40 15.31
C CYS X 3 -6.78 -32.81 14.98
N VAL X 4 -5.99 -33.50 14.17
CA VAL X 4 -6.22 -34.91 13.88
C VAL X 4 -4.86 -35.57 13.72
N PHE X 5 -4.74 -36.80 14.19
CA PHE X 5 -3.50 -37.53 14.06
C PHE X 5 -3.80 -39.02 13.99
N GLY X 6 -2.86 -39.75 13.42
CA GLY X 6 -3.10 -41.14 13.09
C GLY X 6 -1.89 -41.97 13.47
N LEU X 7 -1.97 -43.25 13.12
CA LEU X 7 -1.05 -44.23 13.65
C LEU X 7 -1.38 -45.58 13.02
N VAL X 8 -0.35 -46.39 12.81
CA VAL X 8 -0.53 -47.73 12.27
C VAL X 8 0.10 -48.72 13.24
N GLY X 9 -0.71 -49.63 13.75
CA GLY X 9 -0.28 -50.59 14.69
C GLY X 9 -0.16 -51.97 14.09
N ASN X 10 -0.39 -52.98 14.92
CA ASN X 10 -0.10 -54.35 14.53
C ASN X 10 -0.88 -54.74 13.28
N GLY X 11 -2.20 -54.83 13.40
CA GLY X 11 -3.03 -55.18 12.25
C GLY X 11 -4.19 -54.22 12.11
N PHE X 12 -3.96 -52.98 12.48
CA PHE X 12 -5.01 -51.98 12.56
C PHE X 12 -4.41 -50.60 12.28
N ALA X 13 -5.26 -49.59 12.28
CA ALA X 13 -4.84 -48.21 12.21
C ALA X 13 -5.77 -47.39 13.09
N ILE X 14 -5.27 -46.28 13.61
CA ILE X 14 -5.99 -45.51 14.60
C ILE X 14 -5.93 -44.04 14.24
N ILE X 15 -7.09 -43.41 14.12
CA ILE X 15 -7.20 -41.98 13.85
C ILE X 15 -7.90 -41.32 15.03
N ALA X 16 -7.32 -40.25 15.54
CA ALA X 16 -7.92 -39.49 16.61
C ALA X 16 -7.99 -38.03 16.20
N ALA X 17 -9.06 -37.34 16.57
CA ALA X 17 -9.29 -35.97 16.17
C ALA X 17 -10.18 -35.28 17.18
N ASP X 18 -9.87 -34.02 17.48
CA ASP X 18 -10.71 -33.29 18.40
C ASP X 18 -12.11 -33.15 17.81
N THR X 19 -13.07 -32.94 18.69
CA THR X 19 -14.47 -32.84 18.28
C THR X 19 -15.11 -31.53 18.68
N SER X 20 -14.34 -30.46 18.81
CA SER X 20 -14.92 -29.15 19.00
C SER X 20 -15.28 -28.55 17.66
N ALA X 21 -16.34 -27.74 17.67
CA ALA X 21 -16.80 -27.01 16.49
C ALA X 21 -16.84 -25.54 16.85
N VAL X 22 -15.88 -24.78 16.37
CA VAL X 22 -15.62 -23.44 16.89
C VAL X 22 -15.90 -22.40 15.83
N ASN X 23 -16.56 -21.32 16.25
CA ASN X 23 -16.62 -20.08 15.49
C ASN X 23 -15.36 -19.32 15.91
N SER X 24 -15.30 -18.03 15.61
CA SER X 24 -14.11 -17.24 15.92
C SER X 24 -13.57 -17.54 17.31
N ILE X 25 -14.38 -17.25 18.34
CA ILE X 25 -13.93 -17.42 19.73
C ILE X 25 -14.88 -18.25 20.55
N LEU X 26 -15.77 -19.00 19.92
CA LEU X 26 -16.91 -19.58 20.61
C LEU X 26 -17.02 -21.05 20.22
N VAL X 27 -17.34 -21.90 21.19
CA VAL X 27 -17.44 -23.33 20.94
C VAL X 27 -18.91 -23.69 20.79
N HIS X 28 -19.40 -23.69 19.55
CA HIS X 28 -20.81 -23.97 19.31
C HIS X 28 -21.14 -25.42 19.65
N LYS X 29 -20.25 -26.34 19.30
CA LYS X 29 -20.48 -27.75 19.58
C LYS X 29 -19.18 -28.41 19.99
N THR X 30 -19.24 -29.15 21.09
CA THR X 30 -18.11 -29.95 21.56
C THR X 30 -18.34 -31.43 21.35
N ASN X 31 -19.05 -31.78 20.28
CA ASN X 31 -19.44 -33.16 20.00
C ASN X 31 -19.34 -33.47 18.51
N GLU X 32 -18.63 -32.65 17.76
CA GLU X 32 -18.57 -32.74 16.31
C GLU X 32 -17.64 -33.88 15.93
N ASP X 33 -18.21 -34.93 15.34
CA ASP X 33 -17.43 -36.09 14.92
C ASP X 33 -16.81 -35.80 13.57
N LYS X 34 -15.49 -35.70 13.53
CA LYS X 34 -14.78 -35.27 12.34
C LYS X 34 -14.11 -36.41 11.58
N ILE X 35 -14.37 -37.66 11.94
CA ILE X 35 -13.82 -38.82 11.27
C ILE X 35 -14.98 -39.57 10.66
N MET X 36 -14.99 -39.70 9.34
CA MET X 36 -16.08 -40.38 8.67
C MET X 36 -15.66 -41.76 8.21
N LYS X 37 -16.57 -42.72 8.36
CA LYS X 37 -16.37 -44.03 7.77
C LYS X 37 -16.50 -43.86 6.27
N LEU X 38 -15.37 -43.65 5.59
CA LEU X 38 -15.42 -43.51 4.15
C LEU X 38 -15.97 -44.78 3.51
N ASP X 39 -15.92 -45.89 4.21
CA ASP X 39 -16.20 -47.20 3.64
C ASP X 39 -16.15 -48.19 4.80
N SER X 40 -16.56 -49.42 4.52
CA SER X 40 -16.59 -50.41 5.58
C SER X 40 -15.22 -50.62 6.20
N HIS X 41 -14.14 -50.28 5.49
CA HIS X 41 -12.79 -50.52 5.96
C HIS X 41 -11.86 -49.33 5.74
N LYS X 42 -12.39 -48.11 5.76
CA LYS X 42 -11.57 -46.93 5.58
C LYS X 42 -12.10 -45.80 6.44
N LEU X 43 -11.20 -44.94 6.89
CA LEU X 43 -11.54 -43.77 7.67
C LEU X 43 -10.91 -42.57 6.99
N MET X 44 -11.55 -41.41 7.09
CA MET X 44 -10.99 -40.19 6.54
C MET X 44 -11.14 -39.08 7.54
N GLY X 45 -10.11 -38.87 8.35
CA GLY X 45 -10.07 -37.74 9.26
C GLY X 45 -9.51 -36.55 8.53
N ALA X 46 -10.17 -35.41 8.69
CA ALA X 46 -9.79 -34.23 7.94
C ALA X 46 -9.68 -33.04 8.88
N SER X 47 -8.94 -32.03 8.44
CA SER X 47 -8.72 -30.85 9.26
C SER X 47 -8.55 -29.66 8.32
N GLY X 48 -9.46 -28.70 8.41
CA GLY X 48 -9.43 -27.54 7.54
C GLY X 48 -10.54 -26.58 7.87
N GLU X 49 -11.17 -26.00 6.86
CA GLU X 49 -12.38 -25.24 7.09
C GLU X 49 -13.56 -26.19 7.22
N ALA X 50 -14.55 -25.80 8.03
CA ALA X 50 -15.68 -26.68 8.25
C ALA X 50 -16.43 -26.96 6.97
N GLY X 51 -16.74 -25.91 6.20
CA GLY X 51 -17.45 -26.13 4.95
C GLY X 51 -16.62 -26.96 3.97
N ASP X 52 -15.35 -26.60 3.82
CA ASP X 52 -14.51 -27.35 2.90
C ASP X 52 -14.37 -28.79 3.35
N ARG X 53 -14.11 -29.00 4.63
CA ARG X 53 -14.02 -30.37 5.15
C ARG X 53 -15.26 -31.17 4.80
N VAL X 54 -16.43 -30.68 5.20
CA VAL X 54 -17.63 -31.47 5.01
C VAL X 54 -17.88 -31.72 3.54
N GLN X 55 -17.84 -30.67 2.72
CA GLN X 55 -18.18 -30.83 1.31
C GLN X 55 -17.21 -31.77 0.62
N PHE X 56 -15.91 -31.62 0.87
CA PHE X 56 -14.95 -32.44 0.15
C PHE X 56 -15.02 -33.89 0.60
N THR X 57 -15.06 -34.14 1.91
CA THR X 57 -15.11 -35.52 2.34
C THR X 57 -16.39 -36.19 1.86
N GLU X 58 -17.52 -35.46 1.84
CA GLU X 58 -18.74 -36.03 1.30
C GLU X 58 -18.60 -36.33 -0.18
N PHE X 59 -17.92 -35.46 -0.93
CA PHE X 59 -17.69 -35.71 -2.35
C PHE X 59 -16.88 -36.98 -2.56
N VAL X 60 -15.81 -37.15 -1.79
CA VAL X 60 -14.99 -38.34 -1.93
C VAL X 60 -15.78 -39.57 -1.53
N GLN X 61 -16.64 -39.46 -0.52
CA GLN X 61 -17.47 -40.61 -0.16
C GLN X 61 -18.47 -40.94 -1.26
N LYS X 62 -19.04 -39.92 -1.91
CA LYS X 62 -19.89 -40.16 -3.06
C LYS X 62 -19.16 -40.97 -4.11
N ASN X 63 -17.94 -40.54 -4.46
CA ASN X 63 -17.19 -41.27 -5.49
C ASN X 63 -16.82 -42.67 -5.04
N VAL X 64 -16.45 -42.85 -3.77
CA VAL X 64 -16.09 -44.17 -3.29
C VAL X 64 -17.29 -45.11 -3.39
N SER X 65 -18.45 -44.66 -2.92
CA SER X 65 -19.62 -45.52 -2.95
C SER X 65 -20.07 -45.79 -4.38
N LEU X 66 -19.94 -44.80 -5.26
CA LEU X 66 -20.26 -45.02 -6.65
C LEU X 66 -19.36 -46.10 -7.25
N TYR X 67 -18.06 -46.04 -6.96
CA TYR X 67 -17.17 -47.07 -7.47
C TYR X 67 -17.54 -48.44 -6.93
N GLN X 68 -17.84 -48.50 -5.63
CA GLN X 68 -18.20 -49.79 -5.04
C GLN X 68 -19.41 -50.38 -5.72
N PHE X 69 -20.42 -49.57 -5.99
CA PHE X 69 -21.59 -50.08 -6.69
C PHE X 69 -21.25 -50.45 -8.12
N ARG X 70 -20.49 -49.60 -8.80
CA ARG X 70 -20.30 -49.76 -10.23
C ARG X 70 -19.53 -51.04 -10.54
N ASN X 71 -18.54 -51.37 -9.71
CA ASN X 71 -17.68 -52.50 -10.03
C ASN X 71 -17.88 -53.70 -9.11
N GLY X 72 -18.52 -53.54 -7.96
CA GLY X 72 -18.74 -54.66 -7.06
C GLY X 72 -17.66 -54.81 -6.03
N ILE X 73 -16.44 -54.39 -6.35
CA ILE X 73 -15.28 -54.55 -5.49
C ILE X 73 -14.85 -53.18 -5.00
N PRO X 74 -14.82 -52.93 -3.69
CA PRO X 74 -14.54 -51.57 -3.22
C PRO X 74 -13.14 -51.11 -3.57
N LEU X 75 -12.99 -49.80 -3.68
CA LEU X 75 -11.67 -49.23 -3.90
C LEU X 75 -10.72 -49.67 -2.80
N THR X 76 -9.53 -50.10 -3.19
CA THR X 76 -8.51 -50.37 -2.20
C THR X 76 -7.98 -49.07 -1.62
N THR X 77 -7.43 -49.17 -0.41
CA THR X 77 -7.10 -47.95 0.33
C THR X 77 -6.11 -47.09 -0.45
N ALA X 78 -5.13 -47.72 -1.09
CA ALA X 78 -4.19 -46.95 -1.89
C ALA X 78 -4.90 -46.25 -3.04
N ALA X 79 -5.83 -46.93 -3.69
CA ALA X 79 -6.58 -46.29 -4.76
C ALA X 79 -7.44 -45.15 -4.23
N ALA X 80 -8.07 -45.33 -3.08
CA ALA X 80 -8.88 -44.26 -2.51
C ALA X 80 -8.03 -43.05 -2.17
N ALA X 81 -6.86 -43.28 -1.58
CA ALA X 81 -5.98 -42.17 -1.24
C ALA X 81 -5.47 -41.48 -2.49
N ASN X 82 -5.14 -42.25 -3.53
CA ASN X 82 -4.67 -41.64 -4.76
C ASN X 82 -5.77 -40.85 -5.45
N PHE X 83 -7.00 -41.36 -5.41
CA PHE X 83 -8.12 -40.61 -5.96
C PHE X 83 -8.33 -39.31 -5.21
N THR X 84 -8.26 -39.37 -3.88
CA THR X 84 -8.39 -38.14 -3.10
C THR X 84 -7.32 -37.15 -3.46
N ARG X 85 -6.08 -37.61 -3.57
CA ARG X 85 -5.00 -36.71 -3.93
C ARG X 85 -5.23 -36.11 -5.31
N GLY X 86 -5.66 -36.94 -6.26
CA GLY X 86 -5.89 -36.43 -7.59
C GLY X 86 -6.95 -35.36 -7.62
N GLU X 87 -8.07 -35.59 -6.94
CA GLU X 87 -9.12 -34.61 -6.92
C GLU X 87 -8.65 -33.31 -6.26
N LEU X 88 -7.98 -33.44 -5.11
CA LEU X 88 -7.54 -32.24 -4.43
C LEU X 88 -6.53 -31.47 -5.25
N ALA X 89 -5.65 -32.17 -5.97
CA ALA X 89 -4.69 -31.49 -6.83
C ALA X 89 -5.37 -30.79 -7.98
N THR X 90 -6.34 -31.43 -8.62
CA THR X 90 -7.05 -30.78 -9.71
C THR X 90 -7.82 -29.57 -9.24
N ALA X 91 -8.32 -29.60 -7.99
CA ALA X 91 -9.00 -28.44 -7.45
C ALA X 91 -8.02 -27.40 -6.92
N LEU X 92 -6.74 -27.76 -6.83
CA LEU X 92 -5.76 -26.87 -6.21
C LEU X 92 -5.67 -25.53 -6.94
N ARG X 93 -5.69 -25.56 -8.27
CA ARG X 93 -5.48 -24.35 -9.06
C ARG X 93 -6.77 -23.79 -9.65
N LYS X 94 -7.92 -24.33 -9.28
CA LYS X 94 -9.19 -23.82 -9.78
C LYS X 94 -10.02 -23.18 -8.66
N ASN X 95 -10.25 -23.93 -7.60
CA ASN X 95 -11.08 -23.47 -6.49
C ASN X 95 -10.69 -24.22 -5.22
N PRO X 96 -9.54 -23.88 -4.64
CA PRO X 96 -8.89 -24.80 -3.72
C PRO X 96 -9.81 -25.21 -2.58
N TYR X 97 -9.71 -26.47 -2.19
CA TYR X 97 -10.21 -26.93 -0.90
C TYR X 97 -9.11 -26.73 0.12
N SER X 98 -9.50 -26.33 1.33
CA SER X 98 -8.53 -26.08 2.37
C SER X 98 -8.47 -27.17 3.42
N VAL X 99 -8.66 -28.43 3.03
CA VAL X 99 -8.69 -29.51 4.01
C VAL X 99 -7.41 -30.31 3.93
N ASN X 100 -6.92 -30.74 5.09
CA ASN X 100 -5.88 -31.74 5.17
C ASN X 100 -6.52 -33.07 5.54
N ILE X 101 -6.04 -34.15 4.95
CA ILE X 101 -6.70 -35.44 5.06
C ILE X 101 -5.73 -36.47 5.60
N ILE X 102 -6.21 -37.29 6.53
CA ILE X 102 -5.53 -38.50 6.97
C ILE X 102 -6.47 -39.65 6.68
N LEU X 103 -6.03 -40.57 5.82
CA LEU X 103 -6.87 -41.68 5.38
C LEU X 103 -6.25 -42.97 5.87
N ALA X 104 -7.00 -43.70 6.70
CA ALA X 104 -6.59 -45.01 7.17
C ALA X 104 -7.56 -46.04 6.65
N GLY X 105 -7.07 -47.24 6.41
CA GLY X 105 -7.92 -48.31 5.96
C GLY X 105 -7.20 -49.63 6.02
N PHE X 106 -7.98 -50.68 6.20
CA PHE X 106 -7.46 -52.03 6.23
C PHE X 106 -7.80 -52.73 4.93
N ASP X 107 -6.78 -53.15 4.20
CA ASP X 107 -6.97 -53.85 2.93
C ASP X 107 -6.72 -55.33 3.13
N GLN X 108 -7.73 -56.18 2.96
CA GLN X 108 -7.59 -57.61 3.34
C GLN X 108 -6.19 -58.19 3.14
N ASP X 109 -5.54 -57.90 2.03
CA ASP X 109 -4.25 -58.57 1.73
C ASP X 109 -3.06 -57.79 2.30
N THR X 110 -2.91 -56.51 1.99
CA THR X 110 -1.71 -55.77 2.43
C THR X 110 -1.62 -55.65 3.96
N GLY X 111 -2.69 -55.24 4.63
CA GLY X 111 -2.70 -55.11 6.11
C GLY X 111 -3.19 -53.75 6.53
N PRO X 112 -2.80 -53.22 7.69
CA PRO X 112 -3.17 -51.87 8.03
C PRO X 112 -2.46 -50.88 7.11
N SER X 113 -2.94 -49.64 6.98
CA SER X 113 -2.25 -48.63 6.13
C SER X 113 -2.68 -47.19 6.42
N LEU X 114 -1.86 -46.38 7.09
CA LEU X 114 -2.26 -44.96 7.23
C LEU X 114 -1.62 -44.17 6.11
N TYR X 115 -2.32 -43.16 5.60
CA TYR X 115 -1.81 -42.33 4.50
C TYR X 115 -2.00 -40.86 4.90
N PHE X 116 -1.01 -40.01 4.63
CA PHE X 116 -1.03 -38.57 5.00
C PHE X 116 -1.28 -37.75 3.76
N ILE X 117 -2.33 -36.92 3.70
CA ILE X 117 -2.53 -36.01 2.53
C ILE X 117 -2.67 -34.59 3.05
N ASP X 118 -2.04 -33.61 2.42
CA ASP X 118 -2.04 -32.22 2.96
C ASP X 118 -2.83 -31.25 2.08
N TYR X 119 -3.01 -30.00 2.51
CA TYR X 119 -3.84 -29.05 1.74
C TYR X 119 -3.31 -29.06 0.31
N ILE X 120 -2.01 -28.90 0.11
CA ILE X 120 -1.40 -29.07 -1.22
C ILE X 120 -1.23 -30.57 -1.24
N ALA X 121 -1.80 -31.27 -2.22
CA ALA X 121 -1.86 -32.75 -2.16
C ALA X 121 -0.50 -33.44 -2.13
N THR X 122 -0.09 -33.97 -0.98
CA THR X 122 1.17 -34.75 -0.86
C THR X 122 0.83 -36.03 -0.11
N LEU X 123 0.90 -37.18 -0.75
CA LEU X 123 0.51 -38.44 -0.09
C LEU X 123 1.76 -39.16 0.35
N HIS X 124 1.71 -39.83 1.48
CA HIS X 124 2.87 -40.68 1.85
C HIS X 124 2.42 -41.76 2.81
N LYS X 125 2.60 -43.00 2.41
CA LYS X 125 2.30 -44.07 3.36
C LYS X 125 3.17 -43.79 4.56
N VAL X 126 2.56 -43.57 5.71
CA VAL X 126 3.33 -43.21 6.92
C VAL X 126 2.84 -44.11 8.05
N ASP X 127 3.68 -44.34 9.04
CA ASP X 127 3.30 -45.21 10.18
C ASP X 127 2.87 -44.32 11.36
N LYS X 128 2.81 -43.00 11.18
CA LYS X 128 2.33 -42.07 12.22
C LYS X 128 2.09 -40.71 11.56
N ALA X 129 1.03 -39.96 11.89
CA ALA X 129 0.90 -38.63 11.26
C ALA X 129 0.25 -37.63 12.21
N ALA X 130 0.08 -36.38 11.78
CA ALA X 130 -0.63 -35.39 12.63
C ALA X 130 -0.84 -34.05 11.92
N PHE X 131 -2.04 -33.45 12.04
CA PHE X 131 -2.34 -32.15 11.45
C PHE X 131 -2.83 -31.23 12.56
N GLY X 132 -2.69 -29.94 12.32
CA GLY X 132 -3.05 -28.96 13.33
C GLY X 132 -1.87 -28.60 14.20
N TYR X 133 -2.13 -27.71 15.15
CA TYR X 133 -1.09 -27.30 16.09
C TYR X 133 -0.68 -28.43 17.01
N GLY X 134 -1.58 -29.37 17.29
CA GLY X 134 -1.23 -30.50 18.12
C GLY X 134 -0.34 -31.51 17.43
N SER X 135 -0.01 -31.28 16.16
CA SER X 135 0.83 -32.20 15.44
C SER X 135 2.22 -32.28 16.05
N TYR X 136 2.71 -31.18 16.62
CA TYR X 136 4.03 -31.22 17.24
C TYR X 136 4.09 -32.25 18.35
N PHE X 137 3.16 -32.14 19.30
CA PHE X 137 3.15 -33.06 20.42
C PHE X 137 2.83 -34.47 19.96
N ALA X 138 1.87 -34.61 19.04
CA ALA X 138 1.53 -35.93 18.54
C ALA X 138 2.76 -36.63 17.97
N LEU X 139 3.49 -35.94 17.09
CA LEU X 139 4.62 -36.56 16.42
C LEU X 139 5.78 -36.81 17.38
N ALA X 140 6.07 -35.87 18.27
CA ALA X 140 7.13 -36.13 19.24
C ALA X 140 6.80 -37.36 20.06
N MET X 141 5.61 -37.41 20.67
CA MET X 141 5.24 -38.59 21.46
C MET X 141 5.37 -39.86 20.64
N MET X 142 4.75 -39.89 19.46
CA MET X 142 4.73 -41.13 18.69
C MET X 142 6.14 -41.58 18.37
N ASP X 143 6.99 -40.67 17.87
CA ASP X 143 8.36 -41.03 17.60
C ASP X 143 9.02 -41.60 18.85
N ARG X 144 8.62 -41.13 20.03
CA ARG X 144 9.29 -41.58 21.29
C ARG X 144 9.01 -43.05 21.60
N HIS X 145 7.74 -43.48 21.70
CA HIS X 145 7.45 -44.88 22.14
C HIS X 145 6.79 -45.76 21.08
N TYR X 146 6.77 -45.36 19.81
CA TYR X 146 6.05 -46.15 18.77
C TYR X 146 6.81 -47.42 18.39
N ARG X 147 6.09 -48.50 18.10
CA ARG X 147 6.71 -49.76 17.61
C ARG X 147 5.91 -50.21 16.37
N SER X 148 6.57 -50.65 15.31
CA SER X 148 5.91 -51.10 14.09
C SER X 148 4.87 -52.19 14.35
N ASP X 149 5.02 -52.94 15.44
CA ASP X 149 4.08 -54.01 15.78
C ASP X 149 3.32 -53.68 17.06
N MET X 150 3.07 -52.41 17.30
CA MET X 150 2.50 -51.97 18.56
C MET X 150 1.01 -52.27 18.61
N SER X 151 0.58 -53.00 19.64
CA SER X 151 -0.74 -53.62 19.61
C SER X 151 -1.83 -52.60 19.87
N VAL X 152 -3.05 -53.10 20.07
CA VAL X 152 -4.23 -52.24 20.18
C VAL X 152 -4.20 -51.47 21.49
N ASP X 153 -4.13 -52.20 22.60
CA ASP X 153 -4.17 -51.55 23.90
C ASP X 153 -3.02 -50.58 24.09
N GLU X 154 -1.81 -50.98 23.69
CA GLU X 154 -0.65 -50.11 23.86
C GLU X 154 -0.67 -48.96 22.87
N ALA X 155 -1.14 -49.19 21.65
CA ALA X 155 -1.28 -48.07 20.72
C ALA X 155 -2.26 -47.05 21.25
N ILE X 156 -3.36 -47.52 21.85
CA ILE X 156 -4.35 -46.60 22.38
C ILE X 156 -3.84 -45.90 23.63
N LYS X 157 -3.03 -46.58 24.43
CA LYS X 157 -2.38 -45.89 25.52
C LYS X 157 -1.52 -44.75 25.00
N LEU X 158 -0.79 -45.01 23.92
CA LEU X 158 0.01 -43.95 23.31
C LEU X 158 -0.88 -42.81 22.83
N VAL X 159 -2.02 -43.13 22.25
CA VAL X 159 -2.93 -42.10 21.74
C VAL X 159 -3.50 -41.28 22.89
N ASP X 160 -3.81 -41.93 24.01
CA ASP X 160 -4.25 -41.20 25.19
C ASP X 160 -3.17 -40.25 25.65
N GLU X 161 -1.92 -40.70 25.64
CA GLU X 161 -0.83 -39.81 26.06
C GLU X 161 -0.71 -38.62 25.14
N CYS X 162 -0.81 -38.84 23.84
CA CYS X 162 -0.76 -37.73 22.88
C CYS X 162 -1.91 -36.77 23.11
N ILE X 163 -3.11 -37.30 23.33
CA ILE X 163 -4.28 -36.45 23.58
C ILE X 163 -4.04 -35.60 24.83
N ALA X 164 -3.56 -36.24 25.90
CA ALA X 164 -3.37 -35.52 27.16
C ALA X 164 -2.34 -34.41 26.99
N GLU X 165 -1.25 -34.70 26.29
CA GLU X 165 -0.25 -33.66 26.08
C GLU X 165 -0.81 -32.51 25.26
N ILE X 166 -1.53 -32.82 24.19
CA ILE X 166 -2.15 -31.77 23.38
C ILE X 166 -3.06 -30.92 24.24
N ARG X 167 -3.83 -31.57 25.11
CA ARG X 167 -4.84 -30.90 25.90
C ARG X 167 -4.23 -30.08 27.03
N THR X 168 -3.03 -30.44 27.49
CA THR X 168 -2.41 -29.73 28.60
C THR X 168 -1.38 -28.70 28.16
N ARG X 169 -0.85 -28.79 26.94
CA ARG X 169 0.22 -27.90 26.54
C ARG X 169 -0.12 -26.95 25.41
N LEU X 170 -1.22 -27.19 24.70
CA LEU X 170 -1.67 -26.21 23.70
C LEU X 170 -2.46 -25.10 24.35
N VAL X 171 -2.31 -23.89 23.82
CA VAL X 171 -3.11 -22.77 24.29
C VAL X 171 -4.58 -23.00 23.97
N VAL X 172 -4.86 -23.65 22.85
CA VAL X 172 -6.23 -23.84 22.37
C VAL X 172 -6.64 -25.29 22.55
N ALA X 173 -6.10 -25.94 23.56
CA ALA X 173 -6.38 -27.33 23.85
C ALA X 173 -7.85 -27.67 23.70
N PRO X 174 -8.24 -28.53 22.76
CA PRO X 174 -9.64 -28.91 22.65
C PRO X 174 -10.00 -29.95 23.70
N PRO X 175 -11.20 -29.88 24.26
CA PRO X 175 -11.51 -30.74 25.40
C PRO X 175 -11.75 -32.20 25.03
N ASN X 176 -12.50 -32.46 23.97
CA ASN X 176 -12.95 -33.81 23.67
C ASN X 176 -12.24 -34.33 22.42
N PHE X 177 -11.98 -35.64 22.40
CA PHE X 177 -11.39 -36.29 21.24
C PHE X 177 -12.15 -37.57 20.96
N VAL X 178 -12.06 -38.04 19.73
CA VAL X 178 -12.69 -39.28 19.30
C VAL X 178 -11.62 -40.18 18.71
N ILE X 179 -11.60 -41.44 19.16
CA ILE X 179 -10.61 -42.41 18.70
C ILE X 179 -11.32 -43.45 17.85
N LYS X 180 -10.91 -43.56 16.59
CA LYS X 180 -11.54 -44.48 15.66
C LYS X 180 -10.51 -45.45 15.15
N ILE X 181 -10.88 -46.73 15.10
CA ILE X 181 -9.96 -47.80 14.76
C ILE X 181 -10.49 -48.52 13.55
N VAL X 182 -9.59 -49.15 12.79
CA VAL X 182 -9.94 -49.87 11.58
C VAL X 182 -9.04 -51.09 11.45
N ASP X 183 -9.64 -52.27 11.33
CA ASP X 183 -8.90 -53.52 11.33
C ASP X 183 -9.66 -54.51 10.47
N LYS X 184 -9.41 -55.80 10.66
CA LYS X 184 -10.07 -56.81 9.85
C LYS X 184 -11.58 -56.66 9.85
N ASP X 185 -12.17 -56.21 10.95
CA ASP X 185 -13.61 -56.20 11.13
C ASP X 185 -14.25 -54.90 10.71
N GLY X 186 -13.50 -53.99 10.09
CA GLY X 186 -14.07 -52.76 9.57
C GLY X 186 -13.82 -51.59 10.48
N ALA X 187 -14.03 -50.41 9.93
CA ALA X 187 -13.86 -49.18 10.69
C ALA X 187 -14.92 -49.11 11.77
N ARG X 188 -14.56 -48.48 12.88
CA ARG X 188 -15.44 -48.42 14.03
C ARG X 188 -15.08 -47.18 14.83
N GLU X 189 -15.94 -46.84 15.78
CA GLU X 189 -15.56 -45.85 16.77
C GLU X 189 -15.05 -46.55 18.01
N PHE X 190 -13.85 -46.18 18.42
CA PHE X 190 -13.30 -46.66 19.68
C PHE X 190 -13.60 -45.56 20.68
N ALA X 191 -13.71 -45.92 21.95
CA ALA X 191 -14.38 -45.08 22.93
C ALA X 191 -14.11 -43.60 22.73
N TRP X 192 -15.17 -42.81 22.83
CA TRP X 192 -15.12 -41.35 22.85
C TRP X 192 -14.35 -40.91 24.10
N ARG X 193 -13.60 -39.82 24.04
CA ARG X 193 -12.90 -39.30 25.22
C ARG X 193 -13.54 -38.01 25.69
N GLN X 194 -14.58 -38.14 26.52
CA GLN X 194 -15.17 -36.95 27.13
C GLN X 194 -14.12 -36.30 28.00
N SER X 195 -14.12 -34.98 28.04
CA SER X 195 -13.42 -34.25 29.08
C SER X 195 -14.37 -33.38 29.89
N ILE X 196 -15.42 -32.87 29.24
CA ILE X 196 -16.52 -32.19 29.93
C ILE X 196 -17.85 -32.76 29.46
N THR Y 56 -27.00 -8.43 16.81
CA THR Y 56 -28.20 -9.26 17.07
C THR Y 56 -27.85 -10.44 17.95
N THR Y 57 -28.87 -11.06 18.53
CA THR Y 57 -28.69 -12.22 19.37
C THR Y 57 -29.89 -13.13 19.22
N THR Y 58 -29.64 -14.39 18.88
CA THR Y 58 -30.71 -15.36 18.66
C THR Y 58 -30.26 -16.68 19.22
N LEU Y 59 -31.22 -17.56 19.54
CA LEU Y 59 -30.87 -18.80 20.19
C LEU Y 59 -31.96 -19.83 19.96
N ALA Y 60 -31.63 -21.07 20.29
CA ALA Y 60 -32.57 -22.17 20.19
C ALA Y 60 -32.01 -23.35 20.97
N PHE Y 61 -32.89 -24.26 21.36
CA PHE Y 61 -32.44 -25.43 22.11
C PHE Y 61 -33.55 -26.46 22.16
N ILE Y 62 -33.18 -27.71 21.91
CA ILE Y 62 -34.13 -28.81 22.00
C ILE Y 62 -34.27 -29.22 23.46
N PHE Y 63 -35.49 -29.53 23.88
CA PHE Y 63 -35.69 -30.08 25.22
C PHE Y 63 -36.86 -31.06 25.14
N LYS Y 64 -37.37 -31.44 26.31
CA LYS Y 64 -38.30 -32.55 26.38
C LYS Y 64 -39.51 -32.35 25.48
N HIS Y 65 -40.11 -31.16 25.51
CA HIS Y 65 -41.35 -30.93 24.80
C HIS Y 65 -41.18 -30.29 23.43
N GLY Y 66 -39.97 -30.19 22.92
CA GLY Y 66 -39.78 -29.63 21.59
C GLY Y 66 -38.52 -28.80 21.54
N VAL Y 67 -38.54 -27.82 20.65
CA VAL Y 67 -37.44 -26.89 20.47
C VAL Y 67 -37.96 -25.47 20.61
N MET Y 68 -37.34 -24.69 21.48
CA MET Y 68 -37.60 -23.27 21.59
C MET Y 68 -36.70 -22.50 20.64
N VAL Y 69 -37.14 -21.32 20.31
CA VAL Y 69 -36.28 -20.45 19.51
C VAL Y 69 -36.58 -19.09 20.08
N ALA Y 70 -35.55 -18.32 20.45
CA ALA Y 70 -35.79 -16.96 20.94
C ALA Y 70 -34.88 -16.00 20.18
N ALA Y 71 -35.34 -14.78 19.94
CA ALA Y 71 -34.55 -13.81 19.17
C ALA Y 71 -34.88 -12.39 19.62
N ASP Y 72 -33.98 -11.46 19.31
CA ASP Y 72 -34.25 -10.04 19.63
C ASP Y 72 -34.97 -9.38 18.46
N SER Y 73 -35.16 -8.06 18.53
CA SER Y 73 -35.76 -7.32 17.40
C SER Y 73 -35.04 -5.98 17.28
N ARG Y 74 -33.79 -5.99 16.82
CA ARG Y 74 -33.00 -4.73 16.69
C ARG Y 74 -32.13 -4.76 15.44
N ALA Y 75 -32.40 -3.88 14.48
CA ALA Y 75 -31.55 -3.78 13.27
C ALA Y 75 -30.66 -2.55 13.44
N SER Y 76 -29.34 -2.74 13.53
CA SER Y 76 -28.44 -1.59 13.79
C SER Y 76 -27.36 -1.50 12.71
N MET Y 77 -27.26 -0.36 12.03
CA MET Y 77 -26.20 -0.18 11.05
C MET Y 77 -25.28 0.90 11.56
N GLY Y 78 -23.98 0.67 11.47
CA GLY Y 78 -23.04 1.58 12.09
C GLY Y 78 -23.32 1.69 13.57
N GLY Y 79 -23.65 2.88 14.04
CA GLY Y 79 -24.09 3.09 15.39
C GLY Y 79 -25.53 3.49 15.53
N TYR Y 80 -26.33 3.32 14.48
CA TYR Y 80 -27.67 3.87 14.42
C TYR Y 80 -28.70 2.77 14.36
N ILE Y 81 -29.79 2.94 15.10
CA ILE Y 81 -30.84 1.93 15.20
C ILE Y 81 -31.81 2.12 14.04
N SER Y 82 -31.63 1.33 12.99
CA SER Y 82 -32.55 1.44 11.86
C SER Y 82 -33.99 1.22 12.32
N SER Y 83 -34.24 0.11 13.03
CA SER Y 83 -35.58 -0.19 13.49
C SER Y 83 -35.48 -1.20 14.61
N GLN Y 84 -36.60 -1.38 15.31
CA GLN Y 84 -36.71 -2.42 16.33
C GLN Y 84 -37.98 -3.24 16.17
N SER Y 85 -38.54 -3.27 14.96
CA SER Y 85 -39.66 -4.13 14.63
C SER Y 85 -39.28 -5.24 13.67
N VAL Y 86 -37.99 -5.43 13.42
CA VAL Y 86 -37.53 -6.42 12.46
C VAL Y 86 -37.83 -7.81 13.01
N LYS Y 87 -38.56 -8.62 12.26
CA LYS Y 87 -38.92 -9.98 12.67
C LYS Y 87 -37.76 -10.89 12.32
N LYS Y 88 -37.05 -11.37 13.34
CA LYS Y 88 -35.84 -12.14 13.12
C LYS Y 88 -36.06 -13.65 13.12
N ILE Y 89 -37.30 -14.11 13.23
CA ILE Y 89 -37.59 -15.54 13.20
C ILE Y 89 -38.49 -15.78 11.99
N ILE Y 90 -37.91 -16.30 10.93
CA ILE Y 90 -38.62 -16.52 9.68
C ILE Y 90 -39.28 -17.89 9.74
N GLU Y 91 -40.57 -17.95 9.40
CA GLU Y 91 -41.29 -19.23 9.40
C GLU Y 91 -41.19 -19.83 8.01
N ILE Y 92 -40.34 -20.83 7.86
CA ILE Y 92 -40.14 -21.46 6.56
C ILE Y 92 -41.30 -22.36 6.22
N ASN Y 93 -42.08 -22.77 7.21
CA ASN Y 93 -42.98 -23.90 7.05
C ASN Y 93 -43.80 -24.02 8.33
N PRO Y 94 -45.10 -24.31 8.22
CA PRO Y 94 -45.89 -24.47 9.44
C PRO Y 94 -45.28 -25.38 10.50
N TYR Y 95 -44.26 -26.16 10.18
CA TYR Y 95 -43.57 -26.97 11.19
C TYR Y 95 -42.09 -26.64 11.27
N MET Y 96 -41.63 -25.50 10.77
CA MET Y 96 -40.22 -25.21 10.72
C MET Y 96 -40.00 -23.71 10.82
N LEU Y 97 -39.00 -23.31 11.58
CA LEU Y 97 -38.63 -21.91 11.74
C LEU Y 97 -37.18 -21.69 11.37
N GLY Y 98 -36.91 -20.63 10.64
CA GLY Y 98 -35.56 -20.19 10.37
C GLY Y 98 -35.31 -18.87 11.04
N THR Y 99 -34.12 -18.70 11.59
CA THR Y 99 -33.78 -17.56 12.42
C THR Y 99 -32.83 -16.65 11.67
N MET Y 100 -33.11 -15.36 11.70
CA MET Y 100 -32.28 -14.38 11.01
C MET Y 100 -31.07 -14.02 11.87
N ALA Y 101 -29.90 -13.96 11.27
CA ALA Y 101 -28.72 -13.43 11.95
C ALA Y 101 -27.66 -13.15 10.92
N GLY Y 102 -26.79 -12.19 11.24
CA GLY Y 102 -25.87 -11.72 10.22
C GLY Y 102 -26.58 -10.73 9.30
N GLY Y 103 -26.28 -10.83 8.01
CA GLY Y 103 -26.91 -9.98 7.02
C GLY Y 103 -28.40 -10.16 6.91
N ALA Y 104 -29.16 -9.07 7.00
CA ALA Y 104 -30.61 -9.18 6.95
C ALA Y 104 -31.11 -9.46 5.55
N ALA Y 105 -30.54 -8.76 4.56
CA ALA Y 105 -30.94 -9.00 3.17
C ALA Y 105 -30.62 -10.42 2.75
N ASP Y 106 -29.41 -10.88 3.09
CA ASP Y 106 -29.01 -12.24 2.73
C ASP Y 106 -29.94 -13.25 3.36
N CYS Y 107 -30.17 -13.13 4.67
CA CYS Y 107 -31.03 -14.07 5.36
C CYS Y 107 -32.42 -14.09 4.75
N GLN Y 108 -33.00 -12.92 4.51
CA GLN Y 108 -34.36 -12.87 3.99
C GLN Y 108 -34.44 -13.50 2.62
N PHE Y 109 -33.55 -13.10 1.70
CA PHE Y 109 -33.61 -13.62 0.35
C PHE Y 109 -33.41 -15.12 0.34
N TRP Y 110 -32.41 -15.62 1.06
CA TRP Y 110 -32.12 -17.04 0.97
C TRP Y 110 -33.13 -17.86 1.74
N HIS Y 111 -33.83 -17.27 2.71
CA HIS Y 111 -34.90 -18.00 3.36
C HIS Y 111 -36.16 -18.04 2.50
N ARG Y 112 -36.41 -17.00 1.70
CA ARG Y 112 -37.46 -17.14 0.68
C ARG Y 112 -37.10 -18.22 -0.33
N ASN Y 113 -35.85 -18.27 -0.77
CA ASN Y 113 -35.44 -19.33 -1.69
C ASN Y 113 -35.63 -20.70 -1.04
N LEU Y 114 -35.22 -20.83 0.22
CA LEU Y 114 -35.35 -22.11 0.91
C LEU Y 114 -36.81 -22.50 1.08
N GLY Y 115 -37.66 -21.54 1.44
CA GLY Y 115 -39.07 -21.85 1.53
C GLY Y 115 -39.65 -22.30 0.21
N ILE Y 116 -39.19 -21.70 -0.89
CA ILE Y 116 -39.70 -22.08 -2.20
C ILE Y 116 -39.22 -23.47 -2.57
N LYS Y 117 -37.95 -23.78 -2.30
CA LYS Y 117 -37.45 -25.12 -2.58
C LYS Y 117 -38.20 -26.16 -1.74
N CYS Y 118 -38.47 -25.84 -0.48
CA CYS Y 118 -39.21 -26.76 0.37
C CYS Y 118 -40.64 -26.95 -0.13
N ARG Y 119 -41.28 -25.89 -0.59
CA ARG Y 119 -42.63 -26.04 -1.12
C ARG Y 119 -42.66 -26.85 -2.41
N LEU Y 120 -41.70 -26.62 -3.30
CA LEU Y 120 -41.61 -27.46 -4.49
C LEU Y 120 -41.34 -28.91 -4.11
N HIS Y 121 -40.55 -29.12 -3.06
CA HIS Y 121 -40.29 -30.49 -2.61
C HIS Y 121 -41.57 -31.13 -2.09
N GLU Y 122 -42.34 -30.40 -1.29
CA GLU Y 122 -43.61 -30.93 -0.83
C GLU Y 122 -44.51 -31.27 -2.00
N LEU Y 123 -44.51 -30.43 -3.03
CA LEU Y 123 -45.37 -30.71 -4.18
C LEU Y 123 -44.89 -31.94 -4.93
N ALA Y 124 -43.59 -32.04 -5.18
CA ALA Y 124 -43.09 -33.12 -6.02
C ALA Y 124 -43.19 -34.46 -5.31
N ASN Y 125 -42.81 -34.51 -4.04
CA ASN Y 125 -42.74 -35.76 -3.29
C ASN Y 125 -44.00 -36.06 -2.50
N LYS Y 126 -45.01 -35.20 -2.55
CA LYS Y 126 -46.24 -35.40 -1.80
C LYS Y 126 -45.98 -35.59 -0.31
N ARG Y 127 -44.83 -35.15 0.19
CA ARG Y 127 -44.49 -35.30 1.59
C ARG Y 127 -43.65 -34.11 2.03
N ARG Y 128 -43.88 -33.68 3.26
CA ARG Y 128 -43.23 -32.47 3.75
C ARG Y 128 -41.76 -32.73 4.05
N ILE Y 129 -40.90 -31.84 3.56
CA ILE Y 129 -39.47 -32.03 3.72
C ILE Y 129 -39.10 -32.02 5.20
N SER Y 130 -38.01 -32.71 5.54
CA SER Y 130 -37.57 -32.79 6.92
C SER Y 130 -36.65 -31.63 7.26
N VAL Y 131 -36.29 -31.54 8.54
CA VAL Y 131 -35.39 -30.49 8.98
C VAL Y 131 -33.99 -30.73 8.45
N THR Y 132 -33.56 -31.99 8.43
CA THR Y 132 -32.24 -32.29 7.92
C THR Y 132 -32.14 -31.95 6.45
N GLY Y 133 -33.16 -32.29 5.67
CA GLY Y 133 -33.15 -31.95 4.27
C GLY Y 133 -33.07 -30.46 4.03
N ALA Y 134 -33.88 -29.68 4.74
CA ALA Y 134 -33.86 -28.24 4.56
C ALA Y 134 -32.52 -27.65 4.99
N SER Y 135 -31.99 -28.13 6.11
CA SER Y 135 -30.69 -27.65 6.56
C SER Y 135 -29.61 -27.92 5.52
N LYS Y 136 -29.61 -29.13 4.96
CA LYS Y 136 -28.58 -29.46 3.98
C LYS Y 136 -28.78 -28.68 2.68
N LEU Y 137 -30.03 -28.48 2.28
CA LEU Y 137 -30.29 -27.64 1.11
C LEU Y 137 -29.69 -26.26 1.29
N LEU Y 138 -29.98 -25.63 2.42
CA LEU Y 138 -29.46 -24.29 2.63
C LEU Y 138 -27.95 -24.31 2.68
N ALA Y 139 -27.36 -25.32 3.32
CA ALA Y 139 -25.91 -25.37 3.40
C ALA Y 139 -25.28 -25.43 2.02
N ASN Y 140 -25.82 -26.28 1.14
CA ASN Y 140 -25.30 -26.35 -0.22
C ASN Y 140 -25.48 -25.02 -0.93
N ILE Y 141 -26.69 -24.48 -0.89
CA ILE Y 141 -26.98 -23.25 -1.63
C ILE Y 141 -25.99 -22.18 -1.23
N LEU Y 142 -25.74 -22.04 0.07
CA LEU Y 142 -24.76 -21.07 0.53
C LEU Y 142 -23.36 -21.43 0.08
N TYR Y 143 -23.03 -22.72 0.08
CA TYR Y 143 -21.68 -23.11 -0.33
C TYR Y 143 -21.39 -22.76 -1.76
N ASN Y 144 -22.40 -22.71 -2.63
CA ASN Y 144 -22.14 -22.27 -4.00
C ASN Y 144 -21.69 -20.82 -4.06
N TYR Y 145 -21.86 -20.06 -2.98
CA TYR Y 145 -21.46 -18.66 -2.93
C TYR Y 145 -20.43 -18.41 -1.84
N ARG Y 146 -19.56 -19.37 -1.57
CA ARG Y 146 -18.69 -19.27 -0.41
C ARG Y 146 -17.83 -18.02 -0.45
N GLY Y 147 -17.25 -17.71 -1.60
CA GLY Y 147 -16.39 -16.56 -1.71
C GLY Y 147 -17.08 -15.26 -2.00
N MET Y 148 -18.42 -15.24 -2.05
CA MET Y 148 -19.15 -14.06 -2.46
C MET Y 148 -19.34 -13.06 -1.34
N GLY Y 149 -19.00 -13.41 -0.11
CA GLY Y 149 -19.20 -12.49 0.99
C GLY Y 149 -20.62 -12.42 1.50
N LEU Y 150 -21.35 -13.54 1.47
CA LEU Y 150 -22.64 -13.59 2.13
C LEU Y 150 -22.46 -13.55 3.64
N SER Y 151 -23.48 -13.06 4.34
CA SER Y 151 -23.43 -12.95 5.79
C SER Y 151 -24.54 -13.71 6.51
N VAL Y 152 -25.06 -14.77 5.92
CA VAL Y 152 -26.15 -15.51 6.54
C VAL Y 152 -25.59 -16.53 7.54
N GLY Y 153 -26.19 -16.57 8.72
CA GLY Y 153 -26.01 -17.67 9.66
C GLY Y 153 -27.29 -17.86 10.47
N THR Y 154 -27.89 -19.04 10.45
CA THR Y 154 -29.28 -19.16 10.88
C THR Y 154 -29.54 -20.55 11.44
N MET Y 155 -30.28 -20.62 12.55
CA MET Y 155 -30.75 -21.91 13.03
C MET Y 155 -31.97 -22.34 12.23
N ILE Y 156 -31.99 -23.60 11.82
CA ILE Y 156 -33.18 -24.21 11.24
C ILE Y 156 -33.80 -25.12 12.28
N ALA Y 157 -34.97 -24.75 12.78
CA ALA Y 157 -35.59 -25.48 13.87
C ALA Y 157 -36.92 -26.02 13.40
N GLY Y 158 -37.15 -27.30 13.63
CA GLY Y 158 -38.39 -27.89 13.18
C GLY Y 158 -38.61 -29.24 13.82
N TRP Y 159 -39.79 -29.79 13.57
CA TRP Y 159 -40.20 -31.07 14.10
C TRP Y 159 -40.41 -32.03 12.95
N ASP Y 160 -39.40 -32.85 12.67
CA ASP Y 160 -39.49 -33.82 11.59
C ASP Y 160 -40.57 -34.84 11.92
N GLU Y 161 -40.68 -35.86 11.07
CA GLU Y 161 -41.41 -37.05 11.45
C GLU Y 161 -40.69 -37.85 12.52
N THR Y 162 -39.42 -37.57 12.76
CA THR Y 162 -38.58 -38.35 13.66
C THR Y 162 -38.07 -37.48 14.80
N GLY Y 163 -38.96 -36.71 15.41
CA GLY Y 163 -38.60 -35.91 16.55
C GLY Y 163 -37.99 -34.59 16.12
N PRO Y 164 -37.75 -33.70 17.07
CA PRO Y 164 -37.34 -32.35 16.72
C PRO Y 164 -35.99 -32.37 16.02
N GLY Y 165 -35.58 -31.18 15.60
CA GLY Y 165 -34.28 -31.02 14.96
C GLY Y 165 -33.86 -29.58 15.05
N LEU Y 166 -32.56 -29.37 15.14
CA LEU Y 166 -32.04 -28.01 15.21
C LEU Y 166 -30.66 -28.03 14.57
N TYR Y 167 -30.50 -27.29 13.49
CA TYR Y 167 -29.23 -27.21 12.79
C TYR Y 167 -28.83 -25.75 12.72
N TYR Y 168 -27.52 -25.51 12.70
CA TYR Y 168 -26.97 -24.18 12.55
C TYR Y 168 -26.23 -24.12 11.24
N VAL Y 169 -26.69 -23.28 10.33
CA VAL Y 169 -26.11 -23.17 8.99
C VAL Y 169 -25.40 -21.83 8.91
N ASP Y 170 -24.41 -21.76 8.02
CA ASP Y 170 -23.48 -20.64 8.01
C ASP Y 170 -23.21 -20.17 6.60
N SER Y 171 -22.71 -18.94 6.48
CA SER Y 171 -22.54 -18.31 5.18
C SER Y 171 -21.52 -19.04 4.32
N GLU Y 172 -20.68 -19.88 4.92
CA GLU Y 172 -19.66 -20.62 4.19
C GLU Y 172 -19.85 -22.13 4.29
N GLY Y 173 -21.10 -22.60 4.28
CA GLY Y 173 -21.35 -24.02 4.26
C GLY Y 173 -21.12 -24.73 5.57
N GLY Y 174 -20.87 -24.01 6.65
CA GLY Y 174 -20.69 -24.66 7.94
C GLY Y 174 -22.03 -25.04 8.53
N ARG Y 175 -22.30 -26.34 8.59
CA ARG Y 175 -23.56 -26.84 9.11
C ARG Y 175 -23.31 -27.76 10.29
N LEU Y 176 -24.02 -27.51 11.39
CA LEU Y 176 -23.86 -28.26 12.63
C LEU Y 176 -25.21 -28.81 13.03
N LYS Y 177 -25.25 -30.07 13.43
CA LYS Y 177 -26.41 -30.56 14.15
C LYS Y 177 -26.15 -30.45 15.65
N GLY Y 178 -27.00 -29.72 16.34
CA GLY Y 178 -26.70 -29.45 17.73
C GLY Y 178 -27.95 -29.57 18.58
N MET Y 179 -27.72 -29.35 19.86
CA MET Y 179 -28.77 -29.55 20.86
C MET Y 179 -29.15 -28.20 21.46
N ARG Y 180 -28.25 -27.22 21.37
CA ARG Y 180 -28.48 -25.86 21.80
C ARG Y 180 -27.57 -24.93 21.00
N PHE Y 181 -28.12 -23.87 20.43
CA PHE Y 181 -27.31 -22.93 19.68
C PHE Y 181 -27.64 -21.51 20.07
N SER Y 182 -26.74 -20.59 19.73
CA SER Y 182 -26.99 -19.17 19.84
C SER Y 182 -26.04 -18.41 18.92
N VAL Y 183 -26.58 -17.47 18.17
CA VAL Y 183 -25.84 -16.83 17.11
C VAL Y 183 -26.09 -15.33 17.18
N GLY Y 184 -25.16 -14.56 16.62
CA GLY Y 184 -25.24 -13.12 16.64
C GLY Y 184 -24.17 -12.52 17.53
N SER Y 185 -24.06 -11.20 17.46
CA SER Y 185 -23.04 -10.51 18.24
C SER Y 185 -23.26 -10.70 19.72
N GLY Y 186 -24.49 -11.01 20.12
CA GLY Y 186 -24.79 -11.26 21.52
C GLY Y 186 -24.77 -12.72 21.90
N SER Y 187 -24.22 -13.58 21.06
CA SER Y 187 -24.17 -15.01 21.38
C SER Y 187 -23.51 -15.28 22.71
N PRO Y 188 -22.39 -14.64 23.04
CA PRO Y 188 -21.70 -14.98 24.29
C PRO Y 188 -22.58 -14.93 25.51
N TYR Y 189 -23.35 -13.86 25.69
CA TYR Y 189 -24.22 -13.78 26.85
C TYR Y 189 -25.39 -14.74 26.74
N ALA Y 190 -25.88 -14.97 25.53
CA ALA Y 190 -26.92 -15.95 25.34
C ALA Y 190 -26.48 -17.30 25.88
N TYR Y 191 -25.30 -17.79 25.49
CA TYR Y 191 -24.75 -18.99 26.10
C TYR Y 191 -24.55 -18.84 27.60
N GLY Y 192 -23.96 -17.73 28.03
CA GLY Y 192 -23.70 -17.56 29.45
C GLY Y 192 -24.94 -17.84 30.28
N VAL Y 193 -26.08 -17.36 29.81
CA VAL Y 193 -27.31 -17.55 30.59
C VAL Y 193 -27.96 -18.87 30.27
N LEU Y 194 -27.95 -19.27 28.99
CA LEU Y 194 -28.69 -20.44 28.56
C LEU Y 194 -28.12 -21.70 29.20
N ASP Y 195 -26.80 -21.82 29.22
CA ASP Y 195 -26.20 -23.05 29.72
C ASP Y 195 -26.45 -23.25 31.20
N ASN Y 196 -26.64 -22.18 31.96
CA ASN Y 196 -26.86 -22.31 33.39
C ASN Y 196 -28.21 -22.95 33.70
N GLY Y 197 -29.27 -22.45 33.09
CA GLY Y 197 -30.60 -22.88 33.47
C GLY Y 197 -31.08 -24.06 32.67
N TYR Y 198 -30.33 -24.43 31.64
CA TYR Y 198 -30.83 -25.44 30.72
C TYR Y 198 -30.84 -26.82 31.37
N LYS Y 199 -31.98 -27.50 31.24
CA LYS Y 199 -32.10 -28.90 31.59
C LYS Y 199 -33.01 -29.54 30.58
N TYR Y 200 -32.75 -30.80 30.26
CA TYR Y 200 -33.48 -31.43 29.17
C TYR Y 200 -34.97 -31.49 29.47
N ASP Y 201 -35.34 -31.77 30.71
CA ASP Y 201 -36.73 -32.05 31.04
C ASP Y 201 -37.50 -30.82 31.51
N MET Y 202 -36.92 -29.64 31.47
CA MET Y 202 -37.63 -28.46 31.95
C MET Y 202 -38.89 -28.24 31.10
N THR Y 203 -40.00 -27.97 31.78
CA THR Y 203 -41.28 -27.87 31.09
C THR Y 203 -41.32 -26.64 30.20
N VAL Y 204 -42.42 -26.51 29.46
CA VAL Y 204 -42.50 -25.50 28.41
C VAL Y 204 -42.45 -24.10 28.99
N GLU Y 205 -43.16 -23.87 30.09
CA GLU Y 205 -43.21 -22.52 30.66
C GLU Y 205 -41.82 -22.06 31.08
N GLU Y 206 -41.12 -22.86 31.85
CA GLU Y 206 -39.78 -22.46 32.28
C GLU Y 206 -38.77 -22.53 31.15
N ALA Y 207 -39.00 -23.35 30.13
CA ALA Y 207 -38.13 -23.29 28.96
C ALA Y 207 -38.26 -21.96 28.25
N SER Y 208 -39.49 -21.52 28.02
CA SER Y 208 -39.72 -20.21 27.43
C SER Y 208 -39.13 -19.12 28.28
N GLU Y 209 -39.28 -19.24 29.60
CA GLU Y 209 -38.70 -18.25 30.50
C GLU Y 209 -37.19 -18.21 30.36
N LEU Y 210 -36.56 -19.37 30.20
CA LEU Y 210 -35.11 -19.40 30.04
C LEU Y 210 -34.68 -18.74 28.75
N ALA Y 211 -35.41 -18.98 27.66
CA ALA Y 211 -35.06 -18.32 26.40
C ALA Y 211 -35.22 -16.82 26.53
N ARG Y 212 -36.30 -16.37 27.15
CA ARG Y 212 -36.49 -14.93 27.35
C ARG Y 212 -35.35 -14.34 28.15
N ARG Y 213 -35.00 -14.97 29.26
CA ARG Y 213 -33.96 -14.42 30.11
C ARG Y 213 -32.64 -14.37 29.38
N ALA Y 214 -32.31 -15.40 28.60
CA ALA Y 214 -31.05 -15.40 27.87
C ALA Y 214 -31.00 -14.27 26.86
N ILE Y 215 -32.06 -14.14 26.05
CA ILE Y 215 -32.07 -13.08 25.04
C ILE Y 215 -32.04 -11.72 25.71
N TYR Y 216 -32.73 -11.57 26.83
CA TYR Y 216 -32.75 -10.28 27.50
C TYR Y 216 -31.36 -9.92 28.00
N HIS Y 217 -30.61 -10.90 28.50
CA HIS Y 217 -29.28 -10.56 29.01
C HIS Y 217 -28.31 -10.23 27.89
N ALA Y 218 -28.39 -10.96 26.79
CA ALA Y 218 -27.63 -10.54 25.62
C ALA Y 218 -28.00 -9.12 25.24
N THR Y 219 -29.31 -8.81 25.29
CA THR Y 219 -29.78 -7.48 24.99
C THR Y 219 -29.16 -6.44 25.91
N TYR Y 220 -29.16 -6.73 27.21
CA TYR Y 220 -28.70 -5.75 28.17
C TYR Y 220 -27.23 -5.44 27.99
N ARG Y 221 -26.40 -6.47 27.83
CA ARG Y 221 -24.96 -6.21 27.78
C ARG Y 221 -24.46 -5.88 26.39
N ASP Y 222 -25.31 -5.91 25.38
CA ASP Y 222 -24.88 -5.81 24.00
C ASP Y 222 -25.44 -4.53 23.38
N GLY Y 223 -24.61 -3.82 22.62
CA GLY Y 223 -25.09 -2.62 21.96
C GLY Y 223 -26.06 -2.93 20.83
N ALA Y 224 -25.78 -3.96 20.04
CA ALA Y 224 -26.49 -4.23 18.81
C ALA Y 224 -27.73 -5.09 18.99
N SER Y 225 -28.09 -5.44 20.23
CA SER Y 225 -29.23 -6.31 20.48
C SER Y 225 -30.22 -5.59 21.37
N GLY Y 226 -31.50 -5.66 21.03
CA GLY Y 226 -32.52 -4.99 21.80
C GLY Y 226 -33.88 -5.17 21.14
N GLY Y 227 -34.83 -4.37 21.60
CA GLY Y 227 -36.17 -4.46 21.08
C GLY Y 227 -36.95 -5.59 21.71
N VAL Y 228 -38.07 -5.93 21.08
CA VAL Y 228 -38.96 -6.94 21.63
C VAL Y 228 -38.26 -8.29 21.61
N VAL Y 229 -38.54 -9.10 22.63
CA VAL Y 229 -37.97 -10.44 22.75
C VAL Y 229 -39.01 -11.45 22.28
N SER Y 230 -38.86 -11.94 21.06
CA SER Y 230 -39.77 -12.90 20.47
C SER Y 230 -39.32 -14.30 20.84
N VAL Y 231 -40.25 -15.16 21.22
CA VAL Y 231 -39.96 -16.54 21.61
C VAL Y 231 -41.00 -17.45 20.96
N TYR Y 232 -40.54 -18.53 20.34
CA TYR Y 232 -41.39 -19.45 19.60
C TYR Y 232 -41.24 -20.84 20.16
N HIS Y 233 -42.29 -21.64 20.03
CA HIS Y 233 -42.29 -23.03 20.47
C HIS Y 233 -42.63 -23.93 19.30
N VAL Y 234 -41.73 -24.86 18.99
CA VAL Y 234 -41.93 -25.81 17.91
C VAL Y 234 -42.17 -27.18 18.51
N GLY Y 235 -43.33 -27.76 18.24
CA GLY Y 235 -43.70 -29.02 18.83
C GLY Y 235 -44.34 -29.95 17.82
N PRO Y 236 -44.91 -31.06 18.29
CA PRO Y 236 -45.51 -32.02 17.36
C PRO Y 236 -46.55 -31.42 16.45
N ASP Y 237 -47.34 -30.48 16.94
CA ASP Y 237 -48.42 -29.89 16.17
C ASP Y 237 -48.00 -28.61 15.47
N GLY Y 238 -46.74 -28.52 15.06
CA GLY Y 238 -46.23 -27.33 14.44
C GLY Y 238 -45.67 -26.35 15.46
N TRP Y 239 -45.55 -25.11 15.02
CA TRP Y 239 -44.99 -24.08 15.88
C TRP Y 239 -46.05 -23.06 16.26
N LYS Y 240 -45.86 -22.46 17.43
CA LYS Y 240 -46.71 -21.37 17.88
C LYS Y 240 -45.85 -20.34 18.57
N LYS Y 241 -46.16 -19.07 18.36
CA LYS Y 241 -45.52 -18.02 19.13
C LYS Y 241 -46.07 -18.04 20.54
N VAL Y 242 -45.17 -17.95 21.52
CA VAL Y 242 -45.57 -17.94 22.93
C VAL Y 242 -45.58 -16.54 23.50
N THR Y 243 -44.51 -15.77 23.30
CA THR Y 243 -44.41 -14.47 23.93
C THR Y 243 -43.61 -13.51 23.07
N GLY Y 244 -43.92 -12.23 23.22
CA GLY Y 244 -43.05 -11.16 22.82
C GLY Y 244 -43.13 -10.07 23.88
N ASP Y 245 -42.01 -9.69 24.48
CA ASP Y 245 -42.00 -8.76 25.60
C ASP Y 245 -40.96 -7.68 25.38
N ASP Y 246 -41.38 -6.43 25.33
CA ASP Y 246 -40.43 -5.36 25.10
C ASP Y 246 -39.40 -5.34 26.21
N VAL Y 247 -38.13 -5.28 25.84
CA VAL Y 247 -37.07 -5.33 26.84
C VAL Y 247 -37.13 -4.13 27.77
N GLY Y 248 -37.61 -3.00 27.27
CA GLY Y 248 -37.75 -1.84 28.14
C GLY Y 248 -38.64 -2.11 29.34
N ASP Y 249 -39.64 -2.97 29.18
CA ASP Y 249 -40.48 -3.38 30.29
C ASP Y 249 -40.02 -4.67 30.92
N LEU Y 250 -39.38 -5.54 30.15
CA LEU Y 250 -38.88 -6.78 30.71
C LEU Y 250 -37.80 -6.51 31.75
N HIS Y 251 -36.96 -5.51 31.50
CA HIS Y 251 -35.92 -5.21 32.46
C HIS Y 251 -36.50 -4.85 33.81
N PHE Y 252 -37.43 -3.91 33.85
CA PHE Y 252 -38.00 -3.49 35.11
C PHE Y 252 -39.03 -4.48 35.63
N GLN Y 253 -39.35 -5.51 34.87
CA GLN Y 253 -39.95 -6.69 35.46
C GLN Y 253 -38.93 -7.53 36.19
N TYR Y 254 -37.72 -7.64 35.64
CA TYR Y 254 -36.69 -8.46 36.27
C TYR Y 254 -36.06 -7.75 37.47
N TYR Y 255 -35.62 -6.53 37.37
CA TYR Y 255 -34.99 -5.98 38.60
C TYR Y 255 -35.89 -4.88 39.13
N PRO Y 256 -36.86 -5.21 39.99
CA PRO Y 256 -37.85 -4.26 40.40
C PRO Y 256 -37.15 -3.07 41.05
N VAL Y 257 -37.68 -1.87 40.83
CA VAL Y 257 -37.07 -0.62 41.37
C VAL Y 257 -37.02 -0.68 42.90
N VAL Y 258 -38.19 -0.61 43.54
CA VAL Y 258 -38.28 -0.63 45.04
C VAL Y 258 -37.03 0.03 45.62
N ASN Z 7 -8.85 8.87 -11.24
CA ASN Z 7 -9.69 7.65 -11.21
C ASN Z 7 -11.12 8.03 -10.78
N TRP Z 8 -12.13 7.43 -11.42
CA TRP Z 8 -13.53 7.84 -11.17
C TRP Z 8 -14.19 7.07 -10.05
N SER Z 9 -15.27 7.63 -9.51
CA SER Z 9 -16.04 6.88 -8.50
C SER Z 9 -17.33 6.47 -9.17
N PRO Z 10 -17.85 5.26 -8.96
CA PRO Z 10 -19.04 4.85 -9.68
C PRO Z 10 -20.32 5.33 -9.02
N TYR Z 11 -20.24 6.15 -7.97
CA TYR Z 11 -21.44 6.56 -7.20
C TYR Z 11 -21.30 8.02 -6.74
N ASP Z 12 -22.38 8.67 -6.30
CA ASP Z 12 -22.37 10.07 -5.80
C ASP Z 12 -23.54 10.29 -4.85
N PHE Z 13 -23.35 11.02 -3.74
CA PHE Z 13 -24.47 11.33 -2.82
C PHE Z 13 -25.22 12.56 -3.31
N ASN Z 14 -26.41 12.37 -3.87
CA ASN Z 14 -27.12 13.50 -4.49
C ASN Z 14 -28.16 14.05 -3.52
N GLY Z 15 -28.22 13.52 -2.31
CA GLY Z 15 -29.02 14.12 -1.22
C GLY Z 15 -30.52 14.12 -1.32
N GLY Z 16 -31.15 14.97 -0.50
CA GLY Z 16 -32.59 15.02 -0.44
C GLY Z 16 -33.08 14.24 0.76
N THR Z 17 -34.38 14.12 0.93
CA THR Z 17 -34.91 13.31 2.02
C THR Z 17 -36.35 12.94 1.68
N CYS Z 18 -36.79 11.80 2.21
CA CYS Z 18 -38.12 11.30 1.97
C CYS Z 18 -38.76 10.89 3.28
N VAL Z 19 -40.09 10.89 3.28
CA VAL Z 19 -40.87 10.57 4.47
C VAL Z 19 -42.16 9.91 4.03
N ALA Z 20 -42.62 8.94 4.83
CA ALA Z 20 -43.89 8.29 4.54
C ALA Z 20 -44.60 8.03 5.86
N VAL Z 21 -45.91 8.27 5.85
CA VAL Z 21 -46.72 8.08 7.05
C VAL Z 21 -48.07 7.47 6.69
N ALA Z 22 -48.20 6.16 6.87
CA ALA Z 22 -49.45 5.49 6.56
C ALA Z 22 -50.46 5.71 7.67
N GLY Z 23 -51.71 5.39 7.38
CA GLY Z 23 -52.75 5.57 8.35
C GLY Z 23 -53.96 4.69 8.11
N ALA Z 24 -55.10 5.07 8.67
CA ALA Z 24 -56.27 4.22 8.57
C ALA Z 24 -56.65 3.96 7.13
N ASP Z 25 -56.81 5.01 6.32
CA ASP Z 25 -57.20 4.82 4.93
C ASP Z 25 -56.45 5.76 4.00
N TYR Z 26 -55.17 6.02 4.23
CA TYR Z 26 -54.41 6.95 3.42
C TYR Z 26 -52.95 6.59 3.53
N CYS Z 27 -52.05 7.44 3.07
CA CYS Z 27 -50.59 7.21 3.27
C CYS Z 27 -49.86 8.44 2.74
N VAL Z 28 -48.97 9.02 3.52
CA VAL Z 28 -48.36 10.32 3.10
C VAL Z 28 -46.91 10.16 2.73
N ILE Z 29 -46.64 9.81 1.49
CA ILE Z 29 -45.23 9.77 1.06
C ILE Z 29 -44.92 11.21 0.71
N ALA Z 30 -43.96 11.81 1.39
CA ALA Z 30 -43.54 13.18 1.08
C ALA Z 30 -42.02 13.25 1.08
N ALA Z 31 -41.42 13.86 0.07
CA ALA Z 31 -39.97 14.05 0.02
C ALA Z 31 -39.62 15.45 -0.47
N ASP Z 32 -38.35 15.86 -0.33
CA ASP Z 32 -37.91 17.22 -0.72
C ASP Z 32 -37.62 17.30 -2.20
N THR Z 33 -37.22 18.47 -2.67
CA THR Z 33 -36.85 18.62 -4.09
C THR Z 33 -35.50 19.33 -4.16
N ARG Z 34 -34.41 18.56 -4.20
CA ARG Z 34 -33.06 19.13 -4.26
C ARG Z 34 -32.10 18.07 -4.76
N MET Z 35 -31.09 18.44 -5.53
CA MET Z 35 -30.05 17.50 -5.93
C MET Z 35 -28.75 18.24 -5.66
N SER Z 36 -27.79 17.57 -5.04
CA SER Z 36 -26.53 18.23 -4.71
C SER Z 36 -25.35 17.33 -5.06
N THR Z 37 -24.31 17.88 -5.65
CA THR Z 37 -23.08 17.12 -5.90
C THR Z 37 -21.98 17.82 -5.11
N GLY Z 38 -21.68 17.35 -3.91
CA GLY Z 38 -20.76 18.04 -3.06
C GLY Z 38 -21.44 19.19 -2.37
N TYR Z 39 -21.07 20.42 -2.71
CA TYR Z 39 -21.62 21.61 -2.06
C TYR Z 39 -22.27 22.59 -3.03
N ASN Z 40 -22.69 22.14 -4.20
CA ASN Z 40 -23.41 23.01 -5.11
C ASN Z 40 -24.71 22.36 -5.54
N ILE Z 41 -25.73 23.20 -5.72
CA ILE Z 41 -27.05 22.69 -6.08
C ILE Z 41 -27.10 22.47 -7.58
N LEU Z 42 -27.49 21.27 -7.99
CA LEU Z 42 -27.64 21.00 -9.41
C LEU Z 42 -28.94 21.59 -9.92
N THR Z 43 -30.06 21.16 -9.36
CA THR Z 43 -31.36 21.68 -9.74
C THR Z 43 -32.22 21.73 -8.49
N ARG Z 44 -33.17 22.66 -8.49
CA ARG Z 44 -34.11 22.82 -7.38
C ARG Z 44 -35.47 22.24 -7.69
N ASP Z 45 -35.59 21.40 -8.71
CA ASP Z 45 -36.88 20.86 -9.12
C ASP Z 45 -36.82 19.37 -9.44
N TYR Z 46 -36.00 18.61 -8.71
CA TYR Z 46 -35.84 17.18 -8.94
C TYR Z 46 -36.86 16.43 -8.09
N SER Z 47 -37.94 15.97 -8.72
CA SER Z 47 -38.97 15.25 -7.98
C SER Z 47 -38.48 13.86 -7.63
N LYS Z 48 -38.66 13.46 -6.37
CA LYS Z 48 -38.23 12.15 -5.89
C LYS Z 48 -39.37 11.15 -5.78
N ILE Z 49 -40.62 11.60 -5.83
CA ILE Z 49 -41.76 10.72 -5.72
C ILE Z 49 -42.03 10.16 -7.11
N CYS Z 50 -42.30 8.86 -7.19
CA CYS Z 50 -42.66 8.20 -8.44
C CYS Z 50 -43.86 7.31 -8.20
N LYS Z 51 -44.96 7.59 -8.88
CA LYS Z 51 -46.16 6.77 -8.75
C LYS Z 51 -46.01 5.55 -9.65
N LEU Z 52 -45.86 4.38 -9.03
CA LEU Z 52 -45.64 3.16 -9.78
C LEU Z 52 -46.93 2.45 -10.14
N ALA Z 53 -47.95 2.56 -9.31
CA ALA Z 53 -49.23 1.93 -9.59
C ALA Z 53 -50.32 2.79 -8.98
N GLU Z 54 -51.57 2.48 -9.31
CA GLU Z 54 -52.65 3.35 -8.86
C GLU Z 54 -52.70 3.44 -7.35
N LYS Z 55 -52.07 2.51 -6.64
CA LYS Z 55 -52.02 2.51 -5.18
C LYS Z 55 -50.62 2.24 -4.65
N SER Z 56 -49.59 2.83 -5.25
CA SER Z 56 -48.23 2.65 -4.78
C SER Z 56 -47.41 3.86 -5.23
N VAL Z 57 -46.49 4.27 -4.37
CA VAL Z 57 -45.73 5.50 -4.57
C VAL Z 57 -44.34 5.28 -4.03
N LEU Z 58 -43.34 5.33 -4.89
CA LEU Z 58 -41.97 5.05 -4.50
C LEU Z 58 -41.21 6.36 -4.34
N ALA Z 59 -40.69 6.61 -3.15
CA ALA Z 59 -39.87 7.77 -2.88
C ALA Z 59 -38.47 7.30 -2.55
N SER Z 60 -37.47 7.81 -3.27
CA SER Z 60 -36.11 7.33 -3.13
C SER Z 60 -35.16 8.50 -2.95
N SER Z 61 -34.09 8.27 -2.20
CA SER Z 61 -33.01 9.23 -2.07
C SER Z 61 -31.68 8.54 -2.30
N GLY Z 62 -30.68 9.32 -2.70
CA GLY Z 62 -29.35 8.78 -2.86
C GLY Z 62 -28.68 9.23 -4.14
N PHE Z 63 -28.29 8.28 -4.98
CA PHE Z 63 -27.66 8.56 -6.26
C PHE Z 63 -28.75 8.68 -7.31
N GLN Z 64 -28.78 9.80 -8.02
CA GLN Z 64 -29.92 10.09 -8.87
C GLN Z 64 -30.00 9.15 -10.06
N ALA Z 65 -28.85 8.81 -10.65
CA ALA Z 65 -28.88 7.91 -11.79
C ALA Z 65 -29.45 6.56 -11.40
N ASP Z 66 -28.99 6.03 -10.27
CA ASP Z 66 -29.50 4.73 -9.81
C ASP Z 66 -30.96 4.81 -9.44
N VAL Z 67 -31.36 5.89 -8.77
CA VAL Z 67 -32.77 6.04 -8.40
C VAL Z 67 -33.63 6.02 -9.65
N ARG Z 68 -33.23 6.77 -10.68
CA ARG Z 68 -34.06 6.83 -11.87
C ARG Z 68 -34.00 5.52 -12.67
N ALA Z 69 -32.85 4.87 -12.73
CA ALA Z 69 -32.79 3.58 -13.39
C ALA Z 69 -33.72 2.59 -12.69
N LEU Z 70 -33.72 2.60 -11.37
CA LEU Z 70 -34.60 1.73 -10.61
C LEU Z 70 -36.06 2.05 -10.88
N GLN Z 71 -36.41 3.33 -10.90
CA GLN Z 71 -37.81 3.68 -11.15
C GLN Z 71 -38.25 3.22 -12.52
N LYS Z 72 -37.42 3.43 -13.53
CA LYS Z 72 -37.78 2.99 -14.87
C LYS Z 72 -37.89 1.47 -14.94
N HIS Z 73 -36.97 0.77 -14.28
CA HIS Z 73 -37.03 -0.68 -14.27
C HIS Z 73 -38.29 -1.18 -13.61
N LEU Z 74 -38.70 -0.54 -12.52
CA LEU Z 74 -39.93 -0.98 -11.85
C LEU Z 74 -41.15 -0.69 -12.70
N ASP Z 75 -41.18 0.42 -13.42
CA ASP Z 75 -42.28 0.65 -14.37
C ASP Z 75 -42.30 -0.44 -15.44
N ALA Z 76 -41.13 -0.82 -15.95
CA ALA Z 76 -41.11 -1.87 -16.96
C ALA Z 76 -41.63 -3.18 -16.39
N ARG Z 77 -41.17 -3.57 -15.21
CA ARG Z 77 -41.60 -4.82 -14.63
C ARG Z 77 -43.08 -4.79 -14.32
N HIS Z 78 -43.60 -3.64 -13.90
CA HIS Z 78 -45.02 -3.55 -13.59
C HIS Z 78 -45.87 -3.59 -14.85
N LEU Z 79 -45.37 -3.00 -15.94
CA LEU Z 79 -46.11 -3.07 -17.19
C LEU Z 79 -46.15 -4.50 -17.70
N ILE Z 80 -45.05 -5.22 -17.60
CA ILE Z 80 -45.05 -6.65 -17.97
C ILE Z 80 -46.01 -7.43 -17.09
N TYR Z 81 -46.02 -7.13 -15.79
CA TYR Z 81 -46.98 -7.77 -14.89
C TYR Z 81 -48.40 -7.53 -15.36
N GLN Z 82 -48.75 -6.26 -15.58
CA GLN Z 82 -50.07 -5.93 -16.07
C GLN Z 82 -50.42 -6.74 -17.30
N HIS Z 83 -49.51 -6.77 -18.28
CA HIS Z 83 -49.83 -7.43 -19.53
C HIS Z 83 -50.02 -8.93 -19.34
N GLN Z 84 -49.15 -9.57 -18.57
CA GLN Z 84 -49.25 -11.01 -18.43
C GLN Z 84 -50.50 -11.42 -17.66
N HIS Z 85 -50.79 -10.74 -16.56
CA HIS Z 85 -51.85 -11.15 -15.65
C HIS Z 85 -53.13 -10.34 -15.80
N ASN Z 86 -53.14 -9.31 -16.66
CA ASN Z 86 -54.32 -8.46 -16.82
C ASN Z 86 -54.80 -7.91 -15.48
N LYS Z 87 -53.89 -7.37 -14.69
CA LYS Z 87 -54.20 -6.93 -13.34
C LYS Z 87 -53.09 -6.00 -12.88
N GLN Z 88 -53.43 -5.02 -12.04
CA GLN Z 88 -52.46 -4.05 -11.59
C GLN Z 88 -51.85 -4.51 -10.27
N MET Z 89 -50.54 -4.43 -10.17
CA MET Z 89 -49.81 -5.17 -9.15
C MET Z 89 -49.90 -4.50 -7.80
N SER Z 90 -50.54 -5.21 -6.87
CA SER Z 90 -50.90 -4.65 -5.57
C SER Z 90 -49.69 -4.08 -4.86
N CYS Z 91 -49.93 -3.30 -3.82
CA CYS Z 91 -48.82 -2.64 -3.14
C CYS Z 91 -47.85 -3.63 -2.51
N PRO Z 92 -48.27 -4.61 -1.71
CA PRO Z 92 -47.29 -5.57 -1.17
C PRO Z 92 -46.54 -6.34 -2.23
N ALA Z 93 -47.21 -6.69 -3.33
CA ALA Z 93 -46.51 -7.32 -4.44
C ALA Z 93 -45.43 -6.40 -4.97
N MET Z 94 -45.74 -5.12 -5.13
CA MET Z 94 -44.72 -4.16 -5.55
C MET Z 94 -43.58 -4.12 -4.54
N ALA Z 95 -43.91 -4.21 -3.25
CA ALA Z 95 -42.88 -4.13 -2.23
C ALA Z 95 -41.91 -5.28 -2.33
N GLN Z 96 -42.42 -6.50 -2.45
CA GLN Z 96 -41.51 -7.63 -2.58
C GLN Z 96 -40.76 -7.58 -3.90
N LEU Z 97 -41.42 -7.13 -4.97
CA LEU Z 97 -40.71 -7.03 -6.24
C LEU Z 97 -39.56 -6.06 -6.14
N LEU Z 98 -39.77 -4.94 -5.46
CA LEU Z 98 -38.69 -3.98 -5.30
C LEU Z 98 -37.59 -4.54 -4.42
N SER Z 99 -37.94 -5.31 -3.40
CA SER Z 99 -36.89 -5.96 -2.61
C SER Z 99 -36.06 -6.88 -3.47
N ASN Z 100 -36.72 -7.71 -4.27
CA ASN Z 100 -35.98 -8.62 -5.14
C ASN Z 100 -35.10 -7.86 -6.11
N THR Z 101 -35.66 -6.82 -6.74
CA THR Z 101 -34.89 -6.11 -7.75
C THR Z 101 -33.70 -5.40 -7.14
N LEU Z 102 -33.83 -4.94 -5.90
CA LEU Z 102 -32.67 -4.37 -5.22
C LEU Z 102 -31.63 -5.44 -4.94
N TYR Z 103 -32.08 -6.62 -4.53
CA TYR Z 103 -31.13 -7.65 -4.11
C TYR Z 103 -30.38 -8.25 -5.30
N TYR Z 104 -31.05 -8.44 -6.43
CA TYR Z 104 -30.40 -9.08 -7.56
C TYR Z 104 -29.11 -8.39 -7.93
N LYS Z 105 -29.02 -7.08 -7.71
CA LYS Z 105 -27.76 -6.37 -7.87
C LYS Z 105 -26.95 -6.35 -6.60
N ARG Z 106 -27.11 -7.37 -5.75
CA ARG Z 106 -26.43 -7.47 -4.47
C ARG Z 106 -24.98 -7.02 -4.53
N PHE Z 107 -24.25 -7.46 -5.54
CA PHE Z 107 -22.82 -7.22 -5.62
C PHE Z 107 -22.47 -5.97 -6.40
N PHE Z 108 -23.46 -5.19 -6.81
CA PHE Z 108 -23.24 -3.88 -7.39
C PHE Z 108 -24.48 -3.06 -7.08
N PRO Z 109 -24.72 -2.71 -5.83
CA PRO Z 109 -26.05 -2.29 -5.42
C PRO Z 109 -26.46 -0.96 -6.01
N TYR Z 110 -27.76 -0.79 -6.18
CA TYR Z 110 -28.31 0.55 -6.36
C TYR Z 110 -27.98 1.36 -5.13
N TYR Z 111 -27.58 2.62 -5.35
CA TYR Z 111 -27.35 3.54 -4.23
C TYR Z 111 -28.62 4.35 -3.95
N ALA Z 112 -29.72 3.63 -3.82
CA ALA Z 112 -31.03 4.24 -3.63
C ALA Z 112 -31.61 3.73 -2.33
N PHE Z 113 -32.03 4.66 -1.48
CA PHE Z 113 -32.69 4.34 -0.21
C PHE Z 113 -34.17 4.65 -0.37
N ASN Z 114 -34.98 3.60 -0.43
CA ASN Z 114 -36.34 3.67 -0.93
C ASN Z 114 -37.35 3.66 0.20
N VAL Z 115 -38.54 4.15 -0.09
CA VAL Z 115 -39.67 4.07 0.83
C VAL Z 115 -40.92 3.97 -0.03
N LEU Z 116 -41.61 2.85 0.03
CA LEU Z 116 -42.90 2.75 -0.64
C LEU Z 116 -43.98 3.40 0.18
N GLY Z 117 -45.19 3.38 -0.35
CA GLY Z 117 -46.36 3.78 0.38
C GLY Z 117 -47.58 3.43 -0.45
N GLY Z 118 -48.75 3.60 0.15
CA GLY Z 118 -49.98 3.39 -0.59
C GLY Z 118 -50.89 2.44 0.16
N LEU Z 119 -51.96 2.07 -0.52
CA LEU Z 119 -53.02 1.27 0.08
C LEU Z 119 -52.86 -0.18 -0.34
N ASP Z 120 -52.91 -1.08 0.63
CA ASP Z 120 -53.05 -2.48 0.31
C ASP Z 120 -54.48 -2.73 -0.16
N ASN Z 121 -54.69 -3.90 -0.77
CA ASN Z 121 -55.89 -4.09 -1.58
C ASN Z 121 -57.17 -3.83 -0.81
N GLU Z 122 -57.17 -4.05 0.51
CA GLU Z 122 -58.37 -3.74 1.29
C GLU Z 122 -58.52 -2.26 1.59
N GLY Z 123 -57.43 -1.48 1.55
CA GLY Z 123 -57.51 -0.04 1.69
C GLY Z 123 -56.76 0.56 2.86
N LYS Z 124 -56.08 -0.25 3.68
CA LYS Z 124 -55.28 0.29 4.74
C LYS Z 124 -53.93 0.75 4.20
N GLY Z 125 -53.50 1.94 4.60
CA GLY Z 125 -52.23 2.45 4.14
C GLY Z 125 -51.06 1.65 4.67
N CYS Z 126 -50.00 1.58 3.88
CA CYS Z 126 -48.80 0.84 4.20
C CYS Z 126 -47.58 1.74 4.03
N VAL Z 127 -46.44 1.31 4.54
CA VAL Z 127 -45.16 1.91 4.22
C VAL Z 127 -44.09 0.85 4.38
N PHE Z 128 -43.23 0.71 3.38
CA PHE Z 128 -42.18 -0.28 3.37
C PHE Z 128 -40.84 0.42 3.30
N THR Z 129 -39.96 0.15 4.26
CA THR Z 129 -38.66 0.81 4.31
C THR Z 129 -37.58 -0.17 3.90
N TYR Z 130 -36.68 0.27 3.03
CA TYR Z 130 -35.67 -0.60 2.44
C TYR Z 130 -34.28 -0.10 2.79
N ASP Z 131 -33.28 -0.88 2.40
CA ASP Z 131 -31.90 -0.43 2.39
C ASP Z 131 -31.27 -0.83 1.05
N ALA Z 132 -30.07 -0.33 0.80
CA ALA Z 132 -29.50 -0.42 -0.54
C ALA Z 132 -29.32 -1.86 -0.99
N VAL Z 133 -29.31 -2.82 -0.07
CA VAL Z 133 -29.09 -4.21 -0.45
C VAL Z 133 -30.40 -4.93 -0.74
N GLY Z 134 -31.50 -4.51 -0.14
CA GLY Z 134 -32.81 -4.98 -0.53
C GLY Z 134 -33.73 -5.46 0.57
N SER Z 135 -33.28 -5.48 1.82
CA SER Z 135 -34.16 -5.89 2.90
C SER Z 135 -35.27 -4.86 3.07
N TYR Z 136 -36.39 -5.29 3.61
CA TYR Z 136 -37.50 -4.36 3.74
C TYR Z 136 -38.40 -4.82 4.86
N GLU Z 137 -39.27 -3.92 5.31
CA GLU Z 137 -40.16 -4.24 6.40
C GLU Z 137 -41.31 -3.25 6.42
N LYS Z 138 -42.53 -3.78 6.47
CA LYS Z 138 -43.68 -2.91 6.60
C LYS Z 138 -43.59 -2.14 7.89
N VAL Z 139 -43.86 -0.84 7.83
CA VAL Z 139 -43.86 0.02 8.99
C VAL Z 139 -45.05 0.96 8.90
N GLY Z 140 -45.24 1.75 9.95
CA GLY Z 140 -46.30 2.74 9.93
C GLY Z 140 -45.83 4.10 9.50
N TYR Z 141 -44.53 4.35 9.57
CA TYR Z 141 -43.93 5.58 9.10
C TYR Z 141 -42.47 5.28 8.80
N SER Z 142 -41.83 6.16 8.04
CA SER Z 142 -40.43 5.92 7.74
C SER Z 142 -39.83 7.17 7.14
N SER Z 143 -38.51 7.16 7.03
CA SER Z 143 -37.77 8.28 6.48
C SER Z 143 -36.40 7.79 6.03
N GLN Z 144 -35.94 8.30 4.91
CA GLN Z 144 -34.63 7.95 4.38
C GLN Z 144 -34.08 9.12 3.60
N GLY Z 145 -32.76 9.23 3.57
CA GLY Z 145 -32.10 10.33 2.92
C GLY Z 145 -31.18 11.06 3.88
N SER Z 146 -30.70 12.22 3.42
CA SER Z 146 -29.74 12.98 4.21
C SER Z 146 -30.35 13.41 5.54
N GLY Z 147 -31.61 13.83 5.51
CA GLY Z 147 -32.28 14.30 6.71
C GLY Z 147 -33.07 13.27 7.47
N ALA Z 148 -32.88 11.98 7.20
CA ALA Z 148 -33.67 10.97 7.90
C ALA Z 148 -33.35 10.94 9.38
N LYS Z 149 -32.07 11.00 9.73
CA LYS Z 149 -31.71 10.89 11.13
C LYS Z 149 -32.24 12.06 11.95
N LEU Z 150 -32.53 13.19 11.31
CA LEU Z 150 -33.08 14.33 12.01
C LEU Z 150 -34.60 14.27 12.10
N ILE Z 151 -35.24 13.67 11.11
CA ILE Z 151 -36.68 13.56 11.12
C ILE Z 151 -37.12 12.48 12.09
N MET Z 152 -36.41 11.36 12.14
CA MET Z 152 -36.92 10.20 12.86
C MET Z 152 -37.10 10.42 14.36
N PRO Z 153 -36.20 11.05 15.10
CA PRO Z 153 -36.47 11.23 16.53
C PRO Z 153 -37.82 11.87 16.79
N PHE Z 154 -38.13 12.95 16.09
CA PHE Z 154 -39.40 13.65 16.29
C PHE Z 154 -40.58 12.79 15.86
N LEU Z 155 -40.50 12.13 14.71
CA LEU Z 155 -41.59 11.27 14.27
C LEU Z 155 -41.83 10.14 15.27
N ASP Z 156 -40.76 9.54 15.76
CA ASP Z 156 -40.88 8.50 16.77
C ASP Z 156 -41.63 9.03 17.98
N ASN Z 157 -41.24 10.17 18.55
CA ASN Z 157 -41.86 10.60 19.84
C ASN Z 157 -43.34 10.98 19.73
N GLN Z 158 -43.84 11.28 18.55
CA GLN Z 158 -45.25 11.75 18.49
C GLN Z 158 -46.09 10.62 17.94
N LEU Z 159 -45.49 9.72 17.18
CA LEU Z 159 -46.24 8.61 16.55
C LEU Z 159 -45.60 7.33 17.03
N LYS Z 160 -45.86 6.95 18.28
CA LYS Z 160 -45.21 5.75 18.85
C LYS Z 160 -46.25 4.83 19.46
N SER Z 161 -46.11 3.52 19.27
CA SER Z 161 -47.11 2.55 19.76
C SER Z 161 -46.45 1.19 20.00
N PRO Z 162 -46.97 0.31 20.89
CA PRO Z 162 -46.41 -1.03 21.04
C PRO Z 162 -45.99 -1.74 19.75
N SER Z 163 -44.79 -2.34 19.76
CA SER Z 163 -44.31 -3.10 18.58
C SER Z 163 -45.26 -4.25 18.33
N PRO Z 164 -45.53 -4.63 17.07
CA PRO Z 164 -46.55 -5.62 16.80
C PRO Z 164 -46.14 -7.03 17.22
N LEU Z 165 -45.01 -7.17 17.90
CA LEU Z 165 -44.49 -8.49 18.27
C LEU Z 165 -44.79 -8.80 19.74
N LEU Z 166 -45.37 -7.86 20.49
CA LEU Z 166 -45.76 -8.16 21.89
C LEU Z 166 -46.90 -9.18 21.82
N ILE Z 167 -46.76 -10.34 22.43
CA ILE Z 167 -47.80 -11.40 22.20
C ILE Z 167 -49.18 -10.97 22.71
N PRO Z 168 -49.41 -10.57 23.97
CA PRO Z 168 -50.74 -10.14 24.35
C PRO Z 168 -50.76 -8.72 23.78
N ALA Z 169 -51.15 -8.53 22.52
CA ALA Z 169 -51.05 -7.19 21.88
C ALA Z 169 -51.59 -6.11 22.81
N GLN Z 170 -50.87 -5.00 22.96
CA GLN Z 170 -51.25 -3.98 23.96
C GLN Z 170 -51.81 -2.72 23.31
N ASP Z 171 -52.71 -2.82 22.32
CA ASP Z 171 -53.40 -1.64 21.74
C ASP Z 171 -52.45 -0.70 20.98
N ALA Z 172 -52.99 0.41 20.47
CA ALA Z 172 -52.18 1.38 19.70
C ALA Z 172 -52.81 2.77 19.76
N VAL Z 173 -52.04 3.81 19.45
CA VAL Z 173 -52.53 5.20 19.55
C VAL Z 173 -53.60 5.41 18.47
N THR Z 174 -54.58 6.27 18.72
CA THR Z 174 -55.57 6.57 17.65
C THR Z 174 -54.82 7.15 16.44
N PRO Z 175 -54.94 6.60 15.23
CA PRO Z 175 -54.18 7.08 14.09
C PRO Z 175 -54.39 8.57 13.84
N LEU Z 176 -53.31 9.30 13.65
CA LEU Z 176 -53.43 10.71 13.27
C LEU Z 176 -54.26 10.66 12.02
N SER Z 177 -55.28 11.47 11.92
CA SER Z 177 -56.03 11.53 10.69
C SER Z 177 -55.25 12.32 9.64
N GLU Z 178 -55.76 12.30 8.41
CA GLU Z 178 -54.95 12.70 7.27
C GLU Z 178 -54.32 14.07 7.51
N SER Z 179 -55.13 15.05 7.94
CA SER Z 179 -54.63 16.40 8.10
C SER Z 179 -53.53 16.48 9.15
N GLU Z 180 -53.71 15.79 10.26
CA GLU Z 180 -52.63 15.73 11.24
C GLU Z 180 -51.36 15.18 10.60
N ALA Z 181 -51.50 14.18 9.73
CA ALA Z 181 -50.32 13.59 9.11
C ALA Z 181 -49.64 14.56 8.17
N ILE Z 182 -50.41 15.30 7.36
CA ILE Z 182 -49.81 16.30 6.49
C ILE Z 182 -49.04 17.30 7.33
N ASP Z 183 -49.66 17.77 8.41
CA ASP Z 183 -49.02 18.77 9.26
C ASP Z 183 -47.77 18.24 9.93
N LEU Z 184 -47.81 16.98 10.37
CA LEU Z 184 -46.63 16.39 10.98
C LEU Z 184 -45.50 16.28 9.98
N VAL Z 185 -45.80 15.88 8.75
CA VAL Z 185 -44.78 15.82 7.72
C VAL Z 185 -44.21 17.21 7.44
N ARG Z 186 -45.07 18.22 7.37
CA ARG Z 186 -44.61 19.57 7.10
C ARG Z 186 -43.65 20.04 8.19
N THR Z 187 -44.03 19.83 9.45
CA THR Z 187 -43.16 20.24 10.54
C THR Z 187 -41.86 19.46 10.53
N ALA Z 188 -41.92 18.18 10.19
CA ALA Z 188 -40.70 17.38 10.11
C ALA Z 188 -39.75 17.94 9.08
N PHE Z 189 -40.25 18.25 7.88
CA PHE Z 189 -39.35 18.79 6.86
C PHE Z 189 -38.90 20.21 7.19
N ALA Z 190 -39.75 21.02 7.80
CA ALA Z 190 -39.29 22.34 8.20
C ALA Z 190 -38.12 22.23 9.17
N SER Z 191 -38.29 21.42 10.21
CA SER Z 191 -37.22 21.27 11.19
C SER Z 191 -36.04 20.47 10.68
N ALA Z 192 -36.19 19.75 9.56
CA ALA Z 192 -35.06 19.04 8.98
C ALA Z 192 -34.26 19.92 8.03
N THR Z 193 -34.95 20.65 7.16
CA THR Z 193 -34.25 21.62 6.32
C THR Z 193 -33.65 22.74 7.14
N GLU Z 194 -34.15 22.98 8.35
CA GLU Z 194 -33.52 23.98 9.20
C GLU Z 194 -32.12 23.55 9.59
N ARG Z 195 -31.87 22.25 9.72
CA ARG Z 195 -30.64 21.76 10.33
C ARG Z 195 -29.81 20.89 9.39
N ASP Z 196 -30.30 20.56 8.20
CA ASP Z 196 -29.56 19.74 7.24
C ASP Z 196 -29.36 20.53 5.95
N ILE Z 197 -28.21 20.30 5.29
CA ILE Z 197 -27.85 21.15 4.17
C ILE Z 197 -28.33 20.58 2.84
N TYR Z 198 -28.56 19.28 2.76
CA TYR Z 198 -28.96 18.66 1.50
C TYR Z 198 -30.47 18.64 1.29
N THR Z 199 -31.26 19.20 2.20
CA THR Z 199 -32.71 19.21 2.10
C THR Z 199 -33.19 20.63 1.93
N GLY Z 200 -34.14 20.84 1.02
CA GLY Z 200 -34.79 22.13 0.94
C GLY Z 200 -35.23 22.48 -0.47
N ASP Z 201 -35.51 23.77 -0.65
CA ASP Z 201 -35.88 24.40 -1.91
C ASP Z 201 -37.31 24.10 -2.34
N LYS Z 202 -37.93 23.08 -1.75
CA LYS Z 202 -39.36 22.84 -1.91
C LYS Z 202 -39.65 21.55 -1.18
N LEU Z 203 -40.92 21.34 -0.85
CA LEU Z 203 -41.35 20.07 -0.30
C LEU Z 203 -42.47 19.55 -1.17
N GLU Z 204 -42.38 18.29 -1.58
CA GLU Z 204 -43.37 17.66 -2.42
C GLU Z 204 -44.14 16.68 -1.56
N ILE Z 205 -45.39 16.98 -1.28
CA ILE Z 205 -46.26 16.14 -0.46
C ILE Z 205 -47.20 15.43 -1.40
N LEU Z 206 -47.30 14.11 -1.25
CA LEU Z 206 -48.16 13.29 -2.09
C LEU Z 206 -49.02 12.44 -1.16
N VAL Z 207 -50.33 12.65 -1.22
CA VAL Z 207 -51.27 12.05 -0.28
C VAL Z 207 -52.16 11.08 -1.03
N LEU Z 208 -52.03 9.80 -0.72
CA LEU Z 208 -52.72 8.76 -1.45
C LEU Z 208 -53.86 8.25 -0.60
N ASN Z 209 -55.03 8.13 -1.20
CA ASN Z 209 -56.26 8.01 -0.44
C ASN Z 209 -57.28 7.28 -1.30
N LYS Z 210 -58.43 6.97 -0.71
CA LYS Z 210 -59.46 6.27 -1.48
C LYS Z 210 -59.95 7.09 -2.66
N GLU Z 211 -59.95 8.42 -2.55
CA GLU Z 211 -60.40 9.27 -3.65
C GLU Z 211 -59.27 9.64 -4.60
N GLY Z 212 -58.15 8.94 -4.56
CA GLY Z 212 -57.04 9.24 -5.44
C GLY Z 212 -56.01 10.13 -4.79
N LEU Z 213 -54.86 10.23 -5.46
CA LEU Z 213 -53.72 10.91 -4.88
C LEU Z 213 -53.72 12.39 -5.25
N ARG Z 214 -53.25 13.21 -4.30
CA ARG Z 214 -53.15 14.65 -4.45
C ARG Z 214 -51.71 15.07 -4.21
N ARG Z 215 -51.29 16.09 -4.93
CA ARG Z 215 -49.97 16.66 -4.76
C ARG Z 215 -50.09 18.04 -4.16
N GLU Z 216 -49.25 18.32 -3.18
CA GLU Z 216 -49.18 19.61 -2.55
C GLU Z 216 -47.71 19.99 -2.41
N TYR Z 217 -47.46 21.23 -2.06
CA TYR Z 217 -46.10 21.71 -1.93
C TYR Z 217 -45.99 22.66 -0.74
N MET Z 218 -44.78 22.76 -0.22
CA MET Z 218 -44.49 23.74 0.83
C MET Z 218 -43.10 24.27 0.56
N GLU Z 219 -42.95 25.58 0.65
CA GLU Z 219 -41.71 26.23 0.25
C GLU Z 219 -40.74 26.19 1.41
N LEU Z 220 -39.74 25.32 1.30
CA LEU Z 220 -38.64 25.32 2.24
C LEU Z 220 -37.63 26.38 1.84
N ARG Z 221 -36.67 26.67 2.72
CA ARG Z 221 -35.75 27.74 2.40
C ARG Z 221 -34.81 27.31 1.29
N LEU Z 222 -34.14 28.30 0.69
CA LEU Z 222 -33.37 28.08 -0.52
C LEU Z 222 -31.89 27.90 -0.30
N ASP Z 223 -31.40 28.03 0.92
CA ASP Z 223 -29.98 27.83 1.17
C ASP Z 223 -29.70 26.51 1.88
N TYR AA 19 -8.07 7.34 -18.20
CA TYR AA 19 -7.79 8.71 -17.71
C TYR AA 19 -8.21 9.67 -18.81
N PRO AA 20 -8.56 10.93 -18.50
CA PRO AA 20 -8.87 11.88 -19.54
C PRO AA 20 -7.57 12.44 -20.10
N TYR AA 21 -7.41 12.42 -21.43
CA TYR AA 21 -6.13 12.88 -22.03
C TYR AA 21 -6.38 14.26 -22.65
N VAL AA 22 -7.10 14.37 -23.75
CA VAL AA 22 -7.45 15.69 -24.34
C VAL AA 22 -8.84 16.07 -23.88
N THR AA 23 -8.95 16.95 -22.90
CA THR AA 23 -10.25 17.32 -22.30
C THR AA 23 -10.65 18.77 -22.54
N GLY AA 24 -11.94 19.05 -22.73
CA GLY AA 24 -12.43 20.42 -22.89
C GLY AA 24 -12.97 20.95 -21.56
N THR AA 25 -13.78 22.01 -21.56
CA THR AA 25 -14.21 22.63 -20.29
C THR AA 25 -15.68 23.03 -20.30
N SER AA 26 -16.07 23.99 -19.47
CA SER AA 26 -17.51 24.35 -19.26
C SER AA 26 -18.34 24.47 -20.53
N VAL AA 27 -19.60 24.03 -20.47
CA VAL AA 27 -20.56 24.24 -21.58
C VAL AA 27 -21.86 24.75 -20.95
N ILE AA 28 -22.03 26.06 -20.84
CA ILE AA 28 -23.21 26.72 -20.22
C ILE AA 28 -24.42 26.61 -21.15
N GLY AA 29 -25.64 26.81 -20.63
CA GLY AA 29 -26.88 26.64 -21.41
C GLY AA 29 -27.99 27.52 -20.90
N ILE AA 30 -28.76 28.17 -21.77
CA ILE AA 30 -29.77 29.19 -21.33
C ILE AA 30 -30.96 29.18 -22.25
N LYS AA 31 -32.09 28.67 -21.83
CA LYS AA 31 -33.37 28.68 -22.52
C LYS AA 31 -33.87 30.11 -22.58
N TYR AA 32 -33.96 30.66 -23.79
CA TYR AA 32 -34.40 32.02 -23.97
C TYR AA 32 -35.69 32.02 -24.78
N LYS AA 33 -36.34 33.16 -24.82
CA LYS AA 33 -37.55 33.30 -25.61
C LYS AA 33 -37.35 32.68 -26.98
N ASP AA 34 -38.43 32.11 -27.51
CA ASP AA 34 -38.48 31.64 -28.91
C ASP AA 34 -37.39 30.64 -29.28
N GLY AA 35 -36.61 30.14 -28.34
CA GLY AA 35 -35.55 29.22 -28.71
C GLY AA 35 -34.60 28.87 -27.57
N ILE AA 36 -33.37 28.51 -27.90
CA ILE AA 36 -32.39 28.08 -26.93
C ILE AA 36 -30.99 28.49 -27.40
N LEU AA 37 -30.14 28.82 -26.44
CA LEU AA 37 -28.77 29.27 -26.71
C LEU AA 37 -27.81 28.43 -25.89
N ILE AA 38 -26.70 28.03 -26.51
CA ILE AA 38 -25.65 27.28 -25.83
C ILE AA 38 -24.32 27.86 -26.26
N ALA AA 39 -23.38 27.96 -25.32
CA ALA AA 39 -22.07 28.55 -25.57
C ALA AA 39 -20.98 27.63 -25.06
N ALA AA 40 -19.86 27.59 -25.77
CA ALA AA 40 -18.77 26.73 -25.37
C ALA AA 40 -17.49 27.16 -26.07
N ASP AA 41 -16.43 27.29 -25.31
CA ASP AA 41 -15.17 27.71 -25.89
C ASP AA 41 -14.64 26.63 -26.83
N MET AA 42 -13.70 27.01 -27.67
CA MET AA 42 -13.14 26.12 -28.67
C MET AA 42 -11.83 25.51 -28.25
N GLY AA 43 -11.63 25.28 -26.96
CA GLY AA 43 -10.35 24.79 -26.48
C GLY AA 43 -10.40 23.33 -26.11
N GLY AA 44 -9.33 22.62 -26.46
CA GLY AA 44 -9.10 21.28 -25.96
C GLY AA 44 -7.74 21.20 -25.32
N SER AA 45 -7.71 20.98 -24.01
CA SER AA 45 -6.47 21.04 -23.25
C SER AA 45 -5.94 19.64 -23.01
N TYR AA 46 -4.63 19.55 -22.78
CA TYR AA 46 -3.95 18.28 -22.63
C TYR AA 46 -3.16 18.37 -21.33
N GLY AA 47 -3.79 18.05 -20.22
CA GLY AA 47 -3.14 18.28 -18.95
C GLY AA 47 -3.21 19.76 -18.63
N SER AA 48 -2.07 20.44 -18.72
CA SER AA 48 -2.06 21.89 -18.57
C SER AA 48 -1.96 22.62 -19.90
N THR AA 49 -1.36 22.00 -20.91
CA THR AA 49 -1.19 22.63 -22.21
C THR AA 49 -2.52 22.75 -22.93
N LEU AA 50 -2.68 23.81 -23.71
CA LEU AA 50 -3.75 23.88 -24.69
C LEU AA 50 -3.25 23.35 -26.02
N ARG AA 51 -3.33 22.05 -26.24
CA ARG AA 51 -2.89 21.51 -27.51
C ARG AA 51 -3.67 22.15 -28.66
N TYR AA 52 -4.99 22.27 -28.50
CA TYR AA 52 -5.88 22.66 -29.57
C TYR AA 52 -6.68 23.87 -29.15
N LYS AA 53 -6.92 24.77 -30.11
CA LYS AA 53 -7.69 25.98 -29.86
C LYS AA 53 -8.79 26.19 -30.87
N SER AA 54 -9.07 25.23 -31.73
CA SER AA 54 -10.11 25.41 -32.73
C SER AA 54 -10.94 24.15 -32.89
N VAL AA 55 -11.34 23.55 -31.77
CA VAL AA 55 -12.09 22.31 -31.79
C VAL AA 55 -13.57 22.62 -31.57
N GLU AA 56 -14.30 22.86 -32.65
CA GLU AA 56 -15.72 23.16 -32.55
C GLU AA 56 -16.37 22.15 -31.64
N ARG AA 57 -16.85 22.56 -30.46
CA ARG AA 57 -17.35 21.61 -29.49
C ARG AA 57 -18.86 21.69 -29.36
N LEU AA 58 -19.54 22.31 -30.32
CA LEU AA 58 -20.99 22.35 -30.44
C LEU AA 58 -21.42 21.75 -31.76
N LYS AA 59 -22.46 20.93 -31.73
CA LYS AA 59 -22.96 20.31 -32.95
C LYS AA 59 -24.48 20.35 -32.97
N GLY AA 60 -25.03 20.36 -34.19
CA GLY AA 60 -26.46 20.25 -34.35
C GLY AA 60 -26.86 18.81 -34.64
N ILE AA 61 -27.87 18.34 -33.92
CA ILE AA 61 -28.34 16.97 -33.98
C ILE AA 61 -29.77 16.98 -34.50
N GLY AA 62 -30.01 16.27 -35.58
CA GLY AA 62 -31.36 16.21 -36.07
C GLY AA 62 -31.91 17.59 -36.35
N LYS AA 63 -33.21 17.61 -36.60
CA LYS AA 63 -33.88 18.86 -36.95
C LYS AA 63 -34.10 19.74 -35.73
N HIS AA 64 -34.44 19.13 -34.59
CA HIS AA 64 -34.97 19.85 -33.45
C HIS AA 64 -33.99 20.00 -32.29
N SER AA 65 -32.74 19.63 -32.45
CA SER AA 65 -31.85 19.52 -31.29
C SER AA 65 -30.51 20.18 -31.56
N LEU AA 66 -29.69 20.19 -30.52
CA LEU AA 66 -28.39 20.84 -30.51
C LEU AA 66 -27.73 20.42 -29.20
N LEU AA 67 -26.47 20.00 -29.24
CA LEU AA 67 -25.83 19.65 -27.99
C LEU AA 67 -24.38 20.09 -28.01
N GLY AA 68 -23.87 20.40 -26.83
CA GLY AA 68 -22.45 20.60 -26.64
C GLY AA 68 -21.97 19.62 -25.60
N ALA AA 69 -20.67 19.39 -25.60
CA ALA AA 69 -20.08 18.43 -24.69
C ALA AA 69 -18.84 19.04 -24.05
N SER AA 70 -18.51 18.55 -22.87
CA SER AA 70 -17.27 18.89 -22.20
C SER AA 70 -16.53 17.59 -21.91
N GLY AA 71 -15.37 17.69 -21.30
CA GLY AA 71 -14.70 16.43 -20.95
C GLY AA 71 -13.93 15.86 -22.11
N GLU AA 72 -13.67 14.56 -22.12
CA GLU AA 72 -12.79 13.95 -23.14
C GLU AA 72 -13.34 14.19 -24.54
N ILE AA 73 -12.51 14.67 -25.45
CA ILE AA 73 -12.97 15.03 -26.80
C ILE AA 73 -13.01 13.79 -27.68
N SER AA 74 -12.29 12.73 -27.36
CA SER AA 74 -12.43 11.51 -28.20
C SER AA 74 -13.83 10.93 -28.01
N ASP AA 75 -14.25 10.78 -26.78
CA ASP AA 75 -15.56 10.29 -26.38
C ASP AA 75 -16.67 11.14 -26.97
N PHE AA 76 -16.50 12.46 -27.00
CA PHE AA 76 -17.51 13.31 -27.61
C PHE AA 76 -17.63 13.02 -29.09
N GLN AA 77 -16.50 12.84 -29.78
CA GLN AA 77 -16.56 12.53 -31.19
C GLN AA 77 -17.24 11.19 -31.42
N GLU AA 78 -17.13 10.27 -30.46
CA GLU AA 78 -17.85 9.00 -30.58
C GLU AA 78 -19.34 9.16 -30.36
N LEU AA 79 -19.72 9.97 -29.37
CA LEU AA 79 -21.13 10.25 -29.15
C LEU AA 79 -21.74 10.86 -30.39
N LEU AA 80 -20.98 11.66 -31.12
CA LEU AA 80 -21.51 12.18 -32.36
C LEU AA 80 -21.79 11.07 -33.35
N ARG AA 81 -20.97 10.02 -33.40
CA ARG AA 81 -21.24 8.93 -34.32
C ARG AA 81 -22.50 8.18 -33.90
N TYR AA 82 -22.63 7.91 -32.61
CA TYR AA 82 -23.85 7.28 -32.12
C TYR AA 82 -25.07 8.10 -32.52
N LEU AA 83 -25.04 9.40 -32.24
CA LEU AA 83 -26.21 10.23 -32.51
C LEU AA 83 -26.45 10.38 -34.00
N ASP AA 84 -25.40 10.38 -34.81
CA ASP AA 84 -25.61 10.50 -36.24
C ASP AA 84 -26.27 9.25 -36.81
N ASP AA 85 -25.82 8.07 -36.38
CA ASP AA 85 -26.53 6.87 -36.80
C ASP AA 85 -27.97 6.90 -36.32
N LEU AA 86 -28.19 7.28 -35.06
CA LEU AA 86 -29.55 7.35 -34.53
C LEU AA 86 -30.42 8.25 -35.38
N ILE AA 87 -29.94 9.45 -35.66
CA ILE AA 87 -30.74 10.43 -36.37
C ILE AA 87 -30.92 10.07 -37.82
N LEU AA 88 -29.92 9.50 -38.47
CA LEU AA 88 -30.10 9.07 -39.84
C LEU AA 88 -31.11 7.93 -39.94
N TYR AA 89 -31.02 6.96 -39.04
CA TYR AA 89 -31.99 5.87 -39.05
C TYR AA 89 -33.39 6.41 -38.77
N ASP AA 90 -33.48 7.39 -37.88
CA ASP AA 90 -34.76 8.04 -37.63
C ASP AA 90 -35.29 8.73 -38.87
N ASN AA 91 -34.42 9.41 -39.60
CA ASN AA 91 -34.88 10.18 -40.75
C ASN AA 91 -35.31 9.27 -41.88
N MET AA 92 -34.60 8.17 -42.11
CA MET AA 92 -34.90 7.39 -43.30
C MET AA 92 -36.30 6.77 -43.27
N TRP AA 93 -36.95 6.74 -42.11
CA TRP AA 93 -38.31 6.20 -42.06
C TRP AA 93 -39.24 7.04 -42.91
N ASP AA 94 -39.16 8.36 -42.78
CA ASP AA 94 -40.05 9.27 -43.49
C ASP AA 94 -41.51 8.98 -43.18
N ASP AA 95 -41.81 8.58 -41.94
CA ASP AA 95 -43.20 8.37 -41.56
C ASP AA 95 -43.81 9.58 -40.88
N GLY AA 96 -43.08 10.69 -40.77
CA GLY AA 96 -43.66 11.92 -40.28
C GLY AA 96 -43.56 12.13 -38.79
N ASN AA 97 -42.70 11.39 -38.10
CA ASN AA 97 -42.43 11.64 -36.69
C ASN AA 97 -40.94 11.41 -36.43
N SER AA 98 -40.39 12.26 -35.57
CA SER AA 98 -38.95 12.27 -35.35
C SER AA 98 -38.68 12.56 -33.90
N PHE AA 99 -37.41 12.40 -33.51
CA PHE AA 99 -37.01 12.62 -32.13
C PHE AA 99 -36.89 14.12 -31.86
N GLY AA 100 -37.55 14.58 -30.81
CA GLY AA 100 -37.37 15.93 -30.34
C GLY AA 100 -36.20 15.96 -29.40
N PRO AA 101 -36.00 17.06 -28.71
CA PRO AA 101 -34.92 17.10 -27.72
C PRO AA 101 -35.09 16.09 -26.63
N LYS AA 102 -36.33 15.80 -26.25
CA LYS AA 102 -36.57 14.95 -25.10
C LYS AA 102 -36.05 13.54 -25.35
N GLU AA 103 -36.46 12.94 -26.47
CA GLU AA 103 -36.04 11.57 -26.74
C GLU AA 103 -34.54 11.49 -26.92
N VAL AA 104 -33.94 12.47 -27.60
CA VAL AA 104 -32.51 12.43 -27.79
C VAL AA 104 -31.79 12.50 -26.45
N HIS AA 105 -32.24 13.38 -25.57
CA HIS AA 105 -31.59 13.48 -24.27
C HIS AA 105 -31.78 12.21 -23.46
N ASN AA 106 -32.94 11.57 -23.59
CA ASN AA 106 -33.17 10.33 -22.86
C ASN AA 106 -32.29 9.22 -23.38
N TYR AA 107 -32.10 9.16 -24.70
CA TYR AA 107 -31.16 8.21 -25.26
C TYR AA 107 -29.76 8.47 -24.76
N LEU AA 108 -29.37 9.74 -24.66
CA LEU AA 108 -28.04 10.05 -24.16
C LEU AA 108 -27.88 9.62 -22.72
N THR AA 109 -28.88 9.89 -21.88
CA THR AA 109 -28.79 9.44 -20.50
C THR AA 109 -28.66 7.93 -20.43
N ARG AA 110 -29.44 7.21 -21.23
CA ARG AA 110 -29.39 5.76 -21.18
C ARG AA 110 -28.02 5.26 -21.59
N VAL AA 111 -27.46 5.79 -22.67
CA VAL AA 111 -26.16 5.31 -23.10
C VAL AA 111 -25.09 5.64 -22.07
N MET AA 112 -25.10 6.85 -21.53
CA MET AA 112 -24.07 7.22 -20.56
C MET AA 112 -24.15 6.36 -19.32
N TYR AA 113 -25.36 6.11 -18.81
CA TYR AA 113 -25.53 5.25 -17.65
C TYR AA 113 -25.12 3.82 -17.96
N ASN AA 114 -25.51 3.29 -19.11
CA ASN AA 114 -25.14 1.94 -19.47
C ASN AA 114 -23.64 1.78 -19.53
N ARG AA 115 -22.95 2.73 -20.13
CA ARG AA 115 -21.50 2.63 -20.20
C ARG AA 115 -20.84 2.88 -18.86
N ARG AA 116 -21.52 3.56 -17.94
CA ARG AA 116 -21.02 3.59 -16.56
C ARG AA 116 -21.14 2.23 -15.92
N ASN AA 117 -22.22 1.51 -16.19
CA ASN AA 117 -22.41 0.19 -15.61
C ASN AA 117 -21.34 -0.80 -16.04
N LYS AA 118 -20.67 -0.53 -17.16
CA LYS AA 118 -19.58 -1.36 -17.61
C LYS AA 118 -18.24 -0.92 -17.05
N PHE AA 119 -18.22 0.10 -16.20
CA PHE AA 119 -16.97 0.67 -15.70
C PHE AA 119 -16.09 1.13 -16.85
N ASN AA 120 -16.73 1.50 -17.95
CA ASN AA 120 -16.04 1.98 -19.14
C ASN AA 120 -16.73 3.26 -19.62
N PRO AA 121 -16.65 4.32 -18.83
CA PRO AA 121 -17.52 5.47 -19.05
C PRO AA 121 -17.13 6.26 -20.27
N LEU AA 122 -18.13 6.90 -20.87
CA LEU AA 122 -17.88 8.04 -21.72
C LEU AA 122 -17.60 9.23 -20.83
N TRP AA 123 -16.47 9.86 -21.01
CA TRP AA 123 -15.95 10.73 -19.98
C TRP AA 123 -16.57 12.12 -20.08
N ASN AA 124 -17.54 12.30 -20.98
CA ASN AA 124 -18.10 13.59 -21.35
C ASN AA 124 -19.23 14.00 -20.41
N SER AA 125 -19.47 15.30 -20.34
CA SER AA 125 -20.68 15.87 -19.78
C SER AA 125 -21.45 16.56 -20.89
N LEU AA 126 -22.68 16.14 -21.12
CA LEU AA 126 -23.44 16.56 -22.29
C LEU AA 126 -24.45 17.62 -21.90
N VAL AA 127 -24.50 18.70 -22.67
CA VAL AA 127 -25.59 19.67 -22.60
C VAL AA 127 -26.37 19.57 -23.89
N LEU AA 128 -27.60 19.07 -23.80
CA LEU AA 128 -28.45 18.93 -24.98
C LEU AA 128 -29.73 19.72 -24.76
N GLY AA 129 -30.13 20.45 -25.78
CA GLY AA 129 -31.34 21.23 -25.72
C GLY AA 129 -31.90 21.41 -27.12
N GLY AA 130 -33.12 21.90 -27.19
CA GLY AA 130 -33.74 22.17 -28.47
C GLY AA 130 -35.19 22.50 -28.30
N VAL AA 131 -35.85 22.73 -29.43
CA VAL AA 131 -37.26 23.12 -29.43
C VAL AA 131 -37.99 22.26 -30.44
N LYS AA 132 -39.10 21.68 -30.02
CA LYS AA 132 -39.97 20.93 -30.92
C LYS AA 132 -41.41 21.25 -30.60
N ASN AA 133 -42.21 21.41 -31.66
CA ASN AA 133 -43.64 21.69 -31.53
C ASN AA 133 -43.92 22.85 -30.59
N GLY AA 134 -42.98 23.77 -30.46
CA GLY AA 134 -43.18 24.90 -29.56
C GLY AA 134 -42.90 24.61 -28.11
N GLN AA 135 -42.46 23.40 -27.77
CA GLN AA 135 -42.04 23.07 -26.42
C GLN AA 135 -40.52 23.00 -26.41
N LYS AA 136 -39.87 23.94 -25.75
CA LYS AA 136 -38.43 24.05 -25.78
C LYS AA 136 -37.85 23.35 -24.57
N TYR AA 137 -36.89 22.45 -24.81
CA TYR AA 137 -36.31 21.57 -23.82
C TYR AA 137 -34.83 21.88 -23.69
N LEU AA 138 -34.30 21.77 -22.48
CA LEU AA 138 -32.87 21.91 -22.24
C LEU AA 138 -32.50 21.05 -21.06
N GLY AA 139 -31.46 20.22 -21.21
CA GLY AA 139 -31.08 19.33 -20.14
C GLY AA 139 -29.61 18.98 -20.21
N THR AA 140 -29.17 18.19 -19.24
CA THR AA 140 -27.77 17.85 -19.08
C THR AA 140 -27.64 16.38 -18.75
N VAL AA 141 -26.45 15.84 -18.97
CA VAL AA 141 -26.13 14.47 -18.58
C VAL AA 141 -24.69 14.45 -18.10
N ASN AA 142 -24.43 13.67 -17.06
CA ASN AA 142 -23.11 13.57 -16.48
C ASN AA 142 -22.37 12.39 -17.08
N MET AA 143 -21.11 12.23 -16.69
CA MET AA 143 -20.36 11.07 -17.18
C MET AA 143 -20.82 9.79 -16.53
N ILE AA 144 -21.66 9.86 -15.52
CA ILE AA 144 -22.17 8.68 -14.82
C ILE AA 144 -23.69 8.66 -14.80
N GLY AA 145 -24.34 9.27 -15.78
CA GLY AA 145 -25.76 9.14 -15.94
C GLY AA 145 -26.61 10.14 -15.20
N VAL AA 146 -26.03 10.95 -14.31
CA VAL AA 146 -26.82 11.96 -13.61
C VAL AA 146 -27.34 12.97 -14.61
N HIS AA 147 -28.65 13.20 -14.57
CA HIS AA 147 -29.28 14.04 -15.58
C HIS AA 147 -30.40 14.84 -14.96
N TYR AA 148 -30.65 16.01 -15.55
CA TYR AA 148 -31.75 16.86 -15.13
C TYR AA 148 -32.02 17.85 -16.23
N GLN AA 149 -33.28 18.25 -16.36
CA GLN AA 149 -33.68 19.24 -17.35
C GLN AA 149 -34.08 20.49 -16.63
N ASP AA 150 -33.60 21.64 -17.11
CA ASP AA 150 -33.74 22.90 -16.40
C ASP AA 150 -33.82 24.03 -17.42
N ASN AA 151 -34.07 25.24 -16.93
CA ASN AA 151 -34.06 26.40 -17.80
C ASN AA 151 -32.66 26.78 -18.26
N HIS AA 152 -31.67 26.60 -17.40
CA HIS AA 152 -30.30 26.97 -17.69
C HIS AA 152 -29.40 25.94 -17.05
N VAL AA 153 -28.47 25.39 -17.83
CA VAL AA 153 -27.61 24.32 -17.37
C VAL AA 153 -26.17 24.68 -17.67
N ALA AA 154 -25.25 24.00 -16.99
CA ALA AA 154 -23.84 24.20 -17.23
C ALA AA 154 -23.11 22.94 -16.82
N THR AA 155 -21.86 22.83 -17.26
CA THR AA 155 -21.03 21.68 -16.94
C THR AA 155 -19.65 22.16 -16.52
N GLY AA 156 -19.00 21.40 -15.65
CA GLY AA 156 -17.69 21.80 -15.19
C GLY AA 156 -17.75 23.09 -14.40
N PHE AA 157 -16.73 23.92 -14.55
CA PHE AA 157 -16.71 25.18 -13.80
C PHE AA 157 -17.87 26.08 -14.15
N GLY AA 158 -18.50 25.89 -15.31
CA GLY AA 158 -19.72 26.62 -15.57
C GLY AA 158 -20.80 26.27 -14.57
N ASN AA 159 -20.58 25.21 -13.80
CA ASN AA 159 -21.51 24.82 -12.76
C ASN AA 159 -21.21 25.48 -11.43
N HIS AA 160 -20.04 26.12 -11.30
CA HIS AA 160 -19.68 26.90 -10.12
C HIS AA 160 -19.79 28.39 -10.38
N LEU AA 161 -19.12 28.87 -11.43
CA LEU AA 161 -18.93 30.28 -11.71
C LEU AA 161 -19.95 30.86 -12.69
N ALA AA 162 -20.89 30.06 -13.16
CA ALA AA 162 -21.86 30.55 -14.13
C ALA AA 162 -23.29 30.32 -13.72
N VAL AA 163 -23.59 29.25 -12.99
CA VAL AA 163 -24.98 29.04 -12.58
C VAL AA 163 -25.35 30.06 -11.52
N PRO AA 164 -24.44 30.56 -10.68
CA PRO AA 164 -24.83 31.67 -9.80
C PRO AA 164 -25.35 32.87 -10.57
N ILE AA 165 -24.59 33.31 -11.56
CA ILE AA 165 -24.99 34.47 -12.34
C ILE AA 165 -26.18 34.14 -13.25
N LEU AA 166 -26.28 32.91 -13.75
CA LEU AA 166 -27.44 32.54 -14.56
C LEU AA 166 -28.71 32.57 -13.72
N ARG AA 167 -28.65 31.96 -12.54
CA ARG AA 167 -29.80 31.99 -11.64
C ARG AA 167 -30.15 33.41 -11.27
N ASP AA 168 -29.14 34.23 -11.02
CA ASP AA 168 -29.38 35.59 -10.57
C ASP AA 168 -30.12 36.40 -11.62
N GLU AA 169 -29.80 36.19 -12.90
CA GLU AA 169 -30.23 37.12 -13.95
C GLU AA 169 -31.13 36.51 -15.01
N TRP AA 170 -31.34 35.21 -15.02
CA TRP AA 170 -32.22 34.63 -16.04
C TRP AA 170 -33.64 35.12 -15.86
N LYS AA 171 -34.34 35.29 -16.98
CA LYS AA 171 -35.71 35.77 -16.96
C LYS AA 171 -36.57 34.89 -17.85
N GLU AA 172 -37.87 34.91 -17.61
CA GLU AA 172 -38.76 34.00 -18.32
C GLU AA 172 -38.72 34.23 -19.83
N ASP AA 173 -38.75 35.49 -20.26
CA ASP AA 173 -38.86 35.82 -21.67
C ASP AA 173 -37.63 36.55 -22.17
N LEU AA 174 -36.45 36.05 -21.80
CA LEU AA 174 -35.21 36.71 -22.15
C LEU AA 174 -35.12 36.88 -23.65
N SER AA 175 -34.73 38.07 -24.08
CA SER AA 175 -34.60 38.33 -25.52
C SER AA 175 -33.44 37.53 -26.09
N PHE AA 176 -33.29 37.58 -27.41
CA PHE AA 176 -32.11 36.97 -28.02
C PHE AA 176 -30.85 37.74 -27.67
N GLU AA 177 -30.89 39.07 -27.80
CA GLU AA 177 -29.72 39.86 -27.46
C GLU AA 177 -29.44 39.82 -25.97
N ASP AA 178 -30.47 39.94 -25.14
CA ASP AA 178 -30.23 39.80 -23.71
C ASP AA 178 -29.69 38.42 -23.40
N GLY AA 179 -30.16 37.41 -24.12
CA GLY AA 179 -29.63 36.07 -23.90
C GLY AA 179 -28.17 35.97 -24.25
N VAL AA 180 -27.78 36.53 -25.39
CA VAL AA 180 -26.37 36.53 -25.78
C VAL AA 180 -25.54 37.28 -24.75
N ARG AA 181 -26.02 38.42 -24.28
CA ARG AA 181 -25.24 39.21 -23.35
C ARG AA 181 -25.12 38.53 -22.00
N LEU AA 182 -26.16 37.86 -21.54
CA LEU AA 182 -26.04 37.08 -20.32
C LEU AA 182 -25.04 35.95 -20.50
N LEU AA 183 -25.14 35.25 -21.62
CA LEU AA 183 -24.32 34.08 -21.83
C LEU AA 183 -22.86 34.48 -21.96
N GLU AA 184 -22.60 35.64 -22.57
CA GLU AA 184 -21.24 36.17 -22.61
C GLU AA 184 -20.77 36.65 -21.26
N LYS AA 185 -21.66 37.22 -20.45
CA LYS AA 185 -21.28 37.55 -19.09
C LYS AA 185 -20.76 36.32 -18.37
N CYS AA 186 -21.50 35.22 -18.48
CA CYS AA 186 -21.09 33.97 -17.84
C CYS AA 186 -19.77 33.49 -18.40
N MET AA 187 -19.63 33.51 -19.72
CA MET AA 187 -18.49 32.90 -20.36
C MET AA 187 -17.23 33.72 -20.11
N ARG AA 188 -17.38 35.04 -20.08
CA ARG AA 188 -16.28 35.92 -19.71
C ARG AA 188 -15.87 35.71 -18.25
N VAL AA 189 -16.85 35.57 -17.35
CA VAL AA 189 -16.51 35.32 -15.95
C VAL AA 189 -15.69 34.04 -15.85
N LEU AA 190 -16.03 33.04 -16.63
CA LEU AA 190 -15.20 31.84 -16.68
C LEU AA 190 -13.81 32.14 -17.22
N LEU AA 191 -13.74 32.81 -18.37
CA LEU AA 191 -12.47 33.11 -18.99
C LEU AA 191 -11.51 33.81 -18.05
N TYR AA 192 -12.04 34.64 -17.15
CA TYR AA 192 -11.20 35.30 -16.16
C TYR AA 192 -10.54 34.27 -15.24
N ARG AA 193 -11.29 33.25 -14.81
CA ARG AA 193 -10.84 32.41 -13.71
C ARG AA 193 -11.03 30.92 -13.93
N ASP AA 194 -10.58 30.37 -15.07
CA ASP AA 194 -10.68 28.94 -15.29
C ASP AA 194 -9.34 28.29 -15.61
N ARG AA 195 -8.42 29.02 -16.24
CA ARG AA 195 -7.09 28.56 -16.63
C ARG AA 195 -7.14 27.34 -17.54
N SER AA 196 -8.33 26.86 -17.86
CA SER AA 196 -8.47 25.82 -18.85
C SER AA 196 -9.17 26.34 -20.10
N ALA AA 197 -9.56 27.61 -20.09
CA ALA AA 197 -10.41 28.16 -21.13
C ALA AA 197 -9.62 29.06 -22.07
N VAL AA 198 -9.93 28.95 -23.35
CA VAL AA 198 -9.29 29.74 -24.38
C VAL AA 198 -10.26 30.83 -24.81
N ASN AA 199 -9.73 31.95 -25.27
CA ASN AA 199 -10.58 33.09 -25.55
C ASN AA 199 -11.50 32.82 -26.74
N LYS AA 200 -11.18 31.83 -27.58
CA LYS AA 200 -12.07 31.49 -28.68
C LYS AA 200 -13.33 30.81 -28.16
N LEU AA 201 -14.48 31.07 -28.78
CA LEU AA 201 -15.72 30.50 -28.27
C LEU AA 201 -16.85 30.71 -29.25
N GLN AA 202 -17.93 29.94 -29.08
CA GLN AA 202 -19.05 29.95 -30.00
C GLN AA 202 -20.35 29.96 -29.21
N ILE AA 203 -21.33 30.71 -29.71
CA ILE AA 203 -22.70 30.68 -29.21
C ILE AA 203 -23.54 30.01 -30.28
N ALA AA 204 -24.38 29.08 -29.86
CA ALA AA 204 -25.22 28.33 -30.78
C ALA AA 204 -26.67 28.68 -30.53
N LYS AA 205 -27.35 29.10 -31.59
CA LYS AA 205 -28.77 29.44 -31.51
C LYS AA 205 -29.58 28.36 -32.17
N ILE AA 206 -30.60 27.86 -31.46
CA ILE AA 206 -31.59 26.96 -32.04
C ILE AA 206 -32.96 27.54 -31.77
N THR AA 207 -33.81 27.54 -32.79
CA THR AA 207 -35.13 28.10 -32.72
C THR AA 207 -36.08 27.24 -33.54
N GLU AA 208 -37.36 27.40 -33.27
CA GLU AA 208 -38.35 26.79 -34.14
C GLU AA 208 -38.27 27.43 -35.52
N GLU AA 209 -38.43 26.63 -36.55
CA GLU AA 209 -38.56 27.09 -37.94
C GLU AA 209 -37.37 27.91 -38.41
N GLY AA 210 -36.34 28.07 -37.59
CA GLY AA 210 -35.09 28.62 -38.05
C GLY AA 210 -34.06 27.51 -38.12
N GLY AA 211 -34.11 26.62 -37.15
CA GLY AA 211 -33.13 25.57 -37.06
C GLY AA 211 -31.88 26.05 -36.34
N VAL AA 212 -30.95 25.12 -36.17
CA VAL AA 212 -29.73 25.41 -35.43
C VAL AA 212 -28.86 26.36 -36.25
N THR AA 213 -28.18 27.27 -35.55
CA THR AA 213 -27.30 28.24 -36.18
C THR AA 213 -26.16 28.52 -35.23
N ILE AA 214 -24.94 28.17 -35.62
CA ILE AA 214 -23.78 28.24 -34.72
C ILE AA 214 -22.97 29.48 -35.06
N SER AA 215 -22.65 30.26 -34.04
CA SER AA 215 -21.95 31.52 -34.23
C SER AA 215 -20.53 31.26 -34.71
N PRO AA 216 -20.00 32.12 -35.56
CA PRO AA 216 -18.62 31.99 -35.96
C PRO AA 216 -17.72 32.20 -34.76
N PRO AA 217 -16.55 31.57 -34.72
CA PRO AA 217 -15.67 31.74 -33.58
C PRO AA 217 -15.27 33.19 -33.40
N TYR AA 218 -15.07 33.59 -32.15
CA TYR AA 218 -14.68 34.95 -31.83
C TYR AA 218 -14.10 34.97 -30.43
N SER AA 219 -13.50 36.10 -30.08
CA SER AA 219 -12.88 36.29 -28.78
C SER AA 219 -13.44 37.53 -28.11
N LEU AA 220 -13.50 37.49 -26.79
CA LEU AA 220 -14.15 38.52 -26.00
C LEU AA 220 -13.12 39.49 -25.44
N LYS AA 221 -13.41 40.78 -25.52
CA LYS AA 221 -12.55 41.77 -24.89
C LYS AA 221 -12.55 41.58 -23.38
N THR AA 222 -11.39 41.82 -22.77
CA THR AA 222 -11.20 41.57 -21.35
C THR AA 222 -10.52 42.77 -20.72
N TYR AA 223 -10.79 42.99 -19.44
CA TYR AA 223 -10.33 44.19 -18.75
C TYR AA 223 -9.35 43.85 -17.64
N TRP AA 224 -8.22 44.54 -17.62
CA TRP AA 224 -7.17 44.31 -16.65
C TRP AA 224 -6.63 45.57 -16.00
N GLU AA 225 -6.92 46.76 -16.51
CA GLU AA 225 -6.31 47.98 -16.02
C GLU AA 225 -6.99 48.51 -14.78
N PHE AA 226 -6.87 47.77 -13.66
CA PHE AA 226 -7.36 48.28 -12.36
C PHE AA 226 -6.11 48.77 -11.61
N ALA AA 227 -6.20 49.86 -10.85
CA ALA AA 227 -5.00 50.41 -10.19
C ALA AA 227 -4.42 49.38 -9.23
N ALA AA 228 -5.27 48.63 -8.53
CA ALA AA 228 -4.80 47.63 -7.56
C ALA AA 228 -4.00 46.55 -8.29
N PHE AA 229 -4.39 46.20 -9.51
CA PHE AA 229 -3.58 45.22 -10.26
C PHE AA 229 -2.26 45.86 -10.66
N LYS AA 230 -2.27 47.07 -11.19
CA LYS AA 230 -1.03 47.68 -11.71
C LYS AA 230 -0.01 47.75 -10.57
N ASN AA 231 -0.45 48.15 -9.38
CA ASN AA 231 0.47 48.29 -8.23
C ASN AA 231 -0.07 47.52 -7.06
N PRO AA 232 0.21 46.20 -6.91
CA PRO AA 232 -0.20 45.49 -5.71
C PRO AA 232 0.41 46.33 -4.59
N THR AA 233 -0.25 46.49 -3.44
CA THR AA 233 0.25 47.42 -2.38
C THR AA 233 0.28 48.83 -3.00
N ALA AA 234 1.27 49.66 -2.70
CA ALA AA 234 1.39 50.97 -3.40
C ALA AA 234 2.68 51.67 -2.95
N GLY AA 235 3.54 52.06 -3.91
CA GLY AA 235 4.79 52.76 -3.57
C GLY AA 235 5.54 53.25 -4.79
N ALA AA 236 6.43 54.23 -4.62
CA ALA AA 236 7.23 54.75 -5.75
C ALA AA 236 8.28 53.73 -6.18
N GLU AA 237 8.86 52.99 -5.23
CA GLU AA 237 9.80 51.88 -5.57
C GLU AA 237 9.05 50.54 -5.58
N GLY AA 238 8.78 49.95 -4.41
CA GLY AA 238 8.12 48.62 -4.38
C GLY AA 238 6.81 48.58 -5.16
N SER AA 239 6.66 47.67 -6.13
CA SER AA 239 5.42 47.51 -6.94
C SER AA 239 4.95 48.83 -7.55
N GLY BA 8 32.42 48.51 50.44
CA GLY BA 8 32.38 47.08 50.01
C GLY BA 8 32.60 46.91 48.53
N TYR BA 9 31.76 46.10 47.90
CA TYR BA 9 31.87 45.87 46.46
C TYR BA 9 31.11 46.89 45.65
N ASP BA 10 30.15 47.60 46.26
CA ASP BA 10 29.24 48.43 45.50
C ASP BA 10 29.96 49.49 44.69
N ARG BA 11 31.18 49.85 45.04
CA ARG BA 11 31.96 50.73 44.19
C ARG BA 11 32.41 50.04 42.92
N HIS BA 12 32.46 48.71 42.94
CA HIS BA 12 32.98 47.93 41.81
C HIS BA 12 31.90 47.39 40.89
N ILE BA 13 30.73 47.06 41.40
CA ILE BA 13 29.67 46.44 40.59
C ILE BA 13 28.38 47.22 40.75
N THR BA 14 27.49 47.03 39.78
CA THR BA 14 26.25 47.80 39.75
C THR BA 14 25.24 47.26 40.74
N ILE BA 15 25.50 47.48 42.02
CA ILE BA 15 24.52 47.28 43.07
C ILE BA 15 24.40 48.59 43.84
N PHE BA 16 23.27 48.76 44.51
CA PHE BA 16 22.96 50.05 45.12
C PHE BA 16 23.97 50.40 46.19
N SER BA 17 24.44 51.64 46.15
CA SER BA 17 25.27 52.18 47.21
C SER BA 17 24.42 52.44 48.45
N PRO BA 18 25.05 52.52 49.62
CA PRO BA 18 24.25 52.74 50.84
C PRO BA 18 23.31 53.92 50.77
N GLU BA 19 23.58 54.92 49.95
CA GLU BA 19 22.66 56.03 49.75
C GLU BA 19 21.85 55.91 48.48
N GLY BA 20 21.92 54.78 47.78
CA GLY BA 20 21.05 54.52 46.67
C GLY BA 20 21.61 54.87 45.31
N ARG BA 21 22.90 55.13 45.19
CA ARG BA 21 23.49 55.46 43.90
C ARG BA 21 24.23 54.26 43.33
N LEU BA 22 24.23 54.14 42.02
CA LEU BA 22 24.97 53.10 41.30
C LEU BA 22 26.24 53.74 40.78
N PHE BA 23 27.35 53.50 41.46
CA PHE BA 23 28.57 54.24 41.17
C PHE BA 23 29.14 53.85 39.81
N GLN BA 24 29.00 52.59 39.42
CA GLN BA 24 29.58 52.17 38.15
C GLN BA 24 28.96 52.92 36.98
N VAL BA 25 27.66 53.17 37.04
CA VAL BA 25 27.01 53.95 35.99
C VAL BA 25 27.60 55.35 35.94
N GLU BA 26 27.78 55.95 37.11
CA GLU BA 26 28.41 57.27 37.17
C GLU BA 26 29.78 57.24 36.53
N TYR BA 27 30.55 56.19 36.80
CA TYR BA 27 31.88 56.09 36.22
C TYR BA 27 31.80 55.94 34.71
N ALA BA 28 30.76 55.27 34.21
CA ALA BA 28 30.55 55.22 32.77
C ALA BA 28 30.31 56.61 32.21
N PHE BA 29 29.52 57.41 32.92
CA PHE BA 29 29.31 58.80 32.49
C PHE BA 29 30.64 59.54 32.45
N LYS BA 30 31.47 59.34 33.47
CA LYS BA 30 32.79 59.96 33.46
C LYS BA 30 33.59 59.50 32.27
N ALA BA 31 33.49 58.23 31.91
CA ALA BA 31 34.16 57.72 30.72
C ALA BA 31 33.70 58.43 29.47
N VAL BA 32 32.40 58.69 29.38
CA VAL BA 32 31.90 59.47 28.25
C VAL BA 32 32.56 60.84 28.23
N LYS BA 33 32.52 61.54 29.37
CA LYS BA 33 33.08 62.88 29.43
C LYS BA 33 34.58 62.87 29.22
N SER BA 34 35.23 61.75 29.52
CA SER BA 34 36.60 61.57 29.09
C SER BA 34 36.66 61.54 27.58
N GLY BA 35 37.88 61.45 27.05
CA GLY BA 35 38.03 61.36 25.61
C GLY BA 35 38.00 62.68 24.89
N GLY BA 36 37.76 63.78 25.59
CA GLY BA 36 37.96 65.09 25.02
C GLY BA 36 36.89 65.56 24.05
N VAL BA 37 36.21 64.62 23.39
CA VAL BA 37 35.27 64.99 22.35
C VAL BA 37 34.01 65.58 22.97
N THR BA 38 33.37 66.49 22.24
CA THR BA 38 32.07 67.02 22.60
C THR BA 38 31.23 67.15 21.35
N SER BA 39 29.92 66.94 21.50
CA SER BA 39 29.03 66.94 20.35
C SER BA 39 27.70 67.53 20.74
N ILE BA 40 26.94 67.99 19.74
CA ILE BA 40 25.68 68.68 19.97
C ILE BA 40 24.75 68.42 18.80
N ALA BA 41 23.45 68.46 19.08
CA ALA BA 41 22.43 68.29 18.06
C ALA BA 41 21.37 69.37 18.21
N VAL BA 42 20.83 69.81 17.08
CA VAL BA 42 19.82 70.86 17.07
C VAL BA 42 18.68 70.42 16.18
N ARG BA 43 17.49 70.30 16.74
CA ARG BA 43 16.31 69.90 15.99
C ARG BA 43 15.64 71.14 15.43
N GLY BA 44 15.44 71.15 14.12
CA GLY BA 44 14.82 72.28 13.45
C GLY BA 44 13.38 72.02 13.10
N LYS BA 45 12.75 73.04 12.53
CA LYS BA 45 11.43 72.88 11.96
C LYS BA 45 11.43 71.82 10.87
N ASP BA 46 12.44 71.85 10.02
CA ASP BA 46 12.50 71.02 8.83
C ASP BA 46 13.57 69.95 8.86
N SER BA 47 14.53 70.02 9.77
CA SER BA 47 15.67 69.12 9.76
C SER BA 47 16.08 68.78 11.17
N VAL BA 48 17.05 67.89 11.28
CA VAL BA 48 17.77 67.63 12.52
C VAL BA 48 19.25 67.55 12.17
N CYS BA 49 20.05 68.40 12.80
CA CYS BA 49 21.49 68.43 12.56
C CYS BA 49 22.24 67.97 13.80
N VAL BA 50 23.23 67.12 13.58
CA VAL BA 50 24.02 66.55 14.66
C VAL BA 50 25.48 66.71 14.28
N VAL BA 51 26.27 67.26 15.20
CA VAL BA 51 27.63 67.70 14.88
C VAL BA 51 28.56 67.33 16.02
N THR BA 52 29.76 66.90 15.67
CA THR BA 52 30.79 66.56 16.64
C THR BA 52 32.14 66.89 16.05
N GLN BA 53 33.17 66.78 16.89
CA GLN BA 53 34.52 67.06 16.46
C GLN BA 53 35.36 65.79 16.42
N LYS BA 54 36.10 65.63 15.33
CA LYS BA 54 37.02 64.50 15.18
C LYS BA 54 38.41 65.05 14.87
N LYS BA 55 39.43 64.42 15.46
CA LYS BA 55 40.79 64.92 15.27
C LYS BA 55 41.76 63.75 15.16
N VAL BA 56 42.60 63.79 14.14
CA VAL BA 56 43.64 62.80 13.93
C VAL BA 56 44.96 63.40 14.42
N PRO BA 57 45.74 62.69 15.25
CA PRO BA 57 47.04 63.23 15.65
C PRO BA 57 48.17 62.93 14.68
N ASP BA 58 48.00 61.99 13.75
CA ASP BA 58 49.08 61.50 12.91
C ASP BA 58 48.78 61.75 11.43
N LYS BA 59 49.83 61.99 10.66
CA LYS BA 59 49.70 61.91 9.21
C LYS BA 59 49.30 60.51 8.78
N LEU BA 60 49.73 59.50 9.53
CA LEU BA 60 49.55 58.11 9.13
C LEU BA 60 48.08 57.72 9.14
N LEU BA 61 47.40 57.97 10.25
CA LEU BA 61 46.02 57.53 10.40
C LEU BA 61 45.16 58.11 9.29
N ASP BA 62 44.43 57.26 8.58
CA ASP BA 62 43.55 57.73 7.54
C ASP BA 62 42.39 58.45 8.17
N GLN BA 63 42.11 59.66 7.70
CA GLN BA 63 41.03 60.46 8.28
C GLN BA 63 39.66 59.94 7.96
N THR BA 64 39.50 59.17 6.88
CA THR BA 64 38.18 58.67 6.54
C THR BA 64 37.76 57.47 7.36
N SER BA 65 38.68 56.86 8.10
CA SER BA 65 38.34 55.71 8.92
C SER BA 65 37.90 56.08 10.32
N VAL BA 66 37.98 57.36 10.69
CA VAL BA 66 37.62 57.82 12.03
C VAL BA 66 36.40 58.70 11.89
N SER BA 67 35.30 58.30 12.53
CA SER BA 67 34.09 59.10 12.51
C SER BA 67 33.12 58.51 13.52
N HIS BA 68 32.27 59.38 14.07
CA HIS BA 68 31.30 58.99 15.08
C HIS BA 68 29.87 59.07 14.57
N LEU BA 69 29.66 59.33 13.29
CA LEU BA 69 28.34 59.28 12.69
C LEU BA 69 28.13 57.89 12.10
N PHE BA 70 27.02 57.27 12.45
CA PHE BA 70 26.73 55.92 11.99
C PHE BA 70 25.34 55.86 11.38
N LYS BA 71 25.27 55.31 10.18
CA LYS BA 71 24.02 55.17 9.45
C LYS BA 71 23.34 53.89 9.91
N ILE BA 72 22.57 53.97 10.99
CA ILE BA 72 21.82 52.80 11.45
C ILE BA 72 20.83 52.33 10.41
N THR BA 73 20.35 53.22 9.56
CA THR BA 73 19.39 52.88 8.53
C THR BA 73 19.36 54.06 7.57
N LYS BA 74 18.95 53.82 6.34
CA LYS BA 74 18.98 54.91 5.38
C LYS BA 74 18.21 56.12 5.89
N PHE BA 75 17.20 55.91 6.73
CA PHE BA 75 16.42 57.01 7.29
C PHE BA 75 16.67 57.24 8.77
N LEU BA 76 17.61 56.54 9.38
CA LEU BA 76 17.98 56.78 10.77
C LEU BA 76 19.48 56.94 10.88
N GLY BA 77 19.91 57.88 11.71
CA GLY BA 77 21.31 58.06 12.01
C GLY BA 77 21.54 57.95 13.49
N LEU BA 78 22.81 58.04 13.87
CA LEU BA 78 23.18 57.96 15.28
C LEU BA 78 24.58 58.54 15.45
N LEU BA 79 24.71 59.46 16.40
CA LEU BA 79 25.99 60.04 16.77
C LEU BA 79 26.40 59.45 18.11
N ALA BA 80 27.51 58.72 18.12
CA ALA BA 80 27.96 58.04 19.32
C ALA BA 80 29.06 58.84 19.98
N THR BA 81 28.87 59.17 21.25
CA THR BA 81 29.88 59.84 22.07
C THR BA 81 30.28 58.87 23.16
N GLY BA 82 31.57 58.65 23.31
CA GLY BA 82 32.06 57.77 24.35
C GLY BA 82 33.24 56.97 23.84
N MET BA 83 33.41 55.78 24.41
CA MET BA 83 34.51 54.90 24.02
C MET BA 83 34.20 54.32 22.64
N THR BA 84 35.19 54.38 21.74
CA THR BA 84 34.94 54.03 20.35
C THR BA 84 34.54 52.57 20.20
N ALA BA 85 35.21 51.65 20.90
CA ALA BA 85 34.86 50.24 20.77
C ALA BA 85 33.44 50.00 21.24
N ASP BA 86 33.07 50.55 22.39
CA ASP BA 86 31.70 50.40 22.86
C ASP BA 86 30.74 51.04 21.89
N ALA BA 87 31.12 52.17 21.31
CA ALA BA 87 30.26 52.84 20.35
C ALA BA 87 29.98 51.96 19.14
N ARG BA 88 31.01 51.21 18.73
CA ARG BA 88 30.84 50.28 17.59
C ARG BA 88 29.99 49.08 18.02
N ASN BA 89 30.16 48.57 19.24
CA ASN BA 89 29.32 47.44 19.72
C ASN BA 89 27.85 47.85 19.76
N LEU BA 90 27.55 48.97 20.41
CA LEU BA 90 26.16 49.47 20.47
C LEU BA 90 25.66 49.70 19.04
N VAL BA 91 26.52 50.21 18.16
CA VAL BA 91 26.06 50.51 16.77
C VAL BA 91 25.67 49.21 16.08
N GLN BA 92 26.49 48.17 16.19
CA GLN BA 92 26.16 46.84 15.60
C GLN BA 92 24.83 46.37 16.19
N GLN BA 93 24.66 46.47 17.51
CA GLN BA 93 23.41 45.98 18.15
C GLN BA 93 22.21 46.72 17.56
N ALA BA 94 22.30 48.05 17.44
CA ALA BA 94 21.17 48.87 16.93
C ALA BA 94 20.89 48.52 15.47
N ARG BA 95 21.93 48.28 14.68
CA ARG BA 95 21.76 47.95 13.24
C ARG BA 95 21.05 46.59 13.16
N ASN BA 96 21.40 45.66 14.04
CA ASN BA 96 20.74 44.34 14.08
C ASN BA 96 19.27 44.53 14.46
N GLU BA 97 18.99 45.43 15.41
CA GLU BA 97 17.59 45.68 15.83
C GLU BA 97 16.80 46.33 14.70
N ALA BA 98 17.35 47.37 14.04
CA ALA BA 98 16.59 48.06 13.02
C ALA BA 98 16.14 47.10 11.93
N ALA BA 99 17.09 46.28 11.45
CA ALA BA 99 16.75 45.32 10.41
C ALA BA 99 15.74 44.31 10.91
N GLU BA 100 15.90 43.84 12.15
CA GLU BA 100 14.96 42.88 12.69
C GLU BA 100 13.57 43.49 12.88
N PHE BA 101 13.49 44.74 13.31
CA PHE BA 101 12.19 45.38 13.43
C PHE BA 101 11.50 45.48 12.09
N ARG BA 102 12.23 45.97 11.08
CA ARG BA 102 11.62 46.11 9.76
C ARG BA 102 11.19 44.75 9.24
N HIS BA 103 11.98 43.71 9.50
CA HIS BA 103 11.63 42.37 9.05
C HIS BA 103 10.38 41.86 9.77
N LYS BA 104 10.37 41.95 11.09
CA LYS BA 104 9.33 41.30 11.87
C LYS BA 104 8.01 42.05 11.76
N TYR BA 105 8.03 43.37 11.62
CA TYR BA 105 6.83 44.19 11.65
C TYR BA 105 6.50 44.83 10.30
N GLY BA 106 7.37 44.75 9.32
CA GLY BA 106 7.01 45.14 7.98
C GLY BA 106 7.06 46.61 7.67
N TYR BA 107 7.62 47.44 8.54
CA TYR BA 107 7.77 48.85 8.23
C TYR BA 107 8.97 49.41 8.97
N GLU BA 108 9.43 50.57 8.50
CA GLU BA 108 10.65 51.18 9.05
C GLU BA 108 10.50 51.47 10.53
N MET BA 109 11.58 51.21 11.27
CA MET BA 109 11.56 51.45 12.70
C MET BA 109 11.61 52.94 13.00
N PRO BA 110 10.69 53.47 13.79
CA PRO BA 110 10.69 54.90 14.08
C PRO BA 110 11.78 55.29 15.05
N VAL BA 111 12.16 56.56 14.99
CA VAL BA 111 13.28 57.04 15.79
C VAL BA 111 13.05 56.75 17.26
N ASP BA 112 11.87 57.10 17.77
CA ASP BA 112 11.60 56.91 19.19
C ASP BA 112 11.74 55.45 19.58
N ALA BA 113 11.33 54.54 18.70
CA ALA BA 113 11.53 53.12 18.97
C ALA BA 113 13.00 52.76 19.09
N LEU BA 114 13.84 53.30 18.20
CA LEU BA 114 15.27 53.02 18.30
C LEU BA 114 15.83 53.53 19.62
N ALA BA 115 15.48 54.76 19.98
CA ALA BA 115 15.98 55.33 21.22
C ALA BA 115 15.53 54.51 22.42
N ARG BA 116 14.26 54.12 22.43
CA ARG BA 116 13.75 53.33 23.53
C ARG BA 116 14.44 51.99 23.61
N TRP BA 117 14.69 51.36 22.47
CA TRP BA 117 15.35 50.06 22.50
C TRP BA 117 16.78 50.18 23.01
N ILE BA 118 17.52 51.19 22.54
CA ILE BA 118 18.88 51.38 23.03
C ILE BA 118 18.87 51.61 24.52
N ALA BA 119 17.94 52.44 25.00
CA ALA BA 119 17.88 52.73 26.43
C ALA BA 119 17.54 51.48 27.24
N ASP BA 120 16.60 50.68 26.76
CA ASP BA 120 16.26 49.45 27.46
C ASP BA 120 17.44 48.50 27.49
N LYS BA 121 18.19 48.41 26.39
CA LYS BA 121 19.37 47.56 26.39
C LYS BA 121 20.39 48.07 27.39
N SER BA 122 20.63 49.38 27.41
CA SER BA 122 21.59 49.93 28.36
C SER BA 122 21.17 49.66 29.80
N GLN BA 123 19.87 49.77 30.07
CA GLN BA 123 19.39 49.51 31.43
C GLN BA 123 19.79 48.13 31.91
N VAL BA 124 19.95 47.18 31.00
CA VAL BA 124 20.25 45.82 31.40
C VAL BA 124 21.60 45.76 32.08
N TYR BA 125 22.62 46.40 31.49
CA TYR BA 125 23.93 46.42 32.12
C TYR BA 125 23.87 47.01 33.51
N THR BA 126 22.98 47.96 33.72
CA THR BA 126 22.82 48.65 34.99
C THR BA 126 22.18 47.80 36.06
N GLN BA 127 21.60 46.65 35.70
CA GLN BA 127 20.93 45.83 36.69
C GLN BA 127 21.65 44.51 36.91
N HIS BA 128 22.29 44.01 35.85
CA HIS BA 128 23.03 42.77 35.94
C HIS BA 128 24.45 43.09 36.39
N ALA BA 129 24.87 42.50 37.49
CA ALA BA 129 26.03 43.01 38.21
C ALA BA 129 27.30 42.95 37.36
N TYR BA 130 27.49 41.86 36.62
CA TYR BA 130 28.77 41.57 35.98
C TYR BA 130 28.82 42.03 34.53
N MET BA 131 28.13 43.10 34.20
CA MET BA 131 28.11 43.63 32.84
C MET BA 131 28.34 45.12 32.93
N ARG BA 132 29.53 45.58 32.58
CA ARG BA 132 29.81 46.98 32.76
C ARG BA 132 28.95 47.81 31.79
N PRO BA 133 28.31 48.87 32.26
CA PRO BA 133 27.51 49.69 31.35
C PRO BA 133 28.36 50.25 30.23
N LEU BA 134 27.79 50.29 29.03
CA LEU BA 134 28.52 50.83 27.90
C LEU BA 134 28.84 52.30 28.13
N GLY BA 135 30.10 52.65 27.95
CA GLY BA 135 30.52 54.02 28.12
C GLY BA 135 30.32 54.82 26.86
N VAL BA 136 29.08 54.98 26.43
CA VAL BA 136 28.80 55.73 25.21
C VAL BA 136 27.41 56.34 25.31
N VAL BA 137 27.33 57.66 25.15
CA VAL BA 137 26.06 58.35 25.02
C VAL BA 137 25.77 58.50 23.53
N ALA BA 138 24.61 57.99 23.12
CA ALA BA 138 24.26 57.91 21.70
C ALA BA 138 23.10 58.83 21.42
N ILE BA 139 23.27 59.74 20.46
CA ILE BA 139 22.21 60.65 20.03
C ILE BA 139 21.64 60.12 18.72
N VAL BA 140 20.32 59.97 18.68
CA VAL BA 140 19.63 59.38 17.55
C VAL BA 140 18.86 60.47 16.83
N ILE BA 141 19.04 60.56 15.52
CA ILE BA 141 18.32 61.55 14.72
C ILE BA 141 17.60 60.82 13.59
N GLY BA 142 16.39 61.27 13.32
CA GLY BA 142 15.65 60.79 12.17
C GLY BA 142 14.37 61.57 12.07
N ILE BA 143 13.76 61.49 10.90
CA ILE BA 143 12.54 62.21 10.60
C ILE BA 143 11.40 61.21 10.62
N ASP BA 144 10.68 61.18 11.72
CA ASP BA 144 9.55 60.27 11.86
C ASP BA 144 8.59 60.52 10.72
N GLU BA 145 8.09 59.44 10.12
CA GLU BA 145 7.21 59.57 8.96
C GLU BA 145 5.95 60.36 9.26
N GLU BA 146 5.55 60.47 10.53
CA GLU BA 146 4.30 61.14 10.86
C GLU BA 146 4.51 62.24 11.89
N ASN BA 147 5.49 62.09 12.77
CA ASN BA 147 5.71 63.09 13.81
C ASN BA 147 6.64 64.21 13.37
N GLY BA 148 7.26 64.13 12.20
CA GLY BA 148 8.20 65.13 11.78
C GLY BA 148 9.55 64.90 12.42
N PRO BA 149 10.45 65.88 12.30
CA PRO BA 149 11.84 65.65 12.72
C PRO BA 149 11.93 65.26 14.18
N GLN BA 150 12.89 64.38 14.49
CA GLN BA 150 13.04 63.84 15.82
C GLN BA 150 14.49 63.91 16.26
N LEU BA 151 14.68 64.03 17.57
CA LEU BA 151 15.99 64.01 18.18
C LEU BA 151 15.85 63.32 19.53
N PHE BA 152 16.81 62.48 19.91
CA PHE BA 152 16.72 61.72 21.18
C PHE BA 152 18.12 61.53 21.77
N LYS BA 153 18.21 61.27 23.08
CA LYS BA 153 19.53 61.08 23.75
C LYS BA 153 19.44 59.95 24.77
N CYS BA 154 20.26 58.90 24.58
CA CYS BA 154 20.27 57.74 25.52
C CYS BA 154 21.57 57.76 26.32
N ASP BA 155 21.52 57.52 27.63
CA ASP BA 155 22.72 57.61 28.49
C ASP BA 155 23.08 56.25 29.07
N PRO BA 156 24.31 56.06 29.61
CA PRO BA 156 24.73 54.78 30.16
C PRO BA 156 23.78 54.29 31.24
N ALA BA 157 23.18 55.21 31.96
CA ALA BA 157 22.19 54.80 32.97
C ALA BA 157 21.02 54.12 32.29
N GLY BA 158 20.42 54.77 31.30
CA GLY BA 158 19.23 54.23 30.66
C GLY BA 158 18.08 55.22 30.61
N HIS BA 159 18.35 56.50 30.88
CA HIS BA 159 17.27 57.50 30.92
C HIS BA 159 17.17 58.13 29.55
N PHE BA 160 16.40 57.51 28.68
CA PHE BA 160 16.16 58.12 27.36
C PHE BA 160 15.16 59.23 27.57
N TYR BA 161 15.42 60.38 26.99
CA TYR BA 161 14.40 61.44 27.02
C TYR BA 161 14.56 62.13 25.68
N GLY BA 162 13.52 62.79 25.24
CA GLY BA 162 13.61 63.48 23.95
C GLY BA 162 14.02 64.91 24.15
N HIS BA 163 14.97 65.38 23.39
CA HIS BA 163 15.48 66.73 23.61
C HIS BA 163 15.30 67.55 22.34
N LYS BA 164 14.85 68.77 22.42
CA LYS BA 164 14.76 69.72 21.27
C LYS BA 164 16.17 70.10 20.88
N ALA BA 165 17.09 70.17 21.84
CA ALA BA 165 18.52 70.40 21.54
C ALA BA 165 19.35 69.83 22.67
N THR BA 166 20.51 69.25 22.36
CA THR BA 166 21.33 68.60 23.41
C THR BA 166 22.80 68.47 23.03
N SER BA 167 23.65 68.13 23.97
CA SER BA 167 25.09 68.05 23.91
C SER BA 167 25.53 66.79 24.62
N ALA BA 168 26.75 66.36 24.31
CA ALA BA 168 27.33 65.20 24.96
C ALA BA 168 28.84 65.37 24.94
N GLY BA 169 29.50 64.68 25.86
CA GLY BA 169 30.95 64.71 25.91
C GLY BA 169 31.50 65.62 26.98
N SER BA 170 32.73 66.08 26.78
CA SER BA 170 33.45 66.75 27.86
C SER BA 170 32.85 68.10 28.19
N LYS BA 171 32.11 68.70 27.26
CA LYS BA 171 31.60 70.05 27.44
C LYS BA 171 30.08 70.07 27.41
N ASP BA 172 29.45 69.17 28.16
CA ASP BA 172 28.01 69.14 28.27
C ASP BA 172 27.45 70.52 28.59
N GLN BA 173 27.85 71.05 29.75
CA GLN BA 173 27.17 72.22 30.30
C GLN BA 173 27.37 73.45 29.44
N GLU BA 174 28.58 73.68 28.95
CA GLU BA 174 28.80 74.86 28.12
C GLU BA 174 27.93 74.81 26.87
N ALA BA 175 27.89 73.65 26.22
CA ALA BA 175 27.07 73.51 25.03
C ALA BA 175 25.61 73.73 25.36
N ILE BA 176 25.12 73.17 26.46
CA ILE BA 176 23.72 73.32 26.81
C ILE BA 176 23.39 74.78 27.07
N ASN BA 177 24.27 75.46 27.81
CA ASN BA 177 24.02 76.85 28.13
C ASN BA 177 23.97 77.70 26.87
N PHE BA 178 24.94 77.53 25.98
CA PHE BA 178 24.90 78.31 24.74
C PHE BA 178 23.64 78.00 23.95
N LEU BA 179 23.29 76.72 23.85
CA LEU BA 179 22.16 76.32 23.03
C LEU BA 179 20.87 76.93 23.57
N GLU BA 180 20.67 76.85 24.88
CA GLU BA 180 19.40 77.33 25.42
C GLU BA 180 19.41 78.85 25.52
N LYS BA 181 20.58 79.49 25.54
CA LYS BA 181 20.62 80.93 25.35
C LYS BA 181 20.11 81.29 23.97
N LYS BA 182 20.64 80.62 22.96
CA LYS BA 182 20.25 80.90 21.58
C LYS BA 182 18.86 80.39 21.24
N MET BA 183 18.24 79.60 22.12
CA MET BA 183 16.95 78.97 21.83
C MET BA 183 15.88 79.33 22.84
N LYS BA 184 16.10 80.34 23.69
CA LYS BA 184 15.11 80.69 24.70
C LYS BA 184 13.76 81.00 24.07
N ASN BA 185 13.78 81.52 22.85
CA ASN BA 185 12.56 81.98 22.20
C ASN BA 185 11.72 80.86 21.61
N ASP BA 186 12.09 79.59 21.85
CA ASP BA 186 11.40 78.45 21.26
C ASP BA 186 11.28 78.62 19.74
N PRO BA 187 12.40 78.82 19.05
CA PRO BA 187 12.33 79.22 17.65
C PRO BA 187 11.88 78.07 16.76
N ALA BA 188 11.67 78.40 15.49
CA ALA BA 188 11.42 77.43 14.44
C ALA BA 188 12.54 77.58 13.42
N PHE BA 189 13.59 76.81 13.61
CA PHE BA 189 14.81 77.01 12.83
C PHE BA 189 14.68 76.45 11.43
N SER BA 190 15.05 77.25 10.44
CA SER BA 190 15.21 76.75 9.10
C SER BA 190 16.32 75.70 9.10
N TYR BA 191 16.48 75.04 7.95
CA TYR BA 191 17.58 74.08 7.80
C TYR BA 191 18.92 74.75 8.01
N GLU BA 192 19.27 75.70 7.14
CA GLU BA 192 20.56 76.35 7.24
C GLU BA 192 20.75 76.94 8.63
N GLU BA 193 19.71 77.57 9.16
CA GLU BA 193 19.80 78.12 10.49
C GLU BA 193 20.04 77.04 11.53
N THR BA 194 19.38 75.88 11.40
CA THR BA 194 19.60 74.79 12.35
C THR BA 194 21.05 74.36 12.35
N VAL BA 195 21.58 74.04 11.18
CA VAL BA 195 22.94 73.50 11.11
C VAL BA 195 23.95 74.55 11.56
N GLN BA 196 23.72 75.81 11.21
CA GLN BA 196 24.65 76.85 11.62
C GLN BA 196 24.56 77.10 13.12
N THR BA 197 23.39 76.95 13.72
CA THR BA 197 23.31 77.05 15.18
C THR BA 197 24.09 75.95 15.84
N ALA BA 198 24.02 74.73 15.31
CA ALA BA 198 24.80 73.64 15.87
C ALA BA 198 26.28 73.92 15.77
N ILE BA 199 26.74 74.30 14.57
CA ILE BA 199 28.16 74.61 14.40
C ILE BA 199 28.57 75.72 15.35
N SER BA 200 27.75 76.76 15.48
CA SER BA 200 28.10 77.89 16.31
C SER BA 200 28.21 77.50 17.77
N ALA BA 201 27.26 76.68 18.25
CA ALA BA 201 27.34 76.23 19.63
C ALA BA 201 28.57 75.39 19.86
N LEU BA 202 29.04 74.66 18.85
CA LEU BA 202 30.31 73.97 19.01
C LEU BA 202 31.46 74.97 19.10
N GLN BA 203 31.43 75.99 18.23
CA GLN BA 203 32.48 77.01 18.26
C GLN BA 203 32.57 77.65 19.63
N SER BA 204 31.45 78.07 20.14
CA SER BA 204 31.38 78.80 21.39
C SER BA 204 31.75 77.95 22.54
N VAL BA 205 31.87 76.65 22.35
CA VAL BA 205 32.32 75.75 23.40
C VAL BA 205 33.81 75.46 23.29
N LEU BA 206 34.32 75.26 22.08
CA LEU BA 206 35.74 75.01 21.91
C LEU BA 206 36.57 76.27 22.07
N GLN BA 207 35.97 77.44 21.89
CA GLN BA 207 36.70 78.71 21.95
C GLN BA 207 37.79 78.78 20.89
N GLU BA 208 37.63 78.05 19.80
CA GLU BA 208 38.58 78.09 18.71
C GLU BA 208 37.83 77.85 17.42
N ASP BA 209 38.37 78.39 16.33
CA ASP BA 209 37.84 78.06 15.03
C ASP BA 209 38.23 76.63 14.67
N PHE BA 210 37.92 76.24 13.44
CA PHE BA 210 38.19 74.90 12.97
C PHE BA 210 37.95 74.85 11.47
N LYS BA 211 38.81 74.13 10.76
CA LYS BA 211 38.97 74.28 9.33
C LYS BA 211 37.95 73.45 8.56
N ALA BA 212 36.82 73.15 9.18
CA ALA BA 212 35.77 72.35 8.55
C ALA BA 212 36.26 70.95 8.22
N THR BA 213 37.42 70.58 8.73
CA THR BA 213 38.02 69.28 8.55
C THR BA 213 38.07 68.50 9.85
N GLU BA 214 38.30 69.17 10.96
CA GLU BA 214 38.27 68.57 12.27
C GLU BA 214 36.87 68.56 12.86
N ILE BA 215 35.87 68.64 12.01
CA ILE BA 215 34.47 68.62 12.41
C ILE BA 215 33.71 67.70 11.48
N GLU BA 216 32.69 67.03 11.99
CA GLU BA 216 31.81 66.25 11.15
C GLU BA 216 30.37 66.58 11.50
N VAL BA 217 29.53 66.63 10.47
CA VAL BA 217 28.12 67.00 10.60
C VAL BA 217 27.29 65.93 9.92
N GLY BA 218 26.14 65.62 10.51
CA GLY BA 218 25.19 64.73 9.87
C GLY BA 218 23.79 65.30 10.01
N VAL BA 219 23.02 65.20 8.93
CA VAL BA 219 21.77 65.92 8.85
C VAL BA 219 20.69 65.08 8.19
N VAL BA 220 19.44 65.38 8.53
CA VAL BA 220 18.26 64.82 7.92
C VAL BA 220 17.41 65.98 7.44
N GLN BA 221 16.52 65.71 6.49
CA GLN BA 221 15.61 66.74 6.02
C GLN BA 221 14.29 66.12 5.62
N VAL BA 222 13.21 66.84 5.87
CA VAL BA 222 11.91 66.34 5.44
C VAL BA 222 11.87 66.22 3.93
N ALA BA 223 12.52 67.14 3.22
CA ALA BA 223 12.63 67.01 1.78
C ALA BA 223 13.60 65.91 1.38
N ASN BA 224 14.35 65.36 2.32
CA ASN BA 224 15.35 64.33 2.01
C ASN BA 224 15.65 63.56 3.29
N PRO BA 225 14.75 62.66 3.69
CA PRO BA 225 14.87 62.04 5.01
C PRO BA 225 16.15 61.27 5.23
N VAL BA 226 16.87 60.90 4.18
CA VAL BA 226 18.06 60.07 4.34
C VAL BA 226 19.01 60.73 5.31
N PHE BA 227 19.51 59.96 6.27
CA PHE BA 227 20.57 60.46 7.15
C PHE BA 227 21.83 60.61 6.34
N ARG BA 228 22.35 61.83 6.28
CA ARG BA 228 23.42 62.17 5.36
C ARG BA 228 24.53 62.89 6.12
N SER BA 229 25.76 62.70 5.66
CA SER BA 229 26.89 63.42 6.22
C SER BA 229 27.31 64.51 5.25
N LEU BA 230 27.40 65.74 5.74
CA LEU BA 230 27.64 66.87 4.86
C LEU BA 230 29.03 66.79 4.23
N THR BA 231 29.11 67.24 2.98
CA THR BA 231 30.38 67.40 2.31
C THR BA 231 31.21 68.44 3.06
N THR BA 232 32.53 68.26 3.05
CA THR BA 232 33.38 69.23 3.71
C THR BA 232 33.22 70.61 3.09
N GLU BA 233 32.86 70.67 1.81
CA GLU BA 233 32.59 71.97 1.19
C GLU BA 233 31.31 72.59 1.71
N GLU BA 234 30.29 71.79 2.00
CA GLU BA 234 29.09 72.33 2.61
C GLU BA 234 29.37 72.82 4.03
N ILE BA 235 30.16 72.07 4.78
CA ILE BA 235 30.58 72.55 6.09
C ILE BA 235 31.33 73.87 5.96
N ASP BA 236 32.18 73.98 4.94
CA ASP BA 236 32.94 75.20 4.74
C ASP BA 236 32.03 76.37 4.36
N GLU BA 237 31.01 76.12 3.54
CA GLU BA 237 30.05 77.18 3.22
C GLU BA 237 29.28 77.62 4.46
N HIS BA 238 28.89 76.67 5.31
CA HIS BA 238 28.26 77.05 6.57
C HIS BA 238 29.20 77.87 7.43
N LEU BA 239 30.48 77.51 7.45
CA LEU BA 239 31.44 78.29 8.21
C LEU BA 239 31.52 79.72 7.70
N THR BA 240 31.58 79.90 6.37
CA THR BA 240 31.62 81.24 5.82
C THR BA 240 30.36 82.01 6.17
N ALA BA 241 29.20 81.37 6.06
CA ALA BA 241 27.95 82.05 6.41
C ALA BA 241 27.94 82.47 7.88
N ILE BA 242 28.49 81.64 8.76
CA ILE BA 242 28.61 82.03 10.16
C ILE BA 242 29.55 83.21 10.30
N SER BA 243 30.61 83.24 9.49
CA SER BA 243 31.59 84.30 9.60
C SER BA 243 30.98 85.67 9.30
N GLU BA 244 30.14 85.74 8.27
CA GLU BA 244 29.70 87.02 7.71
C GLU BA 244 28.36 87.48 8.28
N ARG BA 245 28.08 87.18 9.54
CA ARG BA 245 26.91 87.75 10.20
C ARG BA 245 27.13 87.78 11.71
#